data_9BAX
#
_entry.id   9BAX
#
_cell.length_a   1.00
_cell.length_b   1.00
_cell.length_c   1.00
_cell.angle_alpha   90.00
_cell.angle_beta   90.00
_cell.angle_gamma   90.00
#
_symmetry.space_group_name_H-M   'P 1'
#
loop_
_entity.id
_entity.type
_entity.pdbx_description
1 polymer 'Protein EFR3 homolog A'
2 polymer 'Phosphatidylinositol 4-kinase alpha'
3 polymer 'Tetratricopeptide repeat protein 7B'
4 polymer Hyccin
#
loop_
_entity_poly.entity_id
_entity_poly.type
_entity_poly.pdbx_seq_one_letter_code
_entity_poly.pdbx_strand_id
1 'polypeptide(L)'
;MASAWSHPQFEKGGGSGGGSGGSAWSHPQFEKSGMHHHHHHHHHHGSGGSENLYFQGAGSNTEEITFEALKKAIDTSGME
EQEKEKRRLVIEKFQKAPFEEIAAQCESKANLLHDRLAQILELTIRPPPS
;
C,H
2 'polypeptide(L)'
;MAAAPARGGGGGGGGGGGCSGSGSSASRGFYFNTVLSLARSLAVQRPASLEKVQKLLCMCPVDFHGIFQLDERRRDAVIA
LGIFLIESDLQHKDCVVPYLLRLLKGLPKVYWVEESTARKGRGALPVAESFSFCLVTLLSDVAYRDPSLRDEILEVLLQV
LHVLLGMCQALEIQDKEYLCKYAIPCLIGISRAFGRYSNMEESLLSKLFPKIPPHSLRVLEELEGVRRRSFNDFRSILPS
NLLTVCQEGTLKRKTSSVSSISQVSPERGMPPPSSPGGSAFHYFEASCLPDGTALEPEYYFSTISSSFSVSPLFNGVTYK
EFNIPLEMLRELLNLVKKIVEEAVLKSLDAIVASVMEANPSADLYYTSFSDPLYLTMFKMLRDTLYYMKDLPTSFVKEIH
DFVLEQFNTSQGELQKILHDADRIHNELSPLKLRCQANAACVDLMVWAVKDEQGAENLCIKLSEKLQSKTSSKVIIAHLP
LLICCLQGLGRLCERFPVVVHSVTPSLRDFLVIPSPVLVKLYKYHSQYHTVAGNDIKISVTNEHSESTLNVMSGKKSQPS
MYEQLRDIAIDNICRCLKAGLTVDPVIVEAFLASLSNRLYISQESDKDAHLIPDHTIRALGHIAVALRDTPKVMEPILQI
LQQKFCQPPSPLDVLIIDQLGCLVITGNQYIYQEVWNLFQQISVKASSVVYSATKDYKDHGYRHCSLAVINALANIAANI
QDEHLVDELLMNLLELFVQLGLEGKRASERASEKGPALKASSSAGNLGVLIPVIAVLTRRLPPIKEAKPRLQKLFRDFWL
YSVLMGFAVEGSGLWPEEWYEGVCEIATKSPLLTFPSKEPLRSVLQYNSAMKNDTVTPAELSELRSTIINLLDPPPEVSA
LINKLDFAMSTYLLSVYRLEYMRVLRSTDPDRFQVMFCYFEDKAIQKDKSGMMQCVIAVADKVFDAFLNMMADKAKTKEN
EEELERHAQFLLVNFNHIHKRIRRVADKYLSGLVDKFPHLLWSGTVLKTMLDILQTLSLSLSADIHKDQPYYDIPDAPYR
ITVPDTYEARESIVKDFAARCGMILQEAMKWAPTVTKSHLQEYLNKHQNWVSGLSQHTGLAMATESILHFAGYNKQNTTL
GATQLSERPACVKKDYSNFMASLNLRNRYAGEVYGMIRFSGTTGQMSDLNKMMVQDLHSALDRSHPQHYTQAMFKLTAML
ISSKDCDPQLLHHLCWGPLRMFNEHGMETALACWEWLLAGKDGVEVPFMREMAGAWHMTVEQKFGLFSAEIKEADPLAAS
EASQPKPCPPEVTPHYIWIDFLVQRFEIAKYCSSDQVEIFSSLLQRSMSLNIGGAKGSMNRHVAAIGPRFKLLTLGLSLL
HADVVPNATIRNVLREKIYSTAFDYFSCPPKFPTQGEKRLREDISIMIKFWTAMFSDKKYLTASQLVPPDNQDTRSNLDI
TVGSRQQATQGWINTYPLSSGMSTISKKSGMSKKTNRGSQLHKYYMKRRTLLLSLLATEIERLITWYNPLSAPELELDQA
GENSVANWRSKYISLSEKQWKDNVNLAWSISPYLAVQLPARFKNTEAIGNEVTRLVRLDPGAVSDVPEAIKFLVTWHTID
ADAPELSHVLCWAPTDPPTGLSYFSSMYPPHPLTAQYGVKVLRSFPPDAILFYIPQIVQALRYDKMGYVREYILWAASKS
QLLAHQFIWNMKTNIYLDEEGHQKDPDIGDLLDQLVEEITGSLSGPAKDFYQREFDFFNKITNVSAIIKPYPKGDERKKA
CLSALSEVKVQPGCYLPSNPEAIVLDIDYKSGTPMQSAAKAPYLAKFKVKRCGVSELEKEGLRCRSDSEDECSTQEADGQ
KISWQAAIFKVGDDCRQDMLALQIIDLFKNIFQLVGLDLFVFPYRVVATAPGCGVIECIPDCTSRDQLGRQTDFGMYDYF
TRQYGDESTLAFQQARYNFIRSMAAYSLLLFLLQIKDRHNGNIMLDKKGHIIHIDFGFMFESSPGGNLGWEPDIKLTDEM
VMIMGGKMEATPFKWFMEMCVRGYLAVRPYMDAVVSLVTLMLDTGLPCFRGQTIKLLKHRFSPNMTEREAANFIMKVIQS
CFLSNRSRTYDMIQYYQNDIPY
;
B,A
3 'polypeptide(L)'
;MATKKAGSRLETEIERCRSECQWERIPELVKQLSAKLIANDDMAELLLGESKLEQYLKEHPLRQGASPRGPKPQLTEVRK
HLTAALDRGNLKSEFLQESNLIMAKLNYVEGDYKEALNIYARVGLDDLPLTAVPPYRLRVIAEAYATKGLCLEKLPISSS
TSNLHVDREQDVITCYEKAGDIALLYLQEIERVILSNIQNRSPKPGPAPHDQELGFFLETGLQRAHVLYFKNGNLTRGVG
RFRELLRAVETRTTQNLRMTIARQLAEILLRGMCEQSYWNPLEDPPCQSPLDDPLRKGANTKTYTLTRRARVYSGENIFC
PQENTEEALLLLLISESMANRDAVLSRIPEHKSDRLISLQSASVVYDLLTIALGRRGQYEMLSECLERAMKFAFEEFHLW
YQFALSLMAAGKSARAVKVLKECIRLKPDDATIPLLAAKLCMGSLHWLEEAEKFAKTVVDVGEKTSEFKAKGYLALGLTY
SLQATDASLRGMQEVLQRKALLAFQRAHSLSPTDHQAAFYLALQLAISRQIPEALGYVRQALQLQGDDANSLHLLALLLS
AQKHYHDALNIIDMALSEYPENFILLFSKVKLQSLCRGPDEALLTCKHMLQIWKSCYNLTNPSDSGRGSSLLDRTIADRR
QLNTITLPDFSDPETGSVHATSVAASRVEQALSEVASSLQSSAPKQGPLHPWMTLAQIWLHAAEVYIGIGKPAEATACTQ
EAANLFPMSHNVLYMRGQIAELRGSMDEARRWYEEALAISPTHVKSMQRLALILHQLGRYSLAEKILRDAVQVNSTAHEV
WNGLGEVLQAQGNDAAATECFLTALELEASSPAVPFTIIPRVL
;
F,D
4 'polypeptide(L)'
;MFTSEKGVVEEWLSEFKTLPETSLPNYATNLKDKSSLVSSLYKVIQEPQSELLEPVCHQLFEFYRSGEEQLLQFTLQFLP
ELIWCYLAVSASRNVHSSGCIEALLLGVYNLEIVDKQGHTKVLSFTIPSLSKPSVYHEPSSIGSMALTESALSQHGLSKV
VYSGPHPQREMLTAQNRFEVLTFLLLCYNAALTYMPSVSLQSLCQICSRICVCGYPRQHVRKYKGISSRIPVSSGFMVQM
LTGIYFAFYNGEWDLAQKALDDIIYRAQLELYPEPLLVANAIKASLPHGPMKSNKEGTRCIQVEITPT
;
G,E
#
# COMPACT_ATOMS: atom_id res chain seq x y z
N GLU A 63 -25.04 55.67 -60.38
CA GLU A 63 -26.35 55.68 -59.76
C GLU A 63 -26.45 54.62 -58.67
N GLU A 64 -27.66 54.43 -58.12
CA GLU A 64 -27.90 53.47 -57.05
C GLU A 64 -29.13 52.65 -57.39
N ILE A 65 -29.19 51.45 -56.81
CA ILE A 65 -30.30 50.52 -56.98
C ILE A 65 -30.96 50.29 -55.63
N THR A 66 -32.27 50.47 -55.57
CA THR A 66 -33.03 50.36 -54.35
C THR A 66 -33.71 49.00 -54.24
N PHE A 67 -34.07 48.65 -53.00
CA PHE A 67 -34.82 47.42 -52.76
C PHE A 67 -36.19 47.46 -53.40
N GLU A 68 -36.80 48.65 -53.49
CA GLU A 68 -38.08 48.79 -54.16
C GLU A 68 -37.97 48.45 -55.65
N ALA A 69 -36.81 48.69 -56.26
CA ALA A 69 -36.62 48.32 -57.66
C ALA A 69 -36.76 46.82 -57.84
N LEU A 70 -36.13 46.03 -56.97
CA LEU A 70 -36.30 44.58 -57.04
C LEU A 70 -37.73 44.17 -56.69
N LYS A 71 -38.33 44.82 -55.70
CA LYS A 71 -39.68 44.47 -55.28
C LYS A 71 -40.71 44.74 -56.38
N LYS A 72 -40.45 45.72 -57.24
CA LYS A 72 -41.32 45.94 -58.38
C LYS A 72 -40.91 45.12 -59.60
N ALA A 73 -39.64 44.72 -59.69
CA ALA A 73 -39.22 43.83 -60.77
C ALA A 73 -39.85 42.44 -60.61
N ILE A 74 -39.91 41.93 -59.38
CA ILE A 74 -40.52 40.62 -59.17
C ILE A 74 -42.02 40.67 -59.49
N ASP A 75 -42.68 41.75 -59.08
CA ASP A 75 -44.10 41.90 -59.38
C ASP A 75 -44.30 42.13 -60.88
N THR A 76 -45.36 41.52 -61.43
CA THR A 76 -45.65 41.68 -62.84
C THR A 76 -46.13 43.10 -63.14
N SER A 77 -45.72 43.62 -64.29
CA SER A 77 -46.08 44.97 -64.72
C SER A 77 -47.02 44.96 -65.91
N GLY A 78 -47.66 43.84 -66.22
CA GLY A 78 -48.60 43.78 -67.32
C GLY A 78 -47.95 43.90 -68.68
N MET A 79 -47.17 42.89 -69.06
CA MET A 79 -46.43 42.90 -70.32
C MET A 79 -46.98 41.87 -71.30
N GLU A 80 -48.31 41.75 -71.37
CA GLU A 80 -48.97 40.81 -72.25
C GLU A 80 -49.52 41.44 -73.52
N GLU A 81 -49.12 42.69 -73.82
CA GLU A 81 -49.66 43.41 -74.96
C GLU A 81 -48.65 43.69 -76.06
N GLN A 82 -47.36 43.79 -75.73
CA GLN A 82 -46.35 44.14 -76.72
C GLN A 82 -45.98 42.96 -77.62
N GLU A 83 -46.37 41.74 -77.26
CA GLU A 83 -46.08 40.59 -78.12
C GLU A 83 -46.77 40.71 -79.47
N LYS A 84 -47.94 41.33 -79.52
CA LYS A 84 -48.64 41.53 -80.78
C LYS A 84 -47.81 42.38 -81.74
N GLU A 85 -47.30 43.51 -81.25
CA GLU A 85 -46.50 44.37 -82.13
C GLU A 85 -45.14 43.76 -82.41
N LYS A 86 -44.61 42.93 -81.50
CA LYS A 86 -43.39 42.19 -81.82
C LYS A 86 -43.60 41.24 -82.99
N ARG A 87 -44.72 40.50 -82.97
CA ARG A 87 -45.05 39.63 -84.10
C ARG A 87 -45.24 40.45 -85.37
N ARG A 88 -45.90 41.60 -85.26
CA ARG A 88 -46.12 42.44 -86.43
C ARG A 88 -44.80 42.94 -87.01
N LEU A 89 -43.86 43.33 -86.17
CA LEU A 89 -42.58 43.81 -86.68
C LEU A 89 -41.75 42.67 -87.28
N VAL A 90 -41.84 41.47 -86.71
CA VAL A 90 -41.19 40.32 -87.33
C VAL A 90 -41.77 40.06 -88.70
N ILE A 91 -43.09 40.14 -88.82
CA ILE A 91 -43.75 39.95 -90.11
C ILE A 91 -43.33 41.02 -91.10
N GLU A 92 -43.26 42.28 -90.65
CA GLU A 92 -42.87 43.36 -91.55
C GLU A 92 -41.41 43.22 -91.98
N LYS A 93 -40.57 42.63 -91.13
CA LYS A 93 -39.18 42.39 -91.48
C LYS A 93 -39.00 41.22 -92.42
N PHE A 94 -39.89 40.21 -92.36
CA PHE A 94 -39.70 39.02 -93.18
C PHE A 94 -40.50 39.06 -94.49
N GLN A 95 -41.82 39.25 -94.39
CA GLN A 95 -42.68 39.07 -95.57
C GLN A 95 -42.50 40.18 -96.60
N LYS A 96 -42.18 41.40 -96.17
CA LYS A 96 -42.19 42.55 -97.07
C LYS A 96 -40.89 43.34 -97.13
N ALA A 97 -39.96 43.15 -96.20
CA ALA A 97 -38.71 43.88 -96.26
C ALA A 97 -37.84 43.34 -97.41
N PRO A 98 -36.93 44.16 -97.93
CA PRO A 98 -36.08 43.70 -99.04
C PRO A 98 -35.20 42.52 -98.63
N PHE A 99 -34.89 41.67 -99.60
CA PHE A 99 -34.14 40.45 -99.36
C PHE A 99 -32.66 40.57 -99.74
N GLU A 100 -32.28 41.57 -100.54
CA GLU A 100 -30.91 41.67 -101.00
C GLU A 100 -29.94 41.92 -99.86
N GLU A 101 -30.30 42.82 -98.93
CA GLU A 101 -29.39 43.16 -97.84
C GLU A 101 -29.35 42.08 -96.76
N ILE A 102 -30.35 41.19 -96.73
CA ILE A 102 -30.34 40.10 -95.75
C ILE A 102 -29.15 39.19 -95.99
N ALA A 103 -28.87 38.86 -97.25
CA ALA A 103 -27.71 38.03 -97.56
C ALA A 103 -26.42 38.70 -97.13
N ALA A 104 -26.28 40.00 -97.41
CA ALA A 104 -25.07 40.71 -97.01
C ALA A 104 -24.90 40.74 -95.49
N GLN A 105 -25.99 41.01 -94.76
CA GLN A 105 -25.89 41.12 -93.31
C GLN A 105 -25.61 39.76 -92.67
N CYS A 106 -26.18 38.67 -93.22
CA CYS A 106 -25.91 37.37 -92.65
C CYS A 106 -24.50 36.88 -93.01
N GLU A 107 -24.00 37.25 -94.20
CA GLU A 107 -22.60 36.97 -94.52
C GLU A 107 -21.67 37.71 -93.58
N SER A 108 -21.99 38.98 -93.28
CA SER A 108 -21.18 39.73 -92.33
C SER A 108 -21.24 39.11 -90.94
N LYS A 109 -22.42 38.63 -90.54
CA LYS A 109 -22.56 37.98 -89.24
C LYS A 109 -21.72 36.71 -89.17
N ALA A 110 -21.73 35.91 -90.24
CA ALA A 110 -20.90 34.71 -90.28
C ALA A 110 -19.42 35.06 -90.23
N ASN A 111 -19.02 36.12 -90.96
CA ASN A 111 -17.62 36.53 -90.96
C ASN A 111 -17.18 37.00 -89.58
N LEU A 112 -18.03 37.77 -88.89
CA LEU A 112 -17.67 38.20 -87.54
C LEU A 112 -17.67 37.04 -86.55
N LEU A 113 -18.54 36.05 -86.76
CA LEU A 113 -18.49 34.84 -85.93
C LEU A 113 -17.17 34.11 -86.13
N HIS A 114 -16.71 33.99 -87.38
CA HIS A 114 -15.41 33.39 -87.63
C HIS A 114 -14.30 34.21 -86.98
N ASP A 115 -14.41 35.54 -87.07
CA ASP A 115 -13.39 36.41 -86.48
C ASP A 115 -13.30 36.23 -84.97
N ARG A 116 -14.46 36.19 -84.29
CA ARG A 116 -14.44 36.01 -82.84
C ARG A 116 -14.00 34.62 -82.45
N LEU A 117 -14.32 33.59 -83.25
CA LEU A 117 -13.81 32.26 -82.98
C LEU A 117 -12.28 32.23 -83.09
N ALA A 118 -11.73 32.87 -84.12
CA ALA A 118 -10.28 32.96 -84.23
C ALA A 118 -9.68 33.75 -83.06
N GLN A 119 -10.36 34.81 -82.63
CA GLN A 119 -9.87 35.62 -81.52
C GLN A 119 -9.82 34.81 -80.23
N ILE A 120 -10.88 34.08 -79.93
CA ILE A 120 -10.87 33.28 -78.71
C ILE A 120 -9.87 32.13 -78.82
N LEU A 121 -9.72 31.57 -80.03
CA LEU A 121 -8.74 30.50 -80.22
C LEU A 121 -7.32 31.00 -79.96
N GLU A 122 -6.98 32.19 -80.45
CA GLU A 122 -5.66 32.73 -80.20
C GLU A 122 -5.49 33.23 -78.78
N LEU A 123 -6.58 33.62 -78.10
CA LEU A 123 -6.51 34.01 -76.71
C LEU A 123 -6.44 32.82 -75.75
N THR A 124 -6.80 31.61 -76.21
CA THR A 124 -6.71 30.45 -75.34
C THR A 124 -5.26 30.15 -74.96
N ILE A 125 -4.34 30.24 -75.91
CA ILE A 125 -2.96 29.88 -75.60
C ILE A 125 -2.35 30.89 -74.62
N ARG A 126 -2.59 32.18 -74.81
CA ARG A 126 -2.00 33.22 -73.98
C ARG A 126 -2.57 33.23 -72.57
N SER B 27 -9.20 46.52 -42.46
CA SER B 27 -9.69 45.77 -43.60
C SER B 27 -8.56 45.52 -44.61
N ARG B 28 -7.43 45.03 -44.11
CA ARG B 28 -6.30 44.73 -45.00
C ARG B 28 -6.65 43.63 -45.98
N GLY B 29 -7.36 42.59 -45.52
CA GLY B 29 -7.72 41.44 -46.32
C GLY B 29 -7.38 40.16 -45.58
N PHE B 30 -7.27 39.07 -46.33
CA PHE B 30 -6.93 37.77 -45.77
C PHE B 30 -5.46 37.42 -46.00
N TYR B 31 -4.98 37.53 -47.24
CA TYR B 31 -3.60 37.16 -47.55
C TYR B 31 -2.62 38.02 -46.77
N PHE B 32 -2.79 39.34 -46.82
CA PHE B 32 -1.87 40.22 -46.09
C PHE B 32 -1.93 39.95 -44.59
N ASN B 33 -3.14 39.78 -44.05
CA ASN B 33 -3.29 39.57 -42.62
C ASN B 33 -2.62 38.27 -42.18
N THR B 34 -2.82 37.18 -42.94
CA THR B 34 -2.24 35.91 -42.53
C THR B 34 -0.73 35.91 -42.72
N VAL B 35 -0.21 36.59 -43.76
CA VAL B 35 1.23 36.70 -43.91
C VAL B 35 1.84 37.49 -42.76
N LEU B 36 1.20 38.58 -42.36
CA LEU B 36 1.70 39.36 -41.23
C LEU B 36 1.65 38.55 -39.94
N SER B 37 0.58 37.78 -39.74
CA SER B 37 0.48 36.94 -38.56
C SER B 37 1.57 35.87 -38.53
N LEU B 38 1.85 35.27 -39.69
CA LEU B 38 2.93 34.28 -39.77
C LEU B 38 4.28 34.92 -39.46
N ALA B 39 4.53 36.11 -40.01
CA ALA B 39 5.78 36.80 -39.75
C ALA B 39 5.94 37.13 -38.27
N ARG B 40 4.84 37.58 -37.63
CA ARG B 40 4.88 37.87 -36.21
C ARG B 40 5.14 36.61 -35.39
N SER B 41 4.48 35.50 -35.75
CA SER B 41 4.64 34.26 -35.00
C SER B 41 6.03 33.68 -35.15
N LEU B 42 6.64 33.84 -36.32
CA LEU B 42 7.97 33.26 -36.55
C LEU B 42 9.07 34.06 -35.85
N ALA B 43 8.90 35.38 -35.71
CA ALA B 43 9.96 36.20 -35.14
C ALA B 43 10.19 35.89 -33.67
N VAL B 44 9.14 35.55 -32.93
CA VAL B 44 9.29 35.29 -31.50
C VAL B 44 10.08 34.02 -31.23
N GLN B 45 10.25 33.16 -32.23
CA GLN B 45 10.98 31.90 -32.06
C GLN B 45 12.45 32.15 -32.34
N ARG B 46 13.25 32.16 -31.27
CA ARG B 46 14.69 32.38 -31.38
C ARG B 46 15.44 31.19 -30.80
N PRO B 47 16.38 30.58 -31.55
CA PRO B 47 16.72 30.95 -32.93
C PRO B 47 15.70 30.44 -33.95
N ALA B 48 15.66 31.08 -35.11
CA ALA B 48 14.73 30.71 -36.18
C ALA B 48 15.42 29.78 -37.16
N SER B 49 14.74 28.69 -37.52
CA SER B 49 15.28 27.72 -38.45
C SER B 49 15.46 28.35 -39.83
N LEU B 50 16.51 27.94 -40.53
CA LEU B 50 16.85 28.56 -41.81
C LEU B 50 15.91 28.14 -42.93
N GLU B 51 15.28 26.97 -42.81
CA GLU B 51 14.41 26.51 -43.89
C GLU B 51 13.19 27.42 -44.05
N LYS B 52 12.64 27.91 -42.93
CA LYS B 52 11.53 28.85 -43.01
C LYS B 52 11.96 30.17 -43.62
N VAL B 53 13.19 30.60 -43.33
CA VAL B 53 13.73 31.80 -43.97
C VAL B 53 13.85 31.59 -45.47
N GLN B 54 14.31 30.41 -45.89
CA GLN B 54 14.38 30.12 -47.32
C GLN B 54 12.99 30.11 -47.95
N LYS B 55 12.00 29.57 -47.23
CA LYS B 55 10.63 29.56 -47.75
C LYS B 55 10.10 30.98 -47.94
N LEU B 56 10.32 31.85 -46.95
CA LEU B 56 9.84 33.22 -47.08
C LEU B 56 10.61 33.98 -48.16
N LEU B 57 11.89 33.68 -48.34
CA LEU B 57 12.64 34.28 -49.43
C LEU B 57 12.10 33.81 -50.78
N CYS B 58 11.73 32.54 -50.88
CA CYS B 58 11.11 32.04 -52.10
C CYS B 58 9.78 32.75 -52.36
N MET B 59 8.99 32.97 -51.32
CA MET B 59 7.78 33.77 -51.47
C MET B 59 8.12 35.21 -51.88
N CYS B 60 9.25 35.73 -51.42
CA CYS B 60 9.73 37.02 -51.88
C CYS B 60 10.18 36.92 -53.33
N PRO B 61 10.16 38.04 -54.06
CA PRO B 61 10.59 38.01 -55.47
C PRO B 61 12.07 37.71 -55.60
N VAL B 62 12.49 37.52 -56.86
CA VAL B 62 13.88 37.24 -57.20
C VAL B 62 14.29 38.16 -58.34
N ASP B 63 15.61 38.34 -58.47
CA ASP B 63 16.15 39.18 -59.52
C ASP B 63 16.30 38.39 -60.82
N PHE B 64 15.97 39.05 -61.94
CA PHE B 64 16.10 38.45 -63.26
C PHE B 64 16.66 39.51 -64.21
N HIS B 65 17.97 39.43 -64.46
CA HIS B 65 18.66 40.27 -65.44
C HIS B 65 18.54 41.75 -65.11
N GLY B 66 18.59 42.08 -63.81
CA GLY B 66 18.59 43.46 -63.39
C GLY B 66 17.32 44.23 -63.66
N ILE B 67 16.23 43.53 -63.97
CA ILE B 67 14.94 44.16 -64.23
C ILE B 67 13.93 43.56 -63.24
N PHE B 68 13.12 44.41 -62.63
CA PHE B 68 12.19 44.00 -61.60
C PHE B 68 10.77 44.45 -61.92
N GLN B 69 9.82 43.55 -61.69
CA GLN B 69 8.39 43.85 -61.70
C GLN B 69 7.86 43.61 -60.29
N LEU B 70 6.68 44.16 -60.02
CA LEU B 70 6.09 44.01 -58.69
C LEU B 70 4.58 43.92 -58.79
N ASP B 71 3.99 43.24 -57.81
CA ASP B 71 2.55 43.16 -57.64
C ASP B 71 2.23 43.27 -56.15
N GLU B 72 0.94 43.22 -55.81
CA GLU B 72 0.52 43.43 -54.43
C GLU B 72 1.06 42.34 -53.52
N ARG B 73 1.02 41.07 -53.96
CA ARG B 73 1.43 39.97 -53.10
C ARG B 73 2.91 40.06 -52.75
N ARG B 74 3.75 40.38 -53.73
CA ARG B 74 5.19 40.49 -53.47
C ARG B 74 5.49 41.67 -52.55
N ARG B 75 4.77 42.78 -52.73
CA ARG B 75 4.94 43.91 -51.81
C ARG B 75 4.57 43.52 -50.39
N ASP B 76 3.46 42.81 -50.22
CA ASP B 76 3.06 42.36 -48.89
C ASP B 76 4.10 41.41 -48.30
N ALA B 77 4.63 40.51 -49.13
CA ALA B 77 5.62 39.55 -48.64
C ALA B 77 6.90 40.25 -48.17
N VAL B 78 7.39 41.22 -48.95
CA VAL B 78 8.61 41.90 -48.54
C VAL B 78 8.37 42.80 -47.34
N ILE B 79 7.17 43.39 -47.21
CA ILE B 79 6.85 44.15 -46.00
C ILE B 79 6.81 43.24 -44.78
N ALA B 80 6.27 42.04 -44.96
CA ALA B 80 6.28 41.06 -43.86
C ALA B 80 7.71 40.67 -43.50
N LEU B 81 8.57 40.50 -44.50
CA LEU B 81 9.99 40.26 -44.23
C LEU B 81 10.58 41.40 -43.43
N GLY B 82 10.25 42.63 -43.79
CA GLY B 82 10.79 43.79 -43.08
C GLY B 82 10.36 43.83 -41.62
N ILE B 83 9.07 43.60 -41.36
CA ILE B 83 8.61 43.61 -39.98
C ILE B 83 9.19 42.43 -39.21
N PHE B 84 9.35 41.27 -39.86
CA PHE B 84 9.95 40.12 -39.20
C PHE B 84 11.40 40.39 -38.82
N LEU B 85 12.13 41.13 -39.66
CA LEU B 85 13.54 41.36 -39.42
C LEU B 85 13.78 42.10 -38.10
N ILE B 86 12.96 43.11 -37.82
CA ILE B 86 13.19 43.94 -36.65
C ILE B 86 12.94 43.14 -35.36
N GLU B 87 11.83 42.41 -35.32
CA GLU B 87 11.50 41.67 -34.10
C GLU B 87 12.42 40.48 -33.89
N SER B 88 12.99 39.93 -34.97
CA SER B 88 13.86 38.77 -34.87
C SER B 88 15.24 39.09 -34.31
N ASP B 89 15.45 40.30 -33.77
CA ASP B 89 16.74 40.70 -33.19
C ASP B 89 17.87 40.60 -34.21
N LEU B 90 17.55 40.94 -35.46
CA LEU B 90 18.53 41.00 -36.55
C LEU B 90 19.27 39.67 -36.74
N GLN B 91 18.54 38.57 -36.61
CA GLN B 91 19.11 37.25 -36.84
C GLN B 91 19.18 36.96 -38.33
N HIS B 92 20.29 36.36 -38.76
CA HIS B 92 20.51 36.01 -40.16
C HIS B 92 20.40 37.22 -41.07
N LYS B 93 20.90 38.37 -40.59
CA LYS B 93 20.86 39.59 -41.39
C LYS B 93 21.81 39.51 -42.58
N ASP B 94 22.88 38.71 -42.46
CA ASP B 94 23.88 38.63 -43.52
C ASP B 94 23.32 38.09 -44.83
N CYS B 95 22.16 37.44 -44.80
CA CYS B 95 21.53 36.93 -46.00
C CYS B 95 20.48 37.90 -46.56
N VAL B 96 19.60 38.41 -45.70
CA VAL B 96 18.52 39.28 -46.16
C VAL B 96 19.06 40.64 -46.60
N VAL B 97 20.05 41.18 -45.87
CA VAL B 97 20.52 42.54 -46.15
C VAL B 97 21.05 42.71 -47.56
N PRO B 98 21.93 41.84 -48.09
CA PRO B 98 22.40 42.05 -49.48
C PRO B 98 21.28 42.07 -50.51
N TYR B 99 20.24 41.25 -50.32
CA TYR B 99 19.11 41.30 -51.23
C TYR B 99 18.38 42.63 -51.12
N LEU B 100 18.28 43.19 -49.91
CA LEU B 100 17.70 44.52 -49.75
C LEU B 100 18.54 45.57 -50.48
N LEU B 101 19.87 45.45 -50.39
CA LEU B 101 20.74 46.37 -51.11
C LEU B 101 20.50 46.29 -52.62
N ARG B 102 20.39 45.06 -53.14
CA ARG B 102 20.13 44.87 -54.56
C ARG B 102 18.78 45.45 -54.95
N LEU B 103 17.76 45.26 -54.11
CA LEU B 103 16.44 45.81 -54.39
C LEU B 103 16.46 47.32 -54.45
N LEU B 104 17.14 47.97 -53.49
CA LEU B 104 17.14 49.42 -53.46
C LEU B 104 18.02 50.01 -54.55
N LYS B 105 19.04 49.29 -54.99
CA LYS B 105 19.87 49.82 -56.08
C LYS B 105 19.24 49.54 -57.46
N GLY B 106 18.39 48.53 -57.55
CA GLY B 106 17.69 48.22 -58.78
C GLY B 106 16.36 48.92 -58.95
N LEU B 107 16.05 49.87 -58.07
CA LEU B 107 14.75 50.53 -58.09
C LEU B 107 14.46 51.31 -59.38
N PRO B 108 15.38 52.11 -59.92
CA PRO B 108 14.98 53.00 -61.04
C PRO B 108 14.44 52.27 -62.26
N LYS B 109 14.83 51.02 -62.49
CA LYS B 109 14.37 50.27 -63.65
C LYS B 109 13.27 49.29 -63.32
N VAL B 110 12.54 49.50 -62.22
CA VAL B 110 11.46 48.60 -61.83
C VAL B 110 10.23 48.88 -62.67
N TYR B 111 9.69 47.84 -63.29
CA TYR B 111 8.47 47.94 -64.09
C TYR B 111 7.25 47.75 -63.20
N TRP B 112 6.22 48.57 -63.42
CA TRP B 112 5.03 48.56 -62.60
C TRP B 112 3.82 48.07 -63.41
N VAL B 113 2.95 47.34 -62.74
CA VAL B 113 1.75 46.80 -63.36
C VAL B 113 0.64 47.85 -63.37
N LEU B 125 -3.08 59.37 -54.13
CA LEU B 125 -1.65 59.10 -53.99
C LEU B 125 -1.28 57.76 -54.62
N PRO B 126 -0.16 57.73 -55.35
CA PRO B 126 0.31 56.47 -55.94
C PRO B 126 0.82 55.49 -54.89
N VAL B 127 1.35 54.36 -55.34
CA VAL B 127 1.87 53.35 -54.44
C VAL B 127 3.41 53.35 -54.37
N ALA B 128 4.09 53.86 -55.40
CA ALA B 128 5.55 53.81 -55.42
C ALA B 128 6.15 54.65 -54.29
N GLU B 129 5.60 55.85 -54.05
CA GLU B 129 6.17 56.70 -53.02
C GLU B 129 5.91 56.12 -51.62
N SER B 130 4.74 55.50 -51.42
CA SER B 130 4.46 54.85 -50.14
C SER B 130 5.41 53.68 -49.91
N PHE B 131 5.65 52.87 -50.95
CA PHE B 131 6.58 51.76 -50.82
C PHE B 131 8.00 52.24 -50.54
N SER B 132 8.41 53.32 -51.22
CA SER B 132 9.73 53.89 -50.95
C SER B 132 9.83 54.39 -49.52
N PHE B 133 8.78 55.05 -49.03
CA PHE B 133 8.75 55.50 -47.64
C PHE B 133 8.92 54.32 -46.69
N CYS B 134 8.17 53.25 -46.92
CA CYS B 134 8.24 52.09 -46.03
C CYS B 134 9.63 51.46 -46.04
N LEU B 135 10.20 51.25 -47.23
CA LEU B 135 11.49 50.60 -47.31
C LEU B 135 12.60 51.46 -46.73
N VAL B 136 12.56 52.78 -46.97
CA VAL B 136 13.58 53.65 -46.40
C VAL B 136 13.45 53.73 -44.89
N THR B 137 12.22 53.72 -44.37
CA THR B 137 12.03 53.70 -42.93
C THR B 137 12.60 52.43 -42.31
N LEU B 138 12.35 51.28 -42.95
CA LEU B 138 12.94 50.03 -42.46
C LEU B 138 14.46 50.08 -42.52
N LEU B 139 15.01 50.63 -43.61
CA LEU B 139 16.45 50.76 -43.74
C LEU B 139 17.04 51.64 -42.65
N SER B 140 16.38 52.74 -42.33
CA SER B 140 16.83 53.62 -41.25
C SER B 140 16.78 52.91 -39.91
N ASP B 141 15.72 52.13 -39.67
CA ASP B 141 15.63 51.36 -38.43
C ASP B 141 16.80 50.39 -38.31
N VAL B 142 17.08 49.65 -39.39
CA VAL B 142 18.18 48.69 -39.37
C VAL B 142 19.52 49.41 -39.17
N ALA B 143 19.68 50.57 -39.81
CA ALA B 143 20.90 51.34 -39.63
C ALA B 143 21.08 51.77 -38.18
N TYR B 144 19.99 52.19 -37.54
CA TYR B 144 20.08 52.56 -36.12
C TYR B 144 20.41 51.35 -35.25
N ARG B 145 19.87 50.18 -35.59
CA ARG B 145 20.05 49.01 -34.75
C ARG B 145 21.52 48.59 -34.68
N ASP B 146 22.20 48.57 -35.82
CA ASP B 146 23.58 48.09 -35.90
C ASP B 146 24.47 49.17 -36.51
N PRO B 147 25.46 49.68 -35.79
CA PRO B 147 26.35 50.71 -36.37
C PRO B 147 27.35 50.17 -37.38
N SER B 148 27.55 48.85 -37.46
CA SER B 148 28.57 48.30 -38.35
C SER B 148 28.20 48.45 -39.81
N LEU B 149 26.92 48.60 -40.15
CA LEU B 149 26.48 48.72 -41.53
C LEU B 149 26.26 50.18 -41.94
N ARG B 150 26.59 51.14 -41.07
CA ARG B 150 26.30 52.54 -41.36
C ARG B 150 27.03 53.02 -42.60
N ASP B 151 28.31 52.66 -42.74
CA ASP B 151 29.10 53.17 -43.86
C ASP B 151 28.58 52.65 -45.20
N GLU B 152 28.33 51.34 -45.28
CA GLU B 152 27.80 50.78 -46.53
C GLU B 152 26.39 51.30 -46.81
N ILE B 153 25.59 51.48 -45.77
CA ILE B 153 24.24 52.01 -45.96
C ILE B 153 24.29 53.42 -46.52
N LEU B 154 25.12 54.29 -45.93
CA LEU B 154 25.21 55.65 -46.42
C LEU B 154 25.84 55.72 -47.81
N GLU B 155 26.75 54.80 -48.12
CA GLU B 155 27.36 54.83 -49.46
C GLU B 155 26.37 54.38 -50.52
N VAL B 156 25.52 53.39 -50.22
CA VAL B 156 24.49 53.04 -51.20
C VAL B 156 23.45 54.14 -51.30
N LEU B 157 23.18 54.85 -50.19
CA LEU B 157 22.34 56.05 -50.26
C LEU B 157 22.94 57.06 -51.23
N LEU B 158 24.24 57.29 -51.10
CA LEU B 158 24.92 58.24 -51.98
C LEU B 158 24.86 57.80 -53.44
N GLN B 159 25.03 56.49 -53.70
CA GLN B 159 24.99 56.00 -55.07
C GLN B 159 23.61 56.16 -55.69
N VAL B 160 22.55 55.80 -54.95
CA VAL B 160 21.22 55.97 -55.51
C VAL B 160 20.88 57.45 -55.67
N LEU B 161 21.39 58.31 -54.78
CA LEU B 161 21.20 59.75 -54.94
C LEU B 161 21.88 60.26 -56.20
N HIS B 162 23.11 59.78 -56.47
CA HIS B 162 23.79 60.13 -57.71
C HIS B 162 22.99 59.67 -58.93
N VAL B 163 22.43 58.45 -58.86
CA VAL B 163 21.66 57.92 -59.99
C VAL B 163 20.45 58.79 -60.26
N LEU B 164 19.71 59.16 -59.21
CA LEU B 164 18.51 59.98 -59.41
C LEU B 164 18.86 61.41 -59.82
N LEU B 165 19.99 61.94 -59.34
CA LEU B 165 20.43 63.25 -59.79
C LEU B 165 20.78 63.23 -61.28
N GLY B 166 21.45 62.18 -61.74
CA GLY B 166 21.67 62.02 -63.17
C GLY B 166 20.36 61.83 -63.94
N MET B 167 19.38 61.19 -63.30
CA MET B 167 18.07 61.01 -63.93
C MET B 167 17.35 62.33 -64.13
N CYS B 168 17.36 63.20 -63.11
CA CYS B 168 16.53 64.40 -63.15
C CYS B 168 17.02 65.39 -64.19
N GLN B 169 18.33 65.67 -64.20
CA GLN B 169 18.86 66.72 -65.06
C GLN B 169 19.10 66.28 -66.50
N ALA B 170 18.93 64.99 -66.79
CA ALA B 170 19.12 64.49 -68.15
C ALA B 170 17.91 64.78 -69.03
N ASP B 175 11.15 57.57 -71.19
CA ASP B 175 12.22 58.43 -70.69
C ASP B 175 11.64 59.64 -69.97
N LYS B 176 10.45 60.07 -70.41
CA LYS B 176 9.77 61.21 -69.83
C LYS B 176 8.47 60.84 -69.14
N GLU B 177 7.60 60.07 -69.80
CA GLU B 177 6.36 59.65 -69.18
C GLU B 177 6.63 58.77 -67.96
N TYR B 178 7.51 57.78 -68.10
CA TYR B 178 7.87 56.94 -66.98
C TYR B 178 8.55 57.73 -65.88
N LEU B 179 9.44 58.66 -66.26
CA LEU B 179 10.13 59.48 -65.27
C LEU B 179 9.15 60.29 -64.44
N CYS B 180 8.24 61.02 -65.11
CA CYS B 180 7.28 61.83 -64.39
C CYS B 180 6.34 60.97 -63.56
N LYS B 181 5.95 59.80 -64.09
CA LYS B 181 4.95 58.98 -63.41
C LYS B 181 5.51 58.30 -62.17
N TYR B 182 6.78 57.88 -62.21
CA TYR B 182 7.26 57.08 -61.08
C TYR B 182 8.52 57.63 -60.43
N ALA B 183 9.46 58.18 -61.21
CA ALA B 183 10.74 58.59 -60.64
C ALA B 183 10.58 59.72 -59.64
N ILE B 184 9.84 60.77 -60.02
CA ILE B 184 9.63 61.89 -59.11
C ILE B 184 8.88 61.49 -57.84
N PRO B 185 7.76 60.75 -57.91
CA PRO B 185 7.11 60.32 -56.66
C PRO B 185 8.00 59.49 -55.77
N CYS B 186 8.85 58.63 -56.35
CA CYS B 186 9.77 57.85 -55.55
C CYS B 186 10.80 58.75 -54.85
N LEU B 187 11.27 59.79 -55.56
CA LEU B 187 12.18 60.74 -54.94
C LEU B 187 11.51 61.46 -53.78
N ILE B 188 10.24 61.86 -53.96
CA ILE B 188 9.51 62.50 -52.88
C ILE B 188 9.38 61.56 -51.69
N GLY B 189 9.05 60.29 -51.96
CA GLY B 189 8.87 59.33 -50.88
C GLY B 189 10.15 59.07 -50.10
N ILE B 190 11.26 58.89 -50.82
CA ILE B 190 12.53 58.63 -50.13
C ILE B 190 13.01 59.86 -49.38
N SER B 191 12.76 61.06 -49.92
CA SER B 191 13.15 62.27 -49.21
C SER B 191 12.28 62.51 -47.98
N ARG B 192 11.02 62.06 -48.01
CA ARG B 192 10.11 62.30 -46.90
C ARG B 192 10.51 61.54 -45.63
N ALA B 193 11.33 60.50 -45.76
CA ALA B 193 11.75 59.67 -44.62
C ALA B 193 13.26 59.44 -44.66
N PHE B 194 14.02 60.52 -44.83
CA PHE B 194 15.46 60.43 -45.04
C PHE B 194 16.16 59.68 -43.92
N GLY B 195 16.15 60.21 -42.70
CA GLY B 195 16.88 59.60 -41.61
C GLY B 195 16.20 59.65 -40.27
N ARG B 196 14.91 60.00 -40.25
CA ARG B 196 14.18 60.07 -38.99
C ARG B 196 14.05 58.68 -38.38
N TYR B 197 14.31 58.60 -37.08
CA TYR B 197 14.23 57.35 -36.34
C TYR B 197 13.66 57.65 -34.95
N SER B 198 13.72 56.65 -34.07
CA SER B 198 13.18 56.80 -32.72
C SER B 198 13.95 55.90 -31.77
N ASN B 199 14.49 56.48 -30.71
CA ASN B 199 15.19 55.73 -29.67
C ASN B 199 14.18 55.19 -28.64
N MET B 200 13.32 54.29 -29.12
CA MET B 200 12.24 53.72 -28.33
C MET B 200 12.40 52.21 -28.24
N GLU B 201 11.61 51.61 -27.36
CA GLU B 201 11.67 50.17 -27.16
C GLU B 201 11.22 49.42 -28.43
N GLU B 202 10.20 49.91 -29.10
CA GLU B 202 9.67 49.29 -30.30
C GLU B 202 10.03 50.12 -31.53
N SER B 203 10.01 49.46 -32.69
CA SER B 203 10.39 50.10 -33.93
C SER B 203 9.36 51.12 -34.37
N LEU B 204 9.83 52.12 -35.12
CA LEU B 204 8.91 53.12 -35.68
C LEU B 204 7.96 52.49 -36.67
N LEU B 205 8.46 51.58 -37.51
CA LEU B 205 7.60 50.92 -38.48
C LEU B 205 6.59 50.00 -37.81
N SER B 206 6.95 49.41 -36.66
CA SER B 206 6.03 48.55 -35.94
C SER B 206 4.78 49.31 -35.52
N LYS B 207 4.93 50.58 -35.16
CA LYS B 207 3.78 51.41 -34.83
C LYS B 207 2.88 51.62 -36.04
N LEU B 208 3.46 51.64 -37.24
CA LEU B 208 2.67 51.85 -38.45
C LEU B 208 1.70 50.71 -38.68
N PHE B 209 2.13 49.48 -38.43
CA PHE B 209 1.29 48.29 -38.60
C PHE B 209 1.05 47.64 -37.25
N PRO B 210 -0.08 47.89 -36.60
CA PRO B 210 -0.32 47.32 -35.27
C PRO B 210 -0.67 45.84 -35.32
N LYS B 211 -1.04 45.28 -34.17
CA LYS B 211 -1.40 43.87 -34.04
C LYS B 211 -2.87 43.70 -33.67
N ILE B 212 -3.74 44.49 -34.31
CA ILE B 212 -5.17 44.41 -34.05
C ILE B 212 -5.72 43.05 -34.46
N GLU B 296 -4.14 56.94 -37.02
CA GLU B 296 -2.78 57.41 -37.19
C GLU B 296 -2.07 56.83 -38.43
N PRO B 297 -2.07 55.50 -38.62
CA PRO B 297 -1.38 54.95 -39.81
C PRO B 297 -1.97 55.45 -41.12
N GLU B 298 -3.29 55.63 -41.19
CA GLU B 298 -3.92 56.12 -42.41
C GLU B 298 -3.65 57.61 -42.63
N TYR B 299 -3.24 58.33 -41.60
CA TYR B 299 -2.96 59.76 -41.74
C TYR B 299 -1.78 59.99 -42.67
N TYR B 300 -0.74 59.17 -42.56
CA TYR B 300 0.46 59.39 -43.37
C TYR B 300 0.21 59.11 -44.84
N PHE B 301 -0.61 58.12 -45.16
CA PHE B 301 -0.90 57.76 -46.54
C PHE B 301 -1.92 58.68 -47.20
N SER B 302 -2.29 59.80 -46.56
CA SER B 302 -3.23 60.75 -47.12
C SER B 302 -2.70 62.18 -47.17
N THR B 303 -1.56 62.47 -46.57
CA THR B 303 -0.99 63.80 -46.56
C THR B 303 -0.11 63.99 -47.80
N ILE B 304 0.67 65.08 -47.80
CA ILE B 304 1.57 65.40 -48.90
C ILE B 304 3.03 65.17 -48.50
N SER B 305 3.47 65.82 -47.42
CA SER B 305 4.86 65.72 -46.97
C SER B 305 4.94 65.58 -45.46
N SER B 306 4.08 64.74 -44.88
CA SER B 306 4.12 64.52 -43.45
C SER B 306 5.17 63.48 -43.08
N SER B 307 5.63 63.55 -41.84
CA SER B 307 6.64 62.63 -41.33
C SER B 307 6.47 62.54 -39.81
N PHE B 308 7.48 61.97 -39.15
CA PHE B 308 7.46 61.80 -37.70
C PHE B 308 8.32 62.88 -37.06
N SER B 309 7.72 63.60 -36.10
CA SER B 309 8.40 64.68 -35.37
C SER B 309 9.00 65.72 -36.32
N TYR B 319 20.20 60.29 -28.91
CA TYR B 319 21.38 60.35 -28.06
C TYR B 319 22.62 59.84 -28.77
N LYS B 320 22.43 58.91 -29.71
CA LYS B 320 23.57 58.28 -30.35
C LYS B 320 24.36 59.27 -31.20
N GLU B 321 23.67 60.03 -32.06
CA GLU B 321 24.32 61.02 -32.93
C GLU B 321 25.41 60.36 -33.77
N PHE B 322 24.95 59.49 -34.68
CA PHE B 322 25.80 58.60 -35.46
C PHE B 322 27.07 59.28 -35.94
N ASN B 323 28.17 58.52 -35.96
CA ASN B 323 29.46 59.05 -36.36
C ASN B 323 29.50 59.27 -37.87
N ILE B 324 28.70 60.22 -38.35
CA ILE B 324 28.57 60.46 -39.78
C ILE B 324 29.74 61.34 -40.23
N PRO B 325 30.43 60.99 -41.30
CA PRO B 325 31.61 61.76 -41.73
C PRO B 325 31.23 63.14 -42.24
N LEU B 326 32.22 64.05 -42.18
CA LEU B 326 31.98 65.44 -42.58
C LEU B 326 31.80 65.58 -44.09
N GLU B 327 32.54 64.80 -44.87
CA GLU B 327 32.39 64.88 -46.33
C GLU B 327 30.97 64.53 -46.75
N MET B 328 30.29 63.67 -45.99
CA MET B 328 28.88 63.39 -46.24
C MET B 328 28.04 64.64 -46.05
N LEU B 329 28.31 65.41 -44.99
CA LEU B 329 27.60 66.66 -44.79
C LEU B 329 27.86 67.64 -45.93
N ARG B 330 29.12 67.73 -46.38
CA ARG B 330 29.45 68.69 -47.44
C ARG B 330 28.79 68.29 -48.76
N GLU B 331 28.83 67.01 -49.12
CA GLU B 331 28.18 66.59 -50.36
C GLU B 331 26.66 66.66 -50.26
N LEU B 332 26.10 66.46 -49.07
CA LEU B 332 24.67 66.67 -48.87
C LEU B 332 24.30 68.13 -49.07
N LEU B 333 25.14 69.05 -48.57
CA LEU B 333 24.92 70.47 -48.83
C LEU B 333 25.00 70.76 -50.33
N ASN B 334 25.92 70.09 -51.03
CA ASN B 334 25.98 70.23 -52.48
C ASN B 334 24.69 69.77 -53.14
N LEU B 335 24.17 68.62 -52.70
CA LEU B 335 22.89 68.13 -53.23
C LEU B 335 21.79 69.16 -53.00
N VAL B 336 21.70 69.68 -51.78
CA VAL B 336 20.63 70.62 -51.45
C VAL B 336 20.74 71.88 -52.29
N LYS B 337 21.94 72.44 -52.41
CA LYS B 337 22.10 73.68 -53.16
C LYS B 337 21.87 73.47 -54.66
N LYS B 338 22.15 72.27 -55.17
CA LYS B 338 21.85 72.01 -56.58
C LYS B 338 20.36 71.83 -56.82
N ILE B 339 19.67 71.09 -55.96
CA ILE B 339 18.27 70.74 -56.21
C ILE B 339 17.31 71.89 -55.96
N VAL B 340 17.78 73.01 -55.38
CA VAL B 340 16.90 74.13 -55.09
C VAL B 340 16.94 75.13 -56.24
N GLU B 341 17.50 74.71 -57.37
CA GLU B 341 17.52 75.54 -58.57
C GLU B 341 16.10 75.72 -59.11
N GLU B 342 15.85 76.90 -59.68
CA GLU B 342 14.53 77.21 -60.19
C GLU B 342 14.36 76.86 -61.66
N ALA B 343 15.46 76.93 -62.45
CA ALA B 343 15.38 76.59 -63.87
C ALA B 343 15.01 75.13 -64.07
N VAL B 344 15.55 74.23 -63.25
CA VAL B 344 15.17 72.83 -63.35
C VAL B 344 13.69 72.67 -63.01
N LEU B 345 13.17 73.47 -62.08
CA LEU B 345 11.75 73.44 -61.81
C LEU B 345 10.92 73.92 -63.00
N LYS B 346 11.38 74.98 -63.68
CA LYS B 346 10.67 75.43 -64.88
C LYS B 346 10.67 74.36 -65.96
N SER B 347 11.81 73.71 -66.16
CA SER B 347 11.91 72.63 -67.14
C SER B 347 11.01 71.46 -66.78
N LEU B 348 10.93 71.14 -65.48
CA LEU B 348 10.01 70.11 -65.03
C LEU B 348 8.56 70.50 -65.33
N ASP B 349 8.21 71.77 -65.11
CA ASP B 349 6.87 72.22 -65.43
C ASP B 349 6.59 72.13 -66.93
N ALA B 350 7.58 72.46 -67.75
CA ALA B 350 7.40 72.38 -69.20
C ALA B 350 7.21 70.94 -69.67
N ILE B 351 8.01 70.01 -69.15
CA ILE B 351 7.83 68.62 -69.55
C ILE B 351 6.52 68.07 -68.98
N VAL B 352 6.10 68.56 -67.82
CA VAL B 352 4.80 68.17 -67.27
C VAL B 352 3.67 68.62 -68.19
N ALA B 353 3.76 69.85 -68.69
CA ALA B 353 2.75 70.34 -69.64
C ALA B 353 2.79 69.53 -70.94
N SER B 354 3.98 69.15 -71.40
CA SER B 354 4.07 68.29 -72.57
C SER B 354 3.37 66.96 -72.32
N VAL B 355 3.52 66.41 -71.11
CA VAL B 355 2.80 65.18 -70.75
C VAL B 355 1.29 65.43 -70.72
N MET B 356 0.86 66.56 -70.15
CA MET B 356 -0.55 66.89 -70.11
C MET B 356 -1.16 66.91 -71.50
N GLU B 357 -0.50 67.61 -72.43
CA GLU B 357 -1.00 67.73 -73.79
C GLU B 357 -0.80 66.45 -74.60
N ALA B 358 0.05 65.54 -74.13
CA ALA B 358 0.20 64.26 -74.82
C ALA B 358 -1.09 63.44 -74.79
N ASN B 359 -1.78 63.45 -73.65
CA ASN B 359 -3.01 62.69 -73.50
C ASN B 359 -4.13 63.35 -74.30
N LEU B 364 -2.70 60.12 -63.25
CA LEU B 364 -1.89 61.25 -62.82
C LEU B 364 -2.45 61.87 -61.55
N TYR B 365 -1.55 62.18 -60.61
CA TYR B 365 -1.93 62.75 -59.32
C TYR B 365 -1.42 64.18 -59.16
N TYR B 366 -0.12 64.41 -59.31
CA TYR B 366 0.45 65.74 -59.15
C TYR B 366 0.13 66.62 -60.36
N THR B 367 0.04 67.92 -60.09
CA THR B 367 -0.17 68.92 -61.14
C THR B 367 1.03 69.86 -61.29
N SER B 368 1.44 70.50 -60.20
CA SER B 368 2.61 71.36 -60.18
C SER B 368 3.60 70.85 -59.14
N PHE B 369 4.84 70.64 -59.56
CA PHE B 369 5.86 70.07 -58.69
C PHE B 369 6.71 71.12 -57.97
N SER B 370 6.52 72.40 -58.28
CA SER B 370 7.36 73.44 -57.69
C SER B 370 7.18 73.50 -56.17
N ASP B 371 5.97 73.87 -55.73
CA ASP B 371 5.72 74.02 -54.30
C ASP B 371 5.89 72.72 -53.51
N PRO B 372 5.35 71.57 -53.94
CA PRO B 372 5.55 70.35 -53.14
C PRO B 372 7.02 69.97 -52.99
N LEU B 373 7.78 69.98 -54.08
CA LEU B 373 9.21 69.63 -53.98
C LEU B 373 9.96 70.65 -53.12
N TYR B 374 9.67 71.93 -53.31
CA TYR B 374 10.33 72.98 -52.51
C TYR B 374 10.07 72.76 -51.02
N LEU B 375 8.81 72.59 -50.64
CA LEU B 375 8.46 72.39 -49.24
C LEU B 375 9.06 71.12 -48.69
N THR B 376 9.01 70.03 -49.46
CA THR B 376 9.55 68.76 -48.98
C THR B 376 11.06 68.85 -48.77
N MET B 377 11.78 69.47 -49.70
CA MET B 377 13.22 69.58 -49.56
C MET B 377 13.60 70.47 -48.39
N PHE B 378 12.90 71.59 -48.20
CA PHE B 378 13.22 72.43 -47.04
C PHE B 378 12.88 71.73 -45.73
N LYS B 379 11.77 70.99 -45.69
CA LYS B 379 11.41 70.27 -44.48
C LYS B 379 12.44 69.21 -44.13
N MET B 380 12.87 68.42 -45.13
CA MET B 380 13.88 67.41 -44.85
C MET B 380 15.22 68.04 -44.50
N LEU B 381 15.54 69.20 -45.09
CA LEU B 381 16.76 69.91 -44.71
C LEU B 381 16.72 70.33 -43.25
N ARG B 382 15.57 70.82 -42.79
CA ARG B 382 15.44 71.17 -41.38
C ARG B 382 15.51 69.93 -40.49
N ASP B 383 14.84 68.85 -40.88
CA ASP B 383 14.77 67.67 -40.04
C ASP B 383 16.12 66.97 -39.91
N THR B 384 16.87 66.87 -41.01
CA THR B 384 18.13 66.13 -40.99
C THR B 384 19.16 66.80 -40.09
N LEU B 385 19.23 68.13 -40.12
CA LEU B 385 20.20 68.87 -39.33
C LEU B 385 19.59 69.51 -38.10
N TYR B 386 18.36 69.14 -37.73
CA TYR B 386 17.72 69.72 -36.56
C TYR B 386 18.43 69.37 -35.27
N TYR B 387 18.80 68.10 -35.09
CA TYR B 387 19.29 67.61 -33.81
C TYR B 387 20.80 67.39 -33.76
N MET B 388 21.48 67.37 -34.90
CA MET B 388 22.91 67.10 -34.92
C MET B 388 23.67 68.24 -34.23
N LYS B 389 24.67 67.86 -33.44
CA LYS B 389 25.45 68.81 -32.65
C LYS B 389 26.93 68.59 -32.89
N ASP B 390 27.75 69.40 -32.20
CA ASP B 390 29.21 69.31 -32.27
C ASP B 390 29.73 69.52 -33.69
N LEU B 391 29.44 70.71 -34.23
CA LEU B 391 29.89 71.11 -35.54
C LEU B 391 30.75 72.37 -35.43
N PRO B 392 31.93 72.39 -36.04
CA PRO B 392 32.74 73.62 -36.06
C PRO B 392 32.01 74.78 -36.73
N THR B 393 32.62 75.97 -36.60
CA THR B 393 31.93 77.20 -36.95
C THR B 393 31.73 77.38 -38.45
N SER B 394 32.58 76.77 -39.28
CA SER B 394 32.51 77.00 -40.71
C SER B 394 31.20 76.46 -41.30
N PHE B 395 30.86 75.22 -40.97
CA PHE B 395 29.62 74.64 -41.47
C PHE B 395 28.41 75.39 -40.95
N VAL B 396 28.44 75.78 -39.68
CA VAL B 396 27.32 76.51 -39.09
C VAL B 396 27.13 77.84 -39.81
N LYS B 397 28.23 78.56 -40.06
CA LYS B 397 28.10 79.89 -40.67
C LYS B 397 27.69 79.78 -42.13
N GLU B 398 28.15 78.76 -42.85
CA GLU B 398 27.72 78.63 -44.25
C GLU B 398 26.25 78.22 -44.33
N ILE B 399 25.79 77.37 -43.41
CA ILE B 399 24.38 77.02 -43.36
C ILE B 399 23.54 78.25 -43.00
N HIS B 400 24.06 79.08 -42.10
CA HIS B 400 23.36 80.31 -41.72
C HIS B 400 23.26 81.27 -42.91
N ASP B 401 24.34 81.38 -43.69
CA ASP B 401 24.30 82.20 -44.89
C ASP B 401 23.27 81.66 -45.88
N PHE B 402 23.24 80.33 -46.06
CA PHE B 402 22.25 79.69 -46.91
C PHE B 402 20.84 80.06 -46.48
N VAL B 403 20.52 79.88 -45.20
CA VAL B 403 19.16 80.10 -44.74
C VAL B 403 18.79 81.58 -44.80
N LEU B 404 19.73 82.47 -44.46
CA LEU B 404 19.40 83.90 -44.50
C LEU B 404 19.21 84.39 -45.93
N GLU B 405 20.03 83.92 -46.87
CA GLU B 405 19.85 84.35 -48.25
C GLU B 405 18.55 83.79 -48.83
N GLN B 406 18.19 82.56 -48.48
CA GLN B 406 16.90 82.03 -48.91
C GLN B 406 15.75 82.83 -48.31
N PHE B 407 15.86 83.20 -47.04
CA PHE B 407 14.84 84.04 -46.41
C PHE B 407 14.69 85.36 -47.16
N ASN B 408 15.81 86.05 -47.40
CA ASN B 408 15.76 87.35 -48.06
C ASN B 408 15.18 87.25 -49.47
N THR B 409 15.57 86.21 -50.22
CA THR B 409 15.09 86.09 -51.59
C THR B 409 13.61 85.71 -51.64
N SER B 410 13.23 84.63 -50.96
CA SER B 410 11.87 84.11 -51.10
C SER B 410 10.85 85.00 -50.38
N GLN B 411 11.16 85.42 -49.15
CA GLN B 411 10.15 86.12 -48.36
C GLN B 411 9.82 87.49 -48.94
N GLY B 412 10.82 88.18 -49.48
CA GLY B 412 10.61 89.52 -49.97
C GLY B 412 9.96 89.61 -51.34
N GLU B 413 9.11 88.63 -51.67
CA GLU B 413 8.43 88.61 -52.96
C GLU B 413 6.93 88.40 -52.86
N LEU B 414 6.40 87.91 -51.75
CA LEU B 414 4.98 87.63 -51.59
C LEU B 414 4.25 88.71 -50.81
N GLN B 415 4.66 89.97 -50.96
CA GLN B 415 4.04 91.09 -50.28
C GLN B 415 3.07 91.85 -51.16
N LYS B 416 2.37 91.15 -52.06
CA LYS B 416 1.42 91.78 -52.97
C LYS B 416 0.18 92.26 -52.21
N LYS B 432 1.26 80.25 -50.98
CA LYS B 432 0.29 79.63 -50.09
C LYS B 432 0.98 78.71 -49.08
N LEU B 433 1.54 77.61 -49.58
CA LEU B 433 2.25 76.66 -48.74
C LEU B 433 3.70 77.04 -48.51
N ARG B 434 4.17 78.15 -49.11
CA ARG B 434 5.53 78.61 -48.89
C ARG B 434 5.74 79.05 -47.44
N CYS B 435 4.67 79.37 -46.72
CA CYS B 435 4.79 79.80 -45.33
C CYS B 435 5.40 78.71 -44.46
N GLN B 436 5.04 77.45 -44.73
CA GLN B 436 5.63 76.34 -43.98
C GLN B 436 7.14 76.26 -44.21
N ALA B 437 7.57 76.44 -45.46
CA ALA B 437 9.00 76.42 -45.76
C ALA B 437 9.72 77.57 -45.09
N ASN B 438 9.12 78.77 -45.11
CA ASN B 438 9.73 79.91 -44.43
C ASN B 438 9.81 79.68 -42.93
N ALA B 439 8.78 79.08 -42.34
CA ALA B 439 8.81 78.78 -40.92
C ALA B 439 9.88 77.75 -40.58
N ALA B 440 10.04 76.74 -41.45
CA ALA B 440 11.11 75.76 -41.25
C ALA B 440 12.48 76.42 -41.33
N CYS B 441 12.66 77.34 -42.28
CA CYS B 441 13.92 78.07 -42.39
C CYS B 441 14.19 78.90 -41.15
N VAL B 442 13.15 79.56 -40.62
CA VAL B 442 13.30 80.35 -39.40
C VAL B 442 13.66 79.45 -38.22
N ASP B 443 13.02 78.29 -38.12
CA ASP B 443 13.34 77.36 -37.05
C ASP B 443 14.77 76.86 -37.15
N LEU B 444 15.26 76.65 -38.37
CA LEU B 444 16.62 76.18 -38.56
C LEU B 444 17.66 77.27 -38.30
N MET B 445 17.33 78.53 -38.62
CA MET B 445 18.33 79.59 -38.51
C MET B 445 18.62 79.97 -37.07
N VAL B 446 17.64 79.83 -36.17
CA VAL B 446 17.88 80.18 -34.77
C VAL B 446 18.85 79.19 -34.14
N TRP B 447 18.87 77.94 -34.62
CA TRP B 447 19.83 76.96 -34.12
C TRP B 447 21.26 77.29 -34.55
N ALA B 448 21.43 78.08 -35.61
CA ALA B 448 22.74 78.44 -36.12
C ALA B 448 23.20 79.81 -35.63
N VAL B 449 22.82 80.18 -34.41
CA VAL B 449 23.19 81.46 -33.81
C VAL B 449 23.98 81.18 -32.53
N LYS B 450 25.14 81.82 -32.41
CA LYS B 450 26.03 81.60 -31.26
C LYS B 450 26.52 82.91 -30.65
N ASP B 451 25.83 84.02 -30.91
CA ASP B 451 26.23 85.32 -30.39
C ASP B 451 25.02 86.01 -29.76
N GLU B 452 25.26 86.74 -28.67
CA GLU B 452 24.18 87.47 -28.00
C GLU B 452 23.66 88.59 -28.87
N GLN B 453 24.56 89.29 -29.58
CA GLN B 453 24.13 90.38 -30.45
C GLN B 453 23.25 89.86 -31.59
N GLY B 454 23.61 88.70 -32.15
CA GLY B 454 22.76 88.10 -33.17
C GLY B 454 21.40 87.71 -32.63
N ALA B 455 21.36 87.20 -31.39
CA ALA B 455 20.08 86.90 -30.76
C ALA B 455 19.24 88.15 -30.59
N GLU B 456 19.86 89.25 -30.16
CA GLU B 456 19.13 90.51 -30.01
C GLU B 456 18.61 91.00 -31.35
N ASN B 457 19.42 90.89 -32.41
CA ASN B 457 18.98 91.31 -33.74
C ASN B 457 17.80 90.47 -34.21
N LEU B 458 17.87 89.15 -34.00
CA LEU B 458 16.75 88.29 -34.37
C LEU B 458 15.49 88.65 -33.57
N CYS B 459 15.65 88.93 -32.28
CA CYS B 459 14.51 89.33 -31.46
C CYS B 459 13.88 90.61 -31.98
N ILE B 460 14.70 91.59 -32.36
CA ILE B 460 14.18 92.84 -32.89
C ILE B 460 13.44 92.59 -34.20
N LYS B 461 14.05 91.81 -35.10
CA LYS B 461 13.43 91.56 -36.40
C LYS B 461 12.12 90.81 -36.27
N LEU B 462 12.04 89.88 -35.31
CA LEU B 462 10.79 89.16 -35.10
C LEU B 462 9.75 90.05 -34.42
N SER B 463 10.18 90.90 -33.48
CA SER B 463 9.24 91.74 -32.74
C SER B 463 8.60 92.78 -33.66
N GLU B 464 9.38 93.37 -34.57
CA GLU B 464 8.80 94.38 -35.46
C GLU B 464 7.73 93.79 -36.37
N LYS B 465 7.84 92.50 -36.68
CA LYS B 465 6.81 91.83 -37.47
C LYS B 465 5.59 91.46 -36.63
N LEU B 466 5.79 91.12 -35.35
CA LEU B 466 4.69 90.62 -34.52
C LEU B 466 3.60 91.67 -34.37
N GLN B 467 3.96 92.89 -33.99
CA GLN B 467 2.98 93.95 -33.72
C GLN B 467 2.60 94.59 -35.05
N SER B 468 1.76 93.90 -35.80
CA SER B 468 1.29 94.39 -37.09
C SER B 468 -0.02 95.15 -36.94
N HIS B 478 0.67 82.44 -43.32
CA HIS B 478 1.27 83.43 -42.43
C HIS B 478 1.06 83.06 -40.96
N LEU B 479 -0.04 82.36 -40.68
CA LEU B 479 -0.28 81.89 -39.31
C LEU B 479 0.80 80.93 -38.84
N PRO B 480 1.19 79.89 -39.60
CA PRO B 480 2.32 79.07 -39.17
C PRO B 480 3.61 79.86 -39.02
N LEU B 481 3.81 80.88 -39.86
CA LEU B 481 5.02 81.69 -39.75
C LEU B 481 5.10 82.38 -38.39
N LEU B 482 4.00 83.02 -37.97
CA LEU B 482 4.01 83.69 -36.68
C LEU B 482 4.04 82.70 -35.53
N ILE B 483 3.41 81.53 -35.68
CA ILE B 483 3.49 80.51 -34.64
C ILE B 483 4.93 80.07 -34.43
N CYS B 484 5.65 79.79 -35.52
CA CYS B 484 7.04 79.38 -35.42
C CYS B 484 7.92 80.54 -34.96
N CYS B 485 7.54 81.79 -35.26
CA CYS B 485 8.24 82.94 -34.71
C CYS B 485 8.13 82.96 -33.18
N LEU B 486 6.93 82.72 -32.66
CA LEU B 486 6.75 82.64 -31.21
C LEU B 486 7.55 81.48 -30.62
N GLN B 487 7.53 80.32 -31.29
CA GLN B 487 8.29 79.17 -30.80
C GLN B 487 9.79 79.46 -30.77
N GLY B 488 10.32 80.09 -31.82
CA GLY B 488 11.73 80.43 -31.85
C GLY B 488 12.09 81.49 -30.82
N LEU B 489 11.21 82.46 -30.60
CA LEU B 489 11.45 83.46 -29.57
C LEU B 489 11.50 82.81 -28.19
N GLY B 490 10.57 81.88 -27.92
CA GLY B 490 10.61 81.18 -26.65
C GLY B 490 11.87 80.35 -26.47
N ARG B 491 12.28 79.63 -27.52
CA ARG B 491 13.50 78.83 -27.44
C ARG B 491 14.72 79.72 -27.23
N LEU B 492 14.80 80.83 -27.95
CA LEU B 492 15.95 81.73 -27.81
C LEU B 492 16.00 82.36 -26.43
N CYS B 493 14.84 82.75 -25.88
CA CYS B 493 14.82 83.28 -24.53
C CYS B 493 15.24 82.24 -23.51
N GLU B 494 14.83 80.98 -23.72
CA GLU B 494 15.27 79.90 -22.84
C GLU B 494 16.79 79.71 -22.93
N ARG B 495 17.34 79.78 -24.15
CA ARG B 495 18.77 79.55 -24.32
C ARG B 495 19.60 80.68 -23.71
N PHE B 496 19.23 81.93 -23.99
CA PHE B 496 19.99 83.07 -23.50
C PHE B 496 19.17 83.81 -22.45
N PRO B 497 19.54 83.74 -21.17
CA PRO B 497 18.79 84.45 -20.13
C PRO B 497 19.06 85.95 -20.08
N VAL B 498 19.99 86.45 -20.87
CA VAL B 498 20.32 87.88 -20.83
C VAL B 498 19.19 88.71 -21.40
N VAL B 499 18.58 88.25 -22.50
CA VAL B 499 17.60 89.04 -23.24
C VAL B 499 16.20 88.89 -22.67
N VAL B 500 16.10 88.27 -21.48
CA VAL B 500 14.79 88.04 -20.88
C VAL B 500 14.10 89.37 -20.61
N HIS B 501 14.83 90.34 -20.05
CA HIS B 501 14.23 91.65 -19.77
C HIS B 501 13.90 92.41 -21.05
N SER B 502 14.67 92.17 -22.12
CA SER B 502 14.43 92.89 -23.37
C SER B 502 13.20 92.35 -24.09
N VAL B 503 13.00 91.02 -24.09
CA VAL B 503 11.89 90.42 -24.81
C VAL B 503 10.60 90.40 -24.01
N THR B 504 10.67 90.68 -22.71
CA THR B 504 9.45 90.67 -21.88
C THR B 504 8.41 91.69 -22.35
N PRO B 505 8.75 92.96 -22.61
CA PRO B 505 7.73 93.88 -23.13
C PRO B 505 7.17 93.47 -24.48
N SER B 506 8.00 92.83 -25.33
CA SER B 506 7.54 92.46 -26.66
C SER B 506 6.39 91.45 -26.60
N LEU B 507 6.51 90.43 -25.74
CA LEU B 507 5.46 89.44 -25.62
C LEU B 507 4.28 89.95 -24.81
N ARG B 508 4.52 90.82 -23.83
CA ARG B 508 3.44 91.31 -22.98
C ARG B 508 2.52 92.26 -23.74
N ASP B 509 3.08 93.13 -24.58
CA ASP B 509 2.27 94.16 -25.23
C ASP B 509 1.23 93.55 -26.15
N PHE B 510 1.59 92.50 -26.89
CA PHE B 510 0.64 91.87 -27.80
C PHE B 510 -0.55 91.28 -27.03
N LEU B 511 -0.28 90.63 -25.89
CA LEU B 511 -1.35 90.01 -25.13
C LEU B 511 -2.25 91.04 -24.47
N VAL B 512 -1.66 92.07 -23.85
CA VAL B 512 -2.45 93.05 -23.12
C VAL B 512 -3.17 94.02 -24.06
N ILE B 513 -2.77 94.11 -25.32
CA ILE B 513 -3.40 95.02 -26.26
C ILE B 513 -4.11 94.23 -27.36
N SER B 515 -4.76 92.71 -30.03
CA SER B 515 -4.64 91.76 -31.12
C SER B 515 -5.83 91.86 -32.07
N PRO B 516 -5.76 92.78 -33.04
CA PRO B 516 -6.87 92.91 -34.00
C PRO B 516 -7.15 91.63 -34.77
N VAL B 517 -6.12 90.83 -35.06
CA VAL B 517 -6.34 89.56 -35.74
C VAL B 517 -7.21 88.63 -34.90
N LEU B 518 -6.95 88.59 -33.58
CA LEU B 518 -7.78 87.78 -32.70
C LEU B 518 -9.20 88.32 -32.64
N VAL B 519 -9.35 89.65 -32.66
CA VAL B 519 -10.68 90.25 -32.64
C VAL B 519 -11.46 89.84 -33.90
N LYS B 520 -10.82 89.90 -35.05
CA LYS B 520 -11.49 89.49 -36.29
C LYS B 520 -11.78 87.98 -36.27
N LEU B 521 -10.88 87.19 -35.69
CA LEU B 521 -11.11 85.75 -35.60
C LEU B 521 -12.33 85.45 -34.74
N TYR B 522 -12.50 86.17 -33.63
CA TYR B 522 -13.65 85.93 -32.76
C TYR B 522 -14.96 86.22 -33.48
N LYS B 523 -15.01 87.30 -34.26
CA LYS B 523 -16.21 87.64 -35.01
C LYS B 523 -16.14 87.09 -36.44
N TYR B 562 -7.78 79.49 -32.57
CA TYR B 562 -8.58 80.49 -31.88
C TYR B 562 -8.08 80.69 -30.45
N GLU B 563 -7.73 79.59 -29.78
CA GLU B 563 -7.08 79.64 -28.48
C GLU B 563 -5.75 78.90 -28.43
N GLN B 564 -5.44 78.10 -29.45
CA GLN B 564 -4.17 77.38 -29.46
C GLN B 564 -2.99 78.34 -29.47
N LEU B 565 -3.06 79.38 -30.30
CA LEU B 565 -2.01 80.39 -30.31
C LEU B 565 -1.92 81.11 -28.97
N ARG B 566 -3.07 81.35 -28.34
CA ARG B 566 -3.09 82.03 -27.04
C ARG B 566 -2.37 81.20 -25.98
N ASP B 567 -2.70 79.90 -25.89
CA ASP B 567 -2.05 79.08 -24.88
C ASP B 567 -0.58 78.84 -25.21
N ILE B 568 -0.23 78.77 -26.50
CA ILE B 568 1.18 78.65 -26.88
C ILE B 568 1.95 79.89 -26.44
N ALA B 569 1.36 81.08 -26.65
CA ALA B 569 1.99 82.31 -26.21
C ALA B 569 2.13 82.35 -24.70
N ILE B 570 1.11 81.88 -23.98
CA ILE B 570 1.18 81.87 -22.51
C ILE B 570 2.28 80.93 -22.04
N ASP B 571 2.40 79.76 -22.67
CA ASP B 571 3.44 78.82 -22.28
C ASP B 571 4.83 79.38 -22.57
N ASN B 572 4.98 80.07 -23.72
CA ASN B 572 6.26 80.72 -24.01
C ASN B 572 6.56 81.82 -23.01
N ILE B 573 5.53 82.55 -22.58
CA ILE B 573 5.72 83.57 -21.55
C ILE B 573 6.21 82.95 -20.27
N CYS B 574 5.60 81.83 -19.86
CA CYS B 574 6.02 81.16 -18.63
C CYS B 574 7.43 80.62 -18.73
N ARG B 575 7.81 80.08 -19.90
CA ARG B 575 9.18 79.63 -20.11
C ARG B 575 10.15 80.81 -20.02
N CYS B 576 9.77 81.94 -20.60
CA CYS B 576 10.61 83.14 -20.53
C CYS B 576 10.80 83.58 -19.08
N LEU B 577 9.72 83.58 -18.31
CA LEU B 577 9.82 84.04 -16.92
C LEU B 577 10.61 83.05 -16.06
N LYS B 578 10.47 81.75 -16.30
CA LYS B 578 11.28 80.80 -15.52
C LYS B 578 12.75 80.90 -15.90
N ALA B 579 13.06 81.15 -17.18
CA ALA B 579 14.45 81.39 -17.57
C ALA B 579 14.98 82.66 -16.91
N GLY B 580 14.15 83.70 -16.83
CA GLY B 580 14.57 84.93 -16.16
C GLY B 580 14.83 84.75 -14.68
N LEU B 581 13.93 84.03 -13.99
CA LEU B 581 14.12 83.80 -12.56
C LEU B 581 15.24 82.79 -12.29
N THR B 582 15.66 82.04 -13.31
CA THR B 582 16.79 81.13 -13.13
C THR B 582 18.06 81.90 -12.76
N VAL B 583 18.29 83.04 -13.40
CA VAL B 583 19.49 83.84 -13.17
C VAL B 583 19.22 85.00 -12.23
N ASP B 584 18.12 85.71 -12.40
CA ASP B 584 17.83 86.91 -11.61
C ASP B 584 16.66 86.65 -10.67
N PRO B 585 16.87 86.68 -9.36
CA PRO B 585 15.76 86.44 -8.42
C PRO B 585 14.90 87.66 -8.13
N VAL B 586 15.07 88.76 -8.85
CA VAL B 586 14.25 89.95 -8.68
C VAL B 586 13.40 90.26 -9.90
N ILE B 587 13.71 89.66 -11.05
CA ILE B 587 12.99 90.00 -12.27
C ILE B 587 11.54 89.54 -12.19
N VAL B 588 11.26 88.43 -11.52
CA VAL B 588 9.88 87.96 -11.37
C VAL B 588 9.09 88.88 -10.44
N GLU B 589 9.73 89.40 -9.39
CA GLU B 589 9.09 90.40 -8.54
C GLU B 589 8.76 91.65 -9.34
N ALA B 590 9.70 92.12 -10.16
CA ALA B 590 9.42 93.27 -11.02
C ALA B 590 8.26 92.98 -11.97
N PHE B 591 8.24 91.78 -12.55
CA PHE B 591 7.18 91.41 -13.48
C PHE B 591 5.82 91.34 -12.78
N LEU B 592 5.79 90.83 -11.55
CA LEU B 592 4.52 90.78 -10.82
C LEU B 592 4.06 92.18 -10.43
N ALA B 593 4.99 93.08 -10.10
CA ALA B 593 4.61 94.47 -9.87
C ALA B 593 4.02 95.10 -11.12
N SER B 594 4.65 94.84 -12.28
CA SER B 594 4.14 95.36 -13.54
C SER B 594 2.77 94.79 -13.87
N LEU B 595 2.57 93.48 -13.62
CA LEU B 595 1.28 92.87 -13.89
C LEU B 595 0.21 93.43 -12.97
N SER B 596 0.55 93.69 -11.71
CA SER B 596 -0.39 94.32 -10.79
C SER B 596 -0.77 95.71 -11.28
N ASN B 597 0.22 96.49 -11.77
CA ASN B 597 -0.09 97.80 -12.32
C ASN B 597 -1.00 97.69 -13.53
N ARG B 598 -0.74 96.71 -14.41
CA ARG B 598 -1.59 96.51 -15.59
C ARG B 598 -3.00 96.14 -15.19
N LEU B 599 -3.15 95.29 -14.18
CA LEU B 599 -4.48 94.95 -13.68
C LEU B 599 -5.18 96.18 -13.11
N TYR B 600 -4.44 97.02 -12.39
CA TYR B 600 -5.02 98.25 -11.85
C TYR B 600 -5.51 99.17 -12.96
N ILE B 601 -4.72 99.31 -14.02
CA ILE B 601 -5.11 100.15 -15.14
C ILE B 601 -5.96 99.36 -16.13
N LEU B 611 -12.03 93.11 -22.98
CA LEU B 611 -12.19 91.85 -22.27
C LEU B 611 -10.84 91.29 -21.85
N ILE B 612 -9.93 92.20 -21.50
CA ILE B 612 -8.58 91.84 -21.05
C ILE B 612 -8.55 91.16 -19.68
N PRO B 613 -9.52 91.35 -18.76
CA PRO B 613 -9.43 90.62 -17.48
C PRO B 613 -9.46 89.11 -17.64
N ASP B 614 -10.15 88.58 -18.63
CA ASP B 614 -10.15 87.13 -18.83
C ASP B 614 -8.75 86.62 -19.17
N HIS B 615 -8.08 87.30 -20.10
CA HIS B 615 -6.71 86.91 -20.46
C HIS B 615 -5.78 87.08 -19.29
N THR B 616 -5.95 88.16 -18.52
CA THR B 616 -5.09 88.40 -17.37
C THR B 616 -5.27 87.31 -16.32
N ILE B 617 -6.51 86.88 -16.08
CA ILE B 617 -6.75 85.84 -15.07
C ILE B 617 -6.23 84.49 -15.56
N ARG B 618 -6.39 84.20 -16.85
CA ARG B 618 -5.82 82.96 -17.38
C ARG B 618 -4.30 82.96 -17.26
N ALA B 619 -3.66 84.09 -17.54
CA ALA B 619 -2.21 84.20 -17.39
C ALA B 619 -1.80 84.01 -15.93
N LEU B 620 -2.56 84.62 -15.01
CA LEU B 620 -2.28 84.44 -13.59
C LEU B 620 -2.39 82.98 -13.17
N GLY B 621 -3.44 82.30 -13.61
CA GLY B 621 -3.58 80.89 -13.28
C GLY B 621 -2.46 80.05 -13.84
N HIS B 622 -2.08 80.30 -15.10
CA HIS B 622 -1.01 79.53 -15.72
C HIS B 622 0.33 79.76 -15.02
N ILE B 623 0.64 81.00 -14.66
CA ILE B 623 1.91 81.26 -14.00
C ILE B 623 1.90 80.71 -12.58
N ALA B 624 0.73 80.70 -11.91
CA ALA B 624 0.65 80.07 -10.60
C ALA B 624 0.88 78.56 -10.70
N VAL B 625 0.32 77.93 -11.73
CA VAL B 625 0.53 76.49 -11.93
C VAL B 625 1.99 76.20 -12.26
N ALA B 626 2.60 77.06 -13.08
CA ALA B 626 4.00 76.82 -13.47
C ALA B 626 4.96 76.98 -12.30
N LEU B 627 4.55 77.71 -11.27
CA LEU B 627 5.39 77.99 -10.10
C LEU B 627 4.91 77.25 -8.86
N ARG B 628 4.40 76.02 -9.04
CA ARG B 628 3.96 75.22 -7.90
C ARG B 628 5.13 74.88 -6.99
N ASP B 629 6.22 74.35 -7.55
CA ASP B 629 7.37 73.97 -6.75
C ASP B 629 8.03 75.19 -6.11
N THR B 630 8.19 76.26 -6.89
CA THR B 630 8.84 77.48 -6.38
C THR B 630 8.39 78.69 -7.19
N LYS B 632 9.62 81.04 -1.62
CA LYS B 632 9.21 82.41 -1.35
C LYS B 632 8.62 83.07 -2.59
N VAL B 633 8.06 82.24 -3.47
CA VAL B 633 7.42 82.72 -4.68
C VAL B 633 5.90 82.53 -4.65
N MET B 634 5.41 81.46 -4.00
CA MET B 634 3.97 81.22 -3.97
C MET B 634 3.25 82.20 -3.07
N GLU B 635 3.93 82.72 -2.04
CA GLU B 635 3.28 83.65 -1.11
C GLU B 635 2.85 84.96 -1.77
N PRO B 636 3.68 85.63 -2.60
CA PRO B 636 3.16 86.81 -3.31
C PRO B 636 1.96 86.51 -4.19
N ILE B 637 1.94 85.36 -4.85
CA ILE B 637 0.80 84.99 -5.68
C ILE B 637 -0.43 84.79 -4.81
N LEU B 638 -0.25 84.16 -3.64
CA LEU B 638 -1.37 83.99 -2.71
C LEU B 638 -1.92 85.34 -2.26
N GLN B 639 -1.03 86.27 -1.92
CA GLN B 639 -1.47 87.60 -1.51
C GLN B 639 -2.22 88.31 -2.63
N ILE B 640 -1.71 88.20 -3.86
CA ILE B 640 -2.35 88.84 -5.00
C ILE B 640 -3.74 88.27 -5.22
N LEU B 641 -3.88 86.94 -5.16
CA LEU B 641 -5.18 86.34 -5.38
C LEU B 641 -6.14 86.65 -4.23
N GLN B 642 -5.63 86.77 -3.00
CA GLN B 642 -6.48 87.17 -1.90
C GLN B 642 -6.99 88.60 -2.07
N GLN B 643 -6.12 89.50 -2.51
CA GLN B 643 -6.48 90.91 -2.63
C GLN B 643 -7.15 91.26 -3.95
N LYS B 644 -7.23 90.33 -4.90
CA LYS B 644 -7.82 90.61 -6.20
C LYS B 644 -9.30 90.31 -6.26
N PHE B 645 -9.90 89.83 -5.17
CA PHE B 645 -11.32 89.49 -5.18
C PHE B 645 -12.17 90.74 -5.38
N CYS B 646 -13.08 90.67 -6.36
CA CYS B 646 -13.93 91.80 -6.73
C CYS B 646 -13.12 93.06 -7.01
N SER B 650 -21.74 91.04 -12.08
CA SER B 650 -20.37 90.81 -12.55
C SER B 650 -20.10 89.31 -12.69
N PRO B 651 -20.32 88.78 -13.90
CA PRO B 651 -20.12 87.34 -14.13
C PRO B 651 -18.67 86.90 -14.24
N LEU B 652 -17.70 87.77 -13.92
CA LEU B 652 -16.29 87.39 -14.03
C LEU B 652 -15.85 86.45 -12.92
N ASP B 653 -16.66 86.27 -11.88
CA ASP B 653 -16.30 85.39 -10.77
C ASP B 653 -16.45 83.92 -11.10
N VAL B 654 -17.04 83.58 -12.25
CA VAL B 654 -17.27 82.18 -12.59
C VAL B 654 -15.95 81.45 -12.76
N LEU B 655 -15.01 82.04 -13.51
CA LEU B 655 -13.73 81.41 -13.78
C LEU B 655 -12.70 81.65 -12.68
N ILE B 656 -12.97 82.55 -11.74
CA ILE B 656 -12.02 82.81 -10.66
C ILE B 656 -11.91 81.57 -9.78
N ILE B 657 -13.04 81.03 -9.34
CA ILE B 657 -13.00 79.81 -8.53
C ILE B 657 -12.54 78.61 -9.37
N ASP B 658 -12.78 78.66 -10.69
CA ASP B 658 -12.25 77.61 -11.56
C ASP B 658 -10.72 77.60 -11.54
N GLN B 659 -10.10 78.78 -11.60
CA GLN B 659 -8.65 78.88 -11.44
C GLN B 659 -8.22 78.47 -10.05
N LEU B 660 -9.00 78.86 -9.03
CA LEU B 660 -8.67 78.48 -7.65
C LEU B 660 -8.68 76.97 -7.45
N GLY B 661 -9.53 76.27 -8.19
CA GLY B 661 -9.59 74.82 -8.05
C GLY B 661 -8.29 74.13 -8.43
N CYS B 662 -7.64 74.62 -9.49
CA CYS B 662 -6.36 74.05 -9.88
C CYS B 662 -5.29 74.30 -8.82
N LEU B 663 -5.44 75.37 -8.03
CA LEU B 663 -4.46 75.67 -6.98
C LEU B 663 -4.55 74.70 -5.81
N VAL B 664 -5.66 73.97 -5.68
CA VAL B 664 -5.80 73.02 -4.59
C VAL B 664 -4.82 71.86 -4.73
N ILE B 665 -4.53 71.44 -5.96
CA ILE B 665 -3.65 70.31 -6.21
C ILE B 665 -2.23 70.59 -5.70
N THR B 666 -1.87 71.86 -5.51
CA THR B 666 -0.52 72.20 -5.04
C THR B 666 -0.18 71.49 -3.74
N GLY B 667 -1.16 71.28 -2.87
CA GLY B 667 -0.95 70.50 -1.67
C GLY B 667 -0.35 71.27 -0.51
N ASN B 668 -1.01 72.34 -0.11
CA ASN B 668 -0.60 73.13 1.05
C ASN B 668 -1.76 73.19 2.05
N GLN B 669 -1.46 72.88 3.31
CA GLN B 669 -2.51 72.84 4.32
C GLN B 669 -3.14 74.21 4.53
N TYR B 670 -2.32 75.26 4.60
CA TYR B 670 -2.83 76.61 4.81
C TYR B 670 -3.69 77.07 3.63
N ILE B 671 -3.24 76.79 2.40
CA ILE B 671 -4.01 77.16 1.22
C ILE B 671 -5.34 76.40 1.19
N TYR B 672 -5.30 75.11 1.52
CA TYR B 672 -6.54 74.33 1.58
C TYR B 672 -7.49 74.90 2.62
N GLN B 673 -6.97 75.26 3.80
CA GLN B 673 -7.82 75.86 4.82
C GLN B 673 -8.44 77.16 4.34
N GLU B 674 -7.63 78.00 3.69
CA GLU B 674 -8.14 79.29 3.20
C GLU B 674 -9.25 79.08 2.18
N VAL B 675 -9.02 78.22 1.19
CA VAL B 675 -10.02 78.03 0.14
C VAL B 675 -11.27 77.37 0.69
N TRP B 676 -11.11 76.42 1.63
CA TRP B 676 -12.28 75.76 2.20
C TRP B 676 -13.08 76.73 3.06
N ASN B 677 -12.40 77.60 3.81
CA ASN B 677 -13.12 78.61 4.59
C ASN B 677 -13.87 79.58 3.68
N LEU B 678 -13.24 79.98 2.57
CA LEU B 678 -13.92 80.85 1.63
C LEU B 678 -15.17 80.19 1.06
N PHE B 679 -15.05 78.92 0.66
CA PHE B 679 -16.20 78.21 0.13
C PHE B 679 -17.28 78.02 1.19
N GLN B 680 -16.89 77.75 2.44
CA GLN B 680 -17.85 77.61 3.52
C GLN B 680 -18.60 78.92 3.75
N GLN B 681 -17.88 80.04 3.74
CA GLN B 681 -18.54 81.33 3.92
C GLN B 681 -19.50 81.61 2.77
N ILE B 682 -19.10 81.29 1.54
CA ILE B 682 -19.99 81.47 0.39
C ILE B 682 -21.24 80.62 0.54
N SER B 683 -21.08 79.36 0.96
CA SER B 683 -22.24 78.48 1.11
C SER B 683 -23.16 78.95 2.22
N VAL B 684 -22.60 79.39 3.35
CA VAL B 684 -23.42 79.89 4.45
C VAL B 684 -24.15 81.16 4.03
N LYS B 685 -23.50 82.00 3.23
CA LYS B 685 -24.16 83.20 2.72
C LYS B 685 -25.39 82.86 1.90
N ALA B 686 -25.30 81.84 1.06
CA ALA B 686 -26.41 81.40 0.24
C ALA B 686 -27.48 80.71 1.10
N TYR B 702 -24.08 87.38 -4.89
CA TYR B 702 -23.65 86.46 -5.93
C TYR B 702 -24.38 85.12 -5.82
N ARG B 703 -25.71 85.16 -5.97
CA ARG B 703 -26.50 83.93 -5.89
C ARG B 703 -26.22 82.98 -7.06
N HIS B 704 -25.74 83.51 -8.19
CA HIS B 704 -25.50 82.69 -9.37
C HIS B 704 -24.33 81.72 -9.21
N CYS B 705 -23.53 81.85 -8.16
CA CYS B 705 -22.36 81.00 -7.96
C CYS B 705 -22.69 79.70 -7.23
N SER B 706 -23.96 79.45 -6.91
CA SER B 706 -24.33 78.24 -6.18
C SER B 706 -23.98 76.99 -6.99
N LEU B 707 -24.24 77.00 -8.29
CA LEU B 707 -23.86 75.88 -9.13
C LEU B 707 -22.35 75.87 -9.40
N ALA B 708 -21.74 77.05 -9.49
CA ALA B 708 -20.32 77.12 -9.78
C ALA B 708 -19.49 76.51 -8.66
N VAL B 709 -19.84 76.79 -7.40
CA VAL B 709 -19.06 76.28 -6.29
C VAL B 709 -19.17 74.76 -6.19
N ILE B 710 -20.37 74.22 -6.39
CA ILE B 710 -20.52 72.76 -6.30
C ILE B 710 -19.84 72.08 -7.48
N ASN B 711 -19.86 72.71 -8.67
CA ASN B 711 -19.12 72.16 -9.79
C ASN B 711 -17.62 72.17 -9.52
N ALA B 712 -17.11 73.24 -8.93
CA ALA B 712 -15.69 73.31 -8.58
C ALA B 712 -15.33 72.24 -7.54
N LEU B 713 -16.20 72.04 -6.55
CA LEU B 713 -15.95 70.99 -5.56
C LEU B 713 -15.96 69.61 -6.19
N ALA B 714 -16.87 69.37 -7.13
CA ALA B 714 -16.90 68.09 -7.83
C ALA B 714 -15.62 67.88 -8.63
N ASN B 715 -15.13 68.94 -9.28
CA ASN B 715 -13.88 68.84 -10.01
C ASN B 715 -12.71 68.56 -9.08
N ILE B 716 -12.71 69.19 -7.90
CA ILE B 716 -11.61 69.03 -6.96
C ILE B 716 -11.54 67.60 -6.44
N ALA B 717 -12.69 67.01 -6.12
CA ALA B 717 -12.70 65.71 -5.45
C ALA B 717 -12.02 64.62 -6.27
N ALA B 718 -11.98 64.77 -7.58
CA ALA B 718 -11.36 63.77 -8.45
C ALA B 718 -9.89 64.05 -8.73
N ASN B 719 -9.31 65.09 -8.14
CA ASN B 719 -7.93 65.48 -8.42
C ASN B 719 -7.18 65.79 -7.13
N ILE B 720 -7.33 64.93 -6.13
CA ILE B 720 -6.63 65.05 -4.86
C ILE B 720 -5.76 63.81 -4.68
N GLN B 721 -4.48 64.02 -4.35
CA GLN B 721 -3.52 62.93 -4.24
C GLN B 721 -2.93 62.80 -2.84
N ASP B 722 -3.39 63.57 -1.86
CA ASP B 722 -2.89 63.51 -0.49
C ASP B 722 -3.95 62.84 0.37
N GLU B 723 -3.58 61.74 1.03
CA GLU B 723 -4.53 61.00 1.85
C GLU B 723 -5.04 61.85 3.02
N HIS B 724 -4.15 62.61 3.64
CA HIS B 724 -4.56 63.48 4.75
C HIS B 724 -5.57 64.51 4.27
N LEU B 725 -5.30 65.13 3.12
CA LEU B 725 -6.25 66.08 2.54
C LEU B 725 -7.56 65.39 2.17
N VAL B 726 -7.48 64.14 1.71
CA VAL B 726 -8.70 63.41 1.34
C VAL B 726 -9.59 63.20 2.56
N ASP B 727 -9.01 62.70 3.66
CA ASP B 727 -9.83 62.45 4.85
C ASP B 727 -10.31 63.76 5.46
N GLU B 728 -9.48 64.81 5.44
CA GLU B 728 -9.93 66.11 5.94
C GLU B 728 -11.09 66.64 5.11
N LEU B 729 -11.02 66.49 3.79
CA LEU B 729 -12.14 66.90 2.93
C LEU B 729 -13.39 66.11 3.24
N LEU B 730 -13.25 64.80 3.46
CA LEU B 730 -14.40 63.98 3.81
C LEU B 730 -15.05 64.44 5.10
N MET B 731 -14.25 64.67 6.13
CA MET B 731 -14.80 65.14 7.41
C MET B 731 -15.44 66.51 7.27
N ASN B 732 -14.80 67.42 6.54
CA ASN B 732 -15.35 68.75 6.35
C ASN B 732 -16.68 68.71 5.60
N LEU B 733 -16.76 67.87 4.57
CA LEU B 733 -18.00 67.75 3.81
C LEU B 733 -19.12 67.16 4.67
N LEU B 734 -18.79 66.15 5.49
CA LEU B 734 -19.80 65.61 6.39
C LEU B 734 -20.28 66.65 7.39
N GLU B 735 -19.35 67.44 7.94
CA GLU B 735 -19.74 68.49 8.89
C GLU B 735 -20.59 69.55 8.20
N LEU B 736 -20.26 69.93 6.98
CA LEU B 736 -21.06 70.89 6.25
C LEU B 736 -22.46 70.36 5.99
N PHE B 737 -22.57 69.10 5.59
CA PHE B 737 -23.89 68.52 5.32
C PHE B 737 -24.74 68.44 6.58
N VAL B 738 -24.14 68.00 7.70
CA VAL B 738 -24.92 67.90 8.93
C VAL B 738 -25.27 69.29 9.48
N GLN B 739 -24.40 70.28 9.24
CA GLN B 739 -24.70 71.63 9.71
C GLN B 739 -25.88 72.24 8.97
N LEU B 740 -25.93 72.05 7.65
CA LEU B 740 -26.98 72.66 6.83
C LEU B 740 -28.34 72.00 7.03
N GLY B 741 -28.41 70.87 7.75
CA GLY B 741 -29.69 70.23 7.97
C GLY B 741 -30.67 71.08 8.74
N LEU B 742 -30.17 71.91 9.65
CA LEU B 742 -31.03 72.81 10.43
C LEU B 742 -31.72 73.83 9.54
N ASN B 766 -33.06 70.91 -1.48
CA ASN B 766 -31.92 71.80 -1.64
C ASN B 766 -30.63 71.11 -1.19
N LEU B 767 -30.76 70.16 -0.28
CA LEU B 767 -29.62 69.41 0.25
C LEU B 767 -29.33 68.14 -0.54
N GLY B 768 -30.15 67.82 -1.55
CA GLY B 768 -29.96 66.61 -2.33
C GLY B 768 -28.90 66.68 -3.41
N VAL B 769 -28.27 67.85 -3.59
CA VAL B 769 -27.24 68.00 -4.62
C VAL B 769 -25.85 67.76 -4.08
N LEU B 770 -25.70 67.50 -2.79
CA LEU B 770 -24.39 67.32 -2.17
C LEU B 770 -23.90 65.88 -2.18
N ILE B 771 -24.76 64.92 -2.55
CA ILE B 771 -24.37 63.51 -2.53
C ILE B 771 -23.49 63.08 -3.70
N PRO B 772 -23.61 63.64 -4.92
CA PRO B 772 -22.74 63.15 -6.00
C PRO B 772 -21.25 63.31 -5.71
N VAL B 773 -20.86 64.42 -5.09
CA VAL B 773 -19.44 64.62 -4.77
C VAL B 773 -19.00 63.63 -3.71
N ILE B 774 -19.88 63.31 -2.76
CA ILE B 774 -19.57 62.30 -1.76
C ILE B 774 -19.34 60.94 -2.43
N ALA B 775 -20.20 60.59 -3.38
CA ALA B 775 -20.04 59.34 -4.09
C ALA B 775 -18.74 59.31 -4.89
N VAL B 776 -18.42 60.41 -5.56
CA VAL B 776 -17.19 60.47 -6.37
C VAL B 776 -15.96 60.31 -5.48
N LEU B 777 -15.95 60.98 -4.32
CA LEU B 777 -14.78 60.88 -3.45
C LEU B 777 -14.70 59.51 -2.78
N THR B 778 -15.85 58.92 -2.41
CA THR B 778 -15.84 57.66 -1.69
C THR B 778 -15.58 56.46 -2.59
N ARG B 779 -15.77 56.59 -3.91
CA ARG B 779 -15.46 55.47 -4.78
C ARG B 779 -13.97 55.26 -4.98
N ARG B 780 -13.14 56.18 -4.49
CA ARG B 780 -11.69 56.07 -4.62
C ARG B 780 -11.01 55.42 -3.43
N LEU B 781 -11.76 54.94 -2.45
CA LEU B 781 -11.19 54.39 -1.24
C LEU B 781 -11.68 52.98 -0.99
N PRO B 782 -10.88 52.14 -0.35
CA PRO B 782 -11.34 50.80 0.02
C PRO B 782 -12.33 50.86 1.15
N PRO B 783 -13.09 49.78 1.39
CA PRO B 783 -14.05 49.79 2.50
C PRO B 783 -13.37 50.04 3.84
N ILE B 784 -14.03 50.81 4.69
CA ILE B 784 -13.50 51.22 5.98
C ILE B 784 -13.89 50.17 7.02
N LYS B 785 -12.97 49.90 7.94
CA LYS B 785 -13.20 48.95 9.02
C LYS B 785 -13.33 49.62 10.38
N GLU B 786 -12.35 50.42 10.78
CA GLU B 786 -12.42 51.16 12.02
C GLU B 786 -11.59 52.43 11.89
N ALA B 787 -11.99 53.47 12.61
CA ALA B 787 -11.32 54.76 12.57
C ALA B 787 -11.65 55.52 13.85
N LYS B 788 -11.38 56.82 13.85
CA LYS B 788 -11.71 57.67 14.98
C LYS B 788 -13.23 57.67 15.19
N PRO B 789 -13.70 57.48 16.43
CA PRO B 789 -15.16 57.45 16.66
C PRO B 789 -15.88 58.72 16.22
N ARG B 790 -15.14 59.81 15.98
CA ARG B 790 -15.76 61.00 15.40
C ARG B 790 -16.35 60.68 14.03
N LEU B 791 -15.64 59.91 13.21
CA LEU B 791 -16.17 59.49 11.92
C LEU B 791 -17.42 58.63 12.08
N GLN B 792 -17.42 57.72 13.04
CA GLN B 792 -18.59 56.89 13.27
C GLN B 792 -19.79 57.74 13.68
N LYS B 793 -19.57 58.72 14.57
CA LYS B 793 -20.67 59.59 14.98
C LYS B 793 -21.18 60.42 13.80
N LEU B 794 -20.27 60.92 12.97
CA LEU B 794 -20.69 61.68 11.79
C LEU B 794 -21.51 60.82 10.83
N PHE B 795 -21.08 59.58 10.60
CA PHE B 795 -21.84 58.68 9.74
C PHE B 795 -23.20 58.38 10.33
N ARG B 796 -23.26 58.16 11.65
CA ARG B 796 -24.54 57.89 12.30
C ARG B 796 -25.49 59.08 12.15
N ASP B 797 -24.98 60.29 12.35
CA ASP B 797 -25.83 61.47 12.19
C ASP B 797 -26.26 61.65 10.72
N PHE B 798 -25.37 61.36 9.79
CA PHE B 798 -25.71 61.45 8.37
C PHE B 798 -26.83 60.49 8.01
N TRP B 799 -26.72 59.24 8.46
CA TRP B 799 -27.77 58.26 8.18
C TRP B 799 -29.06 58.62 8.92
N LEU B 800 -28.97 59.21 10.11
CA LEU B 800 -30.15 59.67 10.82
C LEU B 800 -30.89 60.73 10.02
N TYR B 801 -30.15 61.71 9.51
CA TYR B 801 -30.79 62.74 8.67
C TYR B 801 -31.32 62.15 7.38
N SER B 802 -30.60 61.18 6.81
CA SER B 802 -31.07 60.55 5.57
C SER B 802 -32.40 59.84 5.77
N VAL B 803 -32.53 59.09 6.87
CA VAL B 803 -33.80 58.41 7.14
C VAL B 803 -34.88 59.40 7.57
N LEU B 804 -34.51 60.52 8.22
CA LEU B 804 -35.49 61.54 8.55
C LEU B 804 -36.08 62.16 7.29
N MET B 805 -35.25 62.43 6.29
CA MET B 805 -35.72 63.01 5.03
C MET B 805 -36.20 61.96 4.04
N GLY B 806 -36.02 60.68 4.32
CA GLY B 806 -36.50 59.64 3.44
C GLY B 806 -35.80 59.55 2.11
N PHE B 807 -34.54 59.99 2.04
CA PHE B 807 -33.79 59.92 0.79
C PHE B 807 -33.54 58.48 0.38
N ALA B 808 -33.28 57.60 1.35
CA ALA B 808 -33.04 56.19 1.04
C ALA B 808 -34.27 55.51 0.45
N VAL B 809 -35.47 56.02 0.73
CA VAL B 809 -36.69 55.44 0.17
C VAL B 809 -36.72 55.68 -1.32
N GLU B 810 -37.02 54.64 -2.09
CA GLU B 810 -37.04 54.72 -3.54
C GLU B 810 -38.27 55.53 -3.99
N GLY B 811 -38.03 56.67 -4.61
CA GLY B 811 -39.10 57.53 -5.07
C GLY B 811 -38.68 58.97 -5.23
N TRP B 815 -37.82 64.76 -7.46
CA TRP B 815 -36.77 63.89 -6.94
C TRP B 815 -36.02 63.21 -8.07
N PRO B 816 -34.84 63.75 -8.41
CA PRO B 816 -34.05 63.15 -9.49
C PRO B 816 -33.64 61.72 -9.16
N GLU B 817 -33.58 60.89 -10.21
CA GLU B 817 -33.18 59.50 -10.03
C GLU B 817 -31.73 59.38 -9.56
N GLU B 818 -30.90 60.40 -9.83
CA GLU B 818 -29.53 60.38 -9.32
C GLU B 818 -29.50 60.44 -7.79
N TRP B 819 -30.47 61.13 -7.18
CA TRP B 819 -30.50 61.25 -5.73
C TRP B 819 -30.67 59.88 -5.07
N TYR B 820 -31.63 59.08 -5.53
CA TYR B 820 -31.81 57.75 -4.98
C TYR B 820 -30.65 56.84 -5.33
N GLU B 821 -30.13 56.96 -6.56
CA GLU B 821 -29.06 56.08 -7.00
C GLU B 821 -27.77 56.29 -6.19
N GLY B 822 -27.46 57.54 -5.86
CA GLY B 822 -26.21 57.85 -5.20
C GLY B 822 -26.08 57.27 -3.80
N VAL B 823 -27.19 56.92 -3.16
CA VAL B 823 -27.13 56.39 -1.80
C VAL B 823 -26.52 54.98 -1.80
N CYS B 824 -26.62 54.27 -2.91
CA CYS B 824 -26.18 52.87 -2.95
C CYS B 824 -24.67 52.76 -2.74
N GLU B 825 -23.89 53.54 -3.50
CA GLU B 825 -22.44 53.47 -3.35
C GLU B 825 -21.99 54.04 -2.01
N ILE B 826 -22.74 54.99 -1.45
CA ILE B 826 -22.43 55.50 -0.11
C ILE B 826 -22.61 54.40 0.93
N ALA B 827 -23.72 53.66 0.83
CA ALA B 827 -23.94 52.54 1.75
C ALA B 827 -22.98 51.39 1.50
N THR B 828 -22.44 51.27 0.28
CA THR B 828 -21.50 50.19 -0.01
C THR B 828 -20.24 50.29 0.85
N LYS B 829 -19.71 51.50 1.00
CA LYS B 829 -18.48 51.71 1.76
C LYS B 829 -18.72 52.21 3.17
N SER B 830 -19.98 52.36 3.58
CA SER B 830 -20.27 52.90 4.90
C SER B 830 -19.86 51.90 5.99
N PRO B 831 -19.26 52.38 7.07
CA PRO B 831 -18.90 51.48 8.18
C PRO B 831 -20.12 51.07 8.98
N LEU B 832 -19.92 50.06 9.82
CA LEU B 832 -21.00 49.54 10.65
C LEU B 832 -21.41 50.56 11.71
N LEU B 833 -22.67 50.50 12.12
CA LEU B 833 -23.21 51.39 13.14
C LEU B 833 -22.99 50.81 14.54
N THR B 834 -21.71 50.66 14.89
CA THR B 834 -21.32 50.11 16.18
C THR B 834 -21.18 51.22 17.21
N PHE B 835 -20.80 50.83 18.43
CA PHE B 835 -20.64 51.79 19.52
C PHE B 835 -19.35 51.51 20.30
N GLU B 839 -19.58 51.90 27.63
CA GLU B 839 -20.43 53.07 27.52
C GLU B 839 -21.89 52.69 27.32
N PRO B 840 -22.77 53.24 28.15
CA PRO B 840 -24.20 52.92 28.03
C PRO B 840 -24.75 53.37 26.69
N LEU B 841 -25.68 52.57 26.15
CA LEU B 841 -26.29 52.90 24.86
C LEU B 841 -27.21 54.11 24.97
N ARG B 842 -28.10 54.12 25.97
CA ARG B 842 -29.05 55.21 26.11
C ARG B 842 -28.34 56.53 26.37
N SER B 843 -27.21 56.51 27.06
CA SER B 843 -26.43 57.73 27.26
C SER B 843 -25.97 58.31 25.92
N VAL B 844 -25.63 57.45 24.97
CA VAL B 844 -25.24 57.93 23.65
C VAL B 844 -26.43 58.60 22.95
N LEU B 845 -27.60 57.98 23.04
CA LEU B 845 -28.80 58.54 22.42
C LEU B 845 -29.51 59.49 23.37
N THR B 857 -45.74 64.56 20.31
CA THR B 857 -46.38 64.19 19.05
C THR B 857 -46.55 62.68 18.94
N PRO B 858 -47.54 62.14 19.65
CA PRO B 858 -47.77 60.69 19.59
C PRO B 858 -48.20 60.18 18.22
N ALA B 859 -48.74 61.05 17.37
CA ALA B 859 -49.24 60.62 16.07
C ALA B 859 -48.11 60.08 15.20
N GLU B 860 -47.02 60.83 15.07
CA GLU B 860 -45.91 60.39 14.24
C GLU B 860 -45.25 59.14 14.82
N LEU B 861 -45.19 59.03 16.15
CA LEU B 861 -44.64 57.84 16.78
C LEU B 861 -45.49 56.62 16.44
N SER B 862 -46.81 56.76 16.52
CA SER B 862 -47.70 55.65 16.17
C SER B 862 -47.55 55.28 14.69
N GLU B 863 -47.44 56.29 13.82
CA GLU B 863 -47.30 56.00 12.40
C GLU B 863 -46.00 55.27 12.10
N LEU B 864 -44.90 55.71 12.71
CA LEU B 864 -43.62 55.03 12.46
C LEU B 864 -43.63 53.63 13.04
N ARG B 865 -44.28 53.43 14.20
CA ARG B 865 -44.41 52.09 14.74
C ARG B 865 -45.20 51.19 13.81
N SER B 866 -46.29 51.71 13.25
CA SER B 866 -47.08 50.92 12.30
C SER B 866 -46.26 50.57 11.06
N THR B 867 -45.53 51.54 10.52
CA THR B 867 -44.72 51.27 9.33
C THR B 867 -43.65 50.22 9.61
N ILE B 868 -42.97 50.34 10.75
CA ILE B 868 -41.88 49.42 11.05
C ILE B 868 -42.42 48.02 11.34
N ILE B 869 -43.58 47.92 12.01
CA ILE B 869 -44.15 46.62 12.28
C ILE B 869 -44.65 45.97 10.98
N ASN B 870 -45.17 46.77 10.05
CA ASN B 870 -45.56 46.24 8.75
C ASN B 870 -44.33 45.75 7.98
N LEU B 871 -43.23 46.50 8.05
CA LEU B 871 -42.01 46.09 7.36
C LEU B 871 -41.44 44.80 7.94
N LEU B 872 -41.46 44.67 9.27
CA LEU B 872 -40.81 43.53 9.90
C LEU B 872 -41.69 42.28 9.86
N ASP B 873 -42.94 42.39 10.30
CA ASP B 873 -43.84 41.26 10.46
C ASP B 873 -43.24 40.16 11.34
N PRO B 874 -42.93 40.46 12.60
CA PRO B 874 -42.34 39.45 13.47
C PRO B 874 -43.42 38.70 14.25
N PRO B 875 -43.05 37.71 15.05
CA PRO B 875 -44.02 37.09 15.97
C PRO B 875 -44.53 38.11 16.97
N PRO B 876 -45.72 37.87 17.55
CA PRO B 876 -46.36 38.92 18.37
C PRO B 876 -45.54 39.36 19.58
N GLU B 877 -44.68 38.50 20.12
CA GLU B 877 -43.86 38.90 21.26
C GLU B 877 -42.92 40.04 20.89
N VAL B 878 -42.30 39.96 19.71
CA VAL B 878 -41.42 41.02 19.25
C VAL B 878 -42.21 42.32 19.06
N SER B 879 -43.43 42.22 18.53
CA SER B 879 -44.27 43.41 18.38
C SER B 879 -44.59 44.03 19.73
N ALA B 880 -44.91 43.19 20.72
CA ALA B 880 -45.19 43.70 22.06
C ALA B 880 -43.97 44.40 22.65
N LEU B 881 -42.78 43.83 22.43
CA LEU B 881 -41.56 44.49 22.88
C LEU B 881 -41.35 45.82 22.17
N ILE B 882 -41.67 45.88 20.88
CA ILE B 882 -41.53 47.11 20.11
C ILE B 882 -42.50 48.18 20.61
N ASN B 883 -43.69 47.78 21.03
CA ASN B 883 -44.74 48.75 21.36
C ASN B 883 -44.34 49.72 22.47
N LYS B 884 -43.35 49.39 23.29
CA LYS B 884 -42.92 50.24 24.39
C LYS B 884 -41.59 50.95 24.10
N LEU B 885 -41.33 51.26 22.84
CA LEU B 885 -40.10 51.92 22.43
C LEU B 885 -40.38 53.34 21.94
N ASP B 886 -39.51 54.26 22.31
CA ASP B 886 -39.65 55.65 21.92
C ASP B 886 -39.13 55.84 20.49
N PHE B 887 -38.99 57.11 20.07
CA PHE B 887 -38.62 57.40 18.69
C PHE B 887 -37.17 57.04 18.39
N ALA B 888 -36.27 57.18 19.37
CA ALA B 888 -34.85 57.01 19.10
C ALA B 888 -34.52 55.59 18.70
N MET B 889 -34.97 54.61 19.50
CA MET B 889 -34.67 53.22 19.19
C MET B 889 -35.34 52.79 17.88
N SER B 890 -36.57 53.26 17.65
CA SER B 890 -37.28 52.91 16.42
C SER B 890 -36.55 53.44 15.19
N THR B 891 -36.10 54.70 15.24
CA THR B 891 -35.39 55.24 14.08
C THR B 891 -34.02 54.62 13.92
N TYR B 892 -33.36 54.25 15.03
CA TYR B 892 -32.10 53.52 14.92
C TYR B 892 -32.31 52.17 14.23
N LEU B 893 -33.35 51.45 14.63
CA LEU B 893 -33.66 50.16 14.00
C LEU B 893 -33.98 50.34 12.52
N LEU B 894 -34.78 51.35 12.18
CA LEU B 894 -35.12 51.59 10.78
C LEU B 894 -33.88 51.91 9.97
N SER B 895 -33.01 52.78 10.51
CA SER B 895 -31.80 53.16 9.79
C SER B 895 -30.88 51.98 9.57
N VAL B 896 -30.68 51.16 10.61
CA VAL B 896 -29.78 50.01 10.45
C VAL B 896 -30.36 48.99 9.50
N TYR B 897 -31.68 48.78 9.54
CA TYR B 897 -32.33 47.87 8.60
C TYR B 897 -32.14 48.34 7.16
N ARG B 898 -32.38 49.63 6.92
CA ARG B 898 -32.21 50.17 5.57
C ARG B 898 -30.76 50.04 5.12
N LEU B 899 -29.82 50.39 5.99
CA LEU B 899 -28.41 50.33 5.63
C LEU B 899 -27.98 48.92 5.28
N GLU B 900 -28.36 47.94 6.11
CA GLU B 900 -27.94 46.57 5.85
C GLU B 900 -28.63 46.01 4.61
N TYR B 901 -29.89 46.36 4.38
CA TYR B 901 -30.57 45.90 3.18
C TYR B 901 -29.90 46.43 1.92
N MET B 902 -29.59 47.73 1.91
CA MET B 902 -28.91 48.31 0.75
C MET B 902 -27.53 47.70 0.56
N ARG B 903 -26.80 47.49 1.66
CA ARG B 903 -25.46 46.91 1.57
C ARG B 903 -25.51 45.50 0.99
N VAL B 904 -26.42 44.67 1.49
CA VAL B 904 -26.48 43.29 1.00
C VAL B 904 -26.99 43.24 -0.43
N LEU B 905 -27.85 44.19 -0.82
CA LEU B 905 -28.39 44.16 -2.17
C LEU B 905 -27.36 44.64 -3.20
N ARG B 906 -26.57 45.67 -2.87
CA ARG B 906 -25.69 46.30 -3.83
C ARG B 906 -24.21 46.00 -3.57
N SER B 907 -23.90 45.07 -2.68
CA SER B 907 -22.51 44.79 -2.36
C SER B 907 -21.90 43.83 -3.39
N THR B 908 -20.57 43.72 -3.34
CA THR B 908 -19.85 42.79 -4.20
C THR B 908 -18.76 42.02 -3.48
N ASP B 909 -18.55 42.27 -2.19
CA ASP B 909 -17.52 41.55 -1.44
C ASP B 909 -17.96 40.10 -1.19
N PRO B 910 -17.02 39.17 -1.05
CA PRO B 910 -17.39 37.77 -0.79
C PRO B 910 -17.93 37.53 0.62
N ASP B 911 -17.86 38.51 1.51
CA ASP B 911 -18.33 38.36 2.90
C ASP B 911 -19.66 39.09 3.13
N ARG B 912 -20.58 38.98 2.17
CA ARG B 912 -21.81 39.77 2.18
C ARG B 912 -22.58 39.63 3.48
N PHE B 913 -23.04 38.42 3.80
CA PHE B 913 -24.04 38.22 4.84
C PHE B 913 -23.46 37.84 6.20
N GLN B 914 -22.19 37.42 6.25
CA GLN B 914 -21.62 37.03 7.54
C GLN B 914 -21.20 38.21 8.40
N VAL B 915 -21.26 39.43 7.88
CA VAL B 915 -20.93 40.60 8.68
C VAL B 915 -21.98 40.88 9.73
N MET B 916 -23.17 40.28 9.61
CA MET B 916 -24.25 40.58 10.55
C MET B 916 -23.96 40.03 11.94
N PHE B 917 -23.14 38.99 12.04
CA PHE B 917 -22.77 38.46 13.35
C PHE B 917 -21.94 39.44 14.17
N CYS B 918 -21.37 40.46 13.54
CA CYS B 918 -20.64 41.49 14.27
C CYS B 918 -21.56 42.26 15.21
N TYR B 919 -22.79 42.51 14.79
CA TYR B 919 -23.78 43.18 15.64
C TYR B 919 -24.25 42.29 16.79
N PHE B 920 -24.06 40.98 16.70
CA PHE B 920 -24.44 40.07 17.78
C PHE B 920 -23.41 40.02 18.90
N GLU B 921 -22.15 40.36 18.62
CA GLU B 921 -21.08 40.25 19.60
C GLU B 921 -20.87 41.53 20.40
N ASP B 922 -21.68 42.56 20.18
CA ASP B 922 -21.53 43.81 20.91
C ASP B 922 -22.07 43.64 22.32
N LYS B 923 -21.24 43.99 23.32
CA LYS B 923 -21.66 43.83 24.71
C LYS B 923 -22.72 44.85 25.10
N ALA B 924 -22.66 46.06 24.55
CA ALA B 924 -23.60 47.10 24.93
C ALA B 924 -25.02 46.74 24.50
N ILE B 925 -25.17 46.19 23.30
CA ILE B 925 -26.51 45.85 22.81
C ILE B 925 -27.11 44.72 23.66
N GLN B 926 -26.28 43.77 24.09
CA GLN B 926 -26.78 42.65 24.88
C GLN B 926 -27.34 43.11 26.21
N LYS B 927 -26.68 44.06 26.87
CA LYS B 927 -27.12 44.54 28.18
C LYS B 927 -28.39 45.38 28.12
N ASP B 928 -28.82 45.78 26.94
CA ASP B 928 -30.02 46.60 26.82
C ASP B 928 -31.27 45.78 27.13
N LYS B 929 -32.28 46.46 27.65
CA LYS B 929 -33.56 45.82 27.95
C LYS B 929 -34.46 45.80 26.72
N MET B 933 -33.62 43.35 21.32
CA MET B 933 -32.66 42.36 20.86
C MET B 933 -33.29 41.45 19.81
N GLN B 934 -34.55 41.07 20.03
CA GLN B 934 -35.24 40.23 19.07
C GLN B 934 -35.46 40.93 17.74
N CYS B 935 -35.48 42.27 17.75
CA CYS B 935 -35.56 43.01 16.49
C CYS B 935 -34.32 42.76 15.64
N VAL B 936 -33.16 42.65 16.27
CA VAL B 936 -31.92 42.42 15.53
C VAL B 936 -31.96 41.05 14.85
N ILE B 937 -32.40 40.02 15.56
CA ILE B 937 -32.46 38.70 14.95
C ILE B 937 -33.58 38.64 13.90
N ALA B 938 -34.65 39.41 14.09
CA ALA B 938 -35.71 39.45 13.08
C ALA B 938 -35.21 40.07 11.78
N VAL B 939 -34.51 41.21 11.88
CA VAL B 939 -33.98 41.83 10.67
C VAL B 939 -32.88 40.96 10.08
N ALA B 940 -32.14 40.22 10.92
CA ALA B 940 -31.18 39.25 10.39
C ALA B 940 -31.87 38.16 9.59
N ASP B 941 -33.01 37.66 10.09
CA ASP B 941 -33.78 36.68 9.33
C ASP B 941 -34.25 37.25 8.01
N LYS B 942 -34.74 38.49 8.02
CA LYS B 942 -35.22 39.10 6.78
C LYS B 942 -34.10 39.27 5.76
N VAL B 943 -32.94 39.76 6.21
CA VAL B 943 -31.83 39.98 5.29
C VAL B 943 -31.27 38.65 4.79
N PHE B 944 -31.25 37.63 5.65
CA PHE B 944 -30.82 36.31 5.21
C PHE B 944 -31.76 35.73 4.17
N ASP B 945 -33.07 35.91 4.36
CA ASP B 945 -34.03 35.46 3.36
C ASP B 945 -33.83 36.18 2.03
N ALA B 946 -33.61 37.49 2.08
CA ALA B 946 -33.36 38.25 0.86
C ALA B 946 -32.10 37.76 0.15
N PHE B 947 -31.02 37.54 0.92
CA PHE B 947 -29.78 37.05 0.33
C PHE B 947 -29.96 35.67 -0.29
N LEU B 948 -30.68 34.78 0.40
CA LEU B 948 -30.92 33.44 -0.13
C LEU B 948 -31.75 33.50 -1.41
N ASN B 949 -32.74 34.40 -1.46
CA ASN B 949 -33.52 34.55 -2.67
C ASN B 949 -32.67 35.10 -3.81
N MET B 950 -31.71 35.98 -3.49
CA MET B 950 -30.88 36.58 -4.53
C MET B 950 -30.04 35.53 -5.25
N MET B 951 -29.42 34.62 -4.50
CA MET B 951 -28.49 33.66 -5.08
C MET B 951 -29.19 32.48 -5.76
N ALA B 952 -30.51 32.38 -5.63
CA ALA B 952 -31.22 31.22 -6.16
C ALA B 952 -31.15 31.14 -7.69
N ASP B 953 -30.87 32.26 -8.37
CA ASP B 953 -30.82 32.25 -9.83
C ASP B 953 -29.65 33.06 -10.37
N LYS B 954 -28.54 33.12 -9.62
CA LYS B 954 -27.38 33.89 -10.04
C LYS B 954 -26.79 33.33 -11.33
N ALA B 955 -26.27 32.10 -11.28
CA ALA B 955 -25.66 31.44 -12.43
C ALA B 955 -25.44 29.98 -12.06
N LYS B 956 -24.78 29.24 -12.94
CA LYS B 956 -24.44 27.84 -12.70
C LYS B 956 -22.95 27.59 -12.97
N THR B 957 -22.12 28.58 -12.70
CA THR B 957 -20.69 28.47 -12.96
C THR B 957 -19.99 27.82 -11.77
N LYS B 958 -18.66 27.77 -11.83
CA LYS B 958 -17.88 27.12 -10.78
C LYS B 958 -17.76 27.98 -9.53
N GLU B 959 -17.65 29.31 -9.70
CA GLU B 959 -17.36 30.19 -8.57
C GLU B 959 -18.50 30.23 -7.58
N ASN B 960 -19.75 30.17 -8.04
CA ASN B 960 -20.89 30.17 -7.14
C ASN B 960 -20.85 28.96 -6.22
N GLU B 961 -20.43 27.80 -6.74
CA GLU B 961 -20.27 26.62 -5.91
C GLU B 961 -19.23 26.87 -4.82
N GLU B 962 -18.12 27.53 -5.17
CA GLU B 962 -17.10 27.84 -4.17
C GLU B 962 -17.65 28.77 -3.10
N GLU B 963 -18.42 29.79 -3.49
CA GLU B 963 -18.98 30.71 -2.52
C GLU B 963 -19.94 30.01 -1.58
N LEU B 964 -20.82 29.16 -2.14
CA LEU B 964 -21.75 28.41 -1.30
C LEU B 964 -21.02 27.46 -0.36
N GLU B 965 -19.97 26.80 -0.86
CA GLU B 965 -19.19 25.91 -0.02
C GLU B 965 -18.53 26.67 1.13
N ARG B 966 -17.97 27.84 0.84
CA ARG B 966 -17.33 28.63 1.89
C ARG B 966 -18.35 29.09 2.93
N HIS B 967 -19.53 29.52 2.48
CA HIS B 967 -20.57 29.94 3.43
C HIS B 967 -21.01 28.77 4.30
N ALA B 968 -21.21 27.59 3.70
CA ALA B 968 -21.62 26.42 4.47
C ALA B 968 -20.55 26.03 5.47
N GLN B 969 -19.28 26.09 5.07
CA GLN B 969 -18.19 25.79 6.01
C GLN B 969 -18.16 26.81 7.14
N PHE B 970 -18.38 28.08 6.84
CA PHE B 970 -18.38 29.11 7.87
C PHE B 970 -19.52 28.90 8.88
N LEU B 971 -20.70 28.51 8.39
CA LEU B 971 -21.84 28.34 9.29
C LEU B 971 -21.60 27.22 10.30
N LEU B 972 -20.85 26.19 9.93
CA LEU B 972 -20.62 25.07 10.84
C LEU B 972 -19.81 25.50 12.07
N VAL B 973 -18.78 26.34 11.88
CA VAL B 973 -17.91 26.69 12.99
C VAL B 973 -18.62 27.52 14.04
N ASN B 974 -19.72 28.19 13.69
CA ASN B 974 -20.49 28.97 14.64
C ASN B 974 -21.60 28.17 15.31
N PHE B 975 -21.74 26.88 14.98
CA PHE B 975 -22.74 26.05 15.62
C PHE B 975 -22.43 25.77 17.08
N ASN B 976 -21.18 25.95 17.49
CA ASN B 976 -20.74 25.66 18.85
C ASN B 976 -20.28 26.94 19.56
N HIS B 977 -21.03 28.02 19.36
CA HIS B 977 -20.69 29.28 20.02
C HIS B 977 -20.98 29.20 21.52
N ILE B 978 -20.29 30.06 22.28
CA ILE B 978 -20.40 30.02 23.73
C ILE B 978 -21.75 30.54 24.22
N HIS B 979 -22.44 31.35 23.40
CA HIS B 979 -23.71 31.94 23.81
C HIS B 979 -24.84 30.91 23.63
N LYS B 980 -26.08 31.37 23.78
CA LYS B 980 -27.24 30.49 23.72
C LYS B 980 -28.02 30.64 22.41
N ARG B 981 -28.46 31.85 22.07
CA ARG B 981 -29.28 32.05 20.89
C ARG B 981 -28.46 32.03 19.60
N ILE B 982 -27.15 32.27 19.69
CA ILE B 982 -26.31 32.31 18.49
C ILE B 982 -26.31 30.95 17.81
N ARG B 983 -26.13 29.88 18.58
CA ARG B 983 -26.13 28.55 17.99
C ARG B 983 -27.50 28.17 17.46
N ARG B 984 -28.58 28.63 18.11
CA ARG B 984 -29.92 28.35 17.60
C ARG B 984 -30.16 29.00 16.25
N VAL B 985 -29.82 30.28 16.13
CA VAL B 985 -30.02 30.95 14.85
C VAL B 985 -29.08 30.39 13.78
N ALA B 986 -27.86 30.00 14.16
CA ALA B 986 -26.96 29.36 13.21
C ALA B 986 -27.52 28.03 12.73
N ASP B 987 -28.10 27.24 13.63
CA ASP B 987 -28.73 25.99 13.24
C ASP B 987 -29.89 26.22 12.29
N LYS B 988 -30.71 27.22 12.57
CA LYS B 988 -31.83 27.52 11.67
C LYS B 988 -31.34 27.93 10.29
N TYR B 989 -30.31 28.78 10.24
CA TYR B 989 -29.75 29.20 8.95
C TYR B 989 -29.16 28.02 8.20
N LEU B 990 -28.45 27.14 8.90
CA LEU B 990 -27.87 25.96 8.25
C LEU B 990 -28.96 25.06 7.70
N SER B 991 -30.03 24.86 8.48
CA SER B 991 -31.14 24.03 8.00
C SER B 991 -31.77 24.62 6.75
N GLY B 992 -32.01 25.93 6.75
CA GLY B 992 -32.57 26.56 5.56
C GLY B 992 -31.65 26.44 4.35
N LEU B 993 -30.36 26.70 4.55
CA LEU B 993 -29.41 26.64 3.44
C LEU B 993 -29.31 25.24 2.86
N VAL B 994 -29.24 24.22 3.72
CA VAL B 994 -29.19 22.85 3.22
C VAL B 994 -30.52 22.43 2.62
N ASP B 995 -31.63 23.05 3.05
CA ASP B 995 -32.92 22.76 2.45
C ASP B 995 -33.00 23.27 1.01
N LYS B 996 -32.58 24.52 0.80
CA LYS B 996 -32.75 25.10 -0.53
C LYS B 996 -31.66 24.70 -1.51
N PHE B 997 -30.54 24.13 -1.04
CA PHE B 997 -29.46 23.67 -1.92
C PHE B 997 -29.08 22.25 -1.53
N PRO B 998 -29.83 21.26 -2.01
CA PRO B 998 -29.56 19.87 -1.61
C PRO B 998 -28.21 19.33 -2.05
N HIS B 999 -27.57 19.93 -3.05
CA HIS B 999 -26.36 19.34 -3.62
C HIS B 999 -25.13 19.54 -2.74
N LEU B 1000 -25.24 20.31 -1.66
CA LEU B 1000 -24.09 20.52 -0.77
C LEU B 1000 -23.79 19.30 0.08
N LEU B 1001 -24.72 18.34 0.17
CA LEU B 1001 -24.52 17.19 1.04
C LEU B 1001 -23.34 16.34 0.56
N TRP B 1002 -23.25 16.09 -0.75
CA TRP B 1002 -22.19 15.26 -1.30
C TRP B 1002 -20.98 16.07 -1.77
N SER B 1003 -20.76 17.25 -1.21
CA SER B 1003 -19.58 18.02 -1.55
C SER B 1003 -18.35 17.41 -0.90
N GLY B 1004 -17.18 17.74 -1.45
CA GLY B 1004 -15.93 17.16 -1.04
C GLY B 1004 -15.12 17.95 -0.03
N THR B 1005 -15.71 18.94 0.63
CA THR B 1005 -14.95 19.76 1.58
C THR B 1005 -15.68 19.88 2.92
N VAL B 1006 -17.00 19.80 2.90
CA VAL B 1006 -17.78 19.93 4.13
C VAL B 1006 -17.45 18.79 5.09
N LEU B 1007 -17.40 17.56 4.57
CA LEU B 1007 -17.19 16.40 5.43
C LEU B 1007 -15.85 16.45 6.13
N LYS B 1008 -14.80 16.83 5.41
CA LYS B 1008 -13.47 16.90 6.02
C LYS B 1008 -13.44 17.93 7.13
N THR B 1009 -14.00 19.12 6.88
CA THR B 1009 -14.00 20.17 7.89
C THR B 1009 -14.78 19.76 9.13
N MET B 1010 -15.96 19.16 8.93
CA MET B 1010 -16.77 18.78 10.08
C MET B 1010 -16.13 17.65 10.88
N LEU B 1011 -15.49 16.70 10.19
CA LEU B 1011 -14.75 15.66 10.90
C LEU B 1011 -13.58 16.26 11.68
N ASP B 1012 -12.89 17.24 11.09
CA ASP B 1012 -11.77 17.87 11.78
C ASP B 1012 -12.24 18.60 13.04
N ILE B 1013 -13.35 19.34 12.95
CA ILE B 1013 -13.82 20.06 14.14
C ILE B 1013 -14.33 19.09 15.19
N LEU B 1014 -14.95 17.97 14.77
CA LEU B 1014 -15.35 16.95 15.73
C LEU B 1014 -14.15 16.36 16.44
N GLN B 1015 -13.08 16.07 15.69
CA GLN B 1015 -11.86 15.55 16.31
C GLN B 1015 -11.25 16.58 17.28
N THR B 1016 -11.28 17.86 16.90
CA THR B 1016 -10.75 18.90 17.77
C THR B 1016 -11.53 18.95 19.09
N LEU B 1017 -12.87 18.88 19.00
CA LEU B 1017 -13.67 18.89 20.22
C LEU B 1017 -13.39 17.65 21.07
N SER B 1018 -13.28 16.48 20.43
CA SER B 1018 -13.00 15.25 21.18
C SER B 1018 -11.66 15.34 21.89
N LEU B 1019 -10.65 15.90 21.22
CA LEU B 1019 -9.35 16.09 21.87
C LEU B 1019 -9.46 17.07 23.02
N SER B 1020 -10.22 18.15 22.83
CA SER B 1020 -10.38 19.16 23.88
C SER B 1020 -11.27 18.71 25.02
N LEU B 1021 -11.92 17.54 24.89
CA LEU B 1021 -12.79 17.05 25.95
C LEU B 1021 -12.08 16.96 27.30
N SER B 1022 -10.84 16.44 27.31
CA SER B 1022 -10.07 16.25 28.53
C SER B 1022 -8.72 16.93 28.35
N ALA B 1023 -8.62 18.20 28.73
CA ALA B 1023 -7.41 18.97 28.55
C ALA B 1023 -7.10 19.84 29.76
N ASP B 1024 -7.28 19.29 30.97
CA ASP B 1024 -6.86 19.94 32.21
C ASP B 1024 -7.52 21.32 32.37
N ILE B 1025 -8.83 21.26 32.60
CA ILE B 1025 -9.71 22.44 32.64
C ILE B 1025 -9.06 23.63 33.35
N HIS B 1026 -8.37 23.39 34.46
CA HIS B 1026 -7.74 24.48 35.19
C HIS B 1026 -6.62 25.15 34.39
N LYS B 1027 -6.01 24.44 33.45
CA LYS B 1027 -5.03 25.07 32.58
C LYS B 1027 -5.72 26.06 31.65
N ASP B 1028 -5.06 27.18 31.40
CA ASP B 1028 -5.65 28.29 30.66
C ASP B 1028 -5.64 28.01 29.17
N GLN B 1029 -5.92 29.04 28.37
CA GLN B 1029 -5.93 28.99 26.91
C GLN B 1029 -6.92 27.97 26.39
N PRO B 1030 -8.23 28.22 26.52
CA PRO B 1030 -9.22 27.30 25.94
C PRO B 1030 -9.35 27.40 24.44
N TYR B 1031 -8.58 28.26 23.78
CA TYR B 1031 -8.68 28.41 22.34
C TYR B 1031 -8.04 27.23 21.62
N TYR B 1032 -8.52 26.97 20.41
CA TYR B 1032 -7.98 25.93 19.55
C TYR B 1032 -8.05 26.41 18.11
N ASP B 1033 -7.15 25.87 17.27
CA ASP B 1033 -7.06 26.24 15.87
C ASP B 1033 -7.46 25.04 15.02
N ILE B 1034 -8.43 25.24 14.13
CA ILE B 1034 -8.89 24.20 13.22
C ILE B 1034 -7.87 24.07 12.10
N PRO B 1035 -7.34 22.87 11.83
CA PRO B 1035 -6.39 22.71 10.74
C PRO B 1035 -7.04 22.95 9.39
N ASP B 1036 -6.23 23.44 8.44
CA ASP B 1036 -6.61 23.65 7.05
C ASP B 1036 -7.74 24.67 6.89
N ALA B 1037 -7.99 25.49 7.92
CA ALA B 1037 -9.01 26.53 7.85
C ALA B 1037 -8.77 27.57 8.93
N PRO B 1038 -8.68 28.85 8.60
CA PRO B 1038 -8.41 29.87 9.62
C PRO B 1038 -9.64 30.18 10.46
N TYR B 1039 -9.68 29.64 11.68
CA TYR B 1039 -10.78 29.82 12.60
C TYR B 1039 -10.28 29.53 14.01
N ARG B 1040 -11.17 29.68 14.99
CA ARG B 1040 -10.86 29.31 16.36
C ARG B 1040 -12.13 28.91 17.07
N ILE B 1041 -11.97 28.07 18.10
CA ILE B 1041 -13.09 27.52 18.87
C ILE B 1041 -12.80 27.73 20.35
N THR B 1042 -13.79 28.23 21.08
CA THR B 1042 -13.72 28.37 22.52
C THR B 1042 -14.60 27.31 23.18
N VAL B 1043 -14.21 26.90 24.38
CA VAL B 1043 -14.92 25.84 25.09
C VAL B 1043 -15.30 26.32 26.49
N PRO B 1044 -16.37 25.77 27.09
CA PRO B 1044 -16.74 26.18 28.44
C PRO B 1044 -15.76 25.69 29.50
N ASP B 1045 -16.06 25.96 30.77
CA ASP B 1045 -15.14 25.63 31.86
C ASP B 1045 -15.42 24.26 32.46
N THR B 1046 -16.68 23.99 32.83
CA THR B 1046 -17.01 22.73 33.50
C THR B 1046 -16.99 21.57 32.51
N TYR B 1047 -16.74 20.37 33.04
CA TYR B 1047 -16.73 19.18 32.21
C TYR B 1047 -18.12 18.87 31.67
N GLU B 1048 -19.15 19.10 32.47
CA GLU B 1048 -20.50 18.72 32.07
C GLU B 1048 -20.95 19.47 30.82
N ALA B 1049 -20.68 20.77 30.75
CA ALA B 1049 -21.07 21.54 29.57
C ALA B 1049 -20.34 21.06 28.33
N ARG B 1050 -19.04 20.77 28.45
CA ARG B 1050 -18.28 20.29 27.31
C ARG B 1050 -18.80 18.94 26.84
N GLU B 1051 -19.09 18.02 27.76
CA GLU B 1051 -19.64 16.73 27.39
C GLU B 1051 -21.00 16.89 26.72
N SER B 1052 -21.85 17.78 27.26
CA SER B 1052 -23.16 18.00 26.68
C SER B 1052 -23.06 18.56 25.26
N ILE B 1053 -22.16 19.52 25.04
CA ILE B 1053 -22.07 20.12 23.71
C ILE B 1053 -21.49 19.14 22.71
N VAL B 1054 -20.50 18.33 23.11
CA VAL B 1054 -19.95 17.37 22.17
C VAL B 1054 -20.97 16.28 21.85
N LYS B 1055 -21.75 15.84 22.85
CA LYS B 1055 -22.79 14.84 22.58
C LYS B 1055 -23.86 15.41 21.68
N ASP B 1056 -24.24 16.68 21.89
CA ASP B 1056 -25.24 17.31 21.02
C ASP B 1056 -24.73 17.42 19.59
N PHE B 1057 -23.45 17.79 19.42
CA PHE B 1057 -22.90 17.91 18.07
C PHE B 1057 -22.73 16.55 17.40
N ALA B 1058 -22.60 15.48 18.19
CA ALA B 1058 -22.37 14.16 17.62
C ALA B 1058 -23.57 13.58 16.88
N ALA B 1059 -24.69 14.30 16.79
CA ALA B 1059 -25.89 13.79 16.12
C ALA B 1059 -26.07 14.34 14.71
N ARG B 1060 -25.78 15.63 14.51
CA ARG B 1060 -25.88 16.23 13.18
C ARG B 1060 -24.95 15.52 12.19
N CYS B 1061 -23.80 15.04 12.66
CA CYS B 1061 -22.90 14.30 11.79
C CYS B 1061 -23.58 13.07 11.22
N GLY B 1062 -24.15 12.24 12.08
CA GLY B 1062 -24.85 11.06 11.61
C GLY B 1062 -26.04 11.39 10.74
N MET B 1063 -26.77 12.45 11.09
CA MET B 1063 -27.94 12.83 10.30
C MET B 1063 -27.53 13.21 8.88
N ILE B 1064 -26.55 14.10 8.73
CA ILE B 1064 -26.13 14.52 7.40
C ILE B 1064 -25.48 13.37 6.64
N LEU B 1065 -24.74 12.51 7.35
CA LEU B 1065 -24.11 11.38 6.66
C LEU B 1065 -25.16 10.42 6.10
N GLN B 1066 -26.20 10.11 6.88
CA GLN B 1066 -27.23 9.21 6.37
C GLN B 1066 -28.03 9.88 5.26
N GLU B 1067 -28.28 11.19 5.37
CA GLU B 1067 -28.98 11.89 4.29
C GLU B 1067 -28.19 11.85 3.00
N ALA B 1068 -26.88 12.06 3.08
CA ALA B 1068 -26.04 11.99 1.88
C ALA B 1068 -25.97 10.57 1.33
N MET B 1069 -25.87 9.57 2.21
CA MET B 1069 -25.78 8.18 1.75
C MET B 1069 -27.07 7.70 1.11
N LYS B 1070 -28.20 8.26 1.52
CA LYS B 1070 -29.49 7.79 0.98
C LYS B 1070 -29.60 8.01 -0.52
N TRP B 1071 -29.17 9.18 -1.01
CA TRP B 1071 -29.41 9.54 -2.40
C TRP B 1071 -28.30 9.07 -3.34
N ALA B 1072 -27.06 9.52 -3.10
CA ALA B 1072 -25.93 9.23 -3.98
C ALA B 1072 -24.86 8.51 -3.18
N PRO B 1073 -24.89 7.18 -3.12
CA PRO B 1073 -23.94 6.45 -2.27
C PRO B 1073 -22.53 6.39 -2.85
N THR B 1074 -22.41 6.33 -4.17
CA THR B 1074 -21.12 6.09 -4.79
C THR B 1074 -20.14 7.23 -4.52
N VAL B 1075 -20.57 8.47 -4.75
CA VAL B 1075 -19.67 9.61 -4.62
C VAL B 1075 -19.23 9.80 -3.17
N THR B 1076 -20.18 9.72 -2.23
CA THR B 1076 -19.82 9.90 -0.82
C THR B 1076 -18.96 8.75 -0.32
N LYS B 1077 -19.21 7.54 -0.80
CA LYS B 1077 -18.37 6.41 -0.43
C LYS B 1077 -16.95 6.58 -0.95
N SER B 1078 -16.81 7.06 -2.18
CA SER B 1078 -15.48 7.32 -2.72
C SER B 1078 -14.77 8.42 -1.94
N HIS B 1079 -15.50 9.47 -1.56
CA HIS B 1079 -14.91 10.53 -0.76
C HIS B 1079 -14.45 10.01 0.60
N LEU B 1080 -15.26 9.16 1.24
CA LEU B 1080 -14.87 8.57 2.51
C LEU B 1080 -13.64 7.69 2.36
N GLN B 1081 -13.57 6.93 1.26
CA GLN B 1081 -12.37 6.13 1.00
C GLN B 1081 -11.15 7.01 0.84
N GLU B 1082 -11.29 8.13 0.13
CA GLU B 1082 -10.17 9.04 -0.08
C GLU B 1082 -9.72 9.70 1.21
N TYR B 1083 -10.66 10.01 2.11
CA TYR B 1083 -10.32 10.68 3.35
C TYR B 1083 -9.42 9.84 4.25
N LEU B 1084 -9.63 8.52 4.24
CA LEU B 1084 -8.90 7.61 5.14
C LEU B 1084 -7.51 7.25 4.64
N ASN B 1085 -6.94 8.02 3.72
CA ASN B 1085 -5.64 7.71 3.13
C ASN B 1085 -4.69 8.89 3.26
N LYS B 1086 -4.61 9.46 4.46
CA LYS B 1086 -3.68 10.53 4.77
C LYS B 1086 -2.65 10.07 5.78
N HIS B 1087 -1.39 10.48 5.59
CA HIS B 1087 -0.30 9.96 6.40
C HIS B 1087 -0.33 10.53 7.82
N GLN B 1088 -0.83 11.75 7.98
CA GLN B 1088 -0.78 12.41 9.29
C GLN B 1088 -1.58 11.65 10.33
N ASN B 1089 -2.77 11.17 9.97
CA ASN B 1089 -3.65 10.52 10.92
C ASN B 1089 -3.22 9.09 11.26
N TRP B 1090 -2.39 8.47 10.41
CA TRP B 1090 -2.01 7.08 10.64
C TRP B 1090 -1.19 6.92 11.92
N VAL B 1091 -0.30 7.88 12.20
CA VAL B 1091 0.53 7.79 13.40
C VAL B 1091 -0.33 7.84 14.65
N SER B 1092 -1.29 8.75 14.70
CA SER B 1092 -2.18 8.88 15.85
C SER B 1092 -3.33 7.90 15.83
N GLY B 1093 -3.48 7.10 14.77
CA GLY B 1093 -4.55 6.12 14.70
C GLY B 1093 -4.51 5.09 15.81
N LEU B 1094 -3.34 4.84 16.40
CA LEU B 1094 -3.25 3.94 17.54
C LEU B 1094 -3.97 4.52 18.77
N SER B 1095 -4.19 5.83 18.79
CA SER B 1095 -4.99 6.46 19.83
C SER B 1095 -6.45 6.50 19.36
N GLN B 1096 -7.29 7.28 20.06
CA GLN B 1096 -8.71 7.34 19.74
C GLN B 1096 -8.95 7.85 18.33
N HIS B 1097 -8.60 9.12 18.07
CA HIS B 1097 -8.76 9.75 16.76
C HIS B 1097 -10.20 9.56 16.25
N THR B 1098 -11.12 10.23 16.96
CA THR B 1098 -12.55 9.94 16.84
C THR B 1098 -13.08 10.09 15.42
N GLY B 1099 -12.43 10.88 14.57
CA GLY B 1099 -12.93 11.06 13.21
C GLY B 1099 -12.93 9.77 12.41
N LEU B 1100 -11.80 9.04 12.47
CA LEU B 1100 -11.70 7.78 11.74
C LEU B 1100 -12.72 6.77 12.27
N ALA B 1101 -12.90 6.71 13.59
CA ALA B 1101 -13.89 5.81 14.17
C ALA B 1101 -15.29 6.18 13.70
N MET B 1102 -15.60 7.48 13.66
CA MET B 1102 -16.92 7.91 13.19
C MET B 1102 -17.14 7.50 11.74
N ALA B 1103 -16.13 7.69 10.89
CA ALA B 1103 -16.27 7.29 9.50
C ALA B 1103 -16.48 5.79 9.36
N THR B 1104 -15.62 5.00 9.99
CA THR B 1104 -15.69 3.54 9.88
C THR B 1104 -16.90 2.96 10.61
N GLU B 1105 -17.58 3.74 11.45
CA GLU B 1105 -18.84 3.30 12.02
C GLU B 1105 -20.02 3.69 11.13
N SER B 1106 -19.95 4.87 10.48
CA SER B 1106 -21.03 5.31 9.61
C SER B 1106 -21.04 4.57 8.27
N ILE B 1107 -19.92 3.97 7.89
CA ILE B 1107 -19.91 3.23 6.62
C ILE B 1107 -20.83 2.01 6.67
N LEU B 1108 -21.03 1.43 7.85
CA LEU B 1108 -21.66 0.12 7.95
C LEU B 1108 -23.17 0.16 7.71
N HIS B 1109 -23.92 0.78 8.61
CA HIS B 1109 -25.36 0.61 8.68
C HIS B 1109 -26.12 1.54 7.73
N PHE B 1110 -25.48 2.00 6.65
CA PHE B 1110 -26.16 2.74 5.60
C PHE B 1110 -25.87 2.18 4.22
N ALA B 1111 -25.32 0.96 4.14
CA ALA B 1111 -25.01 0.34 2.87
C ALA B 1111 -26.27 -0.22 2.22
N GLY B 1112 -26.14 -0.57 0.93
CA GLY B 1112 -27.24 -1.10 0.16
C GLY B 1112 -26.88 -2.41 -0.51
N TYR B 1113 -27.83 -2.91 -1.29
CA TYR B 1113 -27.65 -4.17 -2.00
C TYR B 1113 -26.85 -3.94 -3.28
N ASN B 1114 -26.13 -4.98 -3.70
CA ASN B 1114 -25.31 -4.91 -4.90
C ASN B 1114 -26.14 -5.30 -6.12
N LYS B 1115 -25.46 -5.50 -7.25
CA LYS B 1115 -26.15 -5.81 -8.50
C LYS B 1115 -26.89 -7.14 -8.43
N GLN B 1116 -26.27 -8.15 -7.81
CA GLN B 1116 -26.86 -9.49 -7.78
C GLN B 1116 -28.16 -9.52 -7.01
N ASN B 1117 -28.22 -8.82 -5.87
CA ASN B 1117 -29.38 -8.90 -4.97
C ASN B 1117 -30.13 -7.57 -4.90
N THR B 1118 -30.26 -6.88 -6.03
CA THR B 1118 -30.96 -5.60 -6.05
C THR B 1118 -32.44 -5.73 -6.37
N THR B 1119 -32.87 -6.80 -7.04
CA THR B 1119 -34.26 -6.97 -7.46
C THR B 1119 -34.69 -8.39 -7.13
N LEU B 1120 -35.21 -8.58 -5.91
CA LEU B 1120 -35.75 -9.87 -5.50
C LEU B 1120 -36.96 -9.63 -4.60
N GLY B 1121 -37.81 -10.65 -4.51
CA GLY B 1121 -38.99 -10.57 -3.68
C GLY B 1121 -38.94 -11.51 -2.49
N ALA B 1122 -39.05 -10.94 -1.29
CA ALA B 1122 -39.00 -11.73 -0.07
C ALA B 1122 -40.28 -12.55 0.11
N LYS B 1133 -26.30 -10.89 0.65
CA LYS B 1133 -27.27 -9.86 0.97
C LYS B 1133 -26.59 -8.49 1.03
N LYS B 1134 -26.30 -8.03 2.24
CA LYS B 1134 -25.55 -6.79 2.40
C LYS B 1134 -24.13 -6.96 1.88
N ASP B 1135 -23.55 -5.86 1.39
CA ASP B 1135 -22.31 -5.91 0.64
C ASP B 1135 -21.30 -4.93 1.21
N TYR B 1136 -20.09 -5.43 1.47
CA TYR B 1136 -18.99 -4.58 1.90
C TYR B 1136 -17.67 -4.91 1.21
N SER B 1137 -17.64 -5.90 0.32
CA SER B 1137 -16.38 -6.33 -0.27
C SER B 1137 -15.79 -5.25 -1.18
N ASN B 1138 -16.65 -4.52 -1.89
CA ASN B 1138 -16.16 -3.50 -2.83
C ASN B 1138 -15.36 -2.43 -2.10
N PHE B 1139 -15.85 -1.97 -0.95
CA PHE B 1139 -15.16 -0.94 -0.18
C PHE B 1139 -13.76 -1.40 0.21
N MET B 1140 -13.65 -2.59 0.81
CA MET B 1140 -12.37 -3.08 1.27
C MET B 1140 -11.42 -3.32 0.09
N ALA B 1141 -11.93 -3.91 -0.99
CA ALA B 1141 -11.08 -4.20 -2.15
C ALA B 1141 -10.55 -2.90 -2.75
N SER B 1142 -11.41 -1.90 -2.92
CA SER B 1142 -10.99 -0.64 -3.51
C SER B 1142 -9.95 0.04 -2.62
N LEU B 1143 -10.18 0.07 -1.30
CA LEU B 1143 -9.23 0.71 -0.41
C LEU B 1143 -7.88 0.01 -0.45
N ASN B 1144 -7.88 -1.32 -0.40
CA ASN B 1144 -6.64 -2.08 -0.39
C ASN B 1144 -5.87 -1.88 -1.68
N LEU B 1145 -6.55 -1.99 -2.83
CA LEU B 1145 -5.89 -1.81 -4.11
C LEU B 1145 -5.30 -0.40 -4.22
N ARG B 1146 -6.08 0.61 -3.83
CA ARG B 1146 -5.64 1.99 -3.92
C ARG B 1146 -4.37 2.22 -3.10
N ASN B 1147 -4.41 1.83 -1.82
CA ASN B 1147 -3.24 2.05 -0.96
C ASN B 1147 -2.03 1.25 -1.45
N ARG B 1148 -2.24 -0.01 -1.82
CA ARG B 1148 -1.13 -0.86 -2.25
C ARG B 1148 -0.45 -0.29 -3.49
N TYR B 1149 -1.23 0.08 -4.49
CA TYR B 1149 -0.61 0.57 -5.73
C TYR B 1149 -0.07 1.98 -5.58
N ALA B 1150 -0.66 2.81 -4.71
CA ALA B 1150 -0.06 4.10 -4.43
C ALA B 1150 1.32 3.92 -3.79
N GLY B 1151 1.43 3.02 -2.83
CA GLY B 1151 2.73 2.74 -2.23
C GLY B 1151 3.72 2.18 -3.24
N GLU B 1152 3.26 1.27 -4.10
CA GLU B 1152 4.14 0.67 -5.10
C GLU B 1152 4.66 1.71 -6.07
N VAL B 1153 3.79 2.62 -6.53
CA VAL B 1153 4.24 3.64 -7.48
C VAL B 1153 5.13 4.66 -6.79
N TYR B 1154 4.90 4.94 -5.50
CA TYR B 1154 5.77 5.86 -4.80
C TYR B 1154 7.16 5.26 -4.57
N GLY B 1155 7.24 3.94 -4.37
CA GLY B 1155 8.52 3.31 -4.14
C GLY B 1155 9.47 3.43 -5.31
N MET B 1156 8.94 3.42 -6.53
CA MET B 1156 9.78 3.43 -7.72
C MET B 1156 10.43 4.78 -7.96
N ILE B 1157 9.78 5.88 -7.54
CA ILE B 1157 10.23 7.22 -7.89
C ILE B 1157 11.56 7.58 -7.25
N ARG B 1158 12.05 6.78 -6.30
CA ARG B 1158 13.33 7.08 -5.66
C ARG B 1158 14.47 7.02 -6.66
N PHE B 1159 14.46 6.04 -7.56
CA PHE B 1159 15.53 5.87 -8.52
C PHE B 1159 15.15 6.42 -9.89
N ASP B 1168 11.64 9.08 -20.09
CA ASP B 1168 11.75 9.13 -18.64
C ASP B 1168 11.17 7.87 -18.01
N LEU B 1169 9.95 7.98 -17.48
CA LEU B 1169 9.26 6.85 -16.87
C LEU B 1169 7.92 6.53 -17.50
N ASN B 1170 7.28 7.50 -18.17
CA ASN B 1170 6.01 7.22 -18.83
C ASN B 1170 6.18 6.21 -19.95
N LYS B 1171 7.33 6.21 -20.62
CA LYS B 1171 7.58 5.25 -21.69
C LYS B 1171 7.52 3.82 -21.17
N MET B 1172 8.07 3.58 -19.98
CA MET B 1172 8.04 2.25 -19.40
C MET B 1172 6.60 1.80 -19.16
N MET B 1173 5.77 2.68 -18.61
CA MET B 1173 4.37 2.34 -18.36
C MET B 1173 3.64 2.05 -19.66
N VAL B 1174 3.84 2.87 -20.68
CA VAL B 1174 3.17 2.67 -21.96
C VAL B 1174 3.61 1.35 -22.59
N GLN B 1175 4.91 1.06 -22.55
CA GLN B 1175 5.42 -0.19 -23.10
C GLN B 1175 4.85 -1.40 -22.35
N ASP B 1176 4.78 -1.32 -21.03
CA ASP B 1176 4.21 -2.42 -20.25
C ASP B 1176 2.75 -2.63 -20.60
N LEU B 1177 1.98 -1.54 -20.72
CA LEU B 1177 0.58 -1.68 -21.07
C LEU B 1177 0.41 -2.29 -22.46
N HIS B 1178 1.21 -1.84 -23.42
CA HIS B 1178 1.12 -2.40 -24.77
C HIS B 1178 1.48 -3.87 -24.79
N SER B 1179 2.54 -4.26 -24.05
CA SER B 1179 2.92 -5.66 -24.00
C SER B 1179 1.83 -6.51 -23.35
N ALA B 1180 1.23 -6.01 -22.27
CA ALA B 1180 0.16 -6.75 -21.62
C ALA B 1180 -1.04 -6.91 -22.54
N LEU B 1181 -1.41 -5.86 -23.26
CA LEU B 1181 -2.54 -5.95 -24.20
C LEU B 1181 -2.23 -6.93 -25.33
N ASP B 1182 -1.01 -6.88 -25.88
CA ASP B 1182 -0.66 -7.79 -26.96
C ASP B 1182 -0.64 -9.24 -26.51
N ARG B 1183 -0.11 -9.50 -25.31
CA ARG B 1183 -0.05 -10.85 -24.79
C ARG B 1183 -1.39 -11.34 -24.26
N SER B 1184 -2.34 -10.44 -24.04
CA SER B 1184 -3.69 -10.79 -23.55
C SER B 1184 -3.61 -11.52 -22.20
N HIS B 1185 -3.10 -10.80 -21.20
CA HIS B 1185 -3.00 -11.31 -19.85
C HIS B 1185 -3.75 -10.39 -18.90
N PRO B 1186 -4.69 -10.92 -18.11
CA PRO B 1186 -5.51 -10.03 -17.27
C PRO B 1186 -4.77 -9.43 -16.08
N GLN B 1187 -3.93 -10.22 -15.41
CA GLN B 1187 -3.24 -9.73 -14.22
C GLN B 1187 -2.31 -8.58 -14.56
N HIS B 1188 -1.50 -8.74 -15.61
CA HIS B 1188 -0.62 -7.66 -16.04
C HIS B 1188 -1.43 -6.46 -16.52
N TYR B 1189 -2.57 -6.71 -17.15
CA TYR B 1189 -3.45 -5.63 -17.57
C TYR B 1189 -3.88 -4.78 -16.38
N THR B 1190 -4.39 -5.43 -15.32
CA THR B 1190 -4.84 -4.70 -14.14
C THR B 1190 -3.69 -3.99 -13.45
N GLN B 1191 -2.53 -4.68 -13.32
CA GLN B 1191 -1.39 -4.07 -12.66
C GLN B 1191 -0.92 -2.83 -13.41
N ALA B 1192 -0.82 -2.91 -14.74
CA ALA B 1192 -0.39 -1.77 -15.53
C ALA B 1192 -1.40 -0.63 -15.44
N MET B 1193 -2.70 -0.95 -15.48
CA MET B 1193 -3.71 0.10 -15.40
C MET B 1193 -3.63 0.84 -14.07
N PHE B 1194 -3.56 0.09 -12.97
CA PHE B 1194 -3.50 0.72 -11.65
C PHE B 1194 -2.20 1.50 -11.47
N LYS B 1195 -1.08 0.96 -11.94
CA LYS B 1195 0.18 1.68 -11.83
C LYS B 1195 0.15 2.97 -12.64
N LEU B 1196 -0.42 2.93 -13.84
CA LEU B 1196 -0.50 4.13 -14.67
C LEU B 1196 -1.36 5.20 -14.02
N THR B 1197 -2.54 4.80 -13.50
CA THR B 1197 -3.40 5.81 -12.89
C THR B 1197 -2.80 6.35 -11.59
N ALA B 1198 -2.10 5.51 -10.83
CA ALA B 1198 -1.45 5.98 -9.61
C ALA B 1198 -0.31 6.94 -9.94
N MET B 1199 0.44 6.66 -11.00
CA MET B 1199 1.49 7.60 -11.42
C MET B 1199 0.88 8.91 -11.89
N LEU B 1200 -0.23 8.85 -12.64
CA LEU B 1200 -0.84 10.06 -13.15
C LEU B 1200 -1.43 10.91 -12.03
N ILE B 1201 -2.01 10.28 -11.01
CA ILE B 1201 -2.68 11.05 -9.96
C ILE B 1201 -1.70 11.89 -9.14
N SER B 1202 -0.41 11.57 -9.17
CA SER B 1202 0.61 12.32 -8.44
C SER B 1202 1.54 12.97 -9.45
N SER B 1203 1.17 14.16 -9.89
CA SER B 1203 1.96 14.92 -10.85
C SER B 1203 1.49 16.37 -10.83
N LYS B 1204 2.07 17.18 -11.72
CA LYS B 1204 1.73 18.59 -11.82
C LYS B 1204 1.21 18.99 -13.19
N ASP B 1205 1.14 18.06 -14.14
CA ASP B 1205 0.71 18.35 -15.49
C ASP B 1205 -0.27 17.30 -15.96
N CYS B 1206 -1.10 17.68 -16.94
CA CYS B 1206 -2.11 16.76 -17.46
C CYS B 1206 -1.46 15.56 -18.16
N ASP B 1207 -0.39 15.80 -18.93
CA ASP B 1207 0.25 14.77 -19.73
C ASP B 1207 -0.78 14.08 -20.61
N PRO B 1208 -1.25 14.75 -21.68
CA PRO B 1208 -2.42 14.24 -22.41
C PRO B 1208 -2.24 12.84 -22.99
N GLN B 1209 -1.01 12.44 -23.32
CA GLN B 1209 -0.81 11.11 -23.90
C GLN B 1209 -1.20 10.01 -22.92
N LEU B 1210 -0.87 10.19 -21.63
CA LEU B 1210 -1.23 9.20 -20.62
C LEU B 1210 -2.75 9.06 -20.51
N LEU B 1211 -3.47 10.19 -20.48
CA LEU B 1211 -4.92 10.14 -20.39
C LEU B 1211 -5.52 9.50 -21.65
N HIS B 1212 -4.98 9.83 -22.81
CA HIS B 1212 -5.47 9.25 -24.06
C HIS B 1212 -5.28 7.75 -24.09
N HIS B 1213 -4.11 7.27 -23.65
CA HIS B 1213 -3.88 5.83 -23.59
C HIS B 1213 -4.75 5.17 -22.52
N LEU B 1214 -5.03 5.88 -21.43
CA LEU B 1214 -5.93 5.34 -20.42
C LEU B 1214 -7.34 5.15 -20.96
N CYS B 1215 -7.82 6.11 -21.77
CA CYS B 1215 -9.17 6.01 -22.30
C CYS B 1215 -9.26 4.97 -23.41
N TRP B 1216 -8.22 4.85 -24.24
CA TRP B 1216 -8.20 3.89 -25.32
C TRP B 1216 -7.79 2.48 -24.87
N GLY B 1217 -7.73 2.24 -23.57
CA GLY B 1217 -7.30 0.96 -23.05
C GLY B 1217 -8.30 -0.16 -23.23
N PRO B 1218 -9.46 -0.06 -22.57
CA PRO B 1218 -10.41 -1.18 -22.56
C PRO B 1218 -10.93 -1.57 -23.94
N LEU B 1219 -10.91 -0.66 -24.92
CA LEU B 1219 -11.48 -0.97 -26.22
C LEU B 1219 -10.74 -2.07 -26.97
N ARG B 1220 -9.50 -2.37 -26.58
CA ARG B 1220 -8.74 -3.44 -27.20
C ARG B 1220 -8.87 -4.77 -26.46
N MET B 1221 -9.54 -4.78 -25.31
CA MET B 1221 -9.77 -5.99 -24.53
C MET B 1221 -11.22 -6.06 -24.07
N PHE B 1222 -12.14 -5.87 -25.00
CA PHE B 1222 -13.57 -5.79 -24.68
C PHE B 1222 -14.06 -7.01 -23.91
N ASN B 1223 -14.43 -6.79 -22.65
CA ASN B 1223 -14.97 -7.82 -21.76
C ASN B 1223 -15.52 -7.11 -20.53
N GLU B 1224 -15.88 -7.89 -19.51
CA GLU B 1224 -16.40 -7.33 -18.27
C GLU B 1224 -15.33 -7.10 -17.21
N HIS B 1225 -14.29 -7.93 -17.16
CA HIS B 1225 -13.24 -7.75 -16.17
C HIS B 1225 -12.45 -6.47 -16.42
N GLY B 1226 -12.02 -6.26 -17.66
CA GLY B 1226 -11.36 -5.01 -18.01
C GLY B 1226 -12.26 -3.81 -17.82
N MET B 1227 -13.56 -3.97 -18.08
CA MET B 1227 -14.50 -2.87 -17.87
C MET B 1227 -14.61 -2.51 -16.39
N GLU B 1228 -14.67 -3.52 -15.52
CA GLU B 1228 -14.69 -3.25 -14.08
C GLU B 1228 -13.41 -2.56 -13.63
N THR B 1229 -12.26 -3.02 -14.11
CA THR B 1229 -11.00 -2.39 -13.74
C THR B 1229 -10.97 -0.94 -14.21
N ALA B 1230 -11.43 -0.69 -15.44
CA ALA B 1230 -11.45 0.67 -15.98
C ALA B 1230 -12.40 1.56 -15.19
N LEU B 1231 -13.55 1.04 -14.79
CA LEU B 1231 -14.48 1.83 -13.99
C LEU B 1231 -13.88 2.19 -12.65
N ALA B 1232 -13.20 1.23 -12.00
CA ALA B 1232 -12.55 1.53 -10.73
C ALA B 1232 -11.47 2.60 -10.90
N CYS B 1233 -10.66 2.48 -11.95
CA CYS B 1233 -9.61 3.47 -12.19
C CYS B 1233 -10.19 4.84 -12.48
N TRP B 1234 -11.27 4.90 -13.28
CA TRP B 1234 -11.90 6.17 -13.58
C TRP B 1234 -12.48 6.82 -12.32
N GLU B 1235 -13.12 6.02 -11.46
CA GLU B 1235 -13.65 6.56 -10.21
C GLU B 1235 -12.53 7.11 -9.33
N TRP B 1236 -11.42 6.36 -9.23
CA TRP B 1236 -10.30 6.85 -8.44
C TRP B 1236 -9.73 8.15 -9.01
N LEU B 1237 -9.59 8.21 -10.34
CA LEU B 1237 -9.05 9.42 -10.96
C LEU B 1237 -9.96 10.62 -10.73
N LEU B 1238 -11.28 10.42 -10.86
CA LEU B 1238 -12.20 11.52 -10.63
C LEU B 1238 -12.19 11.97 -9.17
N ALA B 1239 -12.12 11.02 -8.23
CA ALA B 1239 -12.15 11.38 -6.82
C ALA B 1239 -10.82 11.92 -6.31
N GLY B 1240 -9.72 11.68 -7.01
CA GLY B 1240 -8.42 12.08 -6.52
C GLY B 1240 -8.01 13.51 -6.85
N LYS B 1241 -7.97 13.83 -8.14
CA LYS B 1241 -7.52 15.14 -8.58
C LYS B 1241 -8.70 16.09 -8.80
N ASP B 1242 -8.39 17.38 -8.84
CA ASP B 1242 -9.38 18.42 -9.00
C ASP B 1242 -9.14 19.17 -10.30
N GLY B 1243 -10.23 19.67 -10.89
CA GLY B 1243 -10.14 20.40 -12.13
C GLY B 1243 -9.69 19.58 -13.32
N VAL B 1244 -10.20 18.35 -13.45
CA VAL B 1244 -9.83 17.46 -14.54
C VAL B 1244 -11.03 16.83 -15.21
N GLU B 1245 -12.25 17.20 -14.81
CA GLU B 1245 -13.45 16.52 -15.30
C GLU B 1245 -13.65 16.71 -16.79
N VAL B 1246 -13.46 17.93 -17.30
CA VAL B 1246 -13.82 18.24 -18.68
C VAL B 1246 -12.99 17.44 -19.69
N PRO B 1247 -11.65 17.41 -19.63
CA PRO B 1247 -10.91 16.59 -20.60
C PRO B 1247 -11.23 15.12 -20.52
N PHE B 1248 -11.45 14.60 -19.31
CA PHE B 1248 -11.82 13.20 -19.17
C PHE B 1248 -13.16 12.91 -19.83
N MET B 1249 -14.14 13.80 -19.64
CA MET B 1249 -15.43 13.63 -20.28
C MET B 1249 -15.31 13.69 -21.79
N ARG B 1250 -14.49 14.61 -22.30
CA ARG B 1250 -14.30 14.72 -23.75
C ARG B 1250 -13.67 13.45 -24.32
N GLU B 1251 -12.64 12.94 -23.65
CA GLU B 1251 -11.98 11.72 -24.14
C GLU B 1251 -12.93 10.52 -24.07
N MET B 1252 -13.72 10.42 -22.99
CA MET B 1252 -14.67 9.33 -22.89
C MET B 1252 -15.72 9.41 -23.99
N ALA B 1253 -16.20 10.63 -24.30
CA ALA B 1253 -17.16 10.80 -25.38
C ALA B 1253 -16.56 10.40 -26.72
N GLY B 1254 -15.30 10.77 -26.96
CA GLY B 1254 -14.65 10.36 -28.19
C GLY B 1254 -14.52 8.85 -28.31
N ALA B 1255 -14.13 8.19 -27.22
CA ALA B 1255 -14.03 6.74 -27.23
C ALA B 1255 -15.39 6.10 -27.46
N TRP B 1256 -16.44 6.64 -26.84
CA TRP B 1256 -17.78 6.11 -27.06
C TRP B 1256 -18.22 6.27 -28.51
N HIS B 1257 -17.92 7.42 -29.11
CA HIS B 1257 -18.26 7.61 -30.52
C HIS B 1257 -17.50 6.65 -31.43
N MET B 1258 -16.22 6.42 -31.13
CA MET B 1258 -15.46 5.45 -31.92
C MET B 1258 -16.05 4.05 -31.79
N THR B 1259 -16.43 3.66 -30.57
CA THR B 1259 -17.07 2.37 -30.36
C THR B 1259 -18.38 2.27 -31.15
N VAL B 1260 -19.18 3.34 -31.14
CA VAL B 1260 -20.42 3.35 -31.91
C VAL B 1260 -20.13 3.16 -33.39
N GLU B 1261 -19.09 3.84 -33.90
CA GLU B 1261 -18.78 3.75 -35.32
C GLU B 1261 -18.30 2.37 -35.73
N GLN B 1262 -17.47 1.73 -34.89
CA GLN B 1262 -16.82 0.49 -35.30
C GLN B 1262 -17.73 -0.74 -35.26
N LYS B 1263 -18.96 -0.61 -34.76
CA LYS B 1263 -19.90 -1.72 -34.66
C LYS B 1263 -19.30 -2.88 -33.85
N PHE B 1264 -18.83 -2.53 -32.65
CA PHE B 1264 -18.13 -3.47 -31.78
C PHE B 1264 -19.02 -4.08 -30.72
N GLY B 1265 -20.21 -3.54 -30.49
CA GLY B 1265 -21.07 -3.96 -29.40
C GLY B 1265 -22.52 -4.04 -29.80
N LEU B 1266 -23.38 -3.33 -29.05
CA LEU B 1266 -24.80 -3.26 -29.38
C LEU B 1266 -25.04 -2.80 -30.82
N PHE B 1267 -24.13 -1.99 -31.36
CA PHE B 1267 -24.25 -1.45 -32.71
C PHE B 1267 -23.71 -2.40 -33.76
N SER B 1268 -23.57 -3.69 -33.45
CA SER B 1268 -23.03 -4.65 -34.40
C SER B 1268 -24.05 -4.98 -35.48
N ALA B 1269 -23.58 -5.66 -36.52
CA ALA B 1269 -24.44 -6.05 -37.62
C ALA B 1269 -25.37 -7.19 -37.21
N GLU B 1270 -26.38 -7.44 -38.04
CA GLU B 1270 -27.38 -8.46 -37.78
C GLU B 1270 -27.07 -9.70 -38.62
N ILE B 1271 -27.22 -10.87 -38.01
CA ILE B 1271 -26.92 -12.15 -38.65
C ILE B 1271 -28.21 -12.95 -38.79
N LYS B 1272 -28.46 -13.44 -39.99
CA LYS B 1272 -29.65 -14.24 -40.25
C LYS B 1272 -29.33 -15.73 -40.13
N GLU B 1273 -30.37 -16.53 -39.93
CA GLU B 1273 -30.24 -17.97 -39.76
C GLU B 1273 -31.27 -18.67 -40.64
N ALA B 1274 -30.96 -19.93 -40.96
CA ALA B 1274 -31.82 -20.72 -41.83
C ALA B 1274 -33.15 -21.04 -41.14
N ASP B 1275 -34.21 -21.10 -41.93
CA ASP B 1275 -35.55 -21.42 -41.46
C ASP B 1275 -35.74 -22.94 -41.39
N PRO B 1276 -36.39 -23.43 -40.34
CA PRO B 1276 -36.50 -24.89 -40.16
C PRO B 1276 -37.32 -25.58 -41.22
N LEU B 1277 -38.17 -24.86 -41.96
CA LEU B 1277 -39.01 -25.50 -42.97
C LEU B 1277 -38.20 -26.09 -44.11
N ALA B 1278 -37.09 -25.46 -44.47
CA ALA B 1278 -36.24 -25.90 -45.58
C ALA B 1278 -34.78 -25.92 -45.15
N ALA B 1279 -34.50 -26.49 -43.99
CA ALA B 1279 -33.15 -26.58 -43.44
C ALA B 1279 -32.68 -28.02 -43.38
N SER B 1280 -33.01 -28.81 -44.41
CA SER B 1280 -32.56 -30.19 -44.49
C SER B 1280 -31.07 -30.32 -44.77
N GLU B 1281 -30.41 -29.23 -45.16
CA GLU B 1281 -28.99 -29.26 -45.45
C GLU B 1281 -28.18 -29.44 -44.18
N ALA B 1282 -26.86 -29.50 -44.34
CA ALA B 1282 -25.94 -29.65 -43.21
C ALA B 1282 -25.89 -28.38 -42.37
N SER B 1283 -26.50 -27.31 -42.86
CA SER B 1283 -26.57 -26.05 -42.10
C SER B 1283 -27.82 -26.08 -41.21
N GLN B 1284 -27.73 -26.85 -40.13
CA GLN B 1284 -28.83 -26.97 -39.20
C GLN B 1284 -29.05 -25.65 -38.47
N PRO B 1285 -30.30 -25.32 -38.14
CA PRO B 1285 -30.55 -24.07 -37.41
C PRO B 1285 -29.99 -24.11 -36.01
N LYS B 1286 -29.63 -22.93 -35.51
CA LYS B 1286 -29.12 -22.77 -34.15
C LYS B 1286 -29.20 -21.31 -33.78
N PRO B 1287 -29.51 -20.97 -32.52
CA PRO B 1287 -29.59 -19.56 -32.15
C PRO B 1287 -28.23 -18.88 -32.25
N CYS B 1288 -28.24 -17.62 -32.69
CA CYS B 1288 -27.04 -16.79 -32.79
C CYS B 1288 -27.33 -15.43 -32.19
N PRO B 1289 -27.44 -15.35 -30.87
CA PRO B 1289 -27.80 -14.08 -30.23
C PRO B 1289 -26.56 -13.24 -29.98
N PRO B 1290 -26.64 -11.93 -30.22
CA PRO B 1290 -25.53 -11.04 -29.83
C PRO B 1290 -25.40 -10.96 -28.33
N GLU B 1291 -24.17 -10.79 -27.87
CA GLU B 1291 -23.85 -10.71 -26.45
C GLU B 1291 -23.31 -9.32 -26.16
N VAL B 1292 -24.00 -8.59 -25.28
CA VAL B 1292 -23.56 -7.26 -24.85
C VAL B 1292 -23.57 -7.26 -23.33
N THR B 1293 -22.47 -7.71 -22.73
CA THR B 1293 -22.25 -7.54 -21.30
C THR B 1293 -21.69 -6.16 -20.94
N PRO B 1294 -20.55 -5.73 -21.54
CA PRO B 1294 -19.92 -4.49 -21.06
C PRO B 1294 -20.78 -3.25 -21.23
N HIS B 1295 -21.60 -3.17 -22.27
CA HIS B 1295 -22.42 -1.98 -22.49
C HIS B 1295 -23.49 -1.80 -21.43
N TYR B 1296 -23.75 -2.82 -20.61
CA TYR B 1296 -24.78 -2.72 -19.59
C TYR B 1296 -24.35 -1.92 -18.37
N ILE B 1297 -23.05 -1.70 -18.20
CA ILE B 1297 -22.54 -1.03 -16.99
C ILE B 1297 -22.15 0.40 -17.34
N TRP B 1298 -21.70 0.62 -18.58
CA TRP B 1298 -21.31 1.96 -19.00
C TRP B 1298 -22.48 2.92 -18.93
N ILE B 1299 -23.68 2.44 -19.29
CA ILE B 1299 -24.87 3.29 -19.20
C ILE B 1299 -25.16 3.63 -17.75
N ASP B 1300 -24.96 2.69 -16.83
CA ASP B 1300 -25.15 2.98 -15.41
C ASP B 1300 -24.16 4.04 -14.93
N PHE B 1301 -22.90 3.95 -15.36
CA PHE B 1301 -21.93 4.97 -15.00
C PHE B 1301 -22.32 6.33 -15.56
N LEU B 1302 -22.80 6.36 -16.80
CA LEU B 1302 -23.24 7.62 -17.39
C LEU B 1302 -24.42 8.21 -16.63
N VAL B 1303 -25.37 7.36 -16.22
CA VAL B 1303 -26.52 7.83 -15.46
C VAL B 1303 -26.07 8.42 -14.12
N GLN B 1304 -25.16 7.72 -13.43
CA GLN B 1304 -24.66 8.24 -12.17
C GLN B 1304 -23.96 9.58 -12.35
N ARG B 1305 -23.12 9.70 -13.38
CA ARG B 1305 -22.42 10.96 -13.60
C ARG B 1305 -23.39 12.09 -13.96
N PHE B 1306 -24.41 11.78 -14.77
CA PHE B 1306 -25.41 12.80 -15.12
C PHE B 1306 -26.18 13.25 -13.88
N GLU B 1307 -26.55 12.31 -13.01
CA GLU B 1307 -27.24 12.68 -11.78
C GLU B 1307 -26.35 13.55 -10.90
N ILE B 1308 -25.05 13.24 -10.84
CA ILE B 1308 -24.13 14.03 -10.04
C ILE B 1308 -24.00 15.45 -10.60
N ALA B 1309 -23.85 15.56 -11.91
CA ALA B 1309 -23.50 16.82 -12.55
C ALA B 1309 -24.70 17.63 -13.02
N LYS B 1310 -25.91 17.23 -12.66
CA LYS B 1310 -27.10 17.96 -13.13
C LYS B 1310 -27.14 19.37 -12.57
N TYR B 1311 -26.76 19.55 -11.30
CA TYR B 1311 -26.89 20.84 -10.63
C TYR B 1311 -25.65 21.70 -10.79
N CYS B 1312 -24.48 21.17 -10.43
CA CYS B 1312 -23.28 21.99 -10.32
C CYS B 1312 -22.86 22.60 -11.66
N SER B 1313 -22.50 21.75 -12.61
CA SER B 1313 -21.90 22.21 -13.85
C SER B 1313 -22.96 22.62 -14.87
N SER B 1314 -22.50 23.23 -15.96
CA SER B 1314 -23.37 23.64 -17.05
C SER B 1314 -22.82 23.29 -18.43
N ASP B 1315 -21.63 22.71 -18.50
CA ASP B 1315 -21.02 22.32 -19.76
C ASP B 1315 -21.08 20.82 -20.04
N GLN B 1316 -21.10 19.99 -18.99
CA GLN B 1316 -21.21 18.55 -19.19
C GLN B 1316 -22.55 18.17 -19.78
N VAL B 1317 -23.58 19.00 -19.56
CA VAL B 1317 -24.89 18.73 -20.15
C VAL B 1317 -24.81 18.78 -21.67
N GLU B 1318 -24.05 19.74 -22.21
CA GLU B 1318 -23.87 19.82 -23.65
C GLU B 1318 -23.15 18.60 -24.18
N ILE B 1319 -22.14 18.11 -23.45
CA ILE B 1319 -21.43 16.90 -23.85
C ILE B 1319 -22.38 15.71 -23.88
N PHE B 1320 -23.22 15.58 -22.84
CA PHE B 1320 -24.18 14.48 -22.81
C PHE B 1320 -25.17 14.57 -23.96
N SER B 1321 -25.65 15.78 -24.25
CA SER B 1321 -26.58 15.95 -25.37
C SER B 1321 -25.94 15.57 -26.70
N SER B 1322 -24.69 16.01 -26.91
CA SER B 1322 -23.99 15.67 -28.14
C SER B 1322 -23.78 14.16 -28.25
N LEU B 1323 -23.42 13.51 -27.13
CA LEU B 1323 -23.25 12.07 -27.15
C LEU B 1323 -24.56 11.35 -27.46
N LEU B 1324 -25.67 11.83 -26.89
CA LEU B 1324 -26.95 11.17 -27.11
C LEU B 1324 -27.48 11.39 -28.53
N GLN B 1325 -27.09 12.50 -29.17
CA GLN B 1325 -27.63 12.80 -30.49
C GLN B 1325 -26.98 11.97 -31.59
N ARG B 1326 -25.72 11.57 -31.43
CA ARG B 1326 -24.97 10.93 -32.50
C ARG B 1326 -25.09 9.41 -32.48
N SER B 1327 -25.83 8.85 -31.53
CA SER B 1327 -26.05 7.41 -31.50
C SER B 1327 -27.33 6.99 -32.18
N MET B 1328 -28.30 7.90 -32.29
CA MET B 1328 -29.62 7.60 -32.84
C MET B 1328 -29.77 8.19 -34.23
N SER B 1329 -30.74 7.64 -34.97
CA SER B 1329 -31.05 8.10 -36.31
C SER B 1329 -32.51 7.82 -36.61
N LEU B 1330 -33.11 8.67 -37.45
CA LEU B 1330 -34.52 8.55 -37.81
C LEU B 1330 -34.62 7.87 -39.18
N ASN B 1331 -34.38 6.56 -39.18
CA ASN B 1331 -34.43 5.77 -40.40
C ASN B 1331 -35.21 4.48 -40.16
N ILE B 1332 -36.39 4.61 -39.53
CA ILE B 1332 -37.21 3.43 -39.26
C ILE B 1332 -37.57 2.77 -40.59
N GLY B 1333 -37.09 1.53 -40.77
CA GLY B 1333 -37.28 0.83 -42.03
C GLY B 1333 -36.75 -0.58 -42.02
N GLY B 1334 -36.16 -1.01 -43.14
CA GLY B 1334 -35.72 -2.38 -43.29
C GLY B 1334 -34.50 -2.77 -42.48
N ALA B 1335 -33.32 -2.32 -42.91
CA ALA B 1335 -32.06 -2.77 -42.31
C ALA B 1335 -31.12 -1.58 -42.10
N LYS B 1336 -31.67 -0.47 -41.59
CA LYS B 1336 -30.85 0.72 -41.33
C LYS B 1336 -31.44 1.43 -40.12
N GLY B 1337 -30.88 1.15 -38.95
CA GLY B 1337 -31.32 1.79 -37.73
C GLY B 1337 -30.20 2.06 -36.74
N SER B 1338 -28.99 1.64 -37.10
CA SER B 1338 -27.80 1.79 -36.27
C SER B 1338 -27.94 1.14 -34.90
N MET B 1339 -28.92 0.25 -34.75
CA MET B 1339 -29.15 -0.45 -33.49
C MET B 1339 -29.59 -1.87 -33.78
N ASN B 1340 -29.09 -2.82 -32.98
CA ASN B 1340 -29.49 -4.21 -33.13
C ASN B 1340 -30.94 -4.39 -32.71
N ARG B 1341 -31.63 -5.31 -33.38
CA ARG B 1341 -33.05 -5.52 -33.15
C ARG B 1341 -33.35 -6.89 -32.54
N HIS B 1342 -32.34 -7.59 -32.03
CA HIS B 1342 -32.57 -8.89 -31.40
C HIS B 1342 -33.21 -8.69 -30.04
N VAL B 1343 -33.90 -9.75 -29.58
CA VAL B 1343 -34.60 -9.69 -28.29
C VAL B 1343 -33.60 -9.58 -27.15
N ALA B 1344 -32.49 -10.29 -27.24
CA ALA B 1344 -31.49 -10.31 -26.17
C ALA B 1344 -30.76 -8.99 -25.98
N ALA B 1345 -31.13 -7.92 -26.69
CA ALA B 1345 -30.47 -6.62 -26.56
C ALA B 1345 -31.50 -5.51 -26.39
N ILE B 1346 -32.47 -5.75 -25.51
CA ILE B 1346 -33.51 -4.76 -25.21
C ILE B 1346 -33.22 -3.98 -23.93
N GLY B 1347 -32.29 -4.43 -23.10
CA GLY B 1347 -31.99 -3.77 -21.86
C GLY B 1347 -31.32 -2.42 -22.05
N PRO B 1348 -30.09 -2.43 -22.58
CA PRO B 1348 -29.38 -1.16 -22.79
C PRO B 1348 -30.11 -0.19 -23.69
N ARG B 1349 -30.84 -0.67 -24.70
CA ARG B 1349 -31.57 0.21 -25.60
C ARG B 1349 -32.60 1.04 -24.83
N PHE B 1350 -33.46 0.38 -24.07
CA PHE B 1350 -34.48 1.11 -23.33
C PHE B 1350 -33.89 1.88 -22.16
N LYS B 1351 -32.78 1.41 -21.60
CA LYS B 1351 -32.11 2.18 -20.56
C LYS B 1351 -31.59 3.52 -21.12
N LEU B 1352 -30.99 3.49 -22.31
CA LEU B 1352 -30.54 4.72 -22.95
C LEU B 1352 -31.72 5.61 -23.32
N LEU B 1353 -32.81 5.02 -23.78
CA LEU B 1353 -34.01 5.80 -24.06
C LEU B 1353 -34.54 6.48 -22.80
N THR B 1354 -34.56 5.77 -21.68
CA THR B 1354 -34.98 6.36 -20.42
C THR B 1354 -34.05 7.48 -19.98
N LEU B 1355 -32.74 7.29 -20.18
CA LEU B 1355 -31.79 8.35 -19.85
C LEU B 1355 -32.05 9.60 -20.70
N GLY B 1356 -32.33 9.41 -21.99
CA GLY B 1356 -32.65 10.54 -22.84
C GLY B 1356 -33.90 11.26 -22.40
N LEU B 1357 -34.94 10.49 -22.05
CA LEU B 1357 -36.18 11.11 -21.56
C LEU B 1357 -35.95 11.86 -20.27
N SER B 1358 -35.14 11.30 -19.36
CA SER B 1358 -34.81 11.99 -18.12
C SER B 1358 -34.06 13.29 -18.38
N LEU B 1359 -33.13 13.26 -19.33
CA LEU B 1359 -32.43 14.49 -19.71
C LEU B 1359 -33.40 15.53 -20.26
N LEU B 1360 -34.35 15.09 -21.10
CA LEU B 1360 -35.33 16.01 -21.65
C LEU B 1360 -36.20 16.62 -20.56
N HIS B 1361 -36.61 15.81 -19.58
CA HIS B 1361 -37.46 16.29 -18.50
C HIS B 1361 -36.71 17.15 -17.48
N ALA B 1362 -35.38 17.20 -17.57
CA ALA B 1362 -34.59 17.93 -16.58
C ALA B 1362 -34.75 19.44 -16.69
N ASP B 1363 -35.32 19.95 -17.79
CA ASP B 1363 -35.53 21.38 -18.00
C ASP B 1363 -34.20 22.14 -17.90
N VAL B 1364 -33.29 21.79 -18.81
CA VAL B 1364 -31.97 22.40 -18.87
C VAL B 1364 -31.74 23.15 -20.18
N VAL B 1365 -32.15 22.57 -21.30
CA VAL B 1365 -31.95 23.18 -22.61
C VAL B 1365 -32.85 24.41 -22.72
N PRO B 1366 -32.27 25.60 -22.95
CA PRO B 1366 -33.08 26.83 -22.97
C PRO B 1366 -34.02 26.91 -24.18
N ASN B 1367 -33.48 26.71 -25.37
CA ASN B 1367 -34.25 26.93 -26.59
C ASN B 1367 -35.33 25.86 -26.77
N ALA B 1368 -36.30 26.18 -27.62
CA ALA B 1368 -37.44 25.31 -27.89
C ALA B 1368 -37.29 24.52 -29.18
N THR B 1369 -36.10 24.52 -29.78
CA THR B 1369 -35.87 23.82 -31.03
C THR B 1369 -35.09 22.52 -30.87
N ILE B 1370 -34.15 22.46 -29.93
CA ILE B 1370 -33.40 21.22 -29.70
C ILE B 1370 -34.32 20.14 -29.15
N ARG B 1371 -35.26 20.53 -28.28
CA ARG B 1371 -36.15 19.55 -27.67
C ARG B 1371 -37.02 18.86 -28.71
N ASN B 1372 -37.49 19.60 -29.71
CA ASN B 1372 -38.34 19.02 -30.73
C ASN B 1372 -37.59 17.95 -31.52
N VAL B 1373 -36.36 18.25 -31.95
CA VAL B 1373 -35.57 17.28 -32.71
C VAL B 1373 -35.24 16.07 -31.84
N LEU B 1374 -34.86 16.31 -30.58
CA LEU B 1374 -34.52 15.20 -29.70
C LEU B 1374 -35.72 14.28 -29.48
N ARG B 1375 -36.90 14.87 -29.25
CA ARG B 1375 -38.10 14.06 -29.05
C ARG B 1375 -38.48 13.30 -30.31
N GLU B 1376 -38.35 13.93 -31.48
CA GLU B 1376 -38.64 13.24 -32.73
C GLU B 1376 -37.71 12.06 -32.93
N LYS B 1377 -36.42 12.23 -32.65
CA LYS B 1377 -35.48 11.12 -32.77
C LYS B 1377 -35.81 10.02 -31.76
N ILE B 1378 -36.19 10.41 -30.53
CA ILE B 1378 -36.56 9.42 -29.51
C ILE B 1378 -37.72 8.57 -30.00
N TYR B 1379 -38.78 9.20 -30.49
CA TYR B 1379 -39.93 8.45 -30.97
C TYR B 1379 -39.57 7.59 -32.17
N SER B 1380 -38.77 8.13 -33.10
CA SER B 1380 -38.40 7.38 -34.29
C SER B 1380 -37.60 6.12 -33.95
N THR B 1381 -36.65 6.25 -33.03
CA THR B 1381 -35.88 5.07 -32.62
C THR B 1381 -36.67 4.14 -31.72
N ALA B 1382 -37.73 4.63 -31.07
CA ALA B 1382 -38.60 3.75 -30.29
C ALA B 1382 -39.46 2.90 -31.22
N PHE B 1383 -39.95 3.48 -32.32
CA PHE B 1383 -40.78 2.72 -33.24
C PHE B 1383 -40.03 1.65 -34.01
N ASP B 1384 -38.69 1.69 -34.00
CA ASP B 1384 -37.92 0.79 -34.85
C ASP B 1384 -38.02 -0.65 -34.40
N TYR B 1385 -38.08 -0.89 -33.09
CA TYR B 1385 -38.02 -2.25 -32.57
C TYR B 1385 -39.18 -3.12 -33.03
N PHE B 1386 -40.33 -2.50 -33.33
CA PHE B 1386 -41.54 -3.24 -33.70
C PHE B 1386 -41.65 -3.47 -35.20
N SER B 1387 -40.52 -3.50 -35.92
CA SER B 1387 -40.52 -3.73 -37.36
C SER B 1387 -40.02 -5.12 -37.74
N CYS B 1388 -40.00 -6.04 -36.77
CA CYS B 1388 -39.52 -7.40 -37.00
C CYS B 1388 -40.53 -8.40 -36.45
N PRO B 1389 -40.56 -9.60 -37.02
CA PRO B 1389 -41.47 -10.63 -36.49
C PRO B 1389 -41.15 -10.95 -35.05
N PRO B 1390 -42.18 -11.18 -34.22
CA PRO B 1390 -41.92 -11.48 -32.81
C PRO B 1390 -41.23 -12.81 -32.62
N LYS B 1391 -40.42 -12.88 -31.56
CA LYS B 1391 -39.73 -14.10 -31.17
C LYS B 1391 -39.69 -14.16 -29.65
N PHE B 1392 -38.87 -15.06 -29.12
CA PHE B 1392 -38.84 -15.30 -27.68
C PHE B 1392 -37.43 -15.15 -27.15
N PRO B 1393 -37.28 -14.75 -25.88
CA PRO B 1393 -35.94 -14.57 -25.31
C PRO B 1393 -35.20 -15.90 -25.21
N THR B 1394 -33.87 -15.81 -25.29
CA THR B 1394 -33.00 -16.98 -25.25
C THR B 1394 -32.16 -17.07 -23.99
N GLN B 1395 -32.09 -16.00 -23.18
CA GLN B 1395 -31.29 -16.03 -21.98
C GLN B 1395 -31.98 -16.87 -20.90
N GLY B 1396 -31.26 -17.09 -19.80
CA GLY B 1396 -31.76 -17.91 -18.72
C GLY B 1396 -32.80 -17.20 -17.88
N GLU B 1397 -33.13 -17.83 -16.74
CA GLU B 1397 -34.11 -17.25 -15.83
C GLU B 1397 -33.63 -15.91 -15.29
N LYS B 1398 -32.37 -15.83 -14.90
CA LYS B 1398 -31.79 -14.55 -14.52
C LYS B 1398 -31.53 -13.71 -15.77
N ARG B 1399 -31.18 -12.44 -15.56
CA ARG B 1399 -31.00 -11.47 -16.63
C ARG B 1399 -32.28 -11.22 -17.42
N LEU B 1400 -33.43 -11.46 -16.80
CA LEU B 1400 -34.72 -11.24 -17.43
C LEU B 1400 -35.65 -10.38 -16.58
N ARG B 1401 -35.60 -10.53 -15.26
CA ARG B 1401 -36.47 -9.74 -14.39
C ARG B 1401 -36.16 -8.25 -14.49
N GLU B 1402 -34.87 -7.89 -14.49
CA GLU B 1402 -34.51 -6.48 -14.56
C GLU B 1402 -34.89 -5.87 -15.90
N ASP B 1403 -34.91 -6.68 -16.97
CA ASP B 1403 -35.39 -6.17 -18.26
C ASP B 1403 -36.85 -5.76 -18.17
N ILE B 1404 -37.68 -6.58 -17.52
CA ILE B 1404 -39.09 -6.25 -17.35
C ILE B 1404 -39.23 -5.00 -16.47
N SER B 1405 -38.41 -4.89 -15.42
CA SER B 1405 -38.46 -3.70 -14.58
C SER B 1405 -38.11 -2.45 -15.38
N ILE B 1406 -37.07 -2.52 -16.21
CA ILE B 1406 -36.68 -1.39 -17.04
C ILE B 1406 -37.80 -1.04 -18.01
N MET B 1407 -38.43 -2.04 -18.61
CA MET B 1407 -39.51 -1.78 -19.55
C MET B 1407 -40.68 -1.07 -18.86
N ILE B 1408 -41.04 -1.52 -17.66
CA ILE B 1408 -42.15 -0.88 -16.94
C ILE B 1408 -41.80 0.56 -16.59
N LYS B 1409 -40.57 0.78 -16.10
CA LYS B 1409 -40.15 2.14 -15.76
C LYS B 1409 -40.17 3.05 -16.98
N PHE B 1410 -39.70 2.55 -18.12
CA PHE B 1410 -39.73 3.33 -19.35
C PHE B 1410 -41.17 3.63 -19.77
N TRP B 1411 -42.07 2.65 -19.60
CA TRP B 1411 -43.47 2.88 -19.95
C TRP B 1411 -44.07 4.00 -19.11
N THR B 1412 -43.78 4.01 -17.81
CA THR B 1412 -44.28 5.09 -16.96
C THR B 1412 -43.69 6.44 -17.38
N ALA B 1413 -42.38 6.48 -17.61
CA ALA B 1413 -41.74 7.73 -18.02
C ALA B 1413 -42.33 8.24 -19.33
N MET B 1414 -42.64 7.34 -20.26
CA MET B 1414 -43.32 7.74 -21.49
C MET B 1414 -44.72 8.28 -21.19
N PHE B 1415 -45.43 7.64 -20.25
CA PHE B 1415 -46.77 8.07 -19.90
C PHE B 1415 -46.79 9.47 -19.28
N SER B 1416 -45.65 9.93 -18.74
CA SER B 1416 -45.63 11.20 -17.99
C SER B 1416 -45.18 12.40 -18.82
N ASP B 1417 -45.64 12.49 -20.08
CA ASP B 1417 -45.24 13.60 -20.96
C ASP B 1417 -46.32 14.68 -21.14
N LYS B 1418 -47.42 14.61 -20.39
CA LYS B 1418 -48.42 15.66 -20.57
C LYS B 1418 -47.80 16.93 -20.02
N LYS B 1419 -46.88 17.46 -20.82
CA LYS B 1419 -45.98 18.56 -20.55
C LYS B 1419 -45.91 19.34 -21.85
N TYR B 1420 -46.71 18.89 -22.82
CA TYR B 1420 -46.77 19.56 -24.11
C TYR B 1420 -47.51 20.90 -24.04
N LEU B 1421 -47.87 21.43 -25.22
CA LEU B 1421 -48.66 22.64 -25.48
C LEU B 1421 -47.89 23.95 -25.49
N THR B 1422 -46.58 23.94 -25.28
CA THR B 1422 -45.78 25.17 -25.36
C THR B 1422 -44.50 24.99 -26.17
N ALA B 1423 -44.58 24.35 -27.33
CA ALA B 1423 -43.42 24.14 -28.18
C ALA B 1423 -43.40 25.13 -29.33
N SER B 1424 -43.07 26.39 -29.04
CA SER B 1424 -42.95 27.43 -30.05
C SER B 1424 -42.23 28.66 -29.50
N ARG B 1477 -48.72 27.25 -35.26
CA ARG B 1477 -49.89 26.41 -35.07
C ARG B 1477 -49.55 25.22 -34.18
N GLY B 1478 -49.73 25.39 -32.87
CA GLY B 1478 -49.35 24.36 -31.92
C GLY B 1478 -50.27 23.17 -31.88
N SER B 1479 -51.52 23.33 -32.33
CA SER B 1479 -52.48 22.21 -32.28
C SER B 1479 -52.04 21.07 -33.18
N GLN B 1480 -51.51 21.40 -34.36
CA GLN B 1480 -51.07 20.36 -35.28
C GLN B 1480 -50.00 19.48 -34.65
N LEU B 1481 -48.95 20.10 -34.11
CA LEU B 1481 -47.88 19.33 -33.47
C LEU B 1481 -48.39 18.62 -32.23
N HIS B 1482 -49.31 19.24 -31.50
CA HIS B 1482 -49.85 18.63 -30.29
C HIS B 1482 -50.53 17.29 -30.62
N LYS B 1483 -51.45 17.31 -31.60
CA LYS B 1483 -52.12 16.06 -31.98
C LYS B 1483 -51.15 15.09 -32.64
N TYR B 1484 -50.22 15.62 -33.44
CA TYR B 1484 -49.19 14.82 -34.08
C TYR B 1484 -48.40 14.00 -33.06
N TYR B 1485 -48.12 14.59 -31.90
CA TYR B 1485 -47.40 13.86 -30.87
C TYR B 1485 -48.33 12.97 -30.05
N MET B 1486 -49.57 13.43 -29.79
CA MET B 1486 -50.48 12.65 -28.96
C MET B 1486 -50.83 11.31 -29.59
N LYS B 1487 -51.09 11.30 -30.90
CA LYS B 1487 -51.46 10.05 -31.56
C LYS B 1487 -50.32 9.03 -31.45
N ARG B 1488 -49.10 9.46 -31.74
CA ARG B 1488 -47.96 8.56 -31.68
C ARG B 1488 -47.69 8.10 -30.25
N ARG B 1489 -47.90 8.98 -29.27
CA ARG B 1489 -47.74 8.58 -27.88
C ARG B 1489 -48.72 7.48 -27.52
N THR B 1490 -49.99 7.63 -27.94
CA THR B 1490 -51.00 6.60 -27.65
C THR B 1490 -50.62 5.28 -28.30
N LEU B 1491 -50.21 5.31 -29.57
CA LEU B 1491 -49.86 4.07 -30.26
C LEU B 1491 -48.67 3.39 -29.61
N LEU B 1492 -47.64 4.17 -29.25
CA LEU B 1492 -46.47 3.60 -28.60
C LEU B 1492 -46.82 2.99 -27.25
N LEU B 1493 -47.68 3.66 -26.48
CA LEU B 1493 -48.11 3.12 -25.20
C LEU B 1493 -48.83 1.79 -25.38
N SER B 1494 -49.72 1.71 -26.37
CA SER B 1494 -50.43 0.45 -26.62
C SER B 1494 -49.47 -0.67 -26.98
N LEU B 1495 -48.53 -0.39 -27.88
CA LEU B 1495 -47.57 -1.41 -28.29
C LEU B 1495 -46.71 -1.87 -27.12
N LEU B 1496 -46.23 -0.92 -26.30
CA LEU B 1496 -45.41 -1.29 -25.15
C LEU B 1496 -46.21 -2.11 -24.15
N ALA B 1497 -47.47 -1.76 -23.92
CA ALA B 1497 -48.30 -2.56 -23.01
C ALA B 1497 -48.45 -3.99 -23.52
N THR B 1498 -48.70 -4.15 -24.82
CA THR B 1498 -48.82 -5.50 -25.37
C THR B 1498 -47.52 -6.29 -25.22
N GLU B 1499 -46.38 -5.65 -25.51
CA GLU B 1499 -45.11 -6.34 -25.40
C GLU B 1499 -44.81 -6.74 -23.96
N ILE B 1500 -45.09 -5.84 -23.01
CA ILE B 1500 -44.85 -6.14 -21.60
C ILE B 1500 -45.73 -7.31 -21.16
N GLU B 1501 -47.00 -7.31 -21.58
CA GLU B 1501 -47.88 -8.42 -21.21
C GLU B 1501 -47.36 -9.73 -21.78
N ARG B 1502 -46.92 -9.73 -23.03
CA ARG B 1502 -46.39 -10.96 -23.62
C ARG B 1502 -45.15 -11.46 -22.89
N LEU B 1503 -44.23 -10.56 -22.57
CA LEU B 1503 -43.00 -10.97 -21.89
C LEU B 1503 -43.29 -11.51 -20.50
N ILE B 1504 -44.15 -10.82 -19.73
CA ILE B 1504 -44.45 -11.29 -18.39
C ILE B 1504 -45.23 -12.60 -18.44
N THR B 1505 -46.02 -12.82 -19.50
CA THR B 1505 -46.66 -14.11 -19.68
C THR B 1505 -45.63 -15.21 -19.93
N TRP B 1506 -44.62 -14.91 -20.75
CA TRP B 1506 -43.57 -15.89 -21.02
C TRP B 1506 -42.69 -16.16 -19.80
N TYR B 1507 -42.60 -15.21 -18.86
CA TYR B 1507 -41.71 -15.36 -17.72
C TYR B 1507 -41.99 -16.66 -16.96
N ASN B 1508 -43.19 -16.77 -16.39
CA ASN B 1508 -43.56 -17.96 -15.64
C ASN B 1508 -44.87 -18.53 -16.19
N PRO B 1509 -44.91 -19.80 -16.58
CA PRO B 1509 -46.17 -20.36 -17.12
C PRO B 1509 -47.29 -20.37 -16.10
N LEU B 1510 -47.06 -20.96 -14.93
CA LEU B 1510 -48.09 -21.03 -13.91
C LEU B 1510 -48.32 -19.65 -13.29
N SER B 1511 -49.34 -19.56 -12.44
CA SER B 1511 -49.63 -18.31 -11.74
C SER B 1511 -48.45 -17.90 -10.86
N ALA B 1512 -47.90 -18.85 -10.10
CA ALA B 1512 -46.73 -18.65 -9.25
C ALA B 1512 -46.90 -17.44 -8.34
N PRO B 1513 -47.75 -17.53 -7.30
CA PRO B 1513 -47.95 -16.38 -6.42
C PRO B 1513 -46.69 -15.96 -5.67
N GLU B 1514 -45.72 -16.87 -5.51
CA GLU B 1514 -44.47 -16.51 -4.83
C GLU B 1514 -43.73 -15.43 -5.61
N LEU B 1515 -43.62 -15.58 -6.92
CA LEU B 1515 -42.98 -14.57 -7.76
C LEU B 1515 -43.91 -13.37 -7.94
N GLU B 1516 -43.33 -12.18 -7.90
CA GLU B 1516 -44.12 -10.96 -8.02
C GLU B 1516 -43.22 -9.83 -8.47
N LEU B 1517 -43.84 -8.83 -9.11
CA LEU B 1517 -43.14 -7.64 -9.57
C LEU B 1517 -43.83 -6.39 -9.03
N ASP B 1518 -43.45 -5.23 -9.54
CA ASP B 1518 -44.08 -3.98 -9.12
C ASP B 1518 -45.58 -4.02 -9.40
N GLN B 1519 -46.36 -3.54 -8.42
CA GLN B 1519 -47.81 -3.62 -8.49
C GLN B 1519 -48.45 -2.46 -9.25
N ALA B 1520 -47.96 -1.24 -9.03
CA ALA B 1520 -48.57 -0.07 -9.67
C ALA B 1520 -48.45 -0.15 -11.19
N GLY B 1521 -47.28 -0.57 -11.69
CA GLY B 1521 -47.12 -0.70 -13.13
C GLY B 1521 -48.04 -1.73 -13.74
N GLU B 1522 -48.19 -2.89 -13.09
CA GLU B 1522 -49.09 -3.91 -13.58
C GLU B 1522 -50.53 -3.42 -13.57
N ASN B 1523 -50.94 -2.73 -12.50
CA ASN B 1523 -52.29 -2.19 -12.45
C ASN B 1523 -52.54 -1.17 -13.55
N SER B 1524 -51.57 -0.29 -13.79
CA SER B 1524 -51.71 0.70 -14.86
C SER B 1524 -51.80 0.02 -16.22
N VAL B 1525 -50.98 -1.01 -16.45
CA VAL B 1525 -51.01 -1.73 -17.72
C VAL B 1525 -52.36 -2.40 -17.91
N ALA B 1526 -52.88 -3.03 -16.86
CA ALA B 1526 -54.19 -3.68 -16.96
C ALA B 1526 -55.29 -2.65 -17.25
N ASN B 1527 -55.23 -1.50 -16.58
CA ASN B 1527 -56.23 -0.46 -16.82
C ASN B 1527 -56.16 0.04 -18.26
N TRP B 1528 -54.95 0.25 -18.78
CA TRP B 1528 -54.80 0.71 -20.16
C TRP B 1528 -55.30 -0.34 -21.15
N ARG B 1529 -55.03 -1.62 -20.88
CA ARG B 1529 -55.53 -2.68 -21.74
C ARG B 1529 -57.04 -2.73 -21.74
N SER B 1530 -57.66 -2.60 -20.56
CA SER B 1530 -59.11 -2.57 -20.49
C SER B 1530 -59.68 -1.36 -21.22
N LYS B 1531 -58.99 -0.22 -21.13
CA LYS B 1531 -59.46 0.98 -21.81
C LYS B 1531 -59.42 0.81 -23.33
N TYR B 1532 -58.29 0.35 -23.85
CA TYR B 1532 -58.13 0.30 -25.31
C TYR B 1532 -58.74 -0.94 -25.94
N ILE B 1533 -59.15 -1.93 -25.13
CA ILE B 1533 -59.76 -3.14 -25.70
C ILE B 1533 -61.21 -2.94 -26.11
N SER B 1534 -61.81 -1.80 -25.75
CA SER B 1534 -63.22 -1.54 -26.02
C SER B 1534 -63.45 -0.68 -27.25
N LEU B 1535 -62.42 -0.46 -28.06
CA LEU B 1535 -62.58 0.35 -29.27
C LEU B 1535 -63.52 -0.32 -30.25
N SER B 1536 -64.30 0.49 -30.95
CA SER B 1536 -65.26 -0.01 -31.93
C SER B 1536 -64.55 -0.24 -33.26
N GLU B 1537 -65.33 -0.49 -34.33
CA GLU B 1537 -64.73 -0.69 -35.64
C GLU B 1537 -64.05 0.58 -36.15
N LYS B 1538 -64.59 1.75 -35.81
CA LYS B 1538 -63.94 3.00 -36.14
C LYS B 1538 -62.82 3.27 -35.13
N GLN B 1539 -62.10 4.37 -35.35
CA GLN B 1539 -60.97 4.81 -34.53
C GLN B 1539 -59.92 3.72 -34.36
N TRP B 1540 -60.00 2.68 -35.18
CA TRP B 1540 -59.02 1.61 -35.25
C TRP B 1540 -58.55 1.36 -36.67
N LYS B 1541 -59.46 1.47 -37.65
CA LYS B 1541 -59.02 1.49 -39.04
C LYS B 1541 -58.22 2.74 -39.35
N ASP B 1542 -58.51 3.84 -38.66
CA ASP B 1542 -57.72 5.06 -38.82
C ASP B 1542 -56.29 4.86 -38.33
N ASN B 1543 -56.12 4.01 -37.31
CA ASN B 1543 -54.77 3.72 -36.81
C ASN B 1543 -53.91 3.05 -37.88
N VAL B 1544 -54.52 2.20 -38.71
CA VAL B 1544 -53.79 1.54 -39.79
C VAL B 1544 -53.26 2.57 -40.78
N ASN B 1545 -54.07 3.60 -41.08
CA ASN B 1545 -53.62 4.65 -41.97
C ASN B 1545 -52.42 5.40 -41.38
N LEU B 1546 -52.46 5.70 -40.08
CA LEU B 1546 -51.34 6.37 -39.45
C LEU B 1546 -50.09 5.48 -39.48
N ALA B 1547 -50.25 4.19 -39.22
CA ALA B 1547 -49.11 3.28 -39.25
C ALA B 1547 -48.51 3.21 -40.64
N TRP B 1548 -49.36 3.16 -41.67
CA TRP B 1548 -48.87 3.16 -43.05
C TRP B 1548 -48.14 4.45 -43.37
N SER B 1549 -48.67 5.59 -42.88
CA SER B 1549 -47.99 6.86 -43.08
C SER B 1549 -46.64 6.89 -42.39
N ILE B 1550 -46.51 6.18 -41.27
CA ILE B 1550 -45.22 6.10 -40.59
C ILE B 1550 -44.23 5.28 -41.41
N SER B 1551 -44.55 4.01 -41.63
CA SER B 1551 -43.69 3.11 -42.39
C SER B 1551 -44.48 1.87 -42.81
N PRO B 1552 -44.36 1.44 -44.06
CA PRO B 1552 -45.12 0.25 -44.51
C PRO B 1552 -44.78 -1.01 -43.73
N TYR B 1553 -43.53 -1.19 -43.30
CA TYR B 1553 -43.15 -2.39 -42.58
C TYR B 1553 -43.90 -2.51 -41.25
N LEU B 1554 -44.03 -1.40 -40.53
CA LEU B 1554 -44.76 -1.42 -39.26
C LEU B 1554 -46.23 -1.77 -39.48
N ALA B 1555 -46.83 -1.22 -40.54
CA ALA B 1555 -48.21 -1.56 -40.85
C ALA B 1555 -48.36 -3.03 -41.20
N VAL B 1556 -47.41 -3.58 -41.95
CA VAL B 1556 -47.46 -5.00 -42.31
C VAL B 1556 -47.33 -5.88 -41.07
N GLN B 1557 -46.43 -5.53 -40.16
CA GLN B 1557 -46.20 -6.31 -38.96
C GLN B 1557 -47.21 -6.03 -37.86
N LEU B 1558 -48.31 -5.35 -38.17
CA LEU B 1558 -49.31 -5.01 -37.16
C LEU B 1558 -50.18 -6.19 -36.76
N PRO B 1559 -50.76 -6.95 -37.71
CA PRO B 1559 -51.61 -8.10 -37.30
C PRO B 1559 -50.86 -9.17 -36.54
N ALA B 1560 -49.53 -9.21 -36.63
CA ALA B 1560 -48.77 -10.19 -35.84
C ALA B 1560 -48.99 -9.98 -34.35
N ARG B 1561 -48.98 -8.73 -33.90
CA ARG B 1561 -49.45 -8.40 -32.56
C ARG B 1561 -50.96 -8.52 -32.57
N PHE B 1562 -51.48 -9.68 -32.13
CA PHE B 1562 -52.86 -10.04 -32.41
C PHE B 1562 -53.84 -9.04 -31.81
N LYS B 1563 -54.78 -8.60 -32.64
CA LYS B 1563 -55.90 -7.78 -32.22
C LYS B 1563 -57.18 -8.49 -32.63
N ASN B 1564 -58.11 -8.66 -31.68
CA ASN B 1564 -59.32 -9.45 -31.92
C ASN B 1564 -60.32 -8.61 -32.71
N THR B 1565 -60.00 -8.39 -33.99
CA THR B 1565 -60.86 -7.65 -34.90
C THR B 1565 -60.40 -7.93 -36.33
N GLU B 1566 -61.35 -8.24 -37.20
CA GLU B 1566 -61.04 -8.59 -38.58
C GLU B 1566 -60.91 -7.38 -39.50
N ALA B 1567 -61.22 -6.18 -39.01
CA ALA B 1567 -61.12 -4.99 -39.86
C ALA B 1567 -59.67 -4.67 -40.21
N ILE B 1568 -58.74 -5.00 -39.32
CA ILE B 1568 -57.32 -4.71 -39.57
C ILE B 1568 -56.85 -5.45 -40.82
N GLY B 1569 -57.21 -6.73 -40.94
CA GLY B 1569 -56.80 -7.49 -42.10
C GLY B 1569 -57.38 -6.93 -43.39
N ASN B 1570 -58.66 -6.56 -43.38
CA ASN B 1570 -59.28 -5.98 -44.57
C ASN B 1570 -58.61 -4.67 -44.97
N GLU B 1571 -58.35 -3.81 -44.00
CA GLU B 1571 -57.71 -2.53 -44.31
C GLU B 1571 -56.30 -2.72 -44.84
N VAL B 1572 -55.53 -3.65 -44.24
CA VAL B 1572 -54.19 -3.93 -44.72
C VAL B 1572 -54.22 -4.48 -46.12
N THR B 1573 -55.16 -5.38 -46.41
CA THR B 1573 -55.29 -5.94 -47.75
C THR B 1573 -55.63 -4.84 -48.76
N ARG B 1574 -56.55 -3.95 -48.41
CA ARG B 1574 -56.90 -2.84 -49.31
C ARG B 1574 -55.69 -1.96 -49.58
N LEU B 1575 -54.95 -1.60 -48.53
CA LEU B 1575 -53.79 -0.73 -48.68
C LEU B 1575 -52.72 -1.39 -49.54
N VAL B 1576 -52.43 -2.67 -49.30
CA VAL B 1576 -51.39 -3.34 -50.07
C VAL B 1576 -51.83 -3.55 -51.51
N ARG B 1577 -53.14 -3.72 -51.75
CA ARG B 1577 -53.63 -3.78 -53.11
C ARG B 1577 -53.47 -2.44 -53.82
N LEU B 1578 -53.69 -1.34 -53.10
CA LEU B 1578 -53.55 -0.02 -53.71
C LEU B 1578 -52.11 0.25 -54.15
N ASP B 1579 -51.14 -0.32 -53.45
CA ASP B 1579 -49.73 -0.11 -53.79
C ASP B 1579 -48.93 -1.33 -53.35
N PRO B 1580 -48.67 -2.27 -54.27
CA PRO B 1580 -47.94 -3.48 -53.88
C PRO B 1580 -46.43 -3.31 -53.91
N GLY B 1581 -45.95 -2.26 -54.58
CA GLY B 1581 -44.52 -2.08 -54.76
C GLY B 1581 -43.77 -1.57 -53.55
N ALA B 1582 -44.47 -1.17 -52.49
CA ALA B 1582 -43.82 -0.60 -51.31
C ALA B 1582 -43.26 -1.67 -50.37
N VAL B 1583 -43.64 -2.93 -50.55
CA VAL B 1583 -43.22 -4.01 -49.66
C VAL B 1583 -42.58 -5.11 -50.49
N SER B 1584 -41.44 -5.63 -50.01
CA SER B 1584 -40.74 -6.72 -50.68
C SER B 1584 -40.26 -7.77 -49.70
N ASP B 1585 -40.92 -7.89 -48.54
CA ASP B 1585 -40.61 -8.93 -47.56
C ASP B 1585 -41.64 -10.06 -47.74
N VAL B 1586 -41.16 -11.21 -48.18
CA VAL B 1586 -42.04 -12.30 -48.64
C VAL B 1586 -42.70 -13.11 -47.51
N PRO B 1587 -42.05 -13.40 -46.38
CA PRO B 1587 -42.62 -14.42 -45.48
C PRO B 1587 -44.01 -14.10 -44.96
N GLU B 1588 -44.42 -12.84 -44.93
CA GLU B 1588 -45.73 -12.51 -44.41
C GLU B 1588 -46.58 -11.68 -45.38
N ALA B 1589 -45.96 -10.78 -46.15
CA ALA B 1589 -46.73 -9.85 -46.96
C ALA B 1589 -47.30 -10.50 -48.22
N ILE B 1590 -46.81 -11.67 -48.61
CA ILE B 1590 -47.26 -12.27 -49.86
C ILE B 1590 -48.72 -12.70 -49.78
N LYS B 1591 -49.14 -13.18 -48.60
CA LYS B 1591 -50.50 -13.70 -48.46
C LYS B 1591 -51.56 -12.61 -48.40
N PHE B 1592 -51.17 -11.34 -48.32
CA PHE B 1592 -52.11 -10.23 -48.34
C PHE B 1592 -52.45 -9.76 -49.75
N LEU B 1593 -51.83 -10.34 -50.77
CA LEU B 1593 -52.03 -9.89 -52.14
C LEU B 1593 -52.42 -11.04 -53.07
N VAL B 1594 -51.91 -12.24 -52.78
CA VAL B 1594 -52.09 -13.36 -53.70
C VAL B 1594 -53.56 -13.71 -53.84
N THR B 1595 -54.26 -13.84 -52.72
CA THR B 1595 -55.67 -14.23 -52.73
C THR B 1595 -56.53 -12.98 -52.93
N TRP B 1596 -56.72 -12.63 -54.21
CA TRP B 1596 -57.67 -11.57 -54.53
C TRP B 1596 -59.07 -11.95 -54.06
N HIS B 1597 -59.45 -13.21 -54.26
CA HIS B 1597 -60.64 -13.80 -53.69
C HIS B 1597 -60.37 -15.28 -53.48
N THR B 1598 -60.86 -15.81 -52.36
CA THR B 1598 -60.50 -17.18 -51.98
C THR B 1598 -60.98 -18.20 -52.99
N ILE B 1599 -62.26 -18.16 -53.34
CA ILE B 1599 -62.84 -19.18 -54.21
C ILE B 1599 -63.64 -18.53 -55.33
N ASP B 1600 -63.81 -17.21 -55.26
CA ASP B 1600 -64.64 -16.51 -56.25
C ASP B 1600 -64.00 -16.59 -57.64
N ALA B 1601 -62.67 -16.49 -57.72
CA ALA B 1601 -61.92 -16.66 -58.96
C ALA B 1601 -62.38 -15.66 -60.03
N ASP B 1602 -62.13 -14.38 -59.72
CA ASP B 1602 -62.50 -13.29 -60.61
C ASP B 1602 -61.37 -12.27 -60.62
N ALA B 1603 -61.64 -11.08 -61.18
CA ALA B 1603 -60.77 -9.91 -61.19
C ALA B 1603 -59.31 -10.24 -61.47
N PRO B 1604 -58.95 -10.67 -62.68
CA PRO B 1604 -57.53 -10.93 -63.01
C PRO B 1604 -56.80 -9.68 -63.52
N GLU B 1605 -56.41 -8.81 -62.59
CA GLU B 1605 -55.68 -7.59 -62.94
C GLU B 1605 -54.71 -7.23 -61.84
N LEU B 1606 -53.73 -6.40 -62.21
CA LEU B 1606 -52.73 -5.79 -61.33
C LEU B 1606 -51.91 -6.82 -60.54
N SER B 1607 -52.02 -8.09 -60.86
CA SER B 1607 -51.30 -9.14 -60.15
C SER B 1607 -49.96 -9.35 -60.84
N HIS B 1608 -48.90 -8.75 -60.28
CA HIS B 1608 -47.54 -8.92 -60.78
C HIS B 1608 -46.70 -9.52 -59.64
N VAL B 1609 -46.70 -10.85 -59.57
CA VAL B 1609 -45.98 -11.56 -58.52
C VAL B 1609 -44.65 -12.11 -59.04
N LEU B 1610 -44.14 -11.57 -60.16
CA LEU B 1610 -42.90 -12.03 -60.76
C LEU B 1610 -41.67 -11.30 -60.22
N CYS B 1611 -41.76 -10.73 -59.02
CA CYS B 1611 -40.64 -10.01 -58.43
C CYS B 1611 -40.38 -10.37 -56.97
N TRP B 1612 -41.29 -11.07 -56.31
CA TRP B 1612 -41.11 -11.41 -54.91
C TRP B 1612 -40.01 -12.46 -54.73
N ALA B 1613 -39.33 -12.38 -53.59
CA ALA B 1613 -38.27 -13.31 -53.26
C ALA B 1613 -38.84 -14.71 -53.00
N PRO B 1614 -38.01 -15.74 -53.11
CA PRO B 1614 -38.48 -17.10 -52.81
C PRO B 1614 -38.91 -17.23 -51.35
N THR B 1615 -39.89 -18.09 -51.13
CA THR B 1615 -40.44 -18.37 -49.81
C THR B 1615 -40.31 -19.87 -49.52
N ASP B 1616 -40.90 -20.30 -48.40
CA ASP B 1616 -40.81 -21.69 -48.01
C ASP B 1616 -41.57 -22.58 -48.98
N PRO B 1617 -41.09 -23.80 -49.21
CA PRO B 1617 -41.75 -24.72 -50.15
C PRO B 1617 -43.20 -25.00 -49.78
N PRO B 1618 -43.55 -25.16 -48.49
CA PRO B 1618 -44.97 -25.40 -48.18
C PRO B 1618 -45.90 -24.30 -48.67
N THR B 1619 -45.48 -23.04 -48.62
CA THR B 1619 -46.31 -21.96 -49.12
C THR B 1619 -46.47 -22.04 -50.64
N GLY B 1620 -45.40 -22.38 -51.35
CA GLY B 1620 -45.48 -22.45 -52.80
C GLY B 1620 -46.40 -23.54 -53.29
N LEU B 1621 -46.36 -24.71 -52.66
CA LEU B 1621 -47.19 -25.83 -53.06
C LEU B 1621 -48.68 -25.60 -52.79
N SER B 1622 -49.02 -24.60 -51.99
CA SER B 1622 -50.42 -24.36 -51.65
C SER B 1622 -51.25 -23.90 -52.84
N TYR B 1623 -50.60 -23.42 -53.91
CA TYR B 1623 -51.33 -22.91 -55.06
C TYR B 1623 -51.81 -24.00 -56.00
N PHE B 1624 -51.39 -25.25 -55.80
CA PHE B 1624 -51.83 -26.37 -56.60
C PHE B 1624 -52.88 -27.23 -55.90
N SER B 1625 -53.30 -26.85 -54.69
CA SER B 1625 -54.25 -27.63 -53.92
C SER B 1625 -55.67 -27.14 -54.19
N SER B 1626 -56.62 -27.61 -53.40
CA SER B 1626 -58.02 -27.24 -53.54
C SER B 1626 -58.33 -25.87 -52.95
N MET B 1627 -57.38 -25.26 -52.24
CA MET B 1627 -57.65 -23.99 -51.57
C MET B 1627 -57.82 -22.85 -52.56
N TYR B 1628 -57.09 -22.86 -53.67
CA TYR B 1628 -57.12 -21.77 -54.63
C TYR B 1628 -57.42 -22.29 -56.03
N PRO B 1629 -58.25 -21.57 -56.78
CA PRO B 1629 -58.49 -21.98 -58.17
C PRO B 1629 -57.23 -21.80 -59.00
N PRO B 1630 -57.07 -22.59 -60.07
CA PRO B 1630 -55.86 -22.47 -60.88
C PRO B 1630 -55.76 -21.14 -61.60
N HIS B 1631 -54.52 -20.69 -61.81
CA HIS B 1631 -54.24 -19.46 -62.54
C HIS B 1631 -52.82 -19.54 -63.07
N PRO B 1632 -52.55 -19.10 -64.31
CA PRO B 1632 -51.19 -19.24 -64.85
C PRO B 1632 -50.11 -18.54 -64.03
N LEU B 1633 -50.40 -17.35 -63.50
CA LEU B 1633 -49.38 -16.60 -62.78
C LEU B 1633 -49.00 -17.29 -61.47
N THR B 1634 -49.99 -17.76 -60.72
CA THR B 1634 -49.71 -18.45 -59.47
C THR B 1634 -48.92 -19.73 -59.72
N ALA B 1635 -49.29 -20.48 -60.76
CA ALA B 1635 -48.55 -21.70 -61.09
C ALA B 1635 -47.13 -21.38 -61.50
N GLN B 1636 -46.93 -20.31 -62.28
CA GLN B 1636 -45.59 -19.93 -62.68
C GLN B 1636 -44.74 -19.54 -61.48
N TYR B 1637 -45.31 -18.78 -60.54
CA TYR B 1637 -44.59 -18.43 -59.33
C TYR B 1637 -44.25 -19.66 -58.50
N GLY B 1638 -45.19 -20.60 -58.38
CA GLY B 1638 -44.94 -21.81 -57.63
C GLY B 1638 -43.84 -22.66 -58.25
N VAL B 1639 -43.78 -22.69 -59.58
CA VAL B 1639 -42.69 -23.39 -60.24
C VAL B 1639 -41.37 -22.65 -60.00
N LYS B 1640 -41.40 -21.31 -60.06
CA LYS B 1640 -40.19 -20.54 -59.87
C LYS B 1640 -39.58 -20.74 -58.49
N VAL B 1641 -40.42 -20.74 -57.45
CA VAL B 1641 -39.89 -20.82 -56.09
C VAL B 1641 -39.26 -22.18 -55.83
N LEU B 1642 -39.80 -23.25 -56.42
CA LEU B 1642 -39.29 -24.59 -56.17
C LEU B 1642 -37.91 -24.82 -56.79
N ARG B 1643 -37.51 -24.01 -57.77
CA ARG B 1643 -36.27 -24.23 -58.50
C ARG B 1643 -35.10 -23.44 -57.92
N SER B 1644 -35.12 -23.15 -56.63
CA SER B 1644 -34.05 -22.38 -55.99
C SER B 1644 -33.67 -22.99 -54.65
N PHE B 1645 -33.56 -24.31 -54.59
CA PHE B 1645 -33.24 -25.01 -53.36
C PHE B 1645 -32.32 -26.19 -53.66
N PRO B 1646 -31.52 -26.62 -52.69
CA PRO B 1646 -30.66 -27.78 -52.89
C PRO B 1646 -31.49 -29.05 -53.02
N PRO B 1647 -30.96 -30.08 -53.68
CA PRO B 1647 -31.76 -31.29 -53.95
C PRO B 1647 -32.25 -32.01 -52.70
N ASP B 1648 -31.56 -31.87 -51.57
CA ASP B 1648 -31.94 -32.60 -50.37
C ASP B 1648 -33.30 -32.18 -49.85
N ALA B 1649 -33.60 -30.88 -49.90
CA ALA B 1649 -34.91 -30.40 -49.47
C ALA B 1649 -36.02 -30.97 -50.36
N ILE B 1650 -35.80 -30.98 -51.68
CA ILE B 1650 -36.78 -31.55 -52.59
C ILE B 1650 -36.96 -33.04 -52.33
N LEU B 1651 -35.86 -33.73 -52.02
CA LEU B 1651 -35.95 -35.13 -51.64
C LEU B 1651 -36.80 -35.30 -50.38
N PHE B 1652 -36.64 -34.41 -49.41
CA PHE B 1652 -37.46 -34.45 -48.21
C PHE B 1652 -38.94 -34.24 -48.54
N TYR B 1653 -39.23 -33.33 -49.46
CA TYR B 1653 -40.62 -33.02 -49.83
C TYR B 1653 -41.11 -33.83 -51.03
N ILE B 1654 -40.60 -35.03 -51.22
CA ILE B 1654 -41.02 -35.84 -52.38
C ILE B 1654 -42.50 -36.22 -52.34
N PRO B 1655 -43.04 -36.77 -51.25
CA PRO B 1655 -44.40 -37.33 -51.33
C PRO B 1655 -45.49 -36.35 -51.74
N GLN B 1656 -45.38 -35.08 -51.35
CA GLN B 1656 -46.43 -34.12 -51.67
C GLN B 1656 -46.39 -33.70 -53.13
N ILE B 1657 -45.21 -33.76 -53.77
CA ILE B 1657 -45.08 -33.28 -55.14
C ILE B 1657 -45.89 -34.14 -56.10
N VAL B 1658 -45.81 -35.47 -55.94
CA VAL B 1658 -46.48 -36.35 -56.88
C VAL B 1658 -48.00 -36.22 -56.78
N GLN B 1659 -48.52 -35.98 -55.57
CA GLN B 1659 -49.97 -35.84 -55.40
C GLN B 1659 -50.49 -34.56 -56.03
N ALA B 1660 -49.63 -33.58 -56.31
CA ALA B 1660 -50.07 -32.36 -56.97
C ALA B 1660 -50.53 -32.61 -58.40
N LEU B 1661 -50.15 -33.76 -58.99
CA LEU B 1661 -50.57 -34.05 -60.36
C LEU B 1661 -52.07 -34.29 -60.46
N ARG B 1662 -52.71 -34.69 -59.36
CA ARG B 1662 -54.14 -34.98 -59.40
C ARG B 1662 -54.94 -33.72 -59.72
N TYR B 1663 -54.67 -32.62 -59.02
CA TYR B 1663 -55.31 -31.35 -59.30
C TYR B 1663 -54.55 -30.53 -60.32
N ASP B 1664 -53.58 -31.14 -61.00
CA ASP B 1664 -52.79 -30.45 -62.01
C ASP B 1664 -53.50 -30.53 -63.37
N LYS B 1665 -54.56 -29.73 -63.50
CA LYS B 1665 -55.13 -29.50 -64.81
C LYS B 1665 -54.13 -28.80 -65.72
N MET B 1666 -53.17 -28.08 -65.15
CA MET B 1666 -52.01 -27.59 -65.87
C MET B 1666 -50.99 -28.73 -65.96
N GLY B 1667 -49.77 -28.41 -66.37
CA GLY B 1667 -48.74 -29.43 -66.47
C GLY B 1667 -47.34 -28.94 -66.14
N TYR B 1668 -47.25 -27.75 -65.55
CA TYR B 1668 -45.94 -27.23 -65.15
C TYR B 1668 -45.24 -28.19 -64.19
N VAL B 1669 -46.01 -28.91 -63.36
CA VAL B 1669 -45.43 -29.84 -62.42
C VAL B 1669 -44.74 -31.00 -63.14
N ARG B 1670 -45.34 -31.46 -64.25
CA ARG B 1670 -44.74 -32.55 -65.01
C ARG B 1670 -43.40 -32.13 -65.60
N GLU B 1671 -43.34 -30.93 -66.17
CA GLU B 1671 -42.09 -30.43 -66.72
C GLU B 1671 -41.04 -30.25 -65.62
N TYR B 1672 -41.48 -29.76 -64.46
CA TYR B 1672 -40.55 -29.62 -63.34
C TYR B 1672 -39.99 -30.97 -62.90
N ILE B 1673 -40.85 -31.99 -62.85
CA ILE B 1673 -40.39 -33.33 -62.47
C ILE B 1673 -39.38 -33.86 -63.48
N LEU B 1674 -39.67 -33.69 -64.77
CA LEU B 1674 -38.74 -34.14 -65.80
C LEU B 1674 -37.40 -33.42 -65.68
N TRP B 1675 -37.43 -32.10 -65.49
CA TRP B 1675 -36.19 -31.34 -65.36
C TRP B 1675 -35.39 -31.77 -64.13
N ALA B 1676 -36.07 -31.96 -62.99
CA ALA B 1676 -35.37 -32.37 -61.78
C ALA B 1676 -34.77 -33.76 -61.93
N ALA B 1677 -35.51 -34.68 -62.54
CA ALA B 1677 -34.97 -36.02 -62.76
C ALA B 1677 -33.78 -36.00 -63.70
N SER B 1678 -33.82 -35.14 -64.72
CA SER B 1678 -32.69 -35.01 -65.63
C SER B 1678 -31.48 -34.41 -64.92
N LYS B 1679 -31.72 -33.50 -63.97
CA LYS B 1679 -30.62 -32.82 -63.31
C LYS B 1679 -29.93 -33.73 -62.30
N SER B 1680 -30.66 -34.17 -61.27
CA SER B 1680 -30.08 -34.99 -60.22
C SER B 1680 -30.19 -36.47 -60.56
N GLN B 1681 -29.68 -37.32 -59.66
CA GLN B 1681 -29.68 -38.75 -59.87
C GLN B 1681 -30.51 -39.49 -58.83
N LEU B 1682 -30.25 -39.27 -57.54
CA LEU B 1682 -31.01 -39.96 -56.50
C LEU B 1682 -32.47 -39.54 -56.50
N LEU B 1683 -32.77 -38.32 -56.96
CA LEU B 1683 -34.15 -37.87 -57.03
C LEU B 1683 -34.97 -38.75 -57.96
N ALA B 1684 -34.38 -39.15 -59.09
CA ALA B 1684 -35.08 -40.05 -60.01
C ALA B 1684 -35.39 -41.38 -59.35
N HIS B 1685 -34.43 -41.93 -58.60
CA HIS B 1685 -34.67 -43.20 -57.89
C HIS B 1685 -35.79 -43.04 -56.87
N GLN B 1686 -35.78 -41.94 -56.11
CA GLN B 1686 -36.86 -41.72 -55.15
C GLN B 1686 -38.21 -41.59 -55.85
N PHE B 1687 -38.23 -40.88 -56.98
CA PHE B 1687 -39.49 -40.70 -57.72
C PHE B 1687 -40.04 -42.03 -58.21
N ILE B 1688 -39.18 -42.87 -58.81
CA ILE B 1688 -39.67 -44.14 -59.33
C ILE B 1688 -40.12 -45.05 -58.18
N TRP B 1689 -39.34 -45.08 -57.09
CA TRP B 1689 -39.72 -45.93 -55.96
C TRP B 1689 -41.05 -45.50 -55.36
N ASN B 1690 -41.27 -44.18 -55.24
CA ASN B 1690 -42.53 -43.71 -54.68
C ASN B 1690 -43.69 -43.94 -55.64
N MET B 1691 -43.48 -43.69 -56.93
CA MET B 1691 -44.59 -43.75 -57.87
C MET B 1691 -44.98 -45.18 -58.24
N LYS B 1692 -44.06 -46.14 -58.11
CA LYS B 1692 -44.41 -47.53 -58.41
C LYS B 1692 -45.49 -48.05 -57.46
N THR B 1693 -45.50 -47.56 -56.22
CA THR B 1693 -46.48 -48.02 -55.24
C THR B 1693 -47.85 -47.39 -55.46
N ASN B 1694 -47.89 -46.13 -55.90
CA ASN B 1694 -49.11 -45.34 -55.88
C ASN B 1694 -50.01 -45.57 -57.08
N ILE B 1695 -49.62 -46.43 -58.02
CA ILE B 1695 -50.45 -46.65 -59.21
C ILE B 1695 -51.74 -47.38 -58.82
N TYR B 1696 -51.67 -48.32 -57.90
CA TYR B 1696 -52.83 -49.08 -57.47
C TYR B 1696 -53.43 -48.48 -56.20
N LEU B 1697 -54.51 -49.10 -55.73
CA LEU B 1697 -55.24 -48.63 -54.56
C LEU B 1697 -55.27 -49.61 -53.41
N ASP B 1698 -55.38 -50.90 -53.70
CA ASP B 1698 -55.47 -51.91 -52.65
C ASP B 1698 -54.08 -52.34 -52.19
N GLU B 1699 -54.03 -53.06 -51.07
CA GLU B 1699 -52.77 -53.51 -50.50
C GLU B 1699 -52.05 -54.45 -51.45
N GLU B 1700 -52.74 -55.50 -51.90
CA GLU B 1700 -52.13 -56.43 -52.86
C GLU B 1700 -52.00 -55.78 -54.23
N GLY B 1701 -53.05 -55.11 -54.69
CA GLY B 1701 -53.00 -54.37 -55.94
C GLY B 1701 -53.66 -55.09 -57.10
N HIS B 1702 -54.90 -54.74 -57.40
CA HIS B 1702 -55.58 -55.25 -58.58
C HIS B 1702 -56.47 -54.22 -59.25
N GLN B 1703 -56.52 -52.97 -58.76
CA GLN B 1703 -57.42 -51.96 -59.29
C GLN B 1703 -56.63 -50.66 -59.43
N LYS B 1704 -56.40 -50.24 -60.66
CA LYS B 1704 -55.76 -48.95 -60.91
C LYS B 1704 -56.78 -47.83 -60.80
N ASP B 1705 -56.36 -46.71 -60.21
CA ASP B 1705 -57.25 -45.58 -60.05
C ASP B 1705 -57.62 -44.99 -61.41
N PRO B 1706 -58.87 -44.56 -61.59
CA PRO B 1706 -59.29 -44.03 -62.89
C PRO B 1706 -58.91 -42.58 -63.13
N ASP B 1707 -58.24 -41.93 -62.21
CA ASP B 1707 -57.95 -40.50 -62.33
C ASP B 1707 -56.59 -40.24 -62.97
N ILE B 1708 -55.51 -40.72 -62.34
CA ILE B 1708 -54.16 -40.39 -62.78
C ILE B 1708 -53.31 -41.63 -63.04
N GLY B 1709 -53.92 -42.82 -63.04
CA GLY B 1709 -53.14 -44.03 -63.22
C GLY B 1709 -52.46 -44.10 -64.58
N ASP B 1710 -53.22 -43.78 -65.64
CA ASP B 1710 -52.64 -43.79 -66.98
C ASP B 1710 -51.53 -42.75 -67.11
N LEU B 1711 -51.72 -41.59 -66.50
CA LEU B 1711 -50.67 -40.57 -66.52
C LEU B 1711 -49.42 -41.05 -65.80
N LEU B 1712 -49.59 -41.75 -64.68
CA LEU B 1712 -48.44 -42.33 -63.98
C LEU B 1712 -47.74 -43.36 -64.84
N ASP B 1713 -48.50 -44.19 -65.56
CA ASP B 1713 -47.88 -45.18 -66.44
C ASP B 1713 -47.08 -44.49 -67.54
N GLN B 1714 -47.66 -43.44 -68.14
CA GLN B 1714 -46.95 -42.71 -69.19
C GLN B 1714 -45.68 -42.07 -68.64
N LEU B 1715 -45.76 -41.50 -67.43
CA LEU B 1715 -44.59 -40.87 -66.83
C LEU B 1715 -43.49 -41.88 -66.55
N VAL B 1716 -43.86 -43.03 -65.98
CA VAL B 1716 -42.85 -44.02 -65.62
C VAL B 1716 -42.21 -44.61 -66.87
N GLU B 1717 -42.99 -44.78 -67.94
CA GLU B 1717 -42.39 -45.25 -69.18
C GLU B 1717 -41.51 -44.18 -69.82
N GLU B 1718 -41.86 -42.90 -69.67
CA GLU B 1718 -41.09 -41.83 -70.28
C GLU B 1718 -39.75 -41.64 -69.58
N ILE B 1719 -39.76 -41.62 -68.24
CA ILE B 1719 -38.54 -41.28 -67.50
C ILE B 1719 -37.46 -42.34 -67.71
N THR B 1720 -37.85 -43.62 -67.68
CA THR B 1720 -36.89 -44.68 -67.92
C THR B 1720 -36.50 -44.73 -69.40
N GLY B 1721 -35.31 -45.27 -69.66
CA GLY B 1721 -34.81 -45.33 -71.02
C GLY B 1721 -34.10 -44.07 -71.45
N SER B 1722 -34.56 -42.91 -70.95
CA SER B 1722 -33.90 -41.65 -71.27
C SER B 1722 -32.48 -41.62 -70.72
N LEU B 1723 -32.29 -42.11 -69.50
CA LEU B 1723 -30.96 -42.19 -68.93
C LEU B 1723 -30.14 -43.26 -69.63
N SER B 1724 -28.83 -43.03 -69.70
CA SER B 1724 -27.93 -43.95 -70.37
C SER B 1724 -26.54 -43.82 -69.79
N GLY B 1725 -25.72 -44.83 -70.03
CA GLY B 1725 -24.34 -44.83 -69.60
C GLY B 1725 -24.15 -45.27 -68.16
N PRO B 1726 -23.20 -44.63 -67.46
CA PRO B 1726 -22.94 -45.01 -66.07
C PRO B 1726 -24.15 -44.87 -65.16
N ALA B 1727 -24.98 -43.84 -65.38
CA ALA B 1727 -26.19 -43.69 -64.57
C ALA B 1727 -27.15 -44.86 -64.80
N LYS B 1728 -27.32 -45.26 -66.06
CA LYS B 1728 -28.17 -46.40 -66.37
C LYS B 1728 -27.63 -47.68 -65.72
N ASP B 1729 -26.31 -47.87 -65.79
CA ASP B 1729 -25.71 -49.05 -65.18
C ASP B 1729 -25.90 -49.06 -63.67
N PHE B 1730 -25.70 -47.92 -63.02
CA PHE B 1730 -25.88 -47.83 -61.58
C PHE B 1730 -27.32 -48.12 -61.18
N TYR B 1731 -28.28 -47.55 -61.93
CA TYR B 1731 -29.69 -47.80 -61.65
C TYR B 1731 -30.03 -49.28 -61.82
N GLN B 1732 -29.55 -49.89 -62.90
CA GLN B 1732 -29.80 -51.31 -63.11
C GLN B 1732 -29.23 -52.14 -61.98
N ARG B 1733 -27.99 -51.85 -61.57
CA ARG B 1733 -27.36 -52.62 -60.50
C ARG B 1733 -28.14 -52.48 -59.20
N GLU B 1734 -28.53 -51.26 -58.85
CA GLU B 1734 -29.28 -51.05 -57.62
C GLU B 1734 -30.60 -51.80 -57.65
N PHE B 1735 -31.33 -51.73 -58.76
CA PHE B 1735 -32.63 -52.39 -58.83
C PHE B 1735 -32.49 -53.90 -58.80
N ASP B 1736 -31.50 -54.45 -59.52
CA ASP B 1736 -31.27 -55.88 -59.49
C ASP B 1736 -30.92 -56.35 -58.08
N PHE B 1737 -30.03 -55.63 -57.38
CA PHE B 1737 -29.69 -56.00 -56.02
C PHE B 1737 -30.90 -55.95 -55.10
N PHE B 1738 -31.73 -54.91 -55.22
CA PHE B 1738 -32.90 -54.80 -54.36
C PHE B 1738 -33.89 -55.93 -54.64
N ASN B 1739 -34.11 -56.27 -55.91
CA ASN B 1739 -35.01 -57.38 -56.23
C ASN B 1739 -34.48 -58.69 -55.66
N LYS B 1740 -33.18 -58.94 -55.80
CA LYS B 1740 -32.59 -60.17 -55.28
C LYS B 1740 -32.73 -60.24 -53.77
N ILE B 1741 -32.53 -59.13 -53.06
CA ILE B 1741 -32.67 -59.12 -51.61
C ILE B 1741 -34.12 -59.11 -51.16
N THR B 1742 -35.06 -58.80 -52.05
CA THR B 1742 -36.47 -58.72 -51.69
C THR B 1742 -37.22 -60.03 -51.90
N ASN B 1743 -36.83 -60.83 -52.90
CA ASN B 1743 -37.59 -62.04 -53.21
C ASN B 1743 -37.54 -63.09 -52.11
N VAL B 1744 -36.63 -62.94 -51.14
CA VAL B 1744 -36.48 -63.95 -50.09
C VAL B 1744 -37.75 -64.09 -49.26
N SER B 1745 -38.40 -62.96 -48.95
CA SER B 1745 -39.62 -63.01 -48.16
C SER B 1745 -40.71 -63.80 -48.86
N ALA B 1746 -40.86 -63.60 -50.17
CA ALA B 1746 -41.84 -64.38 -50.93
C ALA B 1746 -41.45 -65.85 -50.97
N ILE B 1747 -40.15 -66.14 -51.09
CA ILE B 1747 -39.70 -67.53 -51.18
C ILE B 1747 -39.98 -68.27 -49.87
N ILE B 1748 -39.79 -67.59 -48.73
CA ILE B 1748 -39.78 -68.29 -47.44
C ILE B 1748 -41.17 -68.60 -46.90
N LYS B 1749 -42.22 -67.97 -47.42
CA LYS B 1749 -43.56 -68.18 -46.84
C LYS B 1749 -44.04 -69.62 -46.89
N PRO B 1750 -43.94 -70.36 -48.00
CA PRO B 1750 -44.55 -71.71 -48.02
C PRO B 1750 -44.04 -72.63 -46.93
N TYR B 1751 -42.81 -72.45 -46.47
CA TYR B 1751 -42.30 -73.25 -45.36
C TYR B 1751 -42.97 -72.83 -44.05
N PRO B 1752 -43.48 -73.77 -43.25
CA PRO B 1752 -44.17 -73.38 -42.01
C PRO B 1752 -43.20 -72.94 -40.92
N LYS B 1753 -43.75 -72.61 -39.75
CA LYS B 1753 -42.91 -72.19 -38.63
C LYS B 1753 -42.06 -73.35 -38.13
N GLY B 1754 -40.82 -73.03 -37.78
CA GLY B 1754 -39.90 -74.03 -37.27
C GLY B 1754 -38.48 -73.68 -37.65
N ASP B 1755 -37.58 -74.62 -37.35
CA ASP B 1755 -36.16 -74.41 -37.68
C ASP B 1755 -35.92 -74.53 -39.18
N GLU B 1756 -36.78 -75.26 -39.89
CA GLU B 1756 -36.60 -75.40 -41.33
C GLU B 1756 -36.75 -74.05 -42.04
N ARG B 1757 -37.73 -73.25 -41.61
CA ARG B 1757 -37.89 -71.91 -42.19
C ARG B 1757 -36.66 -71.06 -41.92
N LYS B 1758 -36.13 -71.12 -40.69
CA LYS B 1758 -34.97 -70.31 -40.34
C LYS B 1758 -33.75 -70.71 -41.17
N LYS B 1759 -33.51 -72.01 -41.31
CA LYS B 1759 -32.34 -72.45 -42.07
C LYS B 1759 -32.50 -72.15 -43.55
N ALA B 1760 -33.73 -72.27 -44.08
CA ALA B 1760 -33.96 -71.91 -45.48
C ALA B 1760 -33.74 -70.42 -45.70
N CYS B 1761 -34.20 -69.59 -44.76
CA CYS B 1761 -33.98 -68.16 -44.87
C CYS B 1761 -32.49 -67.83 -44.81
N LEU B 1762 -31.75 -68.50 -43.93
CA LEU B 1762 -30.31 -68.29 -43.85
C LEU B 1762 -29.63 -68.69 -45.16
N SER B 1763 -30.03 -69.82 -45.74
CA SER B 1763 -29.45 -70.24 -47.02
C SER B 1763 -29.77 -69.24 -48.13
N ALA B 1764 -31.01 -68.76 -48.17
CA ALA B 1764 -31.39 -67.78 -49.19
C ALA B 1764 -30.61 -66.48 -49.02
N LEU B 1765 -30.40 -66.06 -47.78
CA LEU B 1765 -29.60 -64.86 -47.53
C LEU B 1765 -28.15 -65.08 -47.96
N SER B 1766 -27.61 -66.27 -47.70
CA SER B 1766 -26.25 -66.57 -48.13
C SER B 1766 -26.14 -66.70 -49.64
N GLU B 1767 -27.25 -66.96 -50.34
CA GLU B 1767 -27.20 -67.06 -51.80
C GLU B 1767 -26.78 -65.74 -52.44
N VAL B 1768 -27.31 -64.62 -51.94
CA VAL B 1768 -27.02 -63.32 -52.52
C VAL B 1768 -25.61 -62.88 -52.15
N LYS B 1769 -24.98 -62.12 -53.04
CA LYS B 1769 -23.64 -61.60 -52.84
C LYS B 1769 -23.67 -60.09 -52.71
N VAL B 1770 -22.61 -59.55 -52.13
CA VAL B 1770 -22.50 -58.11 -51.91
C VAL B 1770 -21.97 -57.46 -53.18
N GLN B 1771 -22.71 -56.47 -53.71
CA GLN B 1771 -22.29 -55.73 -54.88
C GLN B 1771 -21.88 -54.33 -54.48
N PRO B 1772 -20.62 -53.93 -54.70
CA PRO B 1772 -20.22 -52.56 -54.36
C PRO B 1772 -21.01 -51.53 -55.14
N GLY B 1773 -21.27 -50.40 -54.48
CA GLY B 1773 -22.02 -49.32 -55.08
C GLY B 1773 -23.48 -49.24 -54.67
N CYS B 1774 -23.99 -50.27 -54.00
CA CYS B 1774 -25.39 -50.27 -53.57
C CYS B 1774 -25.58 -49.39 -52.33
N TYR B 1775 -26.84 -49.07 -52.06
CA TYR B 1775 -27.18 -48.24 -50.92
C TYR B 1775 -28.57 -48.62 -50.43
N LEU B 1776 -28.79 -48.46 -49.12
CA LEU B 1776 -30.08 -48.77 -48.54
C LEU B 1776 -31.09 -47.69 -48.93
N PRO B 1777 -32.34 -48.07 -49.23
CA PRO B 1777 -33.34 -47.05 -49.58
C PRO B 1777 -33.71 -46.14 -48.42
N SER B 1778 -33.81 -46.69 -47.21
CA SER B 1778 -34.24 -45.88 -46.07
C SER B 1778 -33.18 -44.87 -45.66
N ASN B 1779 -31.91 -45.15 -45.92
CA ASN B 1779 -30.80 -44.28 -45.55
C ASN B 1779 -29.96 -44.00 -46.79
N PRO B 1780 -30.37 -43.03 -47.61
CA PRO B 1780 -29.64 -42.77 -48.87
C PRO B 1780 -28.32 -42.05 -48.66
N GLU B 1781 -27.90 -41.89 -47.39
CA GLU B 1781 -26.66 -41.20 -47.06
C GLU B 1781 -25.61 -42.14 -46.49
N ALA B 1782 -25.63 -43.40 -46.93
CA ALA B 1782 -24.67 -44.39 -46.46
C ALA B 1782 -24.45 -45.44 -47.54
N ILE B 1783 -23.31 -46.12 -47.44
CA ILE B 1783 -22.91 -47.15 -48.40
C ILE B 1783 -22.75 -48.47 -47.67
N VAL B 1784 -23.46 -49.50 -48.14
CA VAL B 1784 -23.36 -50.81 -47.52
C VAL B 1784 -21.99 -51.42 -47.81
N LEU B 1785 -21.53 -52.26 -46.89
CA LEU B 1785 -20.22 -52.91 -46.99
C LEU B 1785 -20.32 -54.41 -47.21
N ASP B 1786 -21.04 -55.12 -46.35
CA ASP B 1786 -21.21 -56.56 -46.47
C ASP B 1786 -22.50 -56.96 -45.77
N ILE B 1787 -22.82 -58.24 -45.85
CA ILE B 1787 -24.05 -58.79 -45.30
C ILE B 1787 -23.68 -59.85 -44.27
N ASP B 1788 -24.30 -59.78 -43.09
CA ASP B 1788 -24.12 -60.79 -42.06
C ASP B 1788 -25.02 -61.98 -42.40
N TYR B 1789 -24.40 -63.12 -42.74
CA TYR B 1789 -25.12 -64.28 -43.23
C TYR B 1789 -25.66 -65.17 -42.11
N LYS B 1790 -25.78 -64.65 -40.89
CA LYS B 1790 -26.33 -65.44 -39.78
C LYS B 1790 -27.32 -64.64 -38.94
N SER B 1791 -27.74 -63.46 -39.38
CA SER B 1791 -28.63 -62.61 -38.60
C SER B 1791 -30.10 -62.77 -38.98
N GLY B 1792 -30.41 -63.67 -39.92
CA GLY B 1792 -31.78 -63.89 -40.33
C GLY B 1792 -32.67 -64.39 -39.20
N THR B 1793 -33.79 -63.71 -38.97
CA THR B 1793 -34.71 -64.08 -37.89
C THR B 1793 -36.11 -63.59 -38.26
N PRO B 1794 -36.94 -64.46 -38.83
CA PRO B 1794 -38.33 -64.08 -39.11
C PRO B 1794 -39.11 -63.85 -37.83
N MET B 1795 -40.10 -62.97 -37.91
CA MET B 1795 -40.95 -62.63 -36.78
C MET B 1795 -42.35 -63.18 -37.00
N GLN B 1796 -43.17 -63.09 -35.94
CA GLN B 1796 -44.54 -63.55 -36.01
C GLN B 1796 -45.37 -62.66 -36.91
N SER B 1797 -46.40 -63.24 -37.52
CA SER B 1797 -47.31 -62.50 -38.40
C SER B 1797 -48.63 -63.23 -38.57
N LYS B 1800 -48.05 -63.74 -45.58
CA LYS B 1800 -47.30 -62.80 -44.76
C LYS B 1800 -46.05 -63.46 -44.18
N ALA B 1801 -44.89 -63.17 -44.76
CA ALA B 1801 -43.62 -63.75 -44.32
C ALA B 1801 -42.59 -62.63 -44.15
N PRO B 1802 -42.72 -61.83 -43.08
CA PRO B 1802 -41.73 -60.78 -42.83
C PRO B 1802 -40.56 -61.28 -41.99
N TYR B 1803 -39.34 -61.00 -42.44
CA TYR B 1803 -38.13 -61.42 -41.73
C TYR B 1803 -37.32 -60.18 -41.34
N LEU B 1804 -36.17 -60.43 -40.70
CA LEU B 1804 -35.29 -59.38 -40.22
C LEU B 1804 -33.86 -59.70 -40.63
N ALA B 1805 -33.07 -58.65 -40.83
CA ALA B 1805 -31.68 -58.81 -41.24
C ALA B 1805 -30.86 -57.67 -40.66
N LYS B 1806 -29.54 -57.89 -40.62
CA LYS B 1806 -28.59 -56.91 -40.14
C LYS B 1806 -27.57 -56.59 -41.23
N PHE B 1807 -27.03 -55.38 -41.19
CA PHE B 1807 -26.09 -54.92 -42.20
C PHE B 1807 -24.95 -54.16 -41.54
N LYS B 1808 -23.80 -54.18 -42.21
CA LYS B 1808 -22.65 -53.35 -41.83
C LYS B 1808 -22.51 -52.26 -42.88
N VAL B 1809 -22.59 -51.01 -42.45
CA VAL B 1809 -22.72 -49.89 -43.36
C VAL B 1809 -21.65 -48.84 -43.03
N LYS B 1810 -21.33 -48.03 -44.04
CA LYS B 1810 -20.40 -46.92 -43.91
C LYS B 1810 -21.13 -45.62 -44.25
N ARG B 1811 -20.96 -44.62 -43.40
CA ARG B 1811 -21.63 -43.33 -43.57
C ARG B 1811 -20.66 -42.33 -44.18
N CYS B 1812 -21.01 -41.82 -45.35
CA CYS B 1812 -20.17 -40.83 -46.05
C CYS B 1812 -20.89 -39.51 -46.23
N GLY B 1813 -22.07 -39.51 -46.81
CA GLY B 1813 -22.81 -38.28 -47.07
C GLY B 1813 -23.76 -38.48 -48.24
N VAL B 1814 -24.03 -37.38 -48.95
CA VAL B 1814 -24.98 -37.40 -50.05
C VAL B 1814 -24.26 -37.08 -51.35
N SER B 1815 -23.67 -35.89 -51.45
CA SER B 1815 -22.99 -35.49 -52.67
C SER B 1815 -21.81 -36.40 -52.98
N GLU B 1816 -21.01 -36.73 -51.95
CA GLU B 1816 -19.90 -37.65 -52.14
C GLU B 1816 -20.41 -39.03 -52.54
N LEU B 1817 -21.51 -39.48 -51.93
CA LEU B 1817 -22.11 -40.75 -52.34
C LEU B 1817 -22.57 -40.69 -53.79
N GLU B 1818 -23.20 -39.57 -54.19
CA GLU B 1818 -23.68 -39.43 -55.55
C GLU B 1818 -22.54 -39.48 -56.56
N LYS B 1819 -21.44 -38.78 -56.26
CA LYS B 1819 -20.32 -38.77 -57.20
C LYS B 1819 -19.54 -40.09 -57.18
N GLU B 1820 -19.53 -40.80 -56.05
CA GLU B 1820 -18.85 -42.08 -55.97
C GLU B 1820 -19.68 -43.22 -56.54
N GLY B 1821 -20.98 -43.01 -56.74
CA GLY B 1821 -21.81 -44.06 -57.31
C GLY B 1821 -21.64 -44.26 -58.80
N LEU B 1822 -20.89 -43.39 -59.47
CA LEU B 1822 -20.65 -43.50 -60.90
C LEU B 1822 -19.23 -43.93 -61.24
N ARG B 1823 -18.44 -44.32 -60.24
CA ARG B 1823 -17.07 -44.75 -60.48
C ARG B 1823 -16.81 -46.21 -60.12
N CYS B 1824 -17.60 -46.80 -59.23
CA CYS B 1824 -17.41 -48.20 -58.85
C CYS B 1824 -18.72 -48.81 -58.36
N LYS B 1841 -15.66 -44.41 -39.39
CA LYS B 1841 -17.07 -44.20 -39.09
C LYS B 1841 -17.93 -45.29 -39.71
N ILE B 1842 -17.76 -46.52 -39.22
CA ILE B 1842 -18.49 -47.68 -39.71
C ILE B 1842 -19.19 -48.34 -38.54
N SER B 1843 -20.48 -48.63 -38.69
CA SER B 1843 -21.27 -49.23 -37.64
C SER B 1843 -22.17 -50.29 -38.28
N TRP B 1844 -23.14 -50.78 -37.50
CA TRP B 1844 -24.06 -51.81 -37.94
C TRP B 1844 -25.50 -51.30 -37.87
N GLN B 1845 -26.32 -51.76 -38.79
CA GLN B 1845 -27.72 -51.35 -38.87
C GLN B 1845 -28.63 -52.57 -38.99
N ALA B 1846 -29.86 -52.40 -38.56
CA ALA B 1846 -30.88 -53.45 -38.63
C ALA B 1846 -32.04 -52.97 -39.48
N ALA B 1847 -32.55 -53.86 -40.33
CA ALA B 1847 -33.63 -53.54 -41.24
C ALA B 1847 -34.79 -54.52 -41.05
N ILE B 1848 -36.01 -54.01 -41.19
CA ILE B 1848 -37.22 -54.80 -41.07
C ILE B 1848 -38.03 -54.64 -42.34
N PHE B 1849 -38.44 -55.76 -42.93
CA PHE B 1849 -39.19 -55.77 -44.18
C PHE B 1849 -40.62 -56.25 -43.91
N LYS B 1850 -41.57 -55.64 -44.60
CA LYS B 1850 -42.98 -55.99 -44.47
C LYS B 1850 -43.60 -56.18 -45.85
N VAL B 1851 -44.57 -57.09 -45.93
CA VAL B 1851 -45.29 -57.38 -47.16
C VAL B 1851 -46.78 -57.35 -46.86
N GLY B 1852 -47.54 -56.61 -47.68
CA GLY B 1852 -48.98 -56.55 -47.53
C GLY B 1852 -49.50 -55.51 -46.57
N ASP B 1853 -48.70 -54.49 -46.24
CA ASP B 1853 -49.12 -53.45 -45.32
C ASP B 1853 -48.79 -52.08 -45.91
N ASP B 1854 -49.59 -51.09 -45.53
CA ASP B 1854 -49.40 -49.72 -45.99
C ASP B 1854 -48.40 -49.00 -45.10
N CYS B 1855 -47.59 -48.13 -45.70
CA CYS B 1855 -46.53 -47.42 -44.98
C CYS B 1855 -46.51 -45.95 -45.38
N ARG B 1856 -47.68 -45.31 -45.37
CA ARG B 1856 -47.80 -43.90 -45.73
C ARG B 1856 -48.21 -43.00 -44.57
N GLN B 1857 -49.15 -43.44 -43.74
CA GLN B 1857 -49.50 -42.67 -42.55
C GLN B 1857 -48.30 -42.52 -41.63
N ASP B 1858 -47.52 -43.59 -41.49
CA ASP B 1858 -46.28 -43.50 -40.71
C ASP B 1858 -45.33 -42.48 -41.31
N MET B 1859 -45.25 -42.42 -42.64
CA MET B 1859 -44.39 -41.43 -43.29
C MET B 1859 -44.83 -40.01 -42.98
N LEU B 1860 -46.15 -39.75 -43.06
CA LEU B 1860 -46.65 -38.42 -42.75
C LEU B 1860 -46.40 -38.06 -41.29
N ALA B 1861 -46.64 -39.01 -40.39
CA ALA B 1861 -46.39 -38.76 -38.97
C ALA B 1861 -44.91 -38.48 -38.72
N LEU B 1862 -44.03 -39.21 -39.40
CA LEU B 1862 -42.59 -38.98 -39.25
C LEU B 1862 -42.20 -37.61 -39.76
N GLN B 1863 -42.78 -37.17 -40.87
CA GLN B 1863 -42.51 -35.82 -41.37
C GLN B 1863 -42.93 -34.78 -40.34
N ILE B 1864 -44.12 -34.94 -39.76
CA ILE B 1864 -44.58 -33.98 -38.75
C ILE B 1864 -43.66 -33.98 -37.53
N ILE B 1865 -43.25 -35.18 -37.09
CA ILE B 1865 -42.37 -35.28 -35.92
C ILE B 1865 -41.02 -34.61 -36.20
N ASP B 1866 -40.47 -34.82 -37.39
CA ASP B 1866 -39.20 -34.20 -37.74
C ASP B 1866 -39.32 -32.68 -37.78
N LEU B 1867 -40.43 -32.17 -38.33
CA LEU B 1867 -40.65 -30.73 -38.34
C LEU B 1867 -40.74 -30.17 -36.93
N PHE B 1868 -41.46 -30.87 -36.05
CA PHE B 1868 -41.55 -30.42 -34.65
C PHE B 1868 -40.19 -30.46 -33.97
N LYS B 1869 -39.38 -31.48 -34.26
CA LYS B 1869 -38.04 -31.55 -33.68
C LYS B 1869 -37.19 -30.38 -34.16
N ASN B 1870 -37.28 -30.03 -35.44
CA ASN B 1870 -36.54 -28.88 -35.95
C ASN B 1870 -36.99 -27.59 -35.27
N ILE B 1871 -38.30 -27.43 -35.08
CA ILE B 1871 -38.81 -26.24 -34.40
C ILE B 1871 -38.26 -26.16 -32.98
N PHE B 1872 -38.32 -27.27 -32.25
CA PHE B 1872 -37.85 -27.28 -30.87
C PHE B 1872 -36.36 -27.01 -30.78
N GLN B 1873 -35.58 -27.58 -31.70
CA GLN B 1873 -34.14 -27.34 -31.70
C GLN B 1873 -33.83 -25.88 -32.03
N LEU B 1874 -34.61 -25.28 -32.93
CA LEU B 1874 -34.38 -23.88 -33.27
C LEU B 1874 -34.72 -22.95 -32.11
N VAL B 1875 -35.85 -23.19 -31.43
CA VAL B 1875 -36.31 -22.26 -30.41
C VAL B 1875 -35.33 -22.20 -29.23
N GLY B 1876 -34.73 -23.34 -28.90
CA GLY B 1876 -33.71 -23.36 -27.86
C GLY B 1876 -34.10 -24.11 -26.61
N LEU B 1877 -35.11 -24.96 -26.70
CA LEU B 1877 -35.56 -25.74 -25.56
C LEU B 1877 -34.81 -27.08 -25.53
N ASP B 1878 -35.25 -27.98 -24.65
CA ASP B 1878 -34.61 -29.29 -24.47
C ASP B 1878 -35.70 -30.36 -24.52
N LEU B 1879 -35.98 -30.86 -25.73
CA LEU B 1879 -36.92 -31.96 -25.93
C LEU B 1879 -36.26 -33.00 -26.81
N PHE B 1880 -36.63 -34.26 -26.59
CA PHE B 1880 -36.01 -35.39 -27.27
C PHE B 1880 -37.06 -36.22 -27.99
N VAL B 1881 -36.88 -36.40 -29.30
CA VAL B 1881 -37.71 -37.29 -30.11
C VAL B 1881 -36.80 -37.97 -31.11
N PHE B 1882 -37.11 -39.24 -31.41
CA PHE B 1882 -36.27 -40.04 -32.30
C PHE B 1882 -37.04 -40.34 -33.59
N PRO B 1883 -36.78 -39.64 -34.68
CA PRO B 1883 -37.47 -39.88 -35.96
C PRO B 1883 -36.85 -40.99 -36.82
N TYR B 1884 -37.20 -42.24 -36.50
CA TYR B 1884 -36.73 -43.37 -37.29
C TYR B 1884 -37.31 -43.30 -38.71
N ARG B 1885 -36.45 -43.57 -39.69
CA ARG B 1885 -36.83 -43.40 -41.08
C ARG B 1885 -37.65 -44.60 -41.58
N VAL B 1886 -38.43 -44.35 -42.62
CA VAL B 1886 -39.27 -45.37 -43.25
C VAL B 1886 -39.53 -44.96 -44.69
N VAL B 1887 -39.38 -45.92 -45.61
CA VAL B 1887 -39.57 -45.68 -47.03
C VAL B 1887 -40.40 -46.81 -47.61
N ALA B 1888 -41.38 -46.46 -48.43
CA ALA B 1888 -42.20 -47.44 -49.14
C ALA B 1888 -41.73 -47.54 -50.59
N THR B 1889 -41.67 -48.77 -51.10
CA THR B 1889 -41.13 -49.01 -52.44
C THR B 1889 -42.02 -49.87 -53.33
N ALA B 1890 -43.00 -50.59 -52.78
CA ALA B 1890 -43.85 -51.46 -53.58
C ALA B 1890 -45.24 -51.45 -52.96
N PRO B 1891 -46.28 -51.77 -53.74
CA PRO B 1891 -47.63 -51.87 -53.17
C PRO B 1891 -47.70 -52.91 -52.07
N GLY B 1892 -47.93 -52.46 -50.84
CA GLY B 1892 -47.96 -53.34 -49.69
C GLY B 1892 -46.61 -53.74 -49.15
N CYS B 1893 -45.52 -53.24 -49.71
CA CYS B 1893 -44.17 -53.60 -49.28
C CYS B 1893 -43.35 -52.35 -49.04
N GLY B 1894 -42.50 -52.39 -48.03
CA GLY B 1894 -41.66 -51.25 -47.70
C GLY B 1894 -40.50 -51.67 -46.82
N VAL B 1895 -39.62 -50.70 -46.55
CA VAL B 1895 -38.44 -50.90 -45.72
C VAL B 1895 -38.56 -49.98 -44.51
N ILE B 1896 -38.40 -50.54 -43.32
CA ILE B 1896 -38.53 -49.82 -42.07
C ILE B 1896 -37.23 -49.96 -41.28
N GLU B 1897 -36.67 -48.83 -40.85
CA GLU B 1897 -35.47 -48.86 -40.03
C GLU B 1897 -35.79 -49.35 -38.62
N CYS B 1898 -34.75 -49.79 -37.92
CA CYS B 1898 -34.86 -50.27 -36.56
C CYS B 1898 -33.96 -49.44 -35.66
N ILE B 1899 -34.50 -49.01 -34.53
CA ILE B 1899 -33.70 -48.20 -33.58
C ILE B 1899 -32.63 -49.08 -32.96
N PRO B 1900 -31.43 -48.55 -32.71
CA PRO B 1900 -30.39 -49.36 -32.07
C PRO B 1900 -30.77 -49.75 -30.64
N ASP B 1901 -30.34 -50.96 -30.26
CA ASP B 1901 -30.61 -51.52 -28.93
C ASP B 1901 -32.10 -51.51 -28.63
N CYS B 1902 -32.84 -52.27 -29.44
CA CYS B 1902 -34.28 -52.37 -29.27
C CYS B 1902 -34.61 -53.07 -27.95
N THR B 1903 -35.54 -52.48 -27.19
CA THR B 1903 -35.96 -53.05 -25.91
C THR B 1903 -37.45 -52.77 -25.75
N SER B 1904 -38.27 -53.75 -26.10
CA SER B 1904 -39.72 -53.57 -26.03
C SER B 1904 -40.20 -53.58 -24.59
N ARG B 1905 -41.18 -52.72 -24.31
CA ARG B 1905 -41.75 -52.65 -22.96
C ARG B 1905 -42.54 -53.91 -22.63
N ASP B 1906 -43.21 -54.49 -23.62
CA ASP B 1906 -44.01 -55.69 -23.37
C ASP B 1906 -43.14 -56.86 -22.92
N GLN B 1907 -41.98 -57.04 -23.56
CA GLN B 1907 -41.08 -58.11 -23.15
C GLN B 1907 -40.58 -57.90 -21.73
N LEU B 1908 -40.22 -56.67 -21.38
CA LEU B 1908 -39.76 -56.38 -20.02
C LEU B 1908 -40.86 -56.62 -19.01
N GLY B 1909 -42.10 -56.25 -19.34
CA GLY B 1909 -43.21 -56.51 -18.45
C GLY B 1909 -43.47 -57.99 -18.27
N ARG B 1910 -43.36 -58.77 -19.34
CA ARG B 1910 -43.49 -60.22 -19.23
C ARG B 1910 -42.39 -60.80 -18.36
N GLN B 1911 -41.17 -60.31 -18.52
CA GLN B 1911 -40.05 -60.81 -17.71
C GLN B 1911 -40.23 -60.47 -16.23
N THR B 1912 -40.67 -59.25 -15.92
CA THR B 1912 -40.72 -58.77 -14.55
C THR B 1912 -42.11 -58.88 -13.91
N ASP B 1913 -43.16 -58.51 -14.65
CA ASP B 1913 -44.52 -58.47 -14.11
C ASP B 1913 -44.60 -57.56 -12.89
N PHE B 1914 -43.91 -56.43 -12.95
CA PHE B 1914 -43.90 -55.44 -11.89
C PHE B 1914 -43.82 -54.05 -12.50
N GLY B 1915 -43.87 -53.03 -11.67
CA GLY B 1915 -43.79 -51.67 -12.15
C GLY B 1915 -42.41 -51.31 -12.64
N MET B 1916 -42.38 -50.30 -13.52
CA MET B 1916 -41.12 -49.82 -14.07
C MET B 1916 -40.23 -49.18 -13.00
N TYR B 1917 -40.83 -48.69 -11.91
CA TYR B 1917 -40.04 -48.12 -10.82
C TYR B 1917 -39.10 -49.16 -10.23
N ASP B 1918 -39.59 -50.37 -10.01
CA ASP B 1918 -38.72 -51.44 -9.54
C ASP B 1918 -37.64 -51.77 -10.55
N TYR B 1919 -37.99 -51.77 -11.84
CA TYR B 1919 -37.02 -52.08 -12.89
C TYR B 1919 -35.87 -51.08 -12.87
N PHE B 1920 -36.18 -49.79 -12.83
CA PHE B 1920 -35.14 -48.78 -12.85
C PHE B 1920 -34.47 -48.56 -11.50
N THR B 1921 -35.08 -49.05 -10.40
CA THR B 1921 -34.36 -49.09 -9.13
C THR B 1921 -33.33 -50.20 -9.13
N ARG B 1922 -33.68 -51.36 -9.68
CA ARG B 1922 -32.71 -52.45 -9.81
C ARG B 1922 -31.61 -52.09 -10.81
N GLN B 1923 -31.98 -51.45 -11.92
CA GLN B 1923 -31.01 -51.19 -12.99
C GLN B 1923 -29.98 -50.16 -12.58
N TYR B 1924 -30.42 -49.05 -11.98
CA TYR B 1924 -29.53 -47.93 -11.67
C TYR B 1924 -29.19 -47.82 -10.18
N GLY B 1925 -30.15 -48.01 -9.30
CA GLY B 1925 -29.89 -47.96 -7.88
C GLY B 1925 -30.94 -47.15 -7.16
N ASP B 1926 -30.59 -46.67 -5.97
CA ASP B 1926 -31.50 -45.89 -5.16
C ASP B 1926 -31.73 -44.52 -5.77
N GLU B 1927 -32.82 -43.87 -5.35
CA GLU B 1927 -33.17 -42.56 -5.87
C GLU B 1927 -32.19 -41.47 -5.46
N SER B 1928 -31.31 -41.74 -4.49
CA SER B 1928 -30.35 -40.73 -4.03
C SER B 1928 -29.06 -40.70 -4.84
N THR B 1929 -28.88 -41.63 -5.78
CA THR B 1929 -27.65 -41.65 -6.56
C THR B 1929 -27.71 -40.61 -7.68
N LEU B 1930 -26.55 -40.38 -8.31
CA LEU B 1930 -26.45 -39.36 -9.34
C LEU B 1930 -27.12 -39.81 -10.64
N ALA B 1931 -26.93 -41.08 -11.02
CA ALA B 1931 -27.45 -41.55 -12.29
C ALA B 1931 -28.99 -41.54 -12.32
N PHE B 1932 -29.63 -41.79 -11.17
CA PHE B 1932 -31.08 -41.77 -11.12
C PHE B 1932 -31.64 -40.41 -11.49
N GLN B 1933 -30.99 -39.34 -11.03
CA GLN B 1933 -31.45 -38.00 -11.36
C GLN B 1933 -31.38 -37.72 -12.86
N GLN B 1934 -30.27 -38.12 -13.50
CA GLN B 1934 -30.15 -37.92 -14.94
C GLN B 1934 -31.16 -38.75 -15.71
N ALA B 1935 -31.39 -39.99 -15.27
CA ALA B 1935 -32.39 -40.82 -15.92
C ALA B 1935 -33.79 -40.21 -15.80
N ARG B 1936 -34.12 -39.68 -14.61
CA ARG B 1936 -35.40 -39.02 -14.43
C ARG B 1936 -35.53 -37.78 -15.30
N TYR B 1937 -34.44 -37.01 -15.42
CA TYR B 1937 -34.47 -35.82 -16.26
C TYR B 1937 -34.71 -36.18 -17.73
N ASN B 1938 -34.01 -37.21 -18.22
CA ASN B 1938 -34.24 -37.65 -19.59
C ASN B 1938 -35.67 -38.17 -19.77
N PHE B 1939 -36.18 -38.88 -18.77
CA PHE B 1939 -37.55 -39.37 -18.83
C PHE B 1939 -38.55 -38.22 -18.94
N ILE B 1940 -38.35 -37.17 -18.15
CA ILE B 1940 -39.22 -35.99 -18.23
C ILE B 1940 -39.11 -35.35 -19.61
N ARG B 1941 -37.88 -35.20 -20.12
CA ARG B 1941 -37.68 -34.58 -21.42
C ARG B 1941 -38.46 -35.33 -22.50
N SER B 1942 -38.33 -36.66 -22.53
CA SER B 1942 -39.05 -37.43 -23.55
C SER B 1942 -40.56 -37.38 -23.32
N MET B 1943 -41.00 -37.54 -22.07
CA MET B 1943 -42.42 -37.67 -21.77
C MET B 1943 -43.18 -36.41 -22.10
N ALA B 1944 -42.63 -35.24 -21.78
CA ALA B 1944 -43.33 -33.98 -22.05
C ALA B 1944 -43.60 -33.81 -23.53
N ALA B 1945 -42.56 -33.96 -24.35
CA ALA B 1945 -42.72 -33.78 -25.79
C ALA B 1945 -43.66 -34.83 -26.38
N TYR B 1946 -43.52 -36.08 -25.96
CA TYR B 1946 -44.37 -37.12 -26.54
C TYR B 1946 -45.83 -36.95 -26.13
N SER B 1947 -46.09 -36.52 -24.89
CA SER B 1947 -47.46 -36.26 -24.47
C SER B 1947 -48.05 -35.09 -25.24
N LEU B 1948 -47.27 -34.02 -25.45
CA LEU B 1948 -47.77 -32.90 -26.24
C LEU B 1948 -48.10 -33.33 -27.65
N LEU B 1949 -47.21 -34.11 -28.28
CA LEU B 1949 -47.47 -34.57 -29.64
C LEU B 1949 -48.70 -35.47 -29.70
N LEU B 1950 -48.84 -36.36 -28.72
CA LEU B 1950 -49.99 -37.27 -28.69
C LEU B 1950 -51.29 -36.50 -28.56
N PHE B 1951 -51.31 -35.48 -27.70
CA PHE B 1951 -52.51 -34.66 -27.59
C PHE B 1951 -52.77 -33.90 -28.89
N LEU B 1952 -51.72 -33.37 -29.52
CA LEU B 1952 -51.92 -32.51 -30.68
C LEU B 1952 -52.43 -33.29 -31.89
N LEU B 1953 -51.88 -34.48 -32.12
CA LEU B 1953 -52.22 -35.23 -33.33
C LEU B 1953 -53.37 -36.23 -33.14
N GLN B 1954 -53.91 -36.34 -31.93
CA GLN B 1954 -55.07 -37.21 -31.65
C GLN B 1954 -54.79 -38.65 -32.07
N ILE B 1955 -53.81 -39.26 -31.40
CA ILE B 1955 -53.39 -40.62 -31.66
C ILE B 1955 -54.03 -41.54 -30.63
N LYS B 1956 -54.65 -42.62 -31.11
CA LYS B 1956 -55.31 -43.60 -30.26
C LYS B 1956 -54.53 -44.91 -30.28
N ASP B 1957 -55.04 -45.89 -29.53
CA ASP B 1957 -54.47 -47.24 -29.48
C ASP B 1957 -53.02 -47.22 -29.02
N ARG B 1958 -52.82 -46.76 -27.78
CA ARG B 1958 -51.50 -46.69 -27.16
C ARG B 1958 -51.50 -47.58 -25.92
N HIS B 1959 -51.13 -48.85 -26.11
CA HIS B 1959 -51.05 -49.82 -25.03
C HIS B 1959 -49.59 -50.06 -24.66
N ASN B 1960 -49.39 -50.93 -23.67
CA ASN B 1960 -48.04 -51.17 -23.15
C ASN B 1960 -47.13 -51.86 -24.15
N GLY B 1961 -47.69 -52.47 -25.19
CA GLY B 1961 -46.91 -53.19 -26.17
C GLY B 1961 -46.29 -52.35 -27.27
N ASN B 1962 -46.49 -51.03 -27.25
CA ASN B 1962 -45.94 -50.16 -28.29
C ASN B 1962 -44.89 -49.19 -27.78
N ILE B 1963 -44.90 -48.84 -26.50
CA ILE B 1963 -43.90 -47.92 -25.97
C ILE B 1963 -42.54 -48.61 -25.93
N MET B 1964 -41.49 -47.86 -26.25
CA MET B 1964 -40.14 -48.39 -26.32
C MET B 1964 -39.25 -47.67 -25.32
N LEU B 1965 -38.39 -48.41 -24.64
CA LEU B 1965 -37.47 -47.86 -23.65
C LEU B 1965 -36.04 -48.09 -24.12
N ASP B 1966 -35.23 -47.04 -24.09
CA ASP B 1966 -33.83 -47.14 -24.49
C ASP B 1966 -32.97 -47.43 -23.27
N LYS B 1967 -31.64 -47.38 -23.43
CA LYS B 1967 -30.75 -47.62 -22.31
C LYS B 1967 -30.66 -46.42 -21.38
N LYS B 1968 -30.75 -45.20 -21.92
CA LYS B 1968 -30.58 -44.01 -21.09
C LYS B 1968 -31.81 -43.76 -20.22
N GLY B 1969 -33.00 -43.96 -20.77
CA GLY B 1969 -34.22 -43.73 -20.00
C GLY B 1969 -35.32 -43.07 -20.79
N HIS B 1970 -35.05 -42.74 -22.05
CA HIS B 1970 -36.06 -42.12 -22.90
C HIS B 1970 -37.14 -43.13 -23.29
N ILE B 1971 -38.30 -42.60 -23.68
CA ILE B 1971 -39.43 -43.42 -24.12
C ILE B 1971 -39.80 -42.99 -25.53
N ILE B 1972 -39.97 -43.97 -26.41
CA ILE B 1972 -40.24 -43.73 -27.83
C ILE B 1972 -41.49 -44.48 -28.22
N HIS B 1973 -42.41 -43.79 -28.90
CA HIS B 1973 -43.62 -44.41 -29.40
C HIS B 1973 -43.40 -44.95 -30.81
N ILE B 1974 -44.23 -45.94 -31.17
CA ILE B 1974 -44.16 -46.61 -32.47
C ILE B 1974 -45.56 -47.08 -32.84
N ASP B 1975 -45.72 -47.55 -34.07
CA ASP B 1975 -46.97 -48.11 -34.57
C ASP B 1975 -48.09 -47.06 -34.52
N PHE B 1976 -47.94 -46.05 -35.38
CA PHE B 1976 -48.86 -44.92 -35.46
C PHE B 1976 -49.96 -45.16 -36.49
N GLY B 1977 -50.38 -46.40 -36.69
CA GLY B 1977 -51.36 -46.70 -37.72
C GLY B 1977 -52.68 -45.98 -37.52
N PHE B 1978 -53.14 -45.87 -36.27
CA PHE B 1978 -54.41 -45.22 -35.96
C PHE B 1978 -54.16 -43.78 -35.53
N MET B 1979 -54.84 -42.85 -36.19
CA MET B 1979 -54.66 -41.43 -35.90
C MET B 1979 -55.88 -40.66 -36.40
N PHE B 1980 -55.97 -39.41 -35.94
CA PHE B 1980 -56.98 -38.44 -36.38
C PHE B 1980 -58.40 -38.87 -36.01
N GLU B 1981 -58.95 -39.84 -36.74
CA GLU B 1981 -60.34 -40.23 -36.56
C GLU B 1981 -60.47 -41.72 -36.32
N SER B 1982 -59.54 -42.50 -36.88
CA SER B 1982 -59.55 -43.95 -36.68
C SER B 1982 -59.37 -44.27 -35.20
N SER B 1983 -60.19 -45.18 -34.70
CA SER B 1983 -60.15 -45.54 -33.29
C SER B 1983 -60.61 -46.98 -33.09
N PRO B 1984 -59.71 -47.88 -32.73
CA PRO B 1984 -60.10 -49.28 -32.49
C PRO B 1984 -61.07 -49.38 -31.32
N GLY B 1985 -61.96 -50.37 -31.39
CA GLY B 1985 -62.95 -50.61 -30.37
C GLY B 1985 -64.33 -50.06 -30.67
N GLY B 1986 -64.46 -49.18 -31.65
CA GLY B 1986 -65.75 -48.64 -32.00
C GLY B 1986 -65.97 -47.21 -31.53
N ASN B 1987 -64.89 -46.43 -31.47
CA ASN B 1987 -64.93 -45.04 -31.02
C ASN B 1987 -65.56 -44.92 -29.64
N LEU B 1988 -65.17 -45.82 -28.74
CA LEU B 1988 -65.71 -45.79 -27.37
C LEU B 1988 -65.30 -44.52 -26.65
N GLY B 1989 -64.05 -44.11 -26.79
CA GLY B 1989 -63.59 -42.82 -26.33
C GLY B 1989 -63.24 -42.71 -24.85
N TRP B 1990 -63.35 -43.78 -24.09
CA TRP B 1990 -63.00 -43.70 -22.67
C TRP B 1990 -61.50 -43.58 -22.45
N GLU B 1991 -60.69 -43.86 -23.47
CA GLU B 1991 -59.25 -43.66 -23.34
C GLU B 1991 -58.94 -42.16 -23.28
N PRO B 1992 -58.13 -41.72 -22.33
CA PRO B 1992 -57.85 -40.29 -22.21
C PRO B 1992 -56.92 -39.80 -23.32
N ASP B 1993 -56.85 -38.49 -23.45
CA ASP B 1993 -55.97 -37.88 -24.44
C ASP B 1993 -54.50 -38.20 -24.14
N ILE B 1994 -54.12 -38.14 -22.87
CA ILE B 1994 -52.76 -38.44 -22.44
C ILE B 1994 -52.83 -39.62 -21.47
N LYS B 1995 -52.03 -40.65 -21.74
CA LYS B 1995 -52.03 -41.85 -20.91
C LYS B 1995 -51.14 -41.62 -19.70
N LEU B 1996 -51.73 -41.64 -18.50
CA LEU B 1996 -51.00 -41.39 -17.26
C LEU B 1996 -51.42 -42.44 -16.23
N THR B 1997 -50.59 -43.46 -16.05
CA THR B 1997 -50.83 -44.47 -15.04
C THR B 1997 -50.21 -44.03 -13.71
N ASP B 1998 -50.37 -44.87 -12.69
CA ASP B 1998 -49.87 -44.52 -11.36
C ASP B 1998 -48.37 -44.67 -11.25
N GLU B 1999 -47.79 -45.67 -11.92
CA GLU B 1999 -46.35 -45.92 -11.78
C GLU B 1999 -45.54 -44.77 -12.36
N MET B 2000 -45.93 -44.25 -13.52
CA MET B 2000 -45.17 -43.15 -14.12
C MET B 2000 -45.28 -41.88 -13.30
N VAL B 2001 -46.43 -41.66 -12.65
CA VAL B 2001 -46.55 -40.55 -11.71
C VAL B 2001 -45.63 -40.76 -10.51
N MET B 2002 -45.60 -41.99 -9.99
CA MET B 2002 -44.73 -42.30 -8.86
C MET B 2002 -43.25 -42.18 -9.20
N ILE B 2003 -42.90 -42.30 -10.47
CA ILE B 2003 -41.51 -42.08 -10.88
C ILE B 2003 -41.07 -40.66 -10.53
N MET B 2004 -41.93 -39.68 -10.78
CA MET B 2004 -41.63 -38.28 -10.53
C MET B 2004 -42.01 -37.81 -9.13
N GLY B 2005 -42.08 -38.74 -8.17
CA GLY B 2005 -42.37 -38.44 -6.78
C GLY B 2005 -43.74 -38.92 -6.33
N GLY B 2006 -44.69 -39.06 -7.25
CA GLY B 2006 -46.01 -39.55 -6.92
C GLY B 2006 -46.96 -38.52 -6.37
N LYS B 2007 -46.53 -37.26 -6.22
CA LYS B 2007 -47.38 -36.20 -5.71
C LYS B 2007 -47.32 -35.01 -6.66
N MET B 2008 -48.48 -34.38 -6.87
CA MET B 2008 -48.58 -33.30 -7.84
C MET B 2008 -47.80 -32.05 -7.43
N GLU B 2009 -47.40 -31.94 -6.16
CA GLU B 2009 -46.67 -30.78 -5.68
C GLU B 2009 -45.16 -30.96 -5.74
N ALA B 2010 -44.69 -32.10 -6.25
CA ALA B 2010 -43.26 -32.33 -6.37
C ALA B 2010 -42.64 -31.41 -7.42
N THR B 2011 -41.38 -31.04 -7.20
CA THR B 2011 -40.67 -30.18 -8.13
C THR B 2011 -40.55 -30.77 -9.54
N PRO B 2012 -40.22 -32.05 -9.74
CA PRO B 2012 -40.19 -32.58 -11.11
C PRO B 2012 -41.52 -32.46 -11.83
N PHE B 2013 -42.64 -32.60 -11.12
CA PHE B 2013 -43.95 -32.42 -11.75
C PHE B 2013 -44.11 -30.99 -12.25
N LYS B 2014 -43.67 -30.00 -11.46
CA LYS B 2014 -43.70 -28.62 -11.90
C LYS B 2014 -42.80 -28.40 -13.11
N TRP B 2015 -41.62 -29.04 -13.13
CA TRP B 2015 -40.74 -28.94 -14.29
C TRP B 2015 -41.43 -29.49 -15.53
N PHE B 2016 -42.07 -30.65 -15.41
CA PHE B 2016 -42.79 -31.24 -16.53
C PHE B 2016 -43.90 -30.32 -17.02
N MET B 2017 -44.67 -29.75 -16.09
CA MET B 2017 -45.78 -28.88 -16.46
C MET B 2017 -45.28 -27.63 -17.20
N GLU B 2018 -44.25 -26.99 -16.67
CA GLU B 2018 -43.75 -25.77 -17.30
C GLU B 2018 -43.12 -26.07 -18.65
N MET B 2019 -42.42 -27.21 -18.79
CA MET B 2019 -41.88 -27.59 -20.08
C MET B 2019 -43.00 -27.82 -21.10
N CYS B 2020 -44.07 -28.50 -20.69
CA CYS B 2020 -45.18 -28.72 -21.61
C CYS B 2020 -45.82 -27.40 -22.04
N VAL B 2021 -46.04 -26.49 -21.09
CA VAL B 2021 -46.67 -25.21 -21.42
C VAL B 2021 -45.79 -24.41 -22.37
N ARG B 2022 -44.48 -24.36 -22.09
CA ARG B 2022 -43.57 -23.61 -22.94
C ARG B 2022 -43.51 -24.22 -24.34
N GLY B 2023 -43.48 -25.55 -24.44
CA GLY B 2023 -43.46 -26.18 -25.75
C GLY B 2023 -44.71 -25.89 -26.55
N TYR B 2024 -45.88 -25.98 -25.90
CA TYR B 2024 -47.12 -25.69 -26.60
C TYR B 2024 -47.17 -24.23 -27.04
N LEU B 2025 -46.68 -23.32 -26.21
CA LEU B 2025 -46.65 -21.90 -26.59
C LEU B 2025 -45.72 -21.68 -27.77
N ALA B 2026 -44.57 -22.38 -27.79
CA ALA B 2026 -43.59 -22.17 -28.84
C ALA B 2026 -44.06 -22.74 -30.18
N VAL B 2027 -44.76 -23.88 -30.15
CA VAL B 2027 -45.11 -24.57 -31.40
C VAL B 2027 -46.27 -23.93 -32.15
N ARG B 2028 -46.98 -22.98 -31.54
CA ARG B 2028 -48.21 -22.47 -32.14
C ARG B 2028 -48.02 -21.74 -33.47
N PRO B 2029 -47.05 -20.82 -33.65
CA PRO B 2029 -47.09 -19.94 -34.83
C PRO B 2029 -46.75 -20.61 -36.16
N TYR B 2030 -46.69 -21.93 -36.21
CA TYR B 2030 -46.42 -22.67 -37.43
C TYR B 2030 -47.62 -23.51 -37.87
N MET B 2031 -48.82 -22.92 -37.79
CA MET B 2031 -50.03 -23.65 -38.14
C MET B 2031 -50.18 -23.81 -39.65
N ASP B 2032 -49.83 -22.77 -40.41
CA ASP B 2032 -50.11 -22.77 -41.85
C ASP B 2032 -49.36 -23.89 -42.56
N ALA B 2033 -48.10 -24.12 -42.20
CA ALA B 2033 -47.32 -25.19 -42.83
C ALA B 2033 -47.94 -26.55 -42.57
N VAL B 2034 -48.36 -26.80 -41.33
CA VAL B 2034 -48.97 -28.09 -41.00
C VAL B 2034 -50.27 -28.28 -41.75
N VAL B 2035 -51.10 -27.22 -41.81
CA VAL B 2035 -52.37 -27.31 -42.52
C VAL B 2035 -52.13 -27.58 -44.00
N SER B 2036 -51.16 -26.89 -44.61
CA SER B 2036 -50.86 -27.12 -46.02
C SER B 2036 -50.37 -28.53 -46.25
N LEU B 2037 -49.50 -29.04 -45.38
CA LEU B 2037 -48.98 -30.40 -45.54
C LEU B 2037 -50.09 -31.43 -45.42
N VAL B 2038 -50.99 -31.27 -44.45
CA VAL B 2038 -52.03 -32.26 -44.23
C VAL B 2038 -53.17 -32.15 -45.24
N THR B 2039 -53.37 -30.99 -45.84
CA THR B 2039 -54.49 -30.81 -46.75
C THR B 2039 -54.25 -31.52 -48.08
N LEU B 2040 -53.01 -31.51 -48.57
CA LEU B 2040 -52.71 -32.01 -49.91
C LEU B 2040 -52.83 -33.52 -50.02
N MET B 2041 -52.94 -34.25 -48.92
CA MET B 2041 -52.98 -35.70 -48.92
C MET B 2041 -54.37 -36.25 -48.61
N LEU B 2042 -55.41 -35.45 -48.82
CA LEU B 2042 -56.77 -35.91 -48.52
C LEU B 2042 -57.30 -36.85 -49.59
N ASP B 2043 -56.91 -36.63 -50.85
CA ASP B 2043 -57.51 -37.36 -51.96
C ASP B 2043 -57.02 -38.80 -52.08
N THR B 2044 -56.02 -39.21 -51.30
CA THR B 2044 -55.54 -40.58 -51.37
C THR B 2044 -56.55 -41.60 -50.86
N GLY B 2045 -57.60 -41.15 -50.19
CA GLY B 2045 -58.65 -42.04 -49.72
C GLY B 2045 -58.23 -43.00 -48.63
N LEU B 2046 -57.41 -42.54 -47.69
CA LEU B 2046 -57.07 -43.36 -46.54
C LEU B 2046 -58.26 -43.47 -45.58
N PRO B 2047 -58.39 -44.59 -44.88
CA PRO B 2047 -59.54 -44.76 -43.97
C PRO B 2047 -59.55 -43.78 -42.82
N CYS B 2048 -58.40 -43.20 -42.45
CA CYS B 2048 -58.36 -42.28 -41.32
C CYS B 2048 -59.17 -41.02 -41.59
N PHE B 2049 -59.05 -40.46 -42.80
CA PHE B 2049 -59.76 -39.23 -43.12
C PHE B 2049 -61.24 -39.50 -43.33
N ARG B 2050 -62.08 -38.57 -42.85
CA ARG B 2050 -63.52 -38.70 -43.04
C ARG B 2050 -64.20 -37.38 -43.38
N GLY B 2051 -63.45 -36.32 -43.68
CA GLY B 2051 -64.05 -35.09 -44.16
C GLY B 2051 -63.90 -33.88 -43.26
N GLN B 2052 -64.03 -34.06 -41.95
CA GLN B 2052 -64.00 -32.97 -40.99
C GLN B 2052 -62.66 -32.86 -40.29
N THR B 2053 -61.58 -33.36 -40.90
CA THR B 2053 -60.27 -33.33 -40.25
C THR B 2053 -59.74 -31.90 -40.13
N ILE B 2054 -59.85 -31.11 -41.20
CA ILE B 2054 -59.26 -29.78 -41.21
C ILE B 2054 -59.93 -28.87 -40.19
N LYS B 2055 -61.27 -28.90 -40.14
CA LYS B 2055 -61.99 -28.00 -39.24
C LYS B 2055 -61.65 -28.26 -37.78
N LEU B 2056 -61.58 -29.54 -37.39
CA LEU B 2056 -61.24 -29.87 -36.02
C LEU B 2056 -59.77 -29.60 -35.73
N LEU B 2057 -58.89 -29.89 -36.69
CA LEU B 2057 -57.46 -29.69 -36.48
C LEU B 2057 -57.14 -28.20 -36.29
N LYS B 2058 -57.75 -27.33 -37.10
CA LYS B 2058 -57.47 -25.91 -36.97
C LYS B 2058 -57.98 -25.34 -35.66
N HIS B 2059 -59.03 -25.94 -35.09
CA HIS B 2059 -59.61 -25.42 -33.86
C HIS B 2059 -58.69 -25.65 -32.67
N ARG B 2060 -57.99 -26.78 -32.65
CA ARG B 2060 -57.18 -27.14 -31.48
C ARG B 2060 -55.98 -26.22 -31.30
N PHE B 2061 -55.60 -25.45 -32.32
CA PHE B 2061 -54.50 -24.51 -32.16
C PHE B 2061 -54.91 -23.21 -31.47
N SER B 2062 -56.22 -22.94 -31.39
CA SER B 2062 -56.76 -21.72 -30.79
C SER B 2062 -56.09 -20.48 -31.37
N PRO B 2063 -56.38 -20.13 -32.63
CA PRO B 2063 -55.68 -19.01 -33.28
C PRO B 2063 -56.24 -17.63 -32.93
N ASN B 2064 -57.23 -17.54 -32.05
CA ASN B 2064 -57.85 -16.26 -31.70
C ASN B 2064 -57.82 -16.05 -30.20
N MET B 2065 -56.70 -16.36 -29.56
CA MET B 2065 -56.56 -16.19 -28.12
C MET B 2065 -55.17 -15.63 -27.82
N THR B 2066 -55.06 -14.98 -26.67
CA THR B 2066 -53.79 -14.42 -26.23
C THR B 2066 -52.93 -15.50 -25.57
N GLU B 2067 -51.72 -15.12 -25.18
CA GLU B 2067 -50.78 -16.08 -24.62
C GLU B 2067 -51.25 -16.62 -23.26
N ARG B 2068 -51.71 -15.72 -22.38
CA ARG B 2068 -52.14 -16.17 -21.06
C ARG B 2068 -53.36 -17.07 -21.13
N GLU B 2069 -54.32 -16.73 -22.00
CA GLU B 2069 -55.51 -17.56 -22.18
C GLU B 2069 -55.13 -18.94 -22.72
N ALA B 2070 -54.20 -19.00 -23.67
CA ALA B 2070 -53.75 -20.28 -24.20
C ALA B 2070 -53.04 -21.10 -23.13
N ALA B 2071 -52.23 -20.43 -22.30
CA ALA B 2071 -51.57 -21.14 -21.20
C ALA B 2071 -52.58 -21.70 -20.22
N ASN B 2072 -53.62 -20.92 -19.89
CA ASN B 2072 -54.67 -21.42 -19.02
C ASN B 2072 -55.39 -22.61 -19.65
N PHE B 2073 -55.66 -22.54 -20.95
CA PHE B 2073 -56.35 -23.62 -21.63
C PHE B 2073 -55.52 -24.91 -21.62
N ILE B 2074 -54.23 -24.80 -21.91
CA ILE B 2074 -53.39 -26.00 -21.94
C ILE B 2074 -53.21 -26.56 -20.54
N MET B 2075 -53.09 -25.70 -19.52
CA MET B 2075 -53.01 -26.17 -18.16
C MET B 2075 -54.28 -26.89 -17.75
N LYS B 2076 -55.44 -26.36 -18.14
CA LYS B 2076 -56.71 -27.01 -17.81
C LYS B 2076 -56.83 -28.37 -18.49
N VAL B 2077 -56.45 -28.44 -19.78
CA VAL B 2077 -56.62 -29.70 -20.50
C VAL B 2077 -55.61 -30.75 -20.03
N ILE B 2078 -54.43 -30.33 -19.58
CA ILE B 2078 -53.43 -31.28 -19.10
C ILE B 2078 -53.91 -31.95 -17.81
N GLN B 2079 -54.40 -31.15 -16.86
CA GLN B 2079 -54.81 -31.70 -15.57
C GLN B 2079 -56.10 -32.52 -15.67
N SER B 2080 -56.90 -32.31 -16.72
CA SER B 2080 -58.14 -33.06 -16.86
C SER B 2080 -57.91 -34.54 -17.11
N CYS B 2081 -56.74 -34.91 -17.66
CA CYS B 2081 -56.41 -36.30 -17.93
C CYS B 2081 -55.67 -36.96 -16.78
N PHE B 2082 -55.46 -36.26 -15.67
CA PHE B 2082 -54.75 -36.80 -14.51
C PHE B 2082 -55.77 -37.47 -13.59
N LEU B 2083 -55.77 -38.79 -13.57
CA LEU B 2083 -56.67 -39.59 -12.74
C LEU B 2083 -58.14 -39.25 -13.03
N THR C 131 -85.56 -11.59 -102.97
CA THR C 131 -86.44 -11.70 -101.81
C THR C 131 -87.19 -13.03 -101.79
N ALA C 132 -87.33 -13.61 -100.60
CA ALA C 132 -87.99 -14.89 -100.41
C ALA C 132 -87.37 -15.98 -101.28
N VAL C 133 -86.05 -15.98 -101.34
CA VAL C 133 -85.27 -16.92 -102.15
C VAL C 133 -84.47 -17.80 -101.21
N PRO C 134 -84.53 -19.12 -101.35
CA PRO C 134 -83.72 -20.01 -100.49
C PRO C 134 -82.25 -19.75 -100.70
N PRO C 135 -81.44 -19.86 -99.64
CA PRO C 135 -80.04 -19.44 -99.74
C PRO C 135 -79.17 -20.37 -100.56
N TYR C 136 -79.51 -21.65 -100.66
CA TYR C 136 -78.65 -22.58 -101.40
C TYR C 136 -78.59 -22.24 -102.88
N ARG C 137 -79.65 -21.63 -103.42
CA ARG C 137 -79.58 -21.16 -104.81
C ARG C 137 -78.53 -20.06 -104.95
N LEU C 138 -78.47 -19.13 -103.99
CA LEU C 138 -77.44 -18.10 -104.03
C LEU C 138 -76.05 -18.74 -103.90
N ARG C 139 -75.92 -19.73 -103.02
CA ARG C 139 -74.63 -20.40 -102.86
C ARG C 139 -74.18 -21.06 -104.15
N VAL C 140 -75.07 -21.79 -104.80
CA VAL C 140 -74.68 -22.52 -106.01
C VAL C 140 -74.42 -21.56 -107.16
N ILE C 141 -75.17 -20.46 -107.26
CA ILE C 141 -74.87 -19.52 -108.33
C ILE C 141 -73.54 -18.80 -108.06
N ALA C 142 -73.21 -18.56 -106.79
CA ALA C 142 -71.90 -17.99 -106.48
C ALA C 142 -70.78 -18.97 -106.85
N GLU C 143 -70.98 -20.26 -106.57
CA GLU C 143 -70.01 -21.25 -106.97
C GLU C 143 -69.85 -21.29 -108.49
N ALA C 144 -70.97 -21.19 -109.22
CA ALA C 144 -70.90 -21.16 -110.67
C ALA C 144 -70.16 -19.91 -111.17
N TYR C 145 -70.38 -18.77 -110.51
CA TYR C 145 -69.66 -17.56 -110.86
C TYR C 145 -68.16 -17.74 -110.67
N ALA C 146 -67.76 -18.34 -109.54
CA ALA C 146 -66.34 -18.59 -109.29
C ALA C 146 -65.76 -19.54 -110.34
N THR C 147 -66.49 -20.60 -110.68
CA THR C 147 -66.01 -21.54 -111.68
C THR C 147 -65.85 -20.87 -113.04
N LYS C 148 -66.83 -20.07 -113.45
CA LYS C 148 -66.73 -19.35 -114.72
C LYS C 148 -65.56 -18.38 -114.72
N GLY C 149 -65.38 -17.64 -113.63
CA GLY C 149 -64.25 -16.74 -113.53
C GLY C 149 -62.92 -17.47 -113.64
N LEU C 150 -62.84 -18.67 -113.05
CA LEU C 150 -61.66 -19.50 -113.24
C LEU C 150 -61.49 -19.90 -114.70
N CYS C 151 -62.59 -20.23 -115.37
CA CYS C 151 -62.53 -20.67 -116.76
C CYS C 151 -62.32 -19.50 -117.73
N LEU C 152 -62.83 -18.31 -117.39
CA LEU C 152 -62.74 -17.18 -118.31
C LEU C 152 -61.29 -16.76 -118.55
N GLU C 153 -60.47 -16.75 -117.50
CA GLU C 153 -59.09 -16.28 -117.64
C GLU C 153 -58.20 -17.31 -118.32
N LYS C 154 -58.50 -18.60 -118.18
CA LYS C 154 -57.63 -19.66 -118.69
C LYS C 154 -57.79 -19.89 -120.20
N LEU C 155 -58.47 -18.99 -120.92
CA LEU C 155 -58.61 -19.13 -122.36
C LEU C 155 -58.04 -17.90 -123.05
N PRO C 156 -57.41 -18.07 -124.23
CA PRO C 156 -56.83 -16.95 -124.98
C PRO C 156 -57.89 -16.07 -125.64
N ASP C 167 -61.29 -4.29 -120.29
CA ASP C 167 -61.36 -5.56 -121.02
C ASP C 167 -62.24 -6.56 -120.27
N ARG C 168 -62.23 -7.81 -120.73
CA ARG C 168 -63.04 -8.84 -120.08
C ARG C 168 -62.57 -9.15 -118.68
N GLU C 169 -61.31 -8.83 -118.34
CA GLU C 169 -60.83 -9.04 -116.98
C GLU C 169 -61.60 -8.18 -115.99
N GLN C 170 -61.98 -6.97 -116.41
CA GLN C 170 -62.82 -6.13 -115.56
C GLN C 170 -64.18 -6.77 -115.31
N ASP C 171 -64.77 -7.38 -116.34
CA ASP C 171 -66.03 -8.10 -116.16
C ASP C 171 -65.86 -9.28 -115.22
N VAL C 172 -64.74 -9.99 -115.33
CA VAL C 172 -64.48 -11.12 -114.43
C VAL C 172 -64.36 -10.64 -112.99
N ILE C 173 -63.66 -9.52 -112.78
CA ILE C 173 -63.51 -9.00 -111.43
C ILE C 173 -64.86 -8.51 -110.88
N THR C 174 -65.69 -7.92 -111.74
CA THR C 174 -67.04 -7.53 -111.32
C THR C 174 -67.86 -8.75 -110.93
N CYS C 175 -67.72 -9.85 -111.68
CA CYS C 175 -68.39 -11.09 -111.32
C CYS C 175 -67.89 -11.60 -109.98
N TYR C 176 -66.59 -11.50 -109.73
CA TYR C 176 -66.04 -11.87 -108.43
C TYR C 176 -66.64 -11.03 -107.32
N GLU C 177 -66.76 -9.71 -107.56
CA GLU C 177 -67.31 -8.82 -106.55
C GLU C 177 -68.77 -9.15 -106.24
N LYS C 178 -69.57 -9.40 -107.28
CA LYS C 178 -70.97 -9.74 -107.04
C LYS C 178 -71.11 -11.10 -106.39
N ALA C 179 -70.22 -12.05 -106.71
CA ALA C 179 -70.22 -13.33 -106.02
C ALA C 179 -69.89 -13.16 -104.55
N GLY C 180 -68.91 -12.30 -104.23
CA GLY C 180 -68.60 -12.02 -102.84
C GLY C 180 -69.75 -11.37 -102.10
N ASP C 181 -70.43 -10.42 -102.76
CA ASP C 181 -71.58 -9.77 -102.15
C ASP C 181 -72.70 -10.77 -101.88
N ILE C 182 -72.99 -11.64 -102.85
CA ILE C 182 -74.06 -12.61 -102.65
C ILE C 182 -73.66 -13.64 -101.61
N ALA C 183 -72.37 -13.95 -101.49
CA ALA C 183 -71.92 -14.85 -100.43
C ALA C 183 -72.07 -14.21 -99.05
N LEU C 184 -71.77 -12.91 -98.95
CA LEU C 184 -72.00 -12.19 -97.70
C LEU C 184 -73.47 -12.19 -97.34
N LEU C 185 -74.35 -11.94 -98.31
CA LEU C 185 -75.78 -12.01 -98.07
C LEU C 185 -76.19 -13.42 -97.62
N TYR C 186 -75.63 -14.44 -98.28
CA TYR C 186 -75.93 -15.82 -97.92
C TYR C 186 -75.57 -16.11 -96.47
N LEU C 187 -74.35 -15.74 -96.06
CA LEU C 187 -73.92 -16.04 -94.71
C LEU C 187 -74.73 -15.26 -93.67
N GLN C 188 -74.99 -13.97 -93.94
CA GLN C 188 -75.76 -13.19 -92.98
C GLN C 188 -77.18 -13.74 -92.83
N GLU C 189 -77.82 -14.08 -93.96
CA GLU C 189 -79.19 -14.58 -93.91
C GLU C 189 -79.25 -15.96 -93.26
N ILE C 190 -78.27 -16.83 -93.53
CA ILE C 190 -78.30 -18.16 -92.93
C ILE C 190 -78.03 -18.05 -91.42
N GLU C 191 -77.17 -17.13 -91.01
CA GLU C 191 -76.98 -16.90 -89.58
C GLU C 191 -78.26 -16.40 -88.92
N ARG C 192 -78.95 -15.47 -89.59
CA ARG C 192 -80.21 -14.96 -89.04
C ARG C 192 -81.24 -16.07 -88.93
N VAL C 193 -81.31 -16.95 -89.93
CA VAL C 193 -82.26 -18.06 -89.87
C VAL C 193 -81.88 -19.03 -88.74
N ILE C 194 -80.60 -19.33 -88.59
CA ILE C 194 -80.16 -20.28 -87.57
C ILE C 194 -80.45 -19.75 -86.18
N LEU C 195 -80.13 -18.47 -85.93
CA LEU C 195 -80.36 -17.91 -84.60
C LEU C 195 -81.84 -17.81 -84.26
N SER C 196 -82.72 -17.85 -85.26
CA SER C 196 -84.16 -17.80 -85.02
C SER C 196 -84.68 -19.12 -84.48
N GLU C 213 -71.18 -24.52 -92.56
CA GLU C 213 -70.08 -24.25 -91.63
C GLU C 213 -68.74 -24.30 -92.34
N LEU C 214 -68.77 -24.30 -93.68
CA LEU C 214 -67.58 -24.40 -94.51
C LEU C 214 -67.51 -23.17 -95.42
N GLY C 215 -66.76 -22.16 -94.99
CA GLY C 215 -66.51 -21.01 -95.84
C GLY C 215 -65.41 -21.31 -96.84
N PHE C 216 -65.79 -21.48 -98.10
CA PHE C 216 -64.86 -21.96 -99.12
C PHE C 216 -64.75 -21.05 -100.33
N PHE C 217 -65.81 -20.35 -100.71
CA PHE C 217 -65.81 -19.57 -101.94
C PHE C 217 -65.77 -18.06 -101.73
N LEU C 218 -66.33 -17.55 -100.64
CA LEU C 218 -66.31 -16.11 -100.40
C LEU C 218 -64.88 -15.60 -100.27
N GLU C 219 -64.10 -16.23 -99.40
CA GLU C 219 -62.73 -15.78 -99.14
C GLU C 219 -61.91 -15.79 -100.43
N THR C 220 -61.94 -16.90 -101.16
CA THR C 220 -61.21 -16.97 -102.41
C THR C 220 -61.69 -15.90 -103.39
N GLY C 221 -62.97 -15.98 -103.77
CA GLY C 221 -63.50 -15.12 -104.82
C GLY C 221 -63.44 -13.64 -104.50
N LEU C 222 -63.28 -13.27 -103.24
CA LEU C 222 -63.16 -11.85 -102.89
C LEU C 222 -61.72 -11.42 -102.69
N GLN C 223 -60.95 -12.15 -101.87
CA GLN C 223 -59.57 -11.75 -101.61
C GLN C 223 -58.72 -11.83 -102.88
N ARG C 224 -58.87 -12.90 -103.66
CA ARG C 224 -58.00 -13.08 -104.82
C ARG C 224 -58.24 -12.03 -105.88
N ALA C 225 -59.42 -11.42 -105.92
CA ALA C 225 -59.67 -10.34 -106.86
C ALA C 225 -58.83 -9.10 -106.51
N HIS C 226 -58.86 -8.69 -105.24
CA HIS C 226 -58.01 -7.57 -104.85
C HIS C 226 -56.56 -7.99 -104.67
N VAL C 227 -56.28 -9.29 -104.54
CA VAL C 227 -54.90 -9.75 -104.67
C VAL C 227 -54.38 -9.49 -106.08
N LEU C 228 -55.21 -9.78 -107.09
CA LEU C 228 -54.86 -9.41 -108.45
C LEU C 228 -54.77 -7.90 -108.61
N TYR C 229 -55.61 -7.15 -107.90
CA TYR C 229 -55.50 -5.70 -107.90
C TYR C 229 -54.15 -5.25 -107.37
N PHE C 230 -53.70 -5.85 -106.27
CA PHE C 230 -52.38 -5.55 -105.73
C PHE C 230 -51.28 -5.90 -106.73
N LYS C 231 -51.44 -7.03 -107.41
CA LYS C 231 -50.50 -7.38 -108.48
C LYS C 231 -50.50 -6.33 -109.58
N ASN C 232 -51.64 -5.69 -109.83
CA ASN C 232 -51.76 -4.64 -110.84
C ASN C 232 -51.56 -3.24 -110.28
N GLY C 233 -51.97 -3.00 -109.03
CA GLY C 233 -51.76 -1.70 -108.41
C GLY C 233 -53.02 -0.89 -108.17
N ASN C 234 -54.15 -1.57 -107.96
CA ASN C 234 -55.41 -0.89 -107.67
C ASN C 234 -55.64 -0.89 -106.15
N LEU C 235 -54.87 -0.03 -105.48
CA LEU C 235 -54.91 0.02 -104.02
C LEU C 235 -56.25 0.56 -103.51
N THR C 236 -56.80 1.58 -104.17
CA THR C 236 -58.01 2.23 -103.68
C THR C 236 -59.19 1.26 -103.66
N ARG C 237 -59.35 0.47 -104.73
CA ARG C 237 -60.44 -0.48 -104.78
C ARG C 237 -60.31 -1.53 -103.67
N GLY C 238 -59.10 -2.02 -103.45
CA GLY C 238 -58.88 -2.99 -102.38
C GLY C 238 -59.17 -2.41 -101.01
N VAL C 239 -58.77 -1.16 -100.79
CA VAL C 239 -59.05 -0.50 -99.50
C VAL C 239 -60.56 -0.37 -99.31
N GLY C 240 -61.28 0.03 -100.36
CA GLY C 240 -62.72 0.13 -100.26
C GLY C 240 -63.38 -1.21 -99.98
N ARG C 241 -62.88 -2.27 -100.63
CA ARG C 241 -63.42 -3.61 -100.39
C ARG C 241 -63.17 -4.05 -98.95
N PHE C 242 -61.97 -3.79 -98.43
CA PHE C 242 -61.70 -4.14 -97.03
C PHE C 242 -62.59 -3.35 -96.09
N ARG C 243 -62.81 -2.06 -96.38
CA ARG C 243 -63.67 -1.25 -95.52
C ARG C 243 -65.11 -1.76 -95.52
N GLU C 244 -65.64 -2.07 -96.71
CA GLU C 244 -67.02 -2.58 -96.76
C GLU C 244 -67.13 -3.97 -96.15
N LEU C 245 -66.03 -4.75 -96.17
CA LEU C 245 -66.03 -6.04 -95.48
C LEU C 245 -66.08 -5.85 -93.97
N LEU C 246 -65.24 -4.95 -93.44
CA LEU C 246 -65.16 -4.80 -91.99
C LEU C 246 -66.37 -4.08 -91.42
N ARG C 247 -66.98 -3.18 -92.18
CA ARG C 247 -68.12 -2.43 -91.68
C ARG C 247 -69.41 -3.24 -91.64
N ALA C 248 -69.40 -4.45 -92.20
CA ALA C 248 -70.59 -5.29 -92.20
C ALA C 248 -70.84 -5.86 -90.81
N VAL C 249 -72.02 -6.47 -90.65
CA VAL C 249 -72.38 -7.08 -89.38
C VAL C 249 -71.47 -8.26 -89.10
N GLU C 250 -71.06 -8.40 -87.84
CA GLU C 250 -70.14 -9.46 -87.45
C GLU C 250 -70.77 -10.83 -87.62
N THR C 251 -69.93 -11.82 -87.93
CA THR C 251 -70.35 -13.21 -88.05
C THR C 251 -69.45 -14.04 -87.14
N ARG C 252 -70.07 -14.85 -86.29
CA ARG C 252 -69.30 -15.64 -85.33
C ARG C 252 -68.42 -16.68 -86.02
N THR C 253 -68.86 -17.21 -87.17
CA THR C 253 -68.08 -18.23 -87.86
C THR C 253 -66.84 -17.64 -88.52
N THR C 254 -66.91 -16.39 -88.98
CA THR C 254 -65.81 -15.75 -89.69
C THR C 254 -65.02 -14.79 -88.80
N GLN C 255 -64.95 -15.06 -87.50
CA GLN C 255 -64.17 -14.21 -86.63
C GLN C 255 -62.67 -14.28 -86.97
N ASN C 256 -62.19 -15.48 -87.31
CA ASN C 256 -60.80 -15.61 -87.75
C ASN C 256 -60.54 -14.84 -89.03
N LEU C 257 -61.49 -14.89 -89.97
CA LEU C 257 -61.34 -14.09 -91.19
C LEU C 257 -61.33 -12.60 -90.88
N ARG C 258 -62.15 -12.17 -89.91
CA ARG C 258 -62.11 -10.79 -89.48
C ARG C 258 -60.74 -10.44 -88.90
N MET C 259 -60.19 -11.34 -88.08
CA MET C 259 -58.83 -11.15 -87.56
C MET C 259 -57.84 -10.94 -88.70
N THR C 260 -57.89 -11.82 -89.69
CA THR C 260 -56.92 -11.78 -90.77
C THR C 260 -57.06 -10.51 -91.59
N ILE C 261 -58.28 -10.13 -91.96
CA ILE C 261 -58.47 -8.95 -92.78
C ILE C 261 -58.07 -7.69 -92.01
N ALA C 262 -58.38 -7.64 -90.71
CA ALA C 262 -57.98 -6.51 -89.91
C ALA C 262 -56.46 -6.39 -89.83
N ARG C 263 -55.77 -7.51 -89.62
CA ARG C 263 -54.31 -7.47 -89.59
C ARG C 263 -53.74 -7.05 -90.93
N GLN C 264 -54.28 -7.57 -92.03
CA GLN C 264 -53.78 -7.19 -93.34
C GLN C 264 -53.98 -5.70 -93.61
N LEU C 265 -55.14 -5.17 -93.21
CA LEU C 265 -55.38 -3.73 -93.37
C LEU C 265 -54.42 -2.92 -92.52
N ALA C 266 -54.19 -3.33 -91.27
CA ALA C 266 -53.31 -2.58 -90.39
C ALA C 266 -51.86 -2.60 -90.85
N GLU C 267 -51.41 -3.73 -91.43
CA GLU C 267 -50.03 -3.83 -91.88
C GLU C 267 -49.73 -2.84 -92.99
N ILE C 268 -50.66 -2.67 -93.93
CA ILE C 268 -50.42 -1.80 -95.08
C ILE C 268 -50.80 -0.34 -94.80
N LEU C 269 -51.63 -0.08 -93.80
CA LEU C 269 -52.15 1.26 -93.56
C LEU C 269 -51.14 2.19 -92.90
N LEU C 270 -49.95 1.70 -92.54
CA LEU C 270 -48.93 2.54 -91.93
C LEU C 270 -47.71 2.73 -92.82
N ARG C 271 -47.61 2.02 -93.94
CA ARG C 271 -46.42 2.08 -94.78
C ARG C 271 -46.75 2.08 -96.27
N GLY C 272 -47.90 2.64 -96.64
CA GLY C 272 -48.30 2.61 -98.04
C GLY C 272 -49.01 3.85 -98.55
N MET C 273 -49.07 4.91 -97.75
CA MET C 273 -49.77 6.12 -98.17
C MET C 273 -49.18 7.31 -97.43
N CYS C 274 -49.80 8.47 -97.61
CA CYS C 274 -49.40 9.72 -96.99
C CYS C 274 -50.59 10.35 -96.29
N GLU C 275 -50.33 11.47 -95.60
CA GLU C 275 -51.37 12.13 -94.82
C GLU C 275 -52.48 12.68 -95.69
N GLN C 276 -52.14 13.28 -96.83
CA GLN C 276 -53.12 13.93 -97.68
C GLN C 276 -53.86 12.96 -98.60
N SER C 277 -53.50 11.67 -98.58
CA SER C 277 -54.17 10.65 -99.37
C SER C 277 -55.07 9.78 -98.49
N TYR C 278 -55.69 10.37 -97.49
CA TYR C 278 -56.56 9.66 -96.56
C TYR C 278 -57.96 10.24 -96.64
N TRP C 279 -58.97 9.36 -96.54
CA TRP C 279 -60.36 9.77 -96.60
C TRP C 279 -61.15 8.99 -95.56
N ASN C 280 -62.23 9.62 -95.08
CA ASN C 280 -63.09 8.97 -94.11
C ASN C 280 -63.89 7.86 -94.78
N PRO C 281 -64.30 6.82 -94.02
CA PRO C 281 -65.05 5.73 -94.64
C PRO C 281 -66.46 6.10 -95.08
N LEU C 282 -66.96 7.28 -94.70
CA LEU C 282 -68.33 7.67 -95.00
C LEU C 282 -68.49 8.35 -96.36
N GLU C 283 -67.41 8.51 -97.12
CA GLU C 283 -67.50 9.14 -98.44
C GLU C 283 -66.49 8.48 -99.38
N ASP C 284 -66.74 8.65 -100.68
CA ASP C 284 -65.87 8.11 -101.71
C ASP C 284 -64.57 8.90 -101.78
N PRO C 285 -63.48 8.25 -102.21
CA PRO C 285 -62.18 8.93 -102.36
C PRO C 285 -62.23 10.08 -103.36
N ALA C 310 -76.28 -6.23 -97.07
CA ALA C 310 -77.47 -6.26 -96.22
C ALA C 310 -77.38 -5.22 -95.12
N ARG C 311 -77.62 -5.64 -93.89
CA ARG C 311 -77.56 -4.73 -92.76
C ARG C 311 -76.12 -4.30 -92.50
N VAL C 312 -75.95 -3.02 -92.14
CA VAL C 312 -74.65 -2.45 -91.82
C VAL C 312 -74.78 -1.66 -90.52
N TYR C 313 -73.79 -1.81 -89.64
CA TYR C 313 -73.76 -1.04 -88.40
C TYR C 313 -73.76 0.45 -88.71
N SER C 314 -74.61 1.19 -88.03
CA SER C 314 -74.75 2.62 -88.28
C SER C 314 -75.19 3.30 -86.98
N GLY C 315 -75.56 4.57 -87.09
CA GLY C 315 -75.97 5.36 -85.95
C GLY C 315 -75.14 6.62 -85.80
N GLU C 316 -75.64 7.52 -84.95
CA GLU C 316 -74.96 8.77 -84.67
C GLU C 316 -74.09 8.72 -83.42
N ASN C 317 -74.31 7.76 -82.54
CA ASN C 317 -73.52 7.63 -81.32
C ASN C 317 -72.21 6.89 -81.54
N ILE C 318 -72.00 6.33 -82.74
CA ILE C 318 -70.76 5.59 -83.00
C ILE C 318 -69.59 6.56 -83.14
N PHE C 319 -68.39 5.99 -83.00
CA PHE C 319 -67.15 6.76 -83.13
C PHE C 319 -66.71 6.76 -84.58
N CYS C 320 -66.82 7.92 -85.23
CA CYS C 320 -66.42 8.03 -86.63
C CYS C 320 -64.91 8.17 -86.73
N PRO C 321 -64.22 7.30 -87.48
CA PRO C 321 -62.77 7.47 -87.64
C PRO C 321 -62.45 8.80 -88.31
N GLN C 322 -61.35 9.40 -87.88
CA GLN C 322 -60.94 10.71 -88.37
C GLN C 322 -59.62 10.66 -89.15
N GLU C 323 -58.57 10.11 -88.56
CA GLU C 323 -57.27 9.99 -89.20
C GLU C 323 -56.87 8.53 -89.28
N ASN C 324 -55.74 8.28 -89.94
CA ASN C 324 -55.24 6.91 -90.08
C ASN C 324 -54.87 6.32 -88.72
N THR C 325 -54.25 7.12 -87.85
CA THR C 325 -53.80 6.62 -86.56
C THR C 325 -54.97 6.15 -85.71
N GLU C 326 -56.08 6.90 -85.71
CA GLU C 326 -57.23 6.54 -84.87
C GLU C 326 -57.78 5.18 -85.25
N GLU C 327 -58.08 4.98 -86.53
CA GLU C 327 -58.69 3.72 -86.96
C GLU C 327 -57.68 2.58 -86.88
N ALA C 328 -56.40 2.85 -87.16
CA ALA C 328 -55.39 1.81 -87.02
C ALA C 328 -55.27 1.35 -85.57
N LEU C 329 -55.27 2.29 -84.63
CA LEU C 329 -55.21 1.94 -83.21
C LEU C 329 -56.46 1.19 -82.78
N LEU C 330 -57.63 1.59 -83.28
CA LEU C 330 -58.86 0.88 -82.95
C LEU C 330 -58.82 -0.56 -83.45
N LEU C 331 -58.37 -0.75 -84.69
CA LEU C 331 -58.27 -2.11 -85.25
C LEU C 331 -57.28 -2.95 -84.47
N LEU C 332 -56.12 -2.38 -84.12
CA LEU C 332 -55.14 -3.12 -83.33
C LEU C 332 -55.71 -3.47 -81.96
N LEU C 333 -56.43 -2.53 -81.34
CA LEU C 333 -57.00 -2.79 -80.02
C LEU C 333 -58.02 -3.93 -80.07
N ILE C 334 -58.91 -3.91 -81.06
CA ILE C 334 -59.93 -4.96 -81.12
C ILE C 334 -59.28 -6.31 -81.48
N SER C 335 -58.28 -6.30 -82.35
CA SER C 335 -57.58 -7.54 -82.69
C SER C 335 -56.87 -8.12 -81.48
N GLU C 336 -56.21 -7.28 -80.68
CA GLU C 336 -55.57 -7.75 -79.47
C GLU C 336 -56.59 -8.25 -78.45
N SER C 337 -57.72 -7.54 -78.32
CA SER C 337 -58.74 -7.93 -77.37
C SER C 337 -59.33 -9.31 -77.70
N MET C 338 -59.57 -9.56 -78.99
CA MET C 338 -60.10 -10.87 -79.37
C MET C 338 -59.02 -11.95 -79.39
N ALA C 339 -57.77 -11.60 -79.70
CA ALA C 339 -56.71 -12.60 -79.82
C ALA C 339 -56.28 -13.16 -78.47
N ASN C 340 -56.46 -12.39 -77.39
CA ASN C 340 -56.19 -12.91 -76.05
C ASN C 340 -57.12 -14.06 -75.70
N ARG C 341 -58.38 -13.98 -76.15
CA ARG C 341 -59.35 -15.02 -75.84
C ARG C 341 -58.96 -16.36 -76.47
N ASP C 342 -58.56 -16.35 -77.73
CA ASP C 342 -58.26 -17.58 -78.45
C ASP C 342 -56.86 -18.14 -78.14
N ALA C 343 -56.19 -17.62 -77.12
CA ALA C 343 -54.89 -18.15 -76.75
C ALA C 343 -55.02 -19.56 -76.21
N VAL C 344 -54.05 -20.42 -76.56
CA VAL C 344 -54.04 -21.80 -76.08
C VAL C 344 -53.37 -21.93 -74.71
N LEU C 345 -53.03 -20.81 -74.06
CA LEU C 345 -52.48 -20.77 -72.72
C LEU C 345 -51.11 -21.44 -72.61
N SER C 346 -50.40 -21.61 -73.72
CA SER C 346 -49.07 -22.23 -73.76
C SER C 346 -49.10 -23.59 -73.06
N ARG C 347 -49.90 -24.48 -73.64
CA ARG C 347 -50.22 -25.76 -73.00
C ARG C 347 -49.00 -26.68 -72.93
N ILE C 348 -48.24 -26.80 -74.02
CA ILE C 348 -47.02 -27.61 -74.16
C ILE C 348 -47.09 -28.97 -73.49
N PRO C 349 -48.18 -29.75 -73.57
CA PRO C 349 -48.15 -31.08 -72.96
C PRO C 349 -47.27 -32.05 -73.73
N GLU C 350 -47.59 -32.21 -75.02
CA GLU C 350 -46.73 -32.90 -75.99
C GLU C 350 -46.67 -32.22 -77.34
N HIS C 351 -47.63 -31.37 -77.69
CA HIS C 351 -47.72 -30.71 -78.98
C HIS C 351 -47.35 -29.23 -78.83
N LYS C 352 -46.83 -28.66 -79.92
CA LYS C 352 -46.31 -27.30 -79.87
C LYS C 352 -46.76 -26.41 -81.02
N SER C 353 -47.39 -26.94 -82.07
CA SER C 353 -47.70 -26.15 -83.25
C SER C 353 -48.69 -25.02 -82.92
N ASP C 354 -49.76 -25.36 -82.19
CA ASP C 354 -50.78 -24.37 -81.89
C ASP C 354 -50.22 -23.23 -81.03
N ARG C 355 -49.41 -23.57 -80.03
CA ARG C 355 -48.82 -22.54 -79.20
C ARG C 355 -47.85 -21.67 -80.00
N LEU C 356 -47.08 -22.28 -80.91
CA LEU C 356 -46.19 -21.49 -81.74
C LEU C 356 -46.95 -20.52 -82.62
N ILE C 357 -48.06 -20.97 -83.22
CA ILE C 357 -48.86 -20.09 -84.05
C ILE C 357 -49.44 -18.94 -83.21
N SER C 358 -49.97 -19.26 -82.03
CA SER C 358 -50.54 -18.23 -81.17
C SER C 358 -49.47 -17.24 -80.74
N LEU C 359 -48.28 -17.72 -80.40
CA LEU C 359 -47.19 -16.84 -79.99
C LEU C 359 -46.76 -15.94 -81.12
N GLN C 360 -46.68 -16.47 -82.35
CA GLN C 360 -46.33 -15.64 -83.49
C GLN C 360 -47.38 -14.56 -83.73
N SER C 361 -48.66 -14.92 -83.64
CA SER C 361 -49.72 -13.94 -83.83
C SER C 361 -49.66 -12.84 -82.77
N ALA C 362 -49.47 -13.24 -81.51
CA ALA C 362 -49.36 -12.25 -80.44
C ALA C 362 -48.15 -11.35 -80.64
N SER C 363 -47.01 -11.94 -81.02
CA SER C 363 -45.81 -11.15 -81.23
C SER C 363 -46.01 -10.13 -82.34
N VAL C 364 -46.61 -10.54 -83.46
CA VAL C 364 -46.76 -9.61 -84.58
C VAL C 364 -47.77 -8.52 -84.24
N VAL C 365 -48.86 -8.87 -83.56
CA VAL C 365 -49.87 -7.85 -83.26
C VAL C 365 -49.33 -6.85 -82.25
N TYR C 366 -48.58 -7.32 -81.25
CA TYR C 366 -48.00 -6.39 -80.29
C TYR C 366 -46.88 -5.57 -80.89
N ASP C 367 -46.12 -6.13 -81.83
CA ASP C 367 -45.12 -5.34 -82.55
C ASP C 367 -45.77 -4.24 -83.36
N LEU C 368 -46.88 -4.55 -84.04
CA LEU C 368 -47.61 -3.51 -84.77
C LEU C 368 -48.13 -2.45 -83.82
N LEU C 369 -48.67 -2.85 -82.67
CA LEU C 369 -49.17 -1.89 -81.70
C LEU C 369 -48.07 -0.97 -81.21
N THR C 370 -46.90 -1.53 -80.88
CA THR C 370 -45.84 -0.70 -80.32
C THR C 370 -45.23 0.20 -81.38
N ILE C 371 -45.09 -0.27 -82.62
CA ILE C 371 -44.55 0.61 -83.65
C ILE C 371 -45.54 1.70 -84.00
N ALA C 372 -46.84 1.42 -83.92
CA ALA C 372 -47.83 2.46 -84.15
C ALA C 372 -47.81 3.51 -83.03
N LEU C 373 -47.67 3.06 -81.78
CA LEU C 373 -47.76 3.99 -80.66
C LEU C 373 -46.46 4.72 -80.37
N GLY C 374 -45.31 4.21 -80.84
CA GLY C 374 -44.05 4.84 -80.51
C GLY C 374 -43.87 6.22 -81.12
N ARG C 375 -44.34 6.40 -82.36
CA ARG C 375 -44.07 7.63 -83.10
C ARG C 375 -44.73 8.86 -82.48
N ARG C 376 -45.76 8.67 -81.65
CA ARG C 376 -46.46 9.80 -81.04
C ARG C 376 -45.99 10.12 -79.63
N GLY C 377 -45.29 9.20 -78.97
CA GLY C 377 -44.72 9.49 -77.67
C GLY C 377 -45.68 9.38 -76.49
N GLN C 378 -46.45 8.29 -76.45
CA GLN C 378 -47.31 7.96 -75.31
C GLN C 378 -46.79 6.65 -74.74
N TYR C 379 -45.83 6.75 -73.83
CA TYR C 379 -45.11 5.57 -73.36
C TYR C 379 -45.80 4.86 -72.20
N GLU C 380 -46.62 5.56 -71.41
CA GLU C 380 -47.32 4.91 -70.32
C GLU C 380 -48.34 3.90 -70.84
N MET C 381 -49.09 4.28 -71.89
CA MET C 381 -50.04 3.34 -72.49
C MET C 381 -49.32 2.15 -73.09
N LEU C 382 -48.18 2.38 -73.74
CA LEU C 382 -47.40 1.29 -74.29
C LEU C 382 -46.90 0.35 -73.20
N SER C 383 -46.43 0.91 -72.08
CA SER C 383 -45.96 0.09 -70.97
C SER C 383 -47.09 -0.74 -70.39
N GLU C 384 -48.28 -0.14 -70.23
CA GLU C 384 -49.41 -0.90 -69.72
C GLU C 384 -49.81 -2.02 -70.68
N CYS C 385 -49.83 -1.72 -71.99
CA CYS C 385 -50.18 -2.76 -72.96
C CYS C 385 -49.17 -3.90 -72.96
N LEU C 386 -47.88 -3.58 -72.86
CA LEU C 386 -46.87 -4.62 -72.78
C LEU C 386 -47.01 -5.44 -71.51
N GLU C 387 -47.31 -4.77 -70.39
CA GLU C 387 -47.52 -5.50 -69.14
C GLU C 387 -48.74 -6.41 -69.22
N ARG C 388 -49.73 -6.04 -70.04
CA ARG C 388 -50.92 -6.87 -70.20
C ARG C 388 -50.57 -8.22 -70.83
N ALA C 389 -49.56 -8.27 -71.69
CA ALA C 389 -49.20 -9.48 -72.42
C ALA C 389 -48.14 -10.31 -71.73
N MET C 390 -47.92 -10.11 -70.43
CA MET C 390 -46.90 -10.86 -69.70
C MET C 390 -47.36 -12.24 -69.28
N LYS C 391 -48.63 -12.59 -69.51
CA LYS C 391 -49.12 -13.92 -69.17
C LYS C 391 -48.46 -15.00 -70.05
N PHE C 392 -48.23 -14.69 -71.32
CA PHE C 392 -47.66 -15.68 -72.23
C PHE C 392 -46.17 -15.91 -71.96
N ALA C 393 -45.47 -14.90 -71.44
CA ALA C 393 -44.01 -14.95 -71.38
C ALA C 393 -43.54 -15.86 -70.26
N PHE C 394 -42.82 -16.91 -70.62
CA PHE C 394 -42.17 -17.80 -69.66
C PHE C 394 -40.67 -17.86 -69.84
N GLU C 395 -40.19 -18.07 -71.06
CA GLU C 395 -38.75 -18.16 -71.36
C GLU C 395 -38.43 -17.42 -72.65
N GLU C 396 -38.95 -16.21 -72.79
CA GLU C 396 -38.79 -15.41 -74.00
C GLU C 396 -37.92 -14.20 -73.69
N PHE C 397 -36.84 -14.04 -74.44
CA PHE C 397 -35.98 -12.88 -74.25
C PHE C 397 -36.60 -11.62 -74.83
N HIS C 398 -37.30 -11.75 -75.96
CA HIS C 398 -37.75 -10.57 -76.70
C HIS C 398 -38.79 -9.79 -75.91
N LEU C 399 -39.83 -10.46 -75.42
CA LEU C 399 -40.91 -9.76 -74.73
C LEU C 399 -40.41 -9.11 -73.44
N TRP C 400 -39.59 -9.84 -72.66
CA TRP C 400 -39.05 -9.28 -71.43
C TRP C 400 -38.16 -8.08 -71.72
N TYR C 401 -37.31 -8.18 -72.75
CA TYR C 401 -36.43 -7.06 -73.09
C TYR C 401 -37.24 -5.84 -73.54
N GLN C 402 -38.28 -6.06 -74.35
CA GLN C 402 -39.11 -4.95 -74.80
C GLN C 402 -39.83 -4.29 -73.63
N PHE C 403 -40.38 -5.09 -72.72
CA PHE C 403 -41.06 -4.53 -71.55
C PHE C 403 -40.08 -3.75 -70.68
N ALA C 404 -38.88 -4.29 -70.47
CA ALA C 404 -37.88 -3.62 -69.65
C ALA C 404 -37.48 -2.29 -70.27
N LEU C 405 -37.26 -2.25 -71.58
CA LEU C 405 -36.87 -1.02 -72.24
C LEU C 405 -38.02 0.00 -72.25
N SER C 406 -39.26 -0.48 -72.34
CA SER C 406 -40.40 0.43 -72.31
C SER C 406 -40.59 1.02 -70.92
N LEU C 407 -40.29 0.25 -69.87
CA LEU C 407 -40.45 0.74 -68.50
C LEU C 407 -39.55 1.94 -68.23
N MET C 408 -38.31 1.91 -68.71
CA MET C 408 -37.37 2.99 -68.45
C MET C 408 -37.85 4.32 -69.04
N ALA C 409 -38.43 4.27 -70.24
CA ALA C 409 -38.87 5.50 -70.90
C ALA C 409 -39.95 6.22 -70.10
N ALA C 410 -40.87 5.46 -69.49
CA ALA C 410 -41.95 6.08 -68.73
C ALA C 410 -41.41 6.86 -67.53
N GLY C 411 -40.46 6.27 -66.80
CA GLY C 411 -39.89 6.94 -65.65
C GLY C 411 -39.73 6.05 -64.43
N LYS C 412 -40.49 4.96 -64.37
CA LYS C 412 -40.39 4.04 -63.26
C LYS C 412 -39.01 3.39 -63.22
N SER C 413 -38.49 3.17 -62.01
CA SER C 413 -37.12 2.72 -61.84
C SER C 413 -37.01 1.35 -61.20
N ALA C 414 -37.65 1.12 -60.04
CA ALA C 414 -37.45 -0.12 -59.29
C ALA C 414 -37.88 -1.33 -60.11
N ARG C 415 -39.07 -1.28 -60.71
CA ARG C 415 -39.52 -2.37 -61.55
C ARG C 415 -38.58 -2.55 -62.74
N ALA C 416 -38.11 -1.44 -63.31
CA ALA C 416 -37.15 -1.52 -64.40
C ALA C 416 -35.87 -2.22 -63.95
N VAL C 417 -35.39 -1.90 -62.75
CA VAL C 417 -34.17 -2.54 -62.24
C VAL C 417 -34.40 -4.04 -62.07
N LYS C 418 -35.54 -4.43 -61.50
CA LYS C 418 -35.80 -5.85 -61.29
C LYS C 418 -35.91 -6.60 -62.60
N VAL C 419 -36.61 -6.04 -63.59
CA VAL C 419 -36.73 -6.71 -64.87
C VAL C 419 -35.38 -6.75 -65.59
N LEU C 420 -34.55 -5.72 -65.43
CA LEU C 420 -33.21 -5.74 -65.98
C LEU C 420 -32.37 -6.86 -65.36
N LYS C 421 -32.50 -7.05 -64.04
CA LYS C 421 -31.81 -8.16 -63.39
C LYS C 421 -32.29 -9.50 -63.93
N GLU C 422 -33.61 -9.64 -64.12
CA GLU C 422 -34.13 -10.90 -64.66
C GLU C 422 -33.62 -11.15 -66.07
N CYS C 423 -33.57 -10.11 -66.90
CA CYS C 423 -33.03 -10.25 -68.25
C CYS C 423 -31.56 -10.61 -68.23
N ILE C 424 -30.79 -10.03 -67.31
CA ILE C 424 -29.40 -10.41 -67.14
C ILE C 424 -29.28 -11.88 -66.80
N ARG C 425 -30.15 -12.36 -65.90
CA ARG C 425 -30.15 -13.78 -65.55
C ARG C 425 -30.47 -14.64 -66.76
N LEU C 426 -31.41 -14.18 -67.60
CA LEU C 426 -31.91 -15.02 -68.70
C LEU C 426 -30.80 -15.36 -69.69
N LYS C 427 -30.09 -14.35 -70.20
CA LYS C 427 -29.07 -14.56 -71.23
C LYS C 427 -27.86 -13.69 -70.92
N PRO C 428 -26.83 -14.24 -70.29
CA PRO C 428 -25.60 -13.47 -69.95
C PRO C 428 -24.57 -13.47 -71.07
N ASP C 429 -24.85 -12.70 -72.13
CA ASP C 429 -23.93 -12.56 -73.25
C ASP C 429 -23.72 -11.12 -73.71
N ASP C 430 -24.63 -10.21 -73.44
CA ASP C 430 -24.50 -8.83 -73.89
C ASP C 430 -23.95 -7.94 -72.77
N ALA C 431 -23.59 -6.72 -73.15
CA ALA C 431 -23.06 -5.73 -72.21
C ALA C 431 -23.91 -4.48 -72.10
N THR C 432 -24.85 -4.26 -73.03
CA THR C 432 -25.71 -3.08 -72.94
C THR C 432 -26.66 -3.17 -71.75
N ILE C 433 -27.18 -4.37 -71.48
CA ILE C 433 -28.13 -4.54 -70.38
C ILE C 433 -27.50 -4.19 -69.03
N PRO C 434 -26.34 -4.75 -68.64
CA PRO C 434 -25.74 -4.33 -67.36
C PRO C 434 -25.35 -2.87 -67.36
N LEU C 435 -24.96 -2.31 -68.50
CA LEU C 435 -24.63 -0.89 -68.57
C LEU C 435 -25.85 -0.03 -68.25
N LEU C 436 -27.00 -0.37 -68.82
CA LEU C 436 -28.23 0.36 -68.51
C LEU C 436 -28.63 0.19 -67.06
N ALA C 437 -28.49 -1.03 -66.52
CA ALA C 437 -28.79 -1.25 -65.11
C ALA C 437 -27.91 -0.40 -64.22
N ALA C 438 -26.60 -0.34 -64.52
CA ALA C 438 -25.69 0.48 -63.75
C ALA C 438 -26.02 1.96 -63.88
N LYS C 439 -26.42 2.41 -65.07
CA LYS C 439 -26.81 3.80 -65.23
C LYS C 439 -28.02 4.14 -64.38
N LEU C 440 -29.03 3.28 -64.37
CA LEU C 440 -30.21 3.52 -63.54
C LEU C 440 -29.84 3.50 -62.06
N CYS C 441 -28.94 2.60 -61.66
CA CYS C 441 -28.49 2.57 -60.27
C CYS C 441 -27.77 3.86 -59.90
N MET C 442 -26.93 4.37 -60.81
CA MET C 442 -26.17 5.58 -60.56
C MET C 442 -27.06 6.82 -60.56
N GLY C 443 -28.19 6.76 -61.26
CA GLY C 443 -29.03 7.93 -61.40
C GLY C 443 -29.78 8.37 -60.15
N SER C 444 -30.97 8.94 -60.35
CA SER C 444 -31.69 9.58 -59.25
C SER C 444 -32.04 8.63 -58.12
N LEU C 445 -32.03 7.31 -58.38
CA LEU C 445 -32.32 6.35 -57.31
C LEU C 445 -31.26 6.41 -56.22
N HIS C 446 -30.02 6.78 -56.57
CA HIS C 446 -28.93 7.00 -55.63
C HIS C 446 -28.60 5.71 -54.86
N TRP C 447 -28.23 4.68 -55.61
CA TRP C 447 -27.69 3.45 -55.07
C TRP C 447 -26.27 3.27 -55.59
N LEU C 448 -25.43 2.63 -54.77
CA LEU C 448 -24.00 2.55 -55.07
C LEU C 448 -23.50 1.14 -55.27
N GLU C 449 -23.84 0.20 -54.37
CA GLU C 449 -23.28 -1.14 -54.44
C GLU C 449 -23.68 -1.85 -55.72
N GLU C 450 -24.95 -1.71 -56.14
CA GLU C 450 -25.40 -2.37 -57.35
C GLU C 450 -24.68 -1.84 -58.58
N ALA C 451 -24.43 -0.53 -58.62
CA ALA C 451 -23.68 0.04 -59.73
C ALA C 451 -22.27 -0.52 -59.80
N GLU C 452 -21.61 -0.64 -58.64
CA GLU C 452 -20.27 -1.23 -58.61
C GLU C 452 -20.29 -2.68 -59.08
N LYS C 453 -21.29 -3.45 -58.64
CA LYS C 453 -21.39 -4.85 -59.07
C LYS C 453 -21.60 -4.95 -60.57
N PHE C 454 -22.48 -4.10 -61.12
CA PHE C 454 -22.72 -4.12 -62.57
C PHE C 454 -21.48 -3.69 -63.35
N ALA C 455 -20.75 -2.70 -62.86
CA ALA C 455 -19.52 -2.27 -63.52
C ALA C 455 -18.49 -3.39 -63.51
N LYS C 456 -18.36 -4.09 -62.38
CA LYS C 456 -17.42 -5.21 -62.31
C LYS C 456 -17.83 -6.34 -63.25
N THR C 457 -19.15 -6.60 -63.35
CA THR C 457 -19.62 -7.61 -64.29
C THR C 457 -19.31 -7.21 -65.72
N VAL C 458 -19.49 -5.93 -66.06
CA VAL C 458 -19.18 -5.46 -67.40
C VAL C 458 -17.69 -5.61 -67.70
N VAL C 459 -16.84 -5.19 -66.76
CA VAL C 459 -15.40 -5.27 -66.99
C VAL C 459 -14.91 -6.71 -66.98
N ASP C 460 -15.68 -7.63 -66.40
CA ASP C 460 -15.30 -9.04 -66.47
C ASP C 460 -15.30 -9.55 -67.90
N VAL C 461 -16.30 -9.18 -68.69
CA VAL C 461 -16.39 -9.59 -70.08
C VAL C 461 -15.71 -8.58 -70.98
N THR C 465 -16.12 -5.67 -77.82
CA THR C 465 -14.92 -5.11 -78.45
C THR C 465 -14.04 -4.41 -77.42
N SER C 466 -13.90 -3.10 -77.56
CA SER C 466 -13.10 -2.30 -76.65
C SER C 466 -13.89 -1.12 -76.11
N GLU C 467 -14.86 -0.64 -76.90
CA GLU C 467 -15.68 0.47 -76.46
C GLU C 467 -16.50 0.11 -75.23
N PHE C 468 -17.05 -1.11 -75.20
CA PHE C 468 -17.86 -1.52 -74.07
C PHE C 468 -17.05 -1.62 -72.79
N LYS C 469 -15.84 -2.20 -72.86
CA LYS C 469 -15.01 -2.28 -71.65
C LYS C 469 -14.49 -0.90 -71.24
N ALA C 470 -14.24 -0.01 -72.21
CA ALA C 470 -13.88 1.36 -71.86
C ALA C 470 -15.03 2.05 -71.12
N LYS C 471 -16.26 1.85 -71.60
CA LYS C 471 -17.43 2.42 -70.91
C LYS C 471 -17.58 1.83 -69.51
N GLY C 472 -17.33 0.53 -69.37
CA GLY C 472 -17.39 -0.09 -68.05
C GLY C 472 -16.35 0.48 -67.11
N TYR C 473 -15.13 0.69 -67.59
CA TYR C 473 -14.10 1.32 -66.78
C TYR C 473 -14.50 2.73 -66.37
N LEU C 474 -15.07 3.50 -67.31
CA LEU C 474 -15.52 4.84 -67.01
C LEU C 474 -16.62 4.83 -65.94
N ALA C 475 -17.57 3.90 -66.05
CA ALA C 475 -18.64 3.81 -65.07
C ALA C 475 -18.10 3.43 -63.70
N LEU C 476 -17.15 2.49 -63.65
CA LEU C 476 -16.55 2.11 -62.37
C LEU C 476 -15.81 3.28 -61.75
N GLY C 477 -15.08 4.05 -62.57
CA GLY C 477 -14.41 5.22 -62.04
C GLY C 477 -15.38 6.27 -61.53
N LEU C 478 -16.48 6.48 -62.24
CA LEU C 478 -17.49 7.41 -61.77
C LEU C 478 -18.10 6.97 -60.45
N THR C 479 -18.38 5.67 -60.31
CA THR C 479 -18.91 5.16 -59.04
C THR C 479 -17.91 5.36 -57.91
N TYR C 480 -16.62 5.06 -58.17
CA TYR C 480 -15.60 5.27 -57.15
C TYR C 480 -15.50 6.74 -56.75
N SER C 481 -15.56 7.64 -57.73
CA SER C 481 -15.51 9.07 -57.42
C SER C 481 -16.72 9.50 -56.60
N LEU C 482 -17.90 9.00 -56.94
CA LEU C 482 -19.11 9.34 -56.19
C LEU C 482 -19.01 8.84 -54.75
N GLN C 483 -18.48 7.63 -54.55
CA GLN C 483 -18.34 7.12 -53.19
C GLN C 483 -17.35 7.94 -52.37
N ALA C 484 -16.39 8.60 -53.03
CA ALA C 484 -15.41 9.39 -52.30
C ALA C 484 -16.05 10.59 -51.62
N THR C 485 -17.00 11.25 -52.28
CA THR C 485 -17.61 12.44 -51.72
C THR C 485 -18.39 12.13 -50.44
N ASP C 486 -19.09 10.99 -50.42
CA ASP C 486 -19.96 10.64 -49.31
C ASP C 486 -19.22 9.87 -48.20
N ALA C 487 -17.91 10.04 -48.10
CA ALA C 487 -17.14 9.38 -47.05
C ALA C 487 -17.25 10.15 -45.74
N SER C 488 -16.59 9.65 -44.70
CA SER C 488 -16.62 10.27 -43.38
C SER C 488 -15.25 10.40 -42.72
N LEU C 489 -14.23 9.72 -43.22
CA LEU C 489 -12.89 9.80 -42.63
C LEU C 489 -11.87 10.17 -43.69
N ARG C 490 -10.58 10.05 -43.36
CA ARG C 490 -9.52 10.58 -44.22
C ARG C 490 -9.04 9.57 -45.26
N GLY C 491 -8.57 8.41 -44.80
CA GLY C 491 -7.80 7.53 -45.68
C GLY C 491 -8.59 7.01 -46.88
N MET C 492 -9.82 6.56 -46.63
CA MET C 492 -10.61 5.97 -47.71
C MET C 492 -10.91 7.00 -48.80
N GLN C 493 -10.95 8.28 -48.45
CA GLN C 493 -11.12 9.31 -49.47
C GLN C 493 -9.97 9.28 -50.47
N GLU C 494 -8.74 9.28 -49.97
CA GLU C 494 -7.58 9.22 -50.86
C GLU C 494 -7.53 7.90 -51.61
N VAL C 495 -7.90 6.80 -50.95
CA VAL C 495 -7.90 5.50 -51.62
C VAL C 495 -8.87 5.51 -52.80
N LEU C 496 -10.08 6.00 -52.57
CA LEU C 496 -11.06 6.07 -53.65
C LEU C 496 -10.61 7.03 -54.75
N GLN C 497 -10.01 8.15 -54.38
CA GLN C 497 -9.53 9.10 -55.38
C GLN C 497 -8.45 8.48 -56.26
N ARG C 498 -7.51 7.77 -55.65
CA ARG C 498 -6.43 7.16 -56.45
C ARG C 498 -6.97 6.02 -57.32
N LYS C 499 -7.91 5.23 -56.79
CA LYS C 499 -8.52 4.20 -57.62
C LYS C 499 -9.27 4.82 -58.79
N ALA C 500 -9.99 5.91 -58.55
CA ALA C 500 -10.74 6.56 -59.62
C ALA C 500 -9.81 7.14 -60.68
N LEU C 501 -8.71 7.77 -60.25
CA LEU C 501 -7.78 8.33 -61.23
C LEU C 501 -7.10 7.23 -62.04
N LEU C 502 -6.77 6.11 -61.39
CA LEU C 502 -6.20 4.98 -62.12
C LEU C 502 -7.18 4.44 -63.15
N ALA C 503 -8.45 4.30 -62.77
CA ALA C 503 -9.46 3.82 -63.70
C ALA C 503 -9.65 4.79 -64.86
N PHE C 504 -9.65 6.08 -64.58
CA PHE C 504 -9.79 7.08 -65.64
C PHE C 504 -8.60 7.05 -66.58
N GLN C 505 -7.39 6.89 -66.04
CA GLN C 505 -6.22 6.78 -66.90
C GLN C 505 -6.29 5.54 -67.78
N ARG C 506 -6.73 4.41 -67.23
CA ARG C 506 -6.88 3.21 -68.03
C ARG C 506 -7.92 3.40 -69.13
N ALA C 507 -9.05 4.03 -68.80
CA ALA C 507 -10.09 4.26 -69.79
C ALA C 507 -9.60 5.18 -70.91
N HIS C 508 -8.85 6.23 -70.54
CA HIS C 508 -8.30 7.12 -71.56
C HIS C 508 -7.29 6.39 -72.44
N SER C 509 -6.45 5.55 -71.83
CA SER C 509 -5.46 4.82 -72.61
C SER C 509 -6.11 3.86 -73.59
N LEU C 510 -7.18 3.17 -73.16
CA LEU C 510 -7.84 2.20 -74.03
C LEU C 510 -8.57 2.85 -75.19
N SER C 511 -8.91 4.13 -75.09
CA SER C 511 -9.61 4.82 -76.17
C SER C 511 -9.28 6.31 -76.15
N PRO C 512 -8.50 6.79 -77.12
CA PRO C 512 -8.13 8.21 -77.16
C PRO C 512 -9.03 9.09 -78.01
N THR C 513 -10.17 8.59 -78.50
CA THR C 513 -11.02 9.33 -79.43
C THR C 513 -12.41 9.56 -78.84
N ASP C 514 -12.47 9.94 -77.57
CA ASP C 514 -13.73 10.32 -76.94
C ASP C 514 -13.48 11.47 -75.97
N HIS C 515 -14.19 12.58 -76.16
CA HIS C 515 -13.97 13.77 -75.34
C HIS C 515 -14.54 13.64 -73.94
N GLN C 516 -15.55 12.80 -73.73
CA GLN C 516 -16.16 12.66 -72.42
C GLN C 516 -15.15 12.12 -71.40
N ALA C 517 -14.38 11.10 -71.80
CA ALA C 517 -13.40 10.52 -70.90
C ALA C 517 -12.32 11.55 -70.53
N ALA C 518 -11.84 12.31 -71.53
CA ALA C 518 -10.83 13.32 -71.25
C ALA C 518 -11.38 14.40 -70.33
N PHE C 519 -12.62 14.84 -70.56
CA PHE C 519 -13.21 15.87 -69.72
C PHE C 519 -13.36 15.38 -68.29
N TYR C 520 -13.85 14.16 -68.10
CA TYR C 520 -14.01 13.64 -66.75
C TYR C 520 -12.67 13.39 -66.07
N LEU C 521 -11.64 12.97 -66.83
CA LEU C 521 -10.31 12.83 -66.25
C LEU C 521 -9.76 14.18 -65.80
N ALA C 522 -9.97 15.23 -66.61
CA ALA C 522 -9.54 16.55 -66.22
C ALA C 522 -10.28 17.03 -64.97
N LEU C 523 -11.59 16.77 -64.90
CA LEU C 523 -12.37 17.16 -63.73
C LEU C 523 -11.88 16.44 -62.47
N GLN C 524 -11.63 15.14 -62.57
CA GLN C 524 -11.16 14.39 -61.41
C GLN C 524 -9.76 14.82 -61.01
N LEU C 525 -8.90 15.13 -61.97
CA LEU C 525 -7.53 15.53 -61.66
C LEU C 525 -7.49 16.88 -60.96
N ALA C 526 -8.42 17.77 -61.30
CA ALA C 526 -8.46 19.10 -60.68
C ALA C 526 -8.75 19.04 -59.19
N ILE C 527 -9.33 17.94 -58.70
CA ILE C 527 -9.61 17.82 -57.27
C ILE C 527 -8.30 17.76 -56.49
N SER C 528 -7.28 17.13 -57.05
CA SER C 528 -5.99 16.99 -56.39
C SER C 528 -5.13 18.25 -56.48
N ARG C 529 -5.69 19.35 -56.98
CA ARG C 529 -5.05 20.66 -57.08
C ARG C 529 -3.87 20.68 -58.04
N GLN C 530 -3.64 19.63 -58.81
CA GLN C 530 -2.58 19.59 -59.81
C GLN C 530 -3.09 20.34 -61.05
N ILE C 531 -2.72 21.61 -61.16
CA ILE C 531 -3.32 22.51 -62.13
C ILE C 531 -2.82 22.26 -63.56
N PRO C 532 -1.51 22.31 -63.85
CA PRO C 532 -1.08 22.29 -65.27
C PRO C 532 -1.50 21.03 -66.02
N GLU C 533 -1.46 19.87 -65.37
CA GLU C 533 -1.86 18.64 -66.04
C GLU C 533 -3.34 18.66 -66.39
N ALA C 534 -4.18 19.12 -65.46
CA ALA C 534 -5.60 19.24 -65.73
C ALA C 534 -5.86 20.25 -66.84
N LEU C 535 -5.10 21.35 -66.85
CA LEU C 535 -5.26 22.33 -67.91
C LEU C 535 -4.91 21.74 -69.27
N GLY C 536 -3.82 20.96 -69.34
CA GLY C 536 -3.48 20.30 -70.59
C GLY C 536 -4.54 19.31 -71.04
N TYR C 537 -5.06 18.52 -70.10
CA TYR C 537 -6.08 17.54 -70.45
C TYR C 537 -7.36 18.21 -70.92
N VAL C 538 -7.79 19.30 -70.26
CA VAL C 538 -8.99 19.98 -70.70
C VAL C 538 -8.76 20.69 -72.02
N ARG C 539 -7.53 21.15 -72.27
CA ARG C 539 -7.21 21.71 -73.58
C ARG C 539 -7.32 20.65 -74.67
N GLN C 540 -6.83 19.44 -74.39
CA GLN C 540 -6.99 18.34 -75.34
C GLN C 540 -8.46 18.02 -75.57
N ALA C 541 -9.25 18.02 -74.49
CA ALA C 541 -10.69 17.76 -74.63
C ALA C 541 -11.36 18.82 -75.49
N LEU C 542 -11.01 20.09 -75.28
CA LEU C 542 -11.54 21.16 -76.12
C LEU C 542 -11.10 20.99 -77.58
N GLN C 543 -9.88 20.50 -77.78
CA GLN C 543 -9.43 20.21 -79.15
C GLN C 543 -10.30 19.13 -79.78
N LEU C 544 -10.65 18.10 -79.02
CA LEU C 544 -11.55 17.07 -79.53
C LEU C 544 -12.92 17.64 -79.86
N GLN C 545 -13.46 18.49 -78.99
CA GLN C 545 -14.76 19.12 -79.22
C GLN C 545 -14.75 20.50 -78.58
N GLY C 546 -14.99 21.53 -79.39
CA GLY C 546 -14.92 22.90 -78.91
C GLY C 546 -16.27 23.55 -78.64
N ASP C 547 -17.33 22.75 -78.55
CA ASP C 547 -18.67 23.27 -78.31
C ASP C 547 -19.34 22.68 -77.08
N ASP C 548 -18.58 22.00 -76.22
CA ASP C 548 -19.17 21.41 -75.02
C ASP C 548 -19.52 22.50 -74.01
N ALA C 549 -20.71 22.39 -73.42
CA ALA C 549 -21.14 23.36 -72.42
C ALA C 549 -20.28 23.28 -71.16
N ASN C 550 -20.10 22.08 -70.62
CA ASN C 550 -19.40 21.93 -69.35
C ASN C 550 -17.90 22.18 -69.50
N SER C 551 -17.34 21.89 -70.67
CA SER C 551 -15.91 22.12 -70.89
C SER C 551 -15.56 23.59 -70.77
N LEU C 552 -16.37 24.46 -71.36
CA LEU C 552 -16.12 25.90 -71.25
C LEU C 552 -16.22 26.37 -69.81
N HIS C 553 -17.21 25.85 -69.07
CA HIS C 553 -17.36 26.22 -67.67
C HIS C 553 -16.15 25.77 -66.86
N LEU C 554 -15.65 24.55 -67.11
CA LEU C 554 -14.48 24.07 -66.40
C LEU C 554 -13.25 24.91 -66.74
N LEU C 555 -13.09 25.28 -68.01
CA LEU C 555 -11.96 26.12 -68.41
C LEU C 555 -12.04 27.49 -67.74
N ALA C 556 -13.23 28.08 -67.67
CA ALA C 556 -13.39 29.36 -67.00
C ALA C 556 -13.09 29.27 -65.52
N LEU C 557 -13.55 28.18 -64.87
CA LEU C 557 -13.34 28.04 -63.44
C LEU C 557 -11.88 27.73 -63.12
N LEU C 558 -11.15 27.09 -64.04
CA LEU C 558 -9.74 26.81 -63.81
C LEU C 558 -8.93 28.10 -63.70
N LEU C 559 -9.26 29.10 -64.51
CA LEU C 559 -8.54 30.37 -64.48
C LEU C 559 -8.73 31.10 -63.16
N SER C 560 -9.78 30.79 -62.41
CA SER C 560 -10.00 31.44 -61.11
C SER C 560 -8.87 31.14 -60.14
N ALA C 561 -8.41 29.88 -60.10
CA ALA C 561 -7.32 29.51 -59.21
C ALA C 561 -6.00 30.15 -59.62
N GLN C 562 -5.86 30.56 -60.87
CA GLN C 562 -4.64 31.21 -61.35
C GLN C 562 -4.70 32.72 -61.25
N LYS C 563 -5.80 33.28 -60.74
CA LYS C 563 -5.97 34.72 -60.56
C LYS C 563 -5.87 35.46 -61.90
N HIS C 564 -6.74 35.08 -62.83
CA HIS C 564 -6.92 35.75 -64.11
C HIS C 564 -8.43 35.94 -64.28
N TYR C 565 -8.92 37.10 -63.86
CA TYR C 565 -10.36 37.31 -63.74
C TYR C 565 -11.01 37.77 -65.03
N HIS C 566 -10.36 38.67 -65.78
CA HIS C 566 -10.97 39.18 -67.01
C HIS C 566 -11.13 38.09 -68.06
N ASP C 567 -10.13 37.20 -68.19
CA ASP C 567 -10.23 36.10 -69.15
C ASP C 567 -11.35 35.14 -68.76
N ALA C 568 -11.48 34.83 -67.48
CA ALA C 568 -12.58 33.98 -67.03
C ALA C 568 -13.92 34.65 -67.29
N LEU C 569 -14.01 35.96 -67.06
CA LEU C 569 -15.23 36.69 -67.38
C LEU C 569 -15.55 36.61 -68.86
N ASN C 570 -14.54 36.75 -69.72
CA ASN C 570 -14.77 36.65 -71.16
C ASN C 570 -15.24 35.25 -71.55
N ILE C 571 -14.68 34.22 -70.94
CA ILE C 571 -15.12 32.85 -71.24
C ILE C 571 -16.56 32.65 -70.80
N ILE C 572 -16.90 33.15 -69.62
CA ILE C 572 -18.28 33.05 -69.15
C ILE C 572 -19.21 33.80 -70.08
N ASP C 573 -18.76 34.95 -70.60
CA ASP C 573 -19.56 35.71 -71.55
C ASP C 573 -19.80 34.94 -72.84
N MET C 574 -18.76 34.28 -73.36
CA MET C 574 -18.93 33.45 -74.55
C MET C 574 -19.90 32.31 -74.30
N ALA C 575 -19.77 31.66 -73.14
CA ALA C 575 -20.67 30.56 -72.81
C ALA C 575 -22.11 31.03 -72.69
N LEU C 576 -22.32 32.21 -72.09
CA LEU C 576 -23.67 32.77 -72.04
C LEU C 576 -24.18 33.10 -73.44
N SER C 577 -23.30 33.56 -74.33
CA SER C 577 -23.70 33.79 -75.70
C SER C 577 -24.17 32.48 -76.34
N GLU C 578 -23.50 31.37 -76.02
CA GLU C 578 -23.98 30.08 -76.52
C GLU C 578 -25.28 29.65 -75.83
N TYR C 579 -25.37 29.74 -74.52
CA TYR C 579 -26.55 29.31 -73.77
C TYR C 579 -27.11 30.48 -72.97
N PRO C 580 -27.98 31.30 -73.58
CA PRO C 580 -28.57 32.42 -72.85
C PRO C 580 -29.75 32.02 -71.95
N GLU C 581 -29.94 30.72 -71.74
CA GLU C 581 -31.03 30.22 -70.93
C GLU C 581 -30.56 29.29 -69.82
N ASN C 582 -29.26 29.28 -69.52
CA ASN C 582 -28.72 28.42 -68.47
C ASN C 582 -28.73 29.16 -67.13
N PHE C 583 -28.46 28.41 -66.06
CA PHE C 583 -28.49 28.96 -64.71
C PHE C 583 -27.15 28.89 -64.00
N ILE C 584 -26.45 27.76 -64.09
CA ILE C 584 -25.18 27.60 -63.37
C ILE C 584 -24.14 28.57 -63.90
N LEU C 585 -24.05 28.73 -65.22
CA LEU C 585 -23.10 29.66 -65.81
C LEU C 585 -23.35 31.09 -65.35
N LEU C 586 -24.62 31.49 -65.26
CA LEU C 586 -24.92 32.84 -64.79
C LEU C 586 -24.63 33.00 -63.29
N PHE C 587 -24.78 31.92 -62.52
CA PHE C 587 -24.36 31.97 -61.12
C PHE C 587 -22.86 32.20 -61.02
N SER C 588 -22.09 31.50 -61.85
CA SER C 588 -20.65 31.74 -61.88
C SER C 588 -20.33 33.15 -62.33
N LYS C 589 -21.11 33.67 -63.29
CA LYS C 589 -20.92 35.05 -63.74
C LYS C 589 -21.13 36.04 -62.61
N VAL C 590 -22.18 35.82 -61.82
CA VAL C 590 -22.44 36.70 -60.68
C VAL C 590 -21.30 36.62 -59.68
N LYS C 591 -20.86 35.40 -59.37
CA LYS C 591 -19.77 35.23 -58.41
C LYS C 591 -18.49 35.91 -58.88
N LEU C 592 -18.19 35.79 -60.18
CA LEU C 592 -16.96 36.39 -60.70
C LEU C 592 -17.07 37.91 -60.80
N GLN C 593 -18.25 38.42 -61.16
CA GLN C 593 -18.44 39.86 -61.24
C GLN C 593 -18.33 40.51 -59.87
N SER C 594 -18.83 39.83 -58.82
CA SER C 594 -18.76 40.39 -57.47
C SER C 594 -17.33 40.52 -56.96
N LEU C 595 -16.35 39.89 -57.62
CA LEU C 595 -14.98 39.90 -57.16
C LEU C 595 -14.04 40.77 -57.99
N CYS C 596 -14.46 41.18 -59.19
CA CYS C 596 -13.58 41.89 -60.10
C CYS C 596 -13.98 43.34 -60.32
N ARG C 597 -15.20 43.59 -60.80
CA ARG C 597 -15.60 44.93 -61.21
C ARG C 597 -16.33 45.69 -60.09
N GLY C 598 -17.46 45.15 -59.61
CA GLY C 598 -18.24 45.82 -58.60
C GLY C 598 -19.60 45.19 -58.40
N PRO C 599 -20.34 45.68 -57.39
CA PRO C 599 -21.65 45.09 -57.08
C PRO C 599 -22.77 45.52 -58.02
N ASP C 600 -22.62 46.64 -58.73
CA ASP C 600 -23.69 47.09 -59.62
C ASP C 600 -23.93 46.08 -60.74
N GLU C 601 -22.86 45.56 -61.35
CA GLU C 601 -23.01 44.53 -62.37
C GLU C 601 -23.64 43.26 -61.80
N ALA C 602 -23.28 42.91 -60.56
CA ALA C 602 -23.90 41.76 -59.92
C ALA C 602 -25.40 41.96 -59.75
N LEU C 603 -25.82 43.16 -59.33
CA LEU C 603 -27.25 43.44 -59.20
C LEU C 603 -27.95 43.39 -60.55
N LEU C 604 -27.30 43.93 -61.58
CA LEU C 604 -27.88 43.88 -62.93
C LEU C 604 -28.07 42.43 -63.38
N THR C 605 -27.05 41.60 -63.16
CA THR C 605 -27.16 40.19 -63.55
C THR C 605 -28.25 39.48 -62.74
N CYS C 606 -28.36 39.81 -61.45
CA CYS C 606 -29.38 39.18 -60.63
C CYS C 606 -30.78 39.55 -61.09
N LYS C 607 -31.00 40.83 -61.42
CA LYS C 607 -32.32 41.22 -61.90
C LYS C 607 -32.61 40.63 -63.27
N HIS C 608 -31.57 40.46 -64.10
CA HIS C 608 -31.75 39.78 -65.38
C HIS C 608 -32.15 38.33 -65.16
N MET C 609 -31.51 37.67 -64.21
CA MET C 609 -31.85 36.28 -63.92
C MET C 609 -33.27 36.16 -63.37
N LEU C 610 -33.69 37.12 -62.56
CA LEU C 610 -35.07 37.13 -62.08
C LEU C 610 -36.05 37.29 -63.24
N GLN C 611 -35.74 38.21 -64.17
CA GLN C 611 -36.62 38.40 -65.32
C GLN C 611 -36.67 37.14 -66.17
N ILE C 612 -35.52 36.47 -66.35
CA ILE C 612 -35.48 35.24 -67.13
C ILE C 612 -36.31 34.16 -66.47
N TRP C 613 -36.19 34.02 -65.15
CA TRP C 613 -36.97 33.00 -64.44
C TRP C 613 -38.46 33.28 -64.56
N LYS C 614 -38.87 34.55 -64.46
CA LYS C 614 -40.28 34.88 -64.66
C LYS C 614 -40.73 34.55 -66.08
N SER C 615 -39.88 34.82 -67.07
CA SER C 615 -40.25 34.53 -68.46
C SER C 615 -40.40 33.04 -68.70
N CYS C 616 -39.53 32.22 -68.10
CA CYS C 616 -39.50 30.79 -68.39
C CYS C 616 -40.57 30.00 -67.66
N TYR C 617 -41.31 30.61 -66.75
CA TYR C 617 -42.33 29.90 -65.98
C TYR C 617 -43.58 30.75 -65.89
N ASN C 618 -44.65 30.15 -65.38
CA ASN C 618 -45.93 30.83 -65.24
C ASN C 618 -46.21 31.16 -63.78
N GLY C 687 -45.29 22.11 -59.43
CA GLY C 687 -45.04 20.69 -59.21
C GLY C 687 -43.68 20.42 -58.59
N PRO C 688 -42.65 20.33 -59.42
CA PRO C 688 -41.30 20.09 -58.89
C PRO C 688 -40.81 21.25 -58.04
N LEU C 689 -39.98 20.91 -57.04
CA LEU C 689 -39.45 21.91 -56.13
C LEU C 689 -38.24 22.65 -56.69
N HIS C 690 -37.74 22.25 -57.85
CA HIS C 690 -36.54 22.87 -58.40
C HIS C 690 -36.69 24.37 -58.68
N PRO C 691 -37.76 24.85 -59.33
CA PRO C 691 -37.89 26.31 -59.50
C PRO C 691 -37.93 27.07 -58.18
N TRP C 692 -38.57 26.51 -57.16
CA TRP C 692 -38.60 27.16 -55.85
C TRP C 692 -37.20 27.28 -55.27
N MET C 693 -36.40 26.22 -55.37
CA MET C 693 -35.03 26.29 -54.88
C MET C 693 -34.19 27.25 -55.70
N THR C 694 -34.43 27.33 -57.01
CA THR C 694 -33.72 28.30 -57.83
C THR C 694 -34.03 29.73 -57.39
N LEU C 695 -35.31 30.02 -57.14
CA LEU C 695 -35.68 31.35 -56.66
C LEU C 695 -35.07 31.64 -55.29
N ALA C 696 -35.08 30.64 -54.40
CA ALA C 696 -34.48 30.82 -53.09
C ALA C 696 -32.98 31.09 -53.19
N GLN C 697 -32.29 30.37 -54.09
CA GLN C 697 -30.86 30.60 -54.27
C GLN C 697 -30.59 31.98 -54.83
N ILE C 698 -31.44 32.44 -55.77
CA ILE C 698 -31.27 33.79 -56.31
C ILE C 698 -31.42 34.82 -55.20
N TRP C 699 -32.45 34.68 -54.37
CA TRP C 699 -32.66 35.63 -53.28
C TRP C 699 -31.51 35.58 -52.28
N LEU C 700 -31.02 34.39 -51.95
CA LEU C 700 -29.92 34.27 -51.01
C LEU C 700 -28.64 34.89 -51.57
N HIS C 701 -28.38 34.70 -52.87
CA HIS C 701 -27.22 35.33 -53.48
C HIS C 701 -27.34 36.84 -53.47
N ALA C 702 -28.53 37.37 -53.74
CA ALA C 702 -28.74 38.81 -53.66
C ALA C 702 -28.49 39.32 -52.24
N ALA C 703 -29.00 38.60 -51.24
CA ALA C 703 -28.78 39.01 -49.85
C ALA C 703 -27.31 38.97 -49.48
N GLU C 704 -26.58 37.94 -49.94
CA GLU C 704 -25.16 37.83 -49.65
C GLU C 704 -24.38 38.94 -50.34
N VAL C 705 -24.79 39.34 -51.54
CA VAL C 705 -24.18 40.48 -52.20
C VAL C 705 -24.43 41.76 -51.40
N TYR C 706 -25.66 41.94 -50.92
CA TYR C 706 -25.99 43.15 -50.18
C TYR C 706 -25.23 43.22 -48.84
N ILE C 707 -25.08 42.08 -48.17
CA ILE C 707 -24.45 42.09 -46.85
C ILE C 707 -22.96 42.45 -46.93
N GLY C 708 -22.36 42.39 -48.11
CA GLY C 708 -20.97 42.76 -48.27
C GLY C 708 -20.70 44.23 -48.44
N ILE C 709 -21.73 45.07 -48.38
CA ILE C 709 -21.56 46.51 -48.55
C ILE C 709 -21.98 47.31 -47.33
N GLY C 710 -22.74 46.74 -46.40
CA GLY C 710 -23.12 47.45 -45.20
C GLY C 710 -24.52 48.05 -45.24
N LYS C 711 -25.50 47.26 -45.70
CA LYS C 711 -26.89 47.69 -45.75
C LYS C 711 -27.73 46.59 -45.11
N PRO C 712 -27.72 46.50 -43.77
CA PRO C 712 -28.39 45.38 -43.11
C PRO C 712 -29.90 45.32 -43.34
N ALA C 713 -30.57 46.46 -43.47
CA ALA C 713 -32.02 46.45 -43.61
C ALA C 713 -32.47 45.78 -44.89
N GLU C 714 -31.81 46.10 -46.01
CA GLU C 714 -32.18 45.49 -47.29
C GLU C 714 -31.91 43.99 -47.28
N ALA C 715 -30.78 43.58 -46.72
CA ALA C 715 -30.48 42.15 -46.64
C ALA C 715 -31.49 41.42 -45.76
N THR C 716 -31.88 42.05 -44.65
CA THR C 716 -32.89 41.45 -43.77
C THR C 716 -34.22 41.30 -44.49
N ALA C 717 -34.62 42.33 -45.25
CA ALA C 717 -35.86 42.22 -46.02
C ALA C 717 -35.78 41.11 -47.06
N CYS C 718 -34.64 41.01 -47.75
CA CYS C 718 -34.47 39.98 -48.77
C CYS C 718 -34.54 38.59 -48.16
N THR C 719 -33.86 38.38 -47.03
CA THR C 719 -33.85 37.04 -46.43
C THR C 719 -35.20 36.71 -45.80
N GLN C 720 -35.92 37.73 -45.29
CA GLN C 720 -37.27 37.47 -44.78
C GLN C 720 -38.21 37.08 -45.92
N GLU C 721 -38.09 37.74 -47.07
CA GLU C 721 -38.89 37.36 -48.23
C GLU C 721 -38.53 35.94 -48.69
N ALA C 722 -37.24 35.61 -48.69
CA ALA C 722 -36.82 34.28 -49.13
C ALA C 722 -37.30 33.20 -48.17
N ALA C 723 -37.31 33.49 -46.87
CA ALA C 723 -37.70 32.50 -45.87
C ALA C 723 -39.17 32.15 -45.91
N ASN C 724 -39.99 32.90 -46.67
CA ASN C 724 -41.41 32.61 -46.73
C ASN C 724 -41.69 31.25 -47.36
N LEU C 725 -40.86 30.84 -48.33
CA LEU C 725 -41.07 29.55 -48.99
C LEU C 725 -40.63 28.40 -48.08
N PHE C 726 -39.35 28.37 -47.73
CA PHE C 726 -38.80 27.33 -46.85
C PHE C 726 -38.31 27.99 -45.57
N PRO C 727 -39.06 27.87 -44.47
CA PRO C 727 -38.71 28.65 -43.27
C PRO C 727 -37.63 28.03 -42.40
N MET C 728 -37.33 26.74 -42.56
CA MET C 728 -36.40 26.05 -41.66
C MET C 728 -35.30 25.34 -42.44
N SER C 729 -34.81 25.97 -43.50
CA SER C 729 -33.57 25.54 -44.14
C SER C 729 -32.39 25.99 -43.30
N HIS C 730 -31.20 25.50 -43.65
CA HIS C 730 -30.00 25.89 -42.93
C HIS C 730 -29.36 27.16 -43.48
N ASN C 731 -29.48 27.41 -44.78
CA ASN C 731 -28.90 28.61 -45.36
C ASN C 731 -29.57 29.86 -44.83
N VAL C 732 -30.90 29.83 -44.66
CA VAL C 732 -31.61 30.99 -44.13
C VAL C 732 -31.18 31.28 -42.70
N LEU C 733 -31.03 30.23 -41.88
CA LEU C 733 -30.55 30.42 -40.52
C LEU C 733 -29.13 30.97 -40.50
N TYR C 734 -28.27 30.46 -41.39
CA TYR C 734 -26.90 30.95 -41.45
C TYR C 734 -26.85 32.42 -41.84
N MET C 735 -27.66 32.82 -42.82
CA MET C 735 -27.66 34.22 -43.24
C MET C 735 -28.29 35.12 -42.19
N ARG C 736 -29.31 34.63 -41.46
CA ARG C 736 -29.85 35.40 -40.34
C ARG C 736 -28.80 35.61 -39.27
N GLY C 737 -28.05 34.57 -38.94
CA GLY C 737 -26.95 34.73 -38.01
C GLY C 737 -25.91 35.71 -38.50
N GLN C 738 -25.60 35.67 -39.80
CA GLN C 738 -24.63 36.58 -40.38
C GLN C 738 -25.09 38.03 -40.24
N ILE C 739 -26.35 38.31 -40.59
CA ILE C 739 -26.84 39.68 -40.51
C ILE C 739 -26.96 40.13 -39.07
N ALA C 740 -27.32 39.21 -38.15
CA ALA C 740 -27.37 39.56 -36.74
C ALA C 740 -25.98 39.92 -36.21
N GLU C 741 -24.96 39.16 -36.60
CA GLU C 741 -23.60 39.48 -36.20
C GLU C 741 -23.15 40.81 -36.78
N LEU C 742 -23.49 41.07 -38.05
CA LEU C 742 -23.14 42.35 -38.65
C LEU C 742 -23.87 43.51 -37.98
N ARG C 743 -25.04 43.25 -37.39
CA ARG C 743 -25.78 44.31 -36.71
C ARG C 743 -24.99 44.85 -35.53
N GLY C 744 -24.34 43.98 -34.76
CA GLY C 744 -23.55 44.42 -33.62
C GLY C 744 -23.83 43.66 -32.35
N SER C 745 -24.76 42.71 -32.40
CA SER C 745 -25.13 41.90 -31.24
C SER C 745 -24.48 40.53 -31.38
N MET C 746 -23.70 40.14 -30.37
CA MET C 746 -23.00 38.87 -30.36
C MET C 746 -23.71 37.82 -29.50
N ASP C 747 -25.03 37.91 -29.39
CA ASP C 747 -25.81 36.93 -28.66
C ASP C 747 -26.78 36.17 -29.55
N GLU C 748 -27.48 36.85 -30.45
CA GLU C 748 -28.37 36.16 -31.39
C GLU C 748 -27.58 35.32 -32.38
N ALA C 749 -26.37 35.76 -32.74
CA ALA C 749 -25.56 35.02 -33.72
C ALA C 749 -25.23 33.62 -33.21
N ARG C 750 -24.90 33.50 -31.92
CA ARG C 750 -24.63 32.18 -31.36
C ARG C 750 -25.86 31.29 -31.43
N ARG C 751 -27.03 31.83 -31.10
CA ARG C 751 -28.26 31.07 -31.18
C ARG C 751 -28.54 30.59 -32.59
N TRP C 752 -28.38 31.49 -33.57
CA TRP C 752 -28.64 31.11 -34.97
C TRP C 752 -27.64 30.07 -35.45
N TYR C 753 -26.37 30.21 -35.07
CA TYR C 753 -25.36 29.23 -35.50
C TYR C 753 -25.62 27.87 -34.88
N GLU C 754 -25.98 27.81 -33.59
CA GLU C 754 -26.32 26.54 -32.98
C GLU C 754 -27.56 25.94 -33.61
N GLU C 755 -28.56 26.77 -33.91
CA GLU C 755 -29.77 26.27 -34.57
C GLU C 755 -29.45 25.68 -35.94
N ALA C 756 -28.59 26.36 -36.70
CA ALA C 756 -28.18 25.83 -38.01
C ALA C 756 -27.42 24.52 -37.85
N LEU C 757 -26.53 24.45 -36.86
CA LEU C 757 -25.79 23.22 -36.62
C LEU C 757 -26.69 22.07 -36.20
N ALA C 758 -27.81 22.36 -35.54
CA ALA C 758 -28.72 21.31 -35.09
C ALA C 758 -29.44 20.61 -36.23
N ILE C 759 -29.40 21.15 -37.44
CA ILE C 759 -30.08 20.57 -38.59
C ILE C 759 -29.11 19.79 -39.47
N SER C 760 -28.01 20.42 -39.88
CA SER C 760 -27.01 19.80 -40.76
C SER C 760 -25.68 19.77 -40.01
N PRO C 761 -25.35 18.65 -39.35
CA PRO C 761 -24.07 18.56 -38.64
C PRO C 761 -22.85 18.63 -39.54
N THR C 762 -23.00 18.41 -40.84
CA THR C 762 -21.88 18.37 -41.76
C THR C 762 -21.49 19.74 -42.31
N HIS C 763 -22.19 20.80 -41.92
CA HIS C 763 -21.86 22.13 -42.39
C HIS C 763 -20.51 22.58 -41.83
N VAL C 764 -19.82 23.44 -42.57
CA VAL C 764 -18.46 23.85 -42.26
C VAL C 764 -18.39 25.34 -41.91
N LYS C 765 -19.01 26.19 -42.73
CA LYS C 765 -18.92 27.63 -42.50
C LYS C 765 -19.56 28.03 -41.18
N SER C 766 -20.69 27.42 -40.84
CA SER C 766 -21.34 27.73 -39.57
C SER C 766 -20.45 27.36 -38.39
N MET C 767 -19.82 26.17 -38.45
CA MET C 767 -18.92 25.77 -37.38
C MET C 767 -17.73 26.70 -37.28
N GLN C 768 -17.16 27.11 -38.42
CA GLN C 768 -16.02 28.03 -38.39
C GLN C 768 -16.41 29.36 -37.78
N ARG C 769 -17.57 29.90 -38.16
CA ARG C 769 -18.01 31.17 -37.60
C ARG C 769 -18.28 31.05 -36.10
N LEU C 770 -18.90 29.95 -35.68
CA LEU C 770 -19.16 29.75 -34.25
C LEU C 770 -17.86 29.66 -33.47
N ALA C 771 -16.88 28.92 -34.00
CA ALA C 771 -15.59 28.81 -33.33
C ALA C 771 -14.90 30.16 -33.23
N LEU C 772 -14.94 30.94 -34.31
CA LEU C 772 -14.32 32.26 -34.29
C LEU C 772 -15.00 33.18 -33.28
N ILE C 773 -16.33 33.15 -33.22
CA ILE C 773 -17.04 34.03 -32.31
C ILE C 773 -16.87 33.57 -30.86
N LEU C 774 -16.60 32.28 -30.65
CA LEU C 774 -16.36 31.79 -29.30
C LEU C 774 -14.93 31.97 -28.84
N HIS C 775 -13.98 32.09 -29.77
CA HIS C 775 -12.58 32.25 -29.38
C HIS C 775 -12.36 33.54 -28.59
N GLN C 776 -12.81 34.67 -29.14
CA GLN C 776 -12.58 35.96 -28.50
C GLN C 776 -13.33 36.12 -27.19
N LEU C 777 -14.31 35.25 -26.92
CA LEU C 777 -14.99 35.28 -25.63
C LEU C 777 -14.03 34.93 -24.49
N GLY C 778 -13.15 33.96 -24.71
CA GLY C 778 -12.17 33.58 -23.71
C GLY C 778 -11.97 32.09 -23.58
N ARG C 779 -13.02 31.31 -23.86
CA ARG C 779 -12.94 29.87 -23.75
C ARG C 779 -12.07 29.29 -24.87
N TYR C 780 -11.16 28.41 -24.51
CA TYR C 780 -10.25 27.78 -25.47
C TYR C 780 -10.42 26.26 -25.52
N SER C 781 -11.53 25.74 -25.00
CA SER C 781 -11.76 24.30 -24.93
C SER C 781 -12.68 23.82 -26.07
N LEU C 782 -13.88 24.38 -26.16
CA LEU C 782 -14.82 23.96 -27.19
C LEU C 782 -14.33 24.33 -28.58
N ALA C 783 -13.63 25.46 -28.70
CA ALA C 783 -13.13 25.88 -30.01
C ALA C 783 -12.16 24.87 -30.59
N GLU C 784 -11.28 24.31 -29.74
CA GLU C 784 -10.34 23.30 -30.23
C GLU C 784 -11.07 22.05 -30.74
N LYS C 785 -12.09 21.60 -30.01
CA LYS C 785 -12.85 20.43 -30.45
C LYS C 785 -13.58 20.71 -31.75
N ILE C 786 -14.15 21.91 -31.89
CA ILE C 786 -14.86 22.26 -33.12
C ILE C 786 -13.88 22.31 -34.29
N LEU C 787 -12.69 22.88 -34.08
CA LEU C 787 -11.68 22.91 -35.12
C LEU C 787 -11.23 21.51 -35.51
N ARG C 788 -11.05 20.63 -34.53
CA ARG C 788 -10.66 19.26 -34.82
C ARG C 788 -11.73 18.54 -35.62
N ASP C 789 -13.00 18.72 -35.25
CA ASP C 789 -14.08 18.11 -36.03
C ASP C 789 -14.12 18.66 -37.45
N ALA C 790 -13.94 19.98 -37.60
CA ALA C 790 -13.95 20.59 -38.93
C ALA C 790 -12.81 20.08 -39.79
N VAL C 791 -11.61 19.92 -39.22
CA VAL C 791 -10.50 19.40 -39.98
C VAL C 791 -10.65 17.90 -40.24
N GLN C 792 -11.42 17.21 -39.40
CA GLN C 792 -11.68 15.79 -39.65
C GLN C 792 -12.65 15.60 -40.82
N VAL C 793 -13.74 16.39 -40.85
CA VAL C 793 -14.72 16.21 -41.90
C VAL C 793 -14.17 16.68 -43.25
N ASN C 794 -13.42 17.78 -43.27
CA ASN C 794 -12.85 18.30 -44.49
C ASN C 794 -11.45 18.84 -44.19
N SER C 795 -10.58 18.77 -45.19
CA SER C 795 -9.20 19.23 -45.05
C SER C 795 -8.79 20.05 -46.28
N THR C 796 -9.68 20.90 -46.77
CA THR C 796 -9.41 21.73 -47.93
C THR C 796 -9.78 23.19 -47.73
N ALA C 797 -10.10 23.62 -46.52
CA ALA C 797 -10.46 25.00 -46.24
C ALA C 797 -9.30 25.69 -45.53
N HIS C 798 -8.81 26.78 -46.12
CA HIS C 798 -7.70 27.51 -45.52
C HIS C 798 -8.14 28.33 -44.30
N GLU C 799 -9.42 28.74 -44.26
CA GLU C 799 -9.92 29.47 -43.11
C GLU C 799 -9.87 28.61 -41.85
N VAL C 800 -10.14 27.31 -41.96
CA VAL C 800 -10.07 26.41 -40.82
C VAL C 800 -8.65 26.39 -40.27
N TRP C 801 -7.65 26.27 -41.15
CA TRP C 801 -6.27 26.25 -40.71
C TRP C 801 -5.87 27.57 -40.08
N ASN C 802 -6.31 28.69 -40.67
CA ASN C 802 -6.00 30.00 -40.09
C ASN C 802 -6.58 30.14 -38.69
N GLY C 803 -7.84 29.73 -38.51
CA GLY C 803 -8.44 29.80 -37.18
C GLY C 803 -7.77 28.88 -36.19
N LEU C 804 -7.38 27.68 -36.63
CA LEU C 804 -6.68 26.76 -35.74
C LEU C 804 -5.34 27.34 -35.31
N GLY C 805 -4.59 27.94 -36.24
CA GLY C 805 -3.35 28.58 -35.88
C GLY C 805 -3.55 29.74 -34.92
N GLU C 806 -4.61 30.53 -35.16
CA GLU C 806 -4.87 31.68 -34.30
C GLU C 806 -5.25 31.24 -32.89
N VAL C 807 -6.05 30.19 -32.74
CA VAL C 807 -6.42 29.72 -31.41
C VAL C 807 -5.23 29.04 -30.74
N LEU C 808 -4.36 28.41 -31.52
CA LEU C 808 -3.15 27.81 -30.97
C LEU C 808 -2.10 28.85 -30.59
N GLN C 809 -2.19 30.06 -31.16
CA GLN C 809 -1.25 31.12 -30.82
C GLN C 809 -1.33 31.49 -29.34
N ALA C 810 -2.50 31.33 -28.72
CA ALA C 810 -2.69 31.63 -27.31
C ALA C 810 -2.33 30.47 -26.40
N GLN C 811 -1.89 29.34 -26.96
CA GLN C 811 -1.54 28.16 -26.17
C GLN C 811 -0.05 28.06 -25.87
N GLY C 812 0.80 28.40 -26.82
CA GLY C 812 2.23 28.36 -26.59
C GLY C 812 3.03 27.68 -27.68
N ASN C 813 2.44 26.66 -28.32
CA ASN C 813 3.11 25.91 -29.37
C ASN C 813 3.14 26.76 -30.64
N ASP C 814 4.14 27.63 -30.72
CA ASP C 814 4.24 28.56 -31.83
C ASP C 814 4.72 27.90 -33.11
N ALA C 815 5.52 26.84 -33.02
CA ALA C 815 5.99 26.14 -34.22
C ALA C 815 4.82 25.49 -34.96
N ALA C 816 3.90 24.86 -34.21
CA ALA C 816 2.73 24.28 -34.83
C ALA C 816 1.85 25.35 -35.47
N ALA C 817 1.73 26.51 -34.82
CA ALA C 817 0.99 27.62 -35.43
C ALA C 817 1.67 28.07 -36.72
N THR C 818 2.99 28.13 -36.73
CA THR C 818 3.72 28.52 -37.94
C THR C 818 3.49 27.53 -39.07
N GLU C 819 3.55 26.24 -38.78
CA GLU C 819 3.34 25.25 -39.84
C GLU C 819 1.89 25.24 -40.30
N CYS C 820 0.93 25.49 -39.40
CA CYS C 820 -0.46 25.62 -39.81
C CYS C 820 -0.66 26.83 -40.71
N PHE C 821 0.01 27.95 -40.40
CA PHE C 821 -0.06 29.12 -41.26
C PHE C 821 0.53 28.82 -42.64
N LEU C 822 1.65 28.10 -42.67
CA LEU C 822 2.24 27.71 -43.95
C LEU C 822 1.29 26.85 -44.75
N THR C 823 0.64 25.88 -44.10
CA THR C 823 -0.32 25.04 -44.81
C THR C 823 -1.50 25.85 -45.32
N ALA C 824 -2.01 26.78 -44.50
CA ALA C 824 -3.13 27.62 -44.93
C ALA C 824 -2.75 28.48 -46.13
N LEU C 825 -1.54 29.04 -46.11
CA LEU C 825 -1.10 29.86 -47.24
C LEU C 825 -0.87 29.04 -48.50
N GLU C 826 -0.28 27.85 -48.38
CA GLU C 826 -0.05 27.04 -49.57
C GLU C 826 -1.35 26.48 -50.12
N LEU C 827 -2.36 26.31 -49.27
CA LEU C 827 -3.66 25.85 -49.75
C LEU C 827 -4.37 26.94 -50.54
N GLU C 828 -4.23 28.21 -50.11
CA GLU C 828 -4.95 29.30 -50.75
C GLU C 828 -4.48 29.55 -52.17
N ALA C 829 -3.23 29.17 -52.48
CA ALA C 829 -2.69 29.44 -53.81
C ALA C 829 -3.42 28.69 -54.91
N SER C 830 -4.18 27.65 -54.57
CA SER C 830 -4.92 26.84 -55.54
C SER C 830 -6.38 26.76 -55.15
N SER C 831 -6.98 27.91 -54.83
CA SER C 831 -8.37 27.97 -54.40
C SER C 831 -9.23 28.58 -55.49
N PRO C 832 -10.27 27.89 -55.94
CA PRO C 832 -11.16 28.45 -56.97
C PRO C 832 -12.22 29.37 -56.36
N ALA C 833 -12.94 30.06 -57.25
CA ALA C 833 -14.04 30.91 -56.81
C ALA C 833 -15.15 30.08 -56.19
N VAL C 834 -15.51 28.95 -56.82
CA VAL C 834 -16.54 28.06 -56.31
C VAL C 834 -16.00 26.64 -56.34
N PRO C 835 -16.51 25.75 -55.48
CA PRO C 835 -16.04 24.36 -55.50
C PRO C 835 -16.31 23.70 -56.85
N PHE C 836 -15.37 22.84 -57.26
CA PHE C 836 -15.50 22.16 -58.55
C PHE C 836 -16.60 21.10 -58.55
N THR C 837 -17.10 20.72 -57.37
CA THR C 837 -18.11 19.67 -57.30
C THR C 837 -19.48 20.12 -57.82
N ILE C 838 -19.65 21.41 -58.11
CA ILE C 838 -20.94 21.90 -58.59
C ILE C 838 -21.26 21.31 -59.96
N ILE C 839 -20.25 21.03 -60.76
CA ILE C 839 -20.49 20.45 -62.10
C ILE C 839 -21.01 19.02 -61.92
N PRO C 840 -22.14 18.67 -62.53
CA PRO C 840 -22.69 17.32 -62.33
C PRO C 840 -21.81 16.25 -62.96
N ARG C 841 -21.84 15.06 -62.36
CA ARG C 841 -21.12 13.90 -62.84
C ARG C 841 -22.14 12.82 -63.16
N VAL C 842 -22.56 12.75 -64.43
CA VAL C 842 -23.53 11.75 -64.88
C VAL C 842 -23.02 11.17 -66.19
N LEU C 843 -23.12 9.85 -66.33
CA LEU C 843 -22.67 9.16 -67.53
C LEU C 843 -23.60 9.49 -68.69
N GLY D 7 -26.55 24.80 -118.63
CA GLY D 7 -27.16 25.93 -117.94
C GLY D 7 -28.61 26.14 -118.30
N VAL D 8 -29.38 25.05 -118.31
CA VAL D 8 -30.80 25.13 -118.64
C VAL D 8 -31.55 25.96 -117.61
N VAL D 9 -31.13 25.91 -116.35
CA VAL D 9 -31.79 26.69 -115.30
C VAL D 9 -31.63 28.18 -115.58
N GLU D 10 -30.54 28.58 -116.23
CA GLU D 10 -30.38 29.99 -116.58
C GLU D 10 -31.44 30.43 -117.58
N GLU D 11 -31.70 29.62 -118.61
CA GLU D 11 -32.78 29.93 -119.53
C GLU D 11 -34.13 29.88 -118.83
N TRP D 12 -34.30 28.96 -117.88
CA TRP D 12 -35.55 28.89 -117.13
C TRP D 12 -35.80 30.17 -116.35
N LEU D 13 -34.78 30.69 -115.67
CA LEU D 13 -34.95 31.92 -114.91
C LEU D 13 -35.08 33.13 -115.83
N SER D 14 -34.46 33.09 -117.01
CA SER D 14 -34.63 34.17 -117.97
C SER D 14 -36.07 34.23 -118.48
N GLU D 15 -36.67 33.07 -118.76
CA GLU D 15 -38.05 33.04 -119.23
C GLU D 15 -39.06 33.15 -118.11
N PHE D 16 -38.65 32.97 -116.85
CA PHE D 16 -39.58 33.01 -115.73
C PHE D 16 -39.77 34.43 -115.23
N LYS D 17 -38.69 35.09 -114.83
CA LYS D 17 -38.76 36.43 -114.29
C LYS D 17 -38.68 37.47 -115.41
N LEU D 24 -50.15 31.34 -116.23
CA LEU D 24 -49.24 31.53 -115.10
C LEU D 24 -49.25 30.34 -114.10
N PRO D 25 -50.43 29.90 -113.65
CA PRO D 25 -50.45 28.74 -112.73
C PRO D 25 -49.95 27.45 -113.37
N ASN D 26 -49.92 27.36 -114.70
CA ASN D 26 -49.48 26.16 -115.41
C ASN D 26 -48.00 26.17 -115.73
N TYR D 27 -47.19 26.87 -114.93
CA TYR D 27 -45.75 26.90 -115.17
C TYR D 27 -45.14 25.51 -115.03
N ALA D 28 -45.53 24.76 -113.99
CA ALA D 28 -44.98 23.43 -113.78
C ALA D 28 -45.70 22.39 -114.65
N THR D 29 -47.00 22.24 -114.45
CA THR D 29 -47.78 21.28 -115.21
C THR D 29 -49.26 21.67 -115.22
N LYS D 34 -41.46 19.56 -115.81
CA LYS D 34 -40.35 19.43 -116.74
C LYS D 34 -39.68 18.05 -116.60
N SER D 35 -39.19 17.52 -117.71
CA SER D 35 -38.65 16.16 -117.72
C SER D 35 -37.35 16.07 -116.92
N SER D 36 -36.44 17.01 -117.13
CA SER D 36 -35.10 16.92 -116.55
C SER D 36 -34.76 18.10 -115.64
N LEU D 37 -35.74 18.91 -115.25
CA LEU D 37 -35.45 20.02 -114.34
C LEU D 37 -34.99 19.52 -112.99
N VAL D 38 -35.59 18.44 -112.49
CA VAL D 38 -35.18 17.87 -111.21
C VAL D 38 -33.74 17.38 -111.29
N SER D 39 -33.39 16.72 -112.40
CA SER D 39 -32.01 16.25 -112.58
C SER D 39 -31.04 17.42 -112.63
N SER D 40 -31.41 18.50 -113.33
CA SER D 40 -30.54 19.66 -113.40
C SER D 40 -30.36 20.32 -112.03
N LEU D 41 -31.45 20.40 -111.26
CA LEU D 41 -31.36 20.97 -109.91
C LEU D 41 -30.47 20.11 -109.02
N TYR D 42 -30.60 18.78 -109.11
CA TYR D 42 -29.72 17.91 -108.34
C TYR D 42 -28.27 18.07 -108.78
N LYS D 43 -28.04 18.24 -110.08
CA LYS D 43 -26.68 18.41 -110.59
C LYS D 43 -26.05 19.71 -110.07
N VAL D 44 -26.82 20.81 -110.08
CA VAL D 44 -26.24 22.08 -109.64
C VAL D 44 -26.09 22.11 -108.12
N ILE D 45 -27.01 21.50 -107.38
CA ILE D 45 -26.99 21.59 -105.93
C ILE D 45 -26.10 20.54 -105.27
N GLN D 46 -25.63 19.55 -106.02
CA GLN D 46 -24.85 18.47 -105.43
C GLN D 46 -23.47 18.94 -104.95
N GLU D 47 -23.01 20.10 -105.38
CA GLU D 47 -21.74 20.63 -104.94
C GLU D 47 -21.90 22.08 -104.49
N PRO D 48 -21.09 22.53 -103.53
CA PRO D 48 -21.15 23.92 -103.10
C PRO D 48 -20.37 24.89 -103.99
N GLN D 49 -19.64 24.38 -104.98
CA GLN D 49 -18.82 25.21 -105.85
C GLN D 49 -19.61 25.74 -107.04
N SER D 50 -20.74 26.40 -106.78
CA SER D 50 -21.57 27.00 -107.80
C SER D 50 -21.54 28.52 -107.67
N GLU D 51 -22.19 29.19 -108.63
CA GLU D 51 -22.20 30.63 -108.68
C GLU D 51 -23.58 31.25 -108.54
N LEU D 52 -24.63 30.58 -109.01
CA LEU D 52 -26.00 31.09 -108.93
C LEU D 52 -26.76 30.52 -107.73
N LEU D 53 -26.04 30.10 -106.68
CA LEU D 53 -26.69 29.48 -105.54
C LEU D 53 -27.68 30.41 -104.87
N GLU D 54 -27.30 31.68 -104.66
CA GLU D 54 -28.20 32.60 -103.97
C GLU D 54 -29.39 33.03 -104.82
N PRO D 55 -29.23 33.44 -106.07
CA PRO D 55 -30.42 33.76 -106.88
C PRO D 55 -31.36 32.58 -107.04
N VAL D 56 -30.84 31.41 -107.40
CA VAL D 56 -31.70 30.26 -107.61
C VAL D 56 -32.31 29.80 -106.28
N CYS D 57 -31.59 30.00 -105.17
CA CYS D 57 -32.12 29.59 -103.87
C CYS D 57 -33.28 30.49 -103.43
N HIS D 58 -33.12 31.81 -103.59
CA HIS D 58 -34.24 32.68 -103.27
C HIS D 58 -35.38 32.51 -104.27
N GLN D 59 -35.09 32.04 -105.49
CA GLN D 59 -36.17 31.68 -106.40
C GLN D 59 -36.92 30.45 -105.92
N LEU D 60 -36.19 29.43 -105.46
CA LEU D 60 -36.83 28.27 -104.84
C LEU D 60 -37.70 28.71 -103.67
N PHE D 61 -37.21 29.67 -102.88
CA PHE D 61 -38.02 30.26 -101.82
C PHE D 61 -39.23 31.00 -102.39
N GLU D 62 -39.10 31.55 -103.59
CA GLU D 62 -40.20 32.30 -104.20
C GLU D 62 -41.33 31.38 -104.68
N PHE D 63 -41.10 30.07 -104.71
CA PHE D 63 -42.16 29.13 -105.06
C PHE D 63 -43.06 28.80 -103.88
N TYR D 64 -42.74 29.27 -102.68
CA TYR D 64 -43.45 28.88 -101.47
C TYR D 64 -44.54 29.86 -101.06
N ARG D 65 -44.48 31.11 -101.51
CA ARG D 65 -45.49 32.08 -101.09
C ARG D 65 -46.87 31.71 -101.60
N SER D 66 -46.96 31.18 -102.82
CA SER D 66 -48.24 30.80 -103.38
C SER D 66 -48.84 29.62 -102.63
N GLY D 67 -50.18 29.61 -102.54
CA GLY D 67 -50.88 28.64 -101.73
C GLY D 67 -51.16 27.29 -102.36
N GLU D 68 -50.88 27.12 -103.64
CA GLU D 68 -51.14 25.84 -104.29
C GLU D 68 -50.12 24.79 -103.85
N GLU D 69 -50.48 23.53 -104.01
CA GLU D 69 -49.69 22.42 -103.52
C GLU D 69 -48.75 21.81 -104.55
N GLN D 70 -49.11 21.87 -105.84
CA GLN D 70 -48.27 21.32 -106.91
C GLN D 70 -46.94 22.04 -107.04
N LEU D 71 -46.72 23.09 -106.25
CA LEU D 71 -45.46 23.84 -106.23
C LEU D 71 -44.65 23.55 -104.98
N LEU D 72 -45.31 23.61 -103.81
CA LEU D 72 -44.63 23.24 -102.56
C LEU D 72 -44.16 21.80 -102.60
N GLN D 73 -45.03 20.88 -103.04
CA GLN D 73 -44.63 19.49 -103.15
C GLN D 73 -43.57 19.29 -104.22
N PHE D 74 -43.57 20.13 -105.25
CA PHE D 74 -42.58 20.02 -106.32
C PHE D 74 -41.21 20.53 -105.87
N THR D 75 -41.18 21.44 -104.90
CA THR D 75 -39.92 22.02 -104.43
C THR D 75 -39.44 21.48 -103.08
N LEU D 76 -40.24 20.66 -102.40
CA LEU D 76 -39.91 20.25 -101.03
C LEU D 76 -38.91 19.09 -100.95
N GLN D 77 -38.68 18.36 -102.04
CA GLN D 77 -37.88 17.14 -101.95
C GLN D 77 -36.38 17.38 -101.90
N PHE D 78 -35.93 18.63 -102.05
CA PHE D 78 -34.50 18.93 -102.11
C PHE D 78 -33.88 19.22 -100.75
N LEU D 79 -34.68 19.24 -99.68
CA LEU D 79 -34.16 19.67 -98.38
C LEU D 79 -33.06 18.76 -97.81
N PRO D 80 -33.16 17.42 -97.84
CA PRO D 80 -32.16 16.63 -97.10
C PRO D 80 -30.75 16.76 -97.66
N GLU D 81 -30.61 16.82 -98.99
CA GLU D 81 -29.30 16.90 -99.60
C GLU D 81 -28.61 18.21 -99.23
N LEU D 82 -29.33 19.34 -99.37
CA LEU D 82 -28.75 20.63 -99.02
C LEU D 82 -28.46 20.71 -97.53
N ILE D 83 -29.34 20.14 -96.70
CA ILE D 83 -29.09 20.14 -95.26
C ILE D 83 -27.79 19.41 -94.94
N TRP D 84 -27.63 18.20 -95.47
CA TRP D 84 -26.40 17.45 -95.24
C TRP D 84 -25.18 18.22 -95.74
N CYS D 85 -25.25 18.72 -96.98
CA CYS D 85 -24.09 19.38 -97.56
C CYS D 85 -23.67 20.59 -96.75
N TYR D 86 -24.62 21.46 -96.40
CA TYR D 86 -24.26 22.69 -95.72
C TYR D 86 -23.88 22.46 -94.26
N LEU D 87 -24.61 21.57 -93.56
CA LEU D 87 -24.30 21.33 -92.16
C LEU D 87 -23.09 20.42 -91.97
N ALA D 88 -22.58 19.80 -93.04
CA ALA D 88 -21.32 19.08 -92.96
C ALA D 88 -20.14 19.91 -93.42
N VAL D 89 -20.31 20.74 -94.45
CA VAL D 89 -19.24 21.63 -94.88
C VAL D 89 -18.94 22.66 -93.80
N SER D 90 -19.99 23.21 -93.17
CA SER D 90 -19.78 24.21 -92.13
C SER D 90 -19.03 23.60 -90.94
N ALA D 91 -19.36 22.37 -90.56
CA ALA D 91 -18.69 21.69 -89.45
C ALA D 91 -17.38 21.10 -89.95
N SER D 92 -16.42 21.99 -90.18
CA SER D 92 -15.10 21.60 -90.67
C SER D 92 -13.99 22.20 -89.82
N VAL D 95 -13.35 27.36 -93.88
CA VAL D 95 -14.20 27.11 -95.04
C VAL D 95 -15.28 28.19 -95.13
N HIS D 96 -15.49 28.72 -96.33
CA HIS D 96 -16.50 29.75 -96.54
C HIS D 96 -17.89 29.19 -96.29
N SER D 97 -18.73 30.00 -95.64
CA SER D 97 -20.11 29.64 -95.36
C SER D 97 -21.03 30.74 -95.87
N SER D 98 -21.99 30.37 -96.72
CA SER D 98 -22.94 31.34 -97.24
C SER D 98 -23.88 31.84 -96.14
N GLY D 99 -24.42 30.93 -95.34
CA GLY D 99 -25.30 31.29 -94.24
C GLY D 99 -26.70 31.65 -94.63
N CYS D 100 -27.06 31.55 -95.91
CA CYS D 100 -28.37 31.95 -96.38
C CYS D 100 -29.36 30.80 -96.49
N ILE D 101 -28.88 29.55 -96.49
CA ILE D 101 -29.79 28.41 -96.45
C ILE D 101 -30.54 28.39 -95.12
N GLU D 102 -29.88 28.80 -94.04
CA GLU D 102 -30.55 28.93 -92.75
C GLU D 102 -31.74 29.88 -92.84
N ALA D 103 -31.65 30.91 -93.68
CA ALA D 103 -32.78 31.81 -93.87
C ALA D 103 -33.98 31.07 -94.45
N LEU D 104 -33.76 30.24 -95.47
CA LEU D 104 -34.86 29.47 -96.04
C LEU D 104 -35.42 28.46 -95.05
N LEU D 105 -34.54 27.82 -94.27
CA LEU D 105 -35.01 26.87 -93.28
C LEU D 105 -35.88 27.56 -92.22
N LEU D 106 -35.43 28.71 -91.75
CA LEU D 106 -36.21 29.47 -90.78
C LEU D 106 -37.51 29.97 -91.39
N GLY D 107 -37.50 30.31 -92.68
CA GLY D 107 -38.72 30.76 -93.32
C GLY D 107 -39.76 29.66 -93.43
N VAL D 108 -39.33 28.45 -93.82
CA VAL D 108 -40.29 27.35 -93.91
C VAL D 108 -40.77 26.96 -92.52
N TYR D 109 -39.88 27.01 -91.52
CA TYR D 109 -40.29 26.75 -90.15
C TYR D 109 -41.34 27.76 -89.69
N ASN D 110 -41.12 29.04 -89.98
CA ASN D 110 -42.07 30.07 -89.57
C ASN D 110 -43.41 29.90 -90.29
N LEU D 111 -43.37 29.61 -91.59
CA LEU D 111 -44.63 29.47 -92.32
C LEU D 111 -45.39 28.22 -91.91
N GLU D 112 -44.70 27.20 -91.41
CA GLU D 112 -45.38 26.01 -90.95
C GLU D 112 -45.72 26.04 -89.46
N ILE D 113 -45.21 27.02 -88.71
CA ILE D 113 -45.54 27.11 -87.29
C ILE D 113 -46.55 28.21 -87.02
N VAL D 114 -46.59 29.24 -87.87
CA VAL D 114 -47.47 30.39 -87.67
C VAL D 114 -48.36 30.65 -88.88
N ASP D 115 -47.78 30.67 -90.08
CA ASP D 115 -48.49 31.14 -91.27
C ASP D 115 -49.45 30.07 -91.78
N LYS D 116 -50.60 29.96 -91.11
CA LYS D 116 -51.76 29.28 -91.68
C LYS D 116 -52.92 30.25 -91.88
N GLN D 117 -53.40 30.89 -90.82
CA GLN D 117 -54.42 31.92 -90.92
C GLN D 117 -54.22 33.06 -89.94
N GLY D 118 -53.15 33.05 -89.15
CA GLY D 118 -52.96 34.03 -88.10
C GLY D 118 -52.68 33.39 -86.76
N HIS D 119 -53.13 32.15 -86.59
CA HIS D 119 -52.92 31.40 -85.36
C HIS D 119 -51.82 30.35 -85.56
N THR D 120 -51.36 29.79 -84.46
CA THR D 120 -50.32 28.76 -84.49
C THR D 120 -50.95 27.38 -84.71
N LYS D 121 -50.10 26.36 -84.67
CA LYS D 121 -50.53 24.98 -84.88
C LYS D 121 -50.43 24.21 -83.57
N VAL D 122 -51.50 23.50 -83.22
CA VAL D 122 -51.52 22.61 -82.06
C VAL D 122 -52.00 21.25 -82.56
N LEU D 123 -51.04 20.39 -82.92
CA LEU D 123 -51.38 19.08 -83.43
C LEU D 123 -51.85 18.18 -82.29
N SER D 124 -52.99 17.51 -82.49
CA SER D 124 -53.56 16.68 -81.45
C SER D 124 -54.48 15.64 -82.08
N PHE D 125 -54.81 14.62 -81.29
CA PHE D 125 -55.73 13.56 -81.70
C PHE D 125 -56.30 12.93 -80.44
N THR D 126 -57.13 11.91 -80.61
CA THR D 126 -57.79 11.24 -79.49
C THR D 126 -57.30 9.80 -79.37
N ILE D 127 -57.63 9.20 -78.24
CA ILE D 127 -57.30 7.81 -77.95
C ILE D 127 -58.60 7.00 -77.95
N PRO D 128 -58.80 6.10 -78.90
CA PRO D 128 -60.05 5.30 -78.91
C PRO D 128 -60.19 4.46 -77.65
N SER D 129 -61.43 4.31 -77.21
CA SER D 129 -61.77 3.55 -76.02
C SER D 129 -62.57 2.32 -76.42
N LEU D 130 -62.12 1.14 -75.97
CA LEU D 130 -62.83 -0.09 -76.30
C LEU D 130 -64.16 -0.19 -75.57
N SER D 131 -64.24 0.31 -74.34
CA SER D 131 -65.47 0.22 -73.57
C SER D 131 -66.60 1.06 -74.18
N LYS D 132 -66.27 2.06 -74.98
CA LYS D 132 -67.28 2.89 -75.62
C LYS D 132 -67.69 2.26 -76.94
N PRO D 133 -68.98 1.99 -77.18
CA PRO D 133 -69.38 1.38 -78.44
C PRO D 133 -69.00 2.25 -79.64
N SER D 134 -68.56 1.59 -80.71
CA SER D 134 -68.08 2.30 -81.89
C SER D 134 -68.80 1.83 -83.14
N VAL D 135 -68.34 2.30 -84.31
CA VAL D 135 -68.99 1.93 -85.56
C VAL D 135 -68.76 0.45 -85.88
N TYR D 136 -67.55 -0.05 -85.62
CA TYR D 136 -67.20 -1.42 -85.98
C TYR D 136 -67.36 -2.41 -84.83
N HIS D 137 -67.67 -1.94 -83.62
CA HIS D 137 -67.72 -2.81 -82.46
C HIS D 137 -68.57 -2.16 -81.37
N GLU D 138 -69.16 -3.01 -80.53
CA GLU D 138 -69.89 -2.58 -79.34
C GLU D 138 -69.65 -3.63 -78.26
N PRO D 139 -69.41 -3.21 -77.01
CA PRO D 139 -69.17 -4.14 -75.92
C PRO D 139 -70.46 -4.82 -75.42
N LEU D 157 -59.61 9.28 -74.92
CA LEU D 157 -60.26 10.19 -75.84
C LEU D 157 -59.83 11.63 -75.59
N SER D 158 -59.09 11.83 -74.50
CA SER D 158 -58.61 13.16 -74.17
C SER D 158 -57.61 13.65 -75.20
N LYS D 159 -57.61 14.97 -75.42
CA LYS D 159 -56.70 15.57 -76.40
C LYS D 159 -55.25 15.43 -75.93
N VAL D 160 -54.38 14.97 -76.82
CA VAL D 160 -52.97 14.81 -76.54
C VAL D 160 -52.17 15.56 -77.60
N VAL D 161 -51.27 16.43 -77.17
CA VAL D 161 -50.48 17.26 -78.07
C VAL D 161 -49.08 16.69 -78.14
N TYR D 162 -48.62 16.41 -79.36
CA TYR D 162 -47.29 15.87 -79.60
C TYR D 162 -46.36 16.87 -80.25
N SER D 163 -46.85 18.06 -80.61
CA SER D 163 -46.02 19.09 -81.23
C SER D 163 -46.72 20.43 -81.12
N GLY D 164 -45.95 21.48 -80.84
CA GLY D 164 -46.48 22.81 -80.77
C GLY D 164 -47.03 23.16 -79.41
N PRO D 165 -47.15 24.46 -79.10
CA PRO D 165 -46.69 25.54 -79.98
C PRO D 165 -45.19 25.78 -79.90
N HIS D 166 -44.58 26.17 -81.02
CA HIS D 166 -43.15 26.43 -81.08
C HIS D 166 -42.92 27.92 -81.27
N PRO D 167 -42.25 28.60 -80.33
CA PRO D 167 -41.94 30.02 -80.54
C PRO D 167 -41.07 30.22 -81.76
N GLN D 168 -41.31 31.31 -82.49
CA GLN D 168 -40.61 31.57 -83.73
C GLN D 168 -39.13 31.86 -83.47
N ARG D 169 -38.28 31.35 -84.35
CA ARG D 169 -36.85 31.56 -84.28
C ARG D 169 -36.43 32.67 -85.23
N GLU D 170 -35.28 33.28 -84.93
CA GLU D 170 -34.78 34.37 -85.75
C GLU D 170 -33.36 34.07 -86.22
N MET D 171 -32.55 33.46 -85.35
CA MET D 171 -31.19 33.08 -85.68
C MET D 171 -30.99 31.61 -85.32
N LEU D 172 -29.84 31.06 -85.72
CA LEU D 172 -29.50 29.67 -85.48
C LEU D 172 -28.34 29.59 -84.49
N THR D 173 -28.51 28.77 -83.46
CA THR D 173 -27.47 28.51 -82.47
C THR D 173 -27.41 27.02 -82.20
N ALA D 174 -26.43 26.60 -81.39
CA ALA D 174 -26.23 25.20 -81.07
C ALA D 174 -27.17 24.70 -79.97
N GLN D 175 -28.24 25.44 -79.66
CA GLN D 175 -29.20 25.04 -78.65
C GLN D 175 -30.58 24.73 -79.19
N ASN D 176 -30.98 25.37 -80.30
CA ASN D 176 -32.30 25.17 -80.88
C ASN D 176 -32.27 24.67 -82.31
N ARG D 177 -31.09 24.48 -82.90
CA ARG D 177 -31.01 24.07 -84.29
C ARG D 177 -31.61 22.69 -84.52
N PHE D 178 -31.32 21.73 -83.64
CA PHE D 178 -31.85 20.39 -83.83
C PHE D 178 -33.36 20.34 -83.71
N GLU D 179 -33.95 21.22 -82.88
CA GLU D 179 -35.40 21.24 -82.74
C GLU D 179 -36.06 21.62 -84.06
N VAL D 180 -35.60 22.71 -84.69
CA VAL D 180 -36.20 23.13 -85.95
C VAL D 180 -35.87 22.14 -87.06
N LEU D 181 -34.68 21.51 -87.00
CA LEU D 181 -34.36 20.48 -87.99
C LEU D 181 -35.33 19.31 -87.89
N THR D 182 -35.61 18.87 -86.67
CA THR D 182 -36.57 17.78 -86.47
C THR D 182 -37.97 18.20 -86.91
N PHE D 183 -38.36 19.44 -86.62
CA PHE D 183 -39.67 19.91 -87.03
C PHE D 183 -39.81 19.93 -88.55
N LEU D 184 -38.78 20.40 -89.25
CA LEU D 184 -38.84 20.42 -90.72
C LEU D 184 -38.79 19.01 -91.29
N LEU D 185 -38.08 18.09 -90.63
CA LEU D 185 -38.11 16.69 -91.06
C LEU D 185 -39.51 16.11 -90.91
N LEU D 186 -40.18 16.42 -89.80
CA LEU D 186 -41.56 15.98 -89.61
C LEU D 186 -42.47 16.57 -90.68
N CYS D 187 -42.25 17.84 -91.03
CA CYS D 187 -43.03 18.44 -92.11
C CYS D 187 -42.78 17.72 -93.44
N TYR D 188 -41.53 17.37 -93.72
CA TYR D 188 -41.21 16.64 -94.94
C TYR D 188 -41.78 15.23 -94.94
N ASN D 189 -42.06 14.67 -93.75
CA ASN D 189 -42.55 13.29 -93.63
C ASN D 189 -44.07 13.21 -93.61
N ALA D 190 -44.76 14.09 -94.33
CA ALA D 190 -46.22 14.08 -94.37
C ALA D 190 -46.79 13.80 -95.75
N ALA D 191 -45.98 13.74 -96.80
CA ALA D 191 -46.45 13.55 -98.18
C ALA D 191 -45.57 12.53 -98.90
N LEU D 192 -45.35 11.37 -98.26
CA LEU D 192 -44.36 10.42 -98.74
C LEU D 192 -44.66 9.87 -100.13
N THR D 193 -45.91 9.95 -100.59
CA THR D 193 -46.27 9.29 -101.85
C THR D 193 -45.69 10.01 -103.05
N TYR D 194 -45.62 11.34 -103.02
CA TYR D 194 -45.44 12.12 -104.24
C TYR D 194 -44.02 12.06 -104.79
N MET D 195 -43.01 12.13 -103.92
CA MET D 195 -41.64 12.27 -104.39
C MET D 195 -41.19 11.01 -105.13
N PRO D 196 -40.28 11.16 -106.11
CA PRO D 196 -39.80 9.97 -106.85
C PRO D 196 -38.82 9.13 -106.04
N SER D 197 -38.33 8.05 -106.65
CA SER D 197 -37.42 7.14 -105.94
C SER D 197 -36.06 7.76 -105.71
N VAL D 198 -35.65 8.72 -106.56
CA VAL D 198 -34.34 9.34 -106.41
C VAL D 198 -34.26 10.10 -105.10
N SER D 199 -35.36 10.72 -104.68
CA SER D 199 -35.40 11.42 -103.39
C SER D 199 -35.18 10.46 -102.25
N LEU D 200 -35.84 9.29 -102.29
CA LEU D 200 -35.64 8.29 -101.24
C LEU D 200 -34.21 7.77 -101.25
N GLN D 201 -33.64 7.56 -102.43
CA GLN D 201 -32.25 7.11 -102.51
C GLN D 201 -31.31 8.13 -101.87
N SER D 202 -31.51 9.41 -102.19
CA SER D 202 -30.70 10.45 -101.58
C SER D 202 -30.89 10.50 -100.08
N LEU D 203 -32.14 10.35 -99.61
CA LEU D 203 -32.42 10.37 -98.18
C LEU D 203 -31.70 9.24 -97.46
N CYS D 204 -31.80 8.02 -97.98
CA CYS D 204 -31.13 6.90 -97.32
C CYS D 204 -29.61 7.01 -97.40
N GLN D 205 -29.09 7.51 -98.53
CA GLN D 205 -27.66 7.70 -98.65
C GLN D 205 -27.14 8.70 -97.62
N ILE D 206 -27.89 9.78 -97.41
CA ILE D 206 -27.53 10.73 -96.35
C ILE D 206 -27.64 10.06 -94.98
N CYS D 207 -28.68 9.25 -94.78
CA CYS D 207 -28.90 8.61 -93.49
C CYS D 207 -27.79 7.61 -93.15
N SER D 208 -27.12 7.07 -94.17
CA SER D 208 -26.11 6.05 -93.93
C SER D 208 -24.93 6.60 -93.14
N ARG D 209 -24.27 7.62 -93.67
CA ARG D 209 -22.99 8.09 -93.15
C ARG D 209 -23.11 9.22 -92.12
N ILE D 210 -24.31 9.73 -91.87
CA ILE D 210 -24.44 10.86 -90.96
C ILE D 210 -24.16 10.46 -89.52
N CYS D 211 -24.62 9.27 -89.12
CA CYS D 211 -24.51 8.82 -87.74
C CYS D 211 -23.27 7.98 -87.48
N VAL D 212 -22.39 7.83 -88.47
CA VAL D 212 -21.22 6.97 -88.32
C VAL D 212 -19.98 7.75 -88.77
N CYS D 213 -20.16 9.02 -89.08
CA CYS D 213 -19.08 9.81 -89.65
C CYS D 213 -17.88 9.94 -88.73
N GLY D 214 -18.10 9.85 -87.41
CA GLY D 214 -17.01 10.04 -86.47
C GLY D 214 -16.69 8.81 -85.63
N TYR D 215 -16.71 7.64 -86.24
CA TYR D 215 -16.44 6.39 -85.55
C TYR D 215 -15.66 5.46 -86.47
N PRO D 216 -14.92 4.51 -85.91
CA PRO D 216 -14.16 3.57 -86.76
C PRO D 216 -15.04 2.71 -87.65
N ARG D 217 -16.34 2.61 -87.36
CA ARG D 217 -17.21 1.75 -88.15
C ARG D 217 -17.29 2.23 -89.60
N GLN D 218 -17.30 3.55 -89.82
CA GLN D 218 -17.36 4.07 -91.18
C GLN D 218 -16.11 3.72 -91.98
N HIS D 219 -14.97 3.53 -91.30
CA HIS D 219 -13.77 3.09 -92.00
C HIS D 219 -13.94 1.69 -92.59
N VAL D 220 -14.76 0.85 -91.95
CA VAL D 220 -15.06 -0.46 -92.52
C VAL D 220 -15.93 -0.31 -93.76
N ARG D 221 -16.90 0.60 -93.71
CA ARG D 221 -17.80 0.83 -94.85
C ARG D 221 -17.13 1.62 -95.97
N LYS D 222 -15.91 2.13 -95.74
CA LYS D 222 -15.13 2.85 -96.76
C LYS D 222 -15.87 4.10 -97.24
N TYR D 223 -16.08 5.02 -96.30
CA TYR D 223 -16.60 6.35 -96.61
C TYR D 223 -15.49 7.37 -96.42
N LYS D 224 -15.34 8.27 -97.40
CA LYS D 224 -14.29 9.28 -97.37
C LYS D 224 -14.92 10.67 -97.42
N GLY D 225 -14.28 11.61 -96.72
CA GLY D 225 -14.78 12.96 -96.65
C GLY D 225 -14.35 13.67 -95.37
N ILE D 226 -15.32 14.26 -94.67
CA ILE D 226 -15.04 14.96 -93.42
C ILE D 226 -15.00 13.94 -92.28
N SER D 227 -13.89 13.91 -91.56
CA SER D 227 -13.70 12.97 -90.45
C SER D 227 -14.05 13.63 -89.12
N SER D 228 -15.32 14.03 -89.00
CA SER D 228 -15.84 14.66 -87.80
C SER D 228 -17.10 13.92 -87.35
N ARG D 229 -17.74 14.45 -86.31
CA ARG D 229 -18.95 13.87 -85.77
C ARG D 229 -19.97 14.97 -85.49
N ILE D 230 -21.24 14.58 -85.45
CA ILE D 230 -22.35 15.49 -85.22
C ILE D 230 -23.13 15.00 -84.00
N PRO D 231 -23.36 15.84 -82.99
CA PRO D 231 -24.13 15.43 -81.80
C PRO D 231 -25.65 15.44 -82.03
N VAL D 232 -26.15 14.35 -82.61
CA VAL D 232 -27.56 14.22 -82.96
C VAL D 232 -28.40 14.05 -81.70
N SER D 233 -29.73 14.19 -81.85
CA SER D 233 -30.66 14.10 -80.74
C SER D 233 -31.59 12.91 -80.93
N SER D 234 -32.34 12.59 -79.88
CA SER D 234 -33.19 11.39 -79.88
C SER D 234 -34.37 11.55 -80.83
N GLY D 235 -35.07 12.70 -80.75
CA GLY D 235 -36.22 12.90 -81.63
C GLY D 235 -35.84 12.92 -83.10
N PHE D 236 -34.66 13.45 -83.41
CA PHE D 236 -34.18 13.44 -84.79
C PHE D 236 -34.10 12.02 -85.34
N MET D 237 -33.49 11.12 -84.58
CA MET D 237 -33.38 9.74 -85.06
C MET D 237 -34.70 8.99 -84.96
N VAL D 238 -35.61 9.39 -84.08
CA VAL D 238 -36.94 8.78 -84.06
C VAL D 238 -37.67 9.10 -85.37
N GLN D 239 -37.69 10.38 -85.76
CA GLN D 239 -38.27 10.74 -87.04
C GLN D 239 -37.49 10.14 -88.20
N MET D 240 -36.19 9.95 -88.03
CA MET D 240 -35.36 9.29 -89.05
C MET D 240 -35.82 7.86 -89.28
N LEU D 241 -36.05 7.12 -88.18
CA LEU D 241 -36.56 5.76 -88.30
C LEU D 241 -37.96 5.74 -88.91
N THR D 242 -38.81 6.69 -88.51
CA THR D 242 -40.14 6.77 -89.11
C THR D 242 -40.04 6.97 -90.62
N GLY D 243 -39.14 7.84 -91.06
CA GLY D 243 -38.96 8.05 -92.49
C GLY D 243 -38.39 6.84 -93.21
N ILE D 244 -37.38 6.19 -92.61
CA ILE D 244 -36.72 5.08 -93.30
C ILE D 244 -37.64 3.86 -93.37
N TYR D 245 -38.57 3.72 -92.43
CA TYR D 245 -39.42 2.53 -92.41
C TYR D 245 -40.25 2.40 -93.69
N PHE D 246 -40.63 3.53 -94.30
CA PHE D 246 -41.43 3.48 -95.51
C PHE D 246 -40.62 3.00 -96.72
N ALA D 247 -39.31 3.26 -96.71
CA ALA D 247 -38.49 2.95 -97.89
C ALA D 247 -38.27 1.45 -98.09
N PHE D 248 -38.53 0.63 -97.08
CA PHE D 248 -38.29 -0.81 -97.21
C PHE D 248 -39.21 -1.46 -98.23
N TYR D 249 -40.46 -1.01 -98.31
CA TYR D 249 -41.45 -1.62 -99.19
C TYR D 249 -41.65 -0.85 -100.49
N ASN D 250 -40.68 -0.02 -100.88
CA ASN D 250 -40.74 0.75 -102.11
C ASN D 250 -39.46 0.54 -102.93
N GLY D 251 -39.06 -0.72 -103.06
CA GLY D 251 -37.92 -1.06 -103.90
C GLY D 251 -36.58 -1.09 -103.18
N GLU D 252 -36.21 0.01 -102.52
CA GLU D 252 -34.92 0.10 -101.87
C GLU D 252 -34.86 -0.87 -100.69
N TRP D 253 -33.99 -1.87 -100.78
CA TRP D 253 -33.90 -2.91 -99.76
C TRP D 253 -32.56 -2.91 -99.04
N ASP D 254 -31.45 -3.01 -99.77
CA ASP D 254 -30.14 -3.13 -99.13
C ASP D 254 -29.73 -1.84 -98.43
N LEU D 255 -29.97 -0.69 -99.08
CA LEU D 255 -29.60 0.58 -98.48
C LEU D 255 -30.36 0.82 -97.18
N ALA D 256 -31.66 0.50 -97.17
CA ALA D 256 -32.44 0.65 -95.95
C ALA D 256 -31.93 -0.26 -94.85
N GLN D 257 -31.56 -1.49 -95.20
CA GLN D 257 -31.08 -2.44 -94.19
C GLN D 257 -29.76 -1.96 -93.58
N LYS D 258 -28.82 -1.50 -94.43
CA LYS D 258 -27.55 -1.04 -93.89
C LYS D 258 -27.72 0.25 -93.09
N ALA D 259 -28.63 1.12 -93.52
CA ALA D 259 -28.91 2.33 -92.73
C ALA D 259 -29.49 1.97 -91.37
N LEU D 260 -30.40 0.99 -91.33
CA LEU D 260 -30.96 0.56 -90.06
C LEU D 260 -29.88 -0.05 -89.16
N ASP D 261 -28.97 -0.83 -89.74
CA ASP D 261 -27.89 -1.40 -88.95
C ASP D 261 -27.00 -0.31 -88.37
N ASP D 262 -26.66 0.70 -89.19
CA ASP D 262 -25.85 1.81 -88.69
C ASP D 262 -26.58 2.57 -87.58
N ILE D 263 -27.88 2.79 -87.76
CA ILE D 263 -28.67 3.53 -86.77
C ILE D 263 -28.70 2.78 -85.44
N ILE D 264 -28.94 1.46 -85.50
CA ILE D 264 -29.02 0.69 -84.26
C ILE D 264 -27.65 0.61 -83.59
N TYR D 265 -26.58 0.51 -84.38
CA TYR D 265 -25.24 0.51 -83.80
C TYR D 265 -24.95 1.83 -83.09
N ARG D 266 -25.29 2.94 -83.74
CA ARG D 266 -25.06 4.25 -83.13
C ARG D 266 -25.90 4.43 -81.87
N ALA D 267 -27.16 3.99 -81.91
CA ALA D 267 -28.02 4.11 -80.74
C ALA D 267 -27.50 3.27 -79.58
N GLN D 268 -27.03 2.05 -79.88
CA GLN D 268 -26.47 1.20 -78.83
C GLN D 268 -25.21 1.83 -78.24
N LEU D 269 -24.38 2.44 -79.08
CA LEU D 269 -23.19 3.10 -78.56
C LEU D 269 -23.54 4.34 -77.74
N GLU D 270 -24.60 5.05 -78.10
CA GLU D 270 -24.97 6.28 -77.42
C GLU D 270 -25.94 6.07 -76.27
N LEU D 271 -26.49 4.87 -76.12
CA LEU D 271 -27.42 4.52 -75.03
C LEU D 271 -28.67 5.41 -75.06
N TYR D 272 -29.38 5.34 -76.18
CA TYR D 272 -30.67 6.00 -76.31
C TYR D 272 -31.78 4.97 -76.32
N PRO D 273 -32.67 4.95 -75.31
CA PRO D 273 -33.65 3.86 -75.20
C PRO D 273 -34.66 3.79 -76.33
N GLU D 274 -35.33 4.91 -76.62
CA GLU D 274 -36.42 4.90 -77.58
C GLU D 274 -35.98 4.53 -79.01
N PRO D 275 -34.92 5.13 -79.57
CA PRO D 275 -34.50 4.68 -80.92
C PRO D 275 -34.11 3.22 -80.96
N LEU D 276 -33.46 2.72 -79.91
CA LEU D 276 -33.10 1.31 -79.85
C LEU D 276 -34.34 0.44 -79.83
N LEU D 277 -35.35 0.84 -79.05
CA LEU D 277 -36.59 0.09 -78.99
C LEU D 277 -37.27 0.04 -80.35
N VAL D 278 -37.33 1.19 -81.04
CA VAL D 278 -37.98 1.24 -82.34
C VAL D 278 -37.23 0.38 -83.34
N ALA D 279 -35.90 0.48 -83.36
CA ALA D 279 -35.10 -0.31 -84.29
C ALA D 279 -35.25 -1.80 -84.03
N ASN D 280 -35.26 -2.20 -82.75
CA ASN D 280 -35.44 -3.61 -82.42
C ASN D 280 -36.82 -4.10 -82.83
N ALA D 281 -37.85 -3.27 -82.64
CA ALA D 281 -39.19 -3.65 -83.07
C ALA D 281 -39.26 -3.83 -84.58
N ILE D 282 -38.61 -2.94 -85.33
CA ILE D 282 -38.63 -3.05 -86.79
C ILE D 282 -37.90 -4.30 -87.26
N LYS D 283 -36.83 -4.68 -86.55
CA LYS D 283 -36.01 -5.81 -86.98
C LYS D 283 -36.80 -7.11 -87.04
N ALA D 284 -37.66 -7.35 -86.04
CA ALA D 284 -38.36 -8.61 -85.91
C ALA D 284 -39.67 -8.65 -86.69
N SER D 285 -39.81 -7.83 -87.73
CA SER D 285 -41.04 -7.78 -88.53
C SER D 285 -40.71 -7.77 -90.01
N LEU D 286 -39.72 -8.56 -90.41
CA LEU D 286 -39.33 -8.68 -91.82
C LEU D 286 -39.38 -10.14 -92.24
N PRO D 287 -40.14 -10.48 -93.28
CA PRO D 287 -40.25 -11.87 -93.77
C PRO D 287 -38.97 -12.34 -94.48
N GLU E 63 47.57 -51.85 47.94
CA GLU E 63 46.42 -52.18 48.78
C GLU E 63 45.24 -51.27 48.46
N GLU E 64 44.19 -51.38 49.27
CA GLU E 64 42.97 -50.60 49.07
C GLU E 64 42.55 -49.98 50.40
N ILE E 65 41.79 -48.89 50.31
CA ILE E 65 41.27 -48.18 51.47
C ILE E 65 39.75 -48.22 51.41
N THR E 66 39.14 -48.64 52.51
CA THR E 66 37.69 -48.80 52.59
C THR E 66 37.05 -47.62 53.29
N PHE E 67 35.74 -47.47 53.05
CA PHE E 67 34.96 -46.43 53.72
C PHE E 67 34.91 -46.66 55.23
N GLU E 68 34.91 -47.93 55.65
CA GLU E 68 34.95 -48.24 57.07
C GLU E 68 36.23 -47.74 57.73
N ALA E 69 37.33 -47.69 56.98
CA ALA E 69 38.57 -47.14 57.54
C ALA E 69 38.40 -45.68 57.93
N LEU E 70 37.78 -44.89 57.06
CA LEU E 70 37.50 -43.50 57.41
C LEU E 70 36.47 -43.40 58.53
N LYS E 71 35.44 -44.26 58.49
CA LYS E 71 34.40 -44.21 59.51
C LYS E 71 34.94 -44.55 60.90
N LYS E 72 35.99 -45.36 60.97
CA LYS E 72 36.62 -45.64 62.26
C LYS E 72 37.72 -44.63 62.58
N ALA E 73 38.30 -43.99 61.57
CA ALA E 73 39.27 -42.92 61.83
C ALA E 73 38.60 -41.71 62.45
N ILE E 74 37.41 -41.34 61.97
CA ILE E 74 36.70 -40.20 62.56
C ILE E 74 36.31 -40.51 64.00
N ASP E 75 35.85 -41.73 64.27
CA ASP E 75 35.49 -42.11 65.63
C ASP E 75 36.74 -42.22 66.49
N THR E 76 36.62 -41.76 67.73
CA THR E 76 37.76 -41.83 68.66
C THR E 76 38.05 -43.27 69.05
N SER E 77 39.33 -43.58 69.19
CA SER E 77 39.78 -44.92 69.55
C SER E 77 40.40 -44.97 70.95
N GLY E 78 40.17 -43.95 71.77
CA GLY E 78 40.68 -43.96 73.14
C GLY E 78 42.18 -43.82 73.20
N MET E 79 42.70 -42.64 72.82
CA MET E 79 44.13 -42.37 72.78
C MET E 79 44.55 -41.38 73.86
N GLU E 80 43.98 -41.51 75.06
CA GLU E 80 44.27 -40.61 76.16
C GLU E 80 45.24 -41.21 77.17
N GLU E 81 45.90 -42.32 76.83
CA GLU E 81 46.79 -43.00 77.77
C GLU E 81 48.26 -42.98 77.38
N GLN E 82 48.58 -42.86 76.09
CA GLN E 82 49.97 -42.91 75.65
C GLN E 82 50.70 -41.58 75.90
N GLU E 83 49.99 -40.51 76.21
CA GLU E 83 50.66 -39.24 76.49
C GLU E 83 51.55 -39.35 77.73
N LYS E 84 51.16 -40.18 78.70
CA LYS E 84 51.98 -40.37 79.89
C LYS E 84 53.35 -40.93 79.53
N GLU E 85 53.37 -42.00 78.73
CA GLU E 85 54.65 -42.59 78.34
C GLU E 85 55.40 -41.71 77.37
N LYS E 86 54.71 -40.90 76.57
CA LYS E 86 55.40 -39.92 75.75
C LYS E 86 56.14 -38.90 76.61
N ARG E 87 55.49 -38.39 77.65
CA ARG E 87 56.17 -37.49 78.59
C ARG E 87 57.33 -38.19 79.27
N ARG E 88 57.14 -39.45 79.66
CA ARG E 88 58.21 -40.19 80.32
C ARG E 88 59.42 -40.36 79.39
N LEU E 89 59.19 -40.66 78.11
CA LEU E 89 60.30 -40.83 77.19
C LEU E 89 60.99 -39.50 76.90
N VAL E 90 60.23 -38.40 76.83
CA VAL E 90 60.87 -37.09 76.69
C VAL E 90 61.75 -36.80 77.91
N ILE E 91 61.26 -37.12 79.11
CA ILE E 91 62.05 -36.92 80.31
C ILE E 91 63.30 -37.79 80.30
N GLU E 92 63.17 -39.05 79.86
CA GLU E 92 64.33 -39.94 79.84
C GLU E 92 65.34 -39.48 78.79
N LYS E 93 64.88 -38.84 77.72
CA LYS E 93 65.77 -38.31 76.70
C LYS E 93 66.47 -37.02 77.15
N PHE E 94 65.82 -36.22 78.00
CA PHE E 94 66.41 -34.93 78.38
C PHE E 94 67.18 -34.99 79.70
N GLN E 95 66.54 -35.42 80.78
CA GLN E 95 67.14 -35.30 82.10
C GLN E 95 68.32 -36.24 82.31
N LYS E 96 68.31 -37.41 81.68
CA LYS E 96 69.30 -38.44 82.00
C LYS E 96 70.08 -38.97 80.80
N ALA E 97 69.66 -38.71 79.57
CA ALA E 97 70.42 -39.16 78.42
C ALA E 97 71.72 -38.37 78.28
N PRO E 98 72.75 -38.93 77.65
CA PRO E 98 74.02 -38.20 77.50
C PRO E 98 73.84 -36.94 76.67
N PHE E 99 74.68 -35.95 76.97
CA PHE E 99 74.59 -34.63 76.34
C PHE E 99 75.62 -34.42 75.23
N GLU E 100 76.67 -35.25 75.16
CA GLU E 100 77.72 -35.04 74.18
C GLU E 100 77.21 -35.22 72.76
N GLU E 101 76.40 -36.27 72.52
CA GLU E 101 75.93 -36.53 71.17
C GLU E 101 74.80 -35.60 70.75
N ILE E 102 74.17 -34.91 71.69
CA ILE E 102 73.12 -33.95 71.34
C ILE E 102 73.70 -32.81 70.53
N ALA E 103 74.87 -32.32 70.93
CA ALA E 103 75.52 -31.25 70.18
C ALA E 103 75.86 -31.70 68.77
N ALA E 104 76.40 -32.91 68.63
CA ALA E 104 76.74 -33.42 67.30
C ALA E 104 75.49 -33.57 66.43
N GLN E 105 74.41 -34.12 66.99
CA GLN E 105 73.21 -34.36 66.18
C GLN E 105 72.54 -33.04 65.80
N CYS E 106 72.56 -32.04 66.68
CA CYS E 106 71.94 -30.76 66.33
C CYS E 106 72.82 -30.00 65.33
N GLU E 107 74.15 -30.12 65.43
CA GLU E 107 75.01 -29.56 64.39
C GLU E 107 74.75 -30.21 63.04
N SER E 108 74.58 -31.54 63.02
CA SER E 108 74.26 -32.22 61.78
C SER E 108 72.90 -31.77 61.24
N LYS E 109 71.93 -31.57 62.13
CA LYS E 109 70.61 -31.09 61.70
C LYS E 109 70.72 -29.70 61.08
N ALA E 110 71.49 -28.81 61.71
CA ALA E 110 71.68 -27.47 61.14
C ALA E 110 72.39 -27.55 59.79
N ASN E 111 73.39 -28.42 59.68
CA ASN E 111 74.11 -28.57 58.40
C ASN E 111 73.19 -29.09 57.31
N LEU E 112 72.34 -30.07 57.62
CA LEU E 112 71.42 -30.56 56.60
C LEU E 112 70.34 -29.54 56.28
N LEU E 113 69.95 -28.71 57.24
CA LEU E 113 69.03 -27.61 56.95
C LEU E 113 69.67 -26.62 55.97
N HIS E 114 70.94 -26.28 56.19
CA HIS E 114 71.65 -25.42 55.25
C HIS E 114 71.75 -26.09 53.88
N ASP E 115 72.01 -27.40 53.86
CA ASP E 115 72.12 -28.12 52.59
C ASP E 115 70.81 -28.09 51.82
N ARG E 116 69.69 -28.33 52.49
CA ARG E 116 68.40 -28.31 51.79
C ARG E 116 68.00 -26.89 51.39
N LEU E 117 68.38 -25.88 52.18
CA LEU E 117 68.13 -24.51 51.76
C LEU E 117 68.91 -24.18 50.49
N ALA E 118 70.18 -24.61 50.42
CA ALA E 118 70.96 -24.40 49.21
C ALA E 118 70.35 -25.17 48.04
N GLN E 119 69.86 -26.39 48.29
CA GLN E 119 69.27 -27.20 47.24
C GLN E 119 68.03 -26.54 46.67
N ILE E 120 67.14 -26.05 47.53
CA ILE E 120 65.93 -25.39 47.03
C ILE E 120 66.29 -24.08 46.35
N LEU E 121 67.31 -23.37 46.86
CA LEU E 121 67.73 -22.12 46.23
C LEU E 121 68.23 -22.37 44.82
N GLU E 122 69.03 -23.41 44.62
CA GLU E 122 69.52 -23.72 43.27
C GLU E 122 68.45 -24.34 42.39
N LEU E 123 67.43 -24.98 42.97
CA LEU E 123 66.32 -25.49 42.19
C LEU E 123 65.31 -24.42 41.81
N THR E 124 65.32 -23.27 42.48
CA THR E 124 64.39 -22.20 42.12
C THR E 124 64.66 -21.68 40.71
N ILE E 125 65.93 -21.48 40.36
CA ILE E 125 66.23 -20.91 39.06
C ILE E 125 65.85 -21.87 37.94
N ARG E 126 66.13 -23.16 38.10
CA ARG E 126 65.87 -24.15 37.05
C ARG E 126 64.37 -24.42 36.87
N SER F 27 39.36 -43.09 25.52
CA SER F 27 39.96 -42.32 26.61
C SER F 27 41.32 -41.79 26.21
N ARG F 28 41.39 -41.15 25.04
CA ARG F 28 42.65 -40.58 24.59
C ARG F 28 43.12 -39.45 25.50
N GLY F 29 42.19 -38.61 25.95
CA GLY F 29 42.49 -37.47 26.78
C GLY F 29 41.81 -36.23 26.23
N PHE F 30 42.31 -35.08 26.66
CA PHE F 30 41.79 -33.79 26.18
C PHE F 30 42.66 -33.17 25.10
N TYR F 31 43.97 -33.07 25.34
CA TYR F 31 44.86 -32.45 24.37
C TYR F 31 44.84 -33.19 23.03
N PHE F 32 45.03 -34.51 23.08
CA PHE F 32 45.03 -35.29 21.84
C PHE F 32 43.68 -35.18 21.13
N ASN F 33 42.58 -35.28 21.88
CA ASN F 33 41.26 -35.23 21.28
C ASN F 33 41.00 -33.89 20.62
N THR F 34 41.35 -32.78 21.29
CA THR F 34 41.09 -31.47 20.71
C THR F 34 42.01 -31.19 19.52
N VAL F 35 43.26 -31.67 19.57
CA VAL F 35 44.14 -31.50 18.41
C VAL F 35 43.61 -32.29 17.22
N LEU F 36 43.14 -33.52 17.44
CA LEU F 36 42.57 -34.30 16.35
C LEU F 36 41.31 -33.63 15.80
N SER F 37 40.47 -33.09 16.68
CA SER F 37 39.26 -32.40 16.22
C SER F 37 39.62 -31.17 15.39
N LEU F 38 40.62 -30.41 15.81
CA LEU F 38 41.07 -29.25 15.04
C LEU F 38 41.61 -29.68 13.68
N ALA F 39 42.40 -30.75 13.65
CA ALA F 39 42.93 -31.23 12.37
C ALA F 39 41.81 -31.68 11.43
N ARG F 40 40.80 -32.37 11.98
CA ARG F 40 39.66 -32.78 11.17
C ARG F 40 38.88 -31.58 10.65
N SER F 41 38.66 -30.58 11.50
CA SER F 41 37.88 -29.41 11.09
C SER F 41 38.61 -28.57 10.06
N LEU F 42 39.95 -28.52 10.13
CA LEU F 42 40.71 -27.71 9.19
C LEU F 42 40.81 -28.36 7.81
N ALA F 43 40.84 -29.69 7.76
CA ALA F 43 41.03 -30.37 6.48
C ALA F 43 39.85 -30.18 5.53
N VAL F 44 38.63 -30.09 6.07
CA VAL F 44 37.44 -29.95 5.23
C VAL F 44 37.40 -28.60 4.54
N GLN F 45 38.18 -27.63 5.00
CA GLN F 45 38.18 -26.28 4.43
C GLN F 45 39.20 -26.23 3.29
N ARG F 46 38.72 -26.22 2.06
CA ARG F 46 39.56 -26.18 0.88
C ARG F 46 39.24 -24.94 0.05
N PRO F 47 40.24 -24.11 -0.28
CA PRO F 47 41.65 -24.28 0.11
C PRO F 47 41.91 -23.85 1.55
N ALA F 48 42.99 -24.36 2.14
CA ALA F 48 43.35 -24.06 3.52
C ALA F 48 44.37 -22.93 3.54
N SER F 49 44.14 -21.95 4.41
CA SER F 49 45.04 -20.82 4.53
C SER F 49 46.40 -21.27 5.04
N LEU F 50 47.45 -20.61 4.56
CA LEU F 50 48.81 -21.04 4.88
C LEU F 50 49.21 -20.68 6.31
N GLU F 51 48.60 -19.65 6.90
CA GLU F 51 48.99 -19.25 8.25
C GLU F 51 48.66 -20.34 9.26
N LYS F 52 47.53 -21.02 9.10
CA LYS F 52 47.19 -22.12 9.99
C LYS F 52 48.17 -23.29 9.81
N VAL F 53 48.61 -23.53 8.58
CA VAL F 53 49.63 -24.54 8.34
C VAL F 53 50.93 -24.17 9.05
N GLN F 54 51.31 -22.90 8.99
CA GLN F 54 52.50 -22.45 9.71
C GLN F 54 52.32 -22.62 11.22
N LYS F 55 51.13 -22.34 11.73
CA LYS F 55 50.87 -22.51 13.16
C LYS F 55 51.02 -23.97 13.57
N LEU F 56 50.44 -24.89 12.78
CA LEU F 56 50.55 -26.30 13.12
C LEU F 56 51.98 -26.81 12.97
N LEU F 57 52.73 -26.27 12.00
CA LEU F 57 54.14 -26.62 11.89
C LEU F 57 54.92 -26.12 13.10
N CYS F 58 54.60 -24.93 13.59
CA CYS F 58 55.24 -24.43 14.80
C CYS F 58 54.92 -25.32 16.00
N MET F 59 53.67 -25.79 16.09
CA MET F 59 53.33 -26.77 17.11
C MET F 59 54.09 -28.07 16.90
N CYS F 60 54.36 -28.43 15.65
CA CYS F 60 55.21 -29.57 15.37
C CYS F 60 56.66 -29.26 15.75
N PRO F 61 57.46 -30.28 16.04
CA PRO F 61 58.85 -30.04 16.42
C PRO F 61 59.67 -29.48 15.27
N VAL F 62 60.90 -29.09 15.59
CA VAL F 62 61.84 -28.55 14.63
C VAL F 62 63.17 -29.27 14.77
N ASP F 63 63.98 -29.20 13.72
CA ASP F 63 65.30 -29.82 13.73
C ASP F 63 66.32 -28.91 14.36
N PHE F 64 67.23 -29.49 15.15
CA PHE F 64 68.31 -28.75 15.79
C PHE F 64 69.57 -29.59 15.72
N HIS F 65 70.43 -29.27 14.75
CA HIS F 65 71.76 -29.88 14.60
C HIS F 65 71.67 -31.39 14.38
N GLY F 66 70.65 -31.82 13.63
CA GLY F 66 70.54 -33.22 13.27
C GLY F 66 70.26 -34.17 14.41
N ILE F 67 69.85 -33.64 15.56
CA ILE F 67 69.53 -34.45 16.73
C ILE F 67 68.09 -34.14 17.12
N PHE F 68 67.31 -35.18 17.41
CA PHE F 68 65.89 -35.02 17.70
C PHE F 68 65.53 -35.68 19.03
N GLN F 69 64.70 -34.99 19.80
CA GLN F 69 64.04 -35.53 20.97
C GLN F 69 62.54 -35.53 20.72
N LEU F 70 61.80 -36.29 21.53
CA LEU F 70 60.37 -36.39 21.33
C LEU F 70 59.66 -36.56 22.67
N ASP F 71 58.42 -36.07 22.73
CA ASP F 71 57.53 -36.27 23.86
C ASP F 71 56.14 -36.58 23.33
N GLU F 72 55.20 -36.78 24.26
CA GLU F 72 53.85 -37.19 23.87
C GLU F 72 53.15 -36.12 23.04
N ARG F 73 53.28 -34.85 23.43
CA ARG F 73 52.58 -33.78 22.74
C ARG F 73 53.05 -33.64 21.30
N ARG F 74 54.36 -33.71 21.07
CA ARG F 74 54.88 -33.60 19.70
C ARG F 74 54.46 -34.79 18.85
N ARG F 75 54.44 -35.99 19.44
CA ARG F 75 53.95 -37.16 18.71
C ARG F 75 52.49 -36.98 18.32
N ASP F 76 51.66 -36.50 19.24
CA ASP F 76 50.26 -36.26 18.92
C ASP F 76 50.12 -35.20 17.83
N ALA F 77 50.92 -34.14 17.90
CA ALA F 77 50.84 -33.08 16.89
C ALA F 77 51.21 -33.59 15.51
N VAL F 78 52.28 -34.38 15.41
CA VAL F 78 52.67 -34.88 14.09
C VAL F 78 51.69 -35.92 13.58
N ILE F 79 51.08 -36.71 14.47
CA ILE F 79 50.05 -37.64 14.03
C ILE F 79 48.83 -36.87 13.51
N ALA F 80 48.48 -35.77 14.18
CA ALA F 80 47.41 -34.91 13.69
C ALA F 80 47.74 -34.32 12.33
N LEU F 81 49.00 -33.90 12.14
CA LEU F 81 49.44 -33.45 10.83
C LEU F 81 49.25 -34.55 9.78
N GLY F 82 49.61 -35.79 10.14
CA GLY F 82 49.48 -36.88 9.20
C GLY F 82 48.04 -37.15 8.80
N ILE F 83 47.13 -37.17 9.77
CA ILE F 83 45.72 -37.40 9.44
C ILE F 83 45.16 -36.21 8.66
N PHE F 84 45.59 -34.98 8.98
CA PHE F 84 45.13 -33.81 8.23
C PHE F 84 45.59 -33.87 6.78
N LEU F 85 46.80 -34.38 6.54
CA LEU F 85 47.35 -34.38 5.19
C LEU F 85 46.48 -35.20 4.23
N ILE F 86 46.01 -36.37 4.67
CA ILE F 86 45.28 -37.26 3.78
C ILE F 86 43.93 -36.64 3.40
N GLU F 87 43.19 -36.12 4.39
CA GLU F 87 41.87 -35.57 4.10
C GLU F 87 41.95 -34.26 3.33
N SER F 88 43.05 -33.52 3.47
CA SER F 88 43.21 -32.24 2.79
C SER F 88 43.48 -32.37 1.29
N ASP F 89 43.35 -33.57 0.72
CA ASP F 89 43.57 -33.80 -0.71
C ASP F 89 44.99 -33.41 -1.13
N LEU F 90 45.96 -33.66 -0.23
CA LEU F 90 47.37 -33.45 -0.51
C LEU F 90 47.67 -32.00 -0.90
N GLN F 91 46.99 -31.07 -0.25
CA GLN F 91 47.26 -29.65 -0.48
C GLN F 91 48.51 -29.20 0.28
N HIS F 92 49.32 -28.38 -0.38
CA HIS F 92 50.56 -27.86 0.20
C HIS F 92 51.48 -28.98 0.65
N LYS F 93 51.52 -30.06 -0.13
CA LYS F 93 52.40 -31.18 0.19
C LYS F 93 53.86 -30.83 0.03
N ASP F 94 54.17 -29.87 -0.86
CA ASP F 94 55.56 -29.52 -1.15
C ASP F 94 56.29 -28.96 0.07
N CYS F 95 55.56 -28.53 1.09
CA CYS F 95 56.17 -28.02 2.31
C CYS F 95 56.27 -29.09 3.40
N VAL F 96 55.20 -29.83 3.64
CA VAL F 96 55.20 -30.83 4.71
C VAL F 96 56.08 -32.02 4.34
N VAL F 97 56.06 -32.44 3.07
CA VAL F 97 56.76 -33.68 2.69
C VAL F 97 58.25 -33.61 2.97
N PRO F 98 58.99 -32.55 2.59
CA PRO F 98 60.43 -32.55 2.89
C PRO F 98 60.75 -32.66 4.38
N TYR F 99 59.93 -32.05 5.23
CA TYR F 99 60.13 -32.20 6.67
C TYR F 99 59.90 -33.65 7.10
N LEU F 100 58.93 -34.33 6.49
CA LEU F 100 58.73 -35.75 6.77
C LEU F 100 59.95 -36.56 6.34
N LEU F 101 60.53 -36.23 5.19
CA LEU F 101 61.74 -36.91 4.74
C LEU F 101 62.88 -36.71 5.74
N ARG F 102 63.06 -35.48 6.21
CA ARG F 102 64.09 -35.20 7.20
C ARG F 102 63.84 -35.97 8.50
N LEU F 103 62.58 -36.04 8.93
CA LEU F 103 62.25 -36.77 10.14
C LEU F 103 62.57 -38.25 10.01
N LEU F 104 62.22 -38.85 8.88
CA LEU F 104 62.43 -40.29 8.72
C LEU F 104 63.90 -40.61 8.50
N LYS F 105 64.68 -39.69 7.91
CA LYS F 105 66.11 -39.95 7.75
C LYS F 105 66.90 -39.65 9.02
N GLY F 106 66.38 -38.79 9.90
CA GLY F 106 67.02 -38.49 11.16
C GLY F 106 66.60 -39.39 12.31
N LEU F 107 65.86 -40.46 12.01
CA LEU F 107 65.34 -41.34 13.06
C LEU F 107 66.43 -42.02 13.89
N PRO F 108 67.50 -42.59 13.34
CA PRO F 108 68.39 -43.42 14.16
C PRO F 108 69.02 -42.69 15.34
N LYS F 109 69.20 -41.37 15.25
CA LYS F 109 69.83 -40.59 16.31
C LYS F 109 68.81 -39.85 17.18
N VAL F 110 67.56 -40.30 17.20
CA VAL F 110 66.52 -39.64 17.98
C VAL F 110 66.66 -40.05 19.45
N TYR F 111 66.73 -39.07 20.33
CA TYR F 111 66.81 -39.30 21.76
C TYR F 111 65.40 -39.41 22.35
N TRP F 112 65.23 -40.37 23.26
CA TRP F 112 63.93 -40.65 23.85
C TRP F 112 63.93 -40.29 25.33
N VAL F 113 62.78 -39.78 25.79
CA VAL F 113 62.61 -39.41 27.19
C VAL F 113 62.25 -40.63 28.02
N LEU F 125 54.55 -53.48 25.21
CA LEU F 125 55.10 -52.96 23.96
C LEU F 125 55.60 -51.53 24.10
N PRO F 126 56.77 -51.24 23.54
CA PRO F 126 57.29 -49.86 23.57
C PRO F 126 56.49 -48.92 22.68
N VAL F 127 56.94 -47.67 22.58
CA VAL F 127 56.27 -46.68 21.76
C VAL F 127 56.97 -46.43 20.43
N ALA F 128 58.29 -46.70 20.34
CA ALA F 128 59.02 -46.41 19.13
C ALA F 128 58.51 -47.23 17.95
N GLU F 129 58.25 -48.52 18.17
CA GLU F 129 57.80 -49.36 17.06
C GLU F 129 56.40 -48.98 16.61
N SER F 130 55.52 -48.60 17.55
CA SER F 130 54.19 -48.13 17.18
C SER F 130 54.27 -46.84 16.37
N PHE F 131 55.13 -45.91 16.78
CA PHE F 131 55.30 -44.67 16.05
C PHE F 131 55.86 -44.93 14.65
N SER F 132 56.82 -45.84 14.55
CA SER F 132 57.36 -46.20 13.24
C SER F 132 56.28 -46.81 12.36
N PHE F 133 55.45 -47.68 12.93
CA PHE F 133 54.34 -48.27 12.18
C PHE F 133 53.42 -47.18 11.64
N CYS F 134 53.05 -46.23 12.51
CA CYS F 134 52.13 -45.16 12.10
C CYS F 134 52.74 -44.32 10.98
N LEU F 135 53.99 -43.90 11.14
CA LEU F 135 54.60 -43.01 10.16
C LEU F 135 54.82 -43.73 8.83
N VAL F 136 55.23 -45.00 8.86
CA VAL F 136 55.42 -45.74 7.63
C VAL F 136 54.08 -46.00 6.93
N THR F 137 53.02 -46.24 7.70
CA THR F 137 51.70 -46.40 7.11
C THR F 137 51.24 -45.11 6.42
N LEU F 138 51.45 -43.97 7.07
CA LEU F 138 51.13 -42.69 6.44
C LEU F 138 51.95 -42.46 5.18
N LEU F 139 53.24 -42.81 5.24
CA LEU F 139 54.11 -42.67 4.08
C LEU F 139 53.62 -43.54 2.92
N SER F 140 53.21 -44.77 3.21
CA SER F 140 52.69 -45.64 2.17
C SER F 140 51.39 -45.10 1.58
N ASP F 141 50.53 -44.54 2.44
CA ASP F 141 49.30 -43.92 1.93
C ASP F 141 49.62 -42.77 0.98
N VAL F 142 50.55 -41.90 1.38
CA VAL F 142 50.92 -40.77 0.53
C VAL F 142 51.55 -41.26 -0.78
N ALA F 143 52.36 -42.31 -0.69
CA ALA F 143 52.97 -42.88 -1.90
C ALA F 143 51.91 -43.41 -2.85
N TYR F 144 50.88 -44.08 -2.31
CA TYR F 144 49.80 -44.55 -3.16
C TYR F 144 49.02 -43.40 -3.78
N ARG F 145 48.83 -42.31 -3.02
CA ARG F 145 48.01 -41.21 -3.51
C ARG F 145 48.62 -40.56 -4.74
N ASP F 146 49.92 -40.30 -4.73
CA ASP F 146 50.59 -39.59 -5.80
C ASP F 146 51.75 -40.44 -6.34
N PRO F 147 51.73 -40.83 -7.61
CA PRO F 147 52.85 -41.63 -8.15
C PRO F 147 54.11 -40.83 -8.41
N SER F 148 54.05 -39.49 -8.42
CA SER F 148 55.22 -38.70 -8.76
C SER F 148 56.31 -38.76 -7.70
N LEU F 149 55.96 -39.09 -6.46
CA LEU F 149 56.93 -39.17 -5.37
C LEU F 149 57.42 -40.58 -5.11
N ARG F 150 57.02 -41.55 -5.94
CA ARG F 150 57.36 -42.95 -5.68
C ARG F 150 58.86 -43.17 -5.69
N ASP F 151 59.57 -42.59 -6.66
CA ASP F 151 61.00 -42.83 -6.80
C ASP F 151 61.77 -42.28 -5.61
N GLU F 152 61.50 -41.03 -5.22
CA GLU F 152 62.19 -40.46 -4.06
C GLU F 152 61.81 -41.19 -2.78
N ILE F 153 60.54 -41.60 -2.66
CA ILE F 153 60.12 -42.32 -1.47
C ILE F 153 60.87 -43.65 -1.36
N LEU F 154 60.94 -44.41 -2.45
CA LEU F 154 61.64 -45.69 -2.40
C LEU F 154 63.14 -45.50 -2.21
N GLU F 155 63.71 -44.42 -2.74
CA GLU F 155 65.14 -44.21 -2.56
C GLU F 155 65.47 -43.83 -1.11
N VAL F 156 64.61 -43.05 -0.45
CA VAL F 156 64.86 -42.78 0.96
C VAL F 156 64.61 -44.04 1.79
N LEU F 157 63.66 -44.89 1.37
CA LEU F 157 63.51 -46.19 2.00
C LEU F 157 64.80 -46.99 1.90
N LEU F 158 65.40 -47.00 0.71
CA LEU F 158 66.65 -47.72 0.50
C LEU F 158 67.77 -47.15 1.36
N GLN F 159 67.85 -45.82 1.47
CA GLN F 159 68.91 -45.22 2.27
C GLN F 159 68.76 -45.55 3.75
N VAL F 160 67.54 -45.45 4.29
CA VAL F 160 67.37 -45.80 5.70
C VAL F 160 67.59 -47.28 5.93
N LEU F 161 67.25 -48.13 4.95
CA LEU F 161 67.54 -49.56 5.06
C LEU F 161 69.04 -49.82 5.08
N HIS F 162 69.80 -49.11 4.24
CA HIS F 162 71.25 -49.21 4.28
C HIS F 162 71.80 -48.77 5.63
N VAL F 163 71.24 -47.70 6.19
CA VAL F 163 71.72 -47.19 7.48
C VAL F 163 71.49 -48.24 8.57
N LEU F 164 70.29 -48.82 8.61
CA LEU F 164 70.00 -49.81 9.65
C LEU F 164 70.76 -51.12 9.43
N LEU F 165 71.03 -51.48 8.17
CA LEU F 165 71.87 -52.65 7.90
C LEU F 165 73.29 -52.43 8.39
N GLY F 166 73.84 -51.23 8.17
CA GLY F 166 75.13 -50.90 8.76
C GLY F 166 75.09 -50.86 10.26
N MET F 167 73.95 -50.47 10.84
CA MET F 167 73.79 -50.45 12.29
C MET F 167 73.82 -51.85 12.87
N CYS F 168 73.12 -52.80 12.24
CA CYS F 168 72.93 -54.12 12.85
C CYS F 168 74.24 -54.91 12.88
N GLN F 169 74.95 -54.96 11.76
CA GLN F 169 76.13 -55.81 11.66
C GLN F 169 77.39 -55.18 12.25
N ALA F 170 77.34 -53.92 12.68
CA ALA F 170 78.49 -53.26 13.27
C ALA F 170 78.67 -53.68 14.73
N ASP F 175 75.85 -47.56 22.28
CA ASP F 175 76.11 -48.27 21.03
C ASP F 175 75.43 -49.63 21.04
N LYS F 176 75.27 -50.21 22.22
CA LYS F 176 74.63 -51.51 22.38
C LYS F 176 73.33 -51.44 23.15
N GLU F 177 73.31 -50.76 24.31
CA GLU F 177 72.09 -50.63 25.08
C GLU F 177 71.04 -49.85 24.30
N TYR F 178 71.44 -48.71 23.73
CA TYR F 178 70.51 -47.92 22.91
C TYR F 178 70.07 -48.71 21.68
N LEU F 179 71.00 -49.42 21.03
CA LEU F 179 70.66 -50.20 19.85
C LEU F 179 69.60 -51.25 20.18
N CYS F 180 69.83 -52.05 21.22
CA CYS F 180 68.87 -53.09 21.58
C CYS F 180 67.55 -52.48 22.03
N LYS F 181 67.60 -51.35 22.74
CA LYS F 181 66.38 -50.79 23.32
C LYS F 181 65.50 -50.15 22.25
N TYR F 182 66.09 -49.52 21.25
CA TYR F 182 65.25 -48.75 20.32
C TYR F 182 65.43 -49.14 18.86
N ALA F 183 66.65 -49.45 18.43
CA ALA F 183 66.90 -49.67 17.00
C ALA F 183 66.16 -50.92 16.51
N ILE F 184 66.28 -52.02 17.23
CA ILE F 184 65.60 -53.26 16.81
C ILE F 184 64.09 -53.11 16.83
N PRO F 185 63.45 -52.58 17.89
CA PRO F 185 61.99 -52.40 17.83
C PRO F 185 61.55 -51.51 16.68
N CYS F 186 62.31 -50.46 16.36
CA CYS F 186 61.97 -49.62 15.22
C CYS F 186 62.06 -50.39 13.91
N LEU F 187 63.07 -51.25 13.78
CA LEU F 187 63.17 -52.10 12.59
C LEU F 187 61.96 -53.03 12.48
N ILE F 188 61.56 -53.62 13.60
CA ILE F 188 60.38 -54.48 13.59
C ILE F 188 59.14 -53.70 13.18
N GLY F 189 58.99 -52.49 13.72
CA GLY F 189 57.82 -51.69 13.40
C GLY F 189 57.76 -51.28 11.94
N ILE F 190 58.89 -50.84 11.38
CA ILE F 190 58.91 -50.43 9.98
C ILE F 190 58.72 -51.63 9.07
N SER F 191 59.27 -52.80 9.44
CA SER F 191 59.06 -53.98 8.62
C SER F 191 57.63 -54.49 8.69
N ARG F 192 56.95 -54.26 9.81
CA ARG F 192 55.59 -54.76 9.98
C ARG F 192 54.58 -54.08 9.06
N ALA F 193 54.92 -52.91 8.52
CA ALA F 193 54.03 -52.15 7.66
C ALA F 193 54.78 -51.65 6.43
N PHE F 194 55.50 -52.55 5.77
CA PHE F 194 56.39 -52.20 4.65
C PHE F 194 55.66 -51.43 3.55
N GLY F 195 54.72 -52.09 2.88
CA GLY F 195 54.06 -51.47 1.74
C GLY F 195 52.58 -51.77 1.61
N ARG F 196 51.98 -52.34 2.66
CA ARG F 196 50.56 -52.65 2.62
C ARG F 196 49.73 -51.37 2.53
N TYR F 197 48.75 -51.38 1.64
CA TYR F 197 47.86 -50.24 1.44
C TYR F 197 46.46 -50.76 1.17
N SER F 198 45.57 -49.88 0.75
CA SER F 198 44.19 -50.25 0.48
C SER F 198 43.61 -49.31 -0.58
N ASN F 199 43.08 -49.90 -1.64
CA ASN F 199 42.42 -49.14 -2.71
C ASN F 199 40.96 -48.89 -2.34
N MET F 200 40.78 -48.11 -1.27
CA MET F 200 39.46 -47.82 -0.72
C MET F 200 39.20 -46.32 -0.76
N GLU F 201 37.95 -45.95 -0.49
CA GLU F 201 37.57 -44.54 -0.50
C GLU F 201 38.28 -43.77 0.61
N GLU F 202 38.41 -44.36 1.79
CA GLU F 202 39.06 -43.72 2.92
C GLU F 202 40.43 -44.35 3.17
N SER F 203 41.28 -43.59 3.86
CA SER F 203 42.63 -44.03 4.13
C SER F 203 42.66 -45.18 5.13
N LEU F 204 43.70 -46.00 5.04
CA LEU F 204 43.89 -47.09 6.00
C LEU F 204 44.15 -46.53 7.40
N LEU F 205 44.94 -45.47 7.50
CA LEU F 205 45.22 -44.88 8.80
C LEU F 205 43.98 -44.21 9.39
N SER F 206 43.10 -43.69 8.54
CA SER F 206 41.87 -43.07 9.02
C SER F 206 41.01 -44.08 9.80
N LYS F 207 41.01 -45.33 9.34
CA LYS F 207 40.29 -46.37 10.08
C LYS F 207 40.90 -46.63 11.45
N LEU F 208 42.22 -46.43 11.58
CA LEU F 208 42.88 -46.66 12.87
C LEU F 208 42.38 -45.67 13.92
N PHE F 209 42.17 -44.42 13.54
CA PHE F 209 41.68 -43.39 14.46
C PHE F 209 40.31 -42.91 14.01
N PRO F 210 39.24 -43.42 14.61
CA PRO F 210 37.89 -43.03 14.17
C PRO F 210 37.50 -41.64 14.63
N LYS F 211 36.24 -41.27 14.40
CA LYS F 211 35.70 -39.96 14.77
C LYS F 211 34.62 -40.09 15.83
N ILE F 212 34.85 -40.94 16.83
CA ILE F 212 33.90 -41.15 17.91
C ILE F 212 33.74 -39.87 18.73
N GLU F 296 39.11 -52.95 17.39
CA GLU F 296 40.04 -53.16 16.27
C GLU F 296 41.34 -52.35 16.39
N PRO F 297 41.26 -51.03 16.61
CA PRO F 297 42.52 -50.26 16.70
C PRO F 297 43.42 -50.71 17.84
N GLU F 298 42.84 -51.12 18.97
CA GLU F 298 43.65 -51.58 20.09
C GLU F 298 44.23 -52.97 19.85
N TYR F 299 43.68 -53.72 18.89
CA TYR F 299 44.19 -55.05 18.59
C TYR F 299 45.62 -54.98 18.05
N TYR F 300 45.92 -54.00 17.19
CA TYR F 300 47.23 -53.93 16.58
C TYR F 300 48.31 -53.56 17.59
N PHE F 301 47.99 -52.70 18.54
CA PHE F 301 48.95 -52.26 19.56
C PHE F 301 49.15 -53.28 20.67
N SER F 302 48.62 -54.50 20.53
CA SER F 302 48.79 -55.53 21.53
C SER F 302 49.34 -56.84 20.98
N THR F 303 49.46 -56.99 19.66
CA THR F 303 49.97 -58.20 19.05
C THR F 303 51.49 -58.11 18.92
N ILE F 304 52.08 -59.04 18.17
CA ILE F 304 53.52 -59.08 17.95
C ILE F 304 53.87 -58.65 16.52
N SER F 305 53.30 -59.31 15.52
CA SER F 305 53.61 -59.02 14.13
C SER F 305 52.34 -59.02 13.28
N SER F 306 51.28 -58.41 13.79
CA SER F 306 50.03 -58.33 13.03
C SER F 306 50.07 -57.16 12.05
N SER F 307 49.26 -57.26 11.00
CA SER F 307 49.18 -56.24 9.97
C SER F 307 47.80 -56.33 9.32
N PHE F 308 47.64 -55.66 8.18
CA PHE F 308 46.39 -55.64 7.45
C PHE F 308 46.46 -56.62 6.28
N SER F 309 45.48 -57.51 6.21
CA SER F 309 45.39 -58.53 5.16
C SER F 309 46.68 -59.34 5.04
N TYR F 319 45.10 -52.81 -7.79
CA TYR F 319 44.98 -52.76 -9.24
C TYR F 319 46.12 -51.97 -9.87
N LYS F 320 46.66 -51.01 -9.13
CA LYS F 320 47.67 -50.12 -9.69
C LYS F 320 48.96 -50.87 -10.01
N GLU F 321 49.47 -51.65 -9.06
CA GLU F 321 50.70 -52.42 -9.24
C GLU F 321 51.85 -51.50 -9.66
N PHE F 322 52.24 -50.66 -8.70
CA PHE F 322 53.17 -49.54 -8.93
C PHE F 322 54.34 -49.95 -9.82
N ASN F 323 54.77 -49.02 -10.66
CA ASN F 323 55.85 -49.27 -11.60
C ASN F 323 57.18 -49.33 -10.86
N ILE F 324 57.35 -50.35 -10.03
CA ILE F 324 58.55 -50.47 -9.19
C ILE F 324 59.67 -51.09 -10.03
N PRO F 325 60.87 -50.51 -10.02
CA PRO F 325 61.95 -51.02 -10.87
C PRO F 325 62.43 -52.40 -10.42
N LEU F 326 63.04 -53.12 -11.36
CA LEU F 326 63.49 -54.49 -11.09
C LEU F 326 64.70 -54.51 -10.16
N GLU F 327 65.61 -53.53 -10.31
CA GLU F 327 66.78 -53.49 -9.42
C GLU F 327 66.36 -53.36 -7.97
N MET F 328 65.23 -52.70 -7.71
CA MET F 328 64.67 -52.65 -6.37
C MET F 328 64.31 -54.04 -5.87
N LEU F 329 63.68 -54.85 -6.72
CA LEU F 329 63.37 -56.23 -6.35
C LEU F 329 64.64 -57.02 -6.07
N ARG F 330 65.67 -56.85 -6.91
CA ARG F 330 66.90 -57.62 -6.72
C ARG F 330 67.62 -57.23 -5.44
N GLU F 331 67.72 -55.92 -5.16
CA GLU F 331 68.36 -55.50 -3.92
C GLU F 331 67.53 -55.85 -2.69
N LEU F 332 66.20 -55.87 -2.83
CA LEU F 332 65.35 -56.34 -1.73
C LEU F 332 65.59 -57.82 -1.46
N LEU F 333 65.74 -58.62 -2.51
CA LEU F 333 66.10 -60.01 -2.33
C LEU F 333 67.45 -60.15 -1.64
N ASN F 334 68.40 -59.26 -1.99
CA ASN F 334 69.69 -59.24 -1.29
C ASN F 334 69.51 -58.95 0.19
N LEU F 335 68.68 -57.96 0.51
CA LEU F 335 68.39 -57.65 1.91
C LEU F 335 67.83 -58.87 2.62
N VAL F 336 66.84 -59.52 2.01
CA VAL F 336 66.18 -60.65 2.65
C VAL F 336 67.16 -61.80 2.88
N LYS F 337 67.98 -62.11 1.87
CA LYS F 337 68.90 -63.23 2.02
C LYS F 337 70.02 -62.92 3.00
N LYS F 338 70.39 -61.64 3.16
CA LYS F 338 71.38 -61.30 4.17
C LYS F 338 70.80 -61.36 5.58
N ILE F 339 69.59 -60.84 5.77
CA ILE F 339 69.04 -60.73 7.12
C ILE F 339 68.54 -62.04 7.70
N VAL F 340 68.49 -63.10 6.89
CA VAL F 340 68.00 -64.38 7.38
C VAL F 340 69.17 -65.24 7.84
N GLU F 341 70.32 -64.62 8.01
CA GLU F 341 71.49 -65.31 8.54
C GLU F 341 71.27 -65.69 10.00
N GLU F 342 71.83 -66.83 10.39
CA GLU F 342 71.65 -67.31 11.76
C GLU F 342 72.75 -66.85 12.69
N ALA F 343 73.98 -66.65 12.18
CA ALA F 343 75.08 -66.20 13.02
C ALA F 343 74.81 -64.81 13.58
N VAL F 344 74.24 -63.91 12.78
CA VAL F 344 73.88 -62.60 13.29
C VAL F 344 72.83 -62.72 14.39
N LEU F 345 71.93 -63.69 14.26
CA LEU F 345 70.96 -63.94 15.32
C LEU F 345 71.64 -64.44 16.59
N LYS F 346 72.63 -65.33 16.47
CA LYS F 346 73.36 -65.78 17.65
C LYS F 346 74.09 -64.62 18.32
N SER F 347 74.72 -63.76 17.51
CA SER F 347 75.42 -62.60 18.06
C SER F 347 74.45 -61.64 18.74
N LEU F 348 73.26 -61.46 18.16
CA LEU F 348 72.23 -60.66 18.81
C LEU F 348 71.83 -61.26 20.15
N ASP F 349 71.69 -62.59 20.20
CA ASP F 349 71.36 -63.24 21.47
C ASP F 349 72.47 -63.05 22.50
N ALA F 350 73.73 -63.12 22.06
CA ALA F 350 74.85 -62.92 22.97
C ALA F 350 74.89 -61.51 23.53
N ILE F 351 74.70 -60.50 22.67
CA ILE F 351 74.70 -59.13 23.16
C ILE F 351 73.46 -58.88 24.01
N VAL F 352 72.35 -59.55 23.73
CA VAL F 352 71.17 -59.44 24.58
C VAL F 352 71.45 -59.99 25.97
N ALA F 353 72.13 -61.13 26.04
CA ALA F 353 72.52 -61.69 27.34
C ALA F 353 73.50 -60.78 28.07
N SER F 354 74.42 -60.14 27.33
CA SER F 354 75.30 -59.16 27.95
C SER F 354 74.51 -58.01 28.54
N VAL F 355 73.47 -57.56 27.85
CA VAL F 355 72.59 -56.52 28.38
C VAL F 355 71.85 -57.02 29.61
N MET F 356 71.35 -58.26 29.56
CA MET F 356 70.64 -58.84 30.71
C MET F 356 71.53 -58.82 31.95
N GLU F 357 72.76 -59.31 31.81
CA GLU F 357 73.69 -59.38 32.94
C GLU F 357 74.25 -58.02 33.32
N ALA F 358 74.12 -57.01 32.45
CA ALA F 358 74.57 -55.67 32.81
C ALA F 358 73.73 -55.10 33.95
N ASN F 359 72.43 -55.32 33.93
CA ASN F 359 71.55 -54.81 34.98
C ASN F 359 71.78 -55.58 36.28
N LEU F 364 62.60 -53.25 29.59
CA LEU F 364 62.84 -54.27 28.58
C LEU F 364 61.58 -55.09 28.32
N TYR F 365 61.29 -55.32 27.04
CA TYR F 365 60.12 -56.08 26.63
C TYR F 365 60.48 -57.41 25.98
N TYR F 366 61.30 -57.39 24.93
CA TYR F 366 61.68 -58.61 24.24
C TYR F 366 62.70 -59.40 25.04
N THR F 367 62.66 -60.73 24.87
CA THR F 367 63.61 -61.64 25.49
C THR F 367 64.49 -62.33 24.47
N SER F 368 63.90 -62.99 23.48
CA SER F 368 64.62 -63.64 22.40
C SER F 368 64.15 -63.07 21.07
N PHE F 369 65.09 -62.61 20.26
CA PHE F 369 64.77 -61.96 18.99
C PHE F 369 64.77 -62.92 17.80
N SER F 370 65.16 -64.17 18.00
CA SER F 370 65.26 -65.10 16.87
C SER F 370 63.90 -65.35 16.23
N ASP F 371 62.99 -65.95 16.98
CA ASP F 371 61.68 -66.28 16.43
C ASP F 371 60.87 -65.07 16.01
N PRO F 372 60.76 -63.99 16.80
CA PRO F 372 59.98 -62.84 16.33
C PRO F 372 60.51 -62.23 15.04
N LEU F 373 61.82 -61.99 14.96
CA LEU F 373 62.40 -61.42 13.74
C LEU F 373 62.23 -62.36 12.56
N TYR F 374 62.46 -63.66 12.77
CA TYR F 374 62.30 -64.64 11.70
C TYR F 374 60.88 -64.63 11.15
N LEU F 375 59.88 -64.71 12.05
CA LEU F 375 58.49 -64.71 11.62
C LEU F 375 58.11 -63.42 10.94
N THR F 376 58.54 -62.27 11.50
CA THR F 376 58.20 -60.99 10.91
C THR F 376 58.78 -60.84 9.51
N MET F 377 60.05 -61.23 9.34
CA MET F 377 60.67 -61.10 8.03
C MET F 377 60.02 -62.02 7.01
N PHE F 378 59.70 -63.26 7.39
CA PHE F 378 59.04 -64.14 6.45
C PHE F 378 57.64 -63.65 6.11
N LYS F 379 56.92 -63.12 7.10
CA LYS F 379 55.57 -62.60 6.84
C LYS F 379 55.62 -61.41 5.90
N MET F 380 56.55 -60.47 6.12
CA MET F 380 56.64 -59.33 5.21
C MET F 380 57.13 -59.75 3.84
N LEU F 381 57.99 -60.77 3.76
CA LEU F 381 58.41 -61.29 2.47
C LEU F 381 57.22 -61.85 1.69
N ARG F 382 56.34 -62.57 2.38
CA ARG F 382 55.14 -63.08 1.72
C ARG F 382 54.21 -61.94 1.31
N ASP F 383 54.02 -60.95 2.19
CA ASP F 383 53.06 -59.90 1.93
C ASP F 383 53.51 -59.00 0.78
N THR F 384 54.81 -58.66 0.73
CA THR F 384 55.29 -57.72 -0.28
C THR F 384 55.17 -58.29 -1.68
N LEU F 385 55.46 -59.57 -1.86
CA LEU F 385 55.41 -60.21 -3.16
C LEU F 385 54.17 -61.06 -3.37
N TYR F 386 53.18 -60.93 -2.47
CA TYR F 386 51.97 -61.74 -2.60
C TYR F 386 51.17 -61.40 -3.85
N TYR F 387 50.99 -60.10 -4.12
CA TYR F 387 50.06 -59.66 -5.15
C TYR F 387 50.75 -59.20 -6.45
N MET F 388 52.05 -58.94 -6.41
CA MET F 388 52.73 -58.44 -7.60
C MET F 388 52.73 -59.48 -8.71
N LYS F 389 52.51 -59.02 -9.94
CA LYS F 389 52.38 -59.89 -11.10
C LYS F 389 53.31 -59.40 -12.21
N ASP F 390 53.28 -60.11 -13.34
CA ASP F 390 54.05 -59.77 -14.54
C ASP F 390 55.56 -59.75 -14.24
N LEU F 391 56.06 -60.91 -13.83
CA LEU F 391 57.48 -61.09 -13.57
C LEU F 391 58.04 -62.19 -14.47
N PRO F 392 59.15 -61.94 -15.15
CA PRO F 392 59.79 -63.01 -15.95
C PRO F 392 60.18 -64.20 -15.10
N THR F 393 60.60 -65.27 -15.79
CA THR F 393 60.75 -66.57 -15.14
C THR F 393 61.95 -66.63 -14.21
N SER F 394 62.98 -65.81 -14.44
CA SER F 394 64.20 -65.89 -13.65
C SER F 394 63.94 -65.55 -12.18
N PHE F 395 63.26 -64.42 -11.94
CA PHE F 395 62.96 -64.01 -10.57
C PHE F 395 62.05 -65.01 -9.89
N VAL F 396 61.04 -65.51 -10.62
CA VAL F 396 60.12 -66.48 -10.05
C VAL F 396 60.87 -67.75 -9.64
N LYS F 397 61.75 -68.24 -10.51
CA LYS F 397 62.44 -69.49 -10.22
C LYS F 397 63.45 -69.33 -9.09
N GLU F 398 64.12 -68.17 -9.00
CA GLU F 398 65.05 -67.99 -7.89
C GLU F 398 64.31 -67.83 -6.57
N ILE F 399 63.15 -67.16 -6.58
CA ILE F 399 62.34 -67.08 -5.37
C ILE F 399 61.83 -68.45 -4.99
N HIS F 400 61.46 -69.27 -5.98
CA HIS F 400 61.02 -70.64 -5.69
C HIS F 400 62.13 -71.46 -5.09
N ASP F 401 63.36 -71.32 -5.60
CA ASP F 401 64.50 -72.01 -5.01
C ASP F 401 64.72 -71.56 -3.57
N PHE F 402 64.62 -70.25 -3.33
CA PHE F 402 64.74 -69.72 -1.98
C PHE F 402 63.72 -70.36 -1.04
N VAL F 403 62.46 -70.36 -1.43
CA VAL F 403 61.42 -70.86 -0.54
C VAL F 403 61.54 -72.36 -0.34
N LEU F 404 61.88 -73.12 -1.39
CA LEU F 404 61.99 -74.56 -1.25
C LEU F 404 63.19 -74.94 -0.38
N GLU F 405 64.32 -74.24 -0.53
CA GLU F 405 65.47 -74.55 0.31
C GLU F 405 65.20 -74.18 1.76
N GLN F 406 64.51 -73.06 2.00
CA GLN F 406 64.13 -72.73 3.37
C GLN F 406 63.19 -73.78 3.96
N PHE F 407 62.23 -74.25 3.16
CA PHE F 407 61.34 -75.31 3.61
C PHE F 407 62.12 -76.55 4.00
N ASN F 408 63.02 -77.01 3.12
CA ASN F 408 63.78 -78.22 3.38
C ASN F 408 64.65 -78.08 4.61
N THR F 409 65.30 -76.93 4.78
CA THR F 409 66.20 -76.75 5.91
C THR F 409 65.43 -76.65 7.22
N SER F 410 64.47 -75.72 7.30
CA SER F 410 63.82 -75.43 8.57
C SER F 410 62.85 -76.54 8.97
N GLN F 411 62.04 -77.02 8.03
CA GLN F 411 60.97 -77.95 8.39
C GLN F 411 61.54 -79.30 8.84
N GLY F 412 62.62 -79.76 8.22
CA GLY F 412 63.17 -81.07 8.52
C GLY F 412 64.02 -81.13 9.78
N GLU F 413 63.69 -80.28 10.76
CA GLU F 413 64.44 -80.24 12.02
C GLU F 413 63.57 -80.32 13.27
N LEU F 414 62.27 -80.02 13.17
CA LEU F 414 61.37 -80.02 14.32
C LEU F 414 60.53 -81.28 14.43
N GLN F 415 61.08 -82.43 14.03
CA GLN F 415 60.39 -83.71 14.09
C GLN F 415 60.78 -84.53 15.30
N LYS F 416 61.07 -83.88 16.42
CA LYS F 416 61.47 -84.57 17.64
C LYS F 416 60.29 -85.33 18.25
N LYS F 432 57.70 -73.49 17.87
CA LYS F 432 56.35 -73.14 18.27
C LYS F 432 55.69 -72.23 17.25
N LEU F 433 56.20 -70.99 17.15
CA LEU F 433 55.68 -70.03 16.21
C LEU F 433 56.29 -70.17 14.81
N ARG F 434 57.22 -71.10 14.62
CA ARG F 434 57.79 -71.35 13.31
C ARG F 434 56.75 -71.89 12.33
N CYS F 435 55.66 -72.45 12.83
CA CYS F 435 54.63 -73.00 11.96
C CYS F 435 54.01 -71.91 11.10
N GLN F 436 53.83 -70.71 11.66
CA GLN F 436 53.30 -69.60 10.87
C GLN F 436 54.24 -69.23 9.73
N ALA F 437 55.55 -69.21 10.00
CA ALA F 437 56.52 -68.91 8.95
C ALA F 437 56.52 -69.99 7.88
N ASN F 438 56.44 -71.26 8.28
CA ASN F 438 56.37 -72.34 7.30
C ASN F 438 55.10 -72.23 6.46
N ALA F 439 53.98 -71.89 7.09
CA ALA F 439 52.73 -71.74 6.35
C ALA F 439 52.82 -70.58 5.37
N ALA F 440 53.45 -69.47 5.78
CA ALA F 440 53.64 -68.35 4.86
C ALA F 440 54.52 -68.75 3.68
N CYS F 441 55.58 -69.52 3.95
CA CYS F 441 56.43 -70.00 2.86
C CYS F 441 55.66 -70.90 1.91
N VAL F 442 54.80 -71.77 2.45
CA VAL F 442 53.98 -72.64 1.60
C VAL F 442 53.02 -71.81 0.76
N ASP F 443 52.40 -70.80 1.36
CA ASP F 443 51.49 -69.93 0.63
C ASP F 443 52.22 -69.18 -0.48
N LEU F 444 53.47 -68.78 -0.24
CA LEU F 444 54.22 -68.06 -1.26
C LEU F 444 54.72 -68.98 -2.36
N MET F 445 55.04 -70.24 -2.05
CA MET F 445 55.64 -71.12 -3.05
C MET F 445 54.63 -71.57 -4.09
N VAL F 446 53.35 -71.69 -3.71
CA VAL F 446 52.35 -72.13 -4.68
C VAL F 446 52.13 -71.05 -5.74
N TRP F 447 52.33 -69.79 -5.38
CA TRP F 447 52.22 -68.71 -6.37
C TRP F 447 53.36 -68.75 -7.38
N ALA F 448 54.48 -69.38 -7.04
CA ALA F 448 55.64 -69.46 -7.93
C ALA F 448 55.69 -70.76 -8.71
N VAL F 449 54.53 -71.32 -9.06
CA VAL F 449 54.42 -72.56 -9.81
C VAL F 449 53.70 -72.28 -11.11
N LYS F 450 54.28 -72.73 -12.23
CA LYS F 450 53.73 -72.46 -13.55
C LYS F 450 53.69 -73.73 -14.42
N ASP F 451 53.75 -74.90 -13.81
CA ASP F 451 53.73 -76.16 -14.55
C ASP F 451 52.72 -77.11 -13.92
N GLU F 452 52.05 -77.88 -14.77
CA GLU F 452 51.06 -78.85 -14.28
C GLU F 452 51.73 -79.97 -13.48
N GLN F 453 52.90 -80.42 -13.94
CA GLN F 453 53.61 -81.47 -13.22
C GLN F 453 54.05 -81.00 -11.83
N GLY F 454 54.50 -79.75 -11.74
CA GLY F 454 54.83 -79.21 -10.42
C GLY F 454 53.62 -79.13 -9.52
N ALA F 455 52.46 -78.76 -10.08
CA ALA F 455 51.24 -78.73 -9.30
C ALA F 455 50.87 -80.13 -8.79
N GLU F 456 51.02 -81.14 -9.66
CA GLU F 456 50.75 -82.51 -9.24
C GLU F 456 51.71 -82.96 -8.14
N ASN F 457 52.99 -82.61 -8.27
CA ASN F 457 53.95 -82.96 -7.24
C ASN F 457 53.62 -82.29 -5.91
N LEU F 458 53.24 -81.01 -5.95
CA LEU F 458 52.84 -80.32 -4.73
C LEU F 458 51.60 -80.97 -4.12
N CYS F 459 50.64 -81.34 -4.95
CA CYS F 459 49.44 -82.00 -4.46
C CYS F 459 49.78 -83.32 -3.77
N ILE F 460 50.69 -84.11 -4.37
CA ILE F 460 51.09 -85.38 -3.76
C ILE F 460 51.79 -85.13 -2.43
N LYS F 461 52.71 -84.16 -2.39
CA LYS F 461 53.47 -83.90 -1.17
C LYS F 461 52.56 -83.39 -0.06
N LEU F 462 51.55 -82.60 -0.40
CA LEU F 462 50.61 -82.14 0.62
C LEU F 462 49.68 -83.26 1.06
N SER F 463 49.23 -84.10 0.11
CA SER F 463 48.29 -85.16 0.44
C SER F 463 48.92 -86.20 1.36
N GLU F 464 50.19 -86.56 1.12
CA GLU F 464 50.82 -87.56 1.98
C GLU F 464 50.94 -87.07 3.41
N LYS F 465 51.04 -85.75 3.62
CA LYS F 465 51.07 -85.20 4.97
C LYS F 465 49.68 -85.14 5.59
N LEU F 466 48.65 -84.90 4.78
CA LEU F 466 47.31 -84.68 5.33
C LEU F 466 46.81 -85.91 6.07
N GLN F 467 46.88 -87.08 5.45
CA GLN F 467 46.35 -88.31 6.03
C GLN F 467 47.38 -88.88 6.99
N SER F 468 47.48 -88.27 8.17
CA SER F 468 48.41 -88.71 9.19
C SER F 468 47.77 -89.70 10.14
N HIS F 478 51.30 -76.50 14.14
CA HIS F 478 51.02 -77.45 13.07
C HIS F 478 49.62 -77.26 12.51
N LEU F 479 48.69 -76.80 13.36
CA LEU F 479 47.34 -76.52 12.89
C LEU F 479 47.32 -75.43 11.83
N PRO F 480 47.97 -74.27 12.00
CA PRO F 480 48.04 -73.31 10.89
C PRO F 480 48.71 -73.87 9.65
N LEU F 481 49.68 -74.76 9.81
CA LEU F 481 50.35 -75.36 8.66
C LEU F 481 49.35 -76.15 7.83
N LEU F 482 48.55 -77.01 8.47
CA LEU F 482 47.58 -77.80 7.72
C LEU F 482 46.45 -76.93 7.17
N ILE F 483 46.07 -75.87 7.90
CA ILE F 483 45.04 -74.97 7.39
C ILE F 483 45.51 -74.30 6.10
N CYS F 484 46.75 -73.79 6.11
CA CYS F 484 47.29 -73.17 4.91
C CYS F 484 47.56 -74.20 3.81
N CYS F 485 47.83 -75.46 4.17
CA CYS F 485 47.91 -76.51 3.16
C CYS F 485 46.58 -76.70 2.47
N LEU F 486 45.48 -76.72 3.23
CA LEU F 486 44.16 -76.82 2.63
C LEU F 486 43.86 -75.61 1.76
N GLN F 487 44.21 -74.41 2.23
CA GLN F 487 43.98 -73.20 1.44
C GLN F 487 44.76 -73.23 0.13
N GLY F 488 46.02 -73.64 0.18
CA GLY F 488 46.82 -73.73 -1.03
C GLY F 488 46.31 -74.81 -1.98
N LEU F 489 45.85 -75.93 -1.44
CA LEU F 489 45.27 -76.97 -2.28
C LEU F 489 44.02 -76.46 -2.98
N GLY F 490 43.16 -75.74 -2.26
CA GLY F 490 41.98 -75.17 -2.89
C GLY F 490 42.33 -74.17 -3.97
N ARG F 491 43.29 -73.28 -3.69
CA ARG F 491 43.70 -72.29 -4.69
C ARG F 491 44.30 -72.97 -5.92
N LEU F 492 45.14 -73.98 -5.72
CA LEU F 492 45.76 -74.68 -6.84
C LEU F 492 44.72 -75.41 -7.67
N CYS F 493 43.74 -76.05 -7.02
CA CYS F 493 42.68 -76.71 -7.76
C CYS F 493 41.85 -75.70 -8.55
N GLU F 494 41.59 -74.53 -7.96
CA GLU F 494 40.89 -73.49 -8.70
C GLU F 494 41.69 -73.03 -9.92
N ARG F 495 43.02 -72.88 -9.76
CA ARG F 495 43.84 -72.39 -10.85
C ARG F 495 43.94 -73.41 -11.98
N PHE F 496 44.22 -74.67 -11.64
CA PHE F 496 44.37 -75.71 -12.66
C PHE F 496 43.20 -76.68 -12.59
N PRO F 497 42.29 -76.67 -13.56
CA PRO F 497 41.15 -77.60 -13.53
C PRO F 497 41.51 -79.02 -13.94
N VAL F 498 42.74 -79.29 -14.37
CA VAL F 498 43.11 -80.63 -14.80
C VAL F 498 43.18 -81.59 -13.62
N VAL F 499 43.71 -81.13 -12.49
CA VAL F 499 44.00 -82.00 -11.36
C VAL F 499 42.77 -82.15 -10.45
N VAL F 500 41.61 -81.68 -10.93
CA VAL F 500 40.40 -81.74 -10.12
C VAL F 500 40.06 -83.19 -9.79
N HIS F 501 40.12 -84.07 -10.81
CA HIS F 501 39.81 -85.48 -10.57
C HIS F 501 40.86 -86.14 -9.69
N SER F 502 42.11 -85.69 -9.76
CA SER F 502 43.17 -86.31 -8.97
C SER F 502 43.07 -85.93 -7.50
N VAL F 503 42.74 -84.66 -7.21
CA VAL F 503 42.68 -84.19 -5.83
C VAL F 503 41.35 -84.47 -5.16
N THR F 504 40.33 -84.85 -5.92
CA THR F 504 39.02 -85.15 -5.32
C THR F 504 39.08 -86.28 -4.30
N PRO F 505 39.68 -87.44 -4.58
CA PRO F 505 39.76 -88.46 -3.52
C PRO F 505 40.56 -88.01 -2.31
N SER F 506 41.58 -87.17 -2.50
CA SER F 506 42.41 -86.76 -1.37
C SER F 506 41.60 -85.97 -0.34
N LEU F 507 40.77 -85.04 -0.79
CA LEU F 507 39.96 -84.26 0.13
C LEU F 507 38.77 -85.05 0.66
N ARG F 508 38.21 -85.96 -0.15
CA ARG F 508 37.03 -86.70 0.27
C ARG F 508 37.37 -87.72 1.37
N ASP F 509 38.51 -88.40 1.24
CA ASP F 509 38.84 -89.48 2.16
C ASP F 509 38.98 -88.97 3.59
N PHE F 510 39.61 -87.80 3.78
CA PHE F 510 39.79 -87.26 5.11
C PHE F 510 38.44 -86.96 5.77
N LEU F 511 37.50 -86.40 5.01
CA LEU F 511 36.21 -86.04 5.58
C LEU F 511 35.37 -87.28 5.89
N VAL F 512 35.34 -88.25 4.97
CA VAL F 512 34.49 -89.42 5.17
C VAL F 512 35.08 -90.39 6.17
N ILE F 513 36.37 -90.30 6.48
CA ILE F 513 37.00 -91.20 7.43
C ILE F 513 37.44 -90.45 8.68
N SER F 515 39.11 -88.81 10.77
CA SER F 515 39.94 -87.74 11.33
C SER F 515 40.14 -87.95 12.83
N PRO F 516 41.16 -88.74 13.19
CA PRO F 516 41.44 -88.97 14.62
C PRO F 516 41.73 -87.69 15.38
N VAL F 517 42.35 -86.70 14.75
CA VAL F 517 42.60 -85.43 15.42
C VAL F 517 41.29 -84.76 15.80
N LEU F 518 40.30 -84.79 14.89
CA LEU F 518 38.99 -84.22 15.20
C LEU F 518 38.32 -85.01 16.33
N VAL F 519 38.49 -86.34 16.34
CA VAL F 519 37.91 -87.16 17.40
C VAL F 519 38.50 -86.78 18.74
N LYS F 520 39.82 -86.60 18.81
CA LYS F 520 40.45 -86.19 20.05
C LYS F 520 40.03 -84.78 20.45
N LEU F 521 39.85 -83.90 19.45
CA LEU F 521 39.41 -82.53 19.73
C LEU F 521 38.01 -82.53 20.35
N TYR F 522 37.11 -83.37 19.84
CA TYR F 522 35.76 -83.44 20.38
C TYR F 522 35.76 -83.86 21.84
N LYS F 523 36.59 -84.85 22.19
CA LYS F 523 36.68 -85.32 23.56
C LYS F 523 37.81 -84.64 24.30
N TYR F 562 37.44 -76.12 15.95
CA TYR F 562 36.63 -77.31 16.16
C TYR F 562 35.70 -77.55 14.96
N GLU F 563 35.13 -76.48 14.42
CA GLU F 563 34.36 -76.56 13.19
C GLU F 563 34.85 -75.60 12.12
N GLN F 564 35.73 -74.65 12.46
CA GLN F 564 36.25 -73.73 11.46
C GLN F 564 37.02 -74.47 10.37
N LEU F 565 37.87 -75.42 10.77
CA LEU F 565 38.59 -76.23 9.78
C LEU F 565 37.62 -77.05 8.94
N ARG F 566 36.55 -77.55 9.56
CA ARG F 566 35.56 -78.34 8.83
C ARG F 566 34.88 -77.50 7.75
N ASP F 567 34.41 -76.30 8.10
CA ASP F 567 33.75 -75.48 7.10
C ASP F 567 34.73 -74.96 6.06
N ILE F 568 35.98 -74.70 6.44
CA ILE F 568 36.99 -74.31 5.46
C ILE F 568 37.22 -75.43 4.46
N ALA F 569 37.32 -76.67 4.96
CA ALA F 569 37.48 -77.82 4.07
C ALA F 569 36.27 -77.98 3.15
N ILE F 570 35.06 -77.77 3.69
CA ILE F 570 33.86 -77.89 2.86
C ILE F 570 33.84 -76.82 1.77
N ASP F 571 34.22 -75.59 2.11
CA ASP F 571 34.27 -74.53 1.12
C ASP F 571 35.31 -74.82 0.05
N ASN F 572 36.47 -75.35 0.45
CA ASN F 572 37.48 -75.73 -0.53
C ASN F 572 36.97 -76.87 -1.43
N ILE F 573 36.21 -77.79 -0.85
CA ILE F 573 35.63 -78.87 -1.64
C ILE F 573 34.67 -78.29 -2.68
N CYS F 574 33.84 -77.34 -2.26
CA CYS F 574 32.88 -76.73 -3.18
C CYS F 574 33.59 -75.95 -4.29
N ARG F 575 34.67 -75.25 -3.94
CA ARG F 575 35.46 -74.55 -4.95
C ARG F 575 36.07 -75.54 -5.93
N CYS F 576 36.59 -76.66 -5.42
CA CYS F 576 37.15 -77.70 -6.29
C CYS F 576 36.10 -78.24 -7.25
N LEU F 577 34.90 -78.49 -6.73
CA LEU F 577 33.85 -79.06 -7.60
C LEU F 577 33.34 -78.05 -8.62
N LYS F 578 33.25 -76.77 -8.25
CA LYS F 578 32.85 -75.77 -9.24
C LYS F 578 33.92 -75.58 -10.30
N ALA F 579 35.20 -75.64 -9.91
CA ALA F 579 36.27 -75.60 -10.91
C ALA F 579 36.20 -76.83 -11.82
N GLY F 580 35.88 -77.99 -11.27
CA GLY F 580 35.76 -79.19 -12.09
C GLY F 580 34.60 -79.12 -13.07
N LEU F 581 33.44 -78.63 -12.61
CA LEU F 581 32.29 -78.51 -13.50
C LEU F 581 32.44 -77.36 -14.48
N THR F 582 33.39 -76.45 -14.23
CA THR F 582 33.65 -75.38 -15.19
C THR F 582 34.11 -75.94 -16.53
N VAL F 583 34.96 -76.97 -16.50
CA VAL F 583 35.51 -77.56 -17.72
C VAL F 583 34.79 -78.84 -18.11
N ASP F 584 34.50 -79.71 -17.14
CA ASP F 584 33.89 -81.01 -17.42
C ASP F 584 32.46 -81.05 -16.91
N PRO F 585 31.46 -81.18 -17.78
CA PRO F 585 30.08 -81.22 -17.31
C PRO F 585 29.61 -82.60 -16.85
N VAL F 586 30.50 -83.58 -16.72
CA VAL F 586 30.14 -84.91 -16.22
C VAL F 586 30.80 -85.23 -14.90
N ILE F 587 31.82 -84.48 -14.50
CA ILE F 587 32.55 -84.82 -13.29
C ILE F 587 31.67 -84.64 -12.05
N VAL F 588 30.78 -83.64 -12.07
CA VAL F 588 29.87 -83.44 -10.93
C VAL F 588 28.83 -84.57 -10.84
N GLU F 589 28.37 -85.07 -11.99
CA GLU F 589 27.50 -86.25 -11.98
C GLU F 589 28.22 -87.46 -11.41
N ALA F 590 29.48 -87.67 -11.82
CA ALA F 590 30.27 -88.76 -11.24
C ALA F 590 30.44 -88.58 -9.74
N PHE F 591 30.72 -87.35 -9.30
CA PHE F 591 30.90 -87.09 -7.86
C PHE F 591 29.60 -87.32 -7.08
N LEU F 592 28.45 -86.95 -7.66
CA LEU F 592 27.19 -87.19 -6.96
C LEU F 592 26.87 -88.68 -6.90
N ALA F 593 27.21 -89.43 -7.96
CA ALA F 593 27.07 -90.89 -7.89
C ALA F 593 27.95 -91.47 -6.79
N SER F 594 29.20 -90.99 -6.69
CA SER F 594 30.10 -91.47 -5.66
C SER F 594 29.58 -91.12 -4.27
N LEU F 595 29.05 -89.91 -4.10
CA LEU F 595 28.51 -89.49 -2.80
C LEU F 595 27.29 -90.32 -2.44
N SER F 596 26.45 -90.64 -3.42
CA SER F 596 25.32 -91.51 -3.16
C SER F 596 25.78 -92.89 -2.72
N ASN F 597 26.82 -93.43 -3.37
CA ASN F 597 27.36 -94.72 -2.95
C ASN F 597 27.91 -94.65 -1.53
N ARG F 598 28.60 -93.56 -1.20
CA ARG F 598 29.14 -93.40 0.15
C ARG F 598 28.03 -93.33 1.18
N LEU F 599 26.96 -92.61 0.86
CA LEU F 599 25.80 -92.56 1.76
C LEU F 599 25.18 -93.94 1.93
N TYR F 600 25.09 -94.70 0.84
CA TYR F 600 24.55 -96.06 0.94
C TYR F 600 25.41 -96.93 1.84
N ILE F 601 26.73 -96.84 1.71
CA ILE F 601 27.63 -97.62 2.55
C ILE F 601 27.89 -96.89 3.85
N LEU F 611 29.54 -91.15 13.20
CA LEU F 611 28.65 -90.01 13.09
C LEU F 611 28.88 -89.27 11.77
N ILE F 612 29.21 -90.03 10.73
CA ILE F 612 29.43 -89.49 9.39
C ILE F 612 28.17 -88.95 8.71
N PRO F 613 26.94 -89.41 9.03
CA PRO F 613 25.77 -88.80 8.36
C PRO F 613 25.63 -87.30 8.60
N ASP F 614 26.02 -86.80 9.77
CA ASP F 614 25.94 -85.36 10.02
C ASP F 614 26.84 -84.60 9.05
N HIS F 615 28.09 -85.04 8.91
CA HIS F 615 29.02 -84.40 7.98
C HIS F 615 28.52 -84.52 6.55
N THR F 616 27.98 -85.68 6.20
CA THR F 616 27.48 -85.88 4.84
C THR F 616 26.31 -84.94 4.55
N ILE F 617 25.40 -84.77 5.51
CA ILE F 617 24.25 -83.88 5.30
C ILE F 617 24.69 -82.42 5.23
N ARG F 618 25.66 -82.04 6.07
CA ARG F 618 26.18 -80.68 5.99
C ARG F 618 26.85 -80.42 4.64
N ALA F 619 27.60 -81.39 4.14
CA ALA F 619 28.22 -81.26 2.81
C ALA F 619 27.15 -81.15 1.73
N LEU F 620 26.10 -81.96 1.83
CA LEU F 620 25.01 -81.88 0.86
C LEU F 620 24.34 -80.51 0.87
N GLY F 621 24.06 -79.98 2.07
CA GLY F 621 23.48 -78.66 2.15
C GLY F 621 24.37 -77.58 1.58
N HIS F 622 25.67 -77.64 1.89
CA HIS F 622 26.60 -76.64 1.39
C HIS F 622 26.72 -76.70 -0.13
N ILE F 623 26.79 -77.91 -0.71
CA ILE F 623 26.90 -78.00 -2.16
C ILE F 623 25.60 -77.60 -2.83
N ALA F 624 24.46 -77.85 -2.20
CA ALA F 624 23.19 -77.38 -2.75
C ALA F 624 23.13 -75.85 -2.75
N VAL F 625 23.61 -75.23 -1.68
CA VAL F 625 23.63 -73.77 -1.61
C VAL F 625 24.60 -73.20 -2.64
N ALA F 626 25.76 -73.85 -2.82
CA ALA F 626 26.75 -73.34 -3.76
C ALA F 626 26.26 -73.45 -5.21
N LEU F 627 25.31 -74.34 -5.48
CA LEU F 627 24.80 -74.57 -6.82
C LEU F 627 23.38 -74.05 -6.99
N ARG F 628 23.07 -72.92 -6.35
CA ARG F 628 21.74 -72.33 -6.51
C ARG F 628 21.49 -71.88 -7.94
N ASP F 629 22.42 -71.11 -8.51
CA ASP F 629 22.26 -70.62 -9.87
C ASP F 629 22.27 -71.77 -10.88
N THR F 630 23.19 -72.72 -10.71
CA THR F 630 23.29 -73.84 -11.63
C THR F 630 23.96 -75.03 -10.96
N LYS F 632 20.28 -77.66 -15.14
CA LYS F 632 20.08 -79.10 -15.07
C LYS F 632 20.96 -79.72 -13.99
N VAL F 633 21.27 -78.92 -12.98
CA VAL F 633 22.05 -79.39 -11.84
C VAL F 633 21.23 -79.47 -10.56
N MET F 634 20.25 -78.58 -10.38
CA MET F 634 19.46 -78.59 -9.15
C MET F 634 18.49 -79.77 -9.11
N GLU F 635 18.06 -80.26 -10.27
CA GLU F 635 17.11 -81.37 -10.30
C GLU F 635 17.69 -82.66 -9.71
N PRO F 636 18.91 -83.09 -10.05
CA PRO F 636 19.46 -84.28 -9.35
C PRO F 636 19.55 -84.10 -7.85
N ILE F 637 19.90 -82.90 -7.37
CA ILE F 637 19.96 -82.66 -5.93
C ILE F 637 18.57 -82.76 -5.33
N LEU F 638 17.56 -82.23 -6.03
CA LEU F 638 16.18 -82.35 -5.57
C LEU F 638 15.76 -83.81 -5.47
N GLN F 639 16.08 -84.61 -6.49
CA GLN F 639 15.73 -86.02 -6.46
C GLN F 639 16.43 -86.74 -5.30
N ILE F 640 17.72 -86.43 -5.09
CA ILE F 640 18.46 -87.05 -4.00
C ILE F 640 17.85 -86.71 -2.65
N LEU F 641 17.51 -85.44 -2.44
CA LEU F 641 16.92 -85.05 -1.16
C LEU F 641 15.53 -85.63 -0.99
N GLN F 642 14.77 -85.78 -2.07
CA GLN F 642 13.47 -86.44 -1.97
C GLN F 642 13.61 -87.90 -1.59
N GLN F 643 14.58 -88.60 -2.18
CA GLN F 643 14.74 -90.03 -1.96
C GLN F 643 15.58 -90.36 -0.72
N LYS F 644 16.19 -89.37 -0.07
CA LYS F 644 17.04 -89.61 1.09
C LYS F 644 16.28 -89.57 2.40
N PHE F 645 14.98 -89.31 2.38
CA PHE F 645 14.22 -89.21 3.62
C PHE F 645 14.17 -90.57 4.33
N CYS F 646 14.53 -90.57 5.61
CA CYS F 646 14.60 -91.79 6.42
C CYS F 646 15.47 -92.85 5.75
N SER F 650 15.09 -91.87 15.90
CA SER F 650 16.12 -91.36 15.01
C SER F 650 16.12 -89.83 15.00
N PRO F 651 16.93 -89.23 15.86
CA PRO F 651 16.98 -87.76 15.97
C PRO F 651 17.73 -87.07 14.84
N LEU F 652 18.10 -87.78 13.77
CA LEU F 652 18.84 -87.16 12.67
C LEU F 652 17.96 -86.27 11.81
N ASP F 653 16.64 -86.33 11.96
CA ASP F 653 15.73 -85.53 11.16
C ASP F 653 15.67 -84.07 11.60
N VAL F 654 16.28 -83.72 12.74
CA VAL F 654 16.21 -82.35 13.24
C VAL F 654 16.90 -81.40 12.28
N LEU F 655 18.11 -81.75 11.83
CA LEU F 655 18.87 -80.87 10.95
C LEU F 655 18.50 -81.03 9.48
N ILE F 656 17.73 -82.07 9.13
CA ILE F 656 17.33 -82.26 7.74
C ILE F 656 16.43 -81.11 7.29
N ILE F 657 15.40 -80.82 8.08
CA ILE F 657 14.53 -79.69 7.74
C ILE F 657 15.26 -78.37 7.90
N ASP F 658 16.26 -78.31 8.79
CA ASP F 658 17.09 -77.12 8.90
C ASP F 658 17.83 -76.84 7.60
N GLN F 659 18.40 -77.90 7.00
CA GLN F 659 19.02 -77.74 5.69
C GLN F 659 17.97 -77.40 4.62
N LEU F 660 16.79 -78.02 4.70
CA LEU F 660 15.73 -77.74 3.74
C LEU F 660 15.29 -76.28 3.80
N GLY F 661 15.37 -75.66 4.97
CA GLY F 661 14.96 -74.26 5.09
C GLY F 661 15.81 -73.33 4.25
N CYS F 662 17.12 -73.59 4.21
CA CYS F 662 18.01 -72.78 3.38
C CYS F 662 17.70 -72.94 1.90
N LEU F 663 17.14 -74.09 1.50
CA LEU F 663 16.79 -74.32 0.10
C LEU F 663 15.59 -73.50 -0.35
N VAL F 664 14.79 -72.98 0.60
CA VAL F 664 13.63 -72.19 0.23
C VAL F 664 14.04 -70.86 -0.41
N ILE F 665 15.16 -70.29 0.04
CA ILE F 665 15.62 -69.00 -0.47
C ILE F 665 15.94 -69.07 -1.96
N THR F 666 16.19 -70.27 -2.49
CA THR F 666 16.53 -70.41 -3.91
C THR F 666 15.48 -69.79 -4.82
N GLY F 667 14.21 -69.84 -4.42
CA GLY F 667 13.17 -69.16 -5.15
C GLY F 667 12.62 -69.92 -6.33
N ASN F 668 12.13 -71.13 -6.10
CA ASN F 668 11.50 -71.95 -7.13
C ASN F 668 10.08 -72.30 -6.68
N GLN F 669 9.11 -72.07 -7.56
CA GLN F 669 7.72 -72.32 -7.20
C GLN F 669 7.47 -73.79 -6.91
N TYR F 670 8.01 -74.67 -7.74
CA TYR F 670 7.80 -76.11 -7.54
C TYR F 670 8.45 -76.59 -6.24
N ILE F 671 9.66 -76.11 -5.95
CA ILE F 671 10.33 -76.50 -4.72
C ILE F 671 9.57 -75.99 -3.51
N TYR F 672 9.08 -74.75 -3.59
CA TYR F 672 8.27 -74.20 -2.50
C TYR F 672 7.01 -75.02 -2.29
N GLN F 673 6.34 -75.40 -3.38
CA GLN F 673 5.14 -76.23 -3.26
C GLN F 673 5.47 -77.57 -2.62
N GLU F 674 6.57 -78.20 -3.03
CA GLU F 674 6.95 -79.50 -2.47
C GLU F 674 7.22 -79.39 -0.97
N VAL F 675 8.02 -78.40 -0.56
CA VAL F 675 8.38 -78.29 0.85
C VAL F 675 7.16 -77.91 1.68
N TRP F 676 6.29 -77.04 1.15
CA TRP F 676 5.10 -76.66 1.90
C TRP F 676 4.14 -77.83 2.03
N ASN F 677 4.00 -78.65 0.98
CA ASN F 677 3.15 -79.83 1.09
C ASN F 677 3.71 -80.82 2.10
N LEU F 678 5.04 -81.00 2.11
CA LEU F 678 5.65 -81.88 3.09
C LEU F 678 5.38 -81.39 4.52
N PHE F 679 5.56 -80.08 4.74
CA PHE F 679 5.30 -79.53 6.07
C PHE F 679 3.83 -79.64 6.45
N GLN F 680 2.93 -79.42 5.47
CA GLN F 680 1.50 -79.57 5.74
C GLN F 680 1.15 -80.99 6.12
N GLN F 681 1.71 -81.97 5.42
CA GLN F 681 1.46 -83.37 5.76
C GLN F 681 2.00 -83.70 7.14
N ILE F 682 3.18 -83.18 7.48
CA ILE F 682 3.74 -83.41 8.81
C ILE F 682 2.83 -82.81 9.88
N SER F 683 2.35 -81.59 9.65
CA SER F 683 1.48 -80.94 10.63
C SER F 683 0.16 -81.67 10.79
N VAL F 684 -0.44 -82.12 9.68
CA VAL F 684 -1.70 -82.85 9.75
C VAL F 684 -1.49 -84.19 10.46
N LYS F 685 -0.34 -84.82 10.26
CA LYS F 685 -0.04 -86.06 10.95
C LYS F 685 -0.02 -85.85 12.46
N ALA F 686 0.57 -84.75 12.92
CA ALA F 686 0.61 -84.43 14.34
C ALA F 686 -0.77 -84.04 14.85
N TYR F 702 7.18 -89.39 14.47
CA TYR F 702 8.11 -88.31 14.74
C TYR F 702 7.41 -87.14 15.42
N ARG F 703 6.88 -87.38 16.63
CA ARG F 703 6.21 -86.32 17.38
C ARG F 703 7.17 -85.24 17.84
N HIS F 704 8.46 -85.56 17.98
CA HIS F 704 9.44 -84.60 18.47
C HIS F 704 9.72 -83.46 17.51
N CYS F 705 9.25 -83.56 16.26
CA CYS F 705 9.53 -82.53 15.25
C CYS F 705 8.52 -81.40 15.27
N SER F 706 7.57 -81.41 16.19
CA SER F 706 6.55 -80.35 16.25
C SER F 706 7.19 -78.99 16.49
N LEU F 707 8.17 -78.92 17.40
CA LEU F 707 8.88 -77.66 17.61
C LEU F 707 9.86 -77.37 16.49
N ALA F 708 10.45 -78.41 15.91
CA ALA F 708 11.43 -78.21 14.85
C ALA F 708 10.79 -77.57 13.61
N VAL F 709 9.60 -78.03 13.24
CA VAL F 709 8.95 -77.51 12.03
C VAL F 709 8.56 -76.05 12.22
N ILE F 710 8.02 -75.70 13.39
CA ILE F 710 7.62 -74.31 13.63
C ILE F 710 8.85 -73.42 13.72
N ASN F 711 9.94 -73.91 14.31
CA ASN F 711 11.18 -73.14 14.32
C ASN F 711 11.70 -72.91 12.90
N ALA F 712 11.65 -73.94 12.06
CA ALA F 712 12.07 -73.78 10.67
C ALA F 712 11.19 -72.78 9.93
N LEU F 713 9.89 -72.83 10.16
CA LEU F 713 8.98 -71.86 9.53
C LEU F 713 9.28 -70.44 10.00
N ALA F 714 9.57 -70.27 11.29
CA ALA F 714 9.93 -68.96 11.81
C ALA F 714 11.21 -68.46 11.17
N ASN F 715 12.19 -69.34 10.99
CA ASN F 715 13.43 -68.94 10.32
C ASN F 715 13.18 -68.57 8.87
N ILE F 716 12.29 -69.30 8.20
CA ILE F 716 12.02 -69.06 6.78
C ILE F 716 11.37 -67.68 6.58
N ALA F 717 10.42 -67.32 7.45
CA ALA F 717 9.62 -66.13 7.24
C ALA F 717 10.46 -64.86 7.19
N ALA F 718 11.62 -64.87 7.84
CA ALA F 718 12.49 -63.71 7.86
C ALA F 718 13.52 -63.69 6.74
N ASN F 719 13.48 -64.66 5.83
CA ASN F 719 14.50 -64.80 4.78
C ASN F 719 13.83 -65.09 3.44
N ILE F 720 12.76 -64.36 3.13
CA ILE F 720 12.06 -64.49 1.85
C ILE F 720 12.13 -63.14 1.14
N GLN F 721 12.53 -63.16 -0.12
CA GLN F 721 12.73 -61.94 -0.90
C GLN F 721 11.83 -61.84 -2.13
N ASP F 722 10.91 -62.77 -2.32
CA ASP F 722 9.98 -62.76 -3.44
C ASP F 722 8.60 -62.38 -2.94
N GLU F 723 8.04 -61.30 -3.49
CA GLU F 723 6.73 -60.82 -3.04
C GLU F 723 5.64 -61.85 -3.31
N HIS F 724 5.70 -62.50 -4.46
CA HIS F 724 4.70 -63.54 -4.77
C HIS F 724 4.78 -64.67 -3.76
N LEU F 725 5.99 -65.12 -3.45
CA LEU F 725 6.16 -66.16 -2.44
C LEU F 725 5.70 -65.67 -1.07
N VAL F 726 5.91 -64.39 -0.77
CA VAL F 726 5.48 -63.85 0.52
C VAL F 726 3.96 -63.92 0.65
N ASP F 727 3.24 -63.43 -0.37
CA ASP F 727 1.78 -63.45 -0.27
C ASP F 727 1.24 -64.87 -0.31
N GLU F 728 1.86 -65.76 -1.10
CA GLU F 728 1.44 -67.15 -1.10
C GLU F 728 1.65 -67.80 0.26
N LEU F 729 2.78 -67.51 0.91
CA LEU F 729 3.02 -68.02 2.26
C LEU F 729 1.98 -67.49 3.24
N LEU F 730 1.64 -66.21 3.12
CA LEU F 730 0.62 -65.63 4.01
C LEU F 730 -0.72 -66.34 3.83
N MET F 731 -1.15 -66.52 2.58
CA MET F 731 -2.42 -67.19 2.33
C MET F 731 -2.38 -68.64 2.82
N ASN F 732 -1.28 -69.35 2.57
CA ASN F 732 -1.18 -70.73 3.00
C ASN F 732 -1.21 -70.84 4.52
N LEU F 733 -0.53 -69.93 5.22
CA LEU F 733 -0.54 -69.96 6.67
C LEU F 733 -1.92 -69.66 7.23
N LEU F 734 -2.63 -68.69 6.63
CA LEU F 734 -4.00 -68.42 7.05
C LEU F 734 -4.90 -69.63 6.84
N GLU F 735 -4.76 -70.29 5.69
CA GLU F 735 -5.57 -71.47 5.42
C GLU F 735 -5.25 -72.61 6.39
N LEU F 736 -3.97 -72.79 6.71
CA LEU F 736 -3.59 -73.81 7.68
C LEU F 736 -4.17 -73.50 9.06
N PHE F 737 -4.11 -72.24 9.49
CA PHE F 737 -4.64 -71.89 10.80
C PHE F 737 -6.15 -72.08 10.86
N VAL F 738 -6.87 -71.65 9.81
CA VAL F 738 -8.33 -71.80 9.84
C VAL F 738 -8.72 -73.27 9.71
N GLN F 739 -7.92 -74.08 9.00
CA GLN F 739 -8.23 -75.49 8.87
C GLN F 739 -8.08 -76.22 10.20
N LEU F 740 -7.03 -75.92 10.96
CA LEU F 740 -6.76 -76.62 12.21
C LEU F 740 -7.74 -76.23 13.32
N GLY F 741 -8.56 -75.20 13.12
CA GLY F 741 -9.51 -74.82 14.14
C GLY F 741 -10.51 -75.91 14.49
N LEU F 742 -10.88 -76.72 13.52
CA LEU F 742 -11.83 -77.82 13.74
C LEU F 742 -11.24 -78.85 14.69
N ASN F 766 -3.09 -75.14 21.89
CA ASN F 766 -2.23 -75.80 20.91
C ASN F 766 -2.08 -74.95 19.66
N LEU F 767 -3.08 -74.12 19.38
CA LEU F 767 -3.08 -73.25 18.21
C LEU F 767 -2.49 -71.87 18.51
N GLY F 768 -2.11 -71.60 19.76
CA GLY F 768 -1.57 -70.31 20.13
C GLY F 768 -0.11 -70.09 19.79
N VAL F 769 0.57 -71.11 19.24
CA VAL F 769 1.98 -70.98 18.89
C VAL F 769 2.19 -70.55 17.45
N LEU F 770 1.12 -70.40 16.67
CA LEU F 770 1.23 -70.06 15.26
C LEU F 770 1.24 -68.56 15.00
N ILE F 771 0.95 -67.73 16.00
CA ILE F 771 0.87 -66.28 15.80
C ILE F 771 2.25 -65.60 15.71
N PRO F 772 3.31 -66.04 16.40
CA PRO F 772 4.58 -65.30 16.27
C PRO F 772 5.11 -65.24 14.85
N VAL F 773 4.98 -66.33 14.08
CA VAL F 773 5.45 -66.30 12.70
C VAL F 773 4.60 -65.35 11.86
N ILE F 774 3.30 -65.28 12.14
CA ILE F 774 2.44 -64.34 11.44
C ILE F 774 2.88 -62.91 11.73
N ALA F 775 3.19 -62.62 13.00
CA ALA F 775 3.67 -61.29 13.36
C ALA F 775 4.99 -60.96 12.67
N VAL F 776 5.91 -61.92 12.64
CA VAL F 776 7.22 -61.68 12.03
C VAL F 776 7.06 -61.41 10.53
N LEU F 777 6.20 -62.16 9.86
CA LEU F 777 6.03 -61.95 8.42
C LEU F 777 5.27 -60.66 8.14
N THR F 778 4.28 -60.32 8.98
CA THR F 778 3.46 -59.15 8.70
C THR F 778 4.14 -57.84 9.08
N ARG F 779 5.18 -57.88 9.91
CA ARG F 779 5.89 -56.64 10.23
C ARG F 779 6.76 -56.15 9.07
N ARG F 780 6.92 -56.96 8.03
CA ARG F 780 7.75 -56.59 6.88
C ARG F 780 6.97 -55.96 5.74
N LEU F 781 5.68 -55.71 5.92
CA LEU F 781 4.84 -55.19 4.85
C LEU F 781 4.14 -53.92 5.29
N PRO F 782 3.86 -53.02 4.34
CA PRO F 782 3.08 -51.81 4.67
C PRO F 782 1.63 -52.17 4.91
N PRO F 783 0.87 -51.26 5.53
CA PRO F 783 -0.56 -51.55 5.76
C PRO F 783 -1.29 -51.80 4.46
N ILE F 784 -2.22 -52.76 4.51
CA ILE F 784 -2.97 -53.18 3.34
C ILE F 784 -4.24 -52.33 3.22
N LYS F 785 -4.59 -52.00 1.99
CA LYS F 785 -5.79 -51.20 1.70
C LYS F 785 -6.89 -52.01 1.04
N GLU F 786 -6.60 -52.67 -0.07
CA GLU F 786 -7.56 -53.55 -0.73
C GLU F 786 -6.80 -54.63 -1.50
N ALA F 787 -7.44 -55.78 -1.63
CA ALA F 787 -6.84 -56.93 -2.30
C ALA F 787 -7.96 -57.86 -2.77
N LYS F 788 -7.59 -59.08 -3.12
CA LYS F 788 -8.58 -60.08 -3.52
C LYS F 788 -9.51 -60.36 -2.35
N PRO F 789 -10.83 -60.38 -2.57
CA PRO F 789 -11.76 -60.63 -1.45
C PRO F 789 -11.53 -61.95 -0.75
N ARG F 790 -10.78 -62.88 -1.35
CA ARG F 790 -10.38 -64.09 -0.64
C ARG F 790 -9.58 -63.75 0.61
N LEU F 791 -8.67 -62.78 0.51
CA LEU F 791 -7.90 -62.34 1.67
C LEU F 791 -8.81 -61.73 2.74
N GLN F 792 -9.79 -60.93 2.32
CA GLN F 792 -10.73 -60.34 3.27
C GLN F 792 -11.53 -61.42 3.99
N LYS F 793 -12.00 -62.43 3.25
CA LYS F 793 -12.75 -63.52 3.88
C LYS F 793 -11.87 -64.30 4.85
N LEU F 794 -10.61 -64.56 4.46
CA LEU F 794 -9.69 -65.26 5.36
C LEU F 794 -9.45 -64.47 6.64
N PHE F 795 -9.24 -63.15 6.52
CA PHE F 795 -9.06 -62.32 7.70
C PHE F 795 -10.30 -62.31 8.57
N ARG F 796 -11.48 -62.23 7.95
CA ARG F 796 -12.72 -62.26 8.72
C ARG F 796 -12.87 -63.56 9.50
N ASP F 797 -12.58 -64.69 8.84
CA ASP F 797 -12.65 -65.99 9.52
C ASP F 797 -11.62 -66.08 10.64
N PHE F 798 -10.42 -65.55 10.40
CA PHE F 798 -9.37 -65.57 11.42
C PHE F 798 -9.80 -64.78 12.64
N TRP F 799 -10.34 -63.58 12.44
CA TRP F 799 -10.81 -62.78 13.57
C TRP F 799 -12.02 -63.42 14.25
N LEU F 800 -12.87 -64.10 13.48
CA LEU F 800 -13.99 -64.83 14.07
C LEU F 800 -13.50 -65.92 15.01
N TYR F 801 -12.53 -66.71 14.56
CA TYR F 801 -11.97 -67.74 15.44
C TYR F 801 -11.24 -67.12 16.63
N SER F 802 -10.56 -65.99 16.42
CA SER F 802 -9.85 -65.33 17.51
C SER F 802 -10.82 -64.89 18.59
N VAL F 803 -11.95 -64.28 18.21
CA VAL F 803 -12.94 -63.88 19.21
C VAL F 803 -13.67 -65.07 19.80
N LEU F 804 -13.84 -66.16 19.03
CA LEU F 804 -14.44 -67.37 19.59
C LEU F 804 -13.56 -67.95 20.70
N MET F 805 -12.24 -67.98 20.49
CA MET F 805 -11.32 -68.50 21.48
C MET F 805 -10.90 -67.46 22.52
N GLY F 806 -11.27 -66.20 22.33
CA GLY F 806 -10.95 -65.18 23.32
C GLY F 806 -9.49 -64.84 23.42
N PHE F 807 -8.72 -65.04 22.35
CA PHE F 807 -7.30 -64.73 22.39
C PHE F 807 -7.07 -63.22 22.53
N ALA F 808 -7.91 -62.41 21.88
CA ALA F 808 -7.78 -60.96 21.99
C ALA F 808 -8.02 -60.45 23.40
N VAL F 809 -8.78 -61.19 24.22
CA VAL F 809 -9.01 -60.77 25.60
C VAL F 809 -7.71 -60.86 26.37
N GLU F 810 -7.41 -59.82 27.14
CA GLU F 810 -6.18 -59.76 27.91
C GLU F 810 -6.28 -60.72 29.10
N GLY F 811 -5.43 -61.74 29.11
CA GLY F 811 -5.42 -62.73 30.18
C GLY F 811 -4.83 -64.05 29.77
N TRP F 815 -1.50 -69.35 29.65
CA TRP F 815 -1.57 -68.37 28.57
C TRP F 815 -0.34 -67.46 28.59
N PRO F 816 0.63 -67.75 27.73
CA PRO F 816 1.84 -66.92 27.67
C PRO F 816 1.51 -65.49 27.29
N GLU F 817 2.28 -64.56 27.87
CA GLU F 817 2.09 -63.14 27.57
C GLU F 817 2.41 -62.82 26.11
N GLU F 818 3.23 -63.64 25.45
CA GLU F 818 3.48 -63.44 24.03
C GLU F 818 2.22 -63.65 23.19
N TRP F 819 1.33 -64.55 23.63
CA TRP F 819 0.11 -64.80 22.88
C TRP F 819 -0.77 -63.57 22.81
N TYR F 820 -1.01 -62.91 23.95
CA TYR F 820 -1.80 -61.68 23.94
C TYR F 820 -1.06 -60.56 23.23
N GLU F 821 0.26 -60.47 23.42
CA GLU F 821 1.02 -59.37 22.83
C GLU F 821 1.01 -59.44 21.30
N GLY F 822 1.10 -60.64 20.74
CA GLY F 822 1.23 -60.79 19.29
C GLY F 822 0.02 -60.34 18.52
N VAL F 823 -1.15 -60.26 19.15
CA VAL F 823 -2.35 -59.85 18.44
C VAL F 823 -2.30 -58.37 18.06
N CYS F 824 -1.53 -57.57 18.80
CA CYS F 824 -1.52 -56.13 18.58
C CYS F 824 -0.95 -55.77 17.21
N GLU F 825 0.21 -56.33 16.87
CA GLU F 825 0.80 -56.04 15.57
C GLU F 825 -0.02 -56.63 14.44
N ILE F 826 -0.69 -57.76 14.68
CA ILE F 826 -1.58 -58.33 13.68
C ILE F 826 -2.73 -57.39 13.38
N ALA F 827 -3.35 -56.84 14.44
CA ALA F 827 -4.42 -55.88 14.26
C ALA F 827 -3.93 -54.56 13.69
N THR F 828 -2.65 -54.23 13.88
CA THR F 828 -2.12 -52.98 13.35
C THR F 828 -2.20 -52.94 11.82
N LYS F 829 -1.84 -54.04 11.16
CA LYS F 829 -1.83 -54.12 9.71
C LYS F 829 -3.06 -54.79 9.13
N SER F 830 -4.01 -55.20 9.96
CA SER F 830 -5.19 -55.90 9.47
C SER F 830 -6.06 -54.96 8.65
N PRO F 831 -6.60 -55.43 7.52
CA PRO F 831 -7.51 -54.60 6.73
C PRO F 831 -8.87 -54.49 7.38
N LEU F 832 -9.66 -53.55 6.88
CA LEU F 832 -11.00 -53.30 7.40
C LEU F 832 -11.92 -54.48 7.09
N LEU F 833 -12.92 -54.67 7.95
CA LEU F 833 -13.90 -55.74 7.79
C LEU F 833 -15.07 -55.26 6.92
N THR F 834 -14.75 -54.95 5.67
CA THR F 834 -15.74 -54.45 4.72
C THR F 834 -16.35 -55.62 3.94
N PHE F 835 -17.26 -55.30 3.04
CA PHE F 835 -17.93 -56.31 2.22
C PHE F 835 -17.99 -55.89 0.76
N GLU F 839 -24.24 -57.03 -2.93
CA GLU F 839 -24.36 -58.33 -2.26
C GLU F 839 -25.00 -58.17 -0.88
N PRO F 840 -26.06 -58.94 -0.63
CA PRO F 840 -26.73 -58.87 0.68
C PRO F 840 -25.80 -59.28 1.81
N LEU F 841 -25.94 -58.61 2.95
CA LEU F 841 -25.10 -58.90 4.11
C LEU F 841 -25.45 -60.26 4.71
N ARG F 842 -26.74 -60.52 4.93
CA ARG F 842 -27.15 -61.77 5.56
C ARG F 842 -26.79 -62.98 4.70
N SER F 843 -26.80 -62.82 3.37
CA SER F 843 -26.37 -63.89 2.50
C SER F 843 -24.91 -64.26 2.75
N VAL F 844 -24.07 -63.25 3.04
CA VAL F 844 -22.68 -63.53 3.37
C VAL F 844 -22.57 -64.32 4.66
N LEU F 845 -23.34 -63.93 5.68
CA LEU F 845 -23.32 -64.63 6.96
C LEU F 845 -24.32 -65.79 6.97
N THR F 857 -29.02 -73.27 21.82
CA THR F 857 -28.35 -72.89 23.05
C THR F 857 -28.61 -71.42 23.41
N PRO F 858 -29.79 -71.13 23.92
CA PRO F 858 -30.11 -69.74 24.29
C PRO F 858 -29.25 -69.19 25.42
N ALA F 859 -28.65 -70.05 26.24
CA ALA F 859 -27.89 -69.58 27.39
C ALA F 859 -26.67 -68.77 26.94
N GLU F 860 -25.88 -69.31 26.01
CA GLU F 860 -24.70 -68.59 25.54
C GLU F 860 -25.08 -67.32 24.80
N LEU F 861 -26.19 -67.34 24.06
CA LEU F 861 -26.66 -66.13 23.39
C LEU F 861 -27.01 -65.05 24.40
N SER F 862 -27.72 -65.42 25.47
CA SER F 862 -28.06 -64.45 26.51
C SER F 862 -26.80 -63.92 27.19
N GLU F 863 -25.83 -64.80 27.46
CA GLU F 863 -24.60 -64.36 28.13
C GLU F 863 -23.82 -63.39 27.25
N LEU F 864 -23.71 -63.68 25.95
CA LEU F 864 -22.97 -62.78 25.07
C LEU F 864 -23.71 -61.45 24.90
N ARG F 865 -25.05 -61.50 24.85
CA ARG F 865 -25.82 -60.25 24.81
C ARG F 865 -25.58 -59.42 26.06
N SER F 866 -25.56 -60.06 27.23
CA SER F 866 -25.30 -59.33 28.47
C SER F 866 -23.90 -58.73 28.47
N THR F 867 -22.90 -59.50 28.03
CA THR F 867 -21.53 -58.97 28.00
C THR F 867 -21.42 -57.79 27.04
N ILE F 868 -22.01 -57.90 25.85
CA ILE F 868 -21.88 -56.84 24.87
C ILE F 868 -22.64 -55.59 25.31
N ILE F 869 -23.80 -55.76 25.95
CA ILE F 869 -24.55 -54.60 26.43
C ILE F 869 -23.81 -53.93 27.58
N ASN F 870 -23.16 -54.72 28.44
CA ASN F 870 -22.33 -54.13 29.50
C ASN F 870 -21.16 -53.37 28.92
N LEU F 871 -20.53 -53.91 27.87
CA LEU F 871 -19.39 -53.23 27.25
C LEU F 871 -19.83 -51.93 26.57
N LEU F 872 -20.98 -51.94 25.91
CA LEU F 872 -21.40 -50.77 25.14
C LEU F 872 -22.01 -49.69 26.02
N ASP F 873 -23.00 -50.06 26.84
CA ASP F 873 -23.78 -49.12 27.64
C ASP F 873 -24.41 -48.02 26.76
N PRO F 874 -25.28 -48.39 25.82
CA PRO F 874 -25.90 -47.38 24.97
C PRO F 874 -27.21 -46.92 25.54
N PRO F 875 -27.89 -45.95 24.90
CA PRO F 875 -29.26 -45.61 25.29
C PRO F 875 -30.19 -46.79 25.11
N PRO F 876 -31.32 -46.82 25.83
CA PRO F 876 -32.15 -48.04 25.84
C PRO F 876 -32.69 -48.45 24.48
N GLU F 877 -32.86 -47.51 23.55
CA GLU F 877 -33.34 -47.88 22.22
C GLU F 877 -32.36 -48.79 21.50
N VAL F 878 -31.06 -48.49 21.62
CA VAL F 878 -30.04 -49.34 21.00
C VAL F 878 -30.06 -50.73 21.64
N SER F 879 -30.24 -50.79 22.96
CA SER F 879 -30.32 -52.08 23.63
C SER F 879 -31.52 -52.88 23.14
N ALA F 880 -32.67 -52.21 22.97
CA ALA F 880 -33.85 -52.89 22.46
C ALA F 880 -33.62 -53.42 21.05
N LEU F 881 -32.93 -52.63 20.21
CA LEU F 881 -32.59 -53.12 18.88
C LEU F 881 -31.65 -54.32 18.95
N ILE F 882 -30.70 -54.29 19.89
CA ILE F 882 -29.76 -55.40 20.05
C ILE F 882 -30.48 -56.67 20.51
N ASN F 883 -31.52 -56.53 21.33
CA ASN F 883 -32.16 -57.69 21.96
C ASN F 883 -32.72 -58.69 20.95
N LYS F 884 -32.98 -58.27 19.71
CA LYS F 884 -33.54 -59.14 18.69
C LYS F 884 -32.51 -59.56 17.65
N LEU F 885 -31.25 -59.71 18.06
CA LEU F 885 -30.17 -60.09 17.16
C LEU F 885 -29.66 -61.48 17.51
N ASP F 886 -29.37 -62.28 16.49
CA ASP F 886 -28.87 -63.63 16.68
C ASP F 886 -27.36 -63.59 16.98
N PHE F 887 -26.72 -64.76 16.95
CA PHE F 887 -25.32 -64.84 17.34
C PHE F 887 -24.39 -64.21 16.30
N ALA F 888 -24.74 -64.30 15.01
CA ALA F 888 -23.83 -63.86 13.97
C ALA F 888 -23.58 -62.36 14.03
N MET F 889 -24.65 -61.56 14.10
CA MET F 889 -24.47 -60.11 14.14
C MET F 889 -23.78 -59.69 15.44
N SER F 890 -24.11 -60.33 16.55
CA SER F 890 -23.50 -59.99 17.82
C SER F 890 -21.99 -60.26 17.79
N THR F 891 -21.59 -61.42 17.28
CA THR F 891 -20.17 -61.73 17.22
C THR F 891 -19.45 -60.86 16.21
N TYR F 892 -20.11 -60.49 15.11
CA TYR F 892 -19.52 -59.53 14.17
C TYR F 892 -19.27 -58.19 14.84
N LEU F 893 -20.26 -57.71 15.59
CA LEU F 893 -20.10 -56.44 16.30
C LEU F 893 -18.98 -56.52 17.32
N LEU F 894 -18.93 -57.61 18.09
CA LEU F 894 -17.86 -57.76 19.08
C LEU F 894 -16.50 -57.79 18.42
N SER F 895 -16.37 -58.54 17.32
CA SER F 895 -15.08 -58.64 16.64
C SER F 895 -14.64 -57.29 16.08
N VAL F 896 -15.56 -56.55 15.46
CA VAL F 896 -15.18 -55.27 14.88
C VAL F 896 -14.84 -54.27 15.98
N TYR F 897 -15.58 -54.31 17.10
CA TYR F 897 -15.26 -53.43 18.22
C TYR F 897 -13.87 -53.72 18.77
N ARG F 898 -13.56 -54.99 18.98
CA ARG F 898 -12.24 -55.36 19.49
C ARG F 898 -11.15 -54.94 18.51
N LEU F 899 -11.35 -55.21 17.22
CA LEU F 899 -10.34 -54.87 16.21
C LEU F 899 -10.07 -53.37 16.18
N GLU F 900 -11.14 -52.56 16.16
CA GLU F 900 -10.95 -51.12 16.07
C GLU F 900 -10.34 -50.57 17.36
N TYR F 901 -10.73 -51.12 18.52
CA TYR F 901 -10.14 -50.66 19.77
C TYR F 901 -8.64 -50.94 19.80
N MET F 902 -8.24 -52.16 19.43
CA MET F 902 -6.82 -52.50 19.40
C MET F 902 -6.08 -51.64 18.39
N ARG F 903 -6.67 -51.41 17.21
CA ARG F 903 -6.02 -50.61 16.19
C ARG F 903 -5.80 -49.18 16.66
N VAL F 904 -6.83 -48.56 17.26
CA VAL F 904 -6.69 -47.18 17.70
C VAL F 904 -5.74 -47.08 18.88
N LEU F 905 -5.68 -48.12 19.72
CA LEU F 905 -4.81 -48.05 20.89
C LEU F 905 -3.34 -48.25 20.52
N ARG F 906 -3.04 -49.15 19.58
CA ARG F 906 -1.66 -49.51 19.26
C ARG F 906 -1.21 -49.00 17.91
N SER F 907 -1.95 -48.12 17.27
CA SER F 907 -1.58 -47.62 15.95
C SER F 907 -0.57 -46.48 16.07
N THR F 908 0.04 -46.14 14.93
CA THR F 908 0.98 -45.04 14.86
C THR F 908 0.77 -44.15 13.63
N ASP F 909 -0.16 -44.49 12.75
CA ASP F 909 -0.40 -43.68 11.57
C ASP F 909 -1.10 -42.38 11.94
N PRO F 910 -0.89 -41.31 11.16
CA PRO F 910 -1.55 -40.03 11.48
C PRO F 910 -3.05 -40.03 11.23
N ASP F 911 -3.61 -41.05 10.60
CA ASP F 911 -5.03 -41.13 10.28
C ASP F 911 -5.77 -42.08 11.22
N ARG F 912 -5.44 -42.05 12.51
CA ARG F 912 -5.93 -43.03 13.46
C ARG F 912 -7.46 -43.16 13.45
N PHE F 913 -8.15 -42.07 13.80
CA PHE F 913 -9.58 -42.17 14.11
C PHE F 913 -10.50 -41.82 12.95
N GLN F 914 -10.00 -41.20 11.89
CA GLN F 914 -10.86 -40.83 10.77
C GLN F 914 -11.17 -42.00 9.84
N VAL F 915 -10.54 -43.17 10.05
CA VAL F 915 -10.84 -44.34 9.24
C VAL F 915 -12.23 -44.90 9.55
N MET F 916 -12.82 -44.50 10.69
CA MET F 916 -14.11 -45.07 11.07
C MET F 916 -15.24 -44.62 10.15
N PHE F 917 -15.09 -43.47 9.49
CA PHE F 917 -16.10 -43.01 8.55
C PHE F 917 -16.21 -43.91 7.34
N CYS F 918 -15.20 -44.75 7.08
CA CYS F 918 -15.28 -45.70 5.97
C CYS F 918 -16.41 -46.71 6.19
N TYR F 919 -16.62 -47.14 7.43
CA TYR F 919 -17.72 -48.04 7.75
C TYR F 919 -19.09 -47.37 7.63
N PHE F 920 -19.15 -46.04 7.64
CA PHE F 920 -20.40 -45.32 7.49
C PHE F 920 -20.85 -45.19 6.04
N GLU F 921 -19.92 -45.28 5.09
CA GLU F 921 -20.23 -45.09 3.68
C GLU F 921 -20.58 -46.38 2.96
N ASP F 922 -20.62 -47.51 3.66
CA ASP F 922 -20.95 -48.78 3.03
C ASP F 922 -22.45 -48.85 2.75
N LYS F 923 -22.81 -49.15 1.51
CA LYS F 923 -24.22 -49.20 1.14
C LYS F 923 -24.91 -50.42 1.75
N ALA F 924 -24.20 -51.54 1.85
CA ALA F 924 -24.81 -52.76 2.35
C ALA F 924 -25.23 -52.62 3.82
N ILE F 925 -24.39 -51.98 4.63
CA ILE F 925 -24.71 -51.82 6.04
C ILE F 925 -25.92 -50.92 6.22
N GLN F 926 -26.04 -49.88 5.39
CA GLN F 926 -27.15 -48.95 5.50
C GLN F 926 -28.48 -49.63 5.23
N LYS F 927 -28.54 -50.51 4.24
CA LYS F 927 -29.79 -51.17 3.88
C LYS F 927 -30.23 -52.22 4.90
N ASP F 928 -29.37 -52.57 5.85
CA ASP F 928 -29.73 -53.57 6.84
C ASP F 928 -30.77 -53.01 7.82
N LYS F 929 -31.60 -53.90 8.34
CA LYS F 929 -32.61 -53.53 9.32
C LYS F 929 -32.03 -53.56 10.74
N MET F 933 -27.47 -50.47 13.09
CA MET F 933 -26.75 -49.29 12.62
C MET F 933 -26.34 -48.40 13.79
N GLN F 934 -27.23 -48.27 14.77
CA GLN F 934 -26.92 -47.47 15.95
C GLN F 934 -25.78 -48.07 16.76
N CYS F 935 -25.56 -49.37 16.64
CA CYS F 935 -24.41 -50.00 17.29
C CYS F 935 -23.11 -49.45 16.72
N VAL F 936 -23.08 -49.20 15.41
CA VAL F 936 -21.86 -48.69 14.78
C VAL F 936 -21.55 -47.30 15.30
N ILE F 937 -22.56 -46.43 15.40
CA ILE F 937 -22.29 -45.09 15.91
C ILE F 937 -21.98 -45.12 17.39
N ALA F 938 -22.55 -46.08 18.13
CA ALA F 938 -22.22 -46.20 19.55
C ALA F 938 -20.76 -46.60 19.75
N VAL F 939 -20.29 -47.60 19.00
CA VAL F 939 -18.89 -47.99 19.12
C VAL F 939 -17.99 -46.90 18.58
N ALA F 940 -18.46 -46.12 17.60
CA ALA F 940 -17.70 -44.96 17.15
C ALA F 940 -17.56 -43.93 18.26
N ASP F 941 -18.64 -43.68 19.00
CA ASP F 941 -18.57 -42.78 20.16
C ASP F 941 -17.57 -43.28 21.19
N LYS F 942 -17.61 -44.59 21.49
CA LYS F 942 -16.71 -45.15 22.48
C LYS F 942 -15.25 -45.02 22.04
N VAL F 943 -14.96 -45.35 20.78
CA VAL F 943 -13.58 -45.29 20.31
C VAL F 943 -13.11 -43.83 20.22
N PHE F 944 -14.00 -42.91 19.86
CA PHE F 944 -13.64 -41.50 19.84
C PHE F 944 -13.34 -40.99 21.25
N ASP F 945 -14.13 -41.42 22.23
CA ASP F 945 -13.84 -41.04 23.62
C ASP F 945 -12.49 -41.58 24.08
N ALA F 946 -12.20 -42.84 23.73
CA ALA F 946 -10.90 -43.42 24.09
C ALA F 946 -9.75 -42.65 23.44
N PHE F 947 -9.90 -42.32 22.15
CA PHE F 947 -8.86 -41.57 21.45
C PHE F 947 -8.67 -40.18 22.06
N LEU F 948 -9.77 -39.51 22.39
CA LEU F 948 -9.68 -38.19 23.01
C LEU F 948 -9.00 -38.26 24.37
N ASN F 949 -9.30 -39.30 25.15
CA ASN F 949 -8.64 -39.48 26.44
C ASN F 949 -7.15 -39.76 26.26
N MET F 950 -6.79 -40.48 25.19
CA MET F 950 -5.39 -40.83 24.97
C MET F 950 -4.53 -39.58 24.74
N MET F 951 -5.02 -38.66 23.91
CA MET F 951 -4.21 -37.50 23.52
C MET F 951 -4.21 -36.40 24.57
N ALA F 952 -5.00 -36.53 25.64
CA ALA F 952 -5.10 -35.47 26.64
C ALA F 952 -3.79 -35.23 27.38
N ASP F 953 -2.88 -36.20 27.39
CA ASP F 953 -1.63 -36.05 28.12
C ASP F 953 -0.44 -36.59 27.32
N LYS F 954 -0.51 -36.52 25.99
CA LYS F 954 0.57 -37.03 25.16
C LYS F 954 1.87 -36.26 25.39
N ALA F 955 1.87 -34.98 25.04
CA ALA F 955 3.04 -34.10 25.19
C ALA F 955 2.57 -32.67 24.95
N LYS F 956 3.53 -31.74 24.94
CA LYS F 956 3.26 -30.33 24.65
C LYS F 956 4.19 -29.81 23.56
N THR F 957 4.56 -30.66 22.61
CA THR F 957 5.48 -30.28 21.56
C THR F 957 4.71 -29.65 20.40
N LYS F 958 5.42 -29.35 19.30
CA LYS F 958 4.80 -28.68 18.16
C LYS F 958 3.96 -29.64 17.32
N GLU F 959 4.40 -30.89 17.19
CA GLU F 959 3.74 -31.81 16.27
C GLU F 959 2.33 -32.16 16.71
N ASN F 960 2.09 -32.27 18.02
CA ASN F 960 0.74 -32.56 18.50
C ASN F 960 -0.23 -31.45 18.11
N GLU F 961 0.24 -30.20 18.15
CA GLU F 961 -0.60 -29.09 17.68
C GLU F 961 -0.96 -29.26 16.21
N GLU F 962 0.01 -29.68 15.39
CA GLU F 962 -0.27 -29.90 13.97
C GLU F 962 -1.29 -31.01 13.78
N GLU F 963 -1.16 -32.11 14.53
CA GLU F 963 -2.11 -33.21 14.41
C GLU F 963 -3.51 -32.77 14.81
N LEU F 964 -3.64 -32.04 15.92
CA LEU F 964 -4.94 -31.56 16.35
C LEU F 964 -5.53 -30.59 15.33
N GLU F 965 -4.69 -29.71 14.77
CA GLU F 965 -5.17 -28.78 13.74
C GLU F 965 -5.67 -29.52 12.52
N ARG F 966 -4.95 -30.54 12.08
CA ARG F 966 -5.37 -31.31 10.91
C ARG F 966 -6.69 -32.04 11.19
N HIS F 967 -6.82 -32.63 12.38
CA HIS F 967 -8.07 -33.30 12.71
C HIS F 967 -9.25 -32.33 12.75
N ALA F 968 -9.03 -31.15 13.35
CA ALA F 968 -10.10 -30.15 13.41
C ALA F 968 -10.49 -29.67 12.01
N GLN F 969 -9.50 -29.48 11.14
CA GLN F 969 -9.78 -29.09 9.76
C GLN F 969 -10.55 -30.18 9.04
N PHE F 970 -10.18 -31.44 9.27
CA PHE F 970 -10.88 -32.55 8.62
C PHE F 970 -12.33 -32.64 9.08
N LEU F 971 -12.59 -32.41 10.38
CA LEU F 971 -13.96 -32.54 10.88
C LEU F 971 -14.89 -31.50 10.25
N LEU F 972 -14.37 -30.33 9.91
CA LEU F 972 -15.22 -29.28 9.36
C LEU F 972 -15.78 -29.67 7.99
N VAL F 973 -14.96 -30.30 7.14
CA VAL F 973 -15.39 -30.60 5.78
C VAL F 973 -16.50 -31.65 5.74
N ASN F 974 -16.64 -32.45 6.79
CA ASN F 974 -17.69 -33.44 6.87
C ASN F 974 -18.96 -32.91 7.54
N PHE F 975 -18.98 -31.65 7.95
CA PHE F 975 -20.17 -31.07 8.56
C PHE F 975 -21.29 -30.89 7.55
N ASN F 976 -20.98 -30.88 6.26
CA ASN F 976 -21.95 -30.66 5.20
C ASN F 976 -22.11 -31.90 4.32
N HIS F 977 -22.14 -33.07 4.95
CA HIS F 977 -22.29 -34.31 4.20
C HIS F 977 -23.72 -34.43 3.66
N ILE F 978 -23.87 -35.22 2.60
CA ILE F 978 -25.16 -35.35 1.94
C ILE F 978 -26.15 -36.16 2.77
N HIS F 979 -25.68 -36.97 3.70
CA HIS F 979 -26.56 -37.81 4.50
C HIS F 979 -27.15 -36.99 5.66
N LYS F 980 -27.82 -37.66 6.59
CA LYS F 980 -28.51 -37.00 7.69
C LYS F 980 -27.78 -37.15 9.01
N ARG F 981 -27.50 -38.37 9.44
CA ARG F 981 -26.87 -38.60 10.74
C ARG F 981 -25.38 -38.31 10.72
N ILE F 982 -24.74 -38.33 9.55
CA ILE F 982 -23.31 -38.11 9.47
C ILE F 982 -22.96 -36.70 9.95
N ARG F 983 -23.72 -35.70 9.49
CA ARG F 983 -23.44 -34.34 9.93
C ARG F 983 -23.76 -34.16 11.41
N ARG F 984 -24.76 -34.86 11.94
CA ARG F 984 -25.05 -34.76 13.37
C ARG F 984 -23.91 -35.30 14.22
N VAL F 985 -23.41 -36.49 13.87
CA VAL F 985 -22.32 -37.06 14.64
C VAL F 985 -21.05 -36.24 14.46
N ALA F 986 -20.83 -35.69 13.26
CA ALA F 986 -19.68 -34.81 13.06
C ALA F 986 -19.78 -33.55 13.91
N ASP F 987 -20.98 -32.97 14.02
CA ASP F 987 -21.18 -31.81 14.86
C ASP F 987 -20.92 -32.15 16.33
N LYS F 988 -21.40 -33.31 16.78
CA LYS F 988 -21.15 -33.70 18.17
C LYS F 988 -19.66 -33.88 18.44
N TYR F 989 -18.95 -34.53 17.51
CA TYR F 989 -17.51 -34.72 17.67
C TYR F 989 -16.78 -33.39 17.68
N LEU F 990 -17.16 -32.47 16.79
CA LEU F 990 -16.53 -31.16 16.76
C LEU F 990 -16.77 -30.40 18.06
N SER F 991 -18.00 -30.46 18.58
CA SER F 991 -18.30 -29.80 19.84
C SER F 991 -17.45 -30.36 20.98
N GLY F 992 -17.34 -31.69 21.05
CA GLY F 992 -16.52 -32.29 22.09
C GLY F 992 -15.05 -31.89 21.96
N LEU F 993 -14.52 -31.94 20.74
CA LEU F 993 -13.12 -31.61 20.52
C LEU F 993 -12.82 -30.15 20.88
N VAL F 994 -13.69 -29.23 20.46
CA VAL F 994 -13.48 -27.83 20.81
C VAL F 994 -13.73 -27.60 22.29
N ASP F 995 -14.52 -28.44 22.95
CA ASP F 995 -14.72 -28.31 24.39
C ASP F 995 -13.45 -28.69 25.15
N LYS F 996 -12.84 -29.82 24.79
CA LYS F 996 -11.70 -30.29 25.57
C LYS F 996 -10.39 -29.61 25.21
N PHE F 997 -10.33 -28.90 24.07
CA PHE F 997 -9.12 -28.19 23.65
C PHE F 997 -9.51 -26.77 23.27
N PRO F 998 -9.65 -25.87 24.25
CA PRO F 998 -10.10 -24.51 23.94
C PRO F 998 -9.14 -23.69 23.10
N HIS F 999 -7.87 -24.08 23.01
CA HIS F 999 -6.87 -23.24 22.34
C HIS F 999 -6.96 -23.31 20.82
N LEU F 1000 -7.80 -24.18 20.27
CA LEU F 1000 -7.93 -24.28 18.81
C LEU F 1000 -8.72 -23.11 18.23
N LEU F 1001 -9.44 -22.35 19.07
CA LEU F 1001 -10.25 -21.26 18.55
C LEU F 1001 -9.41 -20.18 17.89
N TRP F 1002 -8.30 -19.80 18.52
CA TRP F 1002 -7.44 -18.74 17.99
C TRP F 1002 -6.30 -19.27 17.13
N SER F 1003 -6.46 -20.45 16.54
CA SER F 1003 -5.44 -20.97 15.65
C SER F 1003 -5.47 -20.21 14.32
N GLY F 1004 -4.36 -20.29 13.60
CA GLY F 1004 -4.17 -19.54 12.37
C GLY F 1004 -4.50 -20.28 11.08
N THR F 1005 -5.17 -21.42 11.14
CA THR F 1005 -5.45 -22.17 9.93
C THR F 1005 -6.92 -22.56 9.82
N VAL F 1006 -7.59 -22.71 10.97
CA VAL F 1006 -9.01 -23.09 10.96
C VAL F 1006 -9.85 -22.01 10.29
N LEU F 1007 -9.60 -20.75 10.64
CA LEU F 1007 -10.42 -19.65 10.13
C LEU F 1007 -10.34 -19.54 8.62
N LYS F 1008 -9.12 -19.66 8.07
CA LYS F 1008 -8.97 -19.55 6.62
C LYS F 1008 -9.70 -20.67 5.91
N THR F 1009 -9.57 -21.91 6.41
CA THR F 1009 -10.24 -23.04 5.77
C THR F 1009 -11.75 -22.89 5.83
N MET F 1010 -12.28 -22.48 6.98
CA MET F 1010 -13.74 -22.38 7.11
C MET F 1010 -14.28 -21.23 6.25
N LEU F 1011 -13.54 -20.12 6.17
CA LEU F 1011 -13.96 -19.04 5.27
C LEU F 1011 -13.92 -19.50 3.82
N ASP F 1012 -12.91 -20.28 3.44
CA ASP F 1012 -12.82 -20.78 2.07
C ASP F 1012 -13.98 -21.70 1.73
N ILE F 1013 -14.34 -22.60 2.65
CA ILE F 1013 -15.46 -23.51 2.36
C ILE F 1013 -16.78 -22.74 2.33
N LEU F 1014 -16.92 -21.72 3.19
CA LEU F 1014 -18.11 -20.88 3.12
C LEU F 1014 -18.22 -20.17 1.79
N GLN F 1015 -17.09 -19.63 1.30
CA GLN F 1015 -17.10 -18.97 0.00
C GLN F 1015 -17.42 -19.96 -1.12
N THR F 1016 -16.90 -21.18 -1.03
CA THR F 1016 -17.19 -22.20 -2.02
C THR F 1016 -18.69 -22.51 -2.06
N LEU F 1017 -19.29 -22.67 -0.89
CA LEU F 1017 -20.73 -22.93 -0.84
C LEU F 1017 -21.53 -21.76 -1.40
N SER F 1018 -21.14 -20.53 -1.05
CA SER F 1018 -21.84 -19.36 -1.55
C SER F 1018 -21.75 -19.27 -3.07
N LEU F 1019 -20.58 -19.57 -3.63
CA LEU F 1019 -20.43 -19.60 -5.09
C LEU F 1019 -21.29 -20.70 -5.70
N SER F 1020 -21.33 -21.87 -5.06
CA SER F 1020 -22.12 -22.98 -5.57
C SER F 1020 -23.62 -22.81 -5.37
N LEU F 1021 -24.04 -21.76 -4.64
CA LEU F 1021 -25.47 -21.54 -4.41
C LEU F 1021 -26.25 -21.47 -5.71
N SER F 1022 -25.73 -20.75 -6.70
CA SER F 1022 -26.41 -20.54 -7.98
C SER F 1022 -25.46 -20.95 -9.10
N ALA F 1023 -25.52 -22.22 -9.50
CA ALA F 1023 -24.61 -22.75 -10.51
C ALA F 1023 -25.33 -23.67 -11.49
N ASP F 1024 -26.54 -23.28 -11.92
CA ASP F 1024 -27.26 -23.96 -12.99
C ASP F 1024 -27.49 -25.44 -12.65
N ILE F 1025 -28.36 -25.64 -11.66
CA ILE F 1025 -28.62 -26.95 -11.05
C ILE F 1025 -28.69 -28.08 -12.07
N HIS F 1026 -29.33 -27.82 -13.22
CA HIS F 1026 -29.44 -28.86 -14.24
C HIS F 1026 -28.09 -29.25 -14.83
N LYS F 1027 -27.10 -28.34 -14.79
CA LYS F 1027 -25.76 -28.70 -15.23
C LYS F 1027 -25.15 -29.70 -14.25
N ASP F 1028 -24.40 -30.66 -14.79
CA ASP F 1028 -23.90 -31.78 -14.01
C ASP F 1028 -22.67 -31.36 -13.20
N GLN F 1029 -21.96 -32.34 -12.65
CA GLN F 1029 -20.73 -32.16 -11.88
C GLN F 1029 -20.98 -31.27 -10.66
N PRO F 1030 -21.70 -31.75 -9.64
CA PRO F 1030 -21.87 -30.97 -8.42
C PRO F 1030 -20.65 -30.94 -7.52
N TYR F 1031 -19.55 -31.58 -7.92
CA TYR F 1031 -18.35 -31.61 -7.10
C TYR F 1031 -17.63 -30.27 -7.15
N TYR F 1032 -16.89 -29.98 -6.07
CA TYR F 1032 -16.07 -28.79 -6.00
C TYR F 1032 -14.80 -29.11 -5.22
N ASP F 1033 -13.75 -28.36 -5.49
CA ASP F 1033 -12.44 -28.56 -4.86
C ASP F 1033 -12.13 -27.37 -3.97
N ILE F 1034 -11.84 -27.65 -2.70
CA ILE F 1034 -11.48 -26.63 -1.74
C ILE F 1034 -10.03 -26.20 -1.99
N PRO F 1035 -9.75 -24.92 -2.20
CA PRO F 1035 -8.37 -24.49 -2.41
C PRO F 1035 -7.52 -24.69 -1.18
N ASP F 1036 -6.23 -24.95 -1.41
CA ASP F 1036 -5.20 -25.08 -0.38
C ASP F 1036 -5.46 -26.27 0.56
N ALA F 1037 -6.31 -27.21 0.16
CA ALA F 1037 -6.58 -28.40 0.95
C ALA F 1037 -7.20 -29.48 0.07
N PRO F 1038 -6.65 -30.70 0.05
CA PRO F 1038 -7.21 -31.74 -0.81
C PRO F 1038 -8.48 -32.35 -0.24
N TYR F 1039 -9.62 -31.94 -0.79
CA TYR F 1039 -10.94 -32.41 -0.35
C TYR F 1039 -11.92 -32.16 -1.48
N ARG F 1040 -13.16 -32.56 -1.26
CA ARG F 1040 -14.23 -32.28 -2.21
C ARG F 1040 -15.55 -32.17 -1.46
N ILE F 1041 -16.49 -31.43 -2.06
CA ILE F 1041 -17.79 -31.17 -1.47
C ILE F 1041 -18.87 -31.45 -2.50
N THR F 1042 -19.89 -32.19 -2.09
CA THR F 1042 -21.06 -32.47 -2.93
C THR F 1042 -22.23 -31.65 -2.42
N VAL F 1043 -23.13 -31.30 -3.34
CA VAL F 1043 -24.27 -30.43 -3.01
C VAL F 1043 -25.56 -31.12 -3.46
N PRO F 1044 -26.70 -30.82 -2.83
CA PRO F 1044 -27.97 -31.42 -3.25
C PRO F 1044 -28.45 -30.87 -4.60
N ASP F 1045 -29.63 -31.32 -5.03
CA ASP F 1045 -30.15 -30.95 -6.34
C ASP F 1045 -31.04 -29.70 -6.29
N THR F 1046 -32.03 -29.69 -5.40
CA THR F 1046 -32.97 -28.59 -5.34
C THR F 1046 -32.33 -27.35 -4.73
N TYR F 1047 -32.87 -26.18 -5.11
CA TYR F 1047 -32.37 -24.92 -4.57
C TYR F 1047 -32.66 -24.80 -3.07
N GLU F 1048 -33.82 -25.29 -2.64
CA GLU F 1048 -34.23 -25.12 -1.25
C GLU F 1048 -33.27 -25.80 -0.28
N ALA F 1049 -32.85 -27.02 -0.61
CA ALA F 1049 -31.92 -27.74 0.27
C ALA F 1049 -30.57 -27.02 0.35
N ARG F 1050 -30.08 -26.52 -0.78
CA ARG F 1050 -28.81 -25.79 -0.79
C ARG F 1050 -28.90 -24.52 0.04
N GLU F 1051 -30.00 -23.77 -0.13
CA GLU F 1051 -30.18 -22.55 0.66
C GLU F 1051 -30.28 -22.89 2.15
N SER F 1052 -31.00 -23.96 2.50
CA SER F 1052 -31.14 -24.35 3.89
C SER F 1052 -29.79 -24.72 4.50
N ILE F 1053 -28.98 -25.49 3.76
CA ILE F 1053 -27.71 -25.95 4.32
C ILE F 1053 -26.73 -24.78 4.45
N VAL F 1054 -26.72 -23.86 3.49
CA VAL F 1054 -25.81 -22.72 3.60
C VAL F 1054 -26.24 -21.80 4.75
N LYS F 1055 -27.55 -21.59 4.91
CA LYS F 1055 -28.03 -20.78 6.02
C LYS F 1055 -27.70 -21.44 7.36
N ASP F 1056 -27.85 -22.76 7.45
CA ASP F 1056 -27.51 -23.47 8.68
C ASP F 1056 -26.02 -23.34 8.99
N PHE F 1057 -25.17 -23.48 7.97
CA PHE F 1057 -23.74 -23.36 8.20
C PHE F 1057 -23.32 -21.94 8.54
N ALA F 1058 -24.10 -20.94 8.11
CA ALA F 1058 -23.73 -19.55 8.34
C ALA F 1058 -23.82 -19.13 9.81
N ALA F 1059 -24.18 -20.01 10.73
CA ALA F 1059 -24.31 -19.65 12.15
C ALA F 1059 -23.11 -20.09 12.98
N ARG F 1060 -22.57 -21.28 12.71
CA ARG F 1060 -21.39 -21.75 13.43
C ARG F 1060 -20.21 -20.80 13.24
N CYS F 1061 -20.11 -20.18 12.07
CA CYS F 1061 -19.05 -19.21 11.83
C CYS F 1061 -19.11 -18.06 12.82
N GLY F 1062 -20.29 -17.43 12.94
CA GLY F 1062 -20.44 -16.34 13.89
C GLY F 1062 -20.24 -16.80 15.33
N MET F 1063 -20.73 -17.99 15.66
CA MET F 1063 -20.57 -18.50 17.01
C MET F 1063 -19.11 -18.66 17.38
N ILE F 1064 -18.33 -19.34 16.54
CA ILE F 1064 -16.92 -19.56 16.85
C ILE F 1064 -16.16 -18.24 16.81
N LEU F 1065 -16.52 -17.34 15.89
CA LEU F 1065 -15.83 -16.05 15.83
C LEU F 1065 -16.04 -15.24 17.10
N GLN F 1066 -17.28 -15.19 17.60
CA GLN F 1066 -17.52 -14.44 18.83
C GLN F 1066 -16.87 -15.12 20.03
N GLU F 1067 -16.87 -16.46 20.06
CA GLU F 1067 -16.19 -17.16 21.14
C GLU F 1067 -14.70 -16.86 21.15
N ALA F 1068 -14.06 -16.85 19.97
CA ALA F 1068 -12.64 -16.52 19.90
C ALA F 1068 -12.40 -15.06 20.27
N MET F 1069 -13.26 -14.15 19.83
CA MET F 1069 -13.07 -12.73 20.11
C MET F 1069 -13.25 -12.42 21.60
N LYS F 1070 -14.07 -13.21 22.30
CA LYS F 1070 -14.35 -12.91 23.70
C LYS F 1070 -13.09 -13.00 24.55
N TRP F 1071 -12.27 -14.01 24.34
CA TRP F 1071 -11.14 -14.28 25.24
C TRP F 1071 -9.87 -13.53 24.83
N ALA F 1072 -9.37 -13.79 23.62
CA ALA F 1072 -8.11 -13.21 23.15
C ALA F 1072 -8.38 -12.41 21.89
N PRO F 1073 -8.67 -11.11 22.02
CA PRO F 1073 -9.03 -10.32 20.83
C PRO F 1073 -7.85 -9.96 19.95
N THR F 1074 -6.68 -9.75 20.55
CA THR F 1074 -5.55 -9.23 19.80
C THR F 1074 -5.08 -10.20 18.72
N VAL F 1075 -4.89 -11.47 19.10
CA VAL F 1075 -4.34 -12.44 18.15
C VAL F 1075 -5.32 -12.70 17.00
N THR F 1076 -6.61 -12.87 17.32
CA THR F 1076 -7.58 -13.13 16.26
C THR F 1076 -7.78 -11.90 15.38
N LYS F 1077 -7.70 -10.70 15.96
CA LYS F 1077 -7.80 -9.48 15.17
C LYS F 1077 -6.61 -9.36 14.22
N SER F 1078 -5.41 -9.69 14.70
CA SER F 1078 -4.23 -9.66 13.83
C SER F 1078 -4.35 -10.69 12.72
N HIS F 1079 -4.86 -11.88 13.04
CA HIS F 1079 -5.06 -12.90 12.01
C HIS F 1079 -6.07 -12.44 10.96
N LEU F 1080 -7.16 -11.81 11.40
CA LEU F 1080 -8.15 -11.29 10.45
C LEU F 1080 -7.54 -10.19 9.58
N GLN F 1081 -6.72 -9.34 10.17
CA GLN F 1081 -6.03 -8.32 9.37
C GLN F 1081 -5.12 -8.96 8.33
N GLU F 1082 -4.40 -10.01 8.72
CA GLU F 1082 -3.49 -10.69 7.78
C GLU F 1082 -4.26 -11.39 6.67
N TYR F 1083 -5.44 -11.93 6.97
CA TYR F 1083 -6.19 -12.66 5.95
C TYR F 1083 -6.65 -11.76 4.81
N LEU F 1084 -6.97 -10.50 5.11
CA LEU F 1084 -7.52 -9.58 4.13
C LEU F 1084 -6.47 -8.93 3.24
N ASN F 1085 -5.26 -9.50 3.16
CA ASN F 1085 -4.16 -8.91 2.40
C ASN F 1085 -3.60 -9.91 1.41
N LYS F 1086 -4.47 -10.57 0.66
CA LYS F 1086 -4.06 -11.50 -0.39
C LYS F 1086 -4.49 -10.96 -1.75
N HIS F 1087 -3.63 -11.12 -2.75
CA HIS F 1087 -3.86 -10.52 -4.05
C HIS F 1087 -4.97 -11.22 -4.83
N GLN F 1088 -5.15 -12.52 -4.60
CA GLN F 1088 -6.11 -13.28 -5.40
C GLN F 1088 -7.53 -12.77 -5.19
N ASN F 1089 -7.91 -12.48 -3.94
CA ASN F 1089 -9.28 -12.09 -3.64
C ASN F 1089 -9.58 -10.65 -4.04
N TRP F 1090 -8.56 -9.81 -4.24
CA TRP F 1090 -8.80 -8.40 -4.55
C TRP F 1090 -9.50 -8.23 -5.89
N VAL F 1091 -9.12 -9.04 -6.88
CA VAL F 1091 -9.74 -8.92 -8.21
C VAL F 1091 -11.22 -9.24 -8.15
N SER F 1092 -11.58 -10.31 -7.43
CA SER F 1092 -12.98 -10.70 -7.31
C SER F 1092 -13.72 -9.94 -6.21
N GLY F 1093 -13.03 -9.08 -5.46
CA GLY F 1093 -13.69 -8.30 -4.43
C GLY F 1093 -14.78 -7.39 -4.94
N LEU F 1094 -14.73 -7.01 -6.22
CA LEU F 1094 -15.81 -6.23 -6.81
C LEU F 1094 -17.10 -7.03 -6.90
N SER F 1095 -17.02 -8.36 -6.84
CA SER F 1095 -18.19 -9.21 -6.77
C SER F 1095 -18.53 -9.45 -5.30
N GLN F 1096 -19.40 -10.43 -5.03
CA GLN F 1096 -19.83 -10.71 -3.67
C GLN F 1096 -18.66 -11.12 -2.78
N HIS F 1097 -18.05 -12.27 -3.06
CA HIS F 1097 -16.92 -12.78 -2.29
C HIS F 1097 -17.25 -12.80 -0.79
N THR F 1098 -18.20 -13.68 -0.45
CA THR F 1098 -18.86 -13.64 0.84
C THR F 1098 -17.90 -13.74 2.03
N GLY F 1099 -16.71 -14.33 1.85
CA GLY F 1099 -15.79 -14.44 2.97
C GLY F 1099 -15.33 -13.10 3.51
N LEU F 1100 -14.94 -12.20 2.60
CA LEU F 1100 -14.50 -10.87 3.02
C LEU F 1100 -15.63 -10.10 3.70
N ALA F 1101 -16.85 -10.22 3.16
CA ALA F 1101 -17.99 -9.56 3.78
C ALA F 1101 -18.25 -10.12 5.18
N MET F 1102 -18.14 -11.44 5.33
CA MET F 1102 -18.33 -12.04 6.65
C MET F 1102 -17.28 -11.54 7.64
N ALA F 1103 -16.02 -11.46 7.21
CA ALA F 1103 -14.98 -10.97 8.10
C ALA F 1103 -15.23 -9.51 8.50
N THR F 1104 -15.47 -8.65 7.51
CA THR F 1104 -15.67 -7.24 7.78
C THR F 1104 -16.99 -6.94 8.47
N GLU F 1105 -17.91 -7.90 8.53
CA GLU F 1105 -19.10 -7.75 9.34
C GLU F 1105 -18.88 -8.25 10.77
N SER F 1106 -18.10 -9.32 10.93
CA SER F 1106 -17.83 -9.85 12.26
C SER F 1106 -16.83 -9.01 13.04
N ILE F 1107 -16.04 -8.18 12.36
CA ILE F 1107 -15.09 -7.33 13.08
C ILE F 1107 -15.81 -6.31 13.96
N LEU F 1108 -17.01 -5.89 13.57
CA LEU F 1108 -17.63 -4.72 14.17
C LEU F 1108 -18.18 -4.99 15.58
N HIS F 1109 -19.22 -5.82 15.67
CA HIS F 1109 -20.03 -5.91 16.88
C HIS F 1109 -19.45 -6.86 17.92
N PHE F 1110 -18.13 -7.10 17.90
CA PHE F 1110 -17.46 -7.84 18.96
C PHE F 1110 -16.23 -7.10 19.48
N ALA F 1111 -16.12 -5.81 19.18
CA ALA F 1111 -14.98 -5.02 19.64
C ALA F 1111 -15.16 -4.63 21.11
N GLY F 1112 -14.08 -4.13 21.70
CA GLY F 1112 -14.08 -3.73 23.09
C GLY F 1112 -13.54 -2.31 23.26
N TYR F 1113 -13.46 -1.91 24.52
CA TYR F 1113 -12.98 -0.58 24.87
C TYR F 1113 -11.45 -0.53 24.85
N ASN F 1114 -10.92 0.64 24.55
CA ASN F 1114 -9.48 0.84 24.47
C ASN F 1114 -8.93 1.19 25.86
N LYS F 1115 -7.67 1.63 25.90
CA LYS F 1115 -7.02 1.92 27.17
C LYS F 1115 -7.68 3.10 27.88
N GLN F 1116 -8.06 4.13 27.12
CA GLN F 1116 -8.60 5.34 27.75
C GLN F 1116 -9.93 5.06 28.45
N ASN F 1117 -10.81 4.27 27.84
CA ASN F 1117 -12.16 4.05 28.34
C ASN F 1117 -12.36 2.61 28.81
N THR F 1118 -11.36 2.02 29.46
CA THR F 1118 -11.46 0.65 29.93
C THR F 1118 -11.97 0.54 31.37
N THR F 1119 -11.79 1.58 32.18
CA THR F 1119 -12.17 1.56 33.59
C THR F 1119 -12.92 2.84 33.93
N LEU F 1120 -14.24 2.83 33.75
CA LEU F 1120 -15.09 3.95 34.12
C LEU F 1120 -16.42 3.41 34.64
N GLY F 1121 -17.10 4.27 35.41
CA GLY F 1121 -18.39 3.90 35.97
C GLY F 1121 -19.53 4.71 35.40
N ALA F 1122 -20.51 4.01 34.80
CA ALA F 1122 -21.65 4.68 34.20
C ALA F 1122 -22.58 5.24 35.26
N LYS F 1133 -15.71 5.98 22.99
CA LYS F 1133 -16.29 4.77 23.55
C LYS F 1133 -15.76 3.54 22.81
N LYS F 1134 -16.56 3.02 21.87
CA LYS F 1134 -16.10 1.92 21.04
C LYS F 1134 -14.98 2.39 20.13
N ASP F 1135 -14.08 1.46 19.79
CA ASP F 1135 -12.82 1.80 19.14
C ASP F 1135 -12.63 0.96 17.89
N TYR F 1136 -12.32 1.62 16.78
CA TYR F 1136 -11.99 0.94 15.54
C TYR F 1136 -10.80 1.55 14.82
N SER F 1137 -10.20 2.62 15.35
CA SER F 1137 -9.14 3.32 14.64
C SER F 1137 -7.88 2.46 14.51
N ASN F 1138 -7.59 1.66 15.54
CA ASN F 1138 -6.38 0.84 15.51
C ASN F 1138 -6.40 -0.15 14.35
N PHE F 1139 -7.54 -0.79 14.12
CA PHE F 1139 -7.67 -1.76 13.03
C PHE F 1139 -7.36 -1.10 11.69
N MET F 1140 -8.03 0.01 11.40
CA MET F 1140 -7.86 0.69 10.11
C MET F 1140 -6.42 1.20 9.96
N ALA F 1141 -5.87 1.80 11.01
CA ALA F 1141 -4.51 2.33 10.93
C ALA F 1141 -3.50 1.23 10.67
N SER F 1142 -3.63 0.10 11.39
CA SER F 1142 -2.70 -1.00 11.21
C SER F 1142 -2.80 -1.57 9.80
N LEU F 1143 -4.03 -1.77 9.32
CA LEU F 1143 -4.20 -2.33 7.97
C LEU F 1143 -3.61 -1.40 6.92
N ASN F 1144 -3.89 -0.09 7.02
CA ASN F 1144 -3.39 0.86 6.03
C ASN F 1144 -1.87 0.93 6.05
N LEU F 1145 -1.27 1.02 7.24
CA LEU F 1145 0.19 1.08 7.32
C LEU F 1145 0.81 -0.19 6.76
N ARG F 1146 0.26 -1.34 7.11
CA ARG F 1146 0.81 -2.61 6.65
C ARG F 1146 0.78 -2.70 5.13
N ASN F 1147 -0.39 -2.45 4.52
CA ASN F 1147 -0.48 -2.55 3.07
C ASN F 1147 0.41 -1.51 2.38
N ARG F 1148 0.39 -0.27 2.87
CA ARG F 1148 1.16 0.79 2.24
C ARG F 1148 2.65 0.48 2.25
N TYR F 1149 3.19 0.08 3.41
CA TYR F 1149 4.61 -0.17 3.48
C TYR F 1149 5.02 -1.48 2.81
N ALA F 1150 4.13 -2.48 2.78
CA ALA F 1150 4.41 -3.67 1.98
C ALA F 1150 4.54 -3.32 0.51
N GLY F 1151 3.62 -2.50 0.00
CA GLY F 1151 3.73 -2.07 -1.39
C GLY F 1151 4.98 -1.24 -1.64
N GLU F 1152 5.31 -0.35 -0.71
CA GLU F 1152 6.49 0.49 -0.88
C GLU F 1152 7.77 -0.35 -0.91
N VAL F 1153 7.87 -1.34 -0.02
CA VAL F 1153 9.08 -2.17 -0.01
C VAL F 1153 9.12 -3.08 -1.22
N TYR F 1154 7.96 -3.52 -1.72
CA TYR F 1154 7.96 -4.35 -2.93
C TYR F 1154 8.36 -3.54 -4.16
N GLY F 1155 8.00 -2.25 -4.20
CA GLY F 1155 8.35 -1.43 -5.36
C GLY F 1155 9.85 -1.26 -5.55
N MET F 1156 10.61 -1.23 -4.46
CA MET F 1156 12.05 -0.97 -4.55
C MET F 1156 12.81 -2.17 -5.11
N ILE F 1157 12.31 -3.39 -4.88
CA ILE F 1157 13.06 -4.59 -5.21
C ILE F 1157 13.26 -4.79 -6.71
N ARG F 1158 12.56 -4.01 -7.54
CA ARG F 1158 12.72 -4.15 -8.99
C ARG F 1158 14.14 -3.79 -9.43
N PHE F 1159 14.71 -2.74 -8.84
CA PHE F 1159 16.04 -2.29 -9.24
C PHE F 1159 17.10 -2.77 -8.25
N ASP F 1168 24.43 -4.98 -0.19
CA ASP F 1168 23.26 -5.16 -1.05
C ASP F 1168 22.22 -4.08 -0.76
N LEU F 1169 21.17 -4.45 -0.03
CA LEU F 1169 20.12 -3.53 0.35
C LEU F 1169 19.92 -3.38 1.85
N ASN F 1170 20.33 -4.37 2.64
CA ASN F 1170 20.21 -4.26 4.10
C ASN F 1170 21.05 -3.12 4.65
N LYS F 1171 22.20 -2.86 4.01
CA LYS F 1171 23.07 -1.78 4.45
C LYS F 1171 22.36 -0.43 4.36
N MET F 1172 21.59 -0.22 3.30
CA MET F 1172 20.83 1.02 3.16
C MET F 1172 19.84 1.19 4.29
N MET F 1173 19.11 0.12 4.63
CA MET F 1173 18.12 0.20 5.71
C MET F 1173 18.81 0.48 7.04
N VAL F 1174 19.92 -0.20 7.32
CA VAL F 1174 20.63 0.02 8.57
C VAL F 1174 21.14 1.45 8.67
N GLN F 1175 21.71 1.96 7.57
CA GLN F 1175 22.23 3.32 7.55
C GLN F 1175 21.11 4.33 7.76
N ASP F 1176 19.95 4.11 7.11
CA ASP F 1176 18.82 5.02 7.29
C ASP F 1176 18.34 5.01 8.73
N LEU F 1177 18.25 3.82 9.34
CA LEU F 1177 17.81 3.75 10.73
C LEU F 1177 18.79 4.45 11.66
N HIS F 1178 20.09 4.24 11.44
CA HIS F 1178 21.09 4.90 12.28
C HIS F 1178 21.03 6.41 12.12
N SER F 1179 20.88 6.90 10.88
CA SER F 1179 20.78 8.34 10.66
C SER F 1179 19.53 8.92 11.33
N ALA F 1180 18.41 8.21 11.23
CA ALA F 1180 17.18 8.69 11.86
C ALA F 1180 17.33 8.73 13.38
N LEU F 1181 17.94 7.70 13.97
CA LEU F 1181 18.15 7.70 15.41
C LEU F 1181 19.09 8.82 15.84
N ASP F 1182 20.17 9.03 15.09
CA ASP F 1182 21.12 10.09 15.46
C ASP F 1182 20.48 11.47 15.34
N ARG F 1183 19.70 11.70 14.28
CA ARG F 1183 19.06 12.99 14.10
C ARG F 1183 17.84 13.19 15.00
N SER F 1184 17.33 12.11 15.61
CA SER F 1184 16.18 12.18 16.51
C SER F 1184 14.95 12.77 15.81
N HIS F 1185 14.48 12.05 14.79
CA HIS F 1185 13.30 12.45 14.05
C HIS F 1185 12.28 11.32 14.10
N PRO F 1186 11.04 11.60 14.53
CA PRO F 1186 10.08 10.50 14.70
C PRO F 1186 9.55 9.93 13.39
N GLN F 1187 9.27 10.78 12.41
CA GLN F 1187 8.69 10.30 11.16
C GLN F 1187 9.64 9.37 10.43
N HIS F 1188 10.91 9.77 10.32
CA HIS F 1188 11.91 8.91 9.69
C HIS F 1188 12.11 7.64 10.50
N TYR F 1189 12.04 7.75 11.83
CA TYR F 1189 12.14 6.56 12.69
C TYR F 1189 11.05 5.55 12.34
N THR F 1190 9.80 5.99 12.29
CA THR F 1190 8.69 5.08 11.98
C THR F 1190 8.82 4.52 10.57
N GLN F 1191 9.16 5.38 9.60
CA GLN F 1191 9.29 4.92 8.22
C GLN F 1191 10.38 3.85 8.10
N ALA F 1192 11.53 4.10 8.72
CA ALA F 1192 12.62 3.12 8.66
C ALA F 1192 12.23 1.82 9.35
N MET F 1193 11.57 1.91 10.50
CA MET F 1193 11.16 0.70 11.22
C MET F 1193 10.21 -0.14 10.37
N PHE F 1194 9.18 0.50 9.82
CA PHE F 1194 8.21 -0.24 9.01
C PHE F 1194 8.84 -0.79 7.74
N LYS F 1195 9.71 -0.02 7.09
CA LYS F 1195 10.38 -0.52 5.89
C LYS F 1195 11.27 -1.71 6.22
N LEU F 1196 11.99 -1.66 7.33
CA LEU F 1196 12.86 -2.76 7.71
C LEU F 1196 12.06 -4.02 8.00
N THR F 1197 10.97 -3.89 8.77
CA THR F 1197 10.19 -5.08 9.08
C THR F 1197 9.48 -5.64 7.85
N ALA F 1198 9.05 -4.76 6.93
CA ALA F 1198 8.43 -5.23 5.70
C ALA F 1198 9.44 -5.95 4.81
N MET F 1199 10.68 -5.45 4.76
CA MET F 1199 11.72 -6.13 4.01
C MET F 1199 12.04 -7.48 4.64
N LEU F 1200 12.09 -7.55 5.97
CA LEU F 1200 12.43 -8.78 6.64
C LEU F 1200 11.34 -9.84 6.47
N ILE F 1201 10.07 -9.42 6.49
CA ILE F 1201 8.98 -10.39 6.43
C ILE F 1201 8.93 -11.12 5.09
N SER F 1202 9.55 -10.58 4.05
CA SER F 1202 9.56 -11.20 2.72
C SER F 1202 11.00 -11.59 2.40
N SER F 1203 11.40 -12.78 2.84
CA SER F 1203 12.75 -13.29 2.60
C SER F 1203 12.74 -14.79 2.83
N LYS F 1204 13.92 -15.40 2.73
CA LYS F 1204 14.09 -16.83 2.94
C LYS F 1204 15.05 -17.17 4.06
N ASP F 1205 15.66 -16.17 4.70
CA ASP F 1205 16.64 -16.42 5.75
C ASP F 1205 16.36 -15.50 6.93
N CYS F 1206 16.83 -15.92 8.10
CA CYS F 1206 16.61 -15.15 9.32
C CYS F 1206 17.31 -13.79 9.26
N ASP F 1207 18.54 -13.76 8.73
CA ASP F 1207 19.38 -12.56 8.71
C ASP F 1207 19.48 -11.98 10.10
N PRO F 1208 20.25 -12.61 10.99
CA PRO F 1208 20.21 -12.24 12.42
C PRO F 1208 20.54 -10.79 12.71
N GLN F 1209 21.37 -10.14 11.88
CA GLN F 1209 21.73 -8.75 12.15
C GLN F 1209 20.51 -7.84 12.06
N LEU F 1210 19.62 -8.08 11.09
CA LEU F 1210 18.42 -7.27 10.98
C LEU F 1210 17.53 -7.41 12.21
N LEU F 1211 17.33 -8.65 12.68
CA LEU F 1211 16.53 -8.86 13.88
C LEU F 1211 17.17 -8.21 15.11
N HIS F 1212 18.49 -8.33 15.22
CA HIS F 1212 19.19 -7.72 16.35
C HIS F 1212 19.06 -6.21 16.34
N HIS F 1213 19.19 -5.58 15.17
CA HIS F 1213 19.00 -4.14 15.10
C HIS F 1213 17.55 -3.74 15.33
N LEU F 1214 16.60 -4.60 14.93
CA LEU F 1214 15.19 -4.32 15.22
C LEU F 1214 14.92 -4.33 16.71
N CYS F 1215 15.52 -5.28 17.44
CA CYS F 1215 15.27 -5.36 18.87
C CYS F 1215 15.98 -4.25 19.64
N TRP F 1216 17.20 -3.88 19.20
CA TRP F 1216 17.96 -2.81 19.85
C TRP F 1216 17.54 -1.42 19.39
N GLY F 1217 16.41 -1.29 18.69
CA GLY F 1217 15.98 -0.02 18.17
C GLY F 1217 15.43 0.93 19.22
N PRO F 1218 14.31 0.56 19.85
CA PRO F 1218 13.63 1.50 20.77
C PRO F 1218 14.46 1.92 21.96
N LEU F 1219 15.46 1.14 22.37
CA LEU F 1219 16.22 1.47 23.57
C LEU F 1219 17.04 2.74 23.43
N ARG F 1220 17.28 3.22 22.21
CA ARG F 1220 17.99 4.46 21.99
C ARG F 1220 17.08 5.67 21.84
N MET F 1221 15.76 5.45 21.81
CA MET F 1221 14.78 6.52 21.71
C MET F 1221 13.65 6.28 22.70
N PHE F 1222 13.99 6.03 23.96
CA PHE F 1222 13.03 5.68 24.99
C PHE F 1222 11.91 6.70 25.12
N ASN F 1223 10.70 6.31 24.75
CA ASN F 1223 9.50 7.14 24.84
C ASN F 1223 8.30 6.23 24.60
N GLU F 1224 7.12 6.83 24.45
CA GLU F 1224 5.90 6.06 24.17
C GLU F 1224 5.58 5.92 22.70
N HIS F 1225 5.92 6.91 21.86
CA HIS F 1225 5.64 6.81 20.43
C HIS F 1225 6.48 5.72 19.77
N GLY F 1226 7.79 5.71 20.06
CA GLY F 1226 8.62 4.64 19.55
C GLY F 1226 8.21 3.28 20.10
N MET F 1227 7.76 3.25 21.35
CA MET F 1227 7.30 1.99 21.93
C MET F 1227 6.06 1.47 21.21
N GLU F 1228 5.12 2.36 20.89
CA GLU F 1228 3.93 1.95 20.13
C GLU F 1228 4.31 1.45 18.76
N THR F 1229 5.22 2.15 18.07
CA THR F 1229 5.66 1.71 16.76
C THR F 1229 6.33 0.34 16.83
N ALA F 1230 7.18 0.14 17.84
CA ALA F 1230 7.86 -1.14 18.01
C ALA F 1230 6.87 -2.26 18.31
N LEU F 1231 5.85 -1.99 19.13
CA LEU F 1231 4.84 -3.00 19.42
C LEU F 1231 4.07 -3.38 18.17
N ALA F 1232 3.69 -2.39 17.35
CA ALA F 1232 3.01 -2.69 16.10
C ALA F 1232 3.88 -3.53 15.18
N CYS F 1233 5.16 -3.17 15.05
CA CYS F 1233 6.06 -3.94 14.20
C CYS F 1233 6.25 -5.36 14.71
N TRP F 1234 6.39 -5.52 16.03
CA TRP F 1234 6.55 -6.86 16.60
C TRP F 1234 5.31 -7.70 16.37
N GLU F 1235 4.12 -7.12 16.53
CA GLU F 1235 2.89 -7.86 16.28
C GLU F 1235 2.80 -8.29 14.82
N TRP F 1236 3.14 -7.38 13.89
CA TRP F 1236 3.13 -7.74 12.48
C TRP F 1236 4.12 -8.85 12.18
N LEU F 1237 5.32 -8.77 12.74
CA LEU F 1237 6.33 -9.79 12.50
C LEU F 1237 5.89 -11.15 13.03
N LEU F 1238 5.30 -11.18 14.23
CA LEU F 1238 4.83 -12.44 14.79
C LEU F 1238 3.68 -13.01 13.97
N ALA F 1239 2.76 -12.16 13.51
CA ALA F 1239 1.61 -12.66 12.76
C ALA F 1239 1.94 -13.02 11.32
N GLY F 1240 3.05 -12.51 10.78
CA GLY F 1240 3.36 -12.73 9.38
C GLY F 1240 4.09 -14.02 9.07
N LYS F 1241 5.26 -14.21 9.69
CA LYS F 1241 6.09 -15.36 9.40
C LYS F 1241 5.84 -16.47 10.42
N ASP F 1242 6.24 -17.69 10.05
CA ASP F 1242 6.07 -18.87 10.88
C ASP F 1242 7.42 -19.43 11.29
N GLY F 1243 7.46 -20.05 12.47
CA GLY F 1243 8.69 -20.64 12.97
C GLY F 1243 9.77 -19.62 13.29
N VAL F 1244 9.41 -18.50 13.90
CA VAL F 1244 10.37 -17.45 14.25
C VAL F 1244 10.22 -16.98 15.69
N GLU F 1245 9.33 -17.60 16.47
CA GLU F 1245 9.03 -17.08 17.81
C GLU F 1245 10.22 -17.17 18.75
N VAL F 1246 10.96 -18.28 18.72
CA VAL F 1246 12.01 -18.50 19.72
C VAL F 1246 13.13 -17.48 19.63
N PRO F 1247 13.75 -17.23 18.47
CA PRO F 1247 14.80 -16.20 18.43
C PRO F 1247 14.32 -14.82 18.81
N PHE F 1248 13.09 -14.47 18.40
CA PHE F 1248 12.54 -13.17 18.78
C PHE F 1248 12.37 -13.05 20.28
N MET F 1249 11.88 -14.12 20.92
CA MET F 1249 11.74 -14.10 22.38
C MET F 1249 13.09 -13.99 23.06
N ARG F 1250 14.10 -14.72 22.53
CA ARG F 1250 15.43 -14.64 23.13
C ARG F 1250 16.01 -13.23 23.01
N GLU F 1251 15.88 -12.61 21.84
CA GLU F 1251 16.40 -11.26 21.67
C GLU F 1251 15.66 -10.25 22.54
N MET F 1252 14.34 -10.40 22.66
CA MET F 1252 13.58 -9.50 23.52
C MET F 1252 14.00 -9.67 24.98
N ALA F 1253 14.23 -10.90 25.41
CA ALA F 1253 14.69 -11.13 26.78
C ALA F 1253 16.06 -10.51 27.02
N GLY F 1254 16.95 -10.63 26.04
CA GLY F 1254 18.26 -9.99 26.17
C GLY F 1254 18.15 -8.49 26.27
N ALA F 1255 17.31 -7.88 25.44
CA ALA F 1255 17.12 -6.43 25.50
C ALA F 1255 16.53 -6.01 26.84
N TRP F 1256 15.56 -6.78 27.35
CA TRP F 1256 14.98 -6.49 28.65
C TRP F 1256 16.02 -6.57 29.75
N HIS F 1257 16.88 -7.58 29.71
CA HIS F 1257 17.93 -7.70 30.72
C HIS F 1257 18.91 -6.53 30.65
N MET F 1258 19.27 -6.11 29.44
CA MET F 1258 20.15 -4.95 29.29
C MET F 1258 19.50 -3.69 29.85
N THR F 1259 18.21 -3.51 29.58
CA THR F 1259 17.48 -2.37 30.13
C THR F 1259 17.46 -2.42 31.66
N VAL F 1260 17.25 -3.61 32.24
CA VAL F 1260 17.28 -3.75 33.69
C VAL F 1260 18.65 -3.38 34.23
N GLU F 1261 19.72 -3.81 33.55
CA GLU F 1261 21.07 -3.54 34.04
C GLU F 1261 21.40 -2.05 33.99
N GLN F 1262 21.02 -1.36 32.91
CA GLN F 1262 21.46 0.01 32.69
C GLN F 1262 20.76 1.04 33.56
N LYS F 1263 19.74 0.66 34.33
CA LYS F 1263 18.99 1.57 35.18
C LYS F 1263 18.40 2.72 34.36
N PHE F 1264 17.68 2.36 33.30
CA PHE F 1264 17.14 3.31 32.35
C PHE F 1264 15.68 3.65 32.61
N GLY F 1265 14.98 2.89 33.44
CA GLY F 1265 13.56 3.04 33.63
C GLY F 1265 13.14 2.91 35.08
N LEU F 1266 12.21 2.00 35.34
CA LEU F 1266 11.78 1.72 36.71
C LEU F 1266 12.96 1.37 37.62
N PHE F 1267 14.01 0.78 37.05
CA PHE F 1267 15.19 0.36 37.81
C PHE F 1267 16.20 1.49 38.00
N SER F 1268 15.77 2.75 37.85
CA SER F 1268 16.68 3.88 37.97
C SER F 1268 17.02 4.13 39.44
N ALA F 1269 18.01 4.99 39.65
CA ALA F 1269 18.45 5.32 41.00
C ALA F 1269 17.43 6.23 41.68
N GLU F 1270 17.59 6.38 42.99
CA GLU F 1270 16.69 7.19 43.80
C GLU F 1270 17.34 8.53 44.10
N ILE F 1271 16.54 9.60 44.02
CA ILE F 1271 17.01 10.97 44.22
C ILE F 1271 16.34 11.53 45.46
N LYS F 1272 17.14 12.10 46.35
CA LYS F 1272 16.63 12.71 47.58
C LYS F 1272 16.43 14.20 47.38
N GLU F 1273 15.60 14.78 48.24
CA GLU F 1273 15.27 16.20 48.18
C GLU F 1273 15.37 16.81 49.58
N ALA F 1274 15.59 18.12 49.61
CA ALA F 1274 15.75 18.83 50.87
C ALA F 1274 14.44 18.85 51.66
N ASP F 1275 14.57 18.80 52.98
CA ASP F 1275 13.43 18.83 53.91
C ASP F 1275 13.02 20.28 54.17
N PRO F 1276 11.70 20.55 54.21
CA PRO F 1276 11.24 21.94 54.36
C PRO F 1276 11.61 22.58 55.68
N LEU F 1277 11.94 21.79 56.71
CA LEU F 1277 12.26 22.37 58.01
C LEU F 1277 13.53 23.21 57.98
N ALA F 1278 14.51 22.82 57.17
CA ALA F 1278 15.78 23.50 57.08
C ALA F 1278 16.17 23.74 55.62
N ALA F 1279 15.22 24.22 54.83
CA ALA F 1279 15.42 24.50 53.41
C ALA F 1279 15.37 26.00 53.12
N SER F 1280 15.93 26.80 54.02
CA SER F 1280 15.97 28.24 53.82
C SER F 1280 16.95 28.65 52.71
N GLU F 1281 17.79 27.74 52.25
CA GLU F 1281 18.76 28.05 51.20
C GLU F 1281 18.05 28.23 49.86
N ALA F 1282 18.84 28.54 48.84
CA ALA F 1282 18.33 28.74 47.49
C ALA F 1282 17.86 27.42 46.88
N SER F 1283 18.15 26.31 47.54
CA SER F 1283 17.69 25.00 47.09
C SER F 1283 16.31 24.71 47.68
N GLN F 1284 15.31 25.38 47.11
CA GLN F 1284 13.95 25.21 47.56
C GLN F 1284 13.44 23.81 47.24
N PRO F 1285 12.60 23.24 48.09
CA PRO F 1285 12.06 21.90 47.81
C PRO F 1285 11.15 21.89 46.60
N LYS F 1286 11.11 20.75 45.92
CA LYS F 1286 10.25 20.56 44.76
C LYS F 1286 10.15 19.07 44.49
N PRO F 1287 9.00 18.56 44.07
CA PRO F 1287 8.87 17.13 43.79
C PRO F 1287 9.76 16.71 42.64
N CYS F 1288 10.35 15.52 42.75
CA CYS F 1288 11.19 14.92 41.71
C CYS F 1288 10.77 13.48 41.50
N PRO F 1289 9.60 13.25 40.90
CA PRO F 1289 9.11 11.89 40.74
C PRO F 1289 9.67 11.24 39.48
N PRO F 1290 10.06 9.97 39.55
CA PRO F 1290 10.45 9.26 38.33
C PRO F 1290 9.25 9.05 37.41
N GLU F 1291 9.52 9.05 36.12
CA GLU F 1291 8.49 8.89 35.09
C GLU F 1291 8.75 7.59 34.35
N VAL F 1292 7.79 6.67 34.40
CA VAL F 1292 7.88 5.41 33.68
C VAL F 1292 6.58 5.25 32.89
N THR F 1293 6.55 5.82 31.69
CA THR F 1293 5.48 5.56 30.73
C THR F 1293 5.71 4.27 29.93
N PRO F 1294 6.85 4.09 29.25
CA PRO F 1294 6.98 2.94 28.35
C PRO F 1294 6.91 1.59 29.03
N HIS F 1295 7.40 1.48 30.27
CA HIS F 1295 7.38 0.20 30.96
C HIS F 1295 5.97 -0.27 31.30
N TYR F 1296 4.96 0.60 31.18
CA TYR F 1296 3.60 0.23 31.52
C TYR F 1296 2.92 -0.59 30.44
N ILE F 1297 3.47 -0.62 29.22
CA ILE F 1297 2.83 -1.30 28.10
C ILE F 1297 3.56 -2.61 27.80
N TRP F 1298 4.87 -2.62 28.05
CA TRP F 1298 5.66 -3.82 27.81
C TRP F 1298 5.19 -4.97 28.67
N ILE F 1299 4.80 -4.67 29.92
CA ILE F 1299 4.27 -5.71 30.80
C ILE F 1299 2.96 -6.25 30.25
N ASP F 1300 2.12 -5.38 29.69
CA ASP F 1300 0.88 -5.83 29.08
C ASP F 1300 1.15 -6.75 27.89
N PHE F 1301 2.13 -6.39 27.06
CA PHE F 1301 2.50 -7.25 25.94
C PHE F 1301 3.00 -8.61 26.44
N LEU F 1302 3.82 -8.60 27.50
CA LEU F 1302 4.32 -9.86 28.06
C LEU F 1302 3.18 -10.71 28.60
N VAL F 1303 2.21 -10.08 29.27
CA VAL F 1303 1.06 -10.82 29.80
C VAL F 1303 0.27 -11.44 28.67
N GLN F 1304 0.02 -10.68 27.60
CA GLN F 1304 -0.71 -11.22 26.45
C GLN F 1304 0.02 -12.40 25.83
N ARG F 1305 1.34 -12.27 25.65
CA ARG F 1305 2.11 -13.36 25.06
C ARG F 1305 2.11 -14.60 25.95
N PHE F 1306 2.23 -14.40 27.27
CA PHE F 1306 2.20 -15.53 28.19
C PHE F 1306 0.84 -16.22 28.16
N GLU F 1307 -0.24 -15.45 28.11
CA GLU F 1307 -1.57 -16.06 28.01
C GLU F 1307 -1.71 -16.84 26.71
N ILE F 1308 -1.17 -16.32 25.62
CA ILE F 1308 -1.25 -17.02 24.34
C ILE F 1308 -0.45 -18.32 24.38
N ALA F 1309 0.75 -18.29 24.93
CA ALA F 1309 1.69 -19.40 24.83
C ALA F 1309 1.63 -20.35 26.03
N LYS F 1310 0.64 -20.20 26.90
CA LYS F 1310 0.56 -21.07 28.08
C LYS F 1310 0.30 -22.52 27.68
N TYR F 1311 -0.54 -22.75 26.69
CA TYR F 1311 -0.95 -24.11 26.32
C TYR F 1311 -0.04 -24.73 25.26
N CYS F 1312 0.16 -24.04 24.14
CA CYS F 1312 0.81 -24.64 22.98
C CYS F 1312 2.26 -25.02 23.28
N SER F 1313 3.10 -24.05 23.56
CA SER F 1313 4.54 -24.28 23.65
C SER F 1313 4.93 -24.76 25.05
N SER F 1314 6.19 -25.17 25.17
CA SER F 1314 6.75 -25.61 26.43
C SER F 1314 8.12 -25.04 26.72
N ASP F 1315 8.69 -24.25 25.81
CA ASP F 1315 10.00 -23.64 26.00
C ASP F 1315 9.93 -22.16 26.33
N GLN F 1316 8.89 -21.45 25.87
CA GLN F 1316 8.76 -20.04 26.21
C GLN F 1316 8.51 -19.84 27.70
N VAL F 1317 7.95 -20.85 28.37
CA VAL F 1317 7.75 -20.76 29.81
C VAL F 1317 9.09 -20.65 30.53
N GLU F 1318 10.09 -21.41 30.09
CA GLU F 1318 11.41 -21.31 30.69
C GLU F 1318 12.02 -19.93 30.47
N ILE F 1319 11.81 -19.35 29.28
CA ILE F 1319 12.30 -18.00 29.01
C ILE F 1319 11.64 -17.00 29.94
N PHE F 1320 10.32 -17.11 30.12
CA PHE F 1320 9.62 -16.20 31.02
C PHE F 1320 10.10 -16.36 32.45
N SER F 1321 10.33 -17.60 32.90
CA SER F 1321 10.83 -17.82 34.25
C SER F 1321 12.21 -17.21 34.43
N SER F 1322 13.10 -17.40 33.45
CA SER F 1322 14.43 -16.82 33.54
C SER F 1322 14.37 -15.29 33.56
N LEU F 1323 13.49 -14.71 32.74
CA LEU F 1323 13.34 -13.25 32.75
C LEU F 1323 12.82 -12.76 34.09
N LEU F 1324 11.86 -13.47 34.67
CA LEU F 1324 11.28 -13.03 35.94
C LEU F 1324 12.26 -13.19 37.11
N GLN F 1325 13.18 -14.15 37.01
CA GLN F 1325 14.09 -14.41 38.13
C GLN F 1325 15.20 -13.37 38.24
N ARG F 1326 15.63 -12.79 37.12
CA ARG F 1326 16.80 -11.92 37.11
C ARG F 1326 16.46 -10.45 37.35
N SER F 1327 15.19 -10.12 37.54
CA SER F 1327 14.81 -8.74 37.84
C SER F 1327 14.65 -8.50 39.33
N MET F 1328 14.42 -9.54 40.11
CA MET F 1328 14.16 -9.43 41.54
C MET F 1328 15.37 -9.90 42.36
N SER F 1329 15.42 -9.44 43.61
CA SER F 1329 16.47 -9.82 44.53
C SER F 1329 15.94 -9.77 45.95
N LEU F 1330 16.50 -10.63 46.81
CA LEU F 1330 16.07 -10.72 48.21
C LEU F 1330 17.06 -9.94 49.07
N ASN F 1331 16.95 -8.61 49.00
CA ASN F 1331 17.82 -7.72 49.75
C ASN F 1331 17.00 -6.62 50.42
N ILE F 1332 15.91 -7.00 51.06
CA ILE F 1332 15.06 -6.02 51.73
C ILE F 1332 15.87 -5.30 52.80
N GLY F 1333 16.06 -4.00 52.61
CA GLY F 1333 16.91 -3.22 53.51
C GLY F 1333 16.93 -1.74 53.18
N GLY F 1334 18.09 -1.12 53.31
CA GLY F 1334 18.20 0.32 53.15
C GLY F 1334 18.07 0.83 51.73
N ALA F 1335 19.10 0.65 50.91
CA ALA F 1335 19.14 1.24 49.58
C ALA F 1335 19.64 0.22 48.56
N LYS F 1336 19.14 -1.01 48.65
CA LYS F 1336 19.54 -2.06 47.71
C LYS F 1336 18.34 -2.98 47.50
N GLY F 1337 17.58 -2.72 46.43
CA GLY F 1337 16.44 -3.55 46.11
C GLY F 1337 16.21 -3.71 44.62
N SER F 1338 17.06 -3.06 43.82
CA SER F 1338 16.98 -3.08 42.36
C SER F 1338 15.63 -2.59 41.83
N MET F 1339 14.85 -1.91 42.67
CA MET F 1339 13.55 -1.40 42.27
C MET F 1339 13.33 -0.04 42.93
N ASN F 1340 12.75 0.89 42.19
CA ASN F 1340 12.43 2.20 42.74
C ASN F 1340 11.31 2.08 43.76
N ARG F 1341 11.37 2.92 44.79
CA ARG F 1341 10.42 2.87 45.90
C ARG F 1341 9.53 4.10 45.96
N HIS F 1342 9.48 4.91 44.90
CA HIS F 1342 8.60 6.08 44.88
C HIS F 1342 7.15 5.65 44.70
N VAL F 1343 6.24 6.52 45.15
CA VAL F 1343 4.81 6.21 45.06
C VAL F 1343 4.36 6.16 43.61
N ALA F 1344 4.87 7.06 42.77
CA ALA F 1344 4.46 7.16 41.38
C ALA F 1344 4.91 5.95 40.53
N ALA F 1345 5.51 4.91 41.11
CA ALA F 1345 5.97 3.74 40.37
C ALA F 1345 5.48 2.47 41.04
N ILE F 1346 4.20 2.45 41.42
CA ILE F 1346 3.61 1.26 42.03
C ILE F 1346 2.80 0.42 41.06
N GLY F 1347 2.49 0.95 39.87
CA GLY F 1347 1.71 0.23 38.90
C GLY F 1347 2.44 -0.96 38.31
N PRO F 1348 3.51 -0.69 37.54
CA PRO F 1348 4.26 -1.79 36.93
C PRO F 1348 4.82 -2.78 37.93
N ARG F 1349 5.23 -2.32 39.12
CA ARG F 1349 5.77 -3.23 40.12
C ARG F 1349 4.76 -4.30 40.51
N PHE F 1350 3.55 -3.87 40.90
CA PHE F 1350 2.55 -4.84 41.32
C PHE F 1350 1.98 -5.61 40.13
N LYS F 1351 1.99 -5.00 38.93
CA LYS F 1351 1.59 -5.75 37.74
C LYS F 1351 2.55 -6.91 37.47
N LEU F 1352 3.85 -6.66 37.59
CA LEU F 1352 4.84 -7.73 37.43
C LEU F 1352 4.71 -8.77 38.53
N LEU F 1353 4.44 -8.33 39.76
CA LEU F 1353 4.21 -9.28 40.84
C LEU F 1353 3.01 -10.17 40.56
N THR F 1354 1.93 -9.58 40.06
CA THR F 1354 0.74 -10.36 39.70
C THR F 1354 1.04 -11.33 38.57
N LEU F 1355 1.83 -10.90 37.58
CA LEU F 1355 2.22 -11.81 36.51
C LEU F 1355 3.02 -12.99 37.05
N GLY F 1356 3.94 -12.73 37.98
CA GLY F 1356 4.69 -13.81 38.58
C GLY F 1356 3.81 -14.77 39.36
N LEU F 1357 2.86 -14.24 40.12
CA LEU F 1357 1.93 -15.10 40.85
C LEU F 1357 1.08 -15.93 39.90
N SER F 1358 0.63 -15.33 38.80
CA SER F 1358 -0.15 -16.07 37.81
C SER F 1358 0.68 -17.18 37.19
N LEU F 1359 1.96 -16.91 36.89
CA LEU F 1359 2.84 -17.96 36.38
C LEU F 1359 3.00 -19.08 37.39
N LEU F 1360 3.15 -18.73 38.67
CA LEU F 1360 3.28 -19.76 39.70
C LEU F 1360 2.03 -20.62 39.81
N HIS F 1361 0.85 -19.99 39.72
CA HIS F 1361 -0.40 -20.71 39.82
C HIS F 1361 -0.73 -21.52 38.58
N ALA F 1362 0.01 -21.33 37.48
CA ALA F 1362 -0.30 -22.01 36.23
C ALA F 1362 -0.03 -23.51 36.28
N ASP F 1363 0.71 -23.99 37.29
CA ASP F 1363 1.03 -25.41 37.44
C ASP F 1363 1.75 -25.94 36.19
N VAL F 1364 2.92 -25.35 35.92
CA VAL F 1364 3.74 -25.71 34.78
C VAL F 1364 5.09 -26.27 35.20
N VAL F 1365 5.73 -25.66 36.19
CA VAL F 1365 7.04 -26.11 36.65
C VAL F 1365 6.90 -27.46 37.34
N PRO F 1366 7.59 -28.49 36.86
CA PRO F 1366 7.42 -29.83 37.44
C PRO F 1366 7.98 -29.97 38.85
N ASN F 1367 9.23 -29.54 39.05
CA ASN F 1367 9.90 -29.78 40.31
C ASN F 1367 9.32 -28.91 41.42
N ALA F 1368 9.61 -29.30 42.66
CA ALA F 1368 9.11 -28.62 43.85
C ALA F 1368 10.14 -27.69 44.48
N THR F 1369 11.25 -27.43 43.79
CA THR F 1369 12.31 -26.58 44.31
C THR F 1369 12.34 -25.19 43.69
N ILE F 1370 12.00 -25.06 42.42
CA ILE F 1370 11.97 -23.74 41.78
C ILE F 1370 10.85 -22.89 42.38
N ARG F 1371 9.72 -23.51 42.67
CA ARG F 1371 8.58 -22.77 43.21
C ARG F 1371 8.90 -22.14 44.55
N ASN F 1372 9.64 -22.86 45.41
CA ASN F 1372 9.98 -22.33 46.72
C ASN F 1372 10.84 -21.07 46.59
N VAL F 1373 11.87 -21.12 45.75
CA VAL F 1373 12.74 -19.96 45.57
C VAL F 1373 11.97 -18.80 44.96
N LEU F 1374 11.14 -19.09 43.96
CA LEU F 1374 10.36 -18.04 43.31
C LEU F 1374 9.42 -17.36 44.30
N ARG F 1375 8.72 -18.16 45.12
CA ARG F 1375 7.81 -17.60 46.11
C ARG F 1375 8.56 -16.79 47.16
N GLU F 1376 9.72 -17.28 47.61
CA GLU F 1376 10.52 -16.53 48.57
C GLU F 1376 10.94 -15.18 48.00
N LYS F 1377 11.39 -15.16 46.75
CA LYS F 1377 11.76 -13.89 46.13
C LYS F 1377 10.56 -12.98 45.98
N ILE F 1378 9.40 -13.54 45.63
CA ILE F 1378 8.18 -12.74 45.49
C ILE F 1378 7.85 -12.05 46.82
N TYR F 1379 7.84 -12.81 47.91
CA TYR F 1379 7.54 -12.23 49.21
C TYR F 1379 8.59 -11.20 49.62
N SER F 1380 9.87 -11.50 49.37
CA SER F 1380 10.93 -10.59 49.77
C SER F 1380 10.83 -9.26 49.03
N THR F 1381 10.55 -9.30 47.72
CA THR F 1381 10.39 -8.05 46.98
C THR F 1381 9.07 -7.37 47.27
N ALA F 1382 8.07 -8.10 47.77
CA ALA F 1382 6.82 -7.45 48.19
C ALA F 1382 7.02 -6.68 49.47
N PHE F 1383 7.81 -7.23 50.41
CA PHE F 1383 8.03 -6.54 51.69
C PHE F 1383 8.89 -5.29 51.54
N ASP F 1384 9.56 -5.09 50.41
CA ASP F 1384 10.51 -4.00 50.28
C ASP F 1384 9.83 -2.63 50.28
N TYR F 1385 8.64 -2.55 49.66
CA TYR F 1385 8.00 -1.25 49.47
C TYR F 1385 7.65 -0.56 50.79
N PHE F 1386 7.43 -1.33 51.85
CA PHE F 1386 7.01 -0.78 53.13
C PHE F 1386 8.18 -0.43 54.04
N SER F 1387 9.35 -0.14 53.47
CA SER F 1387 10.53 0.23 54.25
C SER F 1387 10.86 1.72 54.15
N CYS F 1388 9.90 2.53 53.70
CA CYS F 1388 10.09 3.97 53.55
C CYS F 1388 8.95 4.71 54.22
N PRO F 1389 9.20 5.95 54.68
CA PRO F 1389 8.13 6.75 55.27
C PRO F 1389 7.00 6.97 54.27
N PRO F 1390 5.75 6.94 54.72
CA PRO F 1390 4.63 7.13 53.80
C PRO F 1390 4.59 8.54 53.24
N LYS F 1391 4.09 8.65 52.00
CA LYS F 1391 3.89 9.94 51.34
C LYS F 1391 2.62 9.84 50.50
N PHE F 1392 2.42 10.81 49.63
CA PHE F 1392 1.18 10.91 48.88
C PHE F 1392 1.47 10.95 47.38
N PRO F 1393 0.54 10.47 46.56
CA PRO F 1393 0.77 10.47 45.11
C PRO F 1393 0.82 11.88 44.55
N THR F 1394 1.57 12.04 43.46
CA THR F 1394 1.76 13.33 42.82
C THR F 1394 1.11 13.44 41.45
N GLN F 1395 0.66 12.33 40.87
CA GLN F 1395 0.03 12.38 39.57
C GLN F 1395 -1.38 12.98 39.67
N GLY F 1396 -1.99 13.20 38.51
CA GLY F 1396 -3.29 13.82 38.44
C GLY F 1396 -4.41 12.86 38.81
N GLU F 1397 -5.63 13.31 38.55
CA GLU F 1397 -6.80 12.48 38.86
C GLU F 1397 -6.79 11.20 38.04
N LYS F 1398 -6.46 11.29 36.75
CA LYS F 1398 -6.27 10.11 35.94
C LYS F 1398 -4.94 9.46 36.29
N ARG F 1399 -4.72 8.25 35.76
CA ARG F 1399 -3.55 7.43 36.07
C ARG F 1399 -3.49 7.04 37.54
N LEU F 1400 -4.63 7.02 38.22
CA LEU F 1400 -4.72 6.64 39.63
C LEU F 1400 -5.75 5.56 39.88
N ARG F 1401 -6.87 5.58 39.16
CA ARG F 1401 -7.91 4.57 39.35
C ARG F 1401 -7.41 3.17 39.01
N GLU F 1402 -6.69 3.04 37.88
CA GLU F 1402 -6.21 1.73 37.48
C GLU F 1402 -5.16 1.20 38.45
N ASP F 1403 -4.41 2.09 39.10
CA ASP F 1403 -3.47 1.64 40.13
C ASP F 1403 -4.21 0.97 41.28
N ILE F 1404 -5.32 1.58 41.71
CA ILE F 1404 -6.12 0.98 42.78
C ILE F 1404 -6.71 -0.34 42.34
N SER F 1405 -7.17 -0.41 41.08
CA SER F 1405 -7.70 -1.67 40.56
C SER F 1405 -6.64 -2.76 40.57
N ILE F 1406 -5.42 -2.43 40.13
CA ILE F 1406 -4.32 -3.39 40.12
C ILE F 1406 -4.00 -3.83 41.54
N MET F 1407 -3.98 -2.89 42.49
CA MET F 1407 -3.69 -3.25 43.87
C MET F 1407 -4.73 -4.21 44.43
N ILE F 1408 -6.01 -3.96 44.15
CA ILE F 1408 -7.08 -4.84 44.64
C ILE F 1408 -6.94 -6.23 44.02
N LYS F 1409 -6.69 -6.28 42.71
CA LYS F 1409 -6.55 -7.58 42.05
C LYS F 1409 -5.37 -8.35 42.61
N PHE F 1410 -4.25 -7.67 42.86
CA PHE F 1410 -3.09 -8.33 43.45
C PHE F 1410 -3.39 -8.82 44.86
N TRP F 1411 -4.16 -8.03 45.63
CA TRP F 1411 -4.54 -8.46 46.97
C TRP F 1411 -5.35 -9.75 46.93
N THR F 1412 -6.32 -9.83 46.01
CA THR F 1412 -7.09 -11.06 45.88
C THR F 1412 -6.21 -12.24 45.47
N ALA F 1413 -5.34 -12.04 44.48
CA ALA F 1413 -4.45 -13.10 44.03
C ALA F 1413 -3.56 -13.59 45.17
N MET F 1414 -3.08 -12.66 46.01
CA MET F 1414 -2.32 -13.04 47.18
C MET F 1414 -3.18 -13.84 48.16
N PHE F 1415 -4.44 -13.44 48.33
CA PHE F 1415 -5.33 -14.13 49.24
C PHE F 1415 -5.62 -15.56 48.79
N SER F 1416 -5.43 -15.87 47.50
CA SER F 1416 -5.83 -17.17 46.97
C SER F 1416 -4.69 -18.20 46.91
N ASP F 1417 -3.85 -18.25 47.95
CA ASP F 1417 -2.72 -19.17 47.96
C ASP F 1417 -2.91 -20.40 48.86
N LYS F 1418 -4.12 -20.60 49.41
CA LYS F 1418 -4.28 -21.79 50.24
C LYS F 1418 -4.21 -22.98 49.31
N LYS F 1419 -2.98 -23.25 48.90
CA LYS F 1419 -2.57 -24.21 47.89
C LYS F 1419 -1.30 -24.83 48.44
N TYR F 1420 -0.96 -24.43 49.66
CA TYR F 1420 0.22 -24.97 50.33
C TYR F 1420 0.02 -26.42 50.79
N LEU F 1421 0.93 -26.88 51.66
CA LEU F 1421 0.96 -28.18 52.35
C LEU F 1421 1.59 -29.34 51.56
N THR F 1422 2.08 -29.12 50.35
CA THR F 1422 2.76 -30.18 49.60
C THR F 1422 4.05 -29.70 48.95
N ALA F 1423 4.88 -28.97 49.69
CA ALA F 1423 6.15 -28.47 49.17
C ALA F 1423 7.31 -29.35 49.67
N SER F 1424 7.44 -30.54 49.11
CA SER F 1424 8.54 -31.44 49.44
C SER F 1424 8.65 -32.57 48.43
N ARG F 1477 10.01 -31.76 57.07
CA ARG F 1477 9.12 -31.14 58.05
C ARG F 1477 8.33 -30.01 57.40
N GLY F 1478 7.16 -30.35 56.86
CA GLY F 1478 6.36 -29.36 56.14
C GLY F 1478 5.66 -28.35 57.01
N SER F 1479 5.43 -28.68 58.29
CA SER F 1479 4.71 -27.76 59.17
C SER F 1479 5.50 -26.47 59.40
N GLN F 1480 6.82 -26.59 59.53
CA GLN F 1480 7.65 -25.40 59.74
C GLN F 1480 7.50 -24.42 58.59
N LEU F 1481 7.69 -24.90 57.36
CA LEU F 1481 7.55 -24.02 56.19
C LEU F 1481 6.11 -23.53 56.04
N HIS F 1482 5.13 -24.38 56.37
CA HIS F 1482 3.74 -23.98 56.27
C HIS F 1482 3.44 -22.77 57.14
N LYS F 1483 3.80 -22.84 58.43
CA LYS F 1483 3.57 -21.70 59.31
C LYS F 1483 4.46 -20.52 58.93
N TYR F 1484 5.69 -20.80 58.51
CA TYR F 1484 6.62 -19.76 58.06
C TYR F 1484 6.02 -18.93 56.93
N TYR F 1485 5.27 -19.57 56.03
CA TYR F 1485 4.63 -18.84 54.95
C TYR F 1485 3.31 -18.20 55.39
N MET F 1486 2.56 -18.89 56.26
CA MET F 1486 1.25 -18.37 56.67
C MET F 1486 1.37 -17.06 57.43
N LYS F 1487 2.35 -16.96 58.34
CA LYS F 1487 2.51 -15.73 59.12
C LYS F 1487 2.82 -14.55 58.21
N ARG F 1488 3.75 -14.73 57.27
CA ARG F 1488 4.12 -13.65 56.37
C ARG F 1488 2.96 -13.30 55.44
N ARG F 1489 2.18 -14.29 55.01
CA ARG F 1489 1.01 -14.01 54.19
C ARG F 1489 0.02 -13.14 54.94
N THR F 1490 -0.24 -13.47 56.21
CA THR F 1490 -1.16 -12.66 57.01
C THR F 1490 -0.66 -11.23 57.16
N LEU F 1491 0.64 -11.07 57.48
CA LEU F 1491 1.18 -9.73 57.67
C LEU F 1491 1.11 -8.91 56.39
N LEU F 1492 1.45 -9.53 55.25
CA LEU F 1492 1.40 -8.83 53.97
C LEU F 1492 -0.03 -8.44 53.62
N LEU F 1493 -1.00 -9.32 53.89
CA LEU F 1493 -2.39 -8.98 53.63
C LEU F 1493 -2.84 -7.79 54.46
N SER F 1494 -2.45 -7.76 55.74
CA SER F 1494 -2.82 -6.64 56.60
C SER F 1494 -2.22 -5.33 56.07
N LEU F 1495 -0.94 -5.36 55.72
CA LEU F 1495 -0.29 -4.15 55.23
C LEU F 1495 -0.92 -3.66 53.93
N LEU F 1496 -1.22 -4.59 53.01
CA LEU F 1496 -1.84 -4.20 51.75
C LEU F 1496 -3.23 -3.64 51.96
N ALA F 1497 -4.00 -4.21 52.89
CA ALA F 1497 -5.31 -3.67 53.19
C ALA F 1497 -5.21 -2.24 53.72
N THR F 1498 -4.27 -2.00 54.64
CA THR F 1498 -4.10 -0.65 55.16
C THR F 1498 -3.72 0.33 54.05
N GLU F 1499 -2.78 -0.07 53.18
CA GLU F 1499 -2.35 0.82 52.10
C GLU F 1499 -3.49 1.12 51.14
N ILE F 1500 -4.28 0.10 50.80
CA ILE F 1500 -5.41 0.31 49.89
C ILE F 1500 -6.42 1.26 50.51
N GLU F 1501 -6.71 1.07 51.80
CA GLU F 1501 -7.65 1.97 52.46
C GLU F 1501 -7.14 3.40 52.44
N ARG F 1502 -5.86 3.60 52.73
CA ARG F 1502 -5.31 4.96 52.72
C ARG F 1502 -5.39 5.59 51.33
N LEU F 1503 -5.04 4.83 50.29
CA LEU F 1503 -5.07 5.38 48.94
C LEU F 1503 -6.49 5.72 48.50
N ILE F 1504 -7.44 4.82 48.77
CA ILE F 1504 -8.82 5.10 48.37
C ILE F 1504 -9.39 6.26 49.17
N THR F 1505 -8.93 6.44 50.42
CA THR F 1505 -9.33 7.61 51.18
C THR F 1505 -8.78 8.89 50.54
N TRP F 1506 -7.53 8.85 50.09
CA TRP F 1506 -6.95 10.03 49.44
C TRP F 1506 -7.58 10.32 48.08
N TYR F 1507 -8.16 9.31 47.43
CA TYR F 1507 -8.70 9.51 46.08
C TYR F 1507 -9.72 10.64 46.05
N ASN F 1508 -10.82 10.49 46.77
CA ASN F 1508 -11.86 11.52 46.82
C ASN F 1508 -12.14 11.90 48.27
N PRO F 1509 -12.05 13.19 48.63
CA PRO F 1509 -12.33 13.56 50.03
C PRO F 1509 -13.77 13.28 50.45
N LEU F 1510 -14.74 13.78 49.70
CA LEU F 1510 -16.14 13.57 50.04
C LEU F 1510 -16.53 12.12 49.77
N SER F 1511 -17.75 11.78 50.19
CA SER F 1511 -18.26 10.43 49.94
C SER F 1511 -18.35 10.14 48.45
N ALA F 1512 -18.88 11.09 47.67
CA ALA F 1512 -18.98 11.02 46.22
C ALA F 1512 -19.63 9.71 45.78
N PRO F 1513 -20.94 9.56 45.96
CA PRO F 1513 -21.59 8.31 45.55
C PRO F 1513 -21.52 8.04 44.05
N GLU F 1514 -21.32 9.09 43.23
CA GLU F 1514 -21.21 8.87 41.79
C GLU F 1514 -19.98 8.02 41.45
N LEU F 1515 -18.84 8.32 42.07
CA LEU F 1515 -17.64 7.52 41.87
C LEU F 1515 -17.75 6.21 42.63
N GLU F 1516 -17.28 5.13 42.01
CA GLU F 1516 -17.37 3.81 42.62
C GLU F 1516 -16.32 2.90 41.99
N LEU F 1517 -15.93 1.89 42.75
CA LEU F 1517 -14.98 0.88 42.28
C LEU F 1517 -15.56 -0.51 42.46
N ASP F 1518 -14.74 -1.55 42.29
CA ASP F 1518 -15.20 -2.91 42.48
C ASP F 1518 -15.73 -3.10 43.90
N GLN F 1519 -16.86 -3.81 44.01
CA GLN F 1519 -17.55 -3.96 45.28
C GLN F 1519 -17.02 -5.13 46.11
N ALA F 1520 -16.75 -6.28 45.46
CA ALA F 1520 -16.31 -7.45 46.19
C ALA F 1520 -14.98 -7.22 46.89
N GLY F 1521 -14.05 -6.55 46.21
CA GLY F 1521 -12.76 -6.26 46.83
C GLY F 1521 -12.90 -5.35 48.04
N GLU F 1522 -13.72 -4.31 47.93
CA GLU F 1522 -13.93 -3.41 49.05
C GLU F 1522 -14.59 -4.14 50.22
N ASN F 1523 -15.57 -4.99 49.93
CA ASN F 1523 -16.22 -5.76 51.00
C ASN F 1523 -15.22 -6.69 51.69
N SER F 1524 -14.38 -7.36 50.91
CA SER F 1524 -13.38 -8.25 51.50
C SER F 1524 -12.38 -7.47 52.35
N VAL F 1525 -11.95 -6.30 51.86
CA VAL F 1525 -11.02 -5.47 52.63
C VAL F 1525 -11.66 -5.03 53.94
N ALA F 1526 -12.93 -4.60 53.90
CA ALA F 1526 -13.61 -4.19 55.12
C ALA F 1526 -13.74 -5.35 56.10
N ASN F 1527 -14.07 -6.54 55.59
CA ASN F 1527 -14.18 -7.71 56.46
C ASN F 1527 -12.85 -8.05 57.10
N TRP F 1528 -11.76 -7.98 56.33
CA TRP F 1528 -10.45 -8.27 56.89
C TRP F 1528 -10.05 -7.23 57.93
N ARG F 1529 -10.36 -5.96 57.68
CA ARG F 1529 -10.06 -4.92 58.66
C ARG F 1529 -10.84 -5.14 59.95
N SER F 1530 -12.12 -5.50 59.83
CA SER F 1530 -12.91 -5.78 61.02
C SER F 1530 -12.37 -6.99 61.78
N LYS F 1531 -11.90 -7.99 61.03
CA LYS F 1531 -11.35 -9.19 61.67
C LYS F 1531 -10.07 -8.87 62.44
N TYR F 1532 -9.14 -8.17 61.81
CA TYR F 1532 -7.84 -7.95 62.43
C TYR F 1532 -7.83 -6.77 63.41
N ILE F 1533 -8.88 -5.95 63.43
CA ILE F 1533 -8.93 -4.82 64.36
C ILE F 1533 -9.27 -5.23 65.78
N SER F 1534 -9.68 -6.48 65.98
CA SER F 1534 -10.12 -6.96 67.29
C SER F 1534 -9.04 -7.72 68.05
N LEU F 1535 -7.79 -7.67 67.59
CA LEU F 1535 -6.72 -8.38 68.27
C LEU F 1535 -6.47 -7.79 69.64
N SER F 1536 -6.14 -8.65 70.60
CA SER F 1536 -5.88 -8.23 71.97
C SER F 1536 -4.43 -7.75 72.09
N GLU F 1537 -3.96 -7.53 73.33
CA GLU F 1537 -2.59 -7.10 73.53
C GLU F 1537 -1.60 -8.18 73.10
N LYS F 1538 -1.96 -9.45 73.27
CA LYS F 1538 -1.13 -10.54 72.76
C LYS F 1538 -1.37 -10.70 71.26
N GLN F 1539 -0.63 -11.63 70.66
CA GLN F 1539 -0.67 -11.96 69.23
C GLN F 1539 -0.48 -10.73 68.36
N TRP F 1540 -0.03 -9.64 68.96
CA TRP F 1540 0.35 -8.41 68.27
C TRP F 1540 1.75 -7.95 68.64
N LYS F 1541 2.15 -8.11 69.91
CA LYS F 1541 3.54 -7.92 70.28
C LYS F 1541 4.42 -8.97 69.63
N ASP F 1542 3.88 -10.17 69.41
CA ASP F 1542 4.63 -11.22 68.71
C ASP F 1542 4.89 -10.82 67.26
N ASN F 1543 3.98 -10.05 66.66
CA ASN F 1543 4.18 -9.59 65.29
C ASN F 1543 5.40 -8.68 65.19
N VAL F 1544 5.64 -7.87 66.23
CA VAL F 1544 6.82 -6.99 66.23
C VAL F 1544 8.10 -7.82 66.20
N ASN F 1545 8.12 -8.92 66.94
CA ASN F 1545 9.29 -9.80 66.92
C ASN F 1545 9.53 -10.38 65.53
N LEU F 1546 8.46 -10.81 64.86
CA LEU F 1546 8.60 -11.33 63.50
C LEU F 1546 9.10 -10.25 62.55
N ALA F 1547 8.58 -9.03 62.67
CA ALA F 1547 9.03 -7.94 61.81
C ALA F 1547 10.50 -7.62 62.05
N TRP F 1548 10.92 -7.63 63.31
CA TRP F 1548 12.34 -7.40 63.61
C TRP F 1548 13.20 -8.52 63.05
N SER F 1549 12.72 -9.77 63.12
CA SER F 1549 13.45 -10.88 62.53
C SER F 1549 13.55 -10.74 61.02
N ILE F 1550 12.55 -10.13 60.39
CA ILE F 1550 12.61 -9.90 58.95
C ILE F 1550 13.65 -8.84 58.62
N SER F 1551 13.46 -7.63 59.13
CA SER F 1551 14.38 -6.52 58.90
C SER F 1551 14.12 -5.41 59.90
N PRO F 1552 15.17 -4.84 60.50
CA PRO F 1552 14.95 -3.76 61.48
C PRO F 1552 14.24 -2.55 60.92
N TYR F 1553 14.48 -2.20 59.65
CA TYR F 1553 13.85 -1.02 59.07
C TYR F 1553 12.34 -1.16 59.02
N LEU F 1554 11.85 -2.35 58.65
CA LEU F 1554 10.41 -2.58 58.60
C LEU F 1554 9.79 -2.47 59.98
N ALA F 1555 10.48 -3.00 61.01
CA ALA F 1555 9.99 -2.89 62.37
C ALA F 1555 9.96 -1.42 62.82
N VAL F 1556 10.98 -0.65 62.46
CA VAL F 1556 11.01 0.76 62.83
C VAL F 1556 9.87 1.52 62.16
N GLN F 1557 9.62 1.25 60.88
CA GLN F 1557 8.58 1.94 60.13
C GLN F 1557 7.18 1.38 60.39
N LEU F 1558 7.01 0.55 61.42
CA LEU F 1558 5.72 -0.06 61.71
C LEU F 1558 4.73 0.92 62.35
N PRO F 1559 5.10 1.66 63.40
CA PRO F 1559 4.14 2.58 64.01
C PRO F 1559 3.68 3.70 63.09
N ALA F 1560 4.42 3.98 62.01
CA ALA F 1560 3.98 4.99 61.05
C ALA F 1560 2.63 4.60 60.44
N ARG F 1561 2.47 3.33 60.07
CA ARG F 1561 1.16 2.80 59.73
C ARG F 1561 0.37 2.66 61.03
N PHE F 1562 -0.44 3.66 61.35
CA PHE F 1562 -0.97 3.80 62.70
C PHE F 1562 -1.79 2.59 63.12
N LYS F 1563 -1.49 2.07 64.31
CA LYS F 1563 -2.28 1.03 64.96
C LYS F 1563 -2.69 1.55 66.32
N ASN F 1564 -3.99 1.46 66.63
CA ASN F 1564 -4.53 2.05 67.85
C ASN F 1564 -4.22 1.14 69.05
N THR F 1565 -2.94 1.10 69.41
CA THR F 1565 -2.47 0.31 70.54
C THR F 1565 -1.09 0.81 70.92
N GLU F 1566 -0.88 1.04 72.22
CA GLU F 1566 0.38 1.56 72.73
C GLU F 1566 1.43 0.49 72.96
N ALA F 1567 1.07 -0.79 72.86
CA ALA F 1567 2.05 -1.86 73.10
C ALA F 1567 3.13 -1.88 72.02
N ILE F 1568 2.79 -1.49 70.80
CA ILE F 1568 3.77 -1.50 69.71
C ILE F 1568 4.93 -0.57 70.04
N GLY F 1569 4.63 0.63 70.53
CA GLY F 1569 5.68 1.57 70.88
C GLY F 1569 6.59 1.05 71.98
N ASN F 1570 6.00 0.45 73.01
CA ASN F 1570 6.80 -0.09 74.11
C ASN F 1570 7.69 -1.23 73.63
N GLU F 1571 7.15 -2.13 72.81
CA GLU F 1571 7.96 -3.24 72.31
C GLU F 1571 9.09 -2.75 71.41
N VAL F 1572 8.81 -1.77 70.55
CA VAL F 1572 9.84 -1.22 69.68
C VAL F 1572 10.92 -0.54 70.50
N THR F 1573 10.52 0.20 71.53
CA THR F 1573 11.50 0.85 72.40
C THR F 1573 12.38 -0.17 73.11
N ARG F 1574 11.77 -1.25 73.61
CA ARG F 1574 12.55 -2.29 74.27
C ARG F 1574 13.53 -2.93 73.31
N LEU F 1575 13.08 -3.25 72.09
CA LEU F 1575 13.96 -3.89 71.11
C LEU F 1575 15.10 -2.98 70.71
N VAL F 1576 14.82 -1.69 70.47
CA VAL F 1576 15.88 -0.78 70.06
C VAL F 1576 16.83 -0.52 71.21
N ARG F 1577 16.35 -0.55 72.46
CA ARG F 1577 17.25 -0.43 73.59
C ARG F 1577 18.16 -1.65 73.71
N LEU F 1578 17.64 -2.84 73.40
CA LEU F 1578 18.44 -4.05 73.48
C LEU F 1578 19.59 -4.03 72.47
N ASP F 1579 19.40 -3.36 71.33
CA ASP F 1579 20.43 -3.30 70.28
C ASP F 1579 20.23 -2.00 69.51
N PRO F 1580 20.99 -0.95 69.84
CA PRO F 1580 20.82 0.33 69.15
C PRO F 1580 21.63 0.43 67.87
N GLY F 1581 22.62 -0.45 67.71
CA GLY F 1581 23.52 -0.37 66.57
C GLY F 1581 22.96 -0.86 65.26
N ALA F 1582 21.78 -1.47 65.27
CA ALA F 1582 21.21 -2.03 64.04
C ALA F 1582 20.51 -0.98 63.18
N VAL F 1583 20.26 0.21 63.71
CA VAL F 1583 19.53 1.25 63.00
C VAL F 1583 20.37 2.53 62.99
N SER F 1584 20.43 3.19 61.83
CA SER F 1584 21.17 4.44 61.70
C SER F 1584 20.40 5.45 60.87
N ASP F 1585 19.07 5.34 60.83
CA ASP F 1585 18.22 6.32 60.17
C ASP F 1585 17.65 7.26 61.23
N VAL F 1586 18.06 8.52 61.18
CA VAL F 1586 17.81 9.48 62.25
C VAL F 1586 16.40 10.04 62.32
N PRO F 1587 15.71 10.33 61.20
CA PRO F 1587 14.48 11.15 61.32
C PRO F 1587 13.40 10.54 62.19
N GLU F 1588 13.39 9.23 62.38
CA GLU F 1588 12.35 8.62 63.20
C GLU F 1588 12.89 7.77 64.34
N ALA F 1589 14.00 7.06 64.13
CA ALA F 1589 14.47 6.10 65.12
C ALA F 1589 15.13 6.76 66.33
N ILE F 1590 15.51 8.03 66.23
CA ILE F 1590 16.24 8.66 67.32
C ILE F 1590 15.35 8.83 68.55
N LYS F 1591 14.06 9.10 68.35
CA LYS F 1591 13.17 9.36 69.47
C LYS F 1591 12.77 8.11 70.23
N PHE F 1592 13.12 6.92 69.73
CA PHE F 1592 12.85 5.67 70.43
C PHE F 1592 13.95 5.29 71.41
N LEU F 1593 15.04 6.07 71.47
CA LEU F 1593 16.17 5.73 72.32
C LEU F 1593 16.56 6.87 73.24
N VAL F 1594 16.37 8.11 72.79
CA VAL F 1594 16.85 9.27 73.52
C VAL F 1594 16.17 9.38 74.88
N THR F 1595 14.84 9.27 74.90
CA THR F 1595 14.08 9.41 76.14
C THR F 1595 14.03 8.06 76.85
N TRP F 1596 15.08 7.81 77.64
CA TRP F 1596 15.06 6.63 78.51
C TRP F 1596 13.89 6.71 79.49
N HIS F 1597 13.64 7.91 80.02
CA HIS F 1597 12.46 8.22 80.81
C HIS F 1597 12.17 9.70 80.59
N THR F 1598 10.88 10.03 80.48
CA THR F 1598 10.49 11.38 80.11
C THR F 1598 10.94 12.40 81.15
N ILE F 1599 10.59 12.18 82.42
CA ILE F 1599 10.87 13.17 83.45
C ILE F 1599 11.51 12.50 84.66
N ASP F 1600 11.60 11.17 84.65
CA ASP F 1600 12.15 10.44 85.78
C ASP F 1600 13.62 10.76 85.98
N ALA F 1601 14.38 10.90 84.90
CA ALA F 1601 15.79 11.32 84.92
C ALA F 1601 16.63 10.36 85.77
N ASP F 1602 16.72 9.12 85.28
CA ASP F 1602 17.47 8.07 85.95
C ASP F 1602 18.22 7.27 84.88
N ALA F 1603 18.76 6.12 85.31
CA ALA F 1603 19.42 5.13 84.46
C ALA F 1603 20.33 5.73 83.40
N PRO F 1604 21.47 6.32 83.79
CA PRO F 1604 22.42 6.85 82.77
C PRO F 1604 23.43 5.81 82.30
N GLU F 1605 22.99 4.94 81.39
CA GLU F 1605 23.86 3.91 80.85
C GLU F 1605 23.50 3.61 79.41
N LEU F 1606 24.44 3.00 78.70
CA LEU F 1606 24.30 2.49 77.33
C LEU F 1606 23.87 3.55 76.32
N SER F 1607 23.87 4.83 76.71
CA SER F 1607 23.45 5.91 75.82
C SER F 1607 24.67 6.41 75.07
N HIS F 1608 24.83 5.96 73.83
CA HIS F 1608 25.92 6.41 72.95
C HIS F 1608 25.27 7.03 71.71
N VAL F 1609 24.97 8.32 71.79
CA VAL F 1609 24.34 9.04 70.70
C VAL F 1609 25.35 9.86 69.91
N LEU F 1610 26.64 9.53 70.00
CA LEU F 1610 27.68 10.26 69.31
C LEU F 1610 27.98 9.70 67.93
N CYS F 1611 27.02 9.00 67.32
CA CYS F 1611 27.21 8.43 65.99
C CYS F 1611 26.05 8.69 65.04
N TRP F 1612 24.90 9.16 65.53
CA TRP F 1612 23.74 9.38 64.68
C TRP F 1612 23.97 10.57 63.76
N ALA F 1613 23.35 10.51 62.58
CA ALA F 1613 23.46 11.58 61.60
C ALA F 1613 22.71 12.82 62.08
N PRO F 1614 23.04 13.99 61.53
CA PRO F 1614 22.31 15.20 61.90
C PRO F 1614 20.84 15.12 61.52
N THR F 1615 20.00 15.76 62.32
CA THR F 1615 18.56 15.82 62.12
C THR F 1615 18.12 17.28 61.99
N ASP F 1616 16.80 17.49 61.96
CA ASP F 1616 16.27 18.83 61.80
C ASP F 1616 16.56 19.67 63.05
N PRO F 1617 16.79 20.97 62.88
CA PRO F 1617 17.09 21.84 64.02
C PRO F 1617 16.00 21.84 65.08
N PRO F 1618 14.69 21.80 64.71
CA PRO F 1618 13.67 21.76 65.78
C PRO F 1618 13.82 20.57 66.72
N THR F 1619 14.21 19.40 66.20
CA THR F 1619 14.40 18.24 67.08
C THR F 1619 15.59 18.45 68.02
N GLY F 1620 16.67 19.04 67.51
CA GLY F 1620 17.86 19.23 68.34
C GLY F 1620 17.62 20.19 69.49
N LEU F 1621 16.88 21.28 69.23
CA LEU F 1621 16.62 22.28 70.26
C LEU F 1621 15.68 21.78 71.34
N SER F 1622 14.99 20.65 71.13
CA SER F 1622 14.05 20.14 72.11
C SER F 1622 14.73 19.67 73.38
N TYR F 1623 16.04 19.41 73.35
CA TYR F 1623 16.73 18.89 74.52
C TYR F 1623 17.10 19.98 75.53
N PHE F 1624 16.92 21.25 75.19
CA PHE F 1624 17.17 22.36 76.09
C PHE F 1624 15.91 22.94 76.69
N SER F 1625 14.75 22.38 76.38
CA SER F 1625 13.47 22.90 76.85
C SER F 1625 13.08 22.20 78.15
N SER F 1626 11.84 22.43 78.58
CA SER F 1626 11.32 21.83 79.81
C SER F 1626 10.91 20.37 79.63
N MET F 1627 10.90 19.87 78.39
CA MET F 1627 10.41 18.52 78.14
C MET F 1627 11.36 17.46 78.69
N TYR F 1628 12.66 17.72 78.66
CA TYR F 1628 13.65 16.74 79.08
C TYR F 1628 14.59 17.33 80.13
N PRO F 1629 14.94 16.56 81.16
CA PRO F 1629 15.92 17.04 82.12
C PRO F 1629 17.30 17.17 81.47
N PRO F 1630 18.14 18.07 81.97
CA PRO F 1630 19.46 18.25 81.36
C PRO F 1630 20.35 17.03 81.53
N HIS F 1631 21.22 16.83 80.54
CA HIS F 1631 22.20 15.75 80.58
C HIS F 1631 23.34 16.12 79.65
N PRO F 1632 24.60 15.86 80.03
CA PRO F 1632 25.72 16.28 79.17
C PRO F 1632 25.70 15.71 77.77
N LEU F 1633 25.30 14.44 77.61
CA LEU F 1633 25.35 13.81 76.29
C LEU F 1633 24.30 14.41 75.36
N THR F 1634 23.08 14.63 75.86
CA THR F 1634 22.05 15.24 75.03
C THR F 1634 22.43 16.65 74.61
N ALA F 1635 22.99 17.43 75.55
CA ALA F 1635 23.44 18.78 75.22
C ALA F 1635 24.57 18.76 74.19
N GLN F 1636 25.51 17.82 74.33
CA GLN F 1636 26.59 17.71 73.37
C GLN F 1636 26.06 17.36 71.98
N TYR F 1637 25.12 16.43 71.91
CA TYR F 1637 24.52 16.09 70.61
C TYR F 1637 23.77 17.27 70.01
N GLY F 1638 23.03 18.02 70.84
CA GLY F 1638 22.32 19.18 70.36
C GLY F 1638 23.24 20.26 69.83
N VAL F 1639 24.40 20.43 70.48
CA VAL F 1639 25.39 21.37 69.97
C VAL F 1639 25.98 20.86 68.66
N LYS F 1640 26.24 19.55 68.58
CA LYS F 1640 26.84 18.97 67.38
C LYS F 1640 25.93 19.13 66.17
N VAL F 1641 24.63 18.89 66.33
CA VAL F 1641 23.72 18.92 65.18
C VAL F 1641 23.60 20.35 64.63
N LEU F 1642 23.63 21.35 65.52
CA LEU F 1642 23.44 22.73 65.07
C LEU F 1642 24.62 23.26 64.26
N ARG F 1643 25.79 22.63 64.36
CA ARG F 1643 27.00 23.14 63.70
C ARG F 1643 27.24 22.51 62.33
N SER F 1644 26.18 22.09 61.65
CA SER F 1644 26.32 21.46 60.34
C SER F 1644 25.26 21.98 59.37
N PHE F 1645 25.04 23.30 59.38
CA PHE F 1645 24.04 23.92 58.53
C PHE F 1645 24.56 25.26 58.02
N PRO F 1646 24.07 25.72 56.87
CA PRO F 1646 24.46 27.04 56.36
C PRO F 1646 23.93 28.15 57.27
N PRO F 1647 24.59 29.31 57.26
CA PRO F 1647 24.19 30.38 58.20
C PRO F 1647 22.77 30.88 58.02
N ASP F 1648 22.19 30.75 56.83
CA ASP F 1648 20.85 31.29 56.59
C ASP F 1648 19.80 30.58 57.44
N ALA F 1649 19.91 29.26 57.59
CA ALA F 1649 18.96 28.54 58.43
C ALA F 1649 19.07 28.98 59.89
N ILE F 1650 20.29 29.16 60.38
CA ILE F 1650 20.47 29.63 61.76
C ILE F 1650 19.91 31.04 61.92
N LEU F 1651 20.07 31.87 60.89
CA LEU F 1651 19.46 33.20 60.91
C LEU F 1651 17.94 33.10 60.97
N PHE F 1652 17.36 32.15 60.25
CA PHE F 1652 15.92 31.94 60.31
C PHE F 1652 15.48 31.50 61.71
N TYR F 1653 16.28 30.65 62.37
CA TYR F 1653 15.94 30.14 63.69
C TYR F 1653 16.56 30.97 64.82
N ILE F 1654 16.78 32.26 64.61
CA ILE F 1654 17.41 33.09 65.65
C ILE F 1654 16.57 33.20 66.91
N PRO F 1655 15.27 33.54 66.86
CA PRO F 1655 14.56 33.87 68.10
C PRO F 1655 14.54 32.75 69.14
N GLN F 1656 14.47 31.49 68.72
CA GLN F 1656 14.38 30.39 69.68
C GLN F 1656 15.71 30.14 70.37
N ILE F 1657 16.83 30.46 69.72
CA ILE F 1657 18.15 30.14 70.28
C ILE F 1657 18.39 30.95 71.55
N VAL F 1658 18.08 32.25 71.53
CA VAL F 1658 18.38 33.09 72.68
C VAL F 1658 17.55 32.69 73.90
N GLN F 1659 16.31 32.24 73.69
CA GLN F 1659 15.46 31.83 74.80
C GLN F 1659 15.95 30.55 75.46
N ALA F 1660 16.79 29.77 74.78
CA ALA F 1660 17.34 28.56 75.38
C ALA F 1660 18.27 28.87 76.54
N LEU F 1661 18.77 30.11 76.64
CA LEU F 1661 19.66 30.47 77.73
C LEU F 1661 18.94 30.45 79.08
N ARG F 1662 17.63 30.63 79.09
CA ARG F 1662 16.89 30.66 80.35
C ARG F 1662 16.98 29.32 81.07
N TYR F 1663 16.71 28.23 80.37
CA TYR F 1663 16.84 26.89 80.92
C TYR F 1663 18.24 26.32 80.74
N ASP F 1664 19.19 27.16 80.34
CA ASP F 1664 20.57 26.70 80.14
C ASP F 1664 21.34 26.80 81.45
N LYS F 1665 21.05 25.85 82.34
CA LYS F 1665 21.92 25.65 83.49
C LYS F 1665 23.32 25.23 83.05
N MET F 1666 23.44 24.63 81.87
CA MET F 1666 24.72 24.42 81.22
C MET F 1666 25.11 25.72 80.51
N GLY F 1667 26.13 25.66 79.66
CA GLY F 1667 26.56 26.85 78.94
C GLY F 1667 27.06 26.59 77.54
N TYR F 1668 26.82 25.38 77.03
CA TYR F 1668 27.22 25.06 75.67
C TYR F 1668 26.61 26.03 74.66
N VAL F 1669 25.40 26.51 74.96
CA VAL F 1669 24.72 27.44 74.06
C VAL F 1669 25.48 28.76 73.97
N ARG F 1670 26.03 29.22 75.10
CA ARG F 1670 26.80 30.46 75.09
C ARG F 1670 28.04 30.35 74.23
N GLU F 1671 28.77 29.23 74.36
CA GLU F 1671 29.95 29.01 73.54
C GLU F 1671 29.58 28.90 72.07
N TYR F 1672 28.46 28.24 71.77
CA TYR F 1672 28.00 28.15 70.38
C TYR F 1672 27.69 29.53 69.82
N ILE F 1673 27.02 30.38 70.61
CA ILE F 1673 26.70 31.73 70.15
C ILE F 1673 27.97 32.52 69.88
N LEU F 1674 28.95 32.42 70.79
CA LEU F 1674 30.20 33.14 70.58
C LEU F 1674 30.91 32.65 69.31
N TRP F 1675 30.95 31.34 69.11
CA TRP F 1675 31.62 30.80 67.92
C TRP F 1675 30.90 31.23 66.65
N ALA F 1676 29.57 31.19 66.64
CA ALA F 1676 28.82 31.59 65.46
C ALA F 1676 28.99 33.07 65.16
N ALA F 1677 28.99 33.91 66.19
CA ALA F 1677 29.20 35.34 65.99
C ALA F 1677 30.61 35.61 65.47
N SER F 1678 31.60 34.86 65.96
CA SER F 1678 32.95 35.02 65.45
C SER F 1678 33.08 34.57 64.01
N LYS F 1679 32.31 33.54 63.62
CA LYS F 1679 32.42 33.00 62.26
C LYS F 1679 31.76 33.91 61.24
N SER F 1680 30.45 34.13 61.38
CA SER F 1680 29.70 34.91 60.42
C SER F 1680 29.68 36.39 60.83
N GLN F 1681 29.03 37.21 60.01
CA GLN F 1681 28.95 38.65 60.27
C GLN F 1681 27.53 39.12 60.49
N LEU F 1682 26.60 38.82 59.57
CA LEU F 1682 25.22 39.26 59.73
C LEU F 1682 24.56 38.60 60.93
N LEU F 1683 25.01 37.40 61.31
CA LEU F 1683 24.45 36.73 62.47
C LEU F 1683 24.68 37.53 63.73
N ALA F 1684 25.85 38.15 63.86
CA ALA F 1684 26.13 38.99 65.02
C ALA F 1684 25.18 40.18 65.08
N HIS F 1685 24.93 40.81 63.92
CA HIS F 1685 23.99 41.94 63.87
C HIS F 1685 22.59 41.50 64.28
N GLN F 1686 22.15 40.34 63.76
CA GLN F 1686 20.83 39.84 64.15
C GLN F 1686 20.77 39.55 65.65
N PHE F 1687 21.84 38.96 66.20
CA PHE F 1687 21.86 38.64 67.62
C PHE F 1687 21.76 39.90 68.47
N ILE F 1688 22.56 40.93 68.14
CA ILE F 1688 22.52 42.14 68.96
C ILE F 1688 21.18 42.84 68.81
N TRP F 1689 20.63 42.91 67.59
CA TRP F 1689 19.34 43.56 67.40
C TRP F 1689 18.24 42.84 68.17
N ASN F 1690 18.25 41.50 68.16
CA ASN F 1690 17.23 40.76 68.89
C ASN F 1690 17.41 40.89 70.40
N MET F 1691 18.65 40.80 70.88
CA MET F 1691 18.89 40.76 72.32
C MET F 1691 18.75 42.12 72.98
N LYS F 1692 18.93 43.22 72.22
CA LYS F 1692 18.77 44.54 72.81
C LYS F 1692 17.33 44.78 73.27
N THR F 1693 16.37 44.18 72.59
CA THR F 1693 14.96 44.36 72.95
C THR F 1693 14.57 43.52 74.16
N ASN F 1694 15.14 42.33 74.30
CA ASN F 1694 14.64 41.34 75.24
C ASN F 1694 15.17 41.52 76.66
N ILE F 1695 16.01 42.53 76.90
CA ILE F 1695 16.55 42.72 78.25
C ILE F 1695 15.46 43.17 79.22
N TYR F 1696 14.54 44.02 78.76
CA TYR F 1696 13.46 44.52 79.60
C TYR F 1696 12.20 43.70 79.38
N LEU F 1697 11.15 44.08 80.11
CA LEU F 1697 9.87 43.37 80.08
C LEU F 1697 8.72 44.22 79.58
N ASP F 1698 8.67 45.50 79.95
CA ASP F 1698 7.57 46.37 79.58
C ASP F 1698 7.81 46.97 78.20
N GLU F 1699 6.74 47.58 77.65
CA GLU F 1699 6.83 48.18 76.32
C GLU F 1699 7.84 49.33 76.30
N GLU F 1700 7.69 50.28 77.22
CA GLU F 1700 8.64 51.38 77.30
C GLU F 1700 9.98 50.91 77.85
N GLY F 1701 9.95 50.11 78.91
CA GLY F 1701 11.16 49.52 79.45
C GLY F 1701 11.69 50.23 80.68
N HIS F 1702 11.38 49.70 81.86
CA HIS F 1702 11.94 50.20 83.10
C HIS F 1702 12.24 49.09 84.11
N GLN F 1703 12.02 47.82 83.77
CA GLN F 1703 12.20 46.72 84.71
C GLN F 1703 12.93 45.60 83.99
N LYS F 1704 14.17 45.34 84.40
CA LYS F 1704 14.93 44.23 83.87
C LYS F 1704 14.51 42.93 84.55
N ASP F 1705 14.43 41.86 83.78
CA ASP F 1705 14.03 40.57 84.35
C ASP F 1705 15.09 40.08 85.32
N PRO F 1706 14.70 39.45 86.43
CA PRO F 1706 15.68 38.99 87.42
C PRO F 1706 16.32 37.66 87.09
N ASP F 1707 15.99 37.04 85.95
CA ASP F 1707 16.49 35.71 85.64
C ASP F 1707 17.76 35.74 84.79
N ILE F 1708 17.69 36.34 83.60
CA ILE F 1708 18.80 36.29 82.65
C ILE F 1708 19.23 37.69 82.20
N GLY F 1709 18.71 38.74 82.83
CA GLY F 1709 19.05 40.09 82.38
C GLY F 1709 20.54 40.39 82.53
N ASP F 1710 21.11 40.06 83.69
CA ASP F 1710 22.53 40.30 83.91
C ASP F 1710 23.38 39.49 82.93
N LEU F 1711 22.97 38.25 82.65
CA LEU F 1711 23.68 37.44 81.68
C LEU F 1711 23.62 38.06 80.30
N LEU F 1712 22.47 38.61 79.92
CA LEU F 1712 22.36 39.30 78.63
C LEU F 1712 23.27 40.52 78.59
N ASP F 1713 23.34 41.27 79.70
CA ASP F 1713 24.23 42.43 79.73
C ASP F 1713 25.69 42.01 79.57
N GLN F 1714 26.08 40.94 80.26
CA GLN F 1714 27.45 40.45 80.13
C GLN F 1714 27.74 39.99 78.71
N LEU F 1715 26.78 39.29 78.09
CA LEU F 1715 26.97 38.82 76.73
C LEU F 1715 27.10 39.97 75.75
N VAL F 1716 26.23 40.98 75.88
CA VAL F 1716 26.27 42.09 74.93
C VAL F 1716 27.55 42.90 75.11
N GLU F 1717 28.03 43.03 76.34
CA GLU F 1717 29.31 43.72 76.52
C GLU F 1717 30.47 42.89 76.01
N GLU F 1718 30.39 41.56 76.10
CA GLU F 1718 31.48 40.71 75.67
C GLU F 1718 31.59 40.68 74.14
N ILE F 1719 30.46 40.53 73.44
CA ILE F 1719 30.51 40.33 72.00
C ILE F 1719 31.04 41.59 71.31
N THR F 1720 30.60 42.76 71.74
CA THR F 1720 31.10 44.00 71.15
C THR F 1720 32.53 44.26 71.60
N GLY F 1721 33.27 45.01 70.78
CA GLY F 1721 34.66 45.30 71.08
C GLY F 1721 35.61 44.22 70.59
N SER F 1722 35.15 42.96 70.60
CA SER F 1722 35.97 41.87 70.09
C SER F 1722 36.22 42.04 68.60
N LEU F 1723 35.20 42.42 67.84
CA LEU F 1723 35.37 42.67 66.42
C LEU F 1723 36.21 43.93 66.20
N SER F 1724 36.96 43.94 65.10
CA SER F 1724 37.82 45.07 64.79
C SER F 1724 38.05 45.12 63.28
N GLY F 1725 38.49 46.29 62.82
CA GLY F 1725 38.82 46.48 61.42
C GLY F 1725 37.62 46.80 60.55
N PRO F 1726 37.62 46.27 59.33
CA PRO F 1726 36.50 46.55 58.41
C PRO F 1726 35.15 46.11 58.95
N ALA F 1727 35.09 44.98 59.66
CA ALA F 1727 33.83 44.55 60.25
C ALA F 1727 33.34 45.55 61.29
N LYS F 1728 34.25 46.03 62.13
CA LYS F 1728 33.89 47.04 63.12
C LYS F 1728 33.40 48.31 62.45
N ASP F 1729 34.08 48.75 61.39
CA ASP F 1729 33.66 49.96 60.67
C ASP F 1729 32.28 49.78 60.05
N PHE F 1730 32.03 48.62 59.43
CA PHE F 1730 30.73 48.36 58.82
C PHE F 1730 29.63 48.35 59.86
N TYR F 1731 29.87 47.71 61.01
CA TYR F 1731 28.88 47.69 62.07
C TYR F 1731 28.60 49.09 62.60
N GLN F 1732 29.65 49.87 62.82
CA GLN F 1732 29.45 51.25 63.28
C GLN F 1732 28.63 52.04 62.28
N ARG F 1733 28.97 51.94 60.99
CA ARG F 1733 28.25 52.70 59.97
C ARG F 1733 26.78 52.30 59.93
N GLU F 1734 26.50 50.99 59.97
CA GLU F 1734 25.11 50.54 59.94
C GLU F 1734 24.34 51.05 61.15
N PHE F 1735 24.93 50.96 62.34
CA PHE F 1735 24.21 51.39 63.53
C PHE F 1735 24.00 52.89 63.56
N ASP F 1736 25.02 53.68 63.14
CA ASP F 1736 24.85 55.12 63.07
C ASP F 1736 23.75 55.51 62.08
N PHE F 1737 23.74 54.88 60.89
CA PHE F 1737 22.70 55.16 59.92
C PHE F 1737 21.31 54.81 60.46
N PHE F 1738 21.19 53.66 61.13
CA PHE F 1738 19.89 53.27 61.66
C PHE F 1738 19.42 54.23 62.74
N ASN F 1739 20.32 54.66 63.63
CA ASN F 1739 19.95 55.61 64.66
C ASN F 1739 19.51 56.94 64.06
N LYS F 1740 20.25 57.41 63.04
CA LYS F 1740 19.88 58.67 62.40
C LYS F 1740 18.51 58.58 61.72
N ILE F 1741 18.21 57.44 61.09
CA ILE F 1741 16.92 57.28 60.44
C ILE F 1741 15.81 56.97 61.43
N THR F 1742 16.15 56.59 62.67
CA THR F 1742 15.14 56.24 63.66
C THR F 1742 14.72 57.41 64.54
N ASN F 1743 15.62 58.36 64.81
CA ASN F 1743 15.29 59.44 65.73
C ASN F 1743 14.20 60.37 65.20
N VAL F 1744 13.85 60.28 63.92
CA VAL F 1744 12.88 61.19 63.33
C VAL F 1744 11.51 61.03 63.99
N SER F 1745 11.12 59.78 64.27
CA SER F 1745 9.82 59.54 64.88
C SER F 1745 9.73 60.19 66.26
N ALA F 1746 10.79 60.10 67.06
CA ALA F 1746 10.81 60.77 68.35
C ALA F 1746 10.78 62.29 68.19
N ILE F 1747 11.49 62.81 67.19
CA ILE F 1747 11.55 64.26 66.99
C ILE F 1747 10.18 64.81 66.60
N ILE F 1748 9.42 64.06 65.78
CA ILE F 1748 8.21 64.61 65.16
C ILE F 1748 7.00 64.62 66.08
N LYS F 1749 7.02 63.88 67.19
CA LYS F 1749 5.82 63.79 68.03
C LYS F 1749 5.37 65.14 68.60
N PRO F 1750 6.23 65.98 69.18
CA PRO F 1750 5.71 67.19 69.84
C PRO F 1750 4.88 68.09 68.92
N TYR F 1751 5.14 68.07 67.62
CA TYR F 1751 4.33 68.85 66.69
C TYR F 1751 2.96 68.18 66.53
N PRO F 1752 1.86 68.94 66.64
CA PRO F 1752 0.53 68.32 66.53
C PRO F 1752 0.16 67.95 65.09
N LYS F 1753 -1.04 67.41 64.91
CA LYS F 1753 -1.49 67.03 63.58
C LYS F 1753 -1.70 68.27 62.70
N GLY F 1754 -1.31 68.14 61.44
CA GLY F 1754 -1.45 69.23 60.49
C GLY F 1754 -0.35 69.17 59.46
N ASP F 1755 -0.31 70.21 58.62
CA ASP F 1755 0.72 70.29 57.59
C ASP F 1755 2.08 70.59 58.18
N GLU F 1756 2.14 71.23 59.34
CA GLU F 1756 3.41 71.55 59.97
C GLU F 1756 4.17 70.27 60.33
N ARG F 1757 3.46 69.26 60.86
CA ARG F 1757 4.09 67.99 61.16
C ARG F 1757 4.62 67.33 59.90
N LYS F 1758 3.85 67.36 58.81
CA LYS F 1758 4.28 66.73 57.57
C LYS F 1758 5.52 67.42 57.01
N LYS F 1759 5.54 68.76 57.00
CA LYS F 1759 6.70 69.46 56.46
C LYS F 1759 7.93 69.28 57.35
N ALA F 1760 7.73 69.24 58.67
CA ALA F 1760 8.86 68.98 59.56
C ALA F 1760 9.41 67.59 59.35
N CYS F 1761 8.53 66.60 59.16
CA CYS F 1761 8.99 65.24 58.89
C CYS F 1761 9.74 65.17 57.57
N LEU F 1762 9.25 65.88 56.55
CA LEU F 1762 9.95 65.90 55.27
C LEU F 1762 11.33 66.54 55.42
N SER F 1763 11.42 67.64 56.17
CA SER F 1763 12.72 68.28 56.39
C SER F 1763 13.68 67.36 57.14
N ALA F 1764 13.17 66.67 58.17
CA ALA F 1764 14.01 65.75 58.93
C ALA F 1764 14.49 64.60 58.05
N LEU F 1765 13.62 64.08 57.19
CA LEU F 1765 14.01 63.03 56.26
C LEU F 1765 15.06 63.53 55.28
N SER F 1766 14.92 64.77 54.80
CA SER F 1766 15.92 65.35 53.91
C SER F 1766 17.24 65.64 54.62
N GLU F 1767 17.22 65.78 55.95
CA GLU F 1767 18.45 66.02 56.68
C GLU F 1767 19.43 64.86 56.54
N VAL F 1768 18.94 63.63 56.61
CA VAL F 1768 19.80 62.46 56.54
C VAL F 1768 20.28 62.23 55.11
N LYS F 1769 21.48 61.69 54.98
CA LYS F 1769 22.08 61.40 53.69
C LYS F 1769 22.22 59.89 53.50
N VAL F 1770 22.35 59.49 52.24
CA VAL F 1770 22.47 58.07 51.89
C VAL F 1770 23.93 57.65 52.05
N GLN F 1771 24.17 56.61 52.85
CA GLN F 1771 25.51 56.07 53.04
C GLN F 1771 25.62 54.72 52.35
N PRO F 1772 26.51 54.57 51.36
CA PRO F 1772 26.66 53.28 50.70
C PRO F 1772 27.10 52.20 51.69
N GLY F 1773 26.61 50.97 51.45
CA GLY F 1773 26.92 49.85 52.29
C GLY F 1773 25.86 49.48 53.30
N CYS F 1774 24.84 50.34 53.49
CA CYS F 1774 23.79 50.05 54.45
C CYS F 1774 22.80 49.05 53.88
N TYR F 1775 21.98 48.47 54.77
CA TYR F 1775 20.99 47.49 54.39
C TYR F 1775 19.80 47.58 55.34
N LEU F 1776 18.62 47.26 54.82
CA LEU F 1776 17.43 47.27 55.64
C LEU F 1776 17.43 46.08 56.58
N PRO F 1777 17.00 46.27 57.84
CA PRO F 1777 16.97 45.13 58.77
C PRO F 1777 15.96 44.06 58.39
N SER F 1778 14.78 44.46 57.90
CA SER F 1778 13.74 43.49 57.58
C SER F 1778 14.10 42.64 56.37
N ASN F 1779 14.92 43.16 55.46
CA ASN F 1779 15.31 42.46 54.24
C ASN F 1779 16.83 42.45 54.16
N PRO F 1780 17.49 41.51 54.84
CA PRO F 1780 18.96 41.50 54.85
C PRO F 1780 19.57 41.01 53.55
N GLU F 1781 18.75 40.79 52.53
CA GLU F 1781 19.21 40.31 51.23
C GLU F 1781 19.10 41.36 50.14
N ALA F 1782 19.24 42.63 50.50
CA ALA F 1782 19.15 43.71 49.53
C ALA F 1782 19.99 44.88 50.01
N ILE F 1783 20.37 45.75 49.07
CA ILE F 1783 21.20 46.91 49.34
C ILE F 1783 20.44 48.16 48.95
N VAL F 1784 20.30 49.10 49.89
CA VAL F 1784 19.59 50.34 49.62
C VAL F 1784 20.42 51.21 48.66
N LEU F 1785 19.73 52.02 47.87
CA LEU F 1785 20.37 52.89 46.89
C LEU F 1785 20.24 54.36 47.22
N ASP F 1786 19.02 54.84 47.46
CA ASP F 1786 18.79 56.24 47.80
C ASP F 1786 17.48 56.34 48.56
N ILE F 1787 17.16 57.56 49.01
CA ILE F 1787 15.97 57.83 49.81
C ILE F 1787 15.10 58.83 49.07
N ASP F 1788 13.82 58.52 48.95
CA ASP F 1788 12.86 59.45 48.37
C ASP F 1788 12.50 60.50 49.42
N TYR F 1789 12.89 61.75 49.19
CA TYR F 1789 12.74 62.82 50.16
C TYR F 1789 11.36 63.48 50.12
N LYS F 1790 10.36 62.83 49.53
CA LYS F 1790 9.01 63.40 49.49
C LYS F 1790 7.94 62.37 49.81
N SER F 1791 8.30 61.17 50.28
CA SER F 1791 7.34 60.12 50.55
C SER F 1791 6.89 60.07 52.00
N GLY F 1792 7.38 60.98 52.85
CA GLY F 1792 6.99 60.99 54.24
C GLY F 1792 5.50 61.22 54.45
N THR F 1793 4.86 60.33 55.21
CA THR F 1793 3.42 60.43 55.46
C THR F 1793 3.12 59.76 56.79
N PRO F 1794 3.03 60.52 57.88
CA PRO F 1794 2.63 59.93 59.17
C PRO F 1794 1.19 59.44 59.13
N MET F 1795 0.91 58.42 59.93
CA MET F 1795 -0.41 57.82 60.02
C MET F 1795 -1.03 58.14 61.37
N GLN F 1796 -2.31 57.80 61.50
CA GLN F 1796 -3.03 58.03 62.75
C GLN F 1796 -2.53 57.09 63.84
N SER F 1797 -2.64 57.55 65.08
CA SER F 1797 -2.22 56.75 66.23
C SER F 1797 -2.88 57.25 67.51
N LYS F 1800 3.27 58.55 70.75
CA LYS F 1800 3.13 57.68 69.59
C LYS F 1800 3.13 58.49 68.29
N ALA F 1801 4.26 58.45 67.59
CA ALA F 1801 4.43 59.19 66.34
C ALA F 1801 4.99 58.26 65.27
N PRO F 1802 4.17 57.35 64.74
CA PRO F 1802 4.64 56.47 63.66
C PRO F 1802 4.44 57.08 62.29
N TYR F 1803 5.48 57.06 61.46
CA TYR F 1803 5.42 57.61 60.11
C TYR F 1803 5.71 56.50 59.09
N LEU F 1804 5.69 56.88 57.81
CA LEU F 1804 5.91 55.96 56.72
C LEU F 1804 6.93 56.56 55.75
N ALA F 1805 7.68 55.68 55.08
CA ALA F 1805 8.69 56.12 54.14
C ALA F 1805 8.83 55.09 53.02
N LYS F 1806 9.41 55.54 51.92
CA LYS F 1806 9.66 54.69 50.76
C LYS F 1806 11.14 54.66 50.45
N PHE F 1807 11.59 53.57 49.84
CA PHE F 1807 13.01 53.38 49.53
C PHE F 1807 13.15 52.76 48.15
N LYS F 1808 14.29 53.05 47.52
CA LYS F 1808 14.70 52.40 46.28
C LYS F 1808 15.84 51.45 46.60
N VAL F 1809 15.66 50.16 46.31
CA VAL F 1809 16.57 49.13 46.79
C VAL F 1809 17.01 48.27 45.62
N LYS F 1810 18.16 47.63 45.80
CA LYS F 1810 18.71 46.69 44.84
C LYS F 1810 18.85 45.33 45.50
N ARG F 1811 18.39 44.28 44.82
CA ARG F 1811 18.42 42.93 45.35
C ARG F 1811 19.60 42.17 44.75
N CYS F 1812 20.51 41.72 45.61
CA CYS F 1812 21.68 40.97 45.18
C CYS F 1812 21.72 39.56 45.74
N GLY F 1813 21.61 39.41 47.05
CA GLY F 1813 21.67 38.11 47.69
C GLY F 1813 22.15 38.26 49.13
N VAL F 1814 22.80 37.21 49.62
CA VAL F 1814 23.25 37.16 51.01
C VAL F 1814 24.77 37.10 51.05
N SER F 1815 25.35 36.05 50.48
CA SER F 1815 26.81 35.90 50.51
C SER F 1815 27.50 37.02 49.74
N GLU F 1816 26.97 37.37 48.58
CA GLU F 1816 27.53 38.50 47.83
C GLU F 1816 27.37 39.80 48.59
N LEU F 1817 26.23 39.99 49.25
CA LEU F 1817 26.06 41.17 50.09
C LEU F 1817 27.06 41.17 51.25
N GLU F 1818 27.27 40.01 51.87
CA GLU F 1818 28.21 39.93 52.99
C GLU F 1818 29.63 40.26 52.54
N LYS F 1819 30.05 39.74 51.39
CA LYS F 1819 31.40 40.01 50.93
C LYS F 1819 31.55 41.44 50.40
N GLU F 1820 30.48 42.03 49.88
CA GLU F 1820 30.53 43.40 49.37
C GLU F 1820 30.40 44.42 50.49
N GLY F 1821 29.95 44.01 51.67
CA GLY F 1821 29.83 44.95 52.78
C GLY F 1821 31.14 45.32 53.42
N LEU F 1822 32.24 44.67 53.06
CA LEU F 1822 33.56 44.95 53.62
C LEU F 1822 34.48 45.66 52.64
N ARG F 1823 33.97 46.08 51.48
CA ARG F 1823 34.78 46.77 50.48
C ARG F 1823 34.35 48.20 50.22
N CYS F 1824 33.10 48.56 50.49
CA CYS F 1824 32.63 49.92 50.26
C CYS F 1824 31.46 50.25 51.17
N LYS F 1841 17.70 44.59 38.21
CA LYS F 1841 16.78 44.12 39.23
C LYS F 1841 16.68 45.11 40.38
N ILE F 1842 16.13 46.28 40.11
CA ILE F 1842 15.99 47.34 41.09
C ILE F 1842 14.52 47.76 41.14
N SER F 1843 13.96 47.83 42.33
CA SER F 1843 12.56 48.19 42.52
C SER F 1843 12.46 49.13 43.72
N TRP F 1844 11.23 49.36 44.18
CA TRP F 1844 10.96 50.26 45.28
C TRP F 1844 10.26 49.50 46.41
N GLN F 1845 10.54 49.90 47.64
CA GLN F 1845 9.99 49.26 48.82
C GLN F 1845 9.42 50.31 49.76
N ALA F 1846 8.46 49.89 50.58
CA ALA F 1846 7.82 50.75 51.57
C ALA F 1846 8.04 50.16 52.96
N ALA F 1847 8.34 51.04 53.92
CA ALA F 1847 8.63 50.63 55.28
C ALA F 1847 7.72 51.36 56.25
N ILE F 1848 7.31 50.67 57.31
CA ILE F 1848 6.45 51.22 58.36
C ILE F 1848 7.15 51.05 59.69
N PHE F 1849 7.25 52.13 60.45
CA PHE F 1849 7.92 52.13 61.74
C PHE F 1849 6.90 52.33 62.85
N LYS F 1850 7.11 51.63 63.97
CA LYS F 1850 6.23 51.72 65.12
C LYS F 1850 7.05 51.94 66.38
N VAL F 1851 6.47 52.66 67.34
CA VAL F 1851 7.10 52.94 68.62
C VAL F 1851 6.09 52.62 69.73
N GLY F 1852 6.54 51.86 70.71
CA GLY F 1852 5.70 51.54 71.85
C GLY F 1852 4.81 50.32 71.69
N ASP F 1853 5.10 49.44 70.76
CA ASP F 1853 4.30 48.25 70.52
C ASP F 1853 5.19 47.03 70.41
N ASP F 1854 4.64 45.88 70.79
CA ASP F 1854 5.37 44.61 70.74
C ASP F 1854 5.24 43.99 69.36
N CYS F 1855 6.31 43.34 68.89
CA CYS F 1855 6.36 42.76 67.55
C CYS F 1855 6.97 41.35 67.61
N ARG F 1856 6.48 40.52 68.53
CA ARG F 1856 6.97 39.15 68.69
C ARG F 1856 5.94 38.09 68.33
N GLN F 1857 4.68 38.29 68.74
CA GLN F 1857 3.63 37.35 68.35
C GLN F 1857 3.48 37.32 66.83
N ASP F 1858 3.58 38.49 66.20
CA ASP F 1858 3.56 38.54 64.73
C ASP F 1858 4.72 37.76 64.13
N MET F 1859 5.90 37.84 64.77
CA MET F 1859 7.04 37.09 64.27
C MET F 1859 6.81 35.59 64.37
N LEU F 1860 6.26 35.12 65.49
CA LEU F 1860 5.97 33.69 65.63
C LEU F 1860 4.93 33.24 64.61
N ALA F 1861 3.88 34.04 64.43
CA ALA F 1861 2.85 33.70 63.45
C ALA F 1861 3.43 33.65 62.05
N LEU F 1862 4.33 34.60 61.72
CA LEU F 1862 4.96 34.61 60.41
C LEU F 1862 5.82 33.37 60.20
N GLN F 1863 6.55 32.96 61.24
CA GLN F 1863 7.34 31.73 61.14
C GLN F 1863 6.45 30.53 60.85
N ILE F 1864 5.33 30.43 61.57
CA ILE F 1864 4.40 29.32 61.35
C ILE F 1864 3.84 29.36 59.93
N ILE F 1865 3.47 30.56 59.46
CA ILE F 1865 2.90 30.69 58.12
C ILE F 1865 3.93 30.29 57.06
N ASP F 1866 5.18 30.72 57.24
CA ASP F 1866 6.22 30.36 56.29
C ASP F 1866 6.45 28.85 56.26
N LEU F 1867 6.45 28.22 57.43
CA LEU F 1867 6.61 26.77 57.48
C LEU F 1867 5.46 26.06 56.76
N PHE F 1868 4.23 26.54 56.98
CA PHE F 1868 3.09 25.95 56.29
C PHE F 1868 3.19 26.15 54.78
N LYS F 1869 3.66 27.32 54.35
CA LYS F 1869 3.84 27.56 52.92
C LYS F 1869 4.88 26.61 52.33
N ASN F 1870 5.97 26.38 53.05
CA ASN F 1870 6.97 25.43 52.57
C ASN F 1870 6.39 24.03 52.47
N ILE F 1871 5.60 23.62 53.47
CA ILE F 1871 4.98 22.29 53.43
C ILE F 1871 4.07 22.17 52.21
N PHE F 1872 3.22 23.18 51.99
CA PHE F 1872 2.29 23.14 50.87
C PHE F 1872 3.02 23.12 49.54
N GLN F 1873 4.10 23.91 49.41
CA GLN F 1873 4.85 23.92 48.17
C GLN F 1873 5.54 22.58 47.94
N LEU F 1874 6.01 21.93 49.00
CA LEU F 1874 6.66 20.64 48.85
C LEU F 1874 5.67 19.56 48.44
N VAL F 1875 4.49 19.54 49.07
CA VAL F 1875 3.55 18.43 48.84
C VAL F 1875 3.06 18.44 47.40
N GLY F 1876 2.89 19.62 46.81
CA GLY F 1876 2.52 19.72 45.41
C GLY F 1876 1.13 20.26 45.15
N LEU F 1877 0.55 20.93 46.15
CA LEU F 1877 -0.78 21.51 46.00
C LEU F 1877 -0.66 22.94 45.48
N ASP F 1878 -1.78 23.66 45.47
CA ASP F 1878 -1.84 25.04 44.97
C ASP F 1878 -2.53 25.91 46.02
N LEU F 1879 -1.74 26.47 46.94
CA LEU F 1879 -2.23 27.40 47.94
C LEU F 1879 -1.33 28.62 47.95
N PHE F 1880 -1.92 29.78 48.27
CA PHE F 1880 -1.23 31.06 48.21
C PHE F 1880 -1.31 31.74 49.56
N VAL F 1881 -0.14 32.09 50.11
CA VAL F 1881 -0.01 32.90 51.32
C VAL F 1881 1.17 33.83 51.14
N PHE F 1882 1.04 35.04 51.68
CA PHE F 1882 2.08 36.06 51.53
C PHE F 1882 2.73 36.35 52.87
N PRO F 1883 3.92 35.81 53.16
CA PRO F 1883 4.61 36.06 54.43
C PRO F 1883 5.44 37.34 54.47
N TYR F 1884 4.79 38.46 54.72
CA TYR F 1884 5.50 39.72 54.85
C TYR F 1884 6.41 39.70 56.06
N ARG F 1885 7.63 40.21 55.88
CA ARG F 1885 8.65 40.11 56.92
C ARG F 1885 8.46 41.19 57.99
N VAL F 1886 8.98 40.91 59.18
CA VAL F 1886 8.90 41.84 60.30
C VAL F 1886 10.06 41.53 61.25
N VAL F 1887 10.75 42.58 61.69
CA VAL F 1887 11.91 42.46 62.57
C VAL F 1887 11.78 43.48 63.68
N ALA F 1888 12.03 43.05 64.92
CA ALA F 1888 12.06 43.92 66.08
C ALA F 1888 13.50 44.25 66.45
N THR F 1889 13.75 45.52 66.78
CA THR F 1889 15.10 45.99 67.05
C THR F 1889 15.27 46.76 68.35
N ALA F 1890 14.19 47.25 68.96
CA ALA F 1890 14.28 48.03 70.18
C ALA F 1890 13.06 47.71 71.04
N PRO F 1891 13.15 47.92 72.36
CA PRO F 1891 11.96 47.73 73.21
C PRO F 1891 10.82 48.63 72.80
N GLY F 1892 9.74 48.02 72.30
CA GLY F 1892 8.60 48.77 71.81
C GLY F 1892 8.75 49.35 70.42
N CYS F 1893 9.86 49.09 69.74
CA CYS F 1893 10.12 49.64 68.42
C CYS F 1893 10.54 48.53 67.47
N GLY F 1894 10.11 48.62 66.22
CA GLY F 1894 10.45 47.63 65.23
C GLY F 1894 10.22 48.15 63.83
N VAL F 1895 10.60 47.32 62.85
CA VAL F 1895 10.46 47.65 61.44
C VAL F 1895 9.54 46.60 60.81
N ILE F 1896 8.50 47.07 60.12
CA ILE F 1896 7.51 46.21 59.49
C ILE F 1896 7.48 46.50 58.00
N GLU F 1897 7.58 45.45 57.19
CA GLU F 1897 7.50 45.60 55.75
C GLU F 1897 6.06 45.88 55.33
N CYS F 1898 5.92 46.43 54.12
CA CYS F 1898 4.62 46.75 53.54
C CYS F 1898 4.46 46.00 52.23
N ILE F 1899 3.30 45.37 52.05
CA ILE F 1899 3.04 44.62 50.82
C ILE F 1899 2.90 45.61 49.66
N PRO F 1900 3.37 45.26 48.46
CA PRO F 1900 3.23 46.18 47.32
C PRO F 1900 1.76 46.36 46.94
N ASP F 1901 1.45 47.58 46.49
CA ASP F 1901 0.09 47.95 46.07
C ASP F 1901 -0.92 47.66 47.18
N CYS F 1902 -0.73 48.36 48.31
CA CYS F 1902 -1.62 48.18 49.44
C CYS F 1902 -3.02 48.68 49.10
N THR F 1903 -4.03 47.88 49.44
CA THR F 1903 -5.43 48.24 49.17
C THR F 1903 -6.27 47.69 50.32
N SER F 1904 -6.55 48.53 51.30
CA SER F 1904 -7.31 48.11 52.46
C SER F 1904 -8.77 47.89 52.12
N ARG F 1905 -9.36 46.85 52.72
CA ARG F 1905 -10.77 46.55 52.49
C ARG F 1905 -11.67 47.61 53.10
N ASP F 1906 -11.27 48.17 54.26
CA ASP F 1906 -12.09 49.18 54.92
C ASP F 1906 -12.24 50.43 54.05
N GLN F 1907 -11.15 50.87 53.42
CA GLN F 1907 -11.22 52.03 52.55
C GLN F 1907 -12.14 51.78 51.35
N LEU F 1908 -12.03 50.59 50.75
CA LEU F 1908 -12.90 50.26 49.62
C LEU F 1908 -14.36 50.21 50.04
N GLY F 1909 -14.63 49.66 51.24
CA GLY F 1909 -15.99 49.63 51.73
C GLY F 1909 -16.55 51.02 52.00
N ARG F 1910 -15.71 51.91 52.55
CA ARG F 1910 -16.13 53.30 52.74
C ARG F 1910 -16.41 53.97 51.40
N GLN F 1911 -15.57 53.71 50.40
CA GLN F 1911 -15.78 54.32 49.09
C GLN F 1911 -17.06 53.82 48.43
N THR F 1912 -17.33 52.52 48.53
CA THR F 1912 -18.44 51.90 47.80
C THR F 1912 -19.69 51.71 48.65
N ASP F 1913 -19.54 51.23 49.90
CA ASP F 1913 -20.68 50.91 50.76
C ASP F 1913 -21.59 49.88 50.10
N PHE F 1914 -20.98 48.89 49.44
CA PHE F 1914 -21.71 47.82 48.78
C PHE F 1914 -20.90 46.53 48.90
N GLY F 1915 -21.47 45.44 48.40
CA GLY F 1915 -20.78 44.17 48.46
C GLY F 1915 -19.61 44.09 47.51
N MET F 1916 -18.66 43.22 47.84
CA MET F 1916 -17.49 43.01 47.01
C MET F 1916 -17.83 42.43 45.65
N TYR F 1917 -18.97 41.75 45.54
CA TYR F 1917 -19.39 41.22 44.25
C TYR F 1917 -19.60 42.33 43.23
N ASP F 1918 -20.24 43.42 43.65
CA ASP F 1918 -20.40 44.58 42.78
C ASP F 1918 -19.04 45.17 42.42
N TYR F 1919 -18.14 45.25 43.40
CA TYR F 1919 -16.81 45.82 43.15
C TYR F 1919 -16.07 45.04 42.08
N PHE F 1920 -16.05 43.71 42.19
CA PHE F 1920 -15.33 42.90 41.22
C PHE F 1920 -16.11 42.67 39.93
N THR F 1921 -17.41 42.95 39.92
CA THR F 1921 -18.13 42.98 38.66
C THR F 1921 -17.81 44.24 37.88
N ARG F 1922 -17.72 45.38 38.58
CA ARG F 1922 -17.31 46.62 37.93
C ARG F 1922 -15.85 46.57 37.49
N GLN F 1923 -14.98 45.98 38.31
CA GLN F 1923 -13.56 46.01 38.03
C GLN F 1923 -13.20 45.12 36.84
N TYR F 1924 -13.73 43.90 36.79
CA TYR F 1924 -13.35 42.94 35.77
C TYR F 1924 -14.41 42.73 34.70
N GLY F 1925 -15.68 42.67 35.07
CA GLY F 1925 -16.75 42.53 34.09
C GLY F 1925 -17.74 41.47 34.54
N ASP F 1926 -18.49 40.96 33.57
CA ASP F 1926 -19.50 39.96 33.84
C ASP F 1926 -18.85 38.62 34.22
N GLU F 1927 -19.65 37.77 34.85
CA GLU F 1927 -19.16 36.47 35.29
C GLU F 1927 -18.82 35.53 34.14
N SER F 1928 -19.23 35.85 32.92
CA SER F 1928 -18.99 34.99 31.77
C SER F 1928 -17.64 35.26 31.11
N THR F 1929 -16.91 36.29 31.52
CA THR F 1929 -15.64 36.60 30.90
C THR F 1929 -14.54 35.68 31.44
N LEU F 1930 -13.39 35.72 30.76
CA LEU F 1930 -12.28 34.84 31.12
C LEU F 1930 -11.60 35.29 32.40
N ALA F 1931 -11.40 36.61 32.57
CA ALA F 1931 -10.67 37.11 33.73
C ALA F 1931 -11.42 36.83 35.04
N PHE F 1932 -12.75 36.84 35.00
CA PHE F 1932 -13.53 36.58 36.20
C PHE F 1932 -13.25 35.18 36.74
N GLN F 1933 -13.13 34.20 35.84
CA GLN F 1933 -12.85 32.83 36.27
C GLN F 1933 -11.50 32.73 36.97
N GLN F 1934 -10.47 33.37 36.41
CA GLN F 1934 -9.16 33.34 37.03
C GLN F 1934 -9.16 34.05 38.38
N ALA F 1935 -9.86 35.18 38.46
CA ALA F 1935 -9.97 35.89 39.74
C ALA F 1935 -10.66 35.02 40.78
N ARG F 1936 -11.73 34.34 40.39
CA ARG F 1936 -12.43 33.46 41.32
C ARG F 1936 -11.53 32.30 41.76
N TYR F 1937 -10.75 31.75 40.84
CA TYR F 1937 -9.85 30.66 41.19
C TYR F 1937 -8.79 31.11 42.19
N ASN F 1938 -8.20 32.29 41.96
CA ASN F 1938 -7.23 32.82 42.92
C ASN F 1938 -7.89 33.10 44.27
N PHE F 1939 -9.13 33.61 44.25
CA PHE F 1939 -9.84 33.86 45.49
C PHE F 1939 -10.05 32.57 46.27
N ILE F 1940 -10.43 31.49 45.59
CA ILE F 1940 -10.60 30.20 46.25
C ILE F 1940 -9.28 29.72 46.82
N ARG F 1941 -8.21 29.84 46.03
CA ARG F 1941 -6.88 29.40 46.48
C ARG F 1941 -6.49 30.10 47.78
N SER F 1942 -6.64 31.42 47.82
CA SER F 1942 -6.28 32.16 49.03
C SER F 1942 -7.21 31.82 50.19
N MET F 1943 -8.52 31.78 49.92
CA MET F 1943 -9.52 31.64 50.97
C MET F 1943 -9.40 30.30 51.68
N ALA F 1944 -9.19 29.22 50.92
CA ALA F 1944 -9.11 27.89 51.53
C ALA F 1944 -7.95 27.83 52.53
N ALA F 1945 -6.75 28.22 52.08
CA ALA F 1945 -5.58 28.17 52.95
C ALA F 1945 -5.74 29.09 54.16
N TYR F 1946 -6.25 30.30 53.95
CA TYR F 1946 -6.37 31.23 55.07
C TYR F 1946 -7.42 30.76 56.08
N SER F 1947 -8.53 30.19 55.60
CA SER F 1947 -9.52 29.64 56.51
C SER F 1947 -8.96 28.47 57.31
N LEU F 1948 -8.21 27.58 56.65
CA LEU F 1948 -7.60 26.47 57.38
C LEU F 1948 -6.63 26.97 58.45
N LEU F 1949 -5.80 27.95 58.09
CA LEU F 1949 -4.86 28.50 59.07
C LEU F 1949 -5.59 29.17 60.24
N LEU F 1950 -6.65 29.93 59.93
CA LEU F 1950 -7.39 30.62 60.97
C LEU F 1950 -8.03 29.62 61.93
N PHE F 1951 -8.60 28.54 61.40
CA PHE F 1951 -9.14 27.50 62.27
C PHE F 1951 -8.05 26.85 63.10
N LEU F 1952 -6.90 26.57 62.49
CA LEU F 1952 -5.86 25.81 63.19
C LEU F 1952 -5.24 26.61 64.32
N LEU F 1953 -4.97 27.90 64.10
CA LEU F 1953 -4.25 28.69 65.09
C LEU F 1953 -5.16 29.44 66.06
N GLN F 1954 -6.49 29.34 65.89
CA GLN F 1954 -7.44 29.96 66.81
C GLN F 1954 -7.20 31.48 66.92
N ILE F 1955 -7.38 32.16 65.80
CA ILE F 1955 -7.18 33.60 65.73
C ILE F 1955 -8.54 34.29 65.82
N LYS F 1956 -8.63 35.29 66.70
CA LYS F 1956 -9.86 36.05 66.91
C LYS F 1956 -9.68 37.47 66.37
N ASP F 1957 -10.74 38.26 66.52
CA ASP F 1957 -10.73 39.69 66.14
C ASP F 1957 -10.37 39.86 64.67
N ARG F 1958 -11.25 39.34 63.81
CA ARG F 1958 -11.09 39.43 62.36
C ARG F 1958 -12.29 40.19 61.80
N HIS F 1959 -12.17 41.50 61.72
CA HIS F 1959 -13.21 42.36 61.17
C HIS F 1959 -12.83 42.81 59.76
N ASN F 1960 -13.72 43.60 59.15
CA ASN F 1960 -13.53 44.03 57.76
C ASN F 1960 -12.34 44.96 57.58
N GLY F 1961 -11.85 45.57 58.67
CA GLY F 1961 -10.75 46.49 58.58
C GLY F 1961 -9.36 45.89 58.56
N ASN F 1962 -9.25 44.56 58.59
CA ASN F 1962 -7.94 43.91 58.59
C ASN F 1962 -7.67 43.08 57.34
N ILE F 1963 -8.70 42.62 56.63
CA ILE F 1963 -8.49 41.84 55.42
C ILE F 1963 -7.96 42.75 54.32
N MET F 1964 -7.03 42.23 53.52
CA MET F 1964 -6.37 42.99 52.48
C MET F 1964 -6.64 42.32 51.12
N LEU F 1965 -6.93 43.14 50.11
CA LEU F 1965 -7.20 42.66 48.76
C LEU F 1965 -6.13 43.19 47.82
N ASP F 1966 -5.56 42.29 47.02
CA ASP F 1966 -4.53 42.67 46.05
C ASP F 1966 -5.19 42.99 44.71
N LYS F 1967 -4.37 43.18 43.68
CA LYS F 1967 -4.90 43.47 42.35
C LYS F 1967 -5.44 42.21 41.67
N LYS F 1968 -4.81 41.05 41.91
CA LYS F 1968 -5.23 39.83 41.22
C LYS F 1968 -6.54 39.29 41.77
N GLY F 1969 -6.71 39.32 43.09
CA GLY F 1969 -7.93 38.83 43.70
C GLY F 1969 -7.70 38.06 44.99
N HIS F 1970 -6.45 37.91 45.38
CA HIS F 1970 -6.13 37.20 46.61
C HIS F 1970 -6.52 38.05 47.83
N ILE F 1971 -6.69 37.38 48.96
CA ILE F 1971 -7.01 38.02 50.23
C ILE F 1971 -5.93 37.68 51.24
N ILE F 1972 -5.44 38.69 51.95
CA ILE F 1972 -4.34 38.55 52.89
C ILE F 1972 -4.77 39.10 54.24
N HIS F 1973 -4.54 38.34 55.30
CA HIS F 1973 -4.84 38.77 56.65
C HIS F 1973 -3.62 39.49 57.26
N ILE F 1974 -3.91 40.35 58.24
CA ILE F 1974 -2.89 41.14 58.91
C ILE F 1974 -3.36 41.39 60.34
N ASP F 1975 -2.48 41.96 61.17
CA ASP F 1975 -2.79 42.33 62.55
C ASP F 1975 -3.22 41.12 63.37
N PHE F 1976 -2.24 40.23 63.59
CA PHE F 1976 -2.42 38.98 64.30
C PHE F 1976 -2.16 39.11 65.80
N GLY F 1977 -2.42 40.28 66.38
CA GLY F 1977 -2.09 40.51 67.78
C GLY F 1977 -2.80 39.55 68.72
N PHE F 1978 -4.06 39.24 68.44
CA PHE F 1978 -4.85 38.36 69.29
C PHE F 1978 -4.85 36.95 68.71
N MET F 1979 -4.47 35.97 69.54
CA MET F 1979 -4.37 34.60 69.10
C MET F 1979 -4.43 33.67 70.32
N PHE F 1980 -4.66 32.38 70.04
CA PHE F 1980 -4.62 31.31 71.03
C PHE F 1980 -5.72 31.44 72.08
N GLU F 1981 -5.56 32.37 73.01
CA GLU F 1981 -6.47 32.48 74.13
C GLU F 1981 -6.99 33.92 74.26
N SER F 1982 -6.20 34.89 73.85
CA SER F 1982 -6.63 36.28 73.89
C SER F 1982 -7.83 36.50 73.00
N SER F 1983 -8.84 37.19 73.52
CA SER F 1983 -10.08 37.40 72.78
C SER F 1983 -10.72 38.73 73.20
N PRO F 1984 -10.72 39.73 72.34
CA PRO F 1984 -11.37 41.00 72.69
C PRO F 1984 -12.87 40.82 72.90
N GLY F 1985 -13.42 41.64 73.79
CA GLY F 1985 -14.84 41.60 74.11
C GLY F 1985 -15.18 40.85 75.38
N GLY F 1986 -14.26 40.06 75.92
CA GLY F 1986 -14.52 39.34 77.15
C GLY F 1986 -14.78 37.87 76.94
N ASN F 1987 -14.16 37.28 75.92
CA ASN F 1987 -14.31 35.87 75.59
C ASN F 1987 -15.78 35.50 75.39
N LEU F 1988 -16.50 36.37 74.68
CA LEU F 1988 -17.92 36.11 74.41
C LEU F 1988 -18.10 34.86 73.56
N GLY F 1989 -17.28 34.70 72.53
CA GLY F 1989 -17.22 33.46 71.78
C GLY F 1989 -18.27 33.27 70.71
N TRP F 1990 -19.16 34.23 70.50
CA TRP F 1990 -20.17 34.08 69.45
C TRP F 1990 -19.58 34.19 68.05
N GLU F 1991 -18.36 34.70 67.93
CA GLU F 1991 -17.70 34.75 66.63
C GLU F 1991 -17.34 33.33 66.18
N PRO F 1992 -17.66 32.94 64.96
CA PRO F 1992 -17.37 31.57 64.51
C PRO F 1992 -15.88 31.37 64.26
N ASP F 1993 -15.50 30.09 64.14
CA ASP F 1993 -14.11 29.76 63.86
C ASP F 1993 -13.69 30.29 62.50
N ILE F 1994 -14.56 30.17 61.50
CA ILE F 1994 -14.30 30.67 60.15
C ILE F 1994 -15.36 31.71 59.82
N LYS F 1995 -14.90 32.89 59.39
CA LYS F 1995 -15.81 33.98 59.07
C LYS F 1995 -16.34 33.79 57.65
N LEU F 1996 -17.66 33.60 57.53
CA LEU F 1996 -18.29 33.36 56.23
C LEU F 1996 -19.56 34.21 56.15
N THR F 1997 -19.47 35.33 55.46
CA THR F 1997 -20.63 36.18 55.23
C THR F 1997 -21.37 35.73 53.97
N ASP F 1998 -22.46 36.43 53.64
CA ASP F 1998 -23.27 36.04 52.50
C ASP F 1998 -22.63 36.43 51.18
N GLU F 1999 -21.94 37.58 51.13
CA GLU F 1999 -21.38 38.05 49.88
C GLU F 1999 -20.28 37.13 49.36
N MET F 2000 -19.40 36.66 50.26
CA MET F 2000 -18.32 35.78 49.83
C MET F 2000 -18.86 34.43 49.37
N VAL F 2001 -19.94 33.95 49.98
CA VAL F 2001 -20.60 32.75 49.48
C VAL F 2001 -21.19 33.01 48.10
N MET F 2002 -21.83 34.17 47.92
CA MET F 2002 -22.41 34.50 46.62
C MET F 2002 -21.36 34.67 45.53
N ILE F 2003 -20.12 34.98 45.92
CA ILE F 2003 -19.03 35.05 44.93
C ILE F 2003 -18.87 33.70 44.24
N MET F 2004 -18.92 32.62 45.00
CA MET F 2004 -18.73 31.26 44.48
C MET F 2004 -20.03 30.61 44.02
N GLY F 2005 -21.04 31.41 43.66
CA GLY F 2005 -22.31 30.92 43.17
C GLY F 2005 -23.46 31.11 44.13
N GLY F 2006 -23.18 31.19 45.43
CA GLY F 2006 -24.21 31.40 46.42
C GLY F 2006 -24.98 30.16 46.83
N LYS F 2007 -24.67 29.00 46.28
CA LYS F 2007 -25.34 27.76 46.62
C LYS F 2007 -24.30 26.70 46.95
N MET F 2008 -24.60 25.89 47.98
CA MET F 2008 -23.65 24.91 48.47
C MET F 2008 -23.39 23.79 47.48
N GLU F 2009 -24.24 23.62 46.47
CA GLU F 2009 -24.07 22.56 45.47
C GLU F 2009 -23.28 23.01 44.25
N ALA F 2010 -22.81 24.26 44.22
CA ALA F 2010 -22.04 24.74 43.10
C ALA F 2010 -20.67 24.06 43.04
N THR F 2011 -20.18 23.89 41.82
CA THR F 2011 -18.88 23.26 41.63
C THR F 2011 -17.73 23.99 42.32
N PRO F 2012 -17.61 25.33 42.27
CA PRO F 2012 -16.52 25.98 43.02
C PRO F 2012 -16.56 25.71 44.51
N PHE F 2013 -17.76 25.59 45.09
CA PHE F 2013 -17.84 25.24 46.51
C PHE F 2013 -17.25 23.86 46.77
N LYS F 2014 -17.53 22.90 45.88
CA LYS F 2014 -16.94 21.57 46.02
C LYS F 2014 -15.42 21.64 45.87
N TRP F 2015 -14.93 22.46 44.94
CA TRP F 2015 -13.49 22.64 44.79
C TRP F 2015 -12.87 23.17 46.08
N PHE F 2016 -13.51 24.18 46.67
CA PHE F 2016 -13.01 24.75 47.91
C PHE F 2016 -13.01 23.71 49.03
N MET F 2017 -14.09 22.93 49.13
CA MET F 2017 -14.17 21.91 50.18
C MET F 2017 -13.08 20.86 50.03
N GLU F 2018 -12.90 20.35 48.81
CA GLU F 2018 -11.90 19.31 48.60
C GLU F 2018 -10.49 19.84 48.81
N MET F 2019 -10.23 21.10 48.40
CA MET F 2019 -8.92 21.69 48.66
C MET F 2019 -8.66 21.82 50.16
N CYS F 2020 -9.67 22.26 50.91
CA CYS F 2020 -9.49 22.38 52.36
C CYS F 2020 -9.21 21.02 53.00
N VAL F 2021 -9.97 19.98 52.59
CA VAL F 2021 -9.79 18.66 53.18
C VAL F 2021 -8.40 18.13 52.85
N ARG F 2022 -7.98 18.27 51.59
CA ARG F 2022 -6.66 17.78 51.20
C ARG F 2022 -5.54 18.51 51.94
N GLY F 2023 -5.68 19.83 52.09
CA GLY F 2023 -4.67 20.59 52.82
C GLY F 2023 -4.58 20.16 54.27
N TYR F 2024 -5.73 19.99 54.94
CA TYR F 2024 -5.72 19.55 56.32
C TYR F 2024 -5.11 18.16 56.46
N LEU F 2025 -5.42 17.26 55.52
CA LEU F 2025 -4.83 15.93 55.55
C LEU F 2025 -3.31 15.98 55.36
N ALA F 2026 -2.84 16.87 54.47
CA ALA F 2026 -1.42 16.93 54.17
C ALA F 2026 -0.63 17.55 55.32
N VAL F 2027 -1.21 18.54 56.01
CA VAL F 2027 -0.44 19.27 57.03
C VAL F 2027 -0.28 18.52 58.34
N ARG F 2028 -0.99 17.41 58.53
CA ARG F 2028 -1.01 16.75 59.84
C ARG F 2028 0.34 16.20 60.30
N PRO F 2029 1.14 15.48 59.48
CA PRO F 2029 2.26 14.73 60.05
C PRO F 2029 3.45 15.57 60.51
N TYR F 2030 3.28 16.89 60.63
CA TYR F 2030 4.33 17.77 61.10
C TYR F 2030 3.94 18.44 62.43
N MET F 2031 3.38 17.65 63.35
CA MET F 2031 2.94 18.19 64.63
C MET F 2031 4.11 18.46 65.57
N ASP F 2032 5.12 17.58 65.57
CA ASP F 2032 6.19 17.68 66.55
C ASP F 2032 6.97 18.97 66.40
N ALA F 2033 7.26 19.38 65.17
CA ALA F 2033 8.01 20.61 64.95
C ALA F 2033 7.24 21.83 65.46
N VAL F 2034 5.94 21.88 65.19
CA VAL F 2034 5.12 23.00 65.66
C VAL F 2034 5.07 23.02 67.18
N VAL F 2035 4.89 21.86 67.80
CA VAL F 2035 4.83 21.79 69.26
C VAL F 2035 6.15 22.25 69.87
N SER F 2036 7.27 21.80 69.29
CA SER F 2036 8.58 22.21 69.80
C SER F 2036 8.79 23.72 69.65
N LEU F 2037 8.39 24.27 68.50
CA LEU F 2037 8.56 25.71 68.28
C LEU F 2037 7.71 26.52 69.25
N VAL F 2038 6.47 26.10 69.49
CA VAL F 2038 5.59 26.88 70.34
C VAL F 2038 5.89 26.67 71.82
N THR F 2039 6.50 25.55 72.20
CA THR F 2039 6.74 25.27 73.61
C THR F 2039 7.86 26.14 74.17
N LEU F 2040 8.89 26.40 73.38
CA LEU F 2040 10.09 27.07 73.88
C LEU F 2040 9.87 28.54 74.19
N MET F 2041 8.74 29.12 73.77
CA MET F 2041 8.49 30.55 73.95
C MET F 2041 7.41 30.81 75.00
N LEU F 2042 7.21 29.87 75.92
CA LEU F 2042 6.20 30.05 76.96
C LEU F 2042 6.67 30.99 78.06
N ASP F 2043 7.97 30.96 78.38
CA ASP F 2043 8.48 31.68 79.54
C ASP F 2043 8.58 33.19 79.32
N THR F 2044 8.35 33.69 78.11
CA THR F 2044 8.42 35.12 77.86
C THR F 2044 7.30 35.89 78.55
N GLY F 2045 6.27 35.21 79.06
CA GLY F 2045 5.20 35.86 79.77
C GLY F 2045 4.32 36.76 78.94
N LEU F 2046 4.02 36.36 77.71
CA LEU F 2046 3.07 37.11 76.89
C LEU F 2046 1.65 36.92 77.41
N PRO F 2047 0.79 37.93 77.27
CA PRO F 2047 -0.58 37.80 77.78
C PRO F 2047 -1.40 36.71 77.09
N CYS F 2048 -1.02 36.32 75.87
CA CYS F 2048 -1.80 35.30 75.15
C CYS F 2048 -1.76 33.96 75.86
N PHE F 2049 -0.59 33.55 76.33
CA PHE F 2049 -0.45 32.25 76.99
C PHE F 2049 -1.08 32.28 78.38
N ARG F 2050 -1.74 31.18 78.75
CA ARG F 2050 -2.32 31.08 80.08
C ARG F 2050 -2.16 29.70 80.70
N GLY F 2051 -1.34 28.82 80.12
CA GLY F 2051 -1.02 27.56 80.75
C GLY F 2051 -1.49 26.31 80.04
N GLN F 2052 -2.71 26.34 79.49
CA GLN F 2052 -3.30 25.18 78.85
C GLN F 2052 -3.20 25.22 77.33
N THR F 2053 -2.24 25.97 76.80
CA THR F 2053 -2.12 26.10 75.35
C THR F 2053 -1.71 24.79 74.69
N ILE F 2054 -0.72 24.09 75.28
CA ILE F 2054 -0.17 22.90 74.64
C ILE F 2054 -1.22 21.79 74.60
N LYS F 2055 -1.95 21.58 75.70
CA LYS F 2055 -2.90 20.47 75.75
C LYS F 2055 -4.02 20.66 74.73
N LEU F 2056 -4.54 21.88 74.59
CA LEU F 2056 -5.59 22.13 73.61
C LEU F 2056 -5.05 22.10 72.19
N LEU F 2057 -3.83 22.62 71.98
CA LEU F 2057 -3.25 22.64 70.64
C LEU F 2057 -3.00 21.24 70.12
N LYS F 2058 -2.47 20.35 70.97
CA LYS F 2058 -2.18 18.99 70.54
C LYS F 2058 -3.46 18.22 70.23
N HIS F 2059 -4.57 18.57 70.88
CA HIS F 2059 -5.82 17.84 70.67
C HIS F 2059 -6.41 18.12 69.29
N ARG F 2060 -6.26 19.34 68.80
CA ARG F 2060 -6.90 19.71 67.53
C ARG F 2060 -6.30 19.00 66.33
N PHE F 2061 -5.11 18.41 66.47
CA PHE F 2061 -4.52 17.67 65.36
C PHE F 2061 -5.09 16.26 65.23
N SER F 2062 -5.76 15.74 66.26
CA SER F 2062 -6.33 14.41 66.28
C SER F 2062 -5.29 13.37 65.90
N PRO F 2063 -4.32 13.09 66.78
CA PRO F 2063 -3.22 12.18 66.42
C PRO F 2063 -3.55 10.70 66.57
N ASN F 2064 -4.78 10.35 66.94
CA ASN F 2064 -5.17 8.96 67.16
C ASN F 2064 -6.38 8.60 66.33
N MET F 2065 -6.41 9.05 65.08
CA MET F 2065 -7.53 8.76 64.18
C MET F 2065 -6.99 8.43 62.79
N THR F 2066 -7.79 7.69 62.03
CA THR F 2066 -7.43 7.31 60.68
C THR F 2066 -7.75 8.47 59.71
N GLU F 2067 -7.40 8.26 58.43
CA GLU F 2067 -7.57 9.32 57.45
C GLU F 2067 -9.04 9.62 57.19
N ARG F 2068 -9.87 8.59 57.03
CA ARG F 2068 -11.28 8.81 56.74
C ARG F 2068 -11.99 9.48 57.91
N GLU F 2069 -11.67 9.07 59.14
CA GLU F 2069 -12.27 9.71 60.31
C GLU F 2069 -11.86 11.18 60.41
N ALA F 2070 -10.59 11.48 60.12
CA ALA F 2070 -10.15 12.87 60.15
C ALA F 2070 -10.83 13.69 59.07
N ALA F 2071 -11.02 13.10 57.88
CA ALA F 2071 -11.73 13.80 56.82
C ALA F 2071 -13.17 14.08 57.22
N ASN F 2072 -13.84 13.10 57.84
CA ASN F 2072 -15.20 13.33 58.33
C ASN F 2072 -15.23 14.42 59.37
N PHE F 2073 -14.25 14.43 60.28
CA PHE F 2073 -14.21 15.44 61.33
C PHE F 2073 -14.03 16.85 60.75
N ILE F 2074 -13.11 16.99 59.79
CA ILE F 2074 -12.86 18.31 59.21
C ILE F 2074 -14.06 18.76 58.38
N MET F 2075 -14.70 17.83 57.67
CA MET F 2075 -15.91 18.18 56.92
C MET F 2075 -17.02 18.63 57.86
N LYS F 2076 -17.18 17.94 59.00
CA LYS F 2076 -18.22 18.33 59.95
C LYS F 2076 -17.92 19.70 60.54
N VAL F 2077 -16.66 19.96 60.91
CA VAL F 2077 -16.35 21.24 61.56
C VAL F 2077 -16.43 22.39 60.56
N ILE F 2078 -16.15 22.14 59.27
CA ILE F 2078 -16.22 23.21 58.28
C ILE F 2078 -17.66 23.65 58.08
N GLN F 2079 -18.57 22.70 57.91
CA GLN F 2079 -19.97 23.03 57.64
C GLN F 2079 -20.67 23.63 58.86
N SER F 2080 -20.16 23.37 60.06
CA SER F 2080 -20.79 23.92 61.26
C SER F 2080 -20.71 25.44 61.33
N CYS F 2081 -19.74 26.04 60.68
CA CYS F 2081 -19.58 27.49 60.67
C CYS F 2081 -20.29 28.15 59.51
N PHE F 2082 -21.00 27.39 58.68
CA PHE F 2082 -21.72 27.94 57.54
C PHE F 2082 -23.13 28.32 57.97
N LEU F 2083 -23.38 29.62 58.08
CA LEU F 2083 -24.67 30.16 58.50
C LEU F 2083 -25.10 29.60 59.85
N THR G 131 41.63 6.42 127.63
CA THR G 131 40.19 6.25 127.77
C THR G 131 39.56 7.42 128.53
N ALA G 132 38.37 7.83 128.07
CA ALA G 132 37.65 8.96 128.67
C ALA G 132 38.52 10.22 128.70
N VAL G 133 39.22 10.46 127.61
CA VAL G 133 40.14 11.60 127.48
C VAL G 133 39.59 12.52 126.39
N PRO G 134 39.44 13.81 126.65
CA PRO G 134 38.98 14.74 125.61
C PRO G 134 39.94 14.77 124.44
N PRO G 135 39.44 14.91 123.22
CA PRO G 135 40.31 14.75 122.04
C PRO G 135 41.28 15.90 121.83
N TYR G 136 40.96 17.11 122.30
CA TYR G 136 41.84 18.24 122.06
C TYR G 136 43.18 18.06 122.74
N ARG G 137 43.22 17.34 123.87
CA ARG G 137 44.51 17.02 124.49
C ARG G 137 45.35 16.15 123.57
N LEU G 138 44.75 15.15 122.93
CA LEU G 138 45.47 14.34 121.96
C LEU G 138 45.95 15.18 120.79
N ARG G 139 45.10 16.10 120.32
CA ARG G 139 45.49 16.96 119.21
C ARG G 139 46.70 17.82 119.57
N VAL G 140 46.68 18.44 120.75
CA VAL G 140 47.77 19.35 121.13
C VAL G 140 49.04 18.57 121.41
N ILE G 141 48.94 17.37 121.99
CA ILE G 141 50.16 16.60 122.20
C ILE G 141 50.72 16.11 120.87
N ALA G 142 49.87 15.79 119.90
CA ALA G 142 50.36 15.44 118.57
C ALA G 142 51.07 16.63 117.91
N GLU G 143 50.50 17.83 118.07
CA GLU G 143 51.16 19.03 117.55
C GLU G 143 52.52 19.25 118.22
N ALA G 144 52.58 19.02 119.54
CA ALA G 144 53.85 19.13 120.24
C ALA G 144 54.85 18.10 119.76
N TYR G 145 54.40 16.87 119.49
CA TYR G 145 55.28 15.86 118.94
C TYR G 145 55.84 16.28 117.59
N ALA G 146 54.98 16.82 116.72
CA ALA G 146 55.45 17.29 115.41
C ALA G 146 56.45 18.42 115.57
N THR G 147 56.19 19.37 116.47
CA THR G 147 57.11 20.48 116.68
C THR G 147 58.45 19.99 117.20
N LYS G 148 58.44 19.06 118.16
CA LYS G 148 59.70 18.52 118.67
C LYS G 148 60.45 17.77 117.59
N GLY G 149 59.76 16.96 116.79
CA GLY G 149 60.41 16.28 115.69
C GLY G 149 61.03 17.24 114.70
N LEU G 150 60.37 18.37 114.44
CA LEU G 150 60.97 19.41 113.62
C LEU G 150 62.23 19.97 114.29
N CYS G 151 62.18 20.17 115.61
CA CYS G 151 63.31 20.75 116.32
C CYS G 151 64.43 19.74 116.54
N LEU G 152 64.11 18.45 116.66
CA LEU G 152 65.13 17.46 116.97
C LEU G 152 66.14 17.31 115.84
N GLU G 153 65.67 17.34 114.58
CA GLU G 153 66.57 17.15 113.45
C GLU G 153 67.41 18.39 113.15
N LYS G 154 66.91 19.58 113.46
CA LYS G 154 67.60 20.82 113.11
C LYS G 154 68.74 21.17 114.05
N LEU G 155 69.16 20.24 114.92
CA LEU G 155 70.29 20.49 115.80
C LEU G 155 71.38 19.46 115.57
N PRO G 156 72.66 19.85 115.67
CA PRO G 156 73.78 18.93 115.47
C PRO G 156 73.96 17.95 116.62
N ASP G 167 69.81 5.29 115.51
CA ASP G 167 70.17 6.58 116.07
C ASP G 167 68.92 7.33 116.53
N ARG G 168 69.09 8.60 116.89
CA ARG G 168 67.96 9.40 117.33
C ARG G 168 66.94 9.65 116.22
N GLU G 169 67.35 9.53 114.96
CA GLU G 169 66.41 9.69 113.85
C GLU G 169 65.33 8.61 113.90
N GLN G 170 65.71 7.39 114.31
CA GLN G 170 64.72 6.34 114.50
C GLN G 170 63.70 6.71 115.58
N ASP G 171 64.18 7.30 116.67
CA ASP G 171 63.27 7.76 117.72
C ASP G 171 62.34 8.86 117.20
N VAL G 172 62.87 9.76 116.38
CA VAL G 172 62.04 10.82 115.80
C VAL G 172 60.97 10.23 114.89
N ILE G 173 61.34 9.24 114.09
CA ILE G 173 60.37 8.61 113.19
C ILE G 173 59.32 7.85 113.99
N THR G 174 59.73 7.21 115.09
CA THR G 174 58.76 6.55 115.96
C THR G 174 57.80 7.56 116.58
N CYS G 175 58.31 8.72 116.97
CA CYS G 175 57.45 9.79 117.46
C CYS G 175 56.47 10.25 116.39
N TYR G 176 56.94 10.36 115.14
CA TYR G 176 56.05 10.70 114.04
C TYR G 176 54.97 9.64 113.87
N GLU G 177 55.33 8.36 113.97
CA GLU G 177 54.36 7.28 113.81
C GLU G 177 53.31 7.32 114.92
N LYS G 178 53.74 7.53 116.17
CA LYS G 178 52.77 7.58 117.25
C LYS G 178 51.89 8.84 117.17
N ALA G 179 52.46 9.95 116.68
CA ALA G 179 51.65 11.14 116.45
C ALA G 179 50.60 10.88 115.38
N GLY G 180 50.98 10.18 114.30
CA GLY G 180 50.01 9.83 113.28
C GLY G 180 48.93 8.91 113.80
N ASP G 181 49.31 7.93 114.62
CA ASP G 181 48.32 7.03 115.21
C ASP G 181 47.35 7.78 116.11
N ILE G 182 47.87 8.68 116.95
CA ILE G 182 46.99 9.42 117.85
C ILE G 182 46.12 10.40 117.06
N ALA G 183 46.62 10.92 115.93
CA ALA G 183 45.80 11.77 115.09
C ALA G 183 44.67 10.98 114.43
N LEU G 184 44.97 9.74 114.00
CA LEU G 184 43.93 8.88 113.46
C LEU G 184 42.87 8.58 114.51
N LEU G 185 43.30 8.28 115.73
CA LEU G 185 42.35 8.07 116.82
C LEU G 185 41.53 9.34 117.07
N TYR G 186 42.18 10.50 117.06
CA TYR G 186 41.48 11.76 117.26
C TYR G 186 40.39 11.96 116.21
N LEU G 187 40.73 11.78 114.94
CA LEU G 187 39.75 12.01 113.88
C LEU G 187 38.61 11.00 113.95
N GLN G 188 38.92 9.72 114.18
CA GLN G 188 37.86 8.72 114.26
C GLN G 188 36.92 9.00 115.43
N GLU G 189 37.49 9.33 116.60
CA GLU G 189 36.66 9.58 117.77
C GLU G 189 35.84 10.85 117.63
N ILE G 190 36.42 11.90 117.04
CA ILE G 190 35.65 13.13 116.86
C ILE G 190 34.54 12.93 115.84
N GLU G 191 34.79 12.13 114.79
CA GLU G 191 33.72 11.80 113.86
C GLU G 191 32.61 11.01 114.54
N ARG G 192 32.97 10.05 115.39
CA ARG G 192 31.97 9.28 116.12
C ARG G 192 31.15 10.17 117.04
N VAL G 193 31.80 11.12 117.71
CA VAL G 193 31.09 12.03 118.59
C VAL G 193 30.15 12.93 117.78
N ILE G 194 30.63 13.44 116.64
CA ILE G 194 29.82 14.35 115.83
C ILE G 194 28.58 13.64 115.27
N LEU G 195 28.77 12.42 114.77
CA LEU G 195 27.63 11.70 114.21
C LEU G 195 26.61 11.31 115.26
N SER G 196 27.00 11.29 116.54
CA SER G 196 26.07 10.96 117.62
C SER G 196 25.13 12.12 117.90
N GLU G 213 37.82 20.59 111.27
CA GLU G 213 37.63 20.43 109.84
C GLU G 213 38.90 20.78 109.08
N LEU G 214 40.00 20.91 109.83
CA LEU G 214 41.30 21.29 109.26
C LEU G 214 42.31 20.19 109.56
N GLY G 215 42.52 19.30 108.60
CA GLY G 215 43.56 18.30 108.71
C GLY G 215 44.91 18.89 108.35
N PHE G 216 45.76 19.12 109.34
CA PHE G 216 47.00 19.85 109.14
C PHE G 216 48.25 19.10 109.60
N PHE G 217 48.15 18.25 110.62
CA PHE G 217 49.32 17.62 111.20
C PHE G 217 49.44 16.13 110.90
N LEU G 218 48.32 15.42 110.75
CA LEU G 218 48.39 13.99 110.46
C LEU G 218 49.08 13.73 109.14
N GLU G 219 48.63 14.40 108.07
CA GLU G 219 49.19 14.17 106.75
C GLU G 219 50.68 14.45 106.73
N THR G 220 51.09 15.61 107.24
CA THR G 220 52.52 15.93 107.30
C THR G 220 53.28 14.90 108.11
N GLY G 221 52.95 14.79 109.40
CA GLY G 221 53.71 13.96 110.32
C GLY G 221 53.73 12.49 109.96
N LEU G 222 52.81 12.03 109.12
CA LEU G 222 52.83 10.63 108.70
C LEU G 222 53.46 10.44 107.32
N GLN G 223 53.03 11.20 106.31
CA GLN G 223 53.59 11.04 104.98
C GLN G 223 55.07 11.39 104.93
N ARG G 224 55.46 12.49 105.57
CA ARG G 224 56.85 12.93 105.46
C ARG G 224 57.82 11.97 106.12
N ALA G 225 57.35 11.16 107.08
CA ALA G 225 58.23 10.15 107.67
C ALA G 225 58.57 9.06 106.67
N HIS G 226 57.55 8.52 105.98
CA HIS G 226 57.85 7.55 104.95
C HIS G 226 58.35 8.19 103.67
N VAL G 227 58.16 9.50 103.49
CA VAL G 227 58.87 10.21 102.44
C VAL G 227 60.38 10.18 102.72
N LEU G 228 60.76 10.42 103.98
CA LEU G 228 62.16 10.25 104.36
C LEU G 228 62.61 8.81 104.22
N TYR G 229 61.70 7.86 104.48
CA TYR G 229 62.02 6.45 104.24
C TYR G 229 62.34 6.20 102.78
N PHE G 230 61.53 6.77 101.87
CA PHE G 230 61.79 6.65 100.45
C PHE G 230 63.12 7.28 100.08
N LYS G 231 63.43 8.43 100.69
CA LYS G 231 64.74 9.05 100.50
C LYS G 231 65.85 8.12 100.96
N ASN G 232 65.60 7.32 102.00
CA ASN G 232 66.58 6.38 102.51
C ASN G 232 66.45 4.98 101.93
N GLY G 233 65.24 4.55 101.58
CA GLY G 233 65.05 3.26 100.95
C GLY G 233 64.36 2.22 101.81
N ASN G 234 63.48 2.66 102.72
CA ASN G 234 62.71 1.75 103.56
C ASN G 234 61.33 1.55 102.96
N LEU G 235 61.30 0.78 101.87
CA LEU G 235 60.06 0.57 101.13
C LEU G 235 59.04 -0.24 101.94
N THR G 236 59.50 -1.27 102.65
CA THR G 236 58.59 -2.16 103.35
C THR G 236 57.81 -1.44 104.44
N ARG G 237 58.49 -0.59 105.20
CA ARG G 237 57.81 0.16 106.25
C ARG G 237 56.76 1.10 105.67
N GLY G 238 57.10 1.78 104.57
CA GLY G 238 56.13 2.66 103.93
C GLY G 238 54.92 1.90 103.39
N VAL G 239 55.16 0.72 102.80
CA VAL G 239 54.05 -0.09 102.31
C VAL G 239 53.15 -0.51 103.47
N GLY G 240 53.75 -0.93 104.58
CA GLY G 240 52.95 -1.29 105.74
C GLY G 240 52.15 -0.11 106.29
N ARG G 241 52.76 1.07 106.32
CA ARG G 241 52.06 2.26 106.77
C ARG G 241 50.88 2.59 105.86
N PHE G 242 51.08 2.51 104.54
CA PHE G 242 49.99 2.75 103.60
C PHE G 242 48.87 1.72 103.78
N ARG G 243 49.24 0.45 103.99
CA ARG G 243 48.23 -0.58 104.19
C ARG G 243 47.41 -0.34 105.46
N GLU G 244 48.08 0.00 106.56
CA GLU G 244 47.35 0.26 107.80
C GLU G 244 46.53 1.54 107.70
N LEU G 245 46.96 2.50 106.88
CA LEU G 245 46.16 3.69 106.64
C LEU G 245 44.88 3.35 105.86
N LEU G 246 45.02 2.57 104.79
CA LEU G 246 43.87 2.29 103.94
C LEU G 246 42.89 1.32 104.59
N ARG G 247 43.39 0.39 105.42
CA ARG G 247 42.52 -0.60 106.04
C ARG G 247 41.69 -0.02 107.19
N ALA G 248 41.96 1.21 107.61
CA ALA G 248 41.21 1.82 108.69
C ALA G 248 39.80 2.21 108.23
N VAL G 249 38.97 2.58 109.21
CA VAL G 249 37.60 2.99 108.90
C VAL G 249 37.63 4.27 108.09
N GLU G 250 36.74 4.35 107.10
CA GLU G 250 36.69 5.52 106.22
C GLU G 250 36.27 6.77 106.99
N THR G 251 36.78 7.90 106.53
CA THR G 251 36.42 9.20 107.08
C THR G 251 35.97 10.10 105.94
N ARG G 252 34.78 10.71 106.09
CA ARG G 252 34.23 11.52 105.01
C ARG G 252 35.06 12.76 104.74
N THR G 253 35.73 13.30 105.77
CA THR G 253 36.52 14.51 105.58
C THR G 253 37.81 14.22 104.81
N THR G 254 38.38 13.03 104.98
CA THR G 254 39.65 12.66 104.37
C THR G 254 39.48 11.78 103.14
N GLN G 255 38.37 11.92 102.42
CA GLN G 255 38.17 11.14 101.21
C GLN G 255 39.19 11.51 100.15
N ASN G 256 39.53 12.81 100.03
CA ASN G 256 40.56 13.22 99.10
C ASN G 256 41.93 12.65 99.48
N LEU G 257 42.23 12.61 100.78
CA LEU G 257 43.47 11.98 101.23
C LEU G 257 43.48 10.49 100.90
N ARG G 258 42.33 9.83 101.04
CA ARG G 258 42.22 8.43 100.64
C ARG G 258 42.48 8.28 99.14
N MET G 259 41.91 9.17 98.33
CA MET G 259 42.20 9.18 96.90
C MET G 259 43.69 9.27 96.64
N THR G 260 44.35 10.22 97.29
CA THR G 260 45.77 10.46 97.03
C THR G 260 46.62 9.26 97.45
N ILE G 261 46.36 8.73 98.65
CA ILE G 261 47.18 7.61 99.12
C ILE G 261 46.94 6.38 98.26
N ALA G 262 45.70 6.14 97.83
CA ALA G 262 45.43 5.02 96.95
C ALA G 262 46.15 5.17 95.61
N ARG G 263 46.13 6.38 95.04
CA ARG G 263 46.84 6.59 93.78
C ARG G 263 48.33 6.40 93.95
N GLN G 264 48.90 6.92 95.04
CA GLN G 264 50.33 6.77 95.27
C GLN G 264 50.71 5.31 95.44
N LEU G 265 49.90 4.54 96.16
CA LEU G 265 50.16 3.11 96.30
C LEU G 265 50.07 2.40 94.96
N ALA G 266 49.05 2.73 94.15
CA ALA G 266 48.89 2.05 92.87
C ALA G 266 50.01 2.38 91.89
N GLU G 267 50.52 3.62 91.93
CA GLU G 267 51.58 4.01 91.00
C GLU G 267 52.86 3.20 91.24
N ILE G 268 53.21 2.96 92.50
CA ILE G 268 54.45 2.26 92.83
C ILE G 268 54.28 0.75 92.85
N LEU G 269 53.06 0.24 92.99
CA LEU G 269 52.83 -1.19 93.18
C LEU G 269 52.95 -1.99 91.89
N LEU G 270 53.16 -1.34 90.74
CA LEU G 270 53.32 -2.02 89.47
C LEU G 270 54.71 -1.92 88.89
N ARG G 271 55.59 -1.10 89.47
CA ARG G 271 56.90 -0.85 88.89
C ARG G 271 57.99 -0.76 89.96
N GLY G 272 57.82 -1.49 91.07
CA GLY G 272 58.80 -1.39 92.15
C GLY G 272 59.09 -2.68 92.89
N MET G 273 58.57 -3.80 92.41
CA MET G 273 58.78 -5.07 93.11
C MET G 273 58.67 -6.20 92.10
N CYS G 274 58.71 -7.43 92.61
CA CYS G 274 58.61 -8.64 91.81
C CYS G 274 57.53 -9.55 92.40
N GLU G 275 57.29 -10.66 91.70
CA GLU G 275 56.21 -11.57 92.10
C GLU G 275 56.49 -12.22 93.45
N GLN G 276 57.73 -12.64 93.69
CA GLN G 276 58.06 -13.36 94.91
C GLN G 276 58.30 -12.44 96.11
N SER G 277 58.23 -11.13 95.93
CA SER G 277 58.38 -10.17 97.01
C SER G 277 57.03 -9.55 97.40
N TYR G 278 55.98 -10.35 97.33
CA TYR G 278 54.62 -9.90 97.65
C TYR G 278 54.09 -10.70 98.82
N TRP G 279 53.35 -10.04 99.70
CA TRP G 279 52.76 -10.67 100.86
C TRP G 279 51.35 -10.15 101.07
N ASN G 280 50.50 -11.01 101.65
CA ASN G 280 49.13 -10.62 101.94
C ASN G 280 49.10 -9.61 103.08
N PRO G 281 48.08 -8.75 103.13
CA PRO G 281 48.00 -7.74 104.20
C PRO G 281 47.73 -8.30 105.58
N LEU G 282 47.38 -9.59 105.69
CA LEU G 282 47.01 -10.19 106.97
C LEU G 282 48.20 -10.75 107.74
N GLU G 283 49.42 -10.63 107.22
CA GLU G 283 50.60 -11.14 107.92
C GLU G 283 51.78 -10.22 107.64
N ASP G 284 52.78 -10.30 108.52
CA ASP G 284 53.99 -9.52 108.38
C ASP G 284 54.85 -10.05 107.23
N PRO G 285 55.66 -9.18 106.60
CA PRO G 285 56.56 -9.60 105.52
C PRO G 285 57.59 -10.63 105.97
N ALA G 310 42.29 2.22 116.16
CA ALA G 310 40.97 1.96 116.71
C ALA G 310 40.26 0.84 115.95
N ARG G 311 39.02 1.09 115.55
CA ARG G 311 38.26 0.09 114.81
C ARG G 311 38.84 -0.10 113.42
N VAL G 312 38.85 -1.35 112.96
CA VAL G 312 39.34 -1.71 111.63
C VAL G 312 38.32 -2.63 110.98
N TYR G 313 38.05 -2.40 109.70
CA TYR G 313 37.15 -3.28 108.95
C TYR G 313 37.68 -4.70 108.96
N SER G 314 36.80 -5.65 109.25
CA SER G 314 37.19 -7.05 109.36
C SER G 314 36.00 -7.91 108.98
N GLY G 315 36.12 -9.22 109.22
CA GLY G 315 35.10 -10.18 108.89
C GLY G 315 35.62 -11.28 107.98
N GLU G 316 34.81 -12.32 107.86
CA GLU G 316 35.14 -13.46 107.02
C GLU G 316 34.51 -13.39 105.64
N ASN G 317 33.48 -12.57 105.45
CA ASN G 317 32.83 -12.42 104.15
C ASN G 317 33.54 -11.45 103.24
N ILE G 318 34.57 -10.74 103.74
CA ILE G 318 35.28 -9.77 102.92
C ILE G 318 36.15 -10.50 101.90
N PHE G 319 36.56 -9.75 100.86
CA PHE G 319 37.41 -10.27 99.81
C PHE G 319 38.86 -10.05 100.21
N CYS G 320 39.56 -11.13 100.52
CA CYS G 320 40.96 -11.03 100.92
C CYS G 320 41.84 -10.89 99.67
N PRO G 321 42.66 -9.85 99.57
CA PRO G 321 43.57 -9.74 98.42
C PRO G 321 44.53 -10.90 98.36
N GLN G 322 44.82 -11.36 97.14
CA GLN G 322 45.69 -12.51 96.93
C GLN G 322 47.00 -12.15 96.24
N GLU G 323 46.93 -11.48 95.09
CA GLU G 323 48.10 -11.08 94.34
C GLU G 323 48.12 -9.56 94.19
N ASN G 324 49.21 -9.05 93.61
CA ASN G 324 49.33 -7.61 93.39
C ASN G 324 48.26 -7.11 92.43
N THR G 325 47.99 -7.87 91.37
CA THR G 325 47.03 -7.42 90.35
C THR G 325 45.64 -7.26 90.95
N GLU G 326 45.21 -8.18 91.81
CA GLU G 326 43.87 -8.13 92.37
C GLU G 326 43.66 -6.85 93.18
N GLU G 327 44.56 -6.58 94.12
CA GLU G 327 44.40 -5.41 94.98
C GLU G 327 44.63 -4.12 94.20
N ALA G 328 45.56 -4.13 93.24
CA ALA G 328 45.77 -2.95 92.42
C ALA G 328 44.52 -2.62 91.61
N LEU G 329 43.90 -3.64 91.01
CA LEU G 329 42.67 -3.42 90.25
C LEU G 329 41.54 -2.95 91.15
N LEU G 330 41.44 -3.51 92.37
CA LEU G 330 40.41 -3.06 93.30
C LEU G 330 40.60 -1.59 93.68
N LEU G 331 41.84 -1.20 93.97
CA LEU G 331 42.13 0.19 94.30
C LEU G 331 41.82 1.12 93.14
N LEU G 332 42.21 0.73 91.93
CA LEU G 332 41.90 1.55 90.76
C LEU G 332 40.39 1.66 90.54
N LEU G 333 39.68 0.56 90.74
CA LEU G 333 38.23 0.58 90.55
C LEU G 333 37.55 1.52 91.55
N ILE G 334 37.95 1.45 92.83
CA ILE G 334 37.30 2.30 93.82
C ILE G 334 37.68 3.76 93.60
N SER G 335 38.93 4.02 93.21
CA SER G 335 39.35 5.39 92.92
C SER G 335 38.58 5.96 91.74
N GLU G 336 38.39 5.17 90.69
CA GLU G 336 37.61 5.63 89.55
C GLU G 336 36.15 5.84 89.93
N SER G 337 35.59 4.93 90.74
CA SER G 337 34.19 5.05 91.14
C SER G 337 33.95 6.31 91.95
N MET G 338 34.86 6.65 92.86
CA MET G 338 34.68 7.87 93.62
C MET G 338 35.06 9.13 92.84
N ALA G 339 36.02 9.04 91.92
CA ALA G 339 36.48 10.22 91.17
C ALA G 339 35.45 10.70 90.17
N ASN G 340 34.58 9.82 89.68
CA ASN G 340 33.50 10.24 88.79
C ASN G 340 32.53 11.17 89.51
N ARG G 341 32.28 10.90 90.80
CA ARG G 341 31.35 11.73 91.56
C ARG G 341 31.84 13.16 91.68
N ASP G 342 33.11 13.36 92.02
CA ASP G 342 33.66 14.67 92.26
C ASP G 342 34.00 15.44 90.98
N ALA G 343 33.56 14.95 89.82
CA ALA G 343 33.81 15.66 88.57
C ALA G 343 33.04 16.97 88.55
N VAL G 344 33.68 18.02 88.00
CA VAL G 344 33.03 19.32 87.87
C VAL G 344 32.18 19.43 86.61
N LEU G 345 32.02 18.33 85.87
CA LEU G 345 31.17 18.25 84.68
C LEU G 345 31.64 19.15 83.54
N SER G 346 32.92 19.54 83.55
CA SER G 346 33.51 20.39 82.51
C SER G 346 32.67 21.65 82.29
N ARG G 347 32.59 22.44 83.36
CA ARG G 347 31.66 23.57 83.42
C ARG G 347 32.05 24.68 82.44
N ILE G 348 33.34 25.04 82.39
CA ILE G 348 33.92 26.06 81.51
C ILE G 348 33.09 27.33 81.34
N PRO G 349 32.47 27.89 82.39
CA PRO G 349 31.73 29.14 82.18
C PRO G 349 32.66 30.32 81.95
N GLU G 350 33.57 30.55 82.90
CA GLU G 350 34.68 31.48 82.76
C GLU G 350 35.98 30.96 83.36
N HIS G 351 35.93 29.99 84.26
CA HIS G 351 37.10 29.45 84.94
C HIS G 351 37.42 28.06 84.41
N LYS G 352 38.70 27.69 84.48
CA LYS G 352 39.17 26.45 83.88
C LYS G 352 40.07 25.61 84.78
N SER G 353 40.54 26.14 85.91
CA SER G 353 41.52 25.41 86.72
C SER G 353 40.94 24.11 87.27
N ASP G 354 39.73 24.18 87.82
CA ASP G 354 39.13 22.99 88.43
C ASP G 354 38.90 21.89 87.40
N ARG G 355 38.40 22.27 86.22
CA ARG G 355 38.18 21.28 85.17
C ARG G 355 39.49 20.68 84.69
N LEU G 356 40.54 21.50 84.59
CA LEU G 356 41.84 20.98 84.19
C LEU G 356 42.37 19.97 85.20
N ILE G 357 42.23 20.28 86.50
CA ILE G 357 42.68 19.34 87.53
C ILE G 357 41.89 18.05 87.46
N SER G 358 40.57 18.15 87.31
CA SER G 358 39.74 16.96 87.24
C SER G 358 40.08 16.11 86.01
N LEU G 359 40.32 16.78 84.87
CA LEU G 359 40.67 16.07 83.65
C LEU G 359 42.01 15.37 83.79
N GLN G 360 42.99 16.03 84.42
CA GLN G 360 44.28 15.39 84.64
C GLN G 360 44.14 14.17 85.54
N SER G 361 43.35 14.29 86.62
CA SER G 361 43.16 13.15 87.52
C SER G 361 42.48 11.99 86.80
N ALA G 362 41.44 12.28 86.01
CA ALA G 362 40.77 11.24 85.26
C ALA G 362 41.71 10.58 84.26
N SER G 363 42.50 11.40 83.56
CA SER G 363 43.42 10.86 82.57
C SER G 363 44.44 9.93 83.22
N VAL G 364 45.01 10.35 84.35
CA VAL G 364 46.05 9.52 84.97
C VAL G 364 45.45 8.25 85.55
N VAL G 365 44.25 8.32 86.15
CA VAL G 365 43.67 7.12 86.74
C VAL G 365 43.26 6.13 85.64
N TYR G 366 42.73 6.62 84.54
CA TYR G 366 42.35 5.72 83.45
C TYR G 366 43.59 5.17 82.74
N ASP G 367 44.66 5.96 82.66
CA ASP G 367 45.91 5.43 82.11
C ASP G 367 46.46 4.31 82.98
N LEU G 368 46.43 4.50 84.30
CA LEU G 368 46.86 3.42 85.19
C LEU G 368 45.98 2.19 85.03
N LEU G 369 44.67 2.38 84.92
CA LEU G 369 43.77 1.24 84.75
C LEU G 369 44.08 0.49 83.46
N THR G 370 44.27 1.21 82.35
CA THR G 370 44.49 0.54 81.07
C THR G 370 45.85 -0.14 81.02
N ILE G 371 46.89 0.48 81.61
CA ILE G 371 48.19 -0.18 81.61
C ILE G 371 48.17 -1.40 82.52
N ALA G 372 47.40 -1.36 83.61
CA ALA G 372 47.28 -2.54 84.46
C ALA G 372 46.54 -3.67 83.76
N LEU G 373 45.47 -3.33 83.02
CA LEU G 373 44.63 -4.36 82.41
C LEU G 373 45.18 -4.88 81.09
N GLY G 374 46.07 -4.13 80.42
CA GLY G 374 46.54 -4.55 79.11
C GLY G 374 47.39 -5.81 79.15
N ARG G 375 48.23 -5.95 80.18
CA ARG G 375 49.20 -7.03 80.21
C ARG G 375 48.56 -8.41 80.33
N ARG G 376 47.31 -8.49 80.78
CA ARG G 376 46.65 -9.78 80.94
C ARG G 376 45.75 -10.16 79.76
N GLY G 377 45.37 -9.20 78.92
CA GLY G 377 44.61 -9.51 77.72
C GLY G 377 43.12 -9.68 77.93
N GLN G 378 42.50 -8.76 78.67
CA GLN G 378 41.05 -8.70 78.83
C GLN G 378 40.60 -7.38 78.22
N TYR G 379 40.34 -7.39 76.91
CA TYR G 379 40.09 -6.16 76.16
C TYR G 379 38.63 -5.71 76.22
N GLU G 380 37.69 -6.62 76.43
CA GLU G 380 36.29 -6.21 76.51
C GLU G 380 36.03 -5.36 77.75
N MET G 381 36.61 -5.75 78.90
CA MET G 381 36.47 -4.94 80.10
C MET G 381 37.13 -3.59 79.93
N LEU G 382 38.29 -3.55 79.29
CA LEU G 382 38.97 -2.28 79.03
C LEU G 382 38.13 -1.39 78.12
N SER G 383 37.53 -1.96 77.08
CA SER G 383 36.68 -1.18 76.19
C SER G 383 35.46 -0.64 76.93
N GLU G 384 34.84 -1.45 77.77
CA GLU G 384 33.70 -0.96 78.55
C GLU G 384 34.11 0.16 79.49
N CYS G 385 35.25 0.01 80.17
CA CYS G 385 35.71 1.05 81.09
C CYS G 385 36.02 2.35 80.35
N LEU G 386 36.65 2.25 79.16
CA LEU G 386 36.91 3.45 78.37
C LEU G 386 35.61 4.09 77.90
N GLU G 387 34.64 3.28 77.50
CA GLU G 387 33.34 3.82 77.09
C GLU G 387 32.64 4.51 78.26
N ARG G 388 32.90 4.05 79.49
CA ARG G 388 32.29 4.68 80.66
C ARG G 388 32.75 6.13 80.83
N ALA G 389 33.98 6.44 80.43
CA ALA G 389 34.58 7.75 80.63
C ALA G 389 34.37 8.69 79.45
N MET G 390 33.41 8.40 78.58
CA MET G 390 33.19 9.24 77.40
C MET G 390 32.35 10.47 77.71
N LYS G 391 31.85 10.61 78.93
CA LYS G 391 31.08 11.80 79.30
C LYS G 391 31.95 13.05 79.31
N PHE G 392 33.21 12.91 79.75
CA PHE G 392 34.08 14.08 79.84
C PHE G 392 34.57 14.54 78.47
N ALA G 393 34.67 13.62 77.50
CA ALA G 393 35.35 13.92 76.26
C ALA G 393 34.47 14.79 75.35
N PHE G 394 34.96 15.99 75.03
CA PHE G 394 34.31 16.87 74.07
C PHE G 394 35.22 17.21 72.90
N GLU G 395 36.46 17.63 73.16
CA GLU G 395 37.41 18.00 72.12
C GLU G 395 38.80 17.47 72.44
N GLU G 396 38.86 16.19 72.85
CA GLU G 396 40.11 15.56 73.27
C GLU G 396 40.50 14.50 72.25
N PHE G 397 41.71 14.61 71.71
CA PHE G 397 42.19 13.61 70.76
C PHE G 397 42.59 12.32 71.48
N HIS G 398 43.17 12.43 72.67
CA HIS G 398 43.77 11.28 73.33
C HIS G 398 42.73 10.25 73.71
N LEU G 399 41.66 10.67 74.40
CA LEU G 399 40.65 9.72 74.86
C LEU G 399 39.93 9.05 73.70
N TRP G 400 39.56 9.83 72.69
CA TRP G 400 38.90 9.26 71.53
C TRP G 400 39.80 8.27 70.80
N TYR G 401 41.08 8.62 70.64
CA TYR G 401 42.01 7.70 69.96
C TYR G 401 42.20 6.42 70.76
N GLN G 402 42.33 6.53 72.09
CA GLN G 402 42.48 5.34 72.92
C GLN G 402 41.25 4.45 72.84
N PHE G 403 40.05 5.05 72.91
CA PHE G 403 38.83 4.27 72.81
C PHE G 403 38.71 3.59 71.45
N ALA G 404 39.05 4.31 70.37
CA ALA G 404 38.98 3.74 69.04
C ALA G 404 39.94 2.57 68.88
N LEU G 405 41.17 2.71 69.40
CA LEU G 405 42.13 1.63 69.28
C LEU G 405 41.75 0.44 70.16
N SER G 406 41.11 0.70 71.31
CA SER G 406 40.66 -0.40 72.16
C SER G 406 39.50 -1.15 71.53
N LEU G 407 38.64 -0.45 70.79
CA LEU G 407 37.49 -1.11 70.17
C LEU G 407 37.92 -2.14 69.15
N MET G 408 38.96 -1.84 68.36
CA MET G 408 39.39 -2.76 67.31
C MET G 408 39.88 -4.08 67.90
N ALA G 409 40.59 -4.02 69.03
CA ALA G 409 41.15 -5.23 69.61
C ALA G 409 40.06 -6.21 70.03
N ALA G 410 38.95 -5.70 70.56
CA ALA G 410 37.87 -6.57 71.02
C ALA G 410 37.26 -7.35 69.86
N GLY G 411 37.02 -6.69 68.73
CA GLY G 411 36.45 -7.35 67.58
C GLY G 411 35.36 -6.57 66.88
N LYS G 412 34.73 -5.65 67.61
CA LYS G 412 33.66 -4.83 67.03
C LYS G 412 34.22 -3.95 65.91
N SER G 413 33.42 -3.77 64.86
CA SER G 413 33.89 -3.10 63.65
C SER G 413 33.16 -1.80 63.36
N ALA G 414 31.82 -1.81 63.32
CA ALA G 414 31.08 -0.64 62.88
C ALA G 414 31.33 0.56 63.78
N ARG G 415 31.24 0.35 65.10
CA ARG G 415 31.53 1.43 66.03
C ARG G 415 32.98 1.88 65.89
N ALA G 416 33.90 0.94 65.68
CA ALA G 416 35.29 1.30 65.45
C ALA G 416 35.43 2.17 64.20
N VAL G 417 34.72 1.82 63.12
CA VAL G 417 34.79 2.61 61.90
C VAL G 417 34.27 4.02 62.14
N LYS G 418 33.13 4.14 62.85
CA LYS G 418 32.57 5.46 63.10
C LYS G 418 33.49 6.32 63.96
N VAL G 419 34.08 5.74 65.01
CA VAL G 419 34.98 6.50 65.86
C VAL G 419 36.26 6.85 65.10
N LEU G 420 36.72 5.97 64.21
CA LEU G 420 37.87 6.28 63.36
C LEU G 420 37.56 7.46 62.45
N LYS G 421 36.35 7.50 61.89
CA LYS G 421 35.96 8.65 61.06
C LYS G 421 35.93 9.93 61.89
N GLU G 422 35.40 9.85 63.11
CA GLU G 422 35.37 11.04 63.96
C GLU G 422 36.78 11.51 64.30
N CYS G 423 37.69 10.59 64.58
CA CYS G 423 39.08 10.96 64.87
C CYS G 423 39.74 11.58 63.64
N ILE G 424 39.45 11.05 62.46
CA ILE G 424 39.95 11.64 61.22
C ILE G 424 39.45 13.08 61.09
N ARG G 425 38.17 13.31 61.40
CA ARG G 425 37.62 14.66 61.36
C ARG G 425 38.33 15.56 62.36
N LEU G 426 38.66 15.04 63.54
CA LEU G 426 39.18 15.88 64.62
C LEU G 426 40.52 16.50 64.24
N LYS G 427 41.49 15.68 63.81
CA LYS G 427 42.83 16.17 63.51
C LYS G 427 43.34 15.50 62.24
N PRO G 428 43.23 16.17 61.08
CA PRO G 428 43.70 15.59 59.80
C PRO G 428 45.16 15.87 59.52
N ASP G 429 46.05 15.18 60.24
CA ASP G 429 47.49 15.32 60.03
C ASP G 429 48.24 14.00 59.95
N ASP G 430 47.71 12.92 60.49
CA ASP G 430 48.39 11.63 60.48
C ASP G 430 47.89 10.75 59.35
N ALA G 431 48.61 9.65 59.11
CA ALA G 431 48.26 8.70 58.08
C ALA G 431 47.95 7.30 58.61
N THR G 432 48.30 7.01 59.86
CA THR G 432 48.01 5.70 60.43
C THR G 432 46.51 5.50 60.62
N ILE G 433 45.80 6.56 61.03
CA ILE G 433 44.36 6.44 61.27
C ILE G 433 43.60 6.08 59.99
N PRO G 434 43.76 6.79 58.87
CA PRO G 434 43.05 6.36 57.65
C PRO G 434 43.51 5.00 57.16
N LEU G 435 44.77 4.63 57.38
CA LEU G 435 45.24 3.30 57.01
C LEU G 435 44.51 2.21 57.78
N LEU G 436 44.35 2.41 59.09
CA LEU G 436 43.60 1.44 59.89
C LEU G 436 42.14 1.40 59.48
N ALA G 437 41.54 2.56 59.20
CA ALA G 437 40.15 2.59 58.74
C ALA G 437 40.00 1.82 57.42
N ALA G 438 40.93 2.02 56.49
CA ALA G 438 40.89 1.30 55.22
C ALA G 438 41.08 -0.19 55.42
N LYS G 439 41.96 -0.58 56.35
CA LYS G 439 42.16 -2.00 56.63
C LYS G 439 40.89 -2.63 57.16
N LEU G 440 40.22 -1.97 58.10
CA LEU G 440 38.96 -2.50 58.62
C LEU G 440 37.89 -2.56 57.55
N CYS G 441 37.85 -1.55 56.66
CA CYS G 441 36.89 -1.58 55.56
C CYS G 441 37.18 -2.75 54.61
N MET G 442 38.46 -3.01 54.34
CA MET G 442 38.85 -4.09 53.44
C MET G 442 38.61 -5.46 54.07
N GLY G 443 38.62 -5.54 55.41
CA GLY G 443 38.54 -6.83 56.08
C GLY G 443 37.18 -7.51 56.01
N SER G 444 36.83 -8.25 57.05
CA SER G 444 35.66 -9.12 57.02
C SER G 444 34.35 -8.36 56.81
N LEU G 445 34.34 -7.04 57.08
CA LEU G 445 33.13 -6.26 56.85
C LEU G 445 32.76 -6.23 55.37
N HIS G 446 33.75 -6.35 54.48
CA HIS G 446 33.53 -6.45 53.04
C HIS G 446 32.83 -5.22 52.48
N TRP G 447 33.47 -4.07 52.68
CA TRP G 447 33.06 -2.81 52.06
C TRP G 447 34.18 -2.34 51.14
N LEU G 448 33.81 -1.64 50.07
CA LEU G 448 34.78 -1.29 49.03
C LEU G 448 34.95 0.21 48.84
N GLU G 449 33.84 0.97 48.77
CA GLU G 449 33.95 2.39 48.46
C GLU G 449 34.70 3.15 49.54
N GLU G 450 34.44 2.82 50.81
CA GLU G 450 35.11 3.52 51.90
C GLU G 450 36.61 3.24 51.88
N ALA G 451 37.01 2.01 51.57
CA ALA G 451 38.43 1.69 51.46
C ALA G 451 39.10 2.49 50.35
N GLU G 452 38.43 2.63 49.21
CA GLU G 452 38.98 3.43 48.11
C GLU G 452 39.11 4.89 48.53
N LYS G 453 38.09 5.42 49.22
CA LYS G 453 38.15 6.82 49.66
C LYS G 453 39.30 7.02 50.65
N PHE G 454 39.48 6.09 51.59
CA PHE G 454 40.57 6.21 52.55
C PHE G 454 41.93 6.09 51.87
N ALA G 455 42.06 5.20 50.90
CA ALA G 455 43.32 5.07 50.17
C ALA G 455 43.64 6.34 49.39
N LYS G 456 42.63 6.95 48.77
CA LYS G 456 42.83 8.20 48.05
C LYS G 456 43.22 9.32 49.00
N THR G 457 42.60 9.36 50.18
CA THR G 457 42.97 10.36 51.19
C THR G 457 44.41 10.17 51.65
N VAL G 458 44.83 8.91 51.84
CA VAL G 458 46.21 8.63 52.23
C VAL G 458 47.18 9.08 51.15
N VAL G 459 46.89 8.72 49.90
CA VAL G 459 47.79 9.08 48.81
C VAL G 459 47.78 10.57 48.53
N ASP G 460 46.75 11.29 48.98
CA ASP G 460 46.74 12.74 48.83
C ASP G 460 47.87 13.38 49.63
N VAL G 461 48.09 12.90 50.85
CA VAL G 461 49.15 13.44 51.70
C VAL G 461 50.43 12.65 51.51
N THR G 465 56.51 10.41 55.15
CA THR G 465 57.74 10.15 54.42
C THR G 465 57.44 9.51 53.06
N SER G 466 57.88 8.26 52.89
CA SER G 466 57.65 7.53 51.65
C SER G 466 57.00 6.18 51.92
N GLU G 467 57.26 5.63 53.11
CA GLU G 467 56.68 4.34 53.47
C GLU G 467 55.16 4.43 53.55
N PHE G 468 54.64 5.53 54.11
CA PHE G 468 53.19 5.67 54.24
C PHE G 468 52.51 5.78 52.89
N LYS G 469 53.08 6.57 51.97
CA LYS G 469 52.47 6.67 50.64
C LYS G 469 52.62 5.38 49.85
N ALA G 470 53.72 4.65 50.05
CA ALA G 470 53.85 3.33 49.44
C ALA G 470 52.77 2.38 49.95
N LYS G 471 52.52 2.40 51.26
CA LYS G 471 51.45 1.58 51.82
C LYS G 471 50.09 1.99 51.28
N GLY G 472 49.86 3.29 51.11
CA GLY G 472 48.61 3.75 50.53
C GLY G 472 48.43 3.29 49.10
N TYR G 473 49.50 3.35 48.30
CA TYR G 473 49.44 2.83 46.94
C TYR G 473 49.15 1.33 46.94
N LEU G 474 49.78 0.58 47.83
CA LEU G 474 49.54 -0.85 47.92
C LEU G 474 48.09 -1.13 48.28
N ALA G 475 47.53 -0.38 49.24
CA ALA G 475 46.15 -0.58 49.63
C ALA G 475 45.19 -0.24 48.49
N LEU G 476 45.47 0.84 47.76
CA LEU G 476 44.62 1.19 46.62
C LEU G 476 44.67 0.11 45.56
N GLY G 477 45.87 -0.42 45.29
CA GLY G 477 45.98 -1.52 44.33
C GLY G 477 45.24 -2.76 44.77
N LEU G 478 45.32 -3.09 46.06
CA LEU G 478 44.58 -4.24 46.58
C LEU G 478 43.07 -4.04 46.43
N THR G 479 42.58 -2.83 46.72
CA THR G 479 41.16 -2.55 46.56
C THR G 479 40.74 -2.67 45.09
N TYR G 480 41.56 -2.14 44.18
CA TYR G 480 41.25 -2.25 42.76
C TYR G 480 41.23 -3.71 42.31
N SER G 481 42.18 -4.52 42.80
CA SER G 481 42.20 -5.93 42.44
C SER G 481 40.98 -6.66 42.99
N LEU G 482 40.57 -6.32 44.23
CA LEU G 482 39.40 -6.95 44.81
C LEU G 482 38.14 -6.59 44.02
N GLN G 483 38.02 -5.33 43.58
CA GLN G 483 36.86 -4.94 42.80
C GLN G 483 36.80 -5.66 41.46
N ALA G 484 37.95 -6.06 40.93
CA ALA G 484 37.99 -6.74 39.63
C ALA G 484 37.29 -8.10 39.69
N THR G 485 37.49 -8.84 40.79
CA THR G 485 36.91 -10.18 40.88
C THR G 485 35.39 -10.13 40.90
N ASP G 486 34.81 -9.15 41.59
CA ASP G 486 33.37 -9.06 41.78
C ASP G 486 32.68 -8.28 40.66
N ALA G 487 33.28 -8.23 39.47
CA ALA G 487 32.66 -7.56 38.34
C ALA G 487 31.64 -8.46 37.66
N SER G 488 31.01 -7.95 36.60
CA SER G 488 29.99 -8.70 35.88
C SER G 488 30.15 -8.65 34.36
N LEU G 489 30.97 -7.75 33.82
CA LEU G 489 31.15 -7.65 32.38
C LEU G 489 32.64 -7.73 32.04
N ARG G 490 32.99 -7.42 30.79
CA ARG G 490 34.34 -7.66 30.28
C ARG G 490 35.29 -6.48 30.52
N GLY G 491 34.94 -5.30 30.01
CA GLY G 491 35.90 -4.23 29.90
C GLY G 491 36.42 -3.74 31.25
N MET G 492 35.51 -3.53 32.21
CA MET G 492 35.92 -3.00 33.50
C MET G 492 36.87 -3.94 34.22
N GLN G 493 36.78 -5.24 33.96
CA GLN G 493 37.74 -6.18 34.53
C GLN G 493 39.16 -5.85 34.09
N GLU G 494 39.36 -5.68 32.78
CA GLU G 494 40.69 -5.34 32.28
C GLU G 494 41.12 -3.95 32.75
N VAL G 495 40.18 -3.01 32.84
CA VAL G 495 40.51 -1.67 33.31
C VAL G 495 41.02 -1.72 34.75
N LEU G 496 40.30 -2.45 35.62
CA LEU G 496 40.73 -2.58 37.00
C LEU G 496 42.05 -3.33 37.11
N GLN G 497 42.24 -4.36 36.28
CA GLN G 497 43.49 -5.11 36.32
C GLN G 497 44.68 -4.23 35.93
N ARG G 498 44.52 -3.41 34.88
CA ARG G 498 45.63 -2.55 34.46
C ARG G 498 45.88 -1.45 35.48
N LYS G 499 44.83 -0.89 36.07
CA LYS G 499 45.03 0.09 37.14
C LYS G 499 45.76 -0.53 38.32
N ALA G 500 45.38 -1.75 38.70
CA ALA G 500 46.02 -2.42 39.83
C ALA G 500 47.48 -2.70 39.53
N LEU G 501 47.79 -3.17 38.32
CA LEU G 501 49.18 -3.47 38.00
C LEU G 501 50.02 -2.19 37.95
N LEU G 502 49.44 -1.09 37.45
CA LEU G 502 50.15 0.19 37.46
C LEU G 502 50.43 0.64 38.89
N ALA G 503 49.43 0.52 39.76
CA ALA G 503 49.62 0.90 41.16
C ALA G 503 50.69 0.04 41.84
N PHE G 504 50.67 -1.27 41.56
CA PHE G 504 51.67 -2.16 42.13
C PHE G 504 53.07 -1.82 41.63
N GLN G 505 53.20 -1.50 40.33
CA GLN G 505 54.50 -1.10 39.80
C GLN G 505 54.98 0.18 40.46
N ARG G 506 54.09 1.15 40.64
CA ARG G 506 54.48 2.39 41.31
C ARG G 506 54.92 2.12 42.75
N ALA G 507 54.18 1.27 43.47
CA ALA G 507 54.54 0.96 44.85
C ALA G 507 55.89 0.26 44.93
N HIS G 508 56.14 -0.67 44.00
CA HIS G 508 57.44 -1.35 43.98
C HIS G 508 58.56 -0.37 43.66
N SER G 509 58.33 0.55 42.72
CA SER G 509 59.36 1.52 42.36
C SER G 509 59.68 2.44 43.53
N LEU G 510 58.65 2.88 44.27
CA LEU G 510 58.89 3.80 45.37
C LEU G 510 59.62 3.15 46.54
N SER G 511 59.58 1.82 46.65
CA SER G 511 60.26 1.13 47.74
C SER G 511 60.68 -0.26 47.32
N PRO G 512 61.98 -0.51 47.10
CA PRO G 512 62.44 -1.83 46.68
C PRO G 512 62.87 -2.77 47.80
N THR G 513 62.62 -2.43 49.07
CA THR G 513 63.09 -3.21 50.20
C THR G 513 61.95 -3.74 51.04
N ASP G 514 60.90 -4.26 50.39
CA ASP G 514 59.80 -4.91 51.08
C ASP G 514 59.32 -6.08 50.24
N HIS G 515 59.31 -7.28 50.84
CA HIS G 515 58.95 -8.48 50.10
C HIS G 515 57.45 -8.60 49.86
N GLN G 516 56.62 -7.98 50.69
CA GLN G 516 55.17 -8.08 50.51
C GLN G 516 54.73 -7.47 49.19
N ALA G 517 55.27 -6.29 48.86
CA ALA G 517 54.91 -5.65 47.60
C ALA G 517 55.33 -6.49 46.40
N ALA G 518 56.54 -7.05 46.44
CA ALA G 518 56.99 -7.90 45.34
C ALA G 518 56.13 -9.15 45.21
N PHE G 519 55.79 -9.77 46.34
CA PHE G 519 54.95 -10.97 46.30
C PHE G 519 53.58 -10.66 45.72
N TYR G 520 52.96 -9.56 46.14
CA TYR G 520 51.65 -9.21 45.62
C TYR G 520 51.71 -8.80 44.16
N LEU G 521 52.78 -8.13 43.73
CA LEU G 521 52.95 -7.82 42.33
C LEU G 521 53.08 -9.08 41.49
N ALA G 522 53.85 -10.07 41.99
CA ALA G 522 53.97 -11.34 41.28
C ALA G 522 52.63 -12.05 41.21
N LEU G 523 51.86 -12.03 42.30
CA LEU G 523 50.55 -12.67 42.30
C LEU G 523 49.60 -12.01 41.31
N GLN G 524 49.58 -10.68 41.27
CA GLN G 524 48.71 -9.98 40.34
C GLN G 524 49.15 -10.20 38.90
N LEU G 525 50.46 -10.24 38.65
CA LEU G 525 50.96 -10.43 37.29
C LEU G 525 50.61 -11.81 36.75
N ALA G 526 50.59 -12.82 37.62
CA ALA G 526 50.29 -14.18 37.20
C ALA G 526 48.87 -14.33 36.67
N ILE G 527 47.97 -13.40 37.01
CA ILE G 527 46.60 -13.46 36.51
C ILE G 527 46.58 -13.26 35.00
N SER G 528 47.46 -12.41 34.49
CA SER G 528 47.53 -12.11 33.06
C SER G 528 48.27 -13.18 32.26
N ARG G 529 48.61 -14.31 32.89
CA ARG G 529 49.25 -15.47 32.28
C ARG G 529 50.66 -15.19 31.78
N GLN G 530 51.23 -14.03 32.10
CA GLN G 530 52.61 -13.71 31.74
C GLN G 530 53.53 -14.40 32.73
N ILE G 531 54.04 -15.57 32.36
CA ILE G 531 54.73 -16.47 33.29
C ILE G 531 56.13 -16.00 33.64
N PRO G 532 57.05 -15.79 32.68
CA PRO G 532 58.45 -15.55 33.07
C PRO G 532 58.66 -14.32 33.95
N GLU G 533 57.92 -13.24 33.69
CA GLU G 533 58.07 -12.03 34.50
C GLU G 533 57.62 -12.28 35.93
N ALA G 534 56.49 -12.96 36.10
CA ALA G 534 56.02 -13.31 37.44
C ALA G 534 57.00 -14.24 38.14
N LEU G 535 57.60 -15.18 37.40
CA LEU G 535 58.59 -16.07 37.97
C LEU G 535 59.80 -15.29 38.47
N GLY G 536 60.27 -14.33 37.66
CA GLY G 536 61.39 -13.50 38.09
C GLY G 536 61.06 -12.66 39.31
N TYR G 537 59.85 -12.08 39.34
CA TYR G 537 59.46 -11.26 40.49
C TYR G 537 59.33 -12.10 41.76
N VAL G 538 58.75 -13.30 41.66
CA VAL G 538 58.63 -14.15 42.84
C VAL G 538 59.99 -14.66 43.27
N ARG G 539 60.91 -14.88 42.32
CA ARG G 539 62.28 -15.24 42.67
C ARG G 539 62.95 -14.11 43.44
N GLN G 540 62.75 -12.87 43.01
CA GLN G 540 63.29 -11.73 43.75
C GLN G 540 62.67 -11.64 45.15
N ALA G 541 61.36 -11.90 45.25
CA ALA G 541 60.70 -11.88 46.55
C ALA G 541 61.28 -12.96 47.48
N LEU G 542 61.50 -14.15 46.95
CA LEU G 542 62.15 -15.22 47.73
C LEU G 542 63.55 -14.83 48.13
N GLN G 543 64.27 -14.11 47.26
CA GLN G 543 65.59 -13.60 47.62
C GLN G 543 65.49 -12.64 48.80
N LEU G 544 64.49 -11.77 48.80
CA LEU G 544 64.29 -10.87 49.94
C LEU G 544 63.98 -11.64 51.21
N GLN G 545 63.12 -12.66 51.12
CA GLN G 545 62.78 -13.48 52.27
C GLN G 545 62.48 -14.89 51.80
N GLY G 546 63.22 -15.87 52.32
CA GLY G 546 63.09 -17.24 51.88
C GLY G 546 62.30 -18.14 52.81
N ASP G 547 61.54 -17.55 53.73
CA ASP G 547 60.76 -18.33 54.69
C ASP G 547 59.28 -17.98 54.66
N ASP G 548 58.81 -17.27 53.64
CA ASP G 548 57.39 -16.92 53.55
C ASP G 548 56.56 -18.15 53.22
N ALA G 549 55.43 -18.30 53.92
CA ALA G 549 54.56 -19.44 53.66
C ALA G 549 53.91 -19.34 52.29
N ASN G 550 53.32 -18.17 51.97
CA ASN G 550 52.59 -18.02 50.72
C ASN G 550 53.51 -17.99 49.52
N SER G 551 54.74 -17.50 49.68
CA SER G 551 55.68 -17.44 48.56
C SER G 551 56.02 -18.83 48.06
N LEU G 552 56.26 -19.78 48.98
CA LEU G 552 56.55 -21.15 48.56
C LEU G 552 55.36 -21.77 47.85
N HIS G 553 54.14 -21.51 48.35
CA HIS G 553 52.94 -22.03 47.69
C HIS G 553 52.81 -21.47 46.28
N LEU G 554 53.05 -20.16 46.12
CA LEU G 554 52.96 -19.55 44.80
C LEU G 554 54.01 -20.12 43.86
N LEU G 555 55.24 -20.33 44.36
CA LEU G 555 56.28 -20.92 43.53
C LEU G 555 55.92 -22.32 43.10
N ALA G 556 55.37 -23.12 44.02
CA ALA G 556 54.96 -24.48 43.67
C ALA G 556 53.84 -24.48 42.65
N LEU G 557 52.86 -23.57 42.81
CA LEU G 557 51.73 -23.52 41.89
C LEU G 557 52.15 -23.00 40.52
N LEU G 558 53.17 -22.16 40.45
CA LEU G 558 53.64 -21.65 39.17
C LEU G 558 54.19 -22.78 38.29
N LEU G 559 54.89 -23.74 38.91
CA LEU G 559 55.45 -24.85 38.15
C LEU G 559 54.37 -25.74 37.54
N SER G 560 53.15 -25.69 38.07
CA SER G 560 52.07 -26.49 37.50
C SER G 560 51.76 -26.09 36.07
N ALA G 561 51.73 -24.79 35.79
CA ALA G 561 51.46 -24.32 34.44
C ALA G 561 52.58 -24.68 33.47
N GLN G 562 53.79 -24.93 33.97
CA GLN G 562 54.92 -25.29 33.13
C GLN G 562 55.07 -26.80 32.96
N LYS G 563 54.19 -27.59 33.58
CA LYS G 563 54.21 -29.05 33.49
C LYS G 563 55.52 -29.62 34.02
N HIS G 564 55.79 -29.31 35.29
CA HIS G 564 56.91 -29.87 36.05
C HIS G 564 56.32 -30.31 37.39
N TYR G 565 55.92 -31.58 37.48
CA TYR G 565 55.13 -32.06 38.61
C TYR G 565 55.99 -32.49 39.80
N HIS G 566 57.10 -33.18 39.55
CA HIS G 566 57.92 -33.66 40.66
C HIS G 566 58.54 -32.52 41.45
N ASP G 567 58.98 -31.47 40.77
CA ASP G 567 59.54 -30.31 41.47
C ASP G 567 58.49 -29.60 42.31
N ALA G 568 57.28 -29.44 41.77
CA ALA G 568 56.20 -28.85 42.55
C ALA G 568 55.85 -29.72 43.75
N LEU G 569 55.86 -31.04 43.57
CA LEU G 569 55.64 -31.94 44.70
C LEU G 569 56.71 -31.78 45.77
N ASN G 570 57.97 -31.64 45.34
CA ASN G 570 59.06 -31.44 46.30
C ASN G 570 58.90 -30.12 47.05
N ILE G 571 58.49 -29.06 46.35
CA ILE G 571 58.29 -27.78 47.02
C ILE G 571 57.14 -27.88 48.02
N ILE G 572 56.06 -28.55 47.64
CA ILE G 572 54.94 -28.74 48.56
C ILE G 572 55.40 -29.55 49.76
N ASP G 573 56.27 -30.54 49.55
CA ASP G 573 56.80 -31.34 50.65
C ASP G 573 57.64 -30.49 51.60
N MET G 574 58.48 -29.61 51.06
CA MET G 574 59.26 -28.71 51.92
C MET G 574 58.34 -27.80 52.72
N ALA G 575 57.32 -27.25 52.07
CA ALA G 575 56.39 -26.36 52.76
C ALA G 575 55.65 -27.10 53.87
N LEU G 576 55.25 -28.34 53.62
CA LEU G 576 54.63 -29.14 54.67
C LEU G 576 55.60 -29.41 55.81
N SER G 577 56.88 -29.61 55.48
CA SER G 577 57.88 -29.77 56.53
C SER G 577 57.95 -28.51 57.38
N GLU G 578 57.82 -27.34 56.76
CA GLU G 578 57.77 -26.10 57.55
C GLU G 578 56.47 -25.98 58.34
N TYR G 579 55.31 -26.23 57.70
CA TYR G 579 54.01 -26.09 58.35
C TYR G 579 53.25 -27.42 58.29
N PRO G 580 53.47 -28.30 59.27
CA PRO G 580 52.76 -29.59 59.27
C PRO G 580 51.34 -29.49 59.83
N GLU G 581 50.84 -28.27 60.01
CA GLU G 581 49.51 -28.05 60.56
C GLU G 581 48.65 -27.16 59.66
N ASN G 582 49.05 -26.95 58.41
CA ASN G 582 48.28 -26.12 57.49
C ASN G 582 47.28 -26.97 56.72
N PHE G 583 46.38 -26.31 56.00
CA PHE G 583 45.31 -26.99 55.27
C PHE G 583 45.38 -26.74 53.76
N ILE G 584 45.61 -25.50 53.34
CA ILE G 584 45.61 -25.20 51.91
C ILE G 584 46.76 -25.93 51.20
N LEU G 585 47.95 -25.93 51.81
CA LEU G 585 49.09 -26.60 51.22
C LEU G 585 48.82 -28.09 51.05
N LEU G 586 48.18 -28.73 52.03
CA LEU G 586 47.87 -30.15 51.90
C LEU G 586 46.78 -30.40 50.86
N PHE G 587 45.86 -29.45 50.68
CA PHE G 587 44.90 -29.56 49.59
C PHE G 587 45.61 -29.53 48.24
N SER G 588 46.58 -28.63 48.10
CA SER G 588 47.37 -28.59 46.88
C SER G 588 48.17 -29.89 46.71
N LYS G 589 48.68 -30.43 47.82
CA LYS G 589 49.40 -31.70 47.75
C LYS G 589 48.51 -32.82 47.24
N VAL G 590 47.27 -32.87 47.74
CA VAL G 590 46.34 -33.89 47.27
C VAL G 590 46.04 -33.72 45.78
N LYS G 591 45.80 -32.47 45.37
CA LYS G 591 45.51 -32.20 43.96
C LYS G 591 46.67 -32.60 43.06
N LEU G 592 47.91 -32.30 43.49
CA LEU G 592 49.06 -32.62 42.67
C LEU G 592 49.36 -34.11 42.67
N GLN G 593 49.16 -34.78 43.80
CA GLN G 593 49.38 -36.22 43.86
C GLN G 593 48.40 -36.98 42.98
N SER G 594 47.15 -36.51 42.92
CA SER G 594 46.14 -37.17 42.10
C SER G 594 46.46 -37.09 40.61
N LEU G 595 47.39 -36.24 40.20
CA LEU G 595 47.70 -36.04 38.79
C LEU G 595 49.03 -36.65 38.36
N CYS G 596 49.90 -37.01 39.29
CA CYS G 596 51.25 -37.46 38.96
C CYS G 596 51.48 -38.93 39.27
N ARG G 597 51.32 -39.34 40.52
CA ARG G 597 51.69 -40.69 40.95
C ARG G 597 50.51 -41.66 40.90
N GLY G 598 49.45 -41.39 41.66
CA GLY G 598 48.32 -42.28 41.71
C GLY G 598 47.35 -41.93 42.82
N PRO G 599 46.21 -42.63 42.86
CA PRO G 599 45.18 -42.33 43.87
C PRO G 599 45.49 -42.84 45.26
N ASP G 600 46.36 -43.85 45.40
CA ASP G 600 46.66 -44.39 46.73
C ASP G 600 47.30 -43.33 47.62
N GLU G 601 48.26 -42.57 47.08
CA GLU G 601 48.87 -41.50 47.86
C GLU G 601 47.85 -40.42 48.21
N ALA G 602 46.91 -40.14 47.30
CA ALA G 602 45.86 -39.18 47.60
C ALA G 602 44.98 -39.66 48.76
N LEU G 603 44.63 -40.94 48.77
CA LEU G 603 43.85 -41.49 49.87
C LEU G 603 44.63 -41.43 51.18
N LEU G 604 45.93 -41.75 51.13
CA LEU G 604 46.75 -41.66 52.33
C LEU G 604 46.80 -40.23 52.87
N THR G 605 46.97 -39.25 51.99
CA THR G 605 46.99 -37.86 52.42
C THR G 605 45.64 -37.44 52.97
N CYS G 606 44.55 -37.90 52.37
CA CYS G 606 43.22 -37.55 52.85
C CYS G 606 42.97 -38.12 54.24
N LYS G 607 43.37 -39.37 54.47
CA LYS G 607 43.17 -39.94 55.80
C LYS G 607 44.09 -39.28 56.83
N HIS G 608 45.28 -38.86 56.41
CA HIS G 608 46.15 -38.09 57.30
C HIS G 608 45.51 -36.75 57.66
N MET G 609 44.90 -36.09 56.69
CA MET G 609 44.24 -34.82 56.96
C MET G 609 43.05 -35.01 57.89
N LEU G 610 42.32 -36.11 57.71
CA LEU G 610 41.22 -36.41 58.63
C LEU G 610 41.73 -36.63 60.04
N GLN G 611 42.83 -37.38 60.18
CA GLN G 611 43.40 -37.61 61.51
C GLN G 611 43.86 -36.29 62.13
N ILE G 612 44.48 -35.42 61.32
CA ILE G 612 44.94 -34.13 61.82
C ILE G 612 43.77 -33.28 62.28
N TRP G 613 42.68 -33.26 61.49
CA TRP G 613 41.52 -32.47 61.88
C TRP G 613 40.92 -32.99 63.18
N LYS G 614 40.86 -34.32 63.34
CA LYS G 614 40.37 -34.87 64.60
C LYS G 614 41.28 -34.49 65.77
N SER G 615 42.59 -34.51 65.55
CA SER G 615 43.53 -34.15 66.61
C SER G 615 43.39 -32.69 67.02
N CYS G 616 43.19 -31.79 66.05
CA CYS G 616 43.19 -30.36 66.31
C CYS G 616 41.89 -29.84 66.92
N TYR G 617 40.85 -30.66 67.00
CA TYR G 617 39.56 -30.23 67.52
C TYR G 617 39.01 -31.30 68.46
N ASN G 618 37.93 -30.94 69.15
CA ASN G 618 37.29 -31.85 70.10
C ASN G 618 35.97 -32.36 69.53
N GLY G 687 31.16 -23.77 67.36
CA GLY G 687 30.85 -22.36 67.17
C GLY G 687 30.96 -21.91 65.72
N PRO G 688 32.17 -21.56 65.29
CA PRO G 688 32.36 -21.14 63.90
C PRO G 688 32.09 -22.28 62.93
N LEU G 689 31.61 -21.90 61.74
CA LEU G 689 31.28 -22.87 60.71
C LEU G 689 32.50 -23.32 59.90
N HIS G 690 33.67 -22.74 60.15
CA HIS G 690 34.85 -23.07 59.35
C HIS G 690 35.27 -24.53 59.48
N PRO G 691 35.36 -25.13 60.68
CA PRO G 691 35.70 -26.57 60.72
C PRO G 691 34.70 -27.45 59.99
N TRP G 692 33.42 -27.11 60.04
CA TRP G 692 32.42 -27.89 59.32
C TRP G 692 32.65 -27.82 57.82
N MET G 693 32.95 -26.63 57.31
CA MET G 693 33.23 -26.50 55.88
C MET G 693 34.53 -27.20 55.50
N THR G 694 35.53 -27.21 56.39
CA THR G 694 36.75 -27.96 56.12
C THR G 694 36.47 -29.44 56.01
N LEU G 695 35.67 -29.98 56.93
CA LEU G 695 35.30 -31.39 56.87
C LEU G 695 34.51 -31.70 55.60
N ALA G 696 33.58 -30.82 55.24
CA ALA G 696 32.80 -31.02 54.02
C ALA G 696 33.69 -31.01 52.79
N GLN G 697 34.67 -30.10 52.74
CA GLN G 697 35.59 -30.04 51.62
C GLN G 697 36.45 -31.30 51.54
N ILE G 698 36.88 -31.81 52.70
CA ILE G 698 37.67 -33.04 52.72
C ILE G 698 36.84 -34.20 52.15
N TRP G 699 35.59 -34.32 52.60
CA TRP G 699 34.73 -35.38 52.10
C TRP G 699 34.46 -35.25 50.62
N LEU G 700 34.23 -34.01 50.15
CA LEU G 700 33.96 -33.80 48.73
C LEU G 700 35.19 -34.12 47.89
N HIS G 701 36.38 -33.77 48.38
CA HIS G 701 37.60 -34.11 47.65
C HIS G 701 37.80 -35.61 47.59
N ALA G 702 37.51 -36.31 48.70
CA ALA G 702 37.60 -37.77 48.68
C ALA G 702 36.62 -38.38 47.68
N ALA G 703 35.39 -37.85 47.65
CA ALA G 703 34.39 -38.35 46.70
C ALA G 703 34.82 -38.08 45.26
N GLU G 704 35.39 -36.90 45.00
CA GLU G 704 35.85 -36.58 43.65
C GLU G 704 37.02 -37.46 43.24
N VAL G 705 37.90 -37.79 44.18
CA VAL G 705 38.97 -38.75 43.90
C VAL G 705 38.39 -40.11 43.56
N TYR G 706 37.40 -40.57 44.33
CA TYR G 706 36.81 -41.88 44.09
C TYR G 706 36.09 -41.94 42.75
N ILE G 707 35.39 -40.86 42.37
CA ILE G 707 34.59 -40.89 41.15
C ILE G 707 35.47 -40.99 39.90
N GLY G 708 36.76 -40.70 40.03
CA GLY G 708 37.67 -40.79 38.90
C GLY G 708 38.20 -42.17 38.61
N ILE G 709 37.79 -43.19 39.37
CA ILE G 709 38.27 -44.54 39.16
C ILE G 709 37.17 -45.53 38.79
N GLY G 710 35.90 -45.19 39.01
CA GLY G 710 34.82 -46.07 38.63
C GLY G 710 34.26 -46.90 39.77
N LYS G 711 34.01 -46.26 40.91
CA LYS G 711 33.42 -46.92 42.08
C LYS G 711 32.26 -46.06 42.56
N PRO G 712 31.13 -46.09 41.86
CA PRO G 712 30.02 -45.19 42.19
C PRO G 712 29.45 -45.37 43.59
N ALA G 713 29.43 -46.59 44.11
CA ALA G 713 28.80 -46.84 45.41
C ALA G 713 29.55 -46.12 46.53
N GLU G 714 30.87 -46.21 46.54
CA GLU G 714 31.66 -45.56 47.57
C GLU G 714 31.52 -44.04 47.51
N ALA G 715 31.55 -43.49 46.29
CA ALA G 715 31.38 -42.04 46.13
C ALA G 715 30.00 -41.60 46.59
N THR G 716 28.97 -42.40 46.27
CA THR G 716 27.62 -42.07 46.72
C THR G 716 27.53 -42.09 48.24
N ALA G 717 28.15 -43.09 48.88
CA ALA G 717 28.15 -43.13 50.35
C ALA G 717 28.87 -41.93 50.92
N CYS G 718 30.02 -41.56 50.34
CA CYS G 718 30.78 -40.41 50.83
C CYS G 718 29.98 -39.13 50.72
N THR G 719 29.34 -38.91 49.56
CA THR G 719 28.59 -37.66 49.37
C THR G 719 27.32 -37.64 50.21
N GLN G 720 26.71 -38.81 50.45
CA GLN G 720 25.56 -38.85 51.35
C GLN G 720 25.98 -38.52 52.78
N GLU G 721 27.12 -39.03 53.23
CA GLU G 721 27.63 -38.67 54.54
C GLU G 721 27.94 -37.19 54.62
N ALA G 722 28.54 -36.64 53.57
CA ALA G 722 28.89 -35.22 53.57
C ALA G 722 27.65 -34.34 53.58
N ALA G 723 26.59 -34.75 52.87
CA ALA G 723 25.37 -33.95 52.77
C ALA G 723 24.60 -33.87 54.08
N ASN G 724 24.97 -34.67 55.09
CA ASN G 724 24.25 -34.63 56.36
C ASN G 724 24.40 -33.29 57.06
N LEU G 725 25.56 -32.64 56.91
CA LEU G 725 25.78 -31.35 57.56
C LEU G 725 25.05 -30.23 56.83
N PHE G 726 25.38 -30.01 55.56
CA PHE G 726 24.74 -28.99 54.74
C PHE G 726 24.02 -29.67 53.59
N PRO G 727 22.69 -29.80 53.65
CA PRO G 727 21.98 -30.61 52.65
C PRO G 727 21.69 -29.90 51.34
N MET G 728 21.75 -28.57 51.29
CA MET G 728 21.34 -27.83 50.11
C MET G 728 22.43 -26.86 49.66
N SER G 729 23.68 -27.28 49.74
CA SER G 729 24.76 -26.58 49.08
C SER G 729 24.74 -26.90 47.58
N HIS G 730 25.55 -26.16 46.82
CA HIS G 730 25.61 -26.40 45.38
C HIS G 730 26.62 -27.48 45.00
N ASN G 731 27.71 -27.61 45.77
CA ASN G 731 28.70 -28.63 45.47
C ASN G 731 28.14 -30.04 45.63
N VAL G 732 27.32 -30.25 46.66
CA VAL G 732 26.72 -31.57 46.87
C VAL G 732 25.78 -31.91 45.72
N LEU G 733 24.98 -30.94 45.28
CA LEU G 733 24.10 -31.17 44.14
C LEU G 733 24.90 -31.46 42.87
N TYR G 734 26.00 -30.73 42.67
CA TYR G 734 26.83 -30.96 41.49
C TYR G 734 27.44 -32.35 41.51
N MET G 735 27.93 -32.79 42.67
CA MET G 735 28.53 -34.12 42.74
C MET G 735 27.47 -35.21 42.63
N ARG G 736 26.27 -34.98 43.16
CA ARG G 736 25.19 -35.95 42.96
C ARG G 736 24.84 -36.08 41.49
N GLY G 737 24.77 -34.95 40.77
CA GLY G 737 24.55 -35.02 39.34
C GLY G 737 25.68 -35.75 38.62
N GLN G 738 26.92 -35.51 39.06
CA GLN G 738 28.06 -36.18 38.44
C GLN G 738 27.98 -37.70 38.62
N ILE G 739 27.68 -38.15 39.84
CA ILE G 739 27.61 -39.59 40.08
C ILE G 739 26.40 -40.19 39.37
N ALA G 740 25.30 -39.45 39.29
CA ALA G 740 24.13 -39.94 38.55
C ALA G 740 24.45 -40.10 37.07
N GLU G 741 25.16 -39.14 36.49
CA GLU G 741 25.55 -39.25 35.09
C GLU G 741 26.51 -40.41 34.89
N LEU G 742 27.46 -40.60 35.82
CA LEU G 742 28.37 -41.73 35.72
C LEU G 742 27.65 -43.07 35.86
N ARG G 743 26.51 -43.07 36.56
CA ARG G 743 25.74 -44.31 36.72
C ARG G 743 25.25 -44.83 35.38
N GLY G 744 24.77 -43.93 34.52
CA GLY G 744 24.29 -44.33 33.21
C GLY G 744 22.94 -43.76 32.84
N SER G 745 22.34 -43.00 33.76
CA SER G 745 21.04 -42.38 33.54
C SER G 745 21.24 -40.91 33.20
N MET G 746 20.71 -40.50 32.04
CA MET G 746 20.82 -39.12 31.58
C MET G 746 19.56 -38.31 31.83
N ASP G 747 18.81 -38.65 32.88
CA ASP G 747 17.63 -37.89 33.25
C ASP G 747 17.76 -37.22 34.61
N GLU G 748 18.28 -37.94 35.61
CA GLU G 748 18.51 -37.32 36.92
C GLU G 748 19.61 -36.26 36.86
N ALA G 749 20.59 -36.44 35.97
CA ALA G 749 21.68 -35.48 35.88
C ALA G 749 21.18 -34.10 35.48
N ARG G 750 20.24 -34.04 34.54
CA ARG G 750 19.66 -32.76 34.14
C ARG G 750 18.94 -32.09 35.30
N ARG G 751 18.18 -32.87 36.07
CA ARG G 751 17.48 -32.33 37.23
C ARG G 751 18.46 -31.77 38.25
N TRP G 752 19.52 -32.54 38.54
CA TRP G 752 20.50 -32.07 39.52
C TRP G 752 21.22 -30.82 39.05
N TYR G 753 21.57 -30.77 37.76
CA TYR G 753 22.27 -29.60 37.23
C TYR G 753 21.37 -28.36 37.27
N GLU G 754 20.10 -28.52 36.90
CA GLU G 754 19.18 -27.38 36.97
C GLU G 754 18.97 -26.94 38.42
N GLU G 755 18.88 -27.90 39.34
CA GLU G 755 18.74 -27.57 40.76
C GLU G 755 19.95 -26.81 41.26
N ALA G 756 21.15 -27.23 40.88
CA ALA G 756 22.36 -26.51 41.27
C ALA G 756 22.39 -25.11 40.68
N LEU G 757 21.98 -24.98 39.42
CA LEU G 757 21.94 -23.66 38.77
C LEU G 757 20.92 -22.74 39.43
N ALA G 758 19.85 -23.29 40.01
CA ALA G 758 18.82 -22.47 40.64
C ALA G 758 19.30 -21.80 41.92
N ILE G 759 20.44 -22.20 42.47
CA ILE G 759 20.96 -21.64 43.70
C ILE G 759 22.07 -20.62 43.43
N SER G 760 23.08 -21.00 42.65
CA SER G 760 24.21 -20.13 42.32
C SER G 760 24.24 -19.93 40.81
N PRO G 761 23.66 -18.85 40.30
CA PRO G 761 23.69 -18.60 38.85
C PRO G 761 25.08 -18.37 38.29
N THR G 762 26.06 -18.05 39.13
CA THR G 762 27.41 -17.73 38.66
C THR G 762 28.30 -18.95 38.49
N HIS G 763 27.80 -20.15 38.77
CA HIS G 763 28.61 -21.34 38.60
C HIS G 763 28.89 -21.59 37.13
N VAL G 764 30.02 -22.24 36.85
CA VAL G 764 30.52 -22.43 35.49
C VAL G 764 30.52 -23.91 35.10
N LYS G 765 31.05 -24.77 35.97
CA LYS G 765 31.16 -26.19 35.63
C LYS G 765 29.79 -26.83 35.43
N SER G 766 28.82 -26.47 36.27
CA SER G 766 27.47 -27.02 36.13
C SER G 766 26.86 -26.59 34.79
N MET G 767 27.02 -25.33 34.41
CA MET G 767 26.50 -24.87 33.13
C MET G 767 27.18 -25.59 31.97
N GLN G 768 28.50 -25.78 32.05
CA GLN G 768 29.21 -26.47 30.99
C GLN G 768 28.73 -27.92 30.85
N ARG G 769 28.58 -28.61 31.98
CA ARG G 769 28.09 -29.99 31.93
C ARG G 769 26.68 -30.07 31.39
N LEU G 770 25.81 -29.14 31.79
CA LEU G 770 24.45 -29.13 31.28
C LEU G 770 24.43 -28.89 29.78
N ALA G 771 25.24 -27.93 29.31
CA ALA G 771 25.29 -27.66 27.88
C ALA G 771 25.81 -28.88 27.11
N LEU G 772 26.84 -29.55 27.64
CA LEU G 772 27.36 -30.73 26.97
C LEU G 772 26.32 -31.85 26.92
N ILE G 773 25.60 -32.06 28.02
CA ILE G 773 24.62 -33.14 28.05
C ILE G 773 23.41 -32.80 27.18
N LEU G 774 23.14 -31.51 26.97
CA LEU G 774 22.03 -31.11 26.11
C LEU G 774 22.40 -31.09 24.64
N HIS G 775 23.69 -30.95 24.32
CA HIS G 775 24.10 -30.90 22.91
C HIS G 775 23.76 -32.20 22.19
N GLN G 776 24.20 -33.33 22.74
CA GLN G 776 24.02 -34.61 22.08
C GLN G 776 22.55 -35.03 22.01
N LEU G 777 21.67 -34.38 22.78
CA LEU G 777 20.25 -34.66 22.67
C LEU G 777 19.71 -34.27 21.30
N GLY G 778 20.17 -33.13 20.77
CA GLY G 778 19.75 -32.69 19.46
C GLY G 778 19.47 -31.21 19.37
N ARG G 779 19.04 -30.60 20.48
CA ARG G 779 18.74 -29.17 20.49
C ARG G 779 20.02 -28.36 20.41
N TYR G 780 20.02 -27.36 19.53
CA TYR G 780 21.18 -26.49 19.33
C TYR G 780 20.86 -25.03 19.65
N SER G 781 19.77 -24.77 20.36
CA SER G 781 19.34 -23.41 20.68
C SER G 781 19.75 -22.98 22.09
N LEU G 782 19.33 -23.74 23.10
CA LEU G 782 19.64 -23.39 24.48
C LEU G 782 21.13 -23.53 24.77
N ALA G 783 21.79 -24.50 24.12
CA ALA G 783 23.22 -24.69 24.34
C ALA G 783 24.02 -23.47 23.92
N GLU G 784 23.65 -22.85 22.80
CA GLU G 784 24.35 -21.65 22.36
C GLU G 784 24.20 -20.52 23.36
N LYS G 785 22.99 -20.32 23.89
CA LYS G 785 22.77 -19.26 24.88
C LYS G 785 23.55 -19.54 26.16
N ILE G 786 23.59 -20.80 26.59
CA ILE G 786 24.34 -21.14 27.80
C ILE G 786 25.83 -20.90 27.58
N LEU G 787 26.34 -21.28 26.41
CA LEU G 787 27.75 -21.03 26.10
C LEU G 787 28.06 -19.53 26.06
N ARG G 788 27.15 -18.74 25.48
CA ARG G 788 27.35 -17.30 25.44
C ARG G 788 27.37 -16.70 26.85
N ASP G 789 26.45 -17.14 27.72
CA ASP G 789 26.45 -16.65 29.09
C ASP G 789 27.72 -17.06 29.81
N ALA G 790 28.18 -18.30 29.60
CA ALA G 790 29.40 -18.77 30.25
C ALA G 790 30.62 -17.98 29.80
N VAL G 791 30.70 -17.68 28.50
CA VAL G 791 31.83 -16.89 28.02
C VAL G 791 31.70 -15.43 28.42
N GLN G 792 30.49 -14.97 28.70
CA GLN G 792 30.32 -13.60 29.19
C GLN G 792 30.77 -13.47 30.65
N VAL G 793 30.39 -14.43 31.49
CA VAL G 793 30.76 -14.33 32.91
C VAL G 793 32.26 -14.55 33.10
N ASN G 794 32.84 -15.50 32.38
CA ASN G 794 34.26 -15.79 32.48
C ASN G 794 34.80 -16.10 31.09
N SER G 795 36.08 -15.77 30.88
CA SER G 795 36.74 -16.00 29.60
C SER G 795 38.12 -16.59 29.81
N THR G 796 38.23 -17.54 30.75
CA THR G 796 39.50 -18.19 31.04
C THR G 796 39.41 -19.70 31.11
N ALA G 797 38.29 -20.30 30.69
CA ALA G 797 38.12 -21.75 30.71
C ALA G 797 38.23 -22.28 29.29
N HIS G 798 39.17 -23.22 29.08
CA HIS G 798 39.35 -23.79 27.75
C HIS G 798 38.24 -24.79 27.41
N GLU G 799 37.64 -25.41 28.42
CA GLU G 799 36.53 -26.34 28.16
C GLU G 799 35.35 -25.61 27.54
N VAL G 800 35.09 -24.38 27.97
CA VAL G 800 33.98 -23.60 27.39
C VAL G 800 34.24 -23.37 25.90
N TRP G 801 35.46 -23.00 25.55
CA TRP G 801 35.79 -22.77 24.14
C TRP G 801 35.69 -24.07 23.34
N ASN G 802 36.16 -25.18 23.92
CA ASN G 802 36.07 -26.46 23.21
C ASN G 802 34.61 -26.84 22.96
N GLY G 803 33.75 -26.69 23.96
CA GLY G 803 32.35 -26.99 23.77
C GLY G 803 31.67 -26.07 22.77
N LEU G 804 32.03 -24.78 22.79
CA LEU G 804 31.48 -23.84 21.82
C LEU G 804 31.89 -24.22 20.40
N GLY G 805 33.15 -24.57 20.20
CA GLY G 805 33.60 -25.02 18.90
C GLY G 805 32.90 -26.29 18.46
N GLU G 806 32.70 -27.23 19.39
CA GLU G 806 32.04 -28.48 19.05
C GLU G 806 30.58 -28.26 18.66
N VAL G 807 29.87 -27.38 19.38
CA VAL G 807 28.47 -27.12 19.03
C VAL G 807 28.38 -26.32 17.74
N LEU G 808 29.38 -25.45 17.48
CA LEU G 808 29.41 -24.72 16.23
C LEU G 808 29.81 -25.59 15.04
N GLN G 809 30.46 -26.73 15.29
CA GLN G 809 30.83 -27.64 14.21
C GLN G 809 29.61 -28.15 13.47
N ALA G 810 28.47 -28.28 14.15
CA ALA G 810 27.24 -28.74 13.54
C ALA G 810 26.44 -27.62 12.87
N GLN G 811 26.93 -26.40 12.89
CA GLN G 811 26.23 -25.26 12.31
C GLN G 811 26.71 -24.93 10.91
N GLY G 812 28.01 -25.01 10.65
CA GLY G 812 28.54 -24.75 9.32
C GLY G 812 29.73 -23.82 9.29
N ASN G 813 29.79 -22.88 10.24
CA ASN G 813 30.88 -21.90 10.29
C ASN G 813 32.12 -22.60 10.86
N ASP G 814 32.85 -23.27 9.96
CA ASP G 814 34.01 -24.06 10.36
C ASP G 814 35.22 -23.20 10.70
N ALA G 815 35.35 -22.03 10.07
CA ALA G 815 36.48 -21.16 10.39
C ALA G 815 36.40 -20.64 11.82
N ALA G 816 35.19 -20.27 12.27
CA ALA G 816 35.02 -19.85 13.65
C ALA G 816 35.30 -20.98 14.62
N ALA G 817 34.89 -22.20 14.26
CA ALA G 817 35.24 -23.35 15.09
C ALA G 817 36.75 -23.55 15.16
N THR G 818 37.43 -23.37 14.03
CA THR G 818 38.89 -23.51 14.02
C THR G 818 39.56 -22.47 14.91
N GLU G 819 39.13 -21.22 14.83
CA GLU G 819 39.73 -20.19 15.66
C GLU G 819 39.39 -20.39 17.15
N CYS G 820 38.19 -20.89 17.45
CA CYS G 820 37.85 -21.22 18.82
C CYS G 820 38.73 -22.36 19.34
N PHE G 821 38.99 -23.36 18.50
CA PHE G 821 39.90 -24.43 18.90
C PHE G 821 41.31 -23.90 19.15
N LEU G 822 41.77 -22.99 18.29
CA LEU G 822 43.08 -22.38 18.50
C LEU G 822 43.14 -21.62 19.82
N THR G 823 42.08 -20.86 20.12
CA THR G 823 42.04 -20.13 21.39
C THR G 823 42.03 -21.09 22.58
N ALA G 824 41.25 -22.17 22.49
CA ALA G 824 41.19 -23.14 23.57
C ALA G 824 42.55 -23.80 23.79
N LEU G 825 43.25 -24.13 22.71
CA LEU G 825 44.56 -24.76 22.84
C LEU G 825 45.60 -23.79 23.39
N GLU G 826 45.58 -22.53 22.95
CA GLU G 826 46.55 -21.57 23.46
C GLU G 826 46.27 -21.20 24.92
N LEU G 827 45.00 -21.30 25.33
CA LEU G 827 44.68 -21.03 26.74
C LEU G 827 45.17 -22.15 27.64
N GLU G 828 45.11 -23.40 27.16
CA GLU G 828 45.47 -24.53 28.01
C GLU G 828 46.96 -24.55 28.33
N ALA G 829 47.79 -23.93 27.49
CA ALA G 829 49.23 -23.97 27.70
C ALA G 829 49.66 -23.25 28.96
N SER G 830 48.80 -22.40 29.53
CA SER G 830 49.10 -21.65 30.74
C SER G 830 48.01 -21.86 31.79
N SER G 831 47.65 -23.12 32.00
CA SER G 831 46.59 -23.47 32.95
C SER G 831 47.19 -24.12 34.18
N PRO G 832 46.93 -23.59 35.37
CA PRO G 832 47.44 -24.19 36.60
C PRO G 832 46.56 -25.33 37.09
N ALA G 833 47.07 -26.04 38.09
CA ALA G 833 46.28 -27.12 38.71
C ALA G 833 45.06 -26.56 39.41
N VAL G 834 45.21 -25.47 40.15
CA VAL G 834 44.10 -24.82 40.85
C VAL G 834 44.14 -23.33 40.54
N PRO G 835 43.01 -22.64 40.60
CA PRO G 835 43.02 -21.20 40.36
C PRO G 835 43.90 -20.46 41.36
N PHE G 836 44.57 -19.41 40.88
CA PHE G 836 45.47 -18.64 41.73
C PHE G 836 44.72 -17.80 42.76
N THR G 837 43.42 -17.62 42.60
CA THR G 837 42.65 -16.79 43.53
C THR G 837 42.49 -17.42 44.91
N ILE G 838 42.87 -18.69 45.08
CA ILE G 838 42.72 -19.34 46.37
C ILE G 838 43.60 -18.68 47.42
N ILE G 839 44.74 -18.15 47.02
CA ILE G 839 45.64 -17.49 47.98
C ILE G 839 44.99 -16.20 48.47
N PRO G 840 44.86 -16.00 49.77
CA PRO G 840 44.18 -14.80 50.27
C PRO G 840 44.96 -13.53 49.97
N ARG G 841 44.22 -12.44 49.80
CA ARG G 841 44.80 -11.11 49.56
C ARG G 841 44.36 -10.20 50.69
N VAL G 842 45.20 -10.09 51.72
CA VAL G 842 44.93 -9.24 52.88
C VAL G 842 46.18 -8.45 53.19
N LEU G 843 46.02 -7.16 53.47
CA LEU G 843 47.14 -6.29 53.80
C LEU G 843 47.71 -6.65 55.17
N GLY H 7 91.27 -16.94 81.87
CA GLY H 7 90.59 -18.23 81.91
C GLY H 7 90.22 -18.66 83.32
N VAL H 8 89.64 -17.72 84.08
CA VAL H 8 89.24 -18.01 85.46
C VAL H 8 88.15 -19.07 85.48
N VAL H 9 87.27 -19.08 84.48
CA VAL H 9 86.21 -20.08 84.42
C VAL H 9 86.79 -21.48 84.30
N GLU H 10 87.96 -21.62 83.67
CA GLU H 10 88.60 -22.92 83.58
C GLU H 10 89.01 -23.43 84.96
N GLU H 11 89.60 -22.55 85.78
CA GLU H 11 89.91 -22.94 87.16
C GLU H 11 88.64 -23.22 87.95
N TRP H 12 87.58 -22.45 87.69
CA TRP H 12 86.31 -22.69 88.37
C TRP H 12 85.76 -24.08 88.06
N LEU H 13 85.78 -24.48 86.78
CA LEU H 13 85.28 -25.80 86.42
C LEU H 13 86.22 -26.90 86.90
N SER H 14 87.52 -26.62 86.97
CA SER H 14 88.46 -27.60 87.52
C SER H 14 88.19 -27.85 89.00
N GLU H 15 87.91 -26.79 89.77
CA GLU H 15 87.63 -26.95 91.19
C GLU H 15 86.19 -27.37 91.47
N PHE H 16 85.30 -27.25 90.48
CA PHE H 16 83.90 -27.58 90.69
C PHE H 16 83.63 -29.06 90.47
N LYS H 17 83.95 -29.55 89.27
CA LYS H 17 83.72 -30.95 88.92
C LYS H 17 84.90 -31.82 89.35
N LEU H 24 78.78 -27.74 100.11
CA LEU H 24 78.30 -27.90 98.73
C LEU H 24 77.23 -26.85 98.34
N PRO H 25 76.18 -26.67 99.15
CA PRO H 25 75.18 -25.64 98.80
C PRO H 25 75.74 -24.23 98.82
N ASN H 26 76.86 -23.99 99.49
CA ASN H 26 77.45 -22.66 99.61
C ASN H 26 78.46 -22.37 98.50
N TYR H 27 78.31 -23.00 97.33
CA TYR H 27 79.23 -22.75 96.23
C TYR H 27 79.15 -21.30 95.77
N ALA H 28 77.94 -20.76 95.63
CA ALA H 28 77.79 -19.38 95.18
C ALA H 28 77.98 -18.39 96.33
N THR H 29 77.14 -18.49 97.35
CA THR H 29 77.22 -17.60 98.51
C THR H 29 76.57 -18.24 99.73
N LYS H 34 80.53 -14.75 93.59
CA LYS H 34 81.85 -14.31 93.14
C LYS H 34 81.79 -12.88 92.63
N SER H 35 82.90 -12.13 92.84
CA SER H 35 82.91 -10.71 92.50
C SER H 35 82.85 -10.49 91.00
N SER H 36 83.66 -11.22 90.24
CA SER H 36 83.82 -10.97 88.81
C SER H 36 83.42 -12.16 87.93
N LEU H 37 82.76 -13.16 88.49
CA LEU H 37 82.34 -14.30 87.68
C LEU H 37 81.32 -13.89 86.63
N VAL H 38 80.40 -12.99 86.99
CA VAL H 38 79.41 -12.51 86.03
C VAL H 38 80.11 -11.77 84.89
N SER H 39 81.09 -10.94 85.23
CA SER H 39 81.84 -10.22 84.19
C SER H 39 82.59 -11.18 83.28
N SER H 40 83.19 -12.22 83.85
CA SER H 40 83.91 -13.21 83.03
C SER H 40 82.94 -13.96 82.13
N LEU H 41 81.77 -14.33 82.64
CA LEU H 41 80.77 -15.00 81.82
C LEU H 41 80.30 -14.12 80.68
N TYR H 42 80.06 -12.84 80.96
CA TYR H 42 79.69 -11.91 79.90
C TYR H 42 80.81 -11.77 78.87
N LYS H 43 82.06 -11.74 79.34
CA LYS H 43 83.19 -11.62 78.42
C LYS H 43 83.30 -12.84 77.50
N VAL H 44 83.13 -14.04 78.05
CA VAL H 44 83.28 -15.23 77.22
C VAL H 44 82.08 -15.40 76.29
N ILE H 45 80.88 -15.05 76.76
CA ILE H 45 79.67 -15.30 75.98
C ILE H 45 79.36 -14.19 74.98
N GLN H 46 80.05 -13.05 75.06
CA GLN H 46 79.73 -11.93 74.19
C GLN H 46 80.08 -12.20 72.74
N GLU H 47 80.89 -13.21 72.46
CA GLU H 47 81.24 -13.55 71.08
C GLU H 47 81.05 -15.05 70.86
N PRO H 48 80.72 -15.45 69.63
CA PRO H 48 80.58 -16.87 69.34
C PRO H 48 81.90 -17.58 69.05
N GLN H 49 83.01 -16.84 68.98
CA GLN H 49 84.31 -17.42 68.65
C GLN H 49 85.03 -17.94 69.89
N SER H 50 84.38 -18.81 70.63
CA SER H 50 84.95 -19.43 71.83
C SER H 50 85.13 -20.93 71.59
N GLU H 51 85.74 -21.58 72.58
CA GLU H 51 86.05 -23.01 72.48
C GLU H 51 85.37 -23.86 73.52
N LEU H 52 85.12 -23.33 74.72
CA LEU H 52 84.47 -24.08 75.79
C LEU H 52 82.97 -23.79 75.87
N LEU H 53 82.36 -23.38 74.76
CA LEU H 53 80.95 -23.01 74.78
C LEU H 53 80.06 -24.17 75.20
N GLU H 54 80.31 -25.36 74.65
CA GLU H 54 79.44 -26.49 74.96
C GLU H 54 79.66 -27.03 76.38
N PRO H 55 80.89 -27.26 76.86
CA PRO H 55 81.04 -27.70 78.26
C PRO H 55 80.50 -26.69 79.25
N VAL H 56 80.85 -25.41 79.10
CA VAL H 56 80.37 -24.42 80.05
C VAL H 56 78.87 -24.22 79.91
N CYS H 57 78.31 -24.42 78.72
CA CYS H 57 76.87 -24.26 78.54
C CYS H 57 76.10 -25.38 79.21
N HIS H 58 76.55 -26.64 79.04
CA HIS H 58 75.88 -27.71 79.75
C HIS H 58 76.15 -27.64 81.26
N GLN H 59 77.23 -26.98 81.68
CA GLN H 59 77.41 -26.72 83.10
C GLN H 59 76.41 -25.70 83.61
N LEU H 60 76.18 -24.63 82.84
CA LEU H 60 75.12 -23.68 83.17
C LEU H 60 73.78 -24.40 83.27
N PHE H 61 73.53 -25.33 82.36
CA PHE H 61 72.34 -26.17 82.45
C PHE H 61 72.36 -27.04 83.70
N GLU H 62 73.55 -27.43 84.16
CA GLU H 62 73.66 -28.27 85.35
C GLU H 62 73.34 -27.53 86.63
N PHE H 63 73.23 -26.21 86.58
CA PHE H 63 72.83 -25.43 87.74
C PHE H 63 71.32 -25.40 87.95
N TYR H 64 70.56 -25.93 86.99
CA TYR H 64 69.10 -25.81 87.01
C TYR H 64 68.39 -27.01 87.64
N ARG H 65 69.04 -28.17 87.71
CA ARG H 65 68.37 -29.35 88.26
C ARG H 65 68.05 -29.16 89.73
N SER H 66 68.95 -28.53 90.48
CA SER H 66 68.72 -28.32 91.90
C SER H 66 67.56 -27.35 92.13
N GLY H 67 66.83 -27.58 93.23
CA GLY H 67 65.61 -26.85 93.49
C GLY H 67 65.75 -25.51 94.18
N GLU H 68 66.96 -25.15 94.63
CA GLU H 68 67.14 -23.88 95.30
C GLU H 68 67.08 -22.73 94.30
N GLU H 69 66.80 -21.52 94.82
CA GLU H 69 66.56 -20.35 93.99
C GLU H 69 67.79 -19.48 93.78
N GLN H 70 68.71 -19.47 94.75
CA GLN H 70 69.93 -18.65 94.63
C GLN H 70 70.84 -19.12 93.50
N LEU H 71 70.48 -20.19 92.81
CA LEU H 71 71.21 -20.70 91.66
C LEU H 71 70.49 -20.43 90.35
N LEU H 72 69.19 -20.71 90.30
CA LEU H 72 68.40 -20.39 89.11
C LEU H 72 68.39 -18.89 88.87
N GLN H 73 68.17 -18.10 89.92
CA GLN H 73 68.21 -16.65 89.77
C GLN H 73 69.60 -16.14 89.44
N PHE H 74 70.63 -16.86 89.89
CA PHE H 74 72.01 -16.45 89.60
C PHE H 74 72.40 -16.76 88.16
N THR H 75 71.75 -17.75 87.54
CA THR H 75 72.08 -18.16 86.18
C THR H 75 71.07 -17.69 85.13
N LEU H 76 69.95 -17.10 85.53
CA LEU H 76 68.89 -16.80 84.59
C LEU H 76 69.09 -15.51 83.80
N GLN H 77 70.00 -14.62 84.23
CA GLN H 77 70.08 -13.31 83.62
C GLN H 77 70.84 -13.29 82.30
N PHE H 78 71.41 -14.40 81.87
CA PHE H 78 72.22 -14.44 80.66
C PHE H 78 71.42 -14.77 79.41
N LEU H 79 70.12 -15.05 79.52
CA LEU H 79 69.36 -15.52 78.38
C LEU H 79 69.25 -14.50 77.23
N PRO H 80 68.97 -13.21 77.45
CA PRO H 80 68.70 -12.33 76.29
C PRO H 80 69.90 -12.16 75.37
N GLU H 81 71.10 -12.03 75.94
CA GLU H 81 72.29 -11.83 75.12
C GLU H 81 72.56 -13.03 74.23
N LEU H 82 72.52 -14.24 74.80
CA LEU H 82 72.75 -15.44 74.02
C LEU H 82 71.65 -15.64 72.98
N ILE H 83 70.40 -15.33 73.35
CA ILE H 83 69.30 -15.44 72.40
C ILE H 83 69.54 -14.53 71.20
N TRP H 84 69.85 -13.27 71.45
CA TRP H 84 70.12 -12.34 70.35
C TRP H 84 71.28 -12.83 69.50
N CYS H 85 72.40 -13.18 70.14
CA CYS H 85 73.59 -13.56 69.40
C CYS H 85 73.32 -14.76 68.51
N TYR H 86 72.71 -15.82 69.06
CA TYR H 86 72.56 -17.04 68.29
C TYR H 86 71.46 -16.90 67.23
N LEU H 87 70.34 -16.25 67.58
CA LEU H 87 69.26 -16.12 66.61
C LEU H 87 69.53 -15.04 65.57
N ALA H 88 70.57 -14.22 65.74
CA ALA H 88 71.00 -13.29 64.70
C ALA H 88 72.13 -13.85 63.85
N VAL H 89 73.06 -14.58 64.45
CA VAL H 89 74.13 -15.21 63.68
C VAL H 89 73.55 -16.30 62.78
N SER H 90 72.60 -17.08 63.29
CA SER H 90 71.99 -18.14 62.48
C SER H 90 71.25 -17.55 61.29
N ALA H 91 70.54 -16.45 61.49
CA ALA H 91 69.80 -15.79 60.41
C ALA H 91 70.76 -14.92 59.60
N SER H 92 71.59 -15.60 58.82
CA SER H 92 72.58 -14.92 57.98
C SER H 92 72.52 -15.41 56.55
N VAL H 95 77.25 -19.90 57.62
CA VAL H 95 77.77 -19.68 58.96
C VAL H 95 77.51 -20.90 59.83
N HIS H 96 78.53 -21.33 60.57
CA HIS H 96 78.39 -22.48 61.44
C HIS H 96 77.39 -22.22 62.55
N SER H 97 76.58 -23.23 62.85
CA SER H 97 75.59 -23.15 63.92
C SER H 97 75.77 -24.33 64.87
N SER H 98 75.95 -24.04 66.16
CA SER H 98 76.09 -25.10 67.14
C SER H 98 74.80 -25.87 67.32
N GLY H 99 73.68 -25.16 67.46
CA GLY H 99 72.39 -25.80 67.60
C GLY H 99 72.09 -26.36 68.97
N CYS H 100 72.98 -26.17 69.94
CA CYS H 100 72.81 -26.74 71.26
C CYS H 100 72.19 -25.78 72.27
N ILE H 101 72.20 -24.47 71.98
CA ILE H 101 71.50 -23.52 72.83
C ILE H 101 70.00 -23.78 72.80
N GLU H 102 69.48 -24.19 71.63
CA GLU H 102 68.08 -24.58 71.53
C GLU H 102 67.75 -25.70 72.50
N ALA H 103 68.70 -26.60 72.76
CA ALA H 103 68.46 -27.66 73.73
C ALA H 103 68.22 -27.08 75.12
N LEU H 104 69.04 -26.11 75.54
CA LEU H 104 68.85 -25.50 76.85
C LEU H 104 67.54 -24.72 76.91
N LEU H 105 67.19 -24.02 75.83
CA LEU H 105 65.93 -23.28 75.79
C LEU H 105 64.74 -24.23 75.92
N LEU H 106 64.77 -25.34 75.18
CA LEU H 106 63.71 -26.32 75.28
C LEU H 106 63.68 -26.97 76.66
N GLY H 107 64.84 -27.16 77.28
CA GLY H 107 64.87 -27.73 78.62
C GLY H 107 64.25 -26.83 79.65
N VAL H 108 64.57 -25.53 79.60
CA VAL H 108 63.97 -24.61 80.57
C VAL H 108 62.47 -24.47 80.29
N TYR H 109 62.07 -24.48 79.01
CA TYR H 109 60.65 -24.45 78.68
C TYR H 109 59.94 -25.66 79.25
N ASN H 110 60.53 -26.85 79.08
CA ASN H 110 59.90 -28.06 79.59
C ASN H 110 59.82 -28.06 81.11
N LEU H 111 60.89 -27.62 81.79
CA LEU H 111 60.87 -27.63 83.24
C LEU H 111 59.91 -26.58 83.79
N GLU H 112 59.63 -25.52 83.04
CA GLU H 112 58.68 -24.52 83.50
C GLU H 112 57.25 -24.78 83.01
N ILE H 113 57.05 -25.74 82.10
CA ILE H 113 55.70 -26.02 81.65
C ILE H 113 55.17 -27.32 82.27
N VAL H 114 56.06 -28.24 82.64
CA VAL H 114 55.68 -29.53 83.18
C VAL H 114 56.31 -29.81 84.52
N ASP H 115 57.62 -29.60 84.66
CA ASP H 115 58.38 -30.05 85.84
C ASP H 115 58.13 -29.11 87.02
N LYS H 116 56.97 -29.28 87.65
CA LYS H 116 56.76 -28.76 89.00
C LYS H 116 56.54 -29.88 90.00
N GLN H 117 55.51 -30.72 89.80
CA GLN H 117 55.29 -31.89 90.63
C GLN H 117 54.76 -33.09 89.84
N GLY H 118 54.62 -32.97 88.52
CA GLY H 118 54.01 -34.02 87.72
C GLY H 118 52.88 -33.49 86.86
N HIS H 119 52.29 -32.38 87.27
CA HIS H 119 51.21 -31.74 86.53
C HIS H 119 51.73 -30.50 85.80
N THR H 120 50.91 -29.99 84.89
CA THR H 120 51.25 -28.80 84.12
C THR H 120 50.88 -27.54 84.89
N LYS H 121 51.08 -26.39 84.25
CA LYS H 121 50.79 -25.09 84.85
C LYS H 121 49.58 -24.47 84.16
N VAL H 122 48.62 -24.00 84.96
CA VAL H 122 47.46 -23.27 84.46
C VAL H 122 47.41 -21.97 85.25
N LEU H 123 48.02 -20.92 84.71
CA LEU H 123 48.05 -19.63 85.38
C LEU H 123 46.67 -18.96 85.28
N SER H 124 46.17 -18.49 86.41
CA SER H 124 44.83 -17.88 86.44
C SER H 124 44.72 -16.97 87.64
N PHE H 125 43.70 -16.12 87.61
CA PHE H 125 43.40 -15.21 88.71
C PHE H 125 41.93 -14.83 88.60
N THR H 126 41.47 -13.94 89.48
CA THR H 126 40.08 -13.54 89.54
C THR H 126 39.94 -12.06 89.20
N ILE H 127 38.71 -11.65 88.95
CA ILE H 127 38.37 -10.26 88.65
C ILE H 127 37.58 -9.71 89.83
N PRO H 128 38.11 -8.74 90.58
CA PRO H 128 37.37 -8.19 91.71
C PRO H 128 36.07 -7.54 91.27
N SER H 129 35.05 -7.66 92.11
CA SER H 129 33.73 -7.10 91.86
C SER H 129 33.44 -6.00 92.86
N LEU H 130 33.06 -4.81 92.36
CA LEU H 130 32.77 -3.69 93.24
C LEU H 130 31.48 -3.91 94.01
N SER H 131 30.48 -4.54 93.40
CA SER H 131 29.21 -4.77 94.07
C SER H 131 29.31 -5.71 95.25
N LYS H 132 30.34 -6.56 95.29
CA LYS H 132 30.54 -7.46 96.41
C LYS H 132 31.35 -6.78 97.50
N PRO H 133 30.86 -6.71 98.74
CA PRO H 133 31.62 -6.03 99.80
C PRO H 133 32.99 -6.68 100.01
N SER H 134 33.99 -5.84 100.24
CA SER H 134 35.36 -6.32 100.38
C SER H 134 35.98 -5.85 101.68
N VAL H 135 37.28 -6.09 101.85
CA VAL H 135 37.96 -5.70 103.08
C VAL H 135 38.07 -4.19 103.19
N TYR H 136 38.36 -3.51 102.08
CA TYR H 136 38.58 -2.07 102.08
C TYR H 136 37.35 -1.27 101.72
N HIS H 137 36.25 -1.92 101.31
CA HIS H 137 35.08 -1.20 100.84
C HIS H 137 33.86 -2.11 100.94
N GLU H 138 32.69 -1.47 101.09
CA GLU H 138 31.41 -2.15 101.05
C GLU H 138 30.41 -1.21 100.40
N PRO H 139 29.55 -1.71 99.51
CA PRO H 139 28.55 -0.88 98.82
C PRO H 139 27.37 -0.51 99.72
N LEU H 157 34.93 -12.44 88.92
CA LEU H 157 35.57 -13.35 89.86
C LEU H 157 35.83 -14.71 89.23
N SER H 158 35.31 -14.91 88.02
CA SER H 158 35.50 -16.15 87.30
C SER H 158 36.96 -16.34 86.94
N LYS H 159 37.40 -17.61 86.94
CA LYS H 159 38.79 -17.92 86.61
C LYS H 159 39.07 -17.58 85.15
N VAL H 160 40.18 -16.88 84.91
CA VAL H 160 40.61 -16.51 83.57
C VAL H 160 42.05 -16.98 83.38
N VAL H 161 42.28 -17.73 82.31
CA VAL H 161 43.59 -18.31 82.01
C VAL H 161 44.25 -17.49 80.91
N TYR H 162 45.45 -16.99 81.18
CA TYR H 162 46.22 -16.22 80.22
C TYR H 162 47.42 -16.96 79.67
N SER H 163 47.70 -18.17 80.17
CA SER H 163 48.82 -18.95 79.68
C SER H 163 48.63 -20.40 80.10
N GLY H 164 48.97 -21.32 79.20
CA GLY H 164 48.90 -22.73 79.49
C GLY H 164 47.52 -23.31 79.22
N PRO H 165 47.46 -24.64 79.03
CA PRO H 165 48.63 -25.52 79.00
C PRO H 165 49.35 -25.50 77.66
N HIS H 166 50.67 -25.65 77.68
CA HIS H 166 51.48 -25.65 76.47
C HIS H 166 52.03 -27.05 76.23
N PRO H 167 51.70 -27.70 75.12
CA PRO H 167 52.28 -29.01 74.83
C PRO H 167 53.80 -28.91 74.69
N GLN H 168 54.49 -29.94 75.17
CA GLN H 168 55.94 -29.94 75.20
C GLN H 168 56.50 -29.99 73.77
N ARG H 169 57.57 -29.24 73.55
CA ARG H 169 58.26 -29.20 72.28
C ARG H 169 59.49 -30.10 72.30
N GLU H 170 59.91 -30.54 71.12
CA GLU H 170 61.06 -31.42 71.00
C GLU H 170 62.10 -30.84 70.06
N MET H 171 61.65 -30.19 68.99
CA MET H 171 62.54 -29.54 68.04
C MET H 171 62.05 -28.11 67.81
N LEU H 172 62.86 -27.33 67.10
CA LEU H 172 62.56 -25.93 66.81
C LEU H 172 62.28 -25.76 65.32
N THR H 173 61.17 -25.10 65.01
CA THR H 173 60.80 -24.77 63.64
C THR H 173 60.31 -23.33 63.59
N ALA H 174 60.04 -22.85 62.38
CA ALA H 174 59.60 -21.48 62.17
C ALA H 174 58.11 -21.27 62.46
N GLN H 175 57.46 -22.22 63.14
CA GLN H 175 56.05 -22.11 63.46
C GLN H 175 55.78 -21.99 64.95
N ASN H 176 56.63 -22.56 65.81
CA ASN H 176 56.43 -22.53 67.25
C ASN H 176 57.57 -21.88 68.01
N ARG H 177 58.62 -21.41 67.32
CA ARG H 177 59.77 -20.84 68.01
C ARG H 177 59.41 -19.58 68.77
N PHE H 178 58.63 -18.70 68.16
CA PHE H 178 58.27 -17.44 68.83
C PHE H 178 57.41 -17.69 70.06
N GLU H 179 56.58 -18.73 70.05
CA GLU H 179 55.75 -19.03 71.22
C GLU H 179 56.61 -19.36 72.42
N VAL H 180 57.58 -20.28 72.25
CA VAL H 180 58.43 -20.65 73.37
C VAL H 180 59.37 -19.50 73.75
N LEU H 181 59.79 -18.69 72.77
CA LEU H 181 60.59 -17.52 73.10
C LEU H 181 59.80 -16.56 73.99
N THR H 182 58.54 -16.30 73.64
CA THR H 182 57.71 -15.42 74.46
C THR H 182 57.46 -16.03 75.84
N PHE H 183 57.25 -17.34 75.90
CA PHE H 183 57.03 -17.99 77.19
C PHE H 183 58.27 -17.87 78.09
N LEU H 184 59.46 -18.07 77.53
CA LEU H 184 60.67 -17.93 78.33
C LEU H 184 60.92 -16.48 78.71
N LEU H 185 60.55 -15.53 77.86
CA LEU H 185 60.63 -14.12 78.24
C LEU H 185 59.71 -13.82 79.41
N LEU H 186 58.48 -14.35 79.37
CA LEU H 186 57.57 -14.19 80.50
C LEU H 186 58.14 -14.80 81.76
N CYS H 187 58.77 -15.97 81.65
CA CYS H 187 59.43 -16.58 82.81
C CYS H 187 60.54 -15.68 83.35
N TYR H 188 61.33 -15.09 82.46
CA TYR H 188 62.39 -14.18 82.88
C TYR H 188 61.84 -12.90 83.50
N ASN H 189 60.60 -12.53 83.18
CA ASN H 189 60.00 -11.29 83.66
C ASN H 189 59.21 -11.47 84.96
N ALA H 190 59.65 -12.38 85.84
CA ALA H 190 58.96 -12.61 87.10
C ALA H 190 59.80 -12.28 88.33
N ALA H 191 61.08 -11.98 88.18
CA ALA H 191 61.98 -11.71 89.31
C ALA H 191 62.83 -10.48 89.03
N LEU H 192 62.18 -9.38 88.61
CA LEU H 192 62.91 -8.22 88.11
C LEU H 192 63.83 -7.58 89.13
N THR H 193 63.63 -7.83 90.43
CA THR H 193 64.38 -7.12 91.44
C THR H 193 65.85 -7.57 91.51
N TYR H 194 66.08 -8.87 91.31
CA TYR H 194 67.36 -9.46 91.71
C TYR H 194 68.51 -9.08 90.78
N MET H 195 68.28 -9.07 89.47
CA MET H 195 69.39 -8.92 88.54
C MET H 195 70.00 -7.53 88.65
N PRO H 196 71.32 -7.40 88.36
CA PRO H 196 71.96 -6.09 88.45
C PRO H 196 71.60 -5.18 87.28
N SER H 197 72.16 -3.96 87.28
CA SER H 197 71.84 -3.00 86.23
C SER H 197 72.43 -3.39 84.89
N VAL H 198 73.53 -4.16 84.89
CA VAL H 198 74.17 -4.55 83.63
C VAL H 198 73.22 -5.42 82.82
N SER H 199 72.45 -6.28 83.49
CA SER H 199 71.49 -7.11 82.79
C SER H 199 70.42 -6.26 82.10
N LEU H 200 69.92 -5.23 82.79
CA LEU H 200 68.94 -4.34 82.17
C LEU H 200 69.55 -3.56 81.01
N GLN H 201 70.81 -3.13 81.15
CA GLN H 201 71.49 -2.45 80.06
C GLN H 201 71.59 -3.34 78.84
N SER H 202 71.99 -4.60 79.05
CA SER H 202 72.08 -5.54 77.93
C SER H 202 70.71 -5.79 77.32
N LEU H 203 69.67 -5.91 78.16
CA LEU H 203 68.32 -6.15 77.66
C LEU H 203 67.86 -4.99 76.78
N CYS H 204 68.02 -3.75 77.25
CA CYS H 204 67.57 -2.61 76.45
C CYS H 204 68.42 -2.45 75.19
N GLN H 205 69.72 -2.72 75.28
CA GLN H 205 70.58 -2.64 74.09
C GLN H 205 70.14 -3.65 73.04
N ILE H 206 69.79 -4.87 73.46
CA ILE H 206 69.24 -5.84 72.52
C ILE H 206 67.91 -5.35 71.97
N CYS H 207 67.07 -4.78 72.83
CA CYS H 207 65.75 -4.33 72.41
C CYS H 207 65.83 -3.21 71.38
N SER H 208 66.92 -2.44 71.39
CA SER H 208 67.03 -1.28 70.50
C SER H 208 67.04 -1.70 69.03
N ARG H 209 68.02 -2.53 68.65
CA ARG H 209 68.28 -2.82 67.25
C ARG H 209 67.57 -4.06 66.72
N ILE H 210 66.85 -4.80 67.55
CA ILE H 210 66.23 -6.04 67.09
C ILE H 210 65.06 -5.75 66.15
N CYS H 211 64.27 -4.71 66.45
CA CYS H 211 63.08 -4.40 65.68
C CYS H 211 63.31 -3.40 64.56
N VAL H 212 64.55 -2.97 64.34
CA VAL H 212 64.86 -1.96 63.36
C VAL H 212 65.98 -2.45 62.45
N CYS H 213 66.40 -3.69 62.64
CA CYS H 213 67.58 -4.22 61.96
C CYS H 213 67.40 -4.23 60.44
N GLY H 214 66.16 -4.32 59.96
CA GLY H 214 65.92 -4.42 58.53
C GLY H 214 65.15 -3.26 57.93
N TYR H 215 65.43 -2.05 58.39
CA TYR H 215 64.75 -0.85 57.90
C TYR H 215 65.74 0.29 57.81
N PRO H 216 65.46 1.29 56.97
CA PRO H 216 66.38 2.43 56.86
C PRO H 216 66.54 3.23 58.14
N ARG H 217 65.64 3.07 59.11
CA ARG H 217 65.72 3.83 60.35
C ARG H 217 67.01 3.51 61.11
N GLN H 218 67.43 2.25 61.10
CA GLN H 218 68.64 1.87 61.81
C GLN H 218 69.88 2.52 61.20
N HIS H 219 69.83 2.85 59.90
CA HIS H 219 70.94 3.55 59.28
C HIS H 219 71.09 4.95 59.85
N VAL H 220 69.99 5.57 60.29
CA VAL H 220 70.09 6.86 60.97
C VAL H 220 70.73 6.70 62.34
N ARG H 221 70.38 5.64 63.06
CA ARG H 221 70.95 5.37 64.38
C ARG H 221 72.37 4.84 64.32
N LYS H 222 72.88 4.54 63.12
CA LYS H 222 74.25 4.09 62.91
C LYS H 222 74.54 2.78 63.67
N TYR H 223 73.81 1.75 63.28
CA TYR H 223 74.05 0.39 63.75
C TYR H 223 74.64 -0.43 62.62
N LYS H 224 75.70 -1.18 62.91
CA LYS H 224 76.38 -1.99 61.91
C LYS H 224 76.38 -3.45 62.34
N GLY H 225 76.27 -4.34 61.35
CA GLY H 225 76.22 -5.76 61.60
C GLY H 225 75.48 -6.52 60.53
N ILE H 226 74.51 -7.34 60.93
CA ILE H 226 73.72 -8.11 59.98
C ILE H 226 72.58 -7.24 59.45
N SER H 227 72.51 -7.10 58.13
CA SER H 227 71.49 -6.27 57.49
C SER H 227 70.30 -7.12 57.05
N SER H 228 69.66 -7.76 58.02
CA SER H 228 68.49 -8.60 57.79
C SER H 228 67.35 -8.14 58.70
N ARG H 229 66.25 -8.89 58.66
CA ARG H 229 65.08 -8.59 59.47
C ARG H 229 64.55 -9.88 60.07
N ILE H 230 63.81 -9.72 61.17
CA ILE H 230 63.24 -10.84 61.92
C ILE H 230 61.74 -10.62 62.00
N PRO H 231 60.91 -11.60 61.59
CA PRO H 231 59.44 -11.47 61.69
C PRO H 231 58.89 -11.72 63.09
N VAL H 232 58.93 -10.68 63.91
CA VAL H 232 58.51 -10.76 65.31
C VAL H 232 56.99 -10.88 65.40
N SER H 233 56.49 -11.23 66.57
CA SER H 233 55.06 -11.43 66.82
C SER H 233 54.55 -10.40 67.82
N SER H 234 53.22 -10.35 67.95
CA SER H 234 52.59 -9.33 68.78
C SER H 234 52.83 -9.59 70.26
N GLY H 235 52.64 -10.83 70.71
CA GLY H 235 52.86 -11.14 72.12
C GLY H 235 54.29 -10.93 72.55
N PHE H 236 55.25 -11.19 71.66
CA PHE H 236 56.65 -10.96 71.97
C PHE H 236 56.89 -9.50 72.31
N MET H 237 56.39 -8.58 71.48
CA MET H 237 56.58 -7.16 71.77
C MET H 237 55.71 -6.67 72.91
N VAL H 238 54.58 -7.32 73.19
CA VAL H 238 53.81 -6.96 74.38
C VAL H 238 54.61 -7.26 75.64
N GLN H 239 55.17 -8.47 75.73
CA GLN H 239 56.04 -8.78 76.86
C GLN H 239 57.30 -7.92 76.86
N MET H 240 57.76 -7.53 75.67
CA MET H 240 58.91 -6.63 75.55
C MET H 240 58.61 -5.28 76.19
N LEU H 241 57.44 -4.72 75.91
CA LEU H 241 57.03 -3.47 76.53
C LEU H 241 56.85 -3.63 78.03
N THR H 242 56.26 -4.75 78.46
CA THR H 242 56.13 -4.99 79.90
C THR H 242 57.50 -5.00 80.57
N GLY H 243 58.49 -5.64 79.94
CA GLY H 243 59.83 -5.66 80.51
C GLY H 243 60.49 -4.29 80.51
N ILE H 244 60.37 -3.55 79.41
CA ILE H 244 61.07 -2.27 79.31
C ILE H 244 60.45 -1.23 80.23
N TYR H 245 59.15 -1.36 80.56
CA TYR H 245 58.51 -0.34 81.38
C TYR H 245 59.16 -0.23 82.76
N PHE H 246 59.69 -1.33 83.28
CA PHE H 246 60.33 -1.28 84.60
C PHE H 246 61.66 -0.54 84.57
N ALA H 247 62.35 -0.56 83.43
CA ALA H 247 63.69 0.02 83.37
C ALA H 247 63.70 1.54 83.44
N PHE H 248 62.55 2.19 83.21
CA PHE H 248 62.52 3.65 83.20
C PHE H 248 62.81 4.24 84.58
N TYR H 249 62.35 3.59 85.65
CA TYR H 249 62.49 4.11 86.99
C TYR H 249 63.64 3.47 87.76
N ASN H 250 64.60 2.87 87.06
CA ASN H 250 65.77 2.25 87.67
C ASN H 250 67.05 2.76 87.03
N GLY H 251 67.12 4.08 86.86
CA GLY H 251 68.33 4.71 86.36
C GLY H 251 68.38 4.90 84.85
N GLU H 252 68.21 3.81 84.10
CA GLU H 252 68.31 3.87 82.65
C GLU H 252 67.16 4.69 82.09
N TRP H 253 67.48 5.84 81.48
CA TRP H 253 66.46 6.76 80.98
C TRP H 253 66.52 6.92 79.47
N ASP H 254 67.67 7.29 78.90
CA ASP H 254 67.75 7.57 77.47
C ASP H 254 67.60 6.30 76.65
N LEU H 255 68.24 5.21 77.06
CA LEU H 255 68.15 3.96 76.33
C LEU H 255 66.71 3.45 76.29
N ALA H 256 66.01 3.52 77.41
CA ALA H 256 64.61 3.11 77.44
C ALA H 256 63.76 3.97 76.53
N GLN H 257 64.01 5.28 76.50
CA GLN H 257 63.22 6.17 75.65
C GLN H 257 63.44 5.87 74.17
N LYS H 258 64.70 5.68 73.77
CA LYS H 258 64.97 5.39 72.37
C LYS H 258 64.45 4.01 71.98
N ALA H 259 64.52 3.04 72.90
CA ALA H 259 63.94 1.73 72.62
C ALA H 259 62.42 1.82 72.45
N LEU H 260 61.77 2.62 73.29
CA LEU H 260 60.32 2.80 73.14
C LEU H 260 59.98 3.48 71.82
N ASP H 261 60.77 4.47 71.42
CA ASP H 261 60.54 5.14 70.13
C ASP H 261 60.69 4.16 68.98
N ASP H 262 61.73 3.32 69.02
CA ASP H 262 61.92 2.32 67.97
C ASP H 262 60.76 1.33 67.96
N ILE H 263 60.31 0.90 69.13
CA ILE H 263 59.22 -0.07 69.22
C ILE H 263 57.94 0.51 68.63
N ILE H 264 57.62 1.76 68.98
CA ILE H 264 56.39 2.36 68.50
C ILE H 264 56.47 2.60 67.00
N TYR H 265 57.66 2.98 66.49
CA TYR H 265 57.81 3.15 65.05
C TYR H 265 57.61 1.84 64.32
N ARG H 266 58.21 0.75 64.83
CA ARG H 266 58.04 -0.55 64.20
C ARG H 266 56.59 -1.01 64.26
N ALA H 267 55.92 -0.80 65.39
CA ALA H 267 54.52 -1.20 65.50
C ALA H 267 53.64 -0.41 64.55
N GLN H 268 53.89 0.89 64.41
CA GLN H 268 53.12 1.71 63.47
C GLN H 268 53.35 1.25 62.03
N LEU H 269 54.60 0.89 61.70
CA LEU H 269 54.87 0.39 60.35
C LEU H 269 54.24 -0.97 60.11
N GLU H 270 54.14 -1.81 61.14
CA GLU H 270 53.61 -3.17 60.99
C GLU H 270 52.11 -3.25 61.25
N LEU H 271 51.49 -2.19 61.76
CA LEU H 271 50.05 -2.13 62.00
C LEU H 271 49.62 -3.22 63.00
N TYR H 272 50.20 -3.15 64.20
CA TYR H 272 49.80 -4.02 65.30
C TYR H 272 49.07 -3.19 66.35
N PRO H 273 47.77 -3.44 66.59
CA PRO H 273 46.99 -2.56 67.46
C PRO H 273 47.44 -2.55 68.91
N GLU H 274 47.56 -3.73 69.52
CA GLU H 274 47.84 -3.79 70.96
C GLU H 274 49.19 -3.20 71.34
N PRO H 275 50.31 -3.54 70.69
CA PRO H 275 51.57 -2.88 71.05
C PRO H 275 51.53 -1.37 70.88
N LEU H 276 50.87 -0.90 69.82
CA LEU H 276 50.74 0.55 69.64
C LEU H 276 49.94 1.19 70.76
N LEU H 277 48.85 0.53 71.18
CA LEU H 277 48.05 1.04 72.28
C LEU H 277 48.87 1.11 73.57
N VAL H 278 49.63 0.06 73.86
CA VAL H 278 50.43 0.04 75.07
C VAL H 278 51.49 1.13 75.04
N ALA H 279 52.18 1.27 73.90
CA ALA H 279 53.21 2.28 73.77
C ALA H 279 52.64 3.68 73.91
N ASN H 280 51.47 3.93 73.30
CA ASN H 280 50.85 5.24 73.41
C ASN H 280 50.42 5.53 74.85
N ALA H 281 49.91 4.51 75.54
CA ALA H 281 49.54 4.69 76.94
C ALA H 281 50.76 5.02 77.80
N ILE H 282 51.88 4.35 77.55
CA ILE H 282 53.09 4.62 78.33
C ILE H 282 53.61 6.02 78.06
N LYS H 283 53.47 6.51 76.82
CA LYS H 283 54.03 7.80 76.46
C LYS H 283 53.45 8.94 77.28
N ALA H 284 52.13 8.92 77.51
CA ALA H 284 51.43 10.01 78.17
C ALA H 284 51.45 9.91 79.69
N SER H 285 52.41 9.19 80.27
CA SER H 285 52.50 9.02 81.71
C SER H 285 53.92 9.24 82.21
N LEU H 286 54.60 10.23 81.64
CA LEU H 286 55.97 10.57 82.04
C LEU H 286 56.03 12.03 82.45
N PRO H 287 56.47 12.36 83.67
CA PRO H 287 56.58 13.74 84.13
C PRO H 287 57.71 14.50 83.46
#